data_3GPJ
#
_entry.id   3GPJ
#
_cell.length_a   133.510
_cell.length_b   301.590
_cell.length_c   143.370
_cell.angle_alpha   90.00
_cell.angle_beta   112.59
_cell.angle_gamma   90.00
#
_symmetry.space_group_name_H-M   'P 1 21 1'
#
loop_
_entity.id
_entity.type
_entity.pdbx_description
1 polymer 'Proteasome component Y7'
2 polymer 'Proteasome component Y13'
3 polymer 'Proteasome component PRE6'
4 polymer 'Proteasome component PUP2'
5 polymer 'Proteasome component PRE5'
6 polymer 'Proteasome component C1'
7 polymer 'Proteasome component C7-alpha'
8 polymer 'Proteasome component PUP1'
9 polymer 'Proteasome component PUP3'
10 polymer 'Proteasome component C11'
11 polymer 'Proteasome component PRE2'
12 polymer 'Proteasome component C5'
13 polymer 'Proteasome component PRE4'
14 polymer 'Proteasome component PRE3'
15 non-polymer N-{[(1S)-2-methyl-1-{[(5S,8S)-5-(1-methylethyl)-2,7-dioxo-1,6-diazacyclododec-3-en-8-yl]carbamoyl}propyl]carbamoyl}-L-valine
16 water water
#
loop_
_entity_poly.entity_id
_entity_poly.type
_entity_poly.pdbx_seq_one_letter_code
_entity_poly.pdbx_strand_id
1 'polypeptide(L)'
;MTDRYSFSLTTFSPSGKLGQIDYALTAVKQGVTSLGIKATNGVVIATEKKSSSPLAMSETLSKVSLLTPDIGAVYSGMGP
DYRVLVDKSRKVAHTSYKRIYGEYPPTKLLVSEVAKIMQEATQSGGVRPFGVSLLIAGHDEFNGFSLYQVDPSGSYFPWK
ATAIGKGSVAAKTFLEKRWNDELELEDAIHIALLTLKESVEGEFNGDTIELAIIGDENPDLLGYTGIPTDKGPRFRKLTS
QEINDRLEAL
;
A,O
2 'polypeptide(L)'
;GSRRYDSRTTIFSPEGRLYQVEYALESISHAGTAIGIMASDGIVLAAERKVTSTLLEQDTSTEKLYKLNDKIAVAVAGLT
ADAEILINTARIHAQNYLKTYNEDIPVEILVRRLSDIKQGYTQHGGLRPFGVSFIYAGYDDRYGYQLYTSNPSGNYTGWK
AISVGANTSAAQTLLQMDYKDDMKVDDAIELALKTLSKTTDSSALTYDRLEFATIRKGANDGEVYQKIFKPQEIKDILVK
TGIT
;
B,P
3 'polypeptide(L)'
;GYDRALSIFSPDGHIFQVEYALEAVKRGTCAVGVKGKNCVVLGCERRSTLKLQDTRITPSKVSKIDSHVVLSFSGLNADS
RILIEKARVEAQSHRLTLEDPVTVEYLTRYVAGVQQRYTQSGGVRPFGVSTLIAGFDPRDDEPKLYQTEPSGIYSSWSAQ
TIGRNSKTVREFLEKNYDRKEPPATVEECVKLTVRSLLEVVQTGAKNIEITVVKPDSDIVALSSEEINQYVTQIEQEKQE
Q
;
C,Q
4 'polypeptide(L)'
;DRGVSTFSPEGRLFQVEYSLEAIKLGSTAIGIATKEGVVLGVEKRATSPLLESDSIEKIVEIDRHIGCAMSGLTADARSM
IEHARTAAVTHNLYYDEDINVESLTQSVCDLALRFGEGASGEERLMSRPFGVALLIAGHDADDGYQLFHAEPSGTFYRYN
AKAIGSGSEGAQAELLNEWHSSLTLKEAELLVLKILKQVMEEKLDENNAQLSCITKQDGFKIYDNEKTAELIKELKEKEA
AE
;
D,R
5 'polypeptide(L)'
;FRNNYDGDTVTFSPTGRLFQVEYALEAIKQGSVTVGLRSNTHAVLVALKRNADELSSYQKKIIKCDEHMGLSLAGLAPDA
RVLSNYLRQQCNYSSLVFNRKLAVERAGHLLCDKAQKNTQSYGGRPYGVGLLIIGYDKSGAHLLEFQPSGNVTELYGTAI
GARSQGAKTYLERTLDTFIKIDGNPDELIKAGVEAISQSLRDESLTVDNLSIAIVGKDTPFTIYDGEAVAKYI
;
E,S
6 'polypeptide(L)'
;GTGYDLSNSVFSPDGRNFQVEYAVKAVENGTTSIGIKCNDGVVFAVEKLITSKLLVPQKNVKIQVVDRHIGCVYSGLIPD
GRHLVNRGREEAASFKKLYKTPIPIPAFADRLGQYVQAHTLYNSVRPFGVSTIFGGVDKNGAHLYMLEPSGSYWGYKGAA
TGKGRQSAKAELEKLVDHHPEGLSAREAVKQAAKIIYLAHEDNKEKDFELEISWCSLSETNGLHKFVKGDLLQEAIDFAQ
KEIN
;
F,T
7 'polypeptide(L)'
;AGYDRHITIFSPEGRLYQVEYAFKATNQTNINSLAVRGKDCTVVISQKKVPDKLLDPTTVSYIFCISRTIGMVVNGPIPD
ARNAALRAKAEAAEFRYKYGYDMPCDVLAKRMANLSQIYTQRAYMRPLGVILTFVSVDEELGPSIYKTDPAGYYVGYKAT
ATGPKQQEITTNLENHFKKSKIDHINEESWEKVVEFAITHMIDALGTEFSKNDLEVGVATKDKFFTLSAENIEERLVAIA
EQD
;
G,U
8 'polypeptide(L)'
;TTIVGVKFNNGVVIAADTRSTQGPIVADKNCAKLHRISPKIWCAGAGTAADTEAVTQLIGSNIELHSLYTSREPRVVSAL
QMLKQHLFKYQGHIGAYLIVAGVDPTGSHLFSIHAHGSTDVGYYLSLGSGSLAAMAVLESHWKQDLTKEEAIKLASDAIQ
AGIWNDLGSGSNVDVCVMEIGKDAEYLRNYLTPNVREEKQKSYKFPRGTTAVLKESIVNICD
;
H,V
9 'polypeptide(L)'
;SDPSSINGGIVVAMTGKDCVAIACDLRLGSQSLGVSNKFEKIFHYGHVFLGITGLATDVTTLNEMFRYKTNLYKLKEERA
IEPETFTQLVSSSLYERRFGPYFVGPVVAGINSKSGKPFIAGFDLIGCIDEAKDFIVSGTASDQLFGMCESLYEPNLEPE
DLFETISQALLNAADRDALSGWGAVVYIIKKDEVVKRYLKMRQD
;
I,W
10 'polypeptide(L)'
;MDIILGIRVQDSVILASSKAVTRGISVLKDSDDKTRQLSPHTLMSFAGEAGDTVQFAEYIQANIQLYSIREDYELSPQAV
SSFVRQELAKSIRSRRPYQVNVLIGGYDKKKNKPELYQIDYLGTKVELPYGAHGYSGFYTFSLLDHHYRPDMTTEEGLDL
LKLCVQELEKRMPMDFKGVIVKIVDKDGIRQVDDFQAQ
;
J,X
11 'polypeptide(L)'
;TTTLAFRFQGGIIVAVDSRATAGNWVASQTVKKVIEINPFLLGTMAGGAADCQFWETWLGSQCRLHELREKERISVAAAS
KILSNLVYQYKGAGLSMGTMICGYTRKEGPTIYYVDSDGTRLKGDIFCVGSGQTFAYGVLDSNYKWDLSVEDALYLGKRS
ILAAAHRDAYSGGSVNLYHVTEDGWIYHGNHDVGELFWKVKEEEGSFNNVIG
;
K,Y
12 'polypeptide(L)'
;QFNPYGDNGGTILGIAGEDFAVLAGDTRNITDYSINSRYEPKVFDCGDNIVMSANGFAADGDALVKRFKNSVKWYHFDHN
DKKLSINSAARNIQHLLYGKRFFPYYVHTIIAGLDEDGKGAVYSFDPVGSYEREQCRAGGAAASLIMPFLDNQVNFKNQY
EPGTNGKVKKPLKYLSVEEVIKLVRDSFTSATERHIQVGDGLEILIVTKDGVRKEFYELKRD
;
L,Z
13 'polypeptide(L)'
;TQQPIVTGTSVISMKYDNGVIIAADNLGSYGSLLRFNGVERLIPVGDNTVVGISGDISDMQHIERLLKDLVTENAYDNPL
ADAEEALEPSYIFEYLATVMYQRRSKMNPLWNAIIVAGVQSNGDQFLRYVNLLGVTYSSPTLATGFGAHMANPLLRKVVD
RESDIPKTTVQVAEEAIVNAMRVLYYRDARSSRNFSLAIIDKNTGLTFKKNLQVENMKWDFAKDIKGYGTQKI
;
M,1
14 'polypeptide(L)'
;TSIMAVTFKDGVILGADSRTTTGAYIANRVTDKLTRVHDKIWCCRSGSAADTQAIADIVQYHLELYTSQYGTPSTETAAS
VFKELCYENKDNLTAGIIVAGYDDKNKGEVYTIPLGGSVHKLPYAIAGSGSTFIYGYCDKNFRENMSKEETVDFIKHSLS
QAIKWDGSSGGVIRMVVLTAAGVERLIFYPDEYEQL
;
N,2
#
# COMPACT_ATOMS: atom_id res chain seq x y z
N MET A 1 55.52 -2.08 4.71
CA MET A 1 54.87 -2.69 5.90
C MET A 1 54.39 -4.06 5.48
N THR A 2 53.23 -4.44 6.01
CA THR A 2 52.61 -5.72 5.72
C THR A 2 53.56 -6.88 5.97
N ASP A 3 53.24 -7.64 7.01
CA ASP A 3 54.00 -8.80 7.41
C ASP A 3 54.21 -9.64 6.17
N ARG A 4 55.40 -9.54 5.57
CA ARG A 4 55.70 -10.30 4.37
C ARG A 4 56.27 -11.66 4.76
N TYR A 5 56.22 -11.94 6.07
CA TYR A 5 56.71 -13.19 6.62
C TYR A 5 55.58 -14.18 6.63
N SER A 6 55.21 -14.64 5.44
CA SER A 6 54.13 -15.59 5.27
C SER A 6 54.62 -17.03 5.21
N PHE A 7 55.89 -17.23 5.58
CA PHE A 7 56.51 -18.54 5.57
C PHE A 7 56.94 -18.97 6.96
N SER A 8 57.03 -20.28 7.18
CA SER A 8 57.42 -20.80 8.47
C SER A 8 58.82 -20.36 8.88
N LEU A 9 58.99 -20.10 10.17
CA LEU A 9 60.28 -19.71 10.69
C LEU A 9 60.85 -20.87 11.46
N THR A 10 60.08 -21.95 11.55
CA THR A 10 60.49 -23.15 12.25
C THR A 10 60.43 -24.25 11.20
N THR A 11 61.59 -24.75 10.77
CA THR A 11 61.60 -25.78 9.74
C THR A 11 62.43 -27.01 10.14
N PHE A 12 62.31 -28.08 9.36
CA PHE A 12 63.04 -29.31 9.63
C PHE A 12 64.48 -29.23 9.12
N SER A 13 65.43 -29.62 9.96
CA SER A 13 66.83 -29.63 9.57
C SER A 13 67.08 -31.03 9.03
N PRO A 14 68.18 -31.22 8.27
CA PRO A 14 68.50 -32.53 7.70
C PRO A 14 68.51 -33.65 8.72
N SER A 15 68.74 -33.31 9.98
CA SER A 15 68.77 -34.33 11.03
C SER A 15 67.36 -34.71 11.46
N GLY A 16 66.39 -33.88 11.06
CA GLY A 16 65.01 -34.12 11.41
C GLY A 16 64.56 -33.37 12.65
N LYS A 17 65.39 -32.43 13.09
CA LYS A 17 65.06 -31.64 14.26
C LYS A 17 64.36 -30.37 13.84
N LEU A 18 63.64 -29.76 14.78
CA LEU A 18 62.96 -28.51 14.53
C LEU A 18 63.67 -27.52 15.44
N GLY A 19 64.67 -26.86 14.86
CA GLY A 19 65.50 -25.92 15.58
C GLY A 19 64.84 -25.07 16.64
N GLN A 20 64.00 -24.14 16.20
CA GLN A 20 63.32 -23.24 17.10
C GLN A 20 62.62 -23.91 18.28
N ILE A 21 62.00 -25.07 18.06
CA ILE A 21 61.32 -25.76 19.16
C ILE A 21 62.35 -26.25 20.16
N ASP A 22 63.47 -26.73 19.64
CA ASP A 22 64.55 -27.19 20.50
C ASP A 22 65.08 -26.01 21.30
N TYR A 23 65.39 -24.92 20.60
CA TYR A 23 65.91 -23.73 21.25
C TYR A 23 64.92 -23.19 22.25
N ALA A 24 63.65 -23.29 21.92
CA ALA A 24 62.61 -22.82 22.82
C ALA A 24 62.71 -23.61 24.12
N LEU A 25 62.85 -24.93 24.01
CA LEU A 25 62.95 -25.81 25.18
C LEU A 25 64.18 -25.45 26.01
N THR A 26 65.24 -25.04 25.32
CA THR A 26 66.47 -24.64 26.00
C THR A 26 66.13 -23.43 26.87
N ALA A 27 65.34 -22.54 26.31
CA ALA A 27 64.93 -21.34 27.01
C ALA A 27 64.16 -21.71 28.27
N VAL A 28 63.38 -22.78 28.17
CA VAL A 28 62.60 -23.29 29.30
C VAL A 28 63.55 -23.80 30.38
N LYS A 29 64.56 -24.56 29.96
CA LYS A 29 65.55 -25.10 30.88
C LYS A 29 66.13 -23.99 31.74
N GLN A 30 66.53 -22.89 31.10
CA GLN A 30 67.11 -21.76 31.79
C GLN A 30 66.19 -21.11 32.82
N GLY A 31 64.88 -21.19 32.60
CA GLY A 31 63.94 -20.58 33.52
C GLY A 31 63.82 -21.15 34.92
N VAL A 32 63.35 -20.32 35.85
CA VAL A 32 63.17 -20.74 37.23
C VAL A 32 62.36 -22.04 37.33
N THR A 33 62.67 -22.84 38.33
CA THR A 33 61.97 -24.09 38.50
C THR A 33 60.53 -23.85 38.95
N SER A 34 59.67 -24.83 38.68
CA SER A 34 58.26 -24.83 39.07
C SER A 34 57.86 -26.31 39.02
N LEU A 35 56.91 -26.72 39.85
CA LEU A 35 56.52 -28.12 39.88
C LEU A 35 55.03 -28.32 40.10
N GLY A 36 54.59 -29.58 40.01
CA GLY A 36 53.18 -29.88 40.20
C GLY A 36 53.06 -31.24 40.85
N ILE A 37 52.11 -31.36 41.78
CA ILE A 37 51.89 -32.64 42.47
C ILE A 37 50.41 -32.92 42.57
N LYS A 38 50.03 -34.11 42.18
CA LYS A 38 48.63 -34.48 42.26
C LYS A 38 48.34 -35.38 43.46
N ALA A 39 47.49 -34.91 44.37
CA ALA A 39 47.11 -35.69 45.55
C ALA A 39 45.73 -36.30 45.27
N THR A 40 45.29 -37.22 46.13
CA THR A 40 44.00 -37.87 45.93
C THR A 40 42.80 -36.94 46.09
N ASN A 41 43.03 -35.74 46.61
CA ASN A 41 41.92 -34.82 46.80
C ASN A 41 42.34 -33.40 46.46
N GLY A 42 43.19 -33.27 45.47
CA GLY A 42 43.63 -31.95 45.08
C GLY A 42 44.89 -31.99 44.26
N VAL A 43 45.34 -30.81 43.85
CA VAL A 43 46.56 -30.69 43.08
C VAL A 43 47.24 -29.43 43.59
N VAL A 44 48.55 -29.39 43.51
CA VAL A 44 49.29 -28.21 43.96
C VAL A 44 50.31 -27.87 42.91
N ILE A 45 50.50 -26.57 42.71
CA ILE A 45 51.50 -26.11 41.77
C ILE A 45 52.22 -24.97 42.46
N ALA A 46 53.52 -24.87 42.25
CA ALA A 46 54.30 -23.82 42.88
C ALA A 46 55.57 -23.55 42.11
N THR A 47 56.11 -22.36 42.31
CA THR A 47 57.33 -21.93 41.67
C THR A 47 58.00 -20.94 42.61
N GLU A 48 59.08 -20.34 42.16
CA GLU A 48 59.79 -19.38 43.00
C GLU A 48 59.64 -17.98 42.42
N LYS A 49 59.34 -17.00 43.26
CA LYS A 49 59.22 -15.63 42.80
C LYS A 49 60.61 -14.98 42.85
N LYS A 50 61.35 -15.17 41.76
CA LYS A 50 62.71 -14.66 41.60
C LYS A 50 62.75 -13.14 41.38
N SER A 51 62.40 -12.38 42.41
CA SER A 51 62.38 -10.93 42.34
C SER A 51 63.62 -10.40 41.61
N SER A 52 63.42 -9.78 40.46
CA SER A 52 64.54 -9.27 39.67
C SER A 52 65.03 -7.88 40.07
N SER A 53 64.94 -7.57 41.36
CA SER A 53 65.37 -6.30 41.96
C SER A 53 64.64 -6.18 43.29
N PRO A 54 65.34 -5.73 44.33
CA PRO A 54 64.73 -5.58 45.66
C PRO A 54 63.72 -4.44 45.67
N LEU A 55 63.81 -3.58 44.65
CA LEU A 55 62.90 -2.45 44.51
C LEU A 55 61.58 -2.88 43.88
N ALA A 56 61.63 -3.94 43.08
CA ALA A 56 60.43 -4.46 42.43
C ALA A 56 59.58 -5.20 43.44
N MET A 57 58.27 -5.09 43.30
CA MET A 57 57.35 -5.75 44.21
C MET A 57 56.80 -7.02 43.57
N SER A 58 57.37 -8.15 43.97
CA SER A 58 57.01 -9.46 43.44
C SER A 58 55.52 -9.82 43.51
N GLU A 59 54.75 -9.10 44.33
CA GLU A 59 53.32 -9.41 44.42
C GLU A 59 52.65 -8.94 43.14
N THR A 60 53.05 -7.78 42.64
CA THR A 60 52.48 -7.24 41.42
C THR A 60 52.84 -8.07 40.21
N LEU A 61 52.98 -9.38 40.40
CA LEU A 61 53.33 -10.25 39.30
C LEU A 61 53.08 -11.68 39.75
N SER A 62 52.21 -12.40 39.05
CA SER A 62 51.91 -13.77 39.43
C SER A 62 52.37 -14.78 38.40
N LYS A 63 53.14 -15.76 38.86
CA LYS A 63 53.62 -16.81 37.99
C LYS A 63 52.56 -17.90 38.00
N VAL A 64 51.73 -17.88 39.03
CA VAL A 64 50.63 -18.84 39.16
C VAL A 64 49.37 -18.07 38.81
N SER A 65 48.61 -18.60 37.86
CA SER A 65 47.42 -17.92 37.38
C SER A 65 46.18 -18.80 37.32
N LEU A 66 45.03 -18.15 37.52
CA LEU A 66 43.75 -18.84 37.44
C LEU A 66 43.27 -18.76 35.98
N LEU A 67 42.98 -19.91 35.40
CA LEU A 67 42.48 -19.96 34.03
C LEU A 67 40.95 -19.96 34.09
N THR A 68 40.41 -20.84 34.93
CA THR A 68 38.97 -20.93 35.14
C THR A 68 38.89 -21.04 36.65
N PRO A 69 37.68 -21.02 37.20
CA PRO A 69 37.66 -21.14 38.66
C PRO A 69 38.09 -22.51 39.21
N ASP A 70 38.43 -23.45 38.32
CA ASP A 70 38.86 -24.78 38.75
C ASP A 70 40.12 -25.25 38.04
N ILE A 71 40.80 -24.31 37.38
CA ILE A 71 42.01 -24.63 36.64
C ILE A 71 43.03 -23.51 36.82
N GLY A 72 44.25 -23.90 37.19
CA GLY A 72 45.30 -22.94 37.40
C GLY A 72 46.48 -23.33 36.53
N ALA A 73 47.37 -22.38 36.31
CA ALA A 73 48.54 -22.65 35.49
C ALA A 73 49.78 -22.00 36.08
N VAL A 74 50.92 -22.61 35.78
CA VAL A 74 52.22 -22.12 36.24
C VAL A 74 53.21 -22.48 35.15
N TYR A 75 54.29 -21.72 35.04
CA TYR A 75 55.27 -21.98 34.01
C TYR A 75 56.74 -22.02 34.41
N SER A 76 57.57 -22.02 33.36
CA SER A 76 59.02 -22.02 33.44
C SER A 76 59.45 -21.63 32.04
N GLY A 77 60.20 -20.55 31.95
CA GLY A 77 60.63 -20.08 30.66
C GLY A 77 60.56 -18.57 30.60
N MET A 78 60.06 -18.05 29.49
CA MET A 78 59.96 -16.62 29.30
C MET A 78 58.66 -15.99 29.83
N GLY A 79 58.74 -15.39 31.00
CA GLY A 79 57.60 -14.75 31.63
C GLY A 79 56.64 -14.07 30.68
N PRO A 80 57.11 -13.09 29.89
CA PRO A 80 56.18 -12.43 28.97
C PRO A 80 55.37 -13.40 28.06
N ASP A 81 56.01 -14.44 27.51
CA ASP A 81 55.29 -15.37 26.65
C ASP A 81 54.14 -16.01 27.44
N TYR A 82 54.42 -16.40 28.68
CA TYR A 82 53.40 -17.00 29.53
C TYR A 82 52.23 -16.05 29.70
N ARG A 83 52.55 -14.78 29.99
CA ARG A 83 51.53 -13.79 30.23
C ARG A 83 50.48 -13.79 29.15
N VAL A 84 50.88 -13.53 27.91
CA VAL A 84 49.90 -13.50 26.85
C VAL A 84 49.24 -14.87 26.69
N LEU A 85 49.96 -15.94 26.98
CA LEU A 85 49.37 -17.28 26.87
C LEU A 85 48.22 -17.47 27.84
N VAL A 86 48.35 -16.85 29.01
CA VAL A 86 47.31 -16.93 30.02
C VAL A 86 46.04 -16.22 29.53
N ASP A 87 46.18 -14.97 29.10
CA ASP A 87 45.04 -14.22 28.61
C ASP A 87 44.35 -15.03 27.51
N LYS A 88 45.12 -15.51 26.54
CA LYS A 88 44.58 -16.32 25.47
C LYS A 88 43.86 -17.55 26.02
N SER A 89 44.48 -18.21 26.98
CA SER A 89 43.88 -19.40 27.57
C SER A 89 42.60 -19.08 28.33
N ARG A 90 42.51 -17.88 28.88
CA ARG A 90 41.30 -17.50 29.63
C ARG A 90 40.17 -17.21 28.64
N LYS A 91 40.51 -16.53 27.56
CA LYS A 91 39.52 -16.21 26.56
C LYS A 91 39.04 -17.48 25.87
N VAL A 92 39.97 -18.24 25.28
CA VAL A 92 39.63 -19.46 24.59
C VAL A 92 38.69 -20.34 25.42
N ALA A 93 38.80 -20.25 26.74
CA ALA A 93 37.94 -21.05 27.62
C ALA A 93 36.49 -20.60 27.45
N HIS A 94 36.30 -19.30 27.26
CA HIS A 94 34.97 -18.75 27.08
C HIS A 94 34.52 -18.96 25.64
N THR A 95 35.23 -18.35 24.71
CA THR A 95 34.89 -18.42 23.31
C THR A 95 34.66 -19.83 22.76
N SER A 96 35.44 -20.80 23.18
CA SER A 96 35.25 -22.13 22.63
C SER A 96 34.63 -23.13 23.54
N TYR A 97 34.00 -22.69 24.62
CA TYR A 97 33.38 -23.64 25.51
C TYR A 97 32.30 -23.10 26.43
N LYS A 98 32.65 -22.18 27.35
CA LYS A 98 31.61 -21.67 28.24
C LYS A 98 30.49 -20.98 27.49
N ARG A 99 30.80 -20.33 26.37
CA ARG A 99 29.77 -19.65 25.60
C ARG A 99 28.93 -20.62 24.78
N ILE A 100 29.37 -21.85 24.67
CA ILE A 100 28.60 -22.80 23.91
C ILE A 100 27.86 -23.78 24.79
N TYR A 101 28.49 -24.20 25.88
CA TYR A 101 27.86 -25.17 26.76
C TYR A 101 27.46 -24.57 28.10
N GLY A 102 27.78 -23.30 28.31
CA GLY A 102 27.41 -22.67 29.56
C GLY A 102 28.10 -23.25 30.78
N GLU A 103 29.24 -23.90 30.57
CA GLU A 103 30.00 -24.46 31.67
C GLU A 103 31.48 -24.35 31.30
N TYR A 104 32.34 -24.27 32.31
CA TYR A 104 33.76 -24.15 32.05
C TYR A 104 34.31 -25.43 31.49
N PRO A 105 35.31 -25.32 30.61
CA PRO A 105 35.91 -26.50 30.00
C PRO A 105 36.60 -27.39 31.00
N PRO A 106 36.68 -28.71 30.72
CA PRO A 106 37.35 -29.64 31.63
C PRO A 106 38.86 -29.48 31.35
N THR A 107 39.66 -29.67 32.40
CA THR A 107 41.10 -29.51 32.29
C THR A 107 41.74 -30.00 30.98
N LYS A 108 41.62 -31.28 30.67
CA LYS A 108 42.23 -31.82 29.45
C LYS A 108 41.97 -31.02 28.18
N LEU A 109 40.73 -30.56 28.01
CA LEU A 109 40.36 -29.80 26.83
C LEU A 109 40.93 -28.40 26.81
N LEU A 110 40.82 -27.69 27.93
CA LEU A 110 41.37 -26.33 27.98
C LEU A 110 42.86 -26.45 27.67
N VAL A 111 43.49 -27.48 28.23
CA VAL A 111 44.90 -27.72 28.01
C VAL A 111 45.07 -27.95 26.52
N SER A 112 44.24 -28.84 26.01
CA SER A 112 44.25 -29.18 24.60
C SER A 112 44.18 -27.89 23.78
N GLU A 113 43.39 -26.94 24.25
CA GLU A 113 43.23 -25.68 23.56
C GLU A 113 44.54 -24.89 23.55
N VAL A 114 45.14 -24.72 24.72
CA VAL A 114 46.39 -23.96 24.85
C VAL A 114 47.47 -24.59 23.97
N ALA A 115 47.54 -25.92 24.03
CA ALA A 115 48.49 -26.69 23.25
C ALA A 115 48.41 -26.28 21.79
N LYS A 116 47.17 -26.30 21.28
CA LYS A 116 46.95 -25.95 19.88
C LYS A 116 47.54 -24.58 19.56
N ILE A 117 47.32 -23.62 20.46
CA ILE A 117 47.83 -22.26 20.27
C ILE A 117 49.33 -22.30 20.05
N MET A 118 50.02 -22.95 20.97
CA MET A 118 51.46 -23.10 20.87
C MET A 118 51.84 -23.85 19.61
N GLN A 119 51.16 -24.98 19.36
CA GLN A 119 51.42 -25.78 18.16
C GLN A 119 51.44 -24.89 16.95
N GLU A 120 50.51 -23.95 16.87
CA GLU A 120 50.44 -23.06 15.73
C GLU A 120 51.61 -22.10 15.62
N ALA A 121 52.14 -21.67 16.76
CA ALA A 121 53.28 -20.73 16.76
C ALA A 121 54.55 -21.47 16.36
N THR A 122 54.37 -22.73 15.98
CA THR A 122 55.43 -23.62 15.58
C THR A 122 55.40 -23.90 14.08
N GLN A 123 54.32 -23.47 13.44
CA GLN A 123 54.14 -23.72 12.02
C GLN A 123 53.65 -22.50 11.23
N SER A 124 52.91 -21.60 11.87
CA SER A 124 52.40 -20.40 11.20
C SER A 124 53.50 -19.56 10.58
N GLY A 125 53.13 -18.71 9.65
CA GLY A 125 54.14 -17.88 9.03
C GLY A 125 54.64 -16.81 9.97
N GLY A 126 55.86 -16.36 9.74
CA GLY A 126 56.46 -15.28 10.53
C GLY A 126 56.46 -15.23 12.06
N VAL A 127 56.53 -16.38 12.74
CA VAL A 127 56.55 -16.35 14.20
C VAL A 127 57.51 -17.36 14.76
N ARG A 128 57.78 -17.23 16.07
CA ARG A 128 58.66 -18.15 16.77
C ARG A 128 57.83 -18.90 17.78
N PRO A 129 58.26 -20.09 18.19
CA PRO A 129 57.45 -20.81 19.17
C PRO A 129 57.45 -20.05 20.48
N PHE A 130 56.60 -20.50 21.41
CA PHE A 130 56.55 -19.86 22.72
C PHE A 130 57.69 -20.43 23.57
N GLY A 131 58.41 -19.54 24.24
CA GLY A 131 59.52 -19.96 25.07
C GLY A 131 59.10 -20.34 26.48
N VAL A 132 58.06 -21.17 26.61
CA VAL A 132 57.62 -21.58 27.94
C VAL A 132 57.02 -22.95 27.95
N SER A 133 56.97 -23.53 29.13
CA SER A 133 56.36 -24.84 29.32
C SER A 133 55.37 -24.56 30.41
N LEU A 134 54.20 -25.17 30.32
CA LEU A 134 53.19 -24.93 31.30
C LEU A 134 52.82 -26.15 32.11
N LEU A 135 52.41 -25.90 33.34
CA LEU A 135 51.95 -26.93 34.22
C LEU A 135 50.57 -26.46 34.60
N ILE A 136 49.56 -27.11 34.02
CA ILE A 136 48.18 -26.76 34.29
C ILE A 136 47.59 -27.84 35.20
N ALA A 137 46.85 -27.38 36.21
CA ALA A 137 46.22 -28.28 37.16
C ALA A 137 44.78 -27.84 37.37
N GLY A 138 43.87 -28.82 37.36
CA GLY A 138 42.48 -28.48 37.54
C GLY A 138 41.63 -29.65 37.93
N HIS A 139 40.32 -29.43 37.94
CA HIS A 139 39.37 -30.45 38.30
C HIS A 139 38.05 -30.23 37.60
N ASP A 140 37.41 -31.33 37.21
CA ASP A 140 36.11 -31.26 36.58
C ASP A 140 35.32 -32.48 37.04
N GLU A 141 34.01 -32.34 37.07
CA GLU A 141 33.13 -33.41 37.52
C GLU A 141 33.39 -34.82 37.00
N PHE A 142 33.60 -34.96 35.69
CA PHE A 142 33.81 -36.29 35.13
C PHE A 142 35.26 -36.75 34.97
N ASN A 143 36.22 -35.94 35.42
CA ASN A 143 37.61 -36.33 35.29
C ASN A 143 38.39 -36.22 36.61
N GLY A 144 37.76 -35.61 37.62
CA GLY A 144 38.41 -35.45 38.90
C GLY A 144 39.52 -34.43 38.78
N PHE A 145 40.63 -34.65 39.49
CA PHE A 145 41.75 -33.73 39.42
C PHE A 145 42.73 -34.23 38.40
N SER A 146 43.51 -33.31 37.84
CA SER A 146 44.50 -33.70 36.88
C SER A 146 45.58 -32.64 36.78
N LEU A 147 46.74 -33.07 36.27
CA LEU A 147 47.90 -32.22 36.10
C LEU A 147 48.46 -32.46 34.70
N TYR A 148 48.72 -31.38 33.98
CA TYR A 148 49.24 -31.52 32.63
C TYR A 148 50.43 -30.61 32.42
N GLN A 149 51.29 -31.00 31.49
CA GLN A 149 52.46 -30.22 31.15
C GLN A 149 52.36 -29.95 29.67
N VAL A 150 52.53 -28.69 29.28
CA VAL A 150 52.45 -28.33 27.88
C VAL A 150 53.78 -27.77 27.45
N ASP A 151 54.29 -28.29 26.34
CA ASP A 151 55.58 -27.87 25.78
C ASP A 151 55.46 -26.98 24.57
N PRO A 152 56.50 -26.18 24.30
CA PRO A 152 56.56 -25.26 23.17
C PRO A 152 56.32 -25.97 21.84
N SER A 153 56.48 -27.29 21.83
CA SER A 153 56.26 -28.06 20.62
C SER A 153 54.77 -28.12 20.39
N GLY A 154 54.03 -27.99 21.49
CA GLY A 154 52.59 -28.05 21.43
C GLY A 154 52.16 -29.38 22.00
N SER A 155 53.10 -30.12 22.57
CA SER A 155 52.80 -31.40 23.16
C SER A 155 52.42 -31.25 24.61
N TYR A 156 51.63 -32.17 25.13
CA TYR A 156 51.23 -32.11 26.52
C TYR A 156 50.98 -33.51 27.01
N PHE A 157 51.12 -33.70 28.32
CA PHE A 157 50.93 -35.01 28.91
C PHE A 157 50.52 -34.88 30.37
N PRO A 158 49.82 -35.89 30.88
CA PRO A 158 49.34 -35.92 32.27
C PRO A 158 50.43 -36.42 33.21
N TRP A 159 50.46 -35.88 34.43
CA TRP A 159 51.48 -36.25 35.41
C TRP A 159 50.90 -36.49 36.80
N LYS A 160 51.54 -37.36 37.57
CA LYS A 160 51.11 -37.62 38.93
C LYS A 160 51.82 -36.53 39.72
N ALA A 161 52.94 -36.09 39.17
CA ALA A 161 53.77 -35.05 39.74
C ALA A 161 54.93 -34.83 38.77
N THR A 162 55.49 -33.63 38.75
CA THR A 162 56.62 -33.36 37.87
C THR A 162 57.09 -31.93 38.06
N ALA A 163 58.23 -31.62 37.47
CA ALA A 163 58.77 -30.28 37.57
C ALA A 163 59.45 -29.93 36.26
N ILE A 164 59.62 -28.64 36.03
CA ILE A 164 60.25 -28.14 34.82
C ILE A 164 61.12 -26.97 35.19
N GLY A 165 62.00 -26.58 34.27
CA GLY A 165 62.90 -25.46 34.51
C GLY A 165 64.23 -25.91 35.11
N LYS A 166 65.00 -24.94 35.60
CA LYS A 166 66.32 -25.18 36.20
C LYS A 166 66.59 -26.56 36.79
N GLY A 167 66.34 -26.70 38.09
CA GLY A 167 66.61 -27.98 38.73
C GLY A 167 65.50 -29.01 38.60
N SER A 168 65.02 -29.19 37.39
CA SER A 168 63.94 -30.14 37.14
C SER A 168 64.39 -31.58 37.35
N VAL A 169 65.54 -31.92 36.79
CA VAL A 169 66.05 -33.28 36.90
C VAL A 169 66.16 -33.67 38.37
N ALA A 170 66.74 -32.77 39.16
CA ALA A 170 66.91 -32.98 40.59
C ALA A 170 65.57 -33.17 41.28
N ALA A 171 64.69 -32.19 41.10
CA ALA A 171 63.37 -32.20 41.71
C ALA A 171 62.53 -33.38 41.24
N LYS A 172 62.63 -33.71 39.95
CA LYS A 172 61.86 -34.84 39.41
C LYS A 172 62.26 -36.10 40.13
N THR A 173 63.54 -36.22 40.42
CA THR A 173 64.03 -37.39 41.11
C THR A 173 63.49 -37.40 42.55
N PHE A 174 63.51 -36.23 43.19
CA PHE A 174 63.03 -36.13 44.57
C PHE A 174 61.54 -36.44 44.70
N LEU A 175 60.79 -36.19 43.64
CA LEU A 175 59.36 -36.45 43.67
C LEU A 175 59.07 -37.92 43.49
N GLU A 176 59.80 -38.59 42.59
CA GLU A 176 59.57 -40.00 42.36
C GLU A 176 59.73 -40.74 43.68
N LYS A 177 60.56 -40.20 44.56
CA LYS A 177 60.82 -40.81 45.85
C LYS A 177 59.73 -40.56 46.88
N ARG A 178 59.13 -39.38 46.86
CA ARG A 178 58.12 -39.02 47.85
C ARG A 178 56.65 -39.20 47.44
N TRP A 179 56.39 -39.41 46.15
CA TRP A 179 55.01 -39.55 45.71
C TRP A 179 54.43 -40.95 45.83
N ASN A 180 53.15 -41.02 46.13
CA ASN A 180 52.44 -42.29 46.25
C ASN A 180 50.99 -41.99 45.89
N ASP A 181 50.23 -43.01 45.51
CA ASP A 181 48.85 -42.81 45.12
C ASP A 181 47.88 -42.67 46.30
N GLU A 182 48.39 -42.22 47.44
CA GLU A 182 47.56 -42.05 48.62
C GLU A 182 47.77 -40.71 49.31
N LEU A 183 48.49 -39.81 48.65
CA LEU A 183 48.76 -38.51 49.23
C LEU A 183 47.53 -37.65 49.38
N GLU A 184 47.41 -37.00 50.53
CA GLU A 184 46.31 -36.09 50.77
C GLU A 184 46.87 -34.77 50.24
N LEU A 185 46.04 -33.76 50.01
CA LEU A 185 46.53 -32.49 49.50
C LEU A 185 47.59 -31.84 50.40
N GLU A 186 47.35 -31.80 51.70
CA GLU A 186 48.32 -31.21 52.62
C GLU A 186 49.67 -31.88 52.49
N ASP A 187 49.65 -33.18 52.18
CA ASP A 187 50.88 -33.94 52.01
C ASP A 187 51.64 -33.38 50.83
N ALA A 188 50.98 -33.33 49.69
CA ALA A 188 51.59 -32.81 48.47
C ALA A 188 52.13 -31.39 48.71
N ILE A 189 51.37 -30.58 49.43
CA ILE A 189 51.79 -29.21 49.73
C ILE A 189 53.13 -29.24 50.44
N HIS A 190 53.26 -30.14 51.41
CA HIS A 190 54.49 -30.32 52.18
C HIS A 190 55.59 -30.72 51.20
N ILE A 191 55.42 -31.89 50.58
CA ILE A 191 56.37 -32.40 49.60
C ILE A 191 56.77 -31.30 48.61
N ALA A 192 55.79 -30.50 48.21
CA ALA A 192 56.01 -29.42 47.28
C ALA A 192 57.03 -28.46 47.87
N LEU A 193 56.77 -27.98 49.08
CA LEU A 193 57.67 -27.05 49.74
C LEU A 193 59.07 -27.62 49.92
N LEU A 194 59.15 -28.92 50.19
CA LEU A 194 60.45 -29.56 50.34
C LEU A 194 61.14 -29.56 48.99
N THR A 195 60.47 -30.14 47.99
CA THR A 195 61.01 -30.23 46.63
C THR A 195 61.49 -28.88 46.12
N LEU A 196 60.84 -27.83 46.59
CA LEU A 196 61.16 -26.48 46.17
C LEU A 196 62.42 -25.96 46.83
N LYS A 197 62.54 -26.18 48.13
CA LYS A 197 63.69 -25.73 48.91
C LYS A 197 65.03 -26.03 48.23
N GLU A 198 65.15 -27.24 47.67
CA GLU A 198 66.39 -27.65 47.01
C GLU A 198 66.81 -26.68 45.90
N SER A 199 65.87 -26.27 45.06
CA SER A 199 66.16 -25.36 43.96
C SER A 199 66.31 -23.91 44.41
N VAL A 200 66.06 -23.64 45.69
CA VAL A 200 66.14 -22.28 46.21
C VAL A 200 67.49 -21.92 46.84
N GLU A 201 68.13 -20.91 46.26
CA GLU A 201 69.43 -20.42 46.71
C GLU A 201 69.33 -19.61 48.01
N GLY A 202 68.82 -18.39 47.90
CA GLY A 202 68.68 -17.51 49.05
C GLY A 202 67.46 -17.69 49.92
N GLU A 203 66.68 -16.62 50.06
CA GLU A 203 65.47 -16.64 50.89
C GLU A 203 64.42 -17.61 50.39
N PHE A 204 63.76 -18.27 51.34
CA PHE A 204 62.73 -19.24 51.06
C PHE A 204 61.60 -19.01 52.05
N ASN A 205 60.61 -18.23 51.64
CA ASN A 205 59.49 -17.93 52.51
C ASN A 205 58.28 -17.60 51.67
N GLY A 206 57.19 -17.21 52.33
CA GLY A 206 55.97 -16.88 51.62
C GLY A 206 56.03 -15.69 50.69
N ASP A 207 57.13 -14.93 50.72
CA ASP A 207 57.26 -13.76 49.85
C ASP A 207 58.12 -14.05 48.64
N THR A 208 58.85 -15.16 48.69
CA THR A 208 59.73 -15.56 47.60
C THR A 208 59.15 -16.76 46.88
N ILE A 209 58.19 -17.41 47.53
CA ILE A 209 57.52 -18.58 46.99
C ILE A 209 56.10 -18.23 46.57
N GLU A 210 55.63 -18.88 45.52
CA GLU A 210 54.29 -18.66 45.02
C GLU A 210 53.68 -20.03 44.79
N LEU A 211 52.62 -20.33 45.51
CA LEU A 211 51.99 -21.63 45.37
C LEU A 211 50.48 -21.52 45.49
N ALA A 212 49.78 -22.29 44.67
CA ALA A 212 48.32 -22.33 44.67
C ALA A 212 47.88 -23.78 44.62
N ILE A 213 46.60 -24.00 44.86
CA ILE A 213 46.06 -25.35 44.87
C ILE A 213 44.74 -25.43 44.13
N ILE A 214 44.28 -26.66 43.91
CA ILE A 214 43.02 -26.92 43.25
C ILE A 214 42.44 -28.00 44.15
N GLY A 215 41.68 -27.57 45.15
CA GLY A 215 41.12 -28.53 46.08
C GLY A 215 39.61 -28.55 46.15
N ASP A 216 39.07 -28.26 47.34
CA ASP A 216 37.63 -28.24 47.51
C ASP A 216 37.02 -26.91 47.09
N GLU A 217 35.71 -26.89 46.95
CA GLU A 217 35.01 -25.69 46.55
C GLU A 217 34.98 -24.63 47.65
N ASN A 218 35.39 -23.41 47.30
CA ASN A 218 35.40 -22.29 48.25
C ASN A 218 34.18 -21.39 48.05
N PRO A 219 33.05 -21.77 48.66
CA PRO A 219 31.83 -20.96 48.52
C PRO A 219 32.09 -19.58 49.10
N ASP A 220 32.97 -19.53 50.09
CA ASP A 220 33.31 -18.28 50.74
C ASP A 220 33.99 -17.35 49.72
N LEU A 221 34.43 -17.93 48.61
CA LEU A 221 35.09 -17.16 47.56
C LEU A 221 34.21 -16.91 46.36
N LEU A 222 32.93 -17.24 46.48
CA LEU A 222 31.99 -17.06 45.37
C LEU A 222 31.60 -15.62 45.12
N GLY A 223 31.32 -14.88 46.19
CA GLY A 223 30.93 -13.48 46.07
C GLY A 223 29.43 -13.23 46.20
N TYR A 224 28.65 -14.31 46.18
CA TYR A 224 27.20 -14.21 46.28
C TYR A 224 26.63 -15.52 46.77
N THR A 225 25.41 -15.44 47.29
CA THR A 225 24.72 -16.61 47.80
C THR A 225 23.35 -16.73 47.14
N GLY A 226 22.65 -17.83 47.42
CA GLY A 226 21.33 -18.01 46.88
C GLY A 226 21.16 -19.03 45.77
N ILE A 227 22.25 -19.62 45.30
CA ILE A 227 22.14 -20.61 44.23
C ILE A 227 22.82 -21.89 44.61
N PRO A 228 22.04 -22.88 45.04
CA PRO A 228 22.49 -24.21 45.47
C PRO A 228 23.61 -24.83 44.66
N THR A 229 23.43 -24.91 43.34
CA THR A 229 24.42 -25.52 42.46
C THR A 229 25.75 -24.79 42.29
N ASP A 230 25.84 -23.55 42.75
CA ASP A 230 27.09 -22.78 42.64
C ASP A 230 27.78 -22.83 43.98
N LYS A 231 28.80 -23.67 44.10
CA LYS A 231 29.51 -23.85 45.36
C LYS A 231 30.84 -23.11 45.56
N GLY A 232 31.34 -22.44 44.52
CA GLY A 232 32.58 -21.71 44.67
C GLY A 232 33.72 -22.35 43.91
N PRO A 233 34.81 -21.60 43.69
CA PRO A 233 35.99 -22.08 42.97
C PRO A 233 36.86 -23.05 43.77
N ARG A 234 37.42 -24.04 43.09
CA ARG A 234 38.29 -25.02 43.72
C ARG A 234 39.72 -24.50 43.72
N PHE A 235 39.98 -23.51 42.87
CA PHE A 235 41.29 -22.92 42.77
C PHE A 235 41.54 -21.89 43.86
N ARG A 236 42.69 -21.98 44.50
CA ARG A 236 43.05 -21.02 45.51
C ARG A 236 44.54 -20.88 45.69
N LYS A 237 45.00 -19.64 45.57
CA LYS A 237 46.39 -19.30 45.71
C LYS A 237 46.61 -19.11 47.21
N LEU A 238 47.70 -19.65 47.74
CA LEU A 238 47.96 -19.48 49.16
C LEU A 238 48.54 -18.10 49.39
N THR A 239 48.33 -17.59 50.59
CA THR A 239 48.84 -16.28 50.97
C THR A 239 50.23 -16.44 51.51
N SER A 240 50.98 -15.34 51.55
CA SER A 240 52.33 -15.37 52.07
C SER A 240 52.30 -15.97 53.47
N GLN A 241 51.41 -15.45 54.30
CA GLN A 241 51.25 -15.90 55.66
C GLN A 241 50.91 -17.39 55.72
N GLU A 242 50.08 -17.87 54.79
CA GLU A 242 49.70 -19.28 54.79
C GLU A 242 50.90 -20.15 54.49
N ILE A 243 51.79 -19.63 53.66
CA ILE A 243 53.00 -20.36 53.27
C ILE A 243 53.97 -20.52 54.45
N ASN A 244 54.28 -19.42 55.10
CA ASN A 244 55.20 -19.42 56.23
C ASN A 244 54.75 -20.37 57.34
N ASP A 245 53.46 -20.38 57.63
CA ASP A 245 52.96 -21.27 58.66
C ASP A 245 53.40 -22.69 58.33
N ARG A 246 53.16 -23.12 57.10
CA ARG A 246 53.55 -24.47 56.71
C ARG A 246 55.04 -24.70 56.73
N LEU A 247 55.81 -23.65 56.41
CA LEU A 247 57.27 -23.75 56.39
C LEU A 247 57.87 -24.08 57.75
N GLU A 248 57.13 -23.81 58.83
CA GLU A 248 57.62 -24.11 60.16
C GLU A 248 57.52 -25.60 60.45
N ALA A 249 56.55 -26.25 59.82
CA ALA A 249 56.35 -27.69 59.99
C ALA A 249 57.16 -28.42 58.93
N LEU A 250 58.06 -27.69 58.28
CA LEU A 250 58.92 -28.22 57.24
C LEU A 250 59.90 -29.25 57.83
N GLY B 1 64.38 -6.95 2.02
CA GLY B 1 63.04 -7.54 2.31
C GLY B 1 63.05 -8.73 3.25
N SER B 2 62.05 -9.60 3.10
CA SER B 2 61.87 -10.80 3.93
C SER B 2 62.44 -12.08 3.31
N ARG B 3 62.57 -12.10 1.99
CA ARG B 3 63.09 -13.25 1.24
C ARG B 3 64.38 -13.80 1.84
N ARG B 4 65.11 -12.94 2.53
CA ARG B 4 66.38 -13.28 3.16
C ARG B 4 66.28 -14.40 4.20
N TYR B 5 65.10 -14.57 4.81
CA TYR B 5 64.90 -15.58 5.85
C TYR B 5 63.97 -16.72 5.44
N ASP B 6 63.58 -16.74 4.18
CA ASP B 6 62.68 -17.76 3.64
C ASP B 6 63.36 -19.11 3.33
N SER B 7 63.00 -20.15 4.07
CA SER B 7 63.58 -21.47 3.86
C SER B 7 63.06 -22.15 2.59
N ARG B 8 61.97 -21.63 2.01
CA ARG B 8 61.40 -22.20 0.79
C ARG B 8 61.13 -23.67 1.00
N THR B 9 60.39 -23.96 2.05
CA THR B 9 60.06 -25.30 2.43
C THR B 9 59.42 -26.16 1.36
N THR B 10 58.97 -25.57 0.26
CA THR B 10 58.31 -26.37 -0.77
C THR B 10 58.98 -26.49 -2.13
N ILE B 11 60.30 -26.63 -2.18
CA ILE B 11 60.97 -26.74 -3.46
C ILE B 11 61.57 -28.11 -3.70
N PHE B 12 61.96 -28.36 -4.94
CA PHE B 12 62.56 -29.62 -5.33
C PHE B 12 64.07 -29.58 -5.17
N SER B 13 64.67 -30.74 -4.94
CA SER B 13 66.13 -30.83 -4.82
C SER B 13 66.59 -31.12 -6.25
N PRO B 14 67.87 -30.87 -6.56
CA PRO B 14 68.30 -31.15 -7.92
C PRO B 14 67.97 -32.59 -8.36
N GLU B 15 67.78 -33.46 -7.37
CA GLU B 15 67.45 -34.86 -7.63
C GLU B 15 65.95 -35.07 -7.72
N GLY B 16 65.20 -33.99 -7.61
CA GLY B 16 63.76 -34.09 -7.68
C GLY B 16 63.16 -34.60 -6.39
N ARG B 17 63.78 -34.25 -5.27
CA ARG B 17 63.29 -34.67 -3.96
C ARG B 17 62.74 -33.46 -3.20
N LEU B 18 61.90 -33.73 -2.20
CA LEU B 18 61.34 -32.63 -1.42
C LEU B 18 61.98 -32.55 -0.05
N TYR B 19 63.05 -31.76 0.01
CA TYR B 19 63.82 -31.55 1.23
C TYR B 19 63.06 -31.77 2.53
N GLN B 20 62.14 -30.84 2.83
CA GLN B 20 61.37 -30.92 4.06
C GLN B 20 60.61 -32.22 4.24
N VAL B 21 60.04 -32.76 3.18
CA VAL B 21 59.33 -34.03 3.33
C VAL B 21 60.34 -35.08 3.79
N GLU B 22 61.51 -35.04 3.17
CA GLU B 22 62.59 -35.96 3.49
C GLU B 22 62.97 -35.79 4.95
N TYR B 23 63.36 -34.58 5.32
CA TYR B 23 63.75 -34.28 6.69
C TYR B 23 62.65 -34.60 7.69
N ALA B 24 61.42 -34.27 7.34
CA ALA B 24 60.30 -34.55 8.22
C ALA B 24 60.31 -36.05 8.52
N LEU B 25 60.50 -36.85 7.48
CA LEU B 25 60.54 -38.29 7.62
C LEU B 25 61.67 -38.67 8.54
N GLU B 26 62.81 -37.99 8.37
CA GLU B 26 63.98 -38.24 9.19
C GLU B 26 63.56 -38.11 10.64
N SER B 27 62.76 -37.09 10.94
CA SER B 27 62.31 -36.86 12.30
C SER B 27 61.47 -38.04 12.80
N ILE B 28 60.55 -38.49 11.97
CA ILE B 28 59.66 -39.59 12.31
C ILE B 28 60.39 -40.90 12.61
N SER B 29 61.56 -41.07 12.01
CA SER B 29 62.33 -42.29 12.21
C SER B 29 62.77 -42.45 13.66
N HIS B 30 62.67 -41.38 14.44
CA HIS B 30 63.08 -41.41 15.84
C HIS B 30 61.88 -41.49 16.77
N ALA B 31 60.68 -41.62 16.20
CA ALA B 31 59.48 -41.69 17.02
C ALA B 31 59.11 -43.12 17.43
N GLY B 32 58.49 -43.26 18.59
CA GLY B 32 58.08 -44.58 19.05
C GLY B 32 57.50 -45.39 17.90
N THR B 33 57.82 -46.68 17.86
CA THR B 33 57.31 -47.53 16.78
C THR B 33 55.84 -47.85 16.89
N ALA B 34 55.17 -47.80 15.74
CA ALA B 34 53.76 -48.09 15.68
C ALA B 34 53.60 -49.18 14.65
N ILE B 35 52.84 -50.20 15.00
CA ILE B 35 52.61 -51.33 14.11
C ILE B 35 51.14 -51.59 13.91
N GLY B 36 50.77 -51.92 12.68
CA GLY B 36 49.40 -52.24 12.36
C GLY B 36 49.36 -53.56 11.61
N ILE B 37 48.59 -54.52 12.12
CA ILE B 37 48.48 -55.82 11.49
C ILE B 37 47.01 -56.11 11.22
N MET B 38 46.73 -56.59 10.02
CA MET B 38 45.36 -56.86 9.63
C MET B 38 45.07 -58.34 9.42
N ALA B 39 44.19 -58.89 10.27
CA ALA B 39 43.80 -60.29 10.19
C ALA B 39 42.42 -60.42 9.55
N SER B 40 42.05 -61.65 9.19
CA SER B 40 40.76 -61.92 8.55
C SER B 40 39.56 -61.41 9.36
N ASP B 41 39.63 -61.53 10.69
CA ASP B 41 38.51 -61.09 11.53
C ASP B 41 38.75 -59.82 12.37
N GLY B 42 39.72 -59.00 11.99
CA GLY B 42 39.97 -57.79 12.74
C GLY B 42 41.33 -57.15 12.47
N ILE B 43 41.56 -55.98 13.04
CA ILE B 43 42.84 -55.31 12.85
C ILE B 43 43.47 -55.01 14.21
N VAL B 44 44.79 -54.87 14.22
CA VAL B 44 45.50 -54.59 15.45
C VAL B 44 46.43 -53.38 15.32
N LEU B 45 46.42 -52.56 16.36
CA LEU B 45 47.26 -51.39 16.43
C LEU B 45 48.07 -51.44 17.73
N ALA B 46 49.39 -51.45 17.58
CA ALA B 46 50.28 -51.47 18.73
C ALA B 46 51.35 -50.43 18.49
N ALA B 47 51.66 -49.66 19.53
CA ALA B 47 52.66 -48.61 19.43
C ALA B 47 53.49 -48.55 20.72
N GLU B 48 54.69 -47.99 20.61
CA GLU B 48 55.58 -47.89 21.75
C GLU B 48 55.59 -46.44 22.24
N ARG B 49 55.26 -46.25 23.51
CA ARG B 49 55.25 -44.92 24.12
C ARG B 49 56.65 -44.38 24.20
N LYS B 50 56.92 -43.29 23.50
CA LYS B 50 58.25 -42.70 23.58
C LYS B 50 58.32 -41.92 24.88
N VAL B 51 59.47 -42.02 25.55
CA VAL B 51 59.71 -41.36 26.84
C VAL B 51 58.58 -41.53 27.86
N THR B 52 58.91 -42.22 28.94
CA THR B 52 58.00 -42.50 30.03
C THR B 52 58.70 -42.31 31.37
N SER B 53 57.90 -42.25 32.43
CA SER B 53 58.42 -42.07 33.78
C SER B 53 57.54 -42.76 34.80
N THR B 54 58.06 -42.87 36.03
CA THR B 54 57.30 -43.50 37.11
C THR B 54 56.10 -42.60 37.38
N LEU B 55 56.36 -41.30 37.33
CA LEU B 55 55.35 -40.28 37.58
C LEU B 55 54.35 -40.06 36.46
N LEU B 56 54.74 -40.36 35.22
CA LEU B 56 53.80 -40.17 34.11
C LEU B 56 52.50 -40.87 34.43
N GLU B 57 51.41 -40.11 34.42
CA GLU B 57 50.07 -40.62 34.69
C GLU B 57 49.66 -41.38 33.44
N GLN B 58 49.85 -42.71 33.44
CA GLN B 58 49.55 -43.49 32.25
C GLN B 58 48.09 -43.78 31.91
N ASP B 59 47.23 -43.84 32.91
CA ASP B 59 45.81 -44.10 32.66
C ASP B 59 45.17 -42.98 31.81
N THR B 60 45.53 -41.75 32.14
CA THR B 60 45.02 -40.55 31.48
C THR B 60 45.78 -40.19 30.20
N SER B 61 46.76 -40.99 29.82
CA SER B 61 47.57 -40.67 28.65
C SER B 61 47.20 -41.32 27.33
N THR B 62 47.59 -40.63 26.25
CA THR B 62 47.38 -41.05 24.86
C THR B 62 48.34 -40.24 24.00
N GLU B 63 49.28 -40.90 23.36
CA GLU B 63 50.23 -40.19 22.52
C GLU B 63 50.41 -40.85 21.17
N LYS B 64 49.73 -41.98 20.97
CA LYS B 64 49.89 -42.70 19.72
C LYS B 64 48.62 -43.25 19.08
N LEU B 65 47.67 -43.70 19.88
CA LEU B 65 46.41 -44.24 19.35
C LEU B 65 45.24 -43.29 19.54
N TYR B 66 44.69 -42.82 18.43
CA TYR B 66 43.57 -41.90 18.47
C TYR B 66 42.32 -42.41 17.74
N LYS B 67 41.17 -42.20 18.36
CA LYS B 67 39.91 -42.62 17.77
C LYS B 67 39.42 -41.48 16.88
N LEU B 68 39.16 -41.80 15.62
CA LEU B 68 38.69 -40.80 14.67
C LEU B 68 37.20 -40.88 14.47
N ASN B 69 36.74 -42.12 14.32
CA ASN B 69 35.37 -42.41 14.05
C ASN B 69 34.98 -43.50 15.01
N ASP B 70 33.93 -44.24 14.68
CA ASP B 70 33.51 -45.35 15.52
C ASP B 70 34.09 -46.60 14.87
N LYS B 71 34.40 -46.49 13.58
CA LYS B 71 34.94 -47.61 12.85
C LYS B 71 36.33 -47.29 12.30
N ILE B 72 36.93 -46.20 12.79
CA ILE B 72 38.25 -45.82 12.32
C ILE B 72 39.10 -45.24 13.44
N ALA B 73 40.39 -45.58 13.42
CA ALA B 73 41.32 -45.06 14.41
C ALA B 73 42.69 -45.01 13.76
N VAL B 74 43.57 -44.22 14.35
CA VAL B 74 44.93 -44.08 13.84
C VAL B 74 45.99 -44.21 14.90
N ALA B 75 47.17 -44.60 14.44
CA ALA B 75 48.34 -44.75 15.28
C ALA B 75 49.29 -43.70 14.72
N VAL B 76 49.89 -42.91 15.61
CA VAL B 76 50.77 -41.82 15.21
C VAL B 76 52.26 -42.06 15.41
N ALA B 77 53.07 -41.36 14.63
CA ALA B 77 54.51 -41.46 14.75
C ALA B 77 55.07 -40.13 14.26
N GLY B 78 55.57 -39.32 15.20
CA GLY B 78 56.12 -38.01 14.88
C GLY B 78 55.68 -36.96 15.89
N LEU B 79 55.47 -35.71 15.46
CA LEU B 79 55.04 -34.66 16.38
C LEU B 79 53.60 -34.86 16.82
N THR B 80 53.39 -35.20 18.09
CA THR B 80 52.03 -35.40 18.58
C THR B 80 51.18 -34.16 18.31
N ALA B 81 51.71 -33.00 18.69
CA ALA B 81 51.03 -31.73 18.47
C ALA B 81 50.53 -31.66 17.01
N ASP B 82 51.44 -31.89 16.07
CA ASP B 82 51.08 -31.87 14.66
C ASP B 82 49.97 -32.89 14.38
N ALA B 83 50.16 -34.12 14.86
CA ALA B 83 49.19 -35.17 14.65
C ALA B 83 47.79 -34.70 15.02
N GLU B 84 47.63 -34.19 16.25
CA GLU B 84 46.33 -33.73 16.72
C GLU B 84 45.68 -32.79 15.73
N ILE B 85 46.37 -31.71 15.38
CA ILE B 85 45.83 -30.75 14.43
C ILE B 85 45.19 -31.48 13.25
N LEU B 86 45.84 -32.53 12.76
CA LEU B 86 45.30 -33.30 11.63
C LEU B 86 44.17 -34.24 12.04
N ILE B 87 44.31 -34.83 13.23
CA ILE B 87 43.31 -35.74 13.75
C ILE B 87 41.98 -35.05 13.93
N ASN B 88 42.02 -33.83 14.44
CA ASN B 88 40.78 -33.11 14.66
C ASN B 88 40.08 -32.83 13.33
N THR B 89 40.83 -32.38 12.32
CA THR B 89 40.18 -32.12 11.05
C THR B 89 39.67 -33.43 10.46
N ALA B 90 40.33 -34.53 10.81
CA ALA B 90 39.89 -35.83 10.31
C ALA B 90 38.55 -36.17 10.94
N ARG B 91 38.46 -36.00 12.25
CA ARG B 91 37.22 -36.29 12.99
C ARG B 91 36.07 -35.47 12.43
N ILE B 92 36.34 -34.22 12.10
CA ILE B 92 35.31 -33.37 11.53
C ILE B 92 34.89 -33.92 10.17
N HIS B 93 35.85 -34.10 9.28
CA HIS B 93 35.57 -34.63 7.94
C HIS B 93 34.61 -35.81 7.99
N ALA B 94 34.87 -36.75 8.89
CA ALA B 94 34.02 -37.94 9.04
C ALA B 94 32.58 -37.51 9.27
N GLN B 95 32.37 -36.64 10.25
CA GLN B 95 31.04 -36.14 10.58
C GLN B 95 30.36 -35.47 9.38
N ASN B 96 31.06 -34.57 8.69
CA ASN B 96 30.45 -33.94 7.53
C ASN B 96 29.96 -34.98 6.54
N TYR B 97 30.79 -35.97 6.24
CA TYR B 97 30.40 -37.01 5.31
C TYR B 97 29.09 -37.63 5.78
N LEU B 98 29.00 -37.87 7.09
CA LEU B 98 27.80 -38.46 7.66
C LEU B 98 26.62 -37.52 7.51
N LYS B 99 26.83 -36.25 7.83
CA LYS B 99 25.78 -35.26 7.75
C LYS B 99 25.27 -35.07 6.33
N THR B 100 26.14 -35.21 5.34
CA THR B 100 25.71 -35.03 3.97
C THR B 100 25.03 -36.26 3.40
N TYR B 101 25.59 -37.42 3.66
CA TYR B 101 25.07 -38.66 3.10
C TYR B 101 24.31 -39.57 4.02
N ASN B 102 24.32 -39.28 5.31
CA ASN B 102 23.64 -40.13 6.28
C ASN B 102 24.19 -41.55 6.25
N GLU B 103 25.48 -41.64 6.02
CA GLU B 103 26.20 -42.91 5.97
C GLU B 103 27.58 -42.66 6.55
N ASP B 104 28.18 -43.69 7.17
CA ASP B 104 29.50 -43.57 7.77
C ASP B 104 30.62 -43.46 6.72
N ILE B 105 31.46 -42.44 6.86
CA ILE B 105 32.54 -42.22 5.91
C ILE B 105 33.38 -43.44 5.61
N PRO B 106 33.51 -43.80 4.32
CA PRO B 106 34.31 -44.95 3.92
C PRO B 106 35.76 -44.70 4.33
N VAL B 107 36.38 -45.70 4.94
CA VAL B 107 37.75 -45.58 5.40
C VAL B 107 38.68 -44.86 4.41
N GLU B 108 38.86 -45.41 3.22
CA GLU B 108 39.76 -44.78 2.26
C GLU B 108 39.47 -43.32 1.99
N ILE B 109 38.20 -42.96 1.99
CA ILE B 109 37.82 -41.58 1.72
C ILE B 109 38.37 -40.63 2.76
N LEU B 110 38.32 -41.04 4.01
CA LEU B 110 38.83 -40.21 5.10
C LEU B 110 40.34 -40.08 4.94
N VAL B 111 40.98 -41.22 4.68
CA VAL B 111 42.43 -41.29 4.49
C VAL B 111 42.89 -40.43 3.31
N ARG B 112 42.12 -40.37 2.23
CA ARG B 112 42.52 -39.57 1.08
C ARG B 112 42.49 -38.08 1.41
N ARG B 113 41.46 -37.67 2.15
CA ARG B 113 41.29 -36.26 2.52
C ARG B 113 42.49 -35.82 3.36
N LEU B 114 42.81 -36.60 4.39
CA LEU B 114 43.93 -36.29 5.27
C LEU B 114 45.24 -36.17 4.50
N SER B 115 45.46 -37.12 3.59
CA SER B 115 46.68 -37.14 2.80
C SER B 115 46.76 -35.92 1.89
N ASP B 116 45.61 -35.50 1.37
CA ASP B 116 45.54 -34.35 0.48
C ASP B 116 45.94 -33.08 1.24
N ILE B 117 45.51 -32.98 2.50
CA ILE B 117 45.82 -31.83 3.34
C ILE B 117 47.32 -31.72 3.52
N LYS B 118 47.96 -32.87 3.74
CA LYS B 118 49.41 -32.92 3.91
C LYS B 118 50.04 -32.50 2.60
N GLN B 119 49.68 -33.22 1.54
CA GLN B 119 50.21 -32.94 0.20
C GLN B 119 50.26 -31.46 -0.08
N GLY B 120 49.26 -30.74 0.40
CA GLY B 120 49.20 -29.31 0.19
C GLY B 120 50.37 -28.54 0.77
N TYR B 121 50.67 -28.79 2.03
CA TYR B 121 51.79 -28.12 2.70
C TYR B 121 53.08 -28.43 1.99
N THR B 122 52.97 -29.32 0.99
CA THR B 122 54.08 -29.79 0.20
C THR B 122 54.24 -29.05 -1.11
N GLN B 123 53.17 -28.43 -1.59
CA GLN B 123 53.21 -27.78 -2.89
C GLN B 123 53.08 -26.26 -2.89
N HIS B 124 52.58 -25.71 -1.79
CA HIS B 124 52.38 -24.28 -1.70
C HIS B 124 52.22 -23.84 -0.26
N GLY B 125 52.41 -22.54 -0.01
CA GLY B 125 52.26 -22.05 1.34
C GLY B 125 53.50 -21.55 2.03
N GLY B 126 54.64 -22.17 1.76
CA GLY B 126 55.85 -21.72 2.41
C GLY B 126 55.92 -22.11 3.87
N LEU B 127 55.10 -23.10 4.27
CA LEU B 127 55.10 -23.59 5.65
C LEU B 127 55.71 -24.97 5.68
N ARG B 128 56.07 -25.41 6.89
CA ARG B 128 56.67 -26.72 7.06
C ARG B 128 55.62 -27.82 7.04
N PRO B 129 56.00 -29.02 6.58
CA PRO B 129 55.04 -30.12 6.53
C PRO B 129 54.74 -30.58 7.95
N PHE B 130 53.80 -31.50 8.08
CA PHE B 130 53.48 -32.03 9.40
C PHE B 130 54.43 -33.20 9.66
N GLY B 131 55.08 -33.19 10.80
CA GLY B 131 56.00 -34.26 11.14
C GLY B 131 55.25 -35.49 11.63
N VAL B 132 54.34 -35.99 10.81
CA VAL B 132 53.55 -37.13 11.21
C VAL B 132 53.34 -38.17 10.14
N SER B 133 53.16 -39.40 10.58
CA SER B 133 52.88 -40.52 9.69
C SER B 133 51.76 -41.27 10.39
N PHE B 134 50.77 -41.70 9.63
CA PHE B 134 49.63 -42.40 10.21
C PHE B 134 49.46 -43.83 9.75
N ILE B 135 48.96 -44.65 10.65
CA ILE B 135 48.64 -46.01 10.30
C ILE B 135 47.15 -46.00 10.57
N TYR B 136 46.35 -46.06 9.51
CA TYR B 136 44.91 -46.04 9.66
C TYR B 136 44.35 -47.44 9.74
N ALA B 137 43.58 -47.68 10.79
CA ALA B 137 42.96 -48.98 10.98
C ALA B 137 41.47 -48.72 11.03
N GLY B 138 40.75 -49.29 10.07
CA GLY B 138 39.32 -49.08 10.05
C GLY B 138 38.53 -50.12 9.29
N TYR B 139 37.21 -50.04 9.43
CA TYR B 139 36.33 -50.97 8.76
C TYR B 139 35.06 -50.32 8.24
N ASP B 140 34.69 -50.66 7.02
CA ASP B 140 33.48 -50.16 6.43
C ASP B 140 32.88 -51.33 5.66
N ASP B 141 31.63 -51.23 5.24
CA ASP B 141 31.00 -52.34 4.53
C ASP B 141 31.38 -52.50 3.06
N ARG B 142 32.31 -51.70 2.56
CA ARG B 142 32.70 -51.82 1.16
C ARG B 142 34.00 -52.57 0.94
N TYR B 143 34.93 -52.45 1.87
CA TYR B 143 36.20 -53.12 1.76
C TYR B 143 36.53 -53.85 3.03
N GLY B 144 35.57 -53.90 3.95
CA GLY B 144 35.78 -54.58 5.21
C GLY B 144 36.97 -54.01 5.94
N TYR B 145 37.73 -54.88 6.60
CA TYR B 145 38.88 -54.43 7.34
C TYR B 145 39.93 -53.88 6.41
N GLN B 146 40.42 -52.69 6.72
CA GLN B 146 41.44 -52.05 5.89
C GLN B 146 42.53 -51.50 6.77
N LEU B 147 43.73 -51.39 6.19
CA LEU B 147 44.89 -50.86 6.89
C LEU B 147 45.62 -49.94 5.92
N TYR B 148 45.76 -48.69 6.31
CA TYR B 148 46.42 -47.71 5.46
C TYR B 148 47.54 -47.01 6.19
N THR B 149 48.37 -46.32 5.43
CA THR B 149 49.47 -45.58 6.01
C THR B 149 49.69 -44.33 5.18
N SER B 150 49.98 -43.22 5.86
CA SER B 150 50.23 -41.95 5.17
C SER B 150 51.35 -41.24 5.92
N ASN B 151 52.07 -40.40 5.19
CA ASN B 151 53.20 -39.67 5.77
C ASN B 151 53.28 -38.24 5.26
N PRO B 152 54.23 -37.46 5.80
CA PRO B 152 54.44 -36.05 5.44
C PRO B 152 54.34 -35.71 3.96
N SER B 153 54.67 -36.68 3.12
CA SER B 153 54.64 -36.47 1.68
C SER B 153 53.23 -36.20 1.18
N GLY B 154 52.28 -36.97 1.72
CA GLY B 154 50.90 -36.82 1.32
C GLY B 154 50.48 -38.06 0.56
N ASN B 155 51.38 -39.02 0.47
CA ASN B 155 51.02 -40.23 -0.23
C ASN B 155 50.49 -41.21 0.79
N TYR B 156 49.65 -42.14 0.35
CA TYR B 156 49.11 -43.15 1.24
C TYR B 156 49.02 -44.47 0.49
N THR B 157 49.10 -45.58 1.23
CA THR B 157 49.03 -46.91 0.63
C THR B 157 48.42 -47.87 1.62
N GLY B 158 47.95 -49.02 1.11
CA GLY B 158 47.33 -50.04 1.95
C GLY B 158 48.28 -51.17 2.29
N TRP B 159 48.04 -51.83 3.42
CA TRP B 159 48.91 -52.91 3.86
C TRP B 159 48.19 -54.06 4.56
N LYS B 160 48.88 -55.19 4.67
CA LYS B 160 48.34 -56.35 5.37
C LYS B 160 48.93 -56.20 6.78
N ALA B 161 50.17 -55.73 6.82
CA ALA B 161 50.90 -55.49 8.06
C ALA B 161 51.89 -54.37 7.75
N ILE B 162 52.06 -53.44 8.70
CA ILE B 162 52.98 -52.34 8.48
C ILE B 162 53.37 -51.64 9.77
N SER B 163 54.45 -50.87 9.71
CA SER B 163 54.92 -50.17 10.89
C SER B 163 55.48 -48.80 10.51
N VAL B 164 55.53 -47.92 11.50
CA VAL B 164 56.05 -46.58 11.28
C VAL B 164 56.81 -46.15 12.50
N GLY B 165 57.72 -45.20 12.31
CA GLY B 165 58.53 -44.71 13.41
C GLY B 165 59.95 -45.22 13.34
N ALA B 166 60.48 -45.64 14.47
CA ALA B 166 61.85 -46.12 14.52
C ALA B 166 61.94 -47.60 14.24
N ASN B 167 63.10 -48.00 13.70
CA ASN B 167 63.38 -49.40 13.42
C ASN B 167 62.30 -50.05 12.58
N THR B 168 61.75 -49.29 11.64
CA THR B 168 60.71 -49.83 10.81
C THR B 168 61.27 -51.00 10.00
N SER B 169 62.43 -50.78 9.40
CA SER B 169 63.11 -51.79 8.58
C SER B 169 63.25 -53.12 9.32
N ALA B 170 63.65 -53.02 10.58
CA ALA B 170 63.79 -54.20 11.40
C ALA B 170 62.42 -54.89 11.52
N ALA B 171 61.42 -54.11 11.91
CA ALA B 171 60.06 -54.62 12.10
C ALA B 171 59.45 -55.16 10.82
N GLN B 172 59.63 -54.45 9.72
CA GLN B 172 59.05 -54.89 8.47
C GLN B 172 59.57 -56.29 8.12
N THR B 173 60.87 -56.49 8.32
CA THR B 173 61.48 -57.79 8.05
C THR B 173 60.84 -58.86 8.91
N LEU B 174 60.69 -58.57 10.20
CA LEU B 174 60.10 -59.52 11.13
C LEU B 174 58.65 -59.85 10.80
N LEU B 175 57.91 -58.84 10.35
CA LEU B 175 56.50 -59.03 10.00
C LEU B 175 56.41 -59.83 8.72
N GLN B 176 57.22 -59.44 7.76
CA GLN B 176 57.27 -60.09 6.46
C GLN B 176 57.72 -61.53 6.57
N MET B 177 58.30 -61.85 7.72
CA MET B 177 58.81 -63.16 8.00
C MET B 177 57.78 -64.07 8.64
N ASP B 178 56.84 -63.49 9.38
CA ASP B 178 55.84 -64.31 10.07
C ASP B 178 54.36 -64.01 9.82
N TYR B 179 54.06 -63.18 8.84
CA TYR B 179 52.67 -62.87 8.54
C TYR B 179 52.06 -63.90 7.60
N LYS B 180 50.79 -64.21 7.80
CA LYS B 180 50.11 -65.15 6.94
C LYS B 180 48.67 -64.65 6.71
N ASP B 181 48.24 -64.68 5.45
CA ASP B 181 46.92 -64.21 5.06
C ASP B 181 45.76 -64.74 5.88
N ASP B 182 45.87 -65.98 6.34
CA ASP B 182 44.79 -66.57 7.13
C ASP B 182 44.97 -66.36 8.63
N MET B 183 45.65 -65.29 9.01
CA MET B 183 45.84 -65.03 10.42
C MET B 183 44.54 -64.68 11.08
N LYS B 184 44.55 -64.72 12.40
CA LYS B 184 43.38 -64.41 13.17
C LYS B 184 43.80 -63.26 14.06
N VAL B 185 42.84 -62.44 14.47
CA VAL B 185 43.12 -61.29 15.33
C VAL B 185 44.14 -61.64 16.40
N ASP B 186 43.80 -62.63 17.23
CA ASP B 186 44.68 -63.07 18.31
C ASP B 186 46.10 -63.25 17.79
N ASP B 187 46.23 -63.97 16.68
CA ASP B 187 47.52 -64.22 16.07
C ASP B 187 48.21 -62.89 15.81
N ALA B 188 47.51 -61.98 15.15
CA ALA B 188 48.05 -60.66 14.83
C ALA B 188 48.45 -59.92 16.09
N ILE B 189 47.61 -60.03 17.13
CA ILE B 189 47.89 -59.38 18.39
C ILE B 189 49.25 -59.82 18.92
N GLU B 190 49.52 -61.12 18.80
CA GLU B 190 50.77 -61.67 19.28
C GLU B 190 51.92 -61.17 18.39
N LEU B 191 51.81 -61.41 17.09
CA LEU B 191 52.83 -61.01 16.14
C LEU B 191 53.21 -59.54 16.34
N ALA B 192 52.21 -58.70 16.61
CA ALA B 192 52.47 -57.28 16.81
C ALA B 192 53.43 -57.07 17.97
N LEU B 193 53.01 -57.54 19.15
CA LEU B 193 53.82 -57.41 20.36
C LEU B 193 55.20 -58.05 20.24
N LYS B 194 55.26 -59.21 19.61
CA LYS B 194 56.53 -59.91 19.42
C LYS B 194 57.49 -59.01 18.64
N THR B 195 56.98 -58.39 17.59
CA THR B 195 57.79 -57.52 16.76
C THR B 195 58.34 -56.34 17.54
N LEU B 196 57.45 -55.64 18.23
CA LEU B 196 57.87 -54.48 19.03
C LEU B 196 58.96 -54.97 19.98
N SER B 197 58.64 -56.07 20.65
CA SER B 197 59.53 -56.71 21.61
C SER B 197 60.93 -56.85 21.05
N LYS B 198 61.03 -57.25 19.79
CA LYS B 198 62.33 -57.44 19.17
C LYS B 198 62.96 -56.16 18.61
N THR B 199 62.19 -55.09 18.50
CA THR B 199 62.72 -53.83 17.96
C THR B 199 62.93 -52.75 19.01
N THR B 200 62.22 -52.88 20.13
CA THR B 200 62.30 -51.91 21.21
C THR B 200 63.71 -51.49 21.52
N ASP B 201 63.94 -50.18 21.59
CA ASP B 201 65.27 -49.68 21.91
C ASP B 201 65.48 -49.81 23.41
N SER B 202 64.42 -50.17 24.12
CA SER B 202 64.47 -50.30 25.58
C SER B 202 64.82 -51.70 26.07
N SER B 203 65.02 -51.79 27.38
CA SER B 203 65.36 -53.03 28.06
C SER B 203 64.33 -54.11 27.79
N ALA B 204 63.18 -53.96 28.43
CA ALA B 204 62.08 -54.91 28.27
C ALA B 204 60.83 -54.17 27.80
N LEU B 205 59.93 -54.92 27.17
CA LEU B 205 58.68 -54.35 26.67
C LEU B 205 57.61 -54.53 27.74
N THR B 206 57.45 -53.52 28.57
CA THR B 206 56.46 -53.54 29.64
C THR B 206 55.19 -52.81 29.20
N TYR B 207 54.09 -53.08 29.88
CA TYR B 207 52.81 -52.47 29.55
C TYR B 207 52.80 -50.95 29.62
N ASP B 208 53.47 -50.39 30.62
CA ASP B 208 53.51 -48.95 30.80
C ASP B 208 54.17 -48.18 29.66
N ARG B 209 54.70 -48.91 28.69
CA ARG B 209 55.36 -48.27 27.56
C ARG B 209 54.63 -48.60 26.27
N LEU B 210 53.39 -49.08 26.40
CA LEU B 210 52.61 -49.46 25.25
C LEU B 210 51.21 -48.84 25.15
N GLU B 211 50.65 -48.94 23.96
CA GLU B 211 49.30 -48.48 23.66
C GLU B 211 48.82 -49.52 22.67
N PHE B 212 47.67 -50.10 22.96
CA PHE B 212 47.14 -51.15 22.10
C PHE B 212 45.71 -50.86 21.68
N ALA B 213 45.32 -51.38 20.53
CA ALA B 213 43.96 -51.19 20.03
C ALA B 213 43.57 -52.27 19.03
N THR B 214 42.32 -52.72 19.09
CA THR B 214 41.82 -53.75 18.19
C THR B 214 40.46 -53.41 17.60
N ILE B 215 40.27 -53.70 16.31
CA ILE B 215 39.00 -53.47 15.64
C ILE B 215 38.47 -54.84 15.27
N ARG B 216 37.57 -55.37 16.10
CA ARG B 216 36.99 -56.67 15.84
C ARG B 216 35.49 -56.65 15.76
N LYS B 217 34.93 -57.65 15.09
CA LYS B 217 33.49 -57.74 14.95
C LYS B 217 32.98 -58.79 15.92
N GLY B 218 32.73 -58.38 17.16
CA GLY B 218 32.23 -59.30 18.16
C GLY B 218 31.04 -60.09 17.65
N ALA B 219 31.30 -61.32 17.20
CA ALA B 219 30.29 -62.24 16.64
C ALA B 219 28.94 -62.13 17.33
N ASN B 220 28.95 -62.15 18.67
CA ASN B 220 27.73 -62.05 19.45
C ASN B 220 27.25 -60.59 19.37
N ASP B 221 26.92 -60.16 18.16
CA ASP B 221 26.46 -58.81 17.90
C ASP B 221 26.25 -58.61 16.40
N GLY B 222 27.33 -58.64 15.63
CA GLY B 222 27.23 -58.45 14.20
C GLY B 222 27.74 -57.08 13.78
N GLU B 223 28.10 -56.26 14.77
CA GLU B 223 28.63 -54.93 14.52
C GLU B 223 30.12 -54.94 14.83
N VAL B 224 30.87 -54.02 14.24
CA VAL B 224 32.30 -53.94 14.49
C VAL B 224 32.54 -53.14 15.77
N TYR B 225 33.65 -53.41 16.45
CA TYR B 225 33.95 -52.72 17.71
C TYR B 225 35.40 -52.24 17.80
N GLN B 226 35.59 -51.05 18.34
CA GLN B 226 36.91 -50.49 18.54
C GLN B 226 37.24 -50.64 20.01
N LYS B 227 38.38 -51.22 20.32
CA LYS B 227 38.77 -51.40 21.71
C LYS B 227 40.15 -50.83 21.91
N ILE B 228 40.27 -49.78 22.70
CA ILE B 228 41.57 -49.21 22.96
C ILE B 228 41.95 -49.61 24.38
N PHE B 229 42.66 -50.73 24.48
CA PHE B 229 43.09 -51.29 25.75
C PHE B 229 43.57 -50.30 26.78
N LYS B 230 43.19 -50.57 28.02
CA LYS B 230 43.55 -49.74 29.15
C LYS B 230 44.86 -50.30 29.69
N PRO B 231 45.58 -49.52 30.51
CA PRO B 231 46.83 -50.02 31.06
C PRO B 231 46.77 -51.49 31.48
N GLN B 232 45.82 -51.83 32.34
CA GLN B 232 45.68 -53.21 32.82
C GLN B 232 45.41 -54.24 31.70
N GLU B 233 44.63 -53.84 30.70
CA GLU B 233 44.32 -54.75 29.60
C GLU B 233 45.57 -55.12 28.82
N ILE B 234 46.51 -54.17 28.73
CA ILE B 234 47.76 -54.39 28.03
C ILE B 234 48.67 -55.27 28.89
N LYS B 235 48.69 -54.97 30.18
CA LYS B 235 49.49 -55.71 31.15
C LYS B 235 49.09 -57.19 31.12
N ASP B 236 47.81 -57.45 30.90
CA ASP B 236 47.31 -58.83 30.83
C ASP B 236 47.79 -59.49 29.55
N ILE B 237 47.23 -59.05 28.43
CA ILE B 237 47.59 -59.58 27.12
C ILE B 237 49.11 -59.75 26.99
N LEU B 238 49.86 -58.94 27.74
CA LEU B 238 51.31 -58.99 27.69
C LEU B 238 51.83 -60.25 28.40
N VAL B 239 51.16 -60.65 29.47
CA VAL B 239 51.55 -61.84 30.21
C VAL B 239 51.14 -63.06 29.38
N LYS B 240 49.94 -62.97 28.83
CA LYS B 240 49.38 -64.05 28.02
C LYS B 240 50.27 -64.40 26.84
N THR B 241 50.58 -63.42 26.00
CA THR B 241 51.41 -63.67 24.82
C THR B 241 52.81 -64.17 25.20
N GLY B 242 53.05 -64.35 26.48
CA GLY B 242 54.35 -64.85 26.92
C GLY B 242 55.48 -63.83 26.91
N ILE B 243 55.23 -62.68 27.49
CA ILE B 243 56.25 -61.64 27.57
C ILE B 243 56.16 -61.13 29.01
N THR B 244 55.23 -61.72 29.77
CA THR B 244 54.98 -61.38 31.17
C THR B 244 55.29 -59.92 31.44
N GLY C 1 49.10 -15.02 0.99
CA GLY C 1 50.28 -14.27 1.49
C GLY C 1 51.61 -14.70 0.88
N TYR C 2 51.86 -16.00 0.85
CA TYR C 2 53.12 -16.51 0.30
C TYR C 2 53.06 -16.52 -1.23
N ASP C 3 54.01 -15.84 -1.87
CA ASP C 3 54.04 -15.77 -3.32
C ASP C 3 55.46 -15.77 -3.90
N ARG C 4 56.42 -16.27 -3.14
CA ARG C 4 57.81 -16.32 -3.60
C ARG C 4 57.86 -16.99 -4.96
N ALA C 5 58.59 -16.38 -5.89
CA ALA C 5 58.73 -16.97 -7.21
C ALA C 5 59.73 -18.12 -7.04
N LEU C 6 59.20 -19.34 -7.03
CA LEU C 6 60.03 -20.52 -6.86
C LEU C 6 60.53 -21.13 -8.18
N SER C 7 59.80 -20.83 -9.26
CA SER C 7 60.20 -21.32 -10.56
C SER C 7 60.61 -20.10 -11.34
N ILE C 8 61.92 -19.88 -11.44
CA ILE C 8 62.46 -18.74 -12.16
C ILE C 8 63.55 -19.17 -13.14
N PHE C 9 63.99 -18.24 -13.98
CA PHE C 9 65.02 -18.51 -14.96
C PHE C 9 66.40 -18.38 -14.36
N SER C 10 67.33 -19.19 -14.84
CA SER C 10 68.71 -19.14 -14.40
C SER C 10 69.49 -18.68 -15.63
N PRO C 11 70.72 -18.19 -15.43
CA PRO C 11 71.60 -17.71 -16.51
C PRO C 11 71.52 -18.44 -17.86
N ASP C 12 71.58 -19.77 -17.81
CA ASP C 12 71.53 -20.58 -19.02
C ASP C 12 70.10 -20.72 -19.59
N GLY C 13 69.16 -19.97 -19.03
CA GLY C 13 67.79 -20.02 -19.50
C GLY C 13 67.05 -21.29 -19.12
N HIS C 14 67.26 -21.77 -17.90
CA HIS C 14 66.56 -22.97 -17.45
C HIS C 14 65.74 -22.65 -16.23
N ILE C 15 64.76 -23.49 -15.96
CA ILE C 15 63.92 -23.31 -14.79
C ILE C 15 64.12 -24.59 -14.00
N PHE C 16 65.18 -24.59 -13.21
CA PHE C 16 65.54 -25.74 -12.43
C PHE C 16 64.43 -26.42 -11.66
N GLN C 17 63.52 -25.64 -11.07
CA GLN C 17 62.45 -26.29 -10.32
C GLN C 17 61.63 -27.23 -11.20
N VAL C 18 61.42 -26.83 -12.46
CA VAL C 18 60.65 -27.65 -13.40
C VAL C 18 61.50 -28.85 -13.81
N GLU C 19 62.80 -28.60 -14.00
CA GLU C 19 63.73 -29.64 -14.38
C GLU C 19 63.81 -30.69 -13.28
N TYR C 20 63.93 -30.23 -12.04
CA TYR C 20 64.01 -31.12 -10.90
C TYR C 20 62.71 -31.88 -10.76
N ALA C 21 61.62 -31.25 -11.20
CA ALA C 21 60.32 -31.88 -11.14
C ALA C 21 60.42 -33.15 -11.97
N LEU C 22 61.03 -33.01 -13.14
CA LEU C 22 61.22 -34.15 -14.04
C LEU C 22 62.02 -35.26 -13.38
N GLU C 23 63.08 -34.89 -12.66
CA GLU C 23 63.89 -35.87 -11.98
C GLU C 23 63.01 -36.70 -11.06
N ALA C 24 61.98 -36.06 -10.52
CA ALA C 24 61.07 -36.75 -9.62
C ALA C 24 60.29 -37.79 -10.43
N VAL C 25 60.08 -37.48 -11.71
CA VAL C 25 59.35 -38.37 -12.60
C VAL C 25 60.20 -39.57 -12.97
N LYS C 26 61.48 -39.32 -13.21
CA LYS C 26 62.42 -40.37 -13.59
C LYS C 26 62.54 -41.41 -12.49
N ARG C 27 62.42 -40.96 -11.25
CA ARG C 27 62.50 -41.85 -10.10
C ARG C 27 61.22 -42.64 -9.90
N GLY C 28 60.12 -42.16 -10.48
CA GLY C 28 58.84 -42.83 -10.31
C GLY C 28 58.76 -44.16 -11.02
N THR C 29 57.81 -45.01 -10.65
CA THR C 29 57.66 -46.32 -11.29
C THR C 29 57.37 -46.08 -12.76
N CYS C 30 57.65 -47.08 -13.58
CA CYS C 30 57.44 -46.96 -15.02
C CYS C 30 55.98 -47.14 -15.42
N ALA C 31 55.56 -46.39 -16.44
CA ALA C 31 54.20 -46.44 -16.95
C ALA C 31 54.32 -46.42 -18.46
N VAL C 32 53.52 -47.22 -19.13
CA VAL C 32 53.59 -47.30 -20.58
C VAL C 32 52.22 -47.37 -21.21
N GLY C 33 52.11 -46.86 -22.43
CA GLY C 33 50.86 -46.87 -23.15
C GLY C 33 51.06 -47.10 -24.63
N VAL C 34 50.35 -48.09 -25.19
CA VAL C 34 50.45 -48.40 -26.60
C VAL C 34 49.06 -48.48 -27.21
N LYS C 35 48.86 -47.79 -28.33
CA LYS C 35 47.55 -47.83 -28.96
C LYS C 35 47.50 -48.82 -30.10
N GLY C 36 46.46 -49.64 -30.08
CA GLY C 36 46.25 -50.64 -31.13
C GLY C 36 45.45 -50.04 -32.27
N LYS C 37 44.72 -50.88 -32.98
CA LYS C 37 43.92 -50.39 -34.10
C LYS C 37 42.49 -50.15 -33.63
N ASN C 38 42.18 -50.62 -32.45
CA ASN C 38 40.83 -50.49 -31.92
C ASN C 38 40.85 -50.50 -30.40
N CYS C 39 41.93 -50.00 -29.83
CA CYS C 39 42.06 -49.97 -28.38
C CYS C 39 43.37 -49.34 -27.96
N VAL C 40 43.47 -49.02 -26.68
CA VAL C 40 44.67 -48.44 -26.13
C VAL C 40 44.89 -49.24 -24.86
N VAL C 41 46.16 -49.46 -24.48
CA VAL C 41 46.45 -50.21 -23.27
C VAL C 41 47.46 -49.44 -22.46
N LEU C 42 47.29 -49.47 -21.13
CA LEU C 42 48.20 -48.79 -20.24
C LEU C 42 48.74 -49.78 -19.21
N GLY C 43 50.06 -49.82 -19.09
CA GLY C 43 50.68 -50.72 -18.14
C GLY C 43 51.55 -49.94 -17.18
N CYS C 44 51.61 -50.41 -15.94
CA CYS C 44 52.40 -49.75 -14.91
C CYS C 44 53.04 -50.78 -14.00
N GLU C 45 54.26 -50.48 -13.55
CA GLU C 45 54.98 -51.39 -12.67
C GLU C 45 54.68 -51.05 -11.21
N ARG C 46 54.79 -52.05 -10.35
CA ARG C 46 54.55 -51.87 -8.92
C ARG C 46 55.89 -52.02 -8.19
N ARG C 47 56.31 -50.94 -7.54
CA ARG C 47 57.56 -50.90 -6.80
C ARG C 47 57.66 -52.14 -5.88
N SER C 48 58.85 -52.41 -5.33
CA SER C 48 59.03 -53.55 -4.43
C SER C 48 59.89 -53.29 -3.19
N THR C 49 60.17 -52.03 -2.89
CA THR C 49 60.96 -51.64 -1.70
C THR C 49 60.37 -52.21 -0.40
N LEU C 50 59.08 -52.51 -0.44
CA LEU C 50 58.32 -53.09 0.67
C LEU C 50 57.18 -53.89 0.03
N LYS C 51 56.98 -55.12 0.49
CA LYS C 51 55.91 -55.94 -0.04
C LYS C 51 55.22 -56.61 1.15
N LEU C 52 53.96 -56.28 1.34
CA LEU C 52 53.15 -56.81 2.43
C LEU C 52 51.94 -55.91 2.42
N GLN C 53 51.72 -55.30 1.26
CA GLN C 53 50.61 -54.38 1.06
C GLN C 53 49.30 -55.10 0.84
N ASP C 54 48.22 -54.32 0.83
CA ASP C 54 46.89 -54.84 0.59
C ASP C 54 46.48 -54.25 -0.73
N THR C 55 46.89 -54.92 -1.81
CA THR C 55 46.58 -54.49 -3.16
C THR C 55 45.12 -54.16 -3.46
N ARG C 56 44.19 -54.70 -2.66
CA ARG C 56 42.76 -54.42 -2.86
C ARG C 56 42.49 -52.93 -2.71
N ILE C 57 42.87 -52.40 -1.55
CA ILE C 57 42.67 -51.00 -1.22
C ILE C 57 43.71 -50.02 -1.78
N THR C 58 45.00 -50.34 -1.66
CA THR C 58 46.06 -49.46 -2.16
C THR C 58 45.73 -48.86 -3.52
N PRO C 59 45.73 -47.51 -3.61
CA PRO C 59 45.42 -46.80 -4.85
C PRO C 59 46.20 -47.35 -6.06
N SER C 60 45.49 -47.60 -7.15
CA SER C 60 46.12 -48.13 -8.37
C SER C 60 46.75 -47.01 -9.21
N LYS C 61 47.54 -47.40 -10.21
CA LYS C 61 48.25 -46.43 -11.05
C LYS C 61 47.49 -45.83 -12.23
N VAL C 62 46.43 -46.50 -12.67
CA VAL C 62 45.63 -45.99 -13.79
C VAL C 62 44.31 -45.47 -13.24
N SER C 63 44.00 -44.22 -13.56
CA SER C 63 42.77 -43.60 -13.09
C SER C 63 41.80 -43.29 -14.21
N LYS C 64 40.52 -43.27 -13.87
CA LYS C 64 39.47 -42.94 -14.83
C LYS C 64 39.07 -41.50 -14.56
N ILE C 65 39.21 -40.66 -15.57
CA ILE C 65 38.84 -39.26 -15.44
C ILE C 65 37.36 -39.20 -15.74
N ASP C 66 36.94 -40.03 -16.69
CA ASP C 66 35.55 -40.17 -17.09
C ASP C 66 35.38 -41.60 -17.56
N SER C 67 34.19 -41.97 -18.02
CA SER C 67 33.96 -43.33 -18.47
C SER C 67 34.74 -43.74 -19.72
N HIS C 68 35.06 -42.79 -20.58
CA HIS C 68 35.79 -43.10 -21.80
C HIS C 68 37.25 -42.69 -21.76
N VAL C 69 37.73 -42.17 -20.63
CA VAL C 69 39.11 -41.72 -20.57
C VAL C 69 39.82 -42.11 -19.27
N VAL C 70 41.08 -42.52 -19.41
CA VAL C 70 41.89 -42.89 -18.26
C VAL C 70 43.21 -42.15 -18.28
N LEU C 71 43.83 -42.05 -17.10
CA LEU C 71 45.10 -41.36 -16.95
C LEU C 71 46.04 -42.08 -15.98
N SER C 72 47.23 -42.44 -16.47
CA SER C 72 48.24 -43.10 -15.64
C SER C 72 49.40 -42.10 -15.51
N PHE C 73 50.28 -42.33 -14.54
CA PHE C 73 51.37 -41.39 -14.32
C PHE C 73 52.64 -41.97 -13.69
N SER C 74 53.67 -41.13 -13.72
CA SER C 74 54.97 -41.44 -13.14
C SER C 74 55.42 -40.20 -12.39
N GLY C 75 55.80 -40.38 -11.14
CA GLY C 75 56.23 -39.25 -10.33
C GLY C 75 55.72 -39.36 -8.91
N LEU C 76 55.52 -38.21 -8.27
CA LEU C 76 55.02 -38.16 -6.91
C LEU C 76 53.54 -38.48 -6.90
N ASN C 77 53.13 -39.40 -6.05
CA ASN C 77 51.73 -39.79 -5.99
C ASN C 77 50.84 -38.69 -5.44
N ALA C 78 51.24 -38.15 -4.30
CA ALA C 78 50.47 -37.09 -3.66
C ALA C 78 50.09 -36.06 -4.71
N ASP C 79 51.04 -35.71 -5.57
CA ASP C 79 50.78 -34.73 -6.62
C ASP C 79 49.78 -35.23 -7.67
N SER C 80 49.85 -36.51 -8.01
CA SER C 80 48.96 -37.07 -9.02
C SER C 80 47.50 -36.92 -8.61
N ARG C 81 47.23 -37.07 -7.32
CA ARG C 81 45.86 -36.95 -6.86
C ARG C 81 45.27 -35.60 -7.26
N ILE C 82 45.99 -34.54 -6.91
CA ILE C 82 45.53 -33.19 -7.23
C ILE C 82 45.23 -33.02 -8.70
N LEU C 83 46.05 -33.60 -9.56
CA LEU C 83 45.82 -33.48 -11.00
C LEU C 83 44.62 -34.32 -11.41
N ILE C 84 44.56 -35.55 -10.94
CA ILE C 84 43.46 -36.44 -11.29
C ILE C 84 42.12 -35.85 -10.86
N GLU C 85 42.11 -35.17 -9.73
CA GLU C 85 40.88 -34.56 -9.24
C GLU C 85 40.42 -33.48 -10.23
N LYS C 86 41.27 -32.46 -10.41
CA LYS C 86 40.98 -31.37 -11.30
C LYS C 86 40.51 -31.85 -12.66
N ALA C 87 41.08 -32.95 -13.13
CA ALA C 87 40.70 -33.51 -14.41
C ALA C 87 39.28 -34.04 -14.31
N ARG C 88 39.01 -34.83 -13.28
CA ARG C 88 37.68 -35.41 -13.12
C ARG C 88 36.60 -34.37 -12.97
N VAL C 89 36.92 -33.30 -12.25
CA VAL C 89 35.96 -32.23 -12.04
C VAL C 89 35.69 -31.48 -13.33
N GLU C 90 36.73 -31.28 -14.13
CA GLU C 90 36.59 -30.60 -15.41
C GLU C 90 35.81 -31.49 -16.37
N ALA C 91 35.98 -32.80 -16.23
CA ALA C 91 35.29 -33.78 -17.07
C ALA C 91 33.78 -33.59 -16.95
N GLN C 92 33.31 -33.43 -15.72
CA GLN C 92 31.89 -33.25 -15.47
C GLN C 92 31.43 -31.87 -15.91
N SER C 93 32.22 -30.86 -15.61
CA SER C 93 31.88 -29.49 -15.97
C SER C 93 31.73 -29.35 -17.48
N HIS C 94 32.57 -30.05 -18.23
CA HIS C 94 32.49 -29.97 -19.68
C HIS C 94 31.19 -30.62 -20.18
N ARG C 95 30.78 -31.70 -19.54
CA ARG C 95 29.54 -32.37 -19.92
C ARG C 95 28.39 -31.43 -19.62
N LEU C 96 28.39 -30.88 -18.42
CA LEU C 96 27.35 -29.98 -17.96
C LEU C 96 27.19 -28.72 -18.81
N THR C 97 28.28 -28.14 -19.29
CA THR C 97 28.15 -26.93 -20.09
C THR C 97 28.14 -27.15 -21.59
N LEU C 98 28.80 -28.20 -22.06
CA LEU C 98 28.82 -28.45 -23.50
C LEU C 98 27.93 -29.61 -23.90
N GLU C 99 27.27 -30.20 -22.91
CA GLU C 99 26.39 -31.34 -23.13
C GLU C 99 27.06 -32.38 -24.03
N ASP C 100 28.31 -32.71 -23.68
CA ASP C 100 29.08 -33.69 -24.44
C ASP C 100 30.36 -33.96 -23.67
N PRO C 101 30.72 -35.23 -23.47
CA PRO C 101 31.96 -35.56 -22.75
C PRO C 101 33.19 -34.97 -23.42
N VAL C 102 34.23 -34.79 -22.62
CA VAL C 102 35.48 -34.24 -23.10
C VAL C 102 36.19 -35.18 -24.07
N THR C 103 36.92 -34.61 -25.02
CA THR C 103 37.69 -35.41 -25.96
C THR C 103 39.01 -35.69 -25.24
N VAL C 104 39.64 -36.81 -25.57
CA VAL C 104 40.90 -37.17 -24.93
C VAL C 104 41.91 -36.05 -25.08
N GLU C 105 41.93 -35.43 -26.24
CA GLU C 105 42.84 -34.34 -26.50
C GLU C 105 42.58 -33.17 -25.57
N TYR C 106 41.31 -32.83 -25.38
CA TYR C 106 40.88 -31.72 -24.53
C TYR C 106 41.25 -31.92 -23.07
N LEU C 107 40.84 -33.07 -22.53
CA LEU C 107 41.13 -33.39 -21.14
C LEU C 107 42.63 -33.26 -20.91
N THR C 108 43.40 -33.62 -21.92
CA THR C 108 44.86 -33.56 -21.85
C THR C 108 45.30 -32.10 -21.82
N ARG C 109 44.82 -31.35 -22.79
CA ARG C 109 45.15 -29.93 -22.89
C ARG C 109 44.84 -29.20 -21.59
N TYR C 110 43.83 -29.68 -20.85
CA TYR C 110 43.45 -29.06 -19.59
C TYR C 110 44.51 -29.36 -18.56
N VAL C 111 44.79 -30.64 -18.34
CA VAL C 111 45.79 -31.09 -17.38
C VAL C 111 47.13 -30.39 -17.62
N ALA C 112 47.55 -30.39 -18.86
CA ALA C 112 48.80 -29.75 -19.24
C ALA C 112 48.78 -28.30 -18.79
N GLY C 113 47.65 -27.64 -18.98
CA GLY C 113 47.52 -26.26 -18.56
C GLY C 113 47.73 -26.08 -17.07
N VAL C 114 47.08 -26.93 -16.28
CA VAL C 114 47.21 -26.85 -14.84
C VAL C 114 48.70 -26.89 -14.51
N GLN C 115 49.39 -27.91 -15.02
CA GLN C 115 50.81 -28.06 -14.79
C GLN C 115 51.58 -26.81 -15.18
N GLN C 116 51.38 -26.34 -16.42
CA GLN C 116 52.08 -25.16 -16.88
C GLN C 116 51.89 -24.02 -15.90
N ARG C 117 50.64 -23.78 -15.51
CA ARG C 117 50.30 -22.71 -14.58
C ARG C 117 51.16 -22.80 -13.34
N TYR C 118 51.32 -24.01 -12.81
CA TYR C 118 52.13 -24.20 -11.60
C TYR C 118 53.62 -23.95 -11.82
N THR C 119 54.01 -23.61 -13.04
CA THR C 119 55.42 -23.35 -13.31
C THR C 119 55.65 -21.87 -13.49
N GLN C 120 54.61 -21.07 -13.29
CA GLN C 120 54.80 -19.63 -13.39
C GLN C 120 53.82 -18.85 -12.51
N SER C 121 53.50 -19.46 -11.39
CA SER C 121 52.60 -18.88 -10.40
C SER C 121 53.39 -18.75 -9.10
N GLY C 122 53.20 -17.66 -8.37
CA GLY C 122 53.92 -17.48 -7.12
C GLY C 122 53.60 -18.52 -6.06
N GLY C 123 54.50 -18.65 -5.10
CA GLY C 123 54.30 -19.55 -3.98
C GLY C 123 54.00 -21.02 -4.20
N VAL C 124 54.19 -21.54 -5.41
CA VAL C 124 53.93 -22.96 -5.64
C VAL C 124 55.02 -23.65 -6.43
N ARG C 125 55.19 -24.95 -6.19
CA ARG C 125 56.19 -25.72 -6.93
C ARG C 125 55.45 -26.54 -7.99
N PRO C 126 56.12 -26.81 -9.12
CA PRO C 126 55.52 -27.59 -10.20
C PRO C 126 55.17 -29.00 -9.73
N PHE C 127 54.38 -29.71 -10.52
CA PHE C 127 53.97 -31.07 -10.20
C PHE C 127 55.05 -32.07 -10.57
N GLY C 128 55.48 -32.88 -9.61
CA GLY C 128 56.48 -33.88 -9.91
C GLY C 128 55.76 -35.05 -10.54
N VAL C 129 55.03 -34.78 -11.60
CA VAL C 129 54.29 -35.83 -12.26
C VAL C 129 54.26 -35.64 -13.76
N SER C 130 54.20 -36.77 -14.48
CA SER C 130 54.12 -36.76 -15.93
C SER C 130 53.00 -37.74 -16.17
N THR C 131 52.14 -37.42 -17.14
CA THR C 131 50.99 -38.29 -17.38
C THR C 131 50.83 -38.89 -18.75
N LEU C 132 50.04 -39.96 -18.75
CA LEU C 132 49.66 -40.69 -19.95
C LEU C 132 48.14 -40.68 -19.86
N ILE C 133 47.50 -40.09 -20.87
CA ILE C 133 46.05 -39.99 -20.92
C ILE C 133 45.59 -40.67 -22.20
N ALA C 134 44.69 -41.65 -22.07
CA ALA C 134 44.20 -42.36 -23.24
C ALA C 134 42.73 -42.72 -23.17
N GLY C 135 42.12 -42.87 -24.34
CA GLY C 135 40.72 -43.21 -24.42
C GLY C 135 40.20 -42.94 -25.83
N PHE C 136 38.89 -42.83 -25.96
CA PHE C 136 38.25 -42.58 -27.26
C PHE C 136 37.30 -41.38 -27.23
N ASP C 137 37.50 -40.44 -28.15
CA ASP C 137 36.63 -39.30 -28.22
C ASP C 137 35.20 -39.82 -28.30
N PRO C 138 34.23 -39.03 -27.85
CA PRO C 138 32.83 -39.45 -27.89
C PRO C 138 32.40 -39.87 -29.29
N ARG C 139 31.69 -40.99 -29.38
CA ARG C 139 31.21 -41.49 -30.66
C ARG C 139 32.33 -41.55 -31.70
N ASP C 140 33.49 -42.05 -31.29
CA ASP C 140 34.63 -42.17 -32.19
C ASP C 140 35.32 -43.49 -31.87
N ASP C 141 36.04 -44.04 -32.84
CA ASP C 141 36.70 -45.33 -32.65
C ASP C 141 38.22 -45.28 -32.81
N GLU C 142 38.75 -44.14 -33.19
CA GLU C 142 40.19 -43.98 -33.35
C GLU C 142 40.83 -43.71 -31.97
N PRO C 143 41.58 -44.68 -31.43
CA PRO C 143 42.22 -44.53 -30.12
C PRO C 143 43.07 -43.28 -29.93
N LYS C 144 43.14 -42.82 -28.69
CA LYS C 144 43.90 -41.62 -28.33
C LYS C 144 44.89 -41.91 -27.21
N LEU C 145 46.09 -41.35 -27.32
CA LEU C 145 47.15 -41.52 -26.33
C LEU C 145 48.00 -40.26 -26.34
N TYR C 146 48.01 -39.59 -25.19
CA TYR C 146 48.75 -38.34 -25.03
C TYR C 146 49.64 -38.44 -23.79
N GLN C 147 50.60 -37.53 -23.68
CA GLN C 147 51.49 -37.50 -22.54
C GLN C 147 51.78 -36.04 -22.17
N THR C 148 51.83 -35.77 -20.88
CA THR C 148 52.12 -34.42 -20.41
C THR C 148 53.26 -34.47 -19.41
N GLU C 149 53.90 -33.33 -19.21
CA GLU C 149 54.99 -33.21 -18.25
C GLU C 149 54.97 -31.90 -17.46
N PRO C 150 55.68 -31.87 -16.32
CA PRO C 150 55.74 -30.68 -15.47
C PRO C 150 55.88 -29.35 -16.20
N SER C 151 56.64 -29.33 -17.28
CA SER C 151 56.83 -28.10 -18.03
C SER C 151 55.51 -27.55 -18.50
N GLY C 152 54.54 -28.45 -18.67
CA GLY C 152 53.22 -28.06 -19.13
C GLY C 152 53.03 -28.38 -20.60
N ILE C 153 53.96 -29.14 -21.15
CA ILE C 153 53.91 -29.54 -22.55
C ILE C 153 53.25 -30.90 -22.70
N TYR C 154 52.65 -31.14 -23.86
CA TYR C 154 52.00 -32.40 -24.12
C TYR C 154 51.97 -32.69 -25.61
N SER C 155 51.66 -33.92 -25.96
CA SER C 155 51.60 -34.34 -27.35
C SER C 155 51.11 -35.78 -27.42
N SER C 156 50.74 -36.25 -28.61
CA SER C 156 50.24 -37.61 -28.76
C SER C 156 51.32 -38.57 -29.24
N TRP C 157 51.18 -39.83 -28.86
CA TRP C 157 52.13 -40.85 -29.20
C TRP C 157 51.43 -42.11 -29.68
N SER C 158 52.09 -42.87 -30.54
CA SER C 158 51.52 -44.12 -31.03
C SER C 158 51.70 -45.11 -29.88
N ALA C 159 52.72 -44.82 -29.08
CA ALA C 159 53.08 -45.60 -27.90
C ALA C 159 54.13 -44.76 -27.18
N GLN C 160 54.20 -44.91 -25.87
CA GLN C 160 55.15 -44.12 -25.08
C GLN C 160 55.22 -44.66 -23.67
N THR C 161 56.28 -44.28 -22.97
CA THR C 161 56.47 -44.73 -21.61
C THR C 161 57.16 -43.63 -20.83
N ILE C 162 56.89 -43.56 -19.54
CA ILE C 162 57.49 -42.55 -18.67
C ILE C 162 57.90 -43.25 -17.39
N GLY C 163 58.83 -42.65 -16.66
CA GLY C 163 59.27 -43.25 -15.40
C GLY C 163 60.67 -43.80 -15.46
N ARG C 164 61.01 -44.62 -14.47
CA ARG C 164 62.34 -45.21 -14.42
C ARG C 164 62.51 -46.26 -15.51
N ASN C 165 63.67 -46.23 -16.15
CA ASN C 165 63.99 -47.18 -17.21
C ASN C 165 63.08 -47.00 -18.40
N SER C 166 62.41 -45.86 -18.47
CA SER C 166 61.53 -45.57 -19.59
C SER C 166 62.41 -45.47 -20.83
N LYS C 167 63.68 -45.15 -20.62
CA LYS C 167 64.65 -45.03 -21.71
C LYS C 167 64.72 -46.37 -22.41
N THR C 168 64.86 -47.42 -21.61
CA THR C 168 64.95 -48.79 -22.09
C THR C 168 63.71 -49.20 -22.86
N VAL C 169 62.59 -49.27 -22.16
CA VAL C 169 61.34 -49.68 -22.79
C VAL C 169 60.96 -48.82 -24.01
N ARG C 170 61.32 -47.54 -24.01
CA ARG C 170 60.97 -46.71 -25.16
C ARG C 170 61.69 -47.31 -26.36
N GLU C 171 62.95 -47.65 -26.16
CA GLU C 171 63.78 -48.26 -27.21
C GLU C 171 63.05 -49.50 -27.70
N PHE C 172 62.76 -50.40 -26.77
CA PHE C 172 62.06 -51.64 -27.08
C PHE C 172 60.90 -51.35 -28.02
N LEU C 173 60.07 -50.39 -27.63
CA LEU C 173 58.91 -50.00 -28.41
C LEU C 173 59.30 -49.39 -29.75
N GLU C 174 60.30 -48.51 -29.75
CA GLU C 174 60.73 -47.87 -30.99
C GLU C 174 61.16 -48.90 -32.05
N LYS C 175 61.50 -50.10 -31.60
CA LYS C 175 61.92 -51.15 -32.51
C LYS C 175 61.04 -52.39 -32.39
N ASN C 176 59.78 -52.19 -32.02
CA ASN C 176 58.83 -53.30 -31.88
C ASN C 176 57.41 -52.88 -32.22
N TYR C 177 57.23 -51.60 -32.54
CA TYR C 177 55.92 -51.06 -32.90
C TYR C 177 55.98 -50.45 -34.29
N ASP C 178 55.09 -50.91 -35.16
CA ASP C 178 55.04 -50.40 -36.51
C ASP C 178 53.74 -49.63 -36.70
N ARG C 179 53.86 -48.34 -36.98
CA ARG C 179 52.69 -47.51 -37.21
C ARG C 179 51.92 -48.07 -38.40
N LYS C 180 52.66 -48.62 -39.36
CA LYS C 180 52.04 -49.20 -40.56
C LYS C 180 50.98 -50.19 -40.12
N GLU C 181 51.37 -51.15 -39.29
CA GLU C 181 50.43 -52.13 -38.80
C GLU C 181 50.45 -52.20 -37.27
N PRO C 182 49.62 -51.37 -36.62
CA PRO C 182 49.53 -51.34 -35.16
C PRO C 182 48.85 -52.60 -34.64
N PRO C 183 49.13 -52.98 -33.39
CA PRO C 183 48.53 -54.18 -32.79
C PRO C 183 47.05 -54.28 -33.09
N ALA C 184 46.72 -54.87 -34.24
CA ALA C 184 45.34 -55.02 -34.67
C ALA C 184 44.42 -55.77 -33.70
N THR C 185 44.98 -56.28 -32.60
CA THR C 185 44.16 -57.01 -31.63
C THR C 185 44.37 -56.55 -30.21
N VAL C 186 43.30 -56.60 -29.43
CA VAL C 186 43.38 -56.24 -28.03
C VAL C 186 44.42 -57.14 -27.39
N GLU C 187 44.40 -58.43 -27.74
CA GLU C 187 45.37 -59.37 -27.19
C GLU C 187 46.80 -59.06 -27.60
N GLU C 188 47.06 -59.02 -28.90
CA GLU C 188 48.41 -58.75 -29.35
C GLU C 188 48.86 -57.37 -28.92
N CYS C 189 47.91 -56.51 -28.54
CA CYS C 189 48.26 -55.17 -28.09
C CYS C 189 48.73 -55.20 -26.65
N VAL C 190 48.04 -55.98 -25.83
CA VAL C 190 48.40 -56.11 -24.42
C VAL C 190 49.72 -56.86 -24.30
N LYS C 191 49.96 -57.78 -25.23
CA LYS C 191 51.18 -58.58 -25.23
C LYS C 191 52.37 -57.64 -25.43
N LEU C 192 52.27 -56.76 -26.43
CA LEU C 192 53.33 -55.82 -26.71
C LEU C 192 53.64 -54.95 -25.49
N THR C 193 52.61 -54.65 -24.70
CA THR C 193 52.79 -53.82 -23.51
C THR C 193 53.49 -54.63 -22.42
N VAL C 194 53.01 -55.85 -22.17
CA VAL C 194 53.62 -56.70 -21.17
C VAL C 194 55.06 -56.96 -21.57
N ARG C 195 55.29 -57.19 -22.86
CA ARG C 195 56.63 -57.43 -23.35
C ARG C 195 57.49 -56.23 -22.98
N SER C 196 57.04 -55.04 -23.38
CA SER C 196 57.75 -53.80 -23.11
C SER C 196 58.03 -53.54 -21.64
N LEU C 197 57.15 -53.99 -20.76
CA LEU C 197 57.37 -53.77 -19.33
C LEU C 197 58.39 -54.76 -18.79
N LEU C 198 58.31 -56.02 -19.25
CA LEU C 198 59.22 -57.06 -18.81
C LEU C 198 60.68 -56.62 -18.97
N GLU C 199 60.97 -55.86 -20.03
CA GLU C 199 62.32 -55.38 -20.26
C GLU C 199 62.88 -54.70 -19.01
N VAL C 200 62.00 -54.14 -18.19
CA VAL C 200 62.45 -53.44 -17.00
C VAL C 200 61.89 -53.99 -15.68
N VAL C 201 60.76 -54.67 -15.73
CA VAL C 201 60.15 -55.18 -14.51
C VAL C 201 60.95 -56.29 -13.83
N GLN C 202 61.68 -57.08 -14.62
CA GLN C 202 62.48 -58.17 -14.08
C GLN C 202 61.52 -59.08 -13.30
N THR C 203 60.88 -59.99 -14.05
CA THR C 203 59.90 -60.94 -13.50
C THR C 203 59.11 -60.37 -12.32
N GLY C 204 57.93 -59.88 -12.64
CA GLY C 204 57.06 -59.32 -11.63
C GLY C 204 55.62 -59.55 -12.06
N ALA C 205 55.18 -60.79 -11.97
CA ALA C 205 53.80 -61.11 -12.33
C ALA C 205 52.89 -60.18 -11.54
N LYS C 206 53.11 -60.12 -10.23
CA LYS C 206 52.31 -59.27 -9.35
C LYS C 206 52.78 -57.82 -9.37
N ASN C 207 53.81 -57.53 -10.15
CA ASN C 207 54.34 -56.17 -10.23
C ASN C 207 53.91 -55.43 -11.50
N ILE C 208 53.13 -56.10 -12.36
CA ILE C 208 52.68 -55.49 -13.59
C ILE C 208 51.16 -55.51 -13.73
N GLU C 209 50.54 -54.33 -13.73
CA GLU C 209 49.09 -54.24 -13.90
C GLU C 209 48.75 -53.61 -15.26
N ILE C 210 47.79 -54.21 -15.96
CA ILE C 210 47.36 -53.73 -17.27
C ILE C 210 45.90 -53.33 -17.28
N THR C 211 45.59 -52.25 -18.02
CA THR C 211 44.21 -51.77 -18.15
C THR C 211 43.94 -51.53 -19.63
N VAL C 212 42.88 -52.16 -20.14
CA VAL C 212 42.51 -52.02 -21.55
C VAL C 212 41.31 -51.11 -21.74
N VAL C 213 41.42 -50.19 -22.69
CA VAL C 213 40.33 -49.28 -22.97
C VAL C 213 39.89 -49.46 -24.41
N LYS C 214 38.57 -49.62 -24.61
CA LYS C 214 37.99 -49.78 -25.94
C LYS C 214 36.99 -48.65 -26.17
N PRO C 215 36.50 -48.49 -27.41
CA PRO C 215 35.54 -47.42 -27.71
C PRO C 215 34.25 -47.56 -26.92
N ASP C 216 33.57 -46.43 -26.74
CA ASP C 216 32.32 -46.37 -26.01
C ASP C 216 32.41 -46.77 -24.54
N SER C 217 33.29 -46.09 -23.81
CA SER C 217 33.47 -46.33 -22.39
C SER C 217 33.60 -47.79 -21.97
N ASP C 218 34.41 -48.56 -22.70
CA ASP C 218 34.64 -49.97 -22.35
C ASP C 218 36.02 -50.06 -21.74
N ILE C 219 36.09 -49.79 -20.43
CA ILE C 219 37.36 -49.81 -19.70
C ILE C 219 37.41 -50.96 -18.71
N VAL C 220 38.50 -51.70 -18.71
CA VAL C 220 38.67 -52.83 -17.80
C VAL C 220 40.14 -53.08 -17.45
N ALA C 221 40.37 -53.50 -16.22
CA ALA C 221 41.72 -53.78 -15.75
C ALA C 221 41.88 -55.28 -15.53
N LEU C 222 42.88 -55.87 -16.20
CA LEU C 222 43.13 -57.32 -16.11
C LEU C 222 43.62 -57.73 -14.74
N SER C 223 43.38 -58.99 -14.39
CA SER C 223 43.80 -59.54 -13.10
C SER C 223 45.16 -60.20 -13.23
N SER C 224 45.77 -60.52 -12.10
CA SER C 224 47.08 -61.14 -12.09
C SER C 224 47.18 -62.33 -13.02
N GLU C 225 46.14 -63.17 -13.05
CA GLU C 225 46.12 -64.37 -13.90
C GLU C 225 46.20 -64.02 -15.37
N GLU C 226 45.23 -63.22 -15.83
CA GLU C 226 45.21 -62.81 -17.21
C GLU C 226 46.58 -62.28 -17.61
N ILE C 227 47.19 -61.52 -16.69
CA ILE C 227 48.51 -60.95 -16.92
C ILE C 227 49.58 -62.03 -16.84
N ASN C 228 49.54 -62.82 -15.76
CA ASN C 228 50.51 -63.90 -15.54
C ASN C 228 50.60 -64.75 -16.80
N GLN C 229 49.44 -64.98 -17.43
CA GLN C 229 49.37 -65.77 -18.64
C GLN C 229 50.19 -65.14 -19.75
N TYR C 230 49.99 -63.84 -19.96
CA TYR C 230 50.73 -63.12 -20.98
C TYR C 230 52.23 -63.25 -20.76
N VAL C 231 52.64 -63.12 -19.50
CA VAL C 231 54.05 -63.23 -19.15
C VAL C 231 54.52 -64.64 -19.53
N THR C 232 53.70 -65.63 -19.20
CA THR C 232 53.97 -67.03 -19.50
C THR C 232 54.24 -67.26 -20.99
N GLN C 233 53.21 -67.02 -21.80
CA GLN C 233 53.32 -67.20 -23.22
C GLN C 233 54.54 -66.49 -23.82
N ILE C 234 54.92 -65.36 -23.21
CA ILE C 234 56.06 -64.57 -23.68
C ILE C 234 57.43 -65.19 -23.35
N GLU C 235 57.59 -65.68 -22.13
CA GLU C 235 58.87 -66.27 -21.73
C GLU C 235 59.25 -67.45 -22.61
N GLN C 236 58.24 -68.13 -23.16
CA GLN C 236 58.47 -69.26 -24.03
C GLN C 236 59.03 -68.79 -25.37
N GLU C 237 58.54 -67.64 -25.83
CA GLU C 237 58.98 -67.06 -27.09
C GLU C 237 60.51 -66.95 -27.10
N LYS C 238 61.09 -66.64 -25.94
CA LYS C 238 62.54 -66.51 -25.80
C LYS C 238 63.24 -67.87 -25.85
N GLN C 239 62.78 -68.77 -24.98
CA GLN C 239 63.33 -70.12 -24.89
C GLN C 239 63.21 -70.92 -26.18
N GLU C 240 62.07 -70.78 -26.85
CA GLU C 240 61.85 -71.48 -28.11
C GLU C 240 62.80 -70.92 -29.16
N GLN C 241 64.03 -70.69 -28.75
CA GLN C 241 65.06 -70.14 -29.60
C GLN C 241 66.38 -70.13 -28.83
N ASP D 1 67.97 -14.44 -1.84
CA ASP D 1 68.42 -14.62 -3.26
C ASP D 1 68.58 -13.24 -3.93
N ARG D 2 67.69 -12.95 -4.88
CA ARG D 2 67.69 -11.67 -5.60
C ARG D 2 66.33 -11.53 -6.29
N GLY D 3 65.71 -10.35 -6.16
CA GLY D 3 64.39 -10.11 -6.76
C GLY D 3 64.25 -10.52 -8.21
N VAL D 4 63.08 -11.04 -8.57
CA VAL D 4 62.84 -11.48 -9.95
C VAL D 4 62.72 -10.30 -10.88
N SER D 5 62.62 -9.10 -10.31
CA SER D 5 62.52 -7.91 -11.14
C SER D 5 63.68 -6.98 -10.85
N THR D 6 64.85 -7.57 -10.57
CA THR D 6 66.05 -6.82 -10.28
C THR D 6 66.81 -6.38 -11.52
N PHE D 7 67.50 -5.25 -11.40
CA PHE D 7 68.29 -4.71 -12.48
C PHE D 7 69.72 -5.16 -12.39
N SER D 8 70.35 -5.36 -13.53
CA SER D 8 71.76 -5.76 -13.56
C SER D 8 72.47 -4.41 -13.57
N PRO D 9 73.74 -4.39 -13.17
CA PRO D 9 74.41 -3.08 -13.18
C PRO D 9 74.50 -2.47 -14.57
N GLU D 10 74.24 -3.28 -15.60
CA GLU D 10 74.31 -2.83 -16.99
C GLU D 10 72.98 -2.26 -17.44
N GLY D 11 72.01 -2.23 -16.53
CA GLY D 11 70.70 -1.69 -16.84
C GLY D 11 69.73 -2.65 -17.49
N ARG D 12 69.86 -3.94 -17.19
CA ARG D 12 68.95 -4.90 -17.78
C ARG D 12 68.26 -5.72 -16.71
N LEU D 13 67.16 -6.36 -17.08
CA LEU D 13 66.42 -7.19 -16.13
C LEU D 13 66.86 -8.64 -16.28
N PHE D 14 67.55 -9.13 -15.26
CA PHE D 14 68.04 -10.50 -15.26
C PHE D 14 67.05 -11.49 -15.83
N GLN D 15 65.95 -11.71 -15.12
CA GLN D 15 64.94 -12.65 -15.58
C GLN D 15 64.60 -12.50 -17.07
N VAL D 16 64.44 -11.27 -17.54
CA VAL D 16 64.09 -11.06 -18.94
C VAL D 16 65.20 -11.62 -19.83
N GLU D 17 66.44 -11.24 -19.52
CA GLU D 17 67.58 -11.70 -20.27
C GLU D 17 67.66 -13.22 -20.27
N TYR D 18 67.69 -13.83 -19.08
CA TYR D 18 67.75 -15.27 -19.00
C TYR D 18 66.61 -15.86 -19.80
N SER D 19 65.49 -15.16 -19.80
CA SER D 19 64.33 -15.63 -20.54
C SER D 19 64.70 -15.77 -22.00
N LEU D 20 65.41 -14.78 -22.53
CA LEU D 20 65.83 -14.78 -23.92
C LEU D 20 66.70 -15.98 -24.25
N GLU D 21 67.48 -16.44 -23.26
CA GLU D 21 68.34 -17.59 -23.47
C GLU D 21 67.52 -18.84 -23.74
N ALA D 22 66.60 -19.16 -22.84
CA ALA D 22 65.77 -20.34 -23.00
C ALA D 22 65.18 -20.37 -24.41
N ILE D 23 64.96 -19.19 -24.97
CA ILE D 23 64.39 -19.09 -26.31
C ILE D 23 65.38 -19.49 -27.41
N LYS D 24 66.64 -19.11 -27.25
CA LYS D 24 67.66 -19.46 -28.23
C LYS D 24 67.67 -20.99 -28.38
N LEU D 25 67.38 -21.68 -27.29
CA LEU D 25 67.36 -23.14 -27.30
C LEU D 25 66.13 -23.67 -28.03
N GLY D 26 65.13 -22.81 -28.20
CA GLY D 26 63.90 -23.24 -28.85
C GLY D 26 63.99 -23.63 -30.30
N SER D 27 62.93 -24.29 -30.79
CA SER D 27 62.83 -24.74 -32.18
C SER D 27 62.86 -23.55 -33.12
N THR D 28 63.42 -23.76 -34.30
CA THR D 28 63.51 -22.68 -35.27
C THR D 28 62.12 -22.32 -35.80
N ALA D 29 61.95 -21.02 -36.05
CA ALA D 29 60.71 -20.49 -36.56
C ALA D 29 61.08 -19.34 -37.47
N ILE D 30 60.49 -19.30 -38.65
CA ILE D 30 60.80 -18.24 -39.60
C ILE D 30 59.57 -17.61 -40.22
N GLY D 31 59.66 -16.30 -40.44
CA GLY D 31 58.55 -15.58 -41.04
C GLY D 31 59.03 -14.62 -42.12
N ILE D 32 58.36 -14.66 -43.26
CA ILE D 32 58.71 -13.79 -44.38
C ILE D 32 57.41 -13.14 -44.89
N ALA D 33 57.45 -11.82 -45.02
CA ALA D 33 56.28 -11.08 -45.49
C ALA D 33 56.48 -10.65 -46.94
N THR D 34 55.42 -10.75 -47.74
CA THR D 34 55.49 -10.34 -49.14
C THR D 34 54.22 -9.55 -49.41
N LYS D 35 54.21 -8.77 -50.49
CA LYS D 35 53.03 -7.99 -50.84
C LYS D 35 51.91 -8.91 -51.31
N GLU D 36 52.11 -10.22 -51.13
CA GLU D 36 51.14 -11.23 -51.53
C GLU D 36 50.72 -12.07 -50.33
N GLY D 37 51.31 -11.77 -49.17
CA GLY D 37 50.98 -12.52 -47.98
C GLY D 37 52.19 -12.70 -47.10
N VAL D 38 51.99 -13.32 -45.94
CA VAL D 38 53.08 -13.59 -45.01
C VAL D 38 53.14 -15.09 -44.82
N VAL D 39 54.35 -15.62 -44.80
CA VAL D 39 54.54 -17.06 -44.62
C VAL D 39 55.18 -17.37 -43.27
N LEU D 40 54.62 -18.34 -42.57
CA LEU D 40 55.13 -18.74 -41.28
C LEU D 40 55.58 -20.19 -41.34
N GLY D 41 56.82 -20.43 -40.91
CA GLY D 41 57.36 -21.78 -40.93
C GLY D 41 58.03 -22.13 -39.63
N VAL D 42 57.95 -23.41 -39.25
CA VAL D 42 58.52 -23.86 -38.00
C VAL D 42 59.13 -25.26 -38.07
N GLU D 43 59.98 -25.56 -37.09
CA GLU D 43 60.61 -26.86 -36.98
C GLU D 43 59.85 -27.70 -35.94
N LYS D 44 59.20 -28.77 -36.38
CA LYS D 44 58.46 -29.61 -35.46
C LYS D 44 59.39 -30.13 -34.36
N ARG D 45 60.45 -30.84 -34.76
CA ARG D 45 61.42 -31.39 -33.82
C ARG D 45 60.83 -32.42 -32.86
N ALA D 46 60.58 -33.62 -33.39
CA ALA D 46 60.03 -34.72 -32.60
C ALA D 46 61.17 -35.39 -31.81
N THR D 47 60.99 -35.50 -30.49
CA THR D 47 62.02 -36.10 -29.63
C THR D 47 61.97 -37.63 -29.64
N SER D 48 61.36 -38.20 -30.67
CA SER D 48 61.27 -39.64 -30.80
C SER D 48 60.40 -39.97 -32.00
N PRO D 49 60.61 -41.15 -32.60
CA PRO D 49 59.85 -41.59 -33.77
C PRO D 49 58.42 -41.98 -33.43
N LEU D 50 58.19 -42.34 -32.17
CA LEU D 50 56.86 -42.73 -31.71
C LEU D 50 55.90 -41.54 -31.54
N LEU D 51 56.47 -40.35 -31.39
CA LEU D 51 55.70 -39.13 -31.21
C LEU D 51 54.99 -38.76 -32.50
N GLU D 52 53.66 -38.72 -32.47
CA GLU D 52 52.89 -38.36 -33.66
C GLU D 52 53.13 -36.89 -34.01
N SER D 53 54.09 -36.67 -34.90
CA SER D 53 54.50 -35.34 -35.32
C SER D 53 53.42 -34.28 -35.58
N ASP D 54 52.22 -34.69 -35.96
CA ASP D 54 51.19 -33.69 -36.23
C ASP D 54 50.50 -33.16 -34.96
N SER D 55 50.77 -33.77 -33.81
CA SER D 55 50.19 -33.28 -32.56
C SER D 55 51.08 -32.14 -32.05
N ILE D 56 52.02 -31.73 -32.89
CA ILE D 56 52.93 -30.64 -32.55
C ILE D 56 52.37 -29.40 -33.18
N GLU D 57 51.88 -28.49 -32.33
CA GLU D 57 51.27 -27.25 -32.76
C GLU D 57 52.08 -26.01 -32.38
N LYS D 58 52.90 -25.52 -33.30
CA LYS D 58 53.71 -24.35 -33.03
C LYS D 58 53.36 -23.15 -33.90
N ILE D 59 52.29 -23.31 -34.68
CA ILE D 59 51.76 -22.27 -35.54
C ILE D 59 50.27 -22.28 -35.24
N VAL D 60 49.75 -21.20 -34.65
CA VAL D 60 48.33 -21.19 -34.32
C VAL D 60 47.62 -19.98 -34.90
N GLU D 61 46.29 -20.08 -34.97
CA GLU D 61 45.44 -19.00 -35.47
C GLU D 61 44.94 -18.12 -34.33
N ILE D 62 45.10 -16.81 -34.49
CA ILE D 62 44.63 -15.87 -33.49
C ILE D 62 43.23 -15.44 -33.95
N ASP D 63 43.13 -15.09 -35.22
CA ASP D 63 41.87 -14.70 -35.84
C ASP D 63 41.97 -15.15 -37.30
N ARG D 64 40.95 -14.88 -38.10
CA ARG D 64 40.98 -15.30 -39.49
C ARG D 64 42.02 -14.53 -40.30
N HIS D 65 42.49 -13.41 -39.75
CA HIS D 65 43.46 -12.55 -40.43
C HIS D 65 44.75 -12.39 -39.63
N ILE D 66 44.90 -13.18 -38.57
CA ILE D 66 46.08 -13.10 -37.71
C ILE D 66 46.52 -14.45 -37.19
N GLY D 67 47.74 -14.85 -37.53
CA GLY D 67 48.27 -16.12 -37.05
C GLY D 67 49.64 -15.90 -36.46
N CYS D 68 50.18 -16.91 -35.78
CA CYS D 68 51.50 -16.73 -35.21
C CYS D 68 52.28 -18.02 -35.03
N ALA D 69 53.60 -17.86 -34.91
CA ALA D 69 54.53 -18.96 -34.72
C ALA D 69 55.27 -18.70 -33.40
N MET D 70 55.55 -19.77 -32.68
CA MET D 70 56.20 -19.67 -31.38
C MET D 70 57.51 -20.43 -31.28
N SER D 71 58.39 -19.94 -30.39
CA SER D 71 59.68 -20.55 -30.16
C SER D 71 60.11 -20.42 -28.69
N GLY D 72 60.69 -21.48 -28.15
CA GLY D 72 61.12 -21.47 -26.75
C GLY D 72 60.23 -22.40 -25.95
N LEU D 73 60.01 -22.06 -24.69
CA LEU D 73 59.13 -22.87 -23.86
C LEU D 73 57.73 -22.61 -24.40
N THR D 74 57.22 -23.54 -25.20
CA THR D 74 55.91 -23.40 -25.82
C THR D 74 54.69 -23.54 -24.92
N ALA D 75 54.87 -24.13 -23.74
CA ALA D 75 53.75 -24.27 -22.83
C ALA D 75 53.37 -22.86 -22.38
N ASP D 76 54.37 -21.98 -22.30
CA ASP D 76 54.14 -20.60 -21.90
C ASP D 76 53.24 -19.87 -22.91
N ALA D 77 53.29 -20.30 -24.16
CA ALA D 77 52.53 -19.66 -25.23
C ALA D 77 51.01 -19.78 -25.11
N ARG D 78 50.51 -20.82 -24.45
CA ARG D 78 49.07 -21.01 -24.34
C ARG D 78 48.32 -19.81 -23.79
N SER D 79 48.67 -19.37 -22.58
CA SER D 79 47.97 -18.22 -22.01
C SER D 79 48.08 -16.97 -22.88
N MET D 80 49.16 -16.84 -23.63
CA MET D 80 49.33 -15.68 -24.50
C MET D 80 48.41 -15.77 -25.70
N ILE D 81 48.35 -16.95 -26.30
CA ILE D 81 47.50 -17.20 -27.46
C ILE D 81 46.05 -16.94 -27.08
N GLU D 82 45.66 -17.45 -25.91
CA GLU D 82 44.30 -17.25 -25.41
C GLU D 82 44.02 -15.76 -25.28
N HIS D 83 44.95 -15.06 -24.66
CA HIS D 83 44.80 -13.63 -24.53
C HIS D 83 44.65 -12.99 -25.89
N ALA D 84 45.55 -13.32 -26.80
CA ALA D 84 45.50 -12.74 -28.14
C ALA D 84 44.17 -12.99 -28.84
N ARG D 85 43.68 -14.23 -28.79
CA ARG D 85 42.41 -14.58 -29.43
C ARG D 85 41.27 -13.78 -28.83
N THR D 86 41.20 -13.75 -27.52
CA THR D 86 40.18 -13.00 -26.81
C THR D 86 40.21 -11.52 -27.21
N ALA D 87 41.40 -10.91 -27.14
CA ALA D 87 41.51 -9.50 -27.49
C ALA D 87 41.00 -9.22 -28.90
N ALA D 88 41.38 -10.09 -29.84
CA ALA D 88 40.98 -9.92 -31.22
C ALA D 88 39.46 -10.05 -31.38
N VAL D 89 38.88 -11.07 -30.74
CA VAL D 89 37.43 -11.32 -30.80
C VAL D 89 36.67 -10.21 -30.09
N THR D 90 37.17 -9.81 -28.92
CA THR D 90 36.53 -8.75 -28.16
C THR D 90 36.51 -7.46 -28.95
N HIS D 91 37.66 -7.07 -29.50
CA HIS D 91 37.69 -5.84 -30.26
C HIS D 91 36.61 -5.84 -31.32
N ASN D 92 36.35 -7.01 -31.86
CA ASN D 92 35.35 -7.14 -32.90
C ASN D 92 33.94 -6.94 -32.32
N LEU D 93 33.74 -7.42 -31.09
CA LEU D 93 32.46 -7.29 -30.39
C LEU D 93 32.19 -5.85 -29.97
N TYR D 94 33.24 -5.13 -29.60
CA TYR D 94 33.11 -3.75 -29.17
C TYR D 94 33.16 -2.73 -30.27
N TYR D 95 33.81 -3.05 -31.38
CA TYR D 95 33.91 -2.07 -32.46
C TYR D 95 33.40 -2.49 -33.82
N ASP D 96 32.84 -3.69 -33.89
CA ASP D 96 32.32 -4.20 -35.16
C ASP D 96 33.37 -3.95 -36.24
N GLU D 97 34.51 -4.63 -36.09
CA GLU D 97 35.62 -4.53 -37.03
C GLU D 97 36.73 -5.46 -36.55
N ASP D 98 37.66 -5.76 -37.45
CA ASP D 98 38.80 -6.62 -37.13
C ASP D 98 39.82 -5.79 -36.38
N ILE D 99 40.61 -6.46 -35.55
CA ILE D 99 41.64 -5.77 -34.78
C ILE D 99 42.90 -5.60 -35.60
N ASN D 100 43.53 -4.44 -35.48
CA ASN D 100 44.77 -4.18 -36.22
C ASN D 100 45.85 -5.15 -35.76
N VAL D 101 46.60 -5.70 -36.71
CA VAL D 101 47.66 -6.64 -36.38
C VAL D 101 48.65 -6.07 -35.38
N GLU D 102 48.93 -4.78 -35.46
CA GLU D 102 49.87 -4.17 -34.53
C GLU D 102 49.31 -4.15 -33.11
N SER D 103 48.07 -3.67 -32.97
CA SER D 103 47.42 -3.62 -31.66
C SER D 103 47.35 -5.02 -31.06
N LEU D 104 47.01 -6.02 -31.86
CA LEU D 104 46.94 -7.39 -31.37
C LEU D 104 48.28 -7.70 -30.74
N THR D 105 49.34 -7.39 -31.48
CA THR D 105 50.70 -7.62 -30.99
C THR D 105 50.98 -6.81 -29.73
N GLN D 106 50.64 -5.53 -29.76
CA GLN D 106 50.84 -4.63 -28.62
C GLN D 106 50.12 -5.15 -27.39
N SER D 107 48.97 -5.75 -27.61
CA SER D 107 48.16 -6.32 -26.53
C SER D 107 48.87 -7.48 -25.85
N VAL D 108 49.48 -8.35 -26.65
CA VAL D 108 50.18 -9.52 -26.13
C VAL D 108 51.38 -9.03 -25.35
N CYS D 109 52.13 -8.14 -25.96
CA CYS D 109 53.30 -7.58 -25.33
C CYS D 109 53.03 -6.99 -23.97
N ASP D 110 51.80 -6.57 -23.73
CA ASP D 110 51.48 -5.98 -22.43
C ASP D 110 51.46 -6.97 -21.26
N LEU D 111 51.29 -8.26 -21.56
CA LEU D 111 51.29 -9.26 -20.50
C LEU D 111 52.73 -9.47 -20.05
N ALA D 112 53.61 -9.49 -21.03
CA ALA D 112 55.04 -9.71 -20.81
C ALA D 112 55.66 -9.26 -19.49
N LEU D 113 55.72 -7.94 -19.23
CA LEU D 113 56.33 -7.45 -17.98
C LEU D 113 55.47 -7.56 -16.73
N ARG D 114 54.30 -8.18 -16.86
CA ARG D 114 53.41 -8.35 -15.71
C ARG D 114 53.88 -9.47 -14.81
N PHE D 115 55.01 -9.28 -14.16
CA PHE D 115 55.50 -10.30 -13.25
C PHE D 115 56.30 -9.71 -12.09
N GLY D 116 56.52 -10.54 -11.08
CA GLY D 116 57.26 -10.12 -9.92
C GLY D 116 56.78 -10.82 -8.66
N GLU D 117 57.09 -10.23 -7.51
CA GLU D 117 56.69 -10.76 -6.21
C GLU D 117 56.05 -9.64 -5.38
N GLY D 118 55.72 -8.54 -6.06
CA GLY D 118 55.11 -7.40 -5.40
C GLY D 118 55.49 -6.07 -6.05
N ALA D 119 55.52 -6.04 -7.38
CA ALA D 119 55.88 -4.83 -8.14
C ALA D 119 54.81 -3.72 -8.04
N SER D 120 55.23 -2.58 -7.47
CA SER D 120 54.40 -1.40 -7.25
C SER D 120 54.00 -0.64 -8.54
N GLY D 121 52.87 -1.03 -9.13
CA GLY D 121 52.40 -0.37 -10.34
C GLY D 121 51.00 -0.82 -10.73
N GLU D 122 50.58 -1.94 -10.14
CA GLU D 122 49.27 -2.56 -10.36
C GLU D 122 49.27 -3.90 -9.62
N GLU D 123 48.71 -4.94 -10.24
CA GLU D 123 48.70 -6.26 -9.62
C GLU D 123 49.30 -7.29 -10.55
N ARG D 124 50.61 -7.17 -10.80
CA ARG D 124 51.33 -8.10 -11.68
C ARG D 124 51.57 -9.46 -11.04
N LEU D 125 50.61 -10.36 -11.22
CA LEU D 125 50.73 -11.71 -10.67
C LEU D 125 51.08 -12.72 -11.78
N MET D 126 52.33 -13.19 -11.70
CA MET D 126 52.93 -14.14 -12.62
C MET D 126 54.36 -14.11 -12.08
N SER D 127 54.82 -15.22 -11.54
CA SER D 127 56.14 -15.29 -10.93
C SER D 127 57.35 -14.99 -11.81
N ARG D 128 57.28 -15.36 -13.08
CA ARG D 128 58.41 -15.17 -14.00
C ARG D 128 57.95 -14.72 -15.37
N PRO D 129 58.89 -14.27 -16.21
CA PRO D 129 58.54 -13.83 -17.57
C PRO D 129 58.16 -15.06 -18.39
N PHE D 130 57.72 -14.84 -19.62
CA PHE D 130 57.35 -15.95 -20.50
C PHE D 130 58.63 -16.47 -21.13
N GLY D 131 58.72 -17.80 -21.27
CA GLY D 131 59.91 -18.37 -21.87
C GLY D 131 59.70 -18.68 -23.34
N VAL D 132 59.02 -17.79 -24.05
CA VAL D 132 58.74 -18.00 -25.46
C VAL D 132 58.62 -16.69 -26.22
N ALA D 133 59.03 -16.68 -27.48
CA ALA D 133 58.93 -15.49 -28.32
C ALA D 133 57.88 -15.82 -29.36
N LEU D 134 57.32 -14.79 -29.96
CA LEU D 134 56.28 -15.01 -30.96
C LEU D 134 56.45 -14.24 -32.25
N LEU D 135 56.07 -14.90 -33.34
CA LEU D 135 56.11 -14.26 -34.64
C LEU D 135 54.64 -14.13 -34.98
N ILE D 136 54.15 -12.90 -34.93
CA ILE D 136 52.75 -12.67 -35.22
C ILE D 136 52.67 -12.14 -36.64
N ALA D 137 51.90 -12.84 -37.46
CA ALA D 137 51.72 -12.47 -38.85
C ALA D 137 50.25 -12.24 -39.15
N GLY D 138 49.97 -11.25 -39.99
CA GLY D 138 48.60 -10.98 -40.31
C GLY D 138 48.40 -9.88 -41.33
N HIS D 139 47.15 -9.47 -41.48
CA HIS D 139 46.81 -8.44 -42.43
C HIS D 139 45.61 -7.65 -41.97
N ASP D 140 45.59 -6.37 -42.33
CA ASP D 140 44.47 -5.51 -42.02
C ASP D 140 44.45 -4.46 -43.11
N ALA D 141 43.39 -3.65 -43.15
CA ALA D 141 43.29 -2.65 -44.19
C ALA D 141 44.07 -1.36 -43.94
N ASP D 142 44.74 -1.25 -42.80
CA ASP D 142 45.49 -0.04 -42.53
C ASP D 142 46.97 -0.12 -42.89
N ASP D 143 47.58 -1.29 -42.67
CA ASP D 143 49.00 -1.47 -42.95
C ASP D 143 49.30 -2.74 -43.73
N GLY D 144 48.29 -3.26 -44.43
CA GLY D 144 48.47 -4.47 -45.21
C GLY D 144 49.05 -5.63 -44.43
N TYR D 145 49.87 -6.41 -45.12
CA TYR D 145 50.51 -7.57 -44.50
C TYR D 145 51.60 -7.15 -43.54
N GLN D 146 51.59 -7.77 -42.37
CA GLN D 146 52.56 -7.44 -41.33
C GLN D 146 53.09 -8.66 -40.63
N LEU D 147 54.37 -8.56 -40.25
CA LEU D 147 55.06 -9.61 -39.53
C LEU D 147 55.62 -8.94 -38.28
N PHE D 148 55.34 -9.55 -37.12
CA PHE D 148 55.80 -8.98 -35.86
C PHE D 148 56.55 -9.97 -34.99
N HIS D 149 57.54 -9.45 -34.26
CA HIS D 149 58.34 -10.25 -33.35
C HIS D 149 58.06 -9.72 -31.96
N ALA D 150 57.54 -10.58 -31.11
CA ALA D 150 57.20 -10.18 -29.75
C ALA D 150 58.03 -11.00 -28.77
N GLU D 151 58.84 -10.32 -27.96
CA GLU D 151 59.68 -11.01 -26.98
C GLU D 151 59.17 -10.78 -25.58
N PRO D 152 59.58 -11.62 -24.62
CA PRO D 152 59.18 -11.51 -23.22
C PRO D 152 59.64 -10.20 -22.60
N SER D 153 60.48 -9.47 -23.32
CA SER D 153 60.99 -8.18 -22.86
C SER D 153 59.83 -7.22 -22.70
N GLY D 154 58.83 -7.36 -23.58
CA GLY D 154 57.68 -6.50 -23.54
C GLY D 154 57.67 -5.62 -24.76
N THR D 155 58.74 -5.74 -25.55
CA THR D 155 58.87 -4.96 -26.79
C THR D 155 58.61 -5.85 -28.00
N PHE D 156 58.34 -5.20 -29.13
CA PHE D 156 58.08 -5.93 -30.36
C PHE D 156 58.51 -5.09 -31.55
N TYR D 157 58.95 -5.79 -32.59
CA TYR D 157 59.40 -5.14 -33.81
C TYR D 157 58.61 -5.70 -34.97
N ARG D 158 58.74 -5.04 -36.11
CA ARG D 158 58.09 -5.47 -37.33
C ARG D 158 59.19 -5.76 -38.35
N TYR D 159 59.28 -7.01 -38.79
CA TYR D 159 60.30 -7.41 -39.77
C TYR D 159 59.67 -7.77 -41.11
N ASN D 160 60.47 -7.64 -42.18
CA ASN D 160 60.01 -8.00 -43.52
C ASN D 160 60.15 -9.52 -43.53
N ALA D 161 61.10 -9.97 -42.73
CA ALA D 161 61.41 -11.38 -42.56
C ALA D 161 62.17 -11.42 -41.24
N LYS D 162 61.96 -12.49 -40.48
CA LYS D 162 62.62 -12.64 -39.20
C LYS D 162 62.61 -14.11 -38.87
N ALA D 163 63.67 -14.56 -38.23
CA ALA D 163 63.76 -15.96 -37.85
C ALA D 163 64.24 -16.01 -36.40
N ILE D 164 63.51 -16.76 -35.58
CA ILE D 164 63.83 -16.93 -34.16
C ILE D 164 63.99 -18.42 -33.90
N GLY D 165 64.72 -18.74 -32.85
CA GLY D 165 64.95 -20.14 -32.53
C GLY D 165 66.42 -20.51 -32.66
N SER D 166 66.76 -21.77 -32.36
CA SER D 166 68.14 -22.22 -32.42
C SER D 166 68.93 -21.82 -33.68
N GLY D 167 68.35 -21.94 -34.87
CA GLY D 167 69.11 -21.59 -36.06
C GLY D 167 69.05 -20.15 -36.52
N SER D 168 68.41 -19.29 -35.73
CA SER D 168 68.23 -17.88 -36.07
C SER D 168 69.41 -17.06 -36.60
N GLU D 169 70.36 -16.67 -35.74
CA GLU D 169 71.51 -15.85 -36.14
C GLU D 169 72.04 -16.13 -37.54
N GLY D 170 72.07 -17.41 -37.90
CA GLY D 170 72.53 -17.79 -39.22
C GLY D 170 71.42 -17.57 -40.22
N ALA D 171 70.25 -18.12 -39.91
CA ALA D 171 69.07 -18.00 -40.77
C ALA D 171 68.72 -16.54 -41.06
N GLN D 172 68.80 -15.71 -40.03
CA GLN D 172 68.51 -14.30 -40.15
C GLN D 172 69.51 -13.68 -41.12
N ALA D 173 70.75 -14.13 -41.02
CA ALA D 173 71.81 -13.64 -41.91
C ALA D 173 71.43 -13.99 -43.36
N GLU D 174 70.92 -15.19 -43.54
CA GLU D 174 70.48 -15.65 -44.84
C GLU D 174 69.40 -14.67 -45.33
N LEU D 175 68.34 -14.53 -44.55
CA LEU D 175 67.22 -13.64 -44.87
C LEU D 175 67.67 -12.23 -45.20
N LEU D 176 68.76 -11.79 -44.59
CA LEU D 176 69.27 -10.45 -44.86
C LEU D 176 69.58 -10.29 -46.34
N ASN D 177 70.07 -11.37 -46.96
CA ASN D 177 70.44 -11.39 -48.37
C ASN D 177 69.27 -11.76 -49.27
N GLU D 178 68.63 -12.89 -48.95
CA GLU D 178 67.52 -13.40 -49.74
C GLU D 178 66.32 -12.46 -49.91
N TRP D 179 65.87 -11.84 -48.82
CA TRP D 179 64.70 -10.96 -48.88
C TRP D 179 64.85 -9.70 -49.70
N HIS D 180 63.77 -9.38 -50.42
CA HIS D 180 63.71 -8.18 -51.24
C HIS D 180 62.23 -7.81 -51.44
N SER D 181 61.99 -6.52 -51.51
CA SER D 181 60.65 -5.93 -51.65
C SER D 181 59.73 -6.43 -52.74
N SER D 182 60.15 -7.44 -53.49
CA SER D 182 59.30 -7.94 -54.57
C SER D 182 59.12 -9.44 -54.56
N LEU D 183 59.48 -10.07 -53.45
CA LEU D 183 59.33 -11.50 -53.34
C LEU D 183 57.88 -11.87 -53.57
N THR D 184 57.62 -13.08 -54.04
CA THR D 184 56.25 -13.50 -54.25
C THR D 184 55.94 -14.42 -53.08
N LEU D 185 54.69 -14.81 -52.94
CA LEU D 185 54.35 -15.70 -51.85
C LEU D 185 55.07 -17.01 -52.08
N LYS D 186 54.95 -17.54 -53.29
CA LYS D 186 55.59 -18.80 -53.67
C LYS D 186 57.08 -18.76 -53.36
N GLU D 187 57.73 -17.66 -53.73
CA GLU D 187 59.15 -17.49 -53.49
C GLU D 187 59.44 -17.60 -52.00
N ALA D 188 58.74 -16.80 -51.19
CA ALA D 188 58.92 -16.81 -49.74
C ALA D 188 58.72 -18.20 -49.13
N GLU D 189 57.83 -19.00 -49.72
CA GLU D 189 57.57 -20.34 -49.22
C GLU D 189 58.82 -21.20 -49.31
N LEU D 190 59.38 -21.30 -50.51
CA LEU D 190 60.59 -22.08 -50.74
C LEU D 190 61.74 -21.52 -49.90
N LEU D 191 61.86 -20.20 -49.87
CA LEU D 191 62.92 -19.55 -49.09
C LEU D 191 62.87 -19.97 -47.62
N VAL D 192 61.67 -20.03 -47.06
CA VAL D 192 61.49 -20.44 -45.67
C VAL D 192 61.86 -21.91 -45.56
N LEU D 193 61.31 -22.70 -46.48
CA LEU D 193 61.54 -24.13 -46.53
C LEU D 193 63.03 -24.44 -46.71
N LYS D 194 63.75 -23.53 -47.39
CA LYS D 194 65.17 -23.69 -47.62
C LYS D 194 65.96 -23.39 -46.34
N ILE D 195 65.86 -22.16 -45.83
CA ILE D 195 66.56 -21.76 -44.60
C ILE D 195 66.26 -22.71 -43.43
N LEU D 196 65.11 -23.37 -43.49
CA LEU D 196 64.75 -24.32 -42.44
C LEU D 196 65.61 -25.56 -42.59
N LYS D 197 65.75 -26.00 -43.84
CA LYS D 197 66.53 -27.18 -44.17
C LYS D 197 67.99 -26.99 -43.74
N GLN D 198 68.51 -25.78 -43.94
CA GLN D 198 69.88 -25.47 -43.57
C GLN D 198 70.16 -25.58 -42.06
N VAL D 199 69.39 -24.87 -41.25
CA VAL D 199 69.59 -24.87 -39.79
C VAL D 199 69.04 -26.08 -39.03
N MET D 200 68.24 -26.93 -39.66
CA MET D 200 67.69 -28.07 -38.95
C MET D 200 68.64 -29.23 -38.88
N GLU D 201 68.83 -29.77 -37.68
CA GLU D 201 69.70 -30.92 -37.51
C GLU D 201 69.11 -32.04 -38.34
N GLU D 202 67.79 -32.10 -38.35
CA GLU D 202 67.08 -33.14 -39.09
C GLU D 202 66.97 -32.88 -40.57
N LYS D 203 66.73 -33.95 -41.33
CA LYS D 203 66.57 -33.82 -42.77
C LYS D 203 65.13 -33.35 -42.97
N LEU D 204 64.97 -32.09 -43.35
CA LEU D 204 63.65 -31.51 -43.54
C LEU D 204 62.72 -32.27 -44.46
N ASP D 205 61.57 -32.65 -43.93
CA ASP D 205 60.55 -33.36 -44.70
C ASP D 205 59.20 -32.78 -44.25
N GLU D 206 58.12 -33.20 -44.90
CA GLU D 206 56.81 -32.67 -44.53
C GLU D 206 56.29 -33.18 -43.18
N ASN D 207 57.17 -33.74 -42.35
CA ASN D 207 56.72 -34.23 -41.06
C ASN D 207 57.44 -33.67 -39.85
N ASN D 208 58.47 -32.86 -40.06
CA ASN D 208 59.19 -32.25 -38.97
C ASN D 208 59.32 -30.77 -39.28
N ALA D 209 58.61 -30.35 -40.31
CA ALA D 209 58.58 -28.97 -40.74
C ALA D 209 57.14 -28.66 -41.10
N GLN D 210 56.73 -27.42 -40.85
CA GLN D 210 55.36 -27.02 -41.15
C GLN D 210 55.29 -25.58 -41.65
N LEU D 211 54.54 -25.38 -42.74
CA LEU D 211 54.36 -24.07 -43.33
C LEU D 211 52.91 -23.62 -43.20
N SER D 212 52.72 -22.32 -43.32
CA SER D 212 51.40 -21.72 -43.24
C SER D 212 51.53 -20.29 -43.72
N CYS D 213 50.38 -19.63 -43.89
CA CYS D 213 50.41 -18.24 -44.34
C CYS D 213 49.10 -17.50 -44.07
N ILE D 214 49.14 -16.22 -44.37
CA ILE D 214 47.99 -15.36 -44.19
C ILE D 214 47.89 -14.48 -45.43
N THR D 215 46.74 -14.58 -46.09
CA THR D 215 46.45 -13.79 -47.28
C THR D 215 45.13 -13.07 -47.08
N LYS D 216 45.03 -11.87 -47.63
CA LYS D 216 43.82 -11.09 -47.48
C LYS D 216 42.62 -11.87 -47.97
N GLN D 217 42.80 -12.66 -49.01
CA GLN D 217 41.68 -13.40 -49.56
C GLN D 217 41.20 -14.58 -48.75
N ASP D 218 42.11 -15.49 -48.38
CA ASP D 218 41.71 -16.67 -47.64
C ASP D 218 42.07 -16.70 -46.15
N GLY D 219 42.74 -15.65 -45.69
CA GLY D 219 43.11 -15.59 -44.29
C GLY D 219 44.19 -16.57 -43.88
N PHE D 220 44.32 -16.79 -42.57
CA PHE D 220 45.32 -17.70 -42.04
C PHE D 220 44.98 -19.15 -42.28
N LYS D 221 45.90 -19.85 -42.94
CA LYS D 221 45.75 -21.27 -43.27
C LYS D 221 47.06 -21.99 -43.00
N ILE D 222 46.96 -23.24 -42.58
CA ILE D 222 48.14 -24.05 -42.31
C ILE D 222 48.25 -25.12 -43.40
N TYR D 223 49.31 -25.05 -44.19
CA TYR D 223 49.52 -26.01 -45.26
C TYR D 223 49.47 -27.45 -44.78
N ASP D 224 48.58 -28.25 -45.35
CA ASP D 224 48.49 -29.66 -44.95
C ASP D 224 49.72 -30.36 -45.55
N ASN D 225 50.22 -31.37 -44.86
CA ASN D 225 51.41 -32.09 -45.31
C ASN D 225 51.58 -32.20 -46.82
N GLU D 226 50.63 -32.88 -47.48
CA GLU D 226 50.69 -33.06 -48.93
C GLU D 226 51.13 -31.80 -49.62
N LYS D 227 50.50 -30.67 -49.29
CA LYS D 227 50.86 -29.41 -49.92
C LYS D 227 52.30 -29.02 -49.62
N THR D 228 52.74 -29.22 -48.39
CA THR D 228 54.10 -28.88 -48.01
C THR D 228 55.11 -29.77 -48.73
N ALA D 229 54.86 -31.08 -48.72
CA ALA D 229 55.75 -32.04 -49.37
C ALA D 229 56.12 -31.61 -50.78
N GLU D 230 55.10 -31.39 -51.60
CA GLU D 230 55.31 -30.96 -52.98
C GLU D 230 56.20 -29.74 -53.03
N LEU D 231 55.95 -28.77 -52.16
CA LEU D 231 56.76 -27.56 -52.11
C LEU D 231 58.22 -27.93 -51.82
N ILE D 232 58.41 -28.94 -50.98
CA ILE D 232 59.75 -29.40 -50.62
C ILE D 232 60.42 -29.99 -51.86
N LYS D 233 59.72 -30.94 -52.48
CA LYS D 233 60.19 -31.58 -53.70
C LYS D 233 60.62 -30.49 -54.67
N GLU D 234 59.73 -29.51 -54.87
CA GLU D 234 60.00 -28.40 -55.77
C GLU D 234 61.31 -27.70 -55.39
N LEU D 235 61.52 -27.49 -54.09
CA LEU D 235 62.72 -26.83 -53.58
C LEU D 235 63.97 -27.58 -54.00
N LYS D 236 63.95 -28.88 -53.74
CA LYS D 236 65.08 -29.75 -54.07
C LYS D 236 65.51 -29.61 -55.52
N GLU D 237 64.55 -29.74 -56.42
CA GLU D 237 64.82 -29.65 -57.85
C GLU D 237 65.43 -28.31 -58.29
N LYS D 238 64.91 -27.21 -57.76
CA LYS D 238 65.45 -25.92 -58.14
C LYS D 238 66.84 -25.74 -57.55
N GLU D 239 67.12 -26.44 -56.45
CA GLU D 239 68.45 -26.34 -55.81
C GLU D 239 69.46 -27.16 -56.59
N ALA D 240 69.10 -28.41 -56.86
CA ALA D 240 69.96 -29.31 -57.61
C ALA D 240 70.11 -28.79 -59.03
N ALA D 241 69.30 -27.78 -59.39
CA ALA D 241 69.33 -27.20 -60.72
C ALA D 241 70.57 -26.36 -60.96
N GLU D 242 71.28 -26.05 -59.87
CA GLU D 242 72.51 -25.26 -59.96
C GLU D 242 73.05 -25.03 -58.55
N PHE E 1 81.49 -5.03 -1.72
CA PHE E 1 80.82 -3.73 -1.39
C PHE E 1 79.46 -3.64 -2.08
N ARG E 2 79.42 -2.89 -3.19
CA ARG E 2 78.21 -2.68 -3.96
C ARG E 2 77.33 -3.91 -4.10
N ASN E 3 77.94 -5.09 -4.13
CA ASN E 3 77.21 -6.34 -4.28
C ASN E 3 76.25 -6.65 -3.13
N ASN E 4 76.49 -6.07 -1.97
CA ASN E 4 75.64 -6.32 -0.80
C ASN E 4 74.56 -5.27 -0.60
N TYR E 5 74.52 -4.27 -1.48
CA TYR E 5 73.54 -3.20 -1.33
C TYR E 5 72.77 -2.88 -2.60
N ASP E 6 72.68 -3.82 -3.52
CA ASP E 6 71.96 -3.55 -4.76
C ASP E 6 70.99 -4.67 -5.13
N GLY E 7 70.57 -5.44 -4.14
CA GLY E 7 69.64 -6.53 -4.41
C GLY E 7 68.18 -6.09 -4.49
N ASP E 8 67.93 -4.83 -4.17
CA ASP E 8 66.58 -4.29 -4.18
C ASP E 8 66.63 -2.80 -3.85
N THR E 9 65.56 -2.09 -4.19
CA THR E 9 65.50 -0.65 -3.94
C THR E 9 65.23 -0.26 -2.52
N VAL E 10 64.95 -1.21 -1.66
CA VAL E 10 64.67 -0.83 -0.29
C VAL E 10 65.95 -0.85 0.58
N THR E 11 67.11 -0.80 -0.07
CA THR E 11 68.39 -0.83 0.65
C THR E 11 69.31 0.32 0.29
N PHE E 12 69.81 0.99 1.32
CA PHE E 12 70.73 2.10 1.14
C PHE E 12 72.15 1.55 1.22
N SER E 13 73.08 2.12 0.46
CA SER E 13 74.46 1.66 0.54
C SER E 13 75.09 2.51 1.64
N PRO E 14 76.16 2.04 2.27
CA PRO E 14 76.80 2.80 3.34
C PRO E 14 77.07 4.25 2.99
N THR E 15 76.97 4.60 1.72
CA THR E 15 77.24 5.96 1.31
C THR E 15 75.98 6.79 0.99
N GLY E 16 74.81 6.16 1.11
CA GLY E 16 73.56 6.85 0.85
C GLY E 16 73.04 6.73 -0.56
N ARG E 17 73.52 5.72 -1.27
CA ARG E 17 73.12 5.51 -2.65
C ARG E 17 72.12 4.39 -2.77
N LEU E 18 71.32 4.47 -3.82
CA LEU E 18 70.31 3.46 -4.11
C LEU E 18 70.71 2.92 -5.47
N PHE E 19 71.48 1.83 -5.46
CA PHE E 19 71.99 1.23 -6.67
C PHE E 19 70.93 0.79 -7.64
N GLN E 20 69.99 -0.03 -7.19
CA GLN E 20 68.95 -0.48 -8.07
C GLN E 20 68.42 0.67 -8.90
N VAL E 21 68.34 1.85 -8.29
CA VAL E 21 67.87 3.05 -8.98
C VAL E 21 68.91 3.48 -9.99
N GLU E 22 70.18 3.40 -9.58
CA GLU E 22 71.27 3.79 -10.46
C GLU E 22 71.39 2.86 -11.65
N TYR E 23 71.17 1.57 -11.43
CA TYR E 23 71.22 0.59 -12.51
C TYR E 23 70.14 0.93 -13.52
N ALA E 24 69.00 1.35 -13.02
CA ALA E 24 67.90 1.75 -13.88
C ALA E 24 68.38 2.93 -14.71
N LEU E 25 68.93 3.96 -14.05
CA LEU E 25 69.43 5.14 -14.76
C LEU E 25 70.38 4.74 -15.87
N GLU E 26 71.07 3.63 -15.69
CA GLU E 26 72.00 3.16 -16.70
C GLU E 26 71.24 2.80 -17.98
N ALA E 27 70.17 2.03 -17.83
CA ALA E 27 69.38 1.63 -18.98
C ALA E 27 69.12 2.81 -19.91
N ILE E 28 69.05 4.01 -19.33
CA ILE E 28 68.81 5.21 -20.12
C ILE E 28 70.02 5.54 -20.99
N LYS E 29 71.20 5.57 -20.39
CA LYS E 29 72.41 5.86 -21.17
C LYS E 29 72.58 4.88 -22.33
N GLN E 30 72.19 3.63 -22.10
CA GLN E 30 72.27 2.58 -23.11
C GLN E 30 71.21 2.86 -24.18
N GLY E 31 70.39 3.89 -23.95
CA GLY E 31 69.34 4.23 -24.88
C GLY E 31 69.71 5.25 -25.96
N SER E 32 69.00 5.17 -27.07
CA SER E 32 69.21 6.04 -28.21
C SER E 32 68.96 7.50 -27.86
N VAL E 33 69.89 8.37 -28.27
CA VAL E 33 69.80 9.79 -27.98
C VAL E 33 68.52 10.46 -28.47
N THR E 34 68.07 11.44 -27.70
CA THR E 34 66.86 12.20 -28.01
C THR E 34 67.04 13.61 -27.44
N VAL E 35 66.62 14.61 -28.21
CA VAL E 35 66.78 16.01 -27.80
C VAL E 35 65.50 16.81 -27.63
N GLY E 36 65.52 17.70 -26.65
CA GLY E 36 64.37 18.56 -26.41
C GLY E 36 64.84 19.99 -26.22
N LEU E 37 64.12 20.93 -26.79
CA LEU E 37 64.46 22.35 -26.66
C LEU E 37 63.21 23.17 -26.93
N ARG E 38 63.16 24.39 -26.39
CA ARG E 38 61.99 25.23 -26.57
C ARG E 38 62.32 26.71 -26.67
N SER E 39 61.43 27.46 -27.33
CA SER E 39 61.57 28.90 -27.45
C SER E 39 60.47 29.42 -26.51
N ASN E 40 59.82 30.52 -26.88
CA ASN E 40 58.76 31.03 -26.02
C ASN E 40 57.42 30.76 -26.67
N THR E 41 57.45 30.33 -27.92
CA THR E 41 56.22 30.02 -28.62
C THR E 41 56.07 28.53 -28.91
N HIS E 42 57.19 27.81 -28.96
CA HIS E 42 57.13 26.38 -29.23
C HIS E 42 58.13 25.58 -28.44
N ALA E 43 57.88 24.27 -28.39
CA ALA E 43 58.75 23.32 -27.73
C ALA E 43 58.94 22.20 -28.74
N VAL E 44 60.15 21.64 -28.80
CA VAL E 44 60.41 20.60 -29.78
C VAL E 44 61.17 19.41 -29.26
N LEU E 45 60.87 18.27 -29.87
CA LEU E 45 61.53 17.03 -29.53
C LEU E 45 62.11 16.47 -30.82
N VAL E 46 63.34 15.96 -30.73
CA VAL E 46 64.02 15.32 -31.85
C VAL E 46 64.62 14.07 -31.24
N ALA E 47 64.37 12.93 -31.88
CA ALA E 47 64.90 11.68 -31.35
C ALA E 47 65.43 10.78 -32.45
N LEU E 48 66.45 10.00 -32.10
CA LEU E 48 67.07 9.07 -33.03
C LEU E 48 66.43 7.70 -32.86
N LYS E 49 65.71 7.24 -33.87
CA LYS E 49 65.08 5.93 -33.76
C LYS E 49 66.09 4.85 -34.08
N ARG E 50 66.16 3.84 -33.23
CA ARG E 50 67.09 2.74 -33.41
C ARG E 50 66.36 1.50 -33.94
N ASN E 51 66.96 0.78 -34.88
CA ASN E 51 66.33 -0.42 -35.44
C ASN E 51 67.16 -1.68 -35.14
N ALA E 52 66.54 -2.84 -35.22
CA ALA E 52 67.23 -4.11 -34.94
C ALA E 52 68.09 -4.54 -36.13
N ASP E 53 67.46 -5.12 -37.13
CA ASP E 53 68.13 -5.56 -38.34
C ASP E 53 67.89 -4.45 -39.33
N GLU E 54 68.02 -4.79 -40.61
CA GLU E 54 67.75 -3.83 -41.65
C GLU E 54 66.46 -4.32 -42.27
N LEU E 55 65.94 -5.39 -41.67
CA LEU E 55 64.68 -5.98 -42.10
C LEU E 55 63.60 -5.56 -41.11
N SER E 56 64.03 -4.99 -39.98
CA SER E 56 63.11 -4.55 -38.94
C SER E 56 62.80 -3.07 -39.06
N SER E 57 61.82 -2.64 -38.30
CA SER E 57 61.39 -1.26 -38.28
C SER E 57 62.23 -0.50 -37.27
N TYR E 58 62.04 0.81 -37.21
CA TYR E 58 62.75 1.61 -36.21
C TYR E 58 61.68 1.85 -35.16
N GLN E 59 62.04 1.64 -33.89
CA GLN E 59 61.10 1.80 -32.79
C GLN E 59 60.77 3.25 -32.43
N LYS E 60 59.48 3.52 -32.24
CA LYS E 60 59.03 4.87 -31.92
C LYS E 60 59.62 5.39 -30.62
N LYS E 61 60.02 6.65 -30.62
CA LYS E 61 60.62 7.28 -29.44
C LYS E 61 59.75 8.38 -28.85
N ILE E 62 58.81 8.87 -29.66
CA ILE E 62 57.92 9.94 -29.25
C ILE E 62 56.47 9.51 -29.04
N ILE E 63 55.88 9.96 -27.93
CA ILE E 63 54.50 9.62 -27.60
C ILE E 63 53.70 10.87 -27.24
N LYS E 64 52.46 10.91 -27.73
CA LYS E 64 51.55 12.03 -27.47
C LYS E 64 50.69 11.68 -26.27
N CYS E 65 50.57 12.63 -25.34
CA CYS E 65 49.77 12.40 -24.14
C CYS E 65 48.48 13.20 -24.14
N ASP E 66 48.44 14.25 -24.94
CA ASP E 66 47.27 15.11 -25.07
C ASP E 66 47.50 16.00 -26.29
N GLU E 67 46.59 16.93 -26.55
CA GLU E 67 46.76 17.82 -27.68
C GLU E 67 47.78 18.91 -27.38
N HIS E 68 48.14 19.04 -26.12
CA HIS E 68 49.09 20.07 -25.71
C HIS E 68 50.33 19.50 -25.04
N MET E 69 50.40 18.17 -24.91
CA MET E 69 51.53 17.56 -24.23
C MET E 69 52.00 16.24 -24.84
N GLY E 70 53.31 16.02 -24.79
CA GLY E 70 53.88 14.80 -25.32
C GLY E 70 55.28 14.63 -24.80
N LEU E 71 55.92 13.52 -25.15
CA LEU E 71 57.27 13.29 -24.67
C LEU E 71 58.06 12.32 -25.56
N SER E 72 59.35 12.23 -25.29
CA SER E 72 60.24 11.32 -26.01
C SER E 72 60.85 10.45 -24.93
N LEU E 73 61.14 9.20 -25.29
CA LEU E 73 61.68 8.22 -24.36
C LEU E 73 63.07 7.70 -24.75
N ALA E 74 63.79 7.21 -23.76
CA ALA E 74 65.13 6.64 -23.93
C ALA E 74 65.24 5.59 -22.84
N GLY E 75 65.35 4.33 -23.23
CA GLY E 75 65.44 3.28 -22.23
C GLY E 75 64.42 2.20 -22.51
N LEU E 76 63.86 1.62 -21.45
CA LEU E 76 62.86 0.55 -21.58
C LEU E 76 61.56 1.01 -22.21
N ALA E 77 61.35 0.64 -23.46
CA ALA E 77 60.13 1.03 -24.15
C ALA E 77 58.88 0.80 -23.30
N PRO E 78 58.67 -0.45 -22.82
CA PRO E 78 57.49 -0.77 -22.01
C PRO E 78 57.21 0.25 -20.92
N ASP E 79 58.23 0.62 -20.18
CA ASP E 79 58.05 1.57 -19.11
C ASP E 79 57.60 2.93 -19.61
N ALA E 80 58.00 3.32 -20.81
CA ALA E 80 57.58 4.62 -21.35
C ALA E 80 56.08 4.55 -21.63
N ARG E 81 55.65 3.41 -22.16
CA ARG E 81 54.26 3.16 -22.47
C ARG E 81 53.46 3.26 -21.19
N VAL E 82 53.93 2.61 -20.14
CA VAL E 82 53.25 2.66 -18.87
C VAL E 82 53.16 4.08 -18.33
N LEU E 83 54.29 4.77 -18.30
CA LEU E 83 54.33 6.15 -17.80
C LEU E 83 53.58 7.16 -18.65
N SER E 84 53.70 7.04 -19.97
CA SER E 84 53.03 7.98 -20.88
C SER E 84 51.53 7.75 -20.78
N ASN E 85 51.16 6.48 -20.77
CA ASN E 85 49.76 6.11 -20.68
C ASN E 85 49.21 6.69 -19.39
N TYR E 86 49.96 6.62 -18.31
CA TYR E 86 49.51 7.19 -17.04
C TYR E 86 49.46 8.71 -17.12
N LEU E 87 50.35 9.31 -17.90
CA LEU E 87 50.34 10.75 -18.04
C LEU E 87 49.14 11.15 -18.92
N ARG E 88 48.68 10.24 -19.76
CA ARG E 88 47.52 10.54 -20.60
C ARG E 88 46.29 10.61 -19.70
N GLN E 89 46.15 9.63 -18.81
CA GLN E 89 45.02 9.59 -17.88
C GLN E 89 44.96 10.89 -17.08
N GLN E 90 46.09 11.31 -16.53
CA GLN E 90 46.10 12.54 -15.75
C GLN E 90 45.63 13.75 -16.52
N CYS E 91 46.03 13.85 -17.78
CA CYS E 91 45.61 14.99 -18.60
C CYS E 91 44.10 14.88 -18.77
N ASN E 92 43.68 13.66 -19.06
CA ASN E 92 42.29 13.31 -19.27
C ASN E 92 41.43 13.68 -18.07
N TYR E 93 41.85 13.23 -16.90
CA TYR E 93 41.16 13.51 -15.65
C TYR E 93 41.08 15.01 -15.41
N SER E 94 42.15 15.73 -15.73
CA SER E 94 42.15 17.16 -15.52
C SER E 94 41.06 17.82 -16.34
N SER E 95 40.83 17.30 -17.55
CA SER E 95 39.79 17.85 -18.41
C SER E 95 38.42 17.47 -17.90
N LEU E 96 38.11 16.18 -18.00
CA LEU E 96 36.83 15.64 -17.58
C LEU E 96 36.34 16.22 -16.28
N VAL E 97 37.21 16.36 -15.29
CA VAL E 97 36.76 16.91 -14.02
C VAL E 97 36.80 18.42 -13.82
N PHE E 98 37.84 19.09 -14.30
CA PHE E 98 37.94 20.52 -14.10
C PHE E 98 37.83 21.34 -15.38
N ASN E 99 37.74 20.65 -16.51
CA ASN E 99 37.69 21.31 -17.82
C ASN E 99 38.90 22.22 -17.80
N ARG E 100 40.04 21.62 -17.48
CA ARG E 100 41.29 22.35 -17.36
C ARG E 100 42.45 21.55 -17.94
N LYS E 101 43.31 22.21 -18.74
CA LYS E 101 44.45 21.52 -19.32
C LYS E 101 45.51 21.35 -18.26
N LEU E 102 45.97 20.11 -18.08
CA LEU E 102 46.99 19.78 -17.10
C LEU E 102 48.30 20.49 -17.43
N ALA E 103 48.68 21.45 -16.58
CA ALA E 103 49.90 22.21 -16.78
C ALA E 103 51.09 21.27 -16.79
N VAL E 104 52.05 21.56 -17.67
CA VAL E 104 53.24 20.73 -17.81
C VAL E 104 53.93 20.55 -16.47
N GLU E 105 54.10 21.67 -15.76
CA GLU E 105 54.75 21.64 -14.46
C GLU E 105 54.13 20.61 -13.52
N ARG E 106 52.81 20.51 -13.56
CA ARG E 106 52.11 19.57 -12.72
C ARG E 106 52.28 18.13 -13.19
N ALA E 107 52.21 17.93 -14.51
CA ALA E 107 52.38 16.62 -15.10
C ALA E 107 53.69 16.06 -14.54
N GLY E 108 54.69 16.94 -14.50
CA GLY E 108 55.98 16.53 -13.96
C GLY E 108 55.84 16.10 -12.51
N HIS E 109 55.30 16.97 -11.66
CA HIS E 109 55.13 16.65 -10.24
C HIS E 109 54.46 15.28 -10.10
N LEU E 110 53.54 14.99 -11.02
CA LEU E 110 52.83 13.72 -10.98
C LEU E 110 53.76 12.56 -11.29
N LEU E 111 54.52 12.70 -12.37
CA LEU E 111 55.46 11.65 -12.77
C LEU E 111 56.44 11.38 -11.64
N CYS E 112 57.01 12.44 -11.10
CA CYS E 112 57.96 12.29 -10.00
C CYS E 112 57.39 11.46 -8.87
N ASP E 113 56.20 11.82 -8.40
CA ASP E 113 55.61 11.08 -7.30
C ASP E 113 55.29 9.64 -7.67
N LYS E 114 55.00 9.39 -8.94
CA LYS E 114 54.68 8.03 -9.35
C LYS E 114 55.97 7.20 -9.27
N ALA E 115 57.03 7.75 -9.86
CA ALA E 115 58.31 7.08 -9.85
C ALA E 115 58.75 6.80 -8.43
N GLN E 116 58.88 7.86 -7.63
CA GLN E 116 59.32 7.74 -6.25
C GLN E 116 58.73 6.54 -5.53
N LYS E 117 57.47 6.22 -5.79
CA LYS E 117 56.82 5.09 -5.11
C LYS E 117 57.47 3.73 -5.38
N ASN E 118 58.15 3.60 -6.50
CA ASN E 118 58.80 2.34 -6.84
C ASN E 118 60.24 2.27 -6.34
N THR E 119 60.59 3.17 -5.43
CA THR E 119 61.94 3.22 -4.90
C THR E 119 62.01 3.24 -3.37
N GLN E 120 60.96 2.77 -2.70
CA GLN E 120 60.94 2.77 -1.24
C GLN E 120 60.11 1.61 -0.69
N SER E 121 59.52 0.85 -1.61
CA SER E 121 58.68 -0.28 -1.23
C SER E 121 59.23 -1.59 -1.77
N TYR E 122 59.27 -2.59 -0.92
CA TYR E 122 59.77 -3.89 -1.30
C TYR E 122 59.00 -4.41 -2.51
N GLY E 123 59.64 -5.27 -3.29
CA GLY E 123 58.97 -5.84 -4.46
C GLY E 123 58.89 -4.99 -5.70
N GLY E 124 58.89 -3.67 -5.54
CA GLY E 124 58.81 -2.80 -6.70
C GLY E 124 60.17 -2.59 -7.36
N ARG E 125 60.16 -2.12 -8.61
CA ARG E 125 61.41 -1.85 -9.29
C ARG E 125 61.30 -0.47 -9.90
N PRO E 126 62.40 0.26 -10.01
CA PRO E 126 62.31 1.59 -10.60
C PRO E 126 61.97 1.47 -12.09
N TYR E 127 61.63 2.58 -12.70
CA TYR E 127 61.33 2.57 -14.11
C TYR E 127 62.65 2.76 -14.83
N GLY E 128 62.90 1.92 -15.84
CA GLY E 128 64.14 2.04 -16.58
C GLY E 128 63.98 2.87 -17.83
N VAL E 129 63.49 4.09 -17.68
CA VAL E 129 63.31 4.93 -18.85
C VAL E 129 63.41 6.41 -18.49
N GLY E 130 63.97 7.18 -19.42
CA GLY E 130 64.09 8.61 -19.21
C GLY E 130 63.09 9.28 -20.12
N LEU E 131 62.55 10.42 -19.73
CA LEU E 131 61.57 11.08 -20.56
C LEU E 131 61.83 12.56 -20.70
N LEU E 132 61.48 13.08 -21.87
CA LEU E 132 61.60 14.51 -22.13
C LEU E 132 60.20 14.95 -22.49
N ILE E 133 59.54 15.66 -21.59
CA ILE E 133 58.19 16.12 -21.88
C ILE E 133 58.16 17.58 -22.29
N ILE E 134 57.47 17.86 -23.38
CA ILE E 134 57.32 19.22 -23.88
C ILE E 134 55.83 19.47 -23.83
N GLY E 135 55.45 20.74 -23.77
CA GLY E 135 54.03 21.06 -23.73
C GLY E 135 53.77 22.55 -23.67
N TYR E 136 52.60 22.94 -24.16
CA TYR E 136 52.22 24.34 -24.16
C TYR E 136 50.98 24.45 -23.28
N ASP E 137 51.06 25.28 -22.25
CA ASP E 137 49.95 25.46 -21.34
C ASP E 137 49.70 26.94 -21.06
N LYS E 138 48.98 27.24 -19.98
CA LYS E 138 48.68 28.63 -19.65
C LYS E 138 49.87 29.50 -19.32
N SER E 139 51.05 28.92 -19.18
CA SER E 139 52.21 29.75 -18.87
C SER E 139 53.25 29.66 -19.97
N GLY E 140 52.83 29.16 -21.13
CA GLY E 140 53.73 29.05 -22.26
C GLY E 140 54.22 27.67 -22.66
N ALA E 141 55.42 27.65 -23.23
CA ALA E 141 56.04 26.42 -23.68
C ALA E 141 56.90 25.87 -22.56
N HIS E 142 57.03 24.54 -22.50
CA HIS E 142 57.79 23.91 -21.44
C HIS E 142 58.52 22.65 -21.87
N LEU E 143 59.62 22.40 -21.17
CA LEU E 143 60.45 21.23 -21.40
C LEU E 143 60.80 20.61 -20.05
N LEU E 144 60.59 19.31 -19.94
CA LEU E 144 60.86 18.59 -18.72
C LEU E 144 61.74 17.40 -18.96
N GLU E 145 62.59 17.08 -18.00
CA GLU E 145 63.45 15.92 -18.11
C GLU E 145 63.12 15.00 -16.94
N PHE E 146 62.62 13.83 -17.28
CA PHE E 146 62.24 12.87 -16.27
C PHE E 146 63.26 11.76 -16.04
N GLN E 147 63.71 11.62 -14.80
CA GLN E 147 64.67 10.56 -14.46
C GLN E 147 64.03 9.55 -13.49
N PRO E 148 64.18 8.26 -13.75
CA PRO E 148 63.63 7.15 -12.96
C PRO E 148 63.82 7.32 -11.48
N SER E 149 64.79 8.16 -11.11
CA SER E 149 65.08 8.44 -9.72
C SER E 149 63.88 9.19 -9.15
N GLY E 150 63.17 9.86 -10.06
CA GLY E 150 62.01 10.64 -9.68
C GLY E 150 62.28 12.11 -9.95
N ASN E 151 63.55 12.45 -10.15
CA ASN E 151 63.93 13.83 -10.40
C ASN E 151 63.45 14.37 -11.74
N VAL E 152 62.49 15.30 -11.67
CA VAL E 152 61.95 15.93 -12.87
C VAL E 152 62.42 17.38 -12.88
N THR E 153 62.96 17.83 -14.01
CA THR E 153 63.49 19.18 -14.08
C THR E 153 63.07 19.95 -15.31
N GLU E 154 62.80 21.24 -15.12
CA GLU E 154 62.40 22.08 -16.24
C GLU E 154 63.63 22.79 -16.79
N LEU E 155 63.84 22.64 -18.10
CA LEU E 155 64.98 23.23 -18.77
C LEU E 155 64.55 23.89 -20.06
N TYR E 156 65.47 24.63 -20.68
CA TYR E 156 65.22 25.29 -21.95
C TYR E 156 65.41 24.23 -23.03
N GLY E 157 66.34 23.33 -22.78
CA GLY E 157 66.62 22.26 -23.71
C GLY E 157 67.49 21.21 -23.04
N THR E 158 67.65 20.07 -23.69
CA THR E 158 68.47 19.01 -23.13
C THR E 158 68.42 17.77 -23.98
N ALA E 159 69.19 16.76 -23.58
CA ALA E 159 69.21 15.50 -24.29
C ALA E 159 69.50 14.37 -23.33
N ILE E 160 69.22 13.15 -23.75
CA ILE E 160 69.48 11.99 -22.94
C ILE E 160 69.68 10.85 -23.91
N GLY E 161 70.43 9.85 -23.46
CA GLY E 161 70.74 8.70 -24.29
C GLY E 161 72.23 8.67 -24.60
N ALA E 162 72.67 7.63 -25.28
CA ALA E 162 74.08 7.49 -25.62
C ALA E 162 74.59 8.70 -26.41
N ARG E 163 75.72 9.24 -25.96
CA ARG E 163 76.37 10.38 -26.60
C ARG E 163 75.58 11.67 -26.44
N SER E 164 74.53 11.60 -25.63
CA SER E 164 73.68 12.76 -25.39
C SER E 164 74.49 14.00 -25.01
N GLN E 165 75.58 13.79 -24.28
CA GLN E 165 76.44 14.88 -23.83
C GLN E 165 76.83 15.80 -24.98
N GLY E 166 76.94 15.23 -26.17
CA GLY E 166 77.30 16.01 -27.34
C GLY E 166 76.28 17.11 -27.58
N ALA E 167 75.04 16.69 -27.83
CA ALA E 167 73.96 17.63 -28.07
C ALA E 167 73.82 18.61 -26.92
N LYS E 168 73.80 18.10 -25.70
CA LYS E 168 73.62 18.94 -24.53
C LYS E 168 74.60 20.12 -24.46
N THR E 169 75.86 19.86 -24.78
CA THR E 169 76.86 20.92 -24.77
C THR E 169 76.49 21.91 -25.86
N TYR E 170 76.14 21.36 -27.03
CA TYR E 170 75.75 22.17 -28.18
C TYR E 170 74.59 23.11 -27.83
N LEU E 171 73.59 22.60 -27.12
CA LEU E 171 72.43 23.41 -26.73
C LEU E 171 72.87 24.44 -25.72
N GLU E 172 73.64 23.98 -24.73
CA GLU E 172 74.15 24.82 -23.65
C GLU E 172 74.90 26.03 -24.23
N ARG E 173 75.40 25.85 -25.44
CA ARG E 173 76.15 26.85 -26.16
C ARG E 173 75.19 27.73 -26.97
N THR E 174 74.31 27.07 -27.73
CA THR E 174 73.31 27.72 -28.59
C THR E 174 72.17 28.39 -27.82
N LEU E 175 72.12 28.15 -26.52
CA LEU E 175 71.05 28.68 -25.69
C LEU E 175 70.41 30.01 -26.11
N ASP E 176 71.10 31.11 -25.84
CA ASP E 176 70.60 32.45 -26.15
C ASP E 176 70.03 32.59 -27.54
N THR E 177 70.36 31.64 -28.40
CA THR E 177 69.90 31.68 -29.78
C THR E 177 68.54 31.02 -30.01
N PHE E 178 68.42 29.73 -29.70
CA PHE E 178 67.16 29.04 -29.93
C PHE E 178 66.01 29.48 -29.02
N ILE E 179 66.33 29.95 -27.82
CA ILE E 179 65.32 30.40 -26.87
C ILE E 179 64.52 31.58 -27.44
N LYS E 180 65.10 32.28 -28.40
CA LYS E 180 64.43 33.44 -29.01
C LYS E 180 63.77 33.10 -30.34
N ILE E 181 63.82 31.83 -30.74
CA ILE E 181 63.20 31.40 -32.00
C ILE E 181 61.70 31.31 -31.84
N ASP E 182 61.05 32.46 -31.78
CA ASP E 182 59.60 32.54 -31.64
C ASP E 182 58.93 32.80 -32.98
N GLY E 183 57.69 32.37 -33.10
CA GLY E 183 56.98 32.58 -34.35
C GLY E 183 57.58 31.84 -35.53
N ASN E 184 58.43 30.85 -35.25
CA ASN E 184 59.03 30.09 -36.34
C ASN E 184 59.39 28.68 -35.92
N PRO E 185 58.47 27.75 -36.12
CA PRO E 185 58.67 26.34 -35.76
C PRO E 185 59.83 25.69 -36.53
N ASP E 186 59.87 25.91 -37.84
CA ASP E 186 60.92 25.32 -38.66
C ASP E 186 62.32 25.65 -38.16
N GLU E 187 62.51 26.87 -37.69
CA GLU E 187 63.79 27.30 -37.17
C GLU E 187 64.10 26.57 -35.87
N LEU E 188 63.13 26.52 -34.97
CA LEU E 188 63.34 25.84 -33.72
C LEU E 188 63.63 24.37 -33.99
N ILE E 189 63.01 23.81 -35.02
CA ILE E 189 63.25 22.41 -35.35
C ILE E 189 64.66 22.18 -35.89
N LYS E 190 65.11 23.01 -36.82
CA LYS E 190 66.44 22.84 -37.36
C LYS E 190 67.49 22.93 -36.26
N ALA E 191 67.29 23.83 -35.30
CA ALA E 191 68.23 23.99 -34.19
C ALA E 191 68.19 22.70 -33.39
N GLY E 192 67.05 22.02 -33.45
CA GLY E 192 66.90 20.77 -32.73
C GLY E 192 67.61 19.64 -33.43
N VAL E 193 67.57 19.64 -34.76
CA VAL E 193 68.23 18.59 -35.55
C VAL E 193 69.75 18.73 -35.42
N GLU E 194 70.21 19.98 -35.33
CA GLU E 194 71.61 20.26 -35.19
C GLU E 194 72.11 19.71 -33.85
N ALA E 195 71.41 20.09 -32.78
CA ALA E 195 71.78 19.62 -31.46
C ALA E 195 71.91 18.12 -31.43
N ILE E 196 70.97 17.43 -32.08
CA ILE E 196 71.02 15.98 -32.06
C ILE E 196 72.12 15.38 -32.91
N SER E 197 72.40 15.97 -34.07
CA SER E 197 73.46 15.43 -34.92
C SER E 197 74.80 15.53 -34.18
N GLN E 198 74.83 16.35 -33.13
CA GLN E 198 76.01 16.54 -32.30
C GLN E 198 76.31 15.29 -31.48
N SER E 199 75.38 14.34 -31.47
CA SER E 199 75.53 13.11 -30.72
C SER E 199 75.54 11.90 -31.65
N LEU E 200 75.73 12.17 -32.94
CA LEU E 200 75.81 11.11 -33.94
C LEU E 200 77.21 10.51 -33.84
N ARG E 201 77.48 9.49 -34.63
CA ARG E 201 78.77 8.83 -34.60
C ARG E 201 78.66 7.66 -35.58
N ASP E 202 77.89 6.67 -35.15
CA ASP E 202 77.62 5.47 -35.94
C ASP E 202 77.33 5.91 -37.38
N GLU E 203 76.17 6.51 -37.59
CA GLU E 203 75.74 6.95 -38.91
C GLU E 203 75.30 8.42 -38.93
N SER E 204 74.43 8.72 -39.88
CA SER E 204 73.86 10.05 -40.05
C SER E 204 72.34 9.90 -40.11
N LEU E 205 71.63 10.83 -39.50
CA LEU E 205 70.17 10.78 -39.46
C LEU E 205 69.52 10.77 -40.84
N THR E 206 68.76 9.71 -41.10
CA THR E 206 68.06 9.51 -42.36
C THR E 206 66.58 9.77 -42.18
N VAL E 207 65.79 9.52 -43.24
CA VAL E 207 64.35 9.78 -43.21
C VAL E 207 63.54 8.81 -42.36
N ASP E 208 63.88 7.52 -42.40
CA ASP E 208 63.14 6.56 -41.60
C ASP E 208 63.92 6.32 -40.32
N ASN E 209 64.76 7.27 -39.98
CA ASN E 209 65.60 7.18 -38.81
C ASN E 209 65.35 8.36 -37.86
N LEU E 210 65.05 9.52 -38.41
CA LEU E 210 64.78 10.72 -37.63
C LEU E 210 63.30 10.82 -37.22
N SER E 211 63.09 11.35 -36.01
CA SER E 211 61.76 11.53 -35.44
C SER E 211 61.67 12.92 -34.79
N ILE E 212 60.68 13.70 -35.18
CA ILE E 212 60.51 15.03 -34.62
C ILE E 212 59.09 15.25 -34.14
N ALA E 213 58.95 16.08 -33.10
CA ALA E 213 57.64 16.40 -32.55
C ALA E 213 57.62 17.86 -32.13
N ILE E 214 56.47 18.49 -32.25
CA ILE E 214 56.36 19.89 -31.87
C ILE E 214 54.99 20.31 -31.32
N VAL E 215 55.02 21.17 -30.31
CA VAL E 215 53.82 21.71 -29.68
C VAL E 215 54.04 23.21 -29.55
N GLY E 216 52.96 23.96 -29.43
CA GLY E 216 53.12 25.40 -29.31
C GLY E 216 51.83 26.19 -29.26
N LYS E 217 52.00 27.52 -29.25
CA LYS E 217 50.90 28.47 -29.19
C LYS E 217 49.65 28.00 -29.92
N ASP E 218 49.70 27.96 -31.24
CA ASP E 218 48.55 27.51 -31.98
C ASP E 218 48.87 26.19 -32.65
N THR E 219 49.80 25.46 -32.05
CA THR E 219 50.22 24.19 -32.60
C THR E 219 49.96 23.00 -31.70
N PRO E 220 49.02 22.13 -32.09
CA PRO E 220 48.74 20.97 -31.25
C PRO E 220 49.91 20.00 -31.41
N PHE E 221 50.33 19.38 -30.31
CA PHE E 221 51.43 18.43 -30.34
C PHE E 221 51.29 17.46 -31.51
N THR E 222 52.22 17.55 -32.45
CA THR E 222 52.19 16.69 -33.62
C THR E 222 53.57 16.09 -33.94
N ILE E 223 53.56 14.78 -34.18
CA ILE E 223 54.76 14.01 -34.47
C ILE E 223 55.01 13.88 -35.98
N TYR E 224 56.29 13.96 -36.36
CA TYR E 224 56.67 13.84 -37.77
C TYR E 224 57.68 12.71 -37.98
N ASP E 225 57.38 11.86 -38.96
CA ASP E 225 58.24 10.73 -39.29
C ASP E 225 58.35 10.48 -40.78
N GLY E 226 59.46 9.89 -41.18
CA GLY E 226 59.68 9.61 -42.58
C GLY E 226 59.59 10.87 -43.41
N GLU E 227 59.15 10.71 -44.65
CA GLU E 227 58.97 11.78 -45.61
C GLU E 227 58.71 13.15 -44.98
N ALA E 228 57.96 13.13 -43.88
CA ALA E 228 57.61 14.35 -43.17
C ALA E 228 58.83 15.11 -42.64
N VAL E 229 59.88 14.38 -42.25
CA VAL E 229 61.10 15.00 -41.71
C VAL E 229 62.12 15.26 -42.80
N ALA E 230 61.92 14.65 -43.96
CA ALA E 230 62.82 14.82 -45.09
C ALA E 230 63.34 16.24 -45.25
N LYS E 231 62.46 17.22 -45.10
CA LYS E 231 62.86 18.62 -45.25
C LYS E 231 63.75 19.16 -44.16
N TYR E 232 64.29 18.28 -43.32
CA TYR E 232 65.16 18.74 -42.25
C TYR E 232 66.51 18.05 -42.30
N ILE E 233 66.58 16.95 -43.04
CA ILE E 233 67.82 16.21 -43.18
C ILE E 233 68.65 16.84 -44.29
N GLY F 1 78.06 -11.15 14.94
CA GLY F 1 78.58 -11.19 13.54
C GLY F 1 78.51 -9.84 12.80
N THR F 2 78.08 -9.88 11.54
CA THR F 2 77.95 -8.66 10.73
C THR F 2 76.69 -8.74 9.85
N GLY F 3 76.56 -7.79 8.93
CA GLY F 3 75.40 -7.79 8.06
C GLY F 3 74.23 -7.08 8.71
N TYR F 4 74.48 -6.45 9.85
CA TYR F 4 73.44 -5.74 10.57
C TYR F 4 73.06 -4.43 9.89
N ASP F 5 73.49 -4.27 8.63
CA ASP F 5 73.21 -3.05 7.87
C ASP F 5 72.61 -3.33 6.50
N LEU F 6 72.08 -4.53 6.33
CA LEU F 6 71.48 -4.89 5.05
C LEU F 6 69.95 -4.81 5.06
N SER F 7 69.36 -4.84 6.26
CA SER F 7 67.91 -4.76 6.44
C SER F 7 67.56 -3.53 7.27
N ASN F 8 66.44 -2.90 6.96
CA ASN F 8 66.03 -1.68 7.64
C ASN F 8 65.62 -1.74 9.11
N SER F 9 64.93 -2.77 9.55
CA SER F 9 64.53 -2.71 10.95
C SER F 9 65.47 -3.37 11.93
N VAL F 10 66.66 -3.75 11.49
CA VAL F 10 67.59 -4.46 12.37
C VAL F 10 68.47 -3.65 13.32
N PHE F 11 68.57 -4.12 14.56
CA PHE F 11 69.38 -3.46 15.56
C PHE F 11 70.78 -4.06 15.51
N SER F 12 71.79 -3.21 15.34
CA SER F 12 73.16 -3.69 15.34
C SER F 12 73.41 -4.08 16.78
N PRO F 13 74.50 -4.78 17.07
CA PRO F 13 74.78 -5.18 18.46
C PRO F 13 74.98 -4.02 19.44
N ASP F 14 75.31 -2.84 18.93
CA ASP F 14 75.48 -1.66 19.77
C ASP F 14 74.19 -0.85 19.85
N GLY F 15 73.12 -1.39 19.27
CA GLY F 15 71.83 -0.73 19.31
C GLY F 15 71.51 0.30 18.25
N ARG F 16 72.15 0.21 17.09
CA ARG F 16 71.89 1.18 16.02
C ARG F 16 71.10 0.60 14.86
N ASN F 17 70.74 1.49 13.95
CA ASN F 17 69.99 1.14 12.75
C ASN F 17 70.78 1.74 11.61
N PHE F 18 71.74 0.98 11.11
CA PHE F 18 72.59 1.46 10.04
C PHE F 18 71.86 1.97 8.81
N GLN F 19 70.80 1.29 8.40
CA GLN F 19 70.06 1.74 7.24
C GLN F 19 69.67 3.20 7.40
N VAL F 20 69.16 3.55 8.59
CA VAL F 20 68.77 4.93 8.88
C VAL F 20 70.01 5.80 8.79
N GLU F 21 71.10 5.32 9.38
CA GLU F 21 72.35 6.04 9.36
C GLU F 21 72.83 6.24 7.92
N TYR F 22 72.68 5.22 7.08
CA TYR F 22 73.11 5.35 5.70
C TYR F 22 72.23 6.36 5.00
N ALA F 23 70.99 6.51 5.46
CA ALA F 23 70.07 7.46 4.86
C ALA F 23 70.61 8.87 5.11
N VAL F 24 71.02 9.12 6.35
CA VAL F 24 71.56 10.41 6.74
C VAL F 24 72.68 10.80 5.78
N LYS F 25 73.38 9.79 5.26
CA LYS F 25 74.46 10.07 4.32
C LYS F 25 73.86 10.77 3.11
N ALA F 26 72.83 10.14 2.53
CA ALA F 26 72.17 10.71 1.36
C ALA F 26 71.73 12.15 1.62
N VAL F 27 71.45 12.46 2.87
CA VAL F 27 71.02 13.81 3.23
C VAL F 27 72.16 14.80 3.24
N GLU F 28 73.16 14.52 4.07
CA GLU F 28 74.32 15.40 4.21
C GLU F 28 74.90 15.71 2.84
N ASN F 29 74.76 14.75 1.94
CA ASN F 29 75.27 14.91 0.60
C ASN F 29 74.44 15.90 -0.20
N GLY F 30 73.22 16.15 0.25
CA GLY F 30 72.36 17.07 -0.46
C GLY F 30 72.67 18.55 -0.27
N THR F 31 71.88 19.37 -0.97
CA THR F 31 71.99 20.83 -0.91
C THR F 31 71.77 21.31 0.52
N THR F 32 72.16 22.55 0.78
CA THR F 32 71.97 23.08 2.12
C THR F 32 70.67 23.89 2.17
N SER F 33 70.02 23.86 3.33
CA SER F 33 68.77 24.56 3.55
C SER F 33 68.63 24.91 5.04
N ILE F 34 68.05 26.08 5.31
CA ILE F 34 67.89 26.52 6.69
C ILE F 34 66.51 27.03 7.04
N GLY F 35 66.36 27.30 8.33
CA GLY F 35 65.13 27.82 8.87
C GLY F 35 65.52 28.75 10.00
N ILE F 36 64.94 29.94 10.01
CA ILE F 36 65.24 30.91 11.05
C ILE F 36 63.93 31.31 11.69
N LYS F 37 63.81 31.11 12.99
CA LYS F 37 62.58 31.47 13.69
C LYS F 37 62.66 32.91 14.21
N CYS F 38 62.00 33.84 13.52
CA CYS F 38 62.02 35.23 13.95
C CYS F 38 61.02 35.40 15.10
N ASN F 39 60.81 36.63 15.55
CA ASN F 39 59.91 36.87 16.68
C ASN F 39 58.39 36.80 16.44
N ASP F 40 57.98 36.49 15.22
CA ASP F 40 56.54 36.36 14.93
C ASP F 40 56.30 35.50 13.69
N GLY F 41 57.25 34.62 13.39
CA GLY F 41 57.11 33.78 12.23
C GLY F 41 58.35 32.95 12.01
N VAL F 42 58.53 32.46 10.79
CA VAL F 42 59.69 31.65 10.47
C VAL F 42 60.09 31.93 9.03
N VAL F 43 61.38 31.90 8.75
CA VAL F 43 61.87 32.15 7.39
C VAL F 43 62.56 30.90 6.88
N PHE F 44 62.28 30.54 5.64
CA PHE F 44 62.91 29.36 5.05
C PHE F 44 63.72 29.78 3.83
N ALA F 45 64.91 29.18 3.68
CA ALA F 45 65.78 29.46 2.54
C ALA F 45 66.46 28.16 2.10
N VAL F 46 66.80 28.08 0.83
CA VAL F 46 67.45 26.90 0.30
C VAL F 46 68.48 27.21 -0.80
N GLU F 47 69.43 26.30 -0.96
CA GLU F 47 70.47 26.40 -1.96
C GLU F 47 70.00 25.63 -3.20
N LYS F 48 69.94 26.30 -4.35
CA LYS F 48 69.52 25.65 -5.59
C LYS F 48 70.69 25.64 -6.57
N LEU F 49 71.43 24.53 -6.63
CA LEU F 49 72.57 24.48 -7.54
C LEU F 49 72.19 24.50 -9.01
N ILE F 50 72.88 25.36 -9.75
CA ILE F 50 72.65 25.49 -11.16
C ILE F 50 73.57 24.51 -11.90
N THR F 51 73.07 23.31 -12.13
CA THR F 51 73.80 22.27 -12.83
C THR F 51 74.23 22.72 -14.22
N SER F 52 73.48 23.63 -14.83
CA SER F 52 73.81 24.15 -16.15
C SER F 52 72.95 25.36 -16.45
N LYS F 53 73.33 26.11 -17.48
CA LYS F 53 72.57 27.30 -17.88
C LYS F 53 71.22 26.88 -18.45
N LEU F 54 71.07 25.58 -18.69
CA LEU F 54 69.83 25.04 -19.25
C LEU F 54 68.63 25.10 -18.31
N LEU F 55 68.87 25.01 -17.00
CA LEU F 55 67.80 25.07 -16.02
C LEU F 55 67.11 26.42 -16.09
N VAL F 56 65.82 26.41 -16.41
CA VAL F 56 65.07 27.65 -16.51
C VAL F 56 65.13 28.25 -15.11
N PRO F 57 65.67 29.47 -15.00
CA PRO F 57 65.80 30.17 -13.72
C PRO F 57 64.46 30.44 -13.05
N GLN F 58 64.45 30.37 -11.71
CA GLN F 58 63.24 30.62 -10.94
C GLN F 58 62.19 29.53 -11.13
N LYS F 59 62.49 28.52 -11.93
CA LYS F 59 61.49 27.50 -12.20
C LYS F 59 61.39 26.26 -11.33
N ASN F 60 62.48 25.55 -11.12
CA ASN F 60 62.38 24.34 -10.32
C ASN F 60 62.31 24.61 -8.82
N VAL F 61 61.17 25.14 -8.38
CA VAL F 61 60.93 25.50 -6.98
C VAL F 61 61.06 24.34 -6.01
N LYS F 62 61.74 24.58 -4.89
CA LYS F 62 61.96 23.54 -3.89
C LYS F 62 61.07 23.62 -2.65
N ILE F 63 60.99 24.80 -2.04
CA ILE F 63 60.17 24.97 -0.84
C ILE F 63 58.71 24.66 -1.10
N GLN F 64 58.10 23.88 -0.21
CA GLN F 64 56.71 23.51 -0.38
C GLN F 64 55.86 23.99 0.79
N VAL F 65 54.60 24.27 0.50
CA VAL F 65 53.67 24.70 1.53
C VAL F 65 52.69 23.55 1.83
N VAL F 66 52.32 23.43 3.09
CA VAL F 66 51.37 22.43 3.49
C VAL F 66 50.20 23.24 4.02
N ASP F 67 49.03 23.02 3.41
CA ASP F 67 47.82 23.74 3.76
C ASP F 67 48.00 25.16 3.26
N ARG F 68 48.00 26.10 4.21
CA ARG F 68 48.16 27.52 3.87
C ARG F 68 49.08 28.26 4.85
N HIS F 69 49.44 27.63 5.96
CA HIS F 69 50.26 28.26 6.97
C HIS F 69 51.58 27.54 7.29
N ILE F 70 51.81 26.38 6.69
CA ILE F 70 53.03 25.63 6.97
C ILE F 70 53.98 25.60 5.79
N GLY F 71 55.27 25.68 6.09
CA GLY F 71 56.29 25.66 5.05
C GLY F 71 57.25 24.50 5.24
N CYS F 72 57.61 23.87 4.14
CA CYS F 72 58.55 22.75 4.17
C CYS F 72 59.72 22.93 3.21
N VAL F 73 60.90 22.59 3.70
CA VAL F 73 62.12 22.65 2.91
C VAL F 73 62.91 21.44 3.39
N TYR F 74 63.57 20.76 2.48
CA TYR F 74 64.34 19.58 2.84
C TYR F 74 65.58 19.40 1.98
N SER F 75 66.55 18.69 2.55
CA SER F 75 67.81 18.40 1.88
C SER F 75 67.93 16.91 1.75
N GLY F 76 68.40 16.45 0.60
CA GLY F 76 68.56 15.02 0.40
C GLY F 76 67.87 14.57 -0.87
N LEU F 77 67.20 13.42 -0.80
CA LEU F 77 66.47 12.86 -1.93
C LEU F 77 65.15 13.59 -2.13
N ILE F 78 65.17 14.62 -2.97
CA ILE F 78 63.99 15.41 -3.26
C ILE F 78 62.71 14.58 -3.39
N PRO F 79 62.69 13.56 -4.27
CA PRO F 79 61.47 12.76 -4.39
C PRO F 79 60.95 12.27 -3.04
N ASP F 80 61.85 11.84 -2.15
CA ASP F 80 61.40 11.41 -0.82
C ASP F 80 60.82 12.62 -0.09
N GLY F 81 61.40 13.79 -0.36
CA GLY F 81 60.96 15.03 0.26
C GLY F 81 59.53 15.31 -0.07
N ARG F 82 59.21 15.30 -1.37
CA ARG F 82 57.86 15.51 -1.84
C ARG F 82 56.92 14.48 -1.24
N HIS F 83 57.29 13.21 -1.36
CA HIS F 83 56.50 12.12 -0.81
C HIS F 83 56.06 12.46 0.61
N LEU F 84 57.01 12.93 1.41
CA LEU F 84 56.70 13.29 2.80
C LEU F 84 55.69 14.42 2.88
N VAL F 85 55.90 15.49 2.09
CA VAL F 85 54.97 16.62 2.08
C VAL F 85 53.56 16.21 1.68
N ASN F 86 53.45 15.32 0.69
CA ASN F 86 52.15 14.83 0.27
C ASN F 86 51.44 14.26 1.48
N ARG F 87 52.12 13.40 2.21
CA ARG F 87 51.56 12.81 3.40
C ARG F 87 51.18 13.87 4.43
N GLY F 88 52.02 14.89 4.54
CA GLY F 88 51.74 15.95 5.49
C GLY F 88 50.47 16.66 5.10
N ARG F 89 50.31 16.87 3.79
CA ARG F 89 49.13 17.55 3.27
C ARG F 89 47.87 16.76 3.60
N GLU F 90 47.89 15.46 3.36
CA GLU F 90 46.74 14.62 3.66
C GLU F 90 46.54 14.69 5.14
N GLU F 91 47.64 14.55 5.87
CA GLU F 91 47.63 14.57 7.33
C GLU F 91 46.97 15.87 7.84
N ALA F 92 47.38 17.02 7.30
CA ALA F 92 46.82 18.29 7.72
C ALA F 92 45.33 18.37 7.36
N ALA F 93 44.99 17.95 6.14
CA ALA F 93 43.61 17.96 5.67
C ALA F 93 42.70 17.11 6.54
N SER F 94 43.15 15.91 6.87
CA SER F 94 42.37 15.02 7.70
C SER F 94 42.08 15.75 9.01
N PHE F 95 43.12 16.34 9.60
CA PHE F 95 43.00 17.09 10.84
C PHE F 95 41.94 18.20 10.76
N LYS F 96 42.12 19.15 9.83
CA LYS F 96 41.21 20.26 9.71
C LYS F 96 39.77 19.79 9.55
N LYS F 97 39.56 18.85 8.63
CA LYS F 97 38.23 18.30 8.39
C LYS F 97 37.47 17.90 9.64
N LEU F 98 38.16 17.33 10.62
CA LEU F 98 37.49 16.89 11.85
C LEU F 98 37.44 17.92 12.97
N TYR F 99 38.53 18.67 13.12
CA TYR F 99 38.61 19.67 14.18
C TYR F 99 38.42 21.11 13.67
N LYS F 100 38.18 21.26 12.38
CA LYS F 100 37.93 22.57 11.78
C LYS F 100 39.16 23.47 11.75
N THR F 101 39.77 23.65 12.91
CA THR F 101 40.96 24.50 13.01
C THR F 101 42.14 23.96 12.17
N PRO F 102 42.83 24.85 11.43
CA PRO F 102 43.97 24.39 10.62
C PRO F 102 45.02 23.81 11.57
N ILE F 103 45.55 22.64 11.23
CA ILE F 103 46.53 21.94 12.07
C ILE F 103 47.66 22.76 12.70
N PRO F 104 47.81 22.65 14.02
CA PRO F 104 48.84 23.35 14.81
C PRO F 104 50.22 22.83 14.42
N ILE F 105 51.18 23.74 14.26
CA ILE F 105 52.52 23.35 13.87
C ILE F 105 53.04 22.16 14.66
N PRO F 106 52.94 22.21 15.99
CA PRO F 106 53.42 21.08 16.77
C PRO F 106 52.76 19.76 16.36
N ALA F 107 51.42 19.76 16.35
CA ALA F 107 50.67 18.56 15.99
C ALA F 107 51.11 18.05 14.62
N PHE F 108 51.32 18.97 13.69
CA PHE F 108 51.76 18.60 12.36
C PHE F 108 53.12 17.94 12.43
N ALA F 109 53.98 18.52 13.27
CA ALA F 109 55.33 18.00 13.43
C ALA F 109 55.22 16.54 13.77
N ASP F 110 54.56 16.22 14.89
CA ASP F 110 54.45 14.83 15.27
C ASP F 110 53.72 14.01 14.24
N ARG F 111 52.89 14.65 13.43
CA ARG F 111 52.20 13.91 12.40
C ARG F 111 53.26 13.38 11.42
N LEU F 112 54.18 14.24 11.00
CA LEU F 112 55.25 13.82 10.08
C LEU F 112 56.23 12.92 10.81
N GLY F 113 56.43 13.22 12.09
CA GLY F 113 57.34 12.45 12.91
C GLY F 113 56.97 10.99 13.01
N GLN F 114 55.71 10.70 13.32
CA GLN F 114 55.25 9.33 13.48
C GLN F 114 55.31 8.60 12.15
N TYR F 115 55.02 9.32 11.06
CA TYR F 115 55.04 8.71 9.73
C TYR F 115 56.45 8.26 9.41
N VAL F 116 57.40 9.18 9.54
CA VAL F 116 58.81 8.89 9.28
C VAL F 116 59.35 7.77 10.16
N GLN F 117 59.08 7.84 11.45
CA GLN F 117 59.54 6.83 12.38
C GLN F 117 58.98 5.47 11.94
N ALA F 118 57.82 5.52 11.30
CA ALA F 118 57.16 4.32 10.83
C ALA F 118 58.02 3.55 9.83
N HIS F 119 58.86 4.27 9.09
CA HIS F 119 59.73 3.69 8.06
C HIS F 119 61.07 3.18 8.57
N THR F 120 61.16 2.98 9.89
CA THR F 120 62.38 2.49 10.51
C THR F 120 61.93 1.24 11.29
N LEU F 121 60.69 0.85 11.06
CA LEU F 121 60.09 -0.28 11.76
C LEU F 121 60.04 -1.59 11.01
N TYR F 122 60.10 -1.54 9.67
CA TYR F 122 59.99 -2.75 8.87
C TYR F 122 61.10 -2.86 7.85
N ASN F 123 61.47 -4.08 7.50
CA ASN F 123 62.52 -4.28 6.53
C ASN F 123 61.95 -4.19 5.12
N SER F 124 60.63 -4.03 5.01
CA SER F 124 59.98 -3.94 3.71
C SER F 124 59.92 -2.51 3.20
N VAL F 125 60.47 -1.58 3.96
CA VAL F 125 60.50 -0.20 3.52
C VAL F 125 61.84 0.42 3.78
N ARG F 126 62.10 1.50 3.07
CA ARG F 126 63.34 2.23 3.17
C ARG F 126 63.10 3.51 3.95
N PRO F 127 64.05 3.92 4.79
CA PRO F 127 63.86 5.16 5.55
C PRO F 127 63.88 6.38 4.60
N PHE F 128 63.44 7.53 5.09
CA PHE F 128 63.44 8.71 4.23
C PHE F 128 64.83 9.29 4.03
N GLY F 129 65.15 9.57 2.77
CA GLY F 129 66.44 10.12 2.47
C GLY F 129 66.43 11.63 2.53
N VAL F 130 65.79 12.19 3.55
CA VAL F 130 65.71 13.64 3.68
C VAL F 130 65.60 14.14 5.13
N SER F 131 66.08 15.35 5.34
CA SER F 131 65.93 15.96 6.64
C SER F 131 65.03 17.12 6.26
N THR F 132 64.04 17.44 7.09
CA THR F 132 63.13 18.50 6.73
C THR F 132 62.97 19.57 7.76
N ILE F 133 63.12 20.80 7.29
CA ILE F 133 62.96 21.99 8.12
C ILE F 133 61.59 22.50 7.70
N PHE F 134 60.71 22.66 8.68
CA PHE F 134 59.36 23.13 8.40
C PHE F 134 58.81 23.89 9.61
N GLY F 135 57.74 24.63 9.38
CA GLY F 135 57.13 25.38 10.47
C GLY F 135 56.13 26.39 9.97
N GLY F 136 55.59 27.16 10.90
CA GLY F 136 54.62 28.18 10.56
C GLY F 136 54.07 28.82 11.81
N VAL F 137 53.02 29.61 11.65
CA VAL F 137 52.41 30.30 12.78
C VAL F 137 51.07 29.65 13.10
N ASP F 138 50.76 29.57 14.39
CA ASP F 138 49.49 29.00 14.77
C ASP F 138 48.92 29.76 15.94
N LYS F 139 47.92 29.16 16.58
CA LYS F 139 47.23 29.78 17.71
C LYS F 139 48.16 30.39 18.75
N ASN F 140 49.36 29.82 18.91
CA ASN F 140 50.27 30.39 19.91
C ASN F 140 51.66 30.67 19.44
N GLY F 141 51.79 31.47 18.38
CA GLY F 141 53.11 31.84 17.92
C GLY F 141 53.65 31.07 16.73
N ALA F 142 54.96 31.21 16.54
CA ALA F 142 55.65 30.56 15.44
C ALA F 142 56.43 29.35 15.96
N HIS F 143 56.75 28.44 15.05
CA HIS F 143 57.49 27.24 15.42
C HIS F 143 58.37 26.81 14.25
N LEU F 144 59.62 26.44 14.57
CA LEU F 144 60.54 25.97 13.55
C LEU F 144 60.84 24.54 13.95
N TYR F 145 60.89 23.63 12.98
CA TYR F 145 61.14 22.21 13.25
C TYR F 145 62.02 21.53 12.22
N MET F 146 62.83 20.57 12.68
CA MET F 146 63.66 19.80 11.78
C MET F 146 63.45 18.31 12.07
N LEU F 147 63.21 17.56 11.00
CA LEU F 147 62.94 16.14 11.10
C LEU F 147 64.01 15.30 10.39
N GLU F 148 64.58 14.33 11.11
CA GLU F 148 65.64 13.45 10.61
C GLU F 148 65.09 12.11 10.12
N PRO F 149 65.80 11.45 9.19
CA PRO F 149 65.36 10.15 8.66
C PRO F 149 65.01 9.16 9.76
N SER F 150 65.58 9.36 10.93
CA SER F 150 65.31 8.46 12.05
C SER F 150 63.91 8.69 12.59
N GLY F 151 63.33 9.82 12.21
CA GLY F 151 62.00 10.17 12.69
C GLY F 151 62.13 11.18 13.83
N SER F 152 63.36 11.46 14.23
CA SER F 152 63.57 12.39 15.32
C SER F 152 63.39 13.84 14.89
N TYR F 153 62.87 14.66 15.79
CA TYR F 153 62.64 16.07 15.52
C TYR F 153 62.49 16.86 16.81
N TRP F 154 62.90 18.13 16.76
CA TRP F 154 62.81 19.02 17.91
C TRP F 154 62.53 20.43 17.42
N GLY F 155 62.13 21.30 18.32
CA GLY F 155 61.87 22.68 17.96
C GLY F 155 63.17 23.45 18.00
N TYR F 156 63.46 24.23 16.94
CA TYR F 156 64.69 25.01 16.87
C TYR F 156 64.46 26.51 16.74
N LYS F 157 65.49 27.26 17.12
CA LYS F 157 65.49 28.72 17.01
C LYS F 157 66.04 28.96 15.61
N GLY F 158 66.92 28.05 15.21
CA GLY F 158 67.52 28.12 13.89
C GLY F 158 67.85 26.68 13.54
N ALA F 159 67.83 26.35 12.25
CA ALA F 159 68.15 24.98 11.86
C ALA F 159 68.72 24.94 10.46
N ALA F 160 69.60 23.97 10.23
CA ALA F 160 70.24 23.84 8.94
C ALA F 160 70.52 22.37 8.66
N THR F 161 70.61 22.04 7.38
CA THR F 161 70.89 20.67 7.01
C THR F 161 71.48 20.63 5.61
N GLY F 162 72.22 19.58 5.31
CA GLY F 162 72.83 19.43 4.00
C GLY F 162 74.35 19.56 3.94
N LYS F 163 74.84 19.87 2.76
CA LYS F 163 76.26 20.03 2.53
C LYS F 163 76.85 21.07 3.47
N GLY F 164 76.39 22.33 3.32
CA GLY F 164 76.91 23.41 4.15
C GLY F 164 76.28 23.55 5.52
N ARG F 165 75.74 22.45 6.03
CA ARG F 165 75.09 22.45 7.32
C ARG F 165 75.91 23.06 8.46
N GLN F 166 77.22 22.84 8.48
CA GLN F 166 78.08 23.38 9.54
C GLN F 166 78.26 24.90 9.45
N SER F 167 78.66 25.40 8.28
CA SER F 167 78.84 26.84 8.11
C SER F 167 77.59 27.51 8.64
N ALA F 168 76.44 26.99 8.22
CA ALA F 168 75.15 27.50 8.62
C ALA F 168 75.03 27.44 10.13
N LYS F 169 74.91 26.23 10.68
CA LYS F 169 74.79 26.09 12.11
C LYS F 169 75.72 27.05 12.82
N ALA F 170 76.86 27.32 12.20
CA ALA F 170 77.83 28.25 12.78
C ALA F 170 77.23 29.64 12.81
N GLU F 171 76.76 30.09 11.65
CA GLU F 171 76.15 31.40 11.53
C GLU F 171 74.87 31.57 12.34
N LEU F 172 74.01 30.56 12.28
CA LEU F 172 72.75 30.59 13.02
C LEU F 172 73.04 30.82 14.50
N GLU F 173 74.02 30.11 15.04
CA GLU F 173 74.38 30.25 16.45
C GLU F 173 74.84 31.67 16.75
N LYS F 174 75.57 32.26 15.81
CA LYS F 174 76.04 33.63 16.00
C LYS F 174 74.83 34.53 16.18
N LEU F 175 73.84 34.39 15.30
CA LEU F 175 72.62 35.18 15.39
C LEU F 175 71.99 35.05 16.76
N VAL F 176 71.71 33.80 17.15
CA VAL F 176 71.08 33.53 18.44
C VAL F 176 71.76 34.31 19.57
N ASP F 177 73.10 34.41 19.53
CA ASP F 177 73.84 35.12 20.56
C ASP F 177 73.74 36.64 20.48
N HIS F 178 73.79 37.16 19.25
CA HIS F 178 73.74 38.60 19.04
C HIS F 178 72.32 39.15 18.90
N HIS F 179 71.33 38.38 19.34
CA HIS F 179 69.93 38.80 19.26
C HIS F 179 69.11 38.07 20.29
N PRO F 180 69.37 38.34 21.58
CA PRO F 180 68.61 37.68 22.64
C PRO F 180 67.15 38.13 22.65
N GLU F 181 66.92 39.35 22.19
CA GLU F 181 65.58 39.93 22.14
C GLU F 181 64.77 39.52 20.91
N GLY F 182 65.39 38.79 20.00
CA GLY F 182 64.68 38.34 18.81
C GLY F 182 65.05 39.02 17.51
N LEU F 183 64.73 38.35 16.41
CA LEU F 183 65.01 38.85 15.09
C LEU F 183 63.66 39.12 14.43
N SER F 184 63.59 40.11 13.54
CA SER F 184 62.33 40.42 12.88
C SER F 184 62.22 39.61 11.59
N ALA F 185 60.99 39.35 11.16
CA ALA F 185 60.76 38.59 9.93
C ALA F 185 61.58 39.19 8.79
N ARG F 186 61.51 40.52 8.66
CA ARG F 186 62.23 41.26 7.63
C ARG F 186 63.72 40.93 7.71
N GLU F 187 64.27 41.04 8.93
CA GLU F 187 65.68 40.78 9.18
C GLU F 187 66.08 39.33 8.95
N ALA F 188 65.23 38.40 9.36
CA ALA F 188 65.50 36.98 9.19
C ALA F 188 65.62 36.61 7.70
N VAL F 189 64.88 37.31 6.85
CA VAL F 189 64.94 37.04 5.43
C VAL F 189 66.33 37.40 4.94
N LYS F 190 66.83 38.56 5.38
CA LYS F 190 68.17 39.02 4.98
C LYS F 190 69.24 38.05 5.49
N GLN F 191 69.28 37.90 6.81
CA GLN F 191 70.22 37.02 7.49
C GLN F 191 70.25 35.65 6.86
N ALA F 192 69.08 35.17 6.42
CA ALA F 192 68.97 33.86 5.79
C ALA F 192 69.72 33.85 4.46
N ALA F 193 69.49 34.87 3.66
CA ALA F 193 70.15 34.98 2.36
C ALA F 193 71.66 34.98 2.56
N LYS F 194 72.13 35.65 3.60
CA LYS F 194 73.56 35.69 3.88
C LYS F 194 74.03 34.28 4.22
N ILE F 195 73.42 33.71 5.28
CA ILE F 195 73.75 32.37 5.75
C ILE F 195 73.72 31.33 4.64
N ILE F 196 72.93 31.54 3.60
CA ILE F 196 72.91 30.58 2.51
C ILE F 196 74.13 30.83 1.66
N TYR F 197 74.43 32.10 1.41
CA TYR F 197 75.59 32.47 0.60
C TYR F 197 76.91 31.98 1.20
N LEU F 198 77.01 32.01 2.52
CA LEU F 198 78.21 31.56 3.21
C LEU F 198 78.27 30.04 3.11
N ALA F 199 77.19 29.37 3.46
CA ALA F 199 77.14 27.91 3.40
C ALA F 199 77.39 27.38 1.99
N HIS F 200 77.32 28.25 1.00
CA HIS F 200 77.54 27.81 -0.37
C HIS F 200 79.01 27.57 -0.70
N GLU F 201 79.91 27.89 0.23
CA GLU F 201 81.36 27.69 0.01
C GLU F 201 81.78 26.23 -0.05
N ASP F 202 80.99 25.36 0.57
CA ASP F 202 81.28 23.93 0.58
C ASP F 202 80.64 23.32 -0.67
N ASN F 203 80.60 24.13 -1.73
CA ASN F 203 80.02 23.74 -3.00
C ASN F 203 80.28 24.88 -4.00
N LYS F 204 81.21 25.75 -3.63
CA LYS F 204 81.61 26.92 -4.42
C LYS F 204 81.97 26.59 -5.86
N GLU F 205 81.87 25.31 -6.22
CA GLU F 205 82.19 24.86 -7.56
C GLU F 205 81.11 25.18 -8.57
N LYS F 206 79.86 24.84 -8.23
CA LYS F 206 78.71 25.08 -9.11
C LYS F 206 78.02 26.37 -8.67
N ASP F 207 77.46 27.11 -9.62
CA ASP F 207 76.77 28.35 -9.29
C ASP F 207 75.39 27.96 -8.77
N PHE F 208 74.79 28.82 -7.95
CA PHE F 208 73.48 28.50 -7.40
C PHE F 208 72.42 29.58 -7.57
N GLU F 209 71.26 29.31 -6.99
CA GLU F 209 70.10 30.20 -7.03
C GLU F 209 69.45 30.15 -5.65
N LEU F 210 69.24 31.32 -5.07
CA LEU F 210 68.64 31.43 -3.76
C LEU F 210 67.11 31.34 -3.81
N GLU F 211 66.51 30.82 -2.75
CA GLU F 211 65.06 30.70 -2.68
C GLU F 211 64.60 30.84 -1.22
N ILE F 212 63.96 31.96 -0.91
CA ILE F 212 63.48 32.22 0.44
C ILE F 212 61.95 32.24 0.49
N SER F 213 61.40 31.87 1.64
CA SER F 213 59.96 31.89 1.83
C SER F 213 59.75 32.13 3.32
N TRP F 214 58.70 32.85 3.67
CA TRP F 214 58.44 33.15 5.07
C TRP F 214 56.97 33.04 5.44
N CYS F 215 56.73 32.98 6.74
CA CYS F 215 55.41 32.88 7.31
C CYS F 215 55.49 33.79 8.55
N SER F 216 55.00 35.01 8.40
CA SER F 216 55.01 35.97 9.50
C SER F 216 53.64 36.50 9.80
N LEU F 217 53.35 36.58 11.09
CA LEU F 217 52.08 37.06 11.60
C LEU F 217 51.85 38.49 11.13
N SER F 218 52.89 39.32 11.20
CA SER F 218 52.77 40.71 10.80
C SER F 218 53.10 40.96 9.33
N GLU F 219 53.91 40.08 8.74
CA GLU F 219 54.30 40.28 7.36
C GLU F 219 53.44 39.58 6.33
N THR F 220 52.96 38.38 6.65
CA THR F 220 52.14 37.61 5.72
C THR F 220 50.82 37.16 6.31
N ASN F 221 50.43 37.74 7.44
CA ASN F 221 49.17 37.37 8.07
C ASN F 221 49.13 35.90 8.42
N GLY F 222 50.23 35.39 8.97
CA GLY F 222 50.26 33.99 9.36
C GLY F 222 50.17 33.02 8.20
N LEU F 223 50.26 33.52 6.97
CA LEU F 223 50.20 32.63 5.82
C LEU F 223 51.60 32.47 5.28
N HIS F 224 51.90 31.27 4.79
CA HIS F 224 53.21 30.99 4.22
C HIS F 224 53.27 31.58 2.84
N LYS F 225 54.34 32.31 2.53
CA LYS F 225 54.49 32.93 1.22
C LYS F 225 55.95 32.98 0.76
N PHE F 226 56.16 33.02 -0.55
CA PHE F 226 57.51 33.09 -1.10
C PHE F 226 57.96 34.53 -1.18
N VAL F 227 59.20 34.78 -0.77
CA VAL F 227 59.74 36.12 -0.84
C VAL F 227 60.18 36.32 -2.28
N LYS F 228 59.57 37.29 -2.97
CA LYS F 228 59.90 37.53 -4.36
C LYS F 228 60.29 38.98 -4.64
N GLY F 229 60.52 39.26 -5.92
CA GLY F 229 60.86 40.60 -6.38
C GLY F 229 61.85 41.43 -5.60
N ASP F 230 61.43 42.65 -5.28
CA ASP F 230 62.25 43.61 -4.55
C ASP F 230 62.83 43.11 -3.23
N LEU F 231 61.96 42.68 -2.32
CA LEU F 231 62.45 42.21 -1.03
C LEU F 231 63.48 41.10 -1.21
N LEU F 232 63.33 40.31 -2.27
CA LEU F 232 64.25 39.22 -2.55
C LEU F 232 65.63 39.74 -2.96
N GLN F 233 65.65 40.55 -4.02
CA GLN F 233 66.89 41.13 -4.53
C GLN F 233 67.61 41.86 -3.41
N GLU F 234 66.82 42.60 -2.63
CA GLU F 234 67.33 43.35 -1.51
C GLU F 234 68.15 42.45 -0.58
N ALA F 235 67.67 41.24 -0.35
CA ALA F 235 68.36 40.29 0.51
C ALA F 235 69.57 39.70 -0.24
N ILE F 236 69.39 39.38 -1.52
CA ILE F 236 70.48 38.84 -2.30
C ILE F 236 71.63 39.83 -2.21
N ASP F 237 71.30 41.12 -2.22
CA ASP F 237 72.31 42.15 -2.12
C ASP F 237 72.94 42.18 -0.74
N PHE F 238 72.12 42.29 0.29
CA PHE F 238 72.65 42.30 1.66
C PHE F 238 73.62 41.14 1.89
N ALA F 239 73.42 40.03 1.18
CA ALA F 239 74.29 38.87 1.31
C ALA F 239 75.54 39.07 0.48
N GLN F 240 75.34 39.30 -0.83
CA GLN F 240 76.45 39.53 -1.76
C GLN F 240 77.44 40.56 -1.24
N LYS F 241 76.93 41.51 -0.45
CA LYS F 241 77.76 42.54 0.11
C LYS F 241 78.62 42.01 1.24
N GLU F 242 78.03 41.22 2.13
CA GLU F 242 78.78 40.69 3.26
C GLU F 242 79.60 39.46 2.94
N ILE F 243 79.56 38.99 1.70
CA ILE F 243 80.34 37.84 1.33
C ILE F 243 81.70 38.35 0.85
N ASN F 244 81.87 39.68 0.89
CA ASN F 244 83.11 40.33 0.48
C ASN F 244 83.54 41.38 1.50
N ALA G 1 71.25 -19.36 8.57
CA ALA G 1 71.41 -19.81 9.98
C ALA G 1 71.78 -18.65 10.90
N GLY G 2 72.81 -17.89 10.49
CA GLY G 2 73.31 -16.75 11.24
C GLY G 2 72.42 -15.52 11.23
N TYR G 3 71.15 -15.72 10.89
CA TYR G 3 70.19 -14.62 10.88
C TYR G 3 69.37 -14.65 12.14
N ASP G 4 69.72 -15.56 13.04
CA ASP G 4 69.00 -15.67 14.30
C ASP G 4 69.41 -14.48 15.15
N ARG G 5 70.07 -13.52 14.51
CA ARG G 5 70.52 -12.32 15.18
C ARG G 5 70.01 -11.08 14.47
N HIS G 6 69.20 -11.28 13.44
CA HIS G 6 68.65 -10.17 12.67
C HIS G 6 67.15 -10.00 12.92
N ILE G 7 66.49 -11.11 13.21
CA ILE G 7 65.07 -11.10 13.48
C ILE G 7 64.81 -11.77 14.83
N THR G 8 63.60 -11.61 15.34
CA THR G 8 63.27 -12.16 16.63
C THR G 8 62.92 -13.64 16.69
N ILE G 9 63.93 -14.48 16.45
CA ILE G 9 63.75 -15.91 16.53
C ILE G 9 64.84 -16.37 17.48
N PHE G 10 64.69 -17.58 18.02
CA PHE G 10 65.65 -18.10 18.96
C PHE G 10 67.05 -18.36 18.46
N SER G 11 68.01 -18.26 19.38
CA SER G 11 69.41 -18.56 19.08
C SER G 11 69.58 -19.91 19.77
N PRO G 12 70.62 -20.66 19.43
CA PRO G 12 70.72 -21.94 20.13
C PRO G 12 70.77 -21.77 21.64
N GLU G 13 71.32 -20.65 22.12
CA GLU G 13 71.37 -20.42 23.55
C GLU G 13 69.94 -20.21 24.06
N GLY G 14 69.01 -20.05 23.12
CA GLY G 14 67.62 -19.82 23.48
C GLY G 14 67.42 -18.35 23.75
N ARG G 15 68.22 -17.51 23.12
CA ARG G 15 68.16 -16.07 23.32
C ARG G 15 67.64 -15.31 22.12
N LEU G 16 67.26 -14.06 22.36
CA LEU G 16 66.74 -13.19 21.31
C LEU G 16 67.60 -11.95 21.25
N TYR G 17 68.70 -12.04 20.50
CA TYR G 17 69.64 -10.94 20.37
C TYR G 17 69.01 -9.61 20.02
N GLN G 18 68.13 -9.61 19.01
CA GLN G 18 67.47 -8.38 18.59
C GLN G 18 66.80 -7.70 19.75
N VAL G 19 66.33 -8.48 20.71
CA VAL G 19 65.69 -7.94 21.90
C VAL G 19 66.77 -7.30 22.77
N GLU G 20 67.91 -7.97 22.85
CA GLU G 20 69.03 -7.49 23.63
C GLU G 20 69.58 -6.21 23.03
N TYR G 21 69.74 -6.20 21.71
CA TYR G 21 70.27 -5.04 21.04
C TYR G 21 69.29 -3.90 21.20
N ALA G 22 68.01 -4.25 21.38
CA ALA G 22 66.98 -3.23 21.55
C ALA G 22 67.32 -2.52 22.85
N PHE G 23 67.46 -3.33 23.91
CA PHE G 23 67.80 -2.79 25.22
C PHE G 23 68.98 -1.86 25.11
N LYS G 24 69.97 -2.27 24.32
CA LYS G 24 71.16 -1.48 24.15
C LYS G 24 70.82 -0.07 23.65
N ALA G 25 69.84 0.03 22.75
CA ALA G 25 69.46 1.32 22.21
C ALA G 25 68.83 2.24 23.25
N THR G 26 68.27 1.67 24.31
CA THR G 26 67.63 2.50 25.32
C THR G 26 68.58 3.50 25.97
N ASN G 27 69.87 3.19 26.02
CA ASN G 27 70.79 4.13 26.65
C ASN G 27 71.30 5.17 25.68
N GLN G 28 70.94 4.99 24.42
CA GLN G 28 71.39 5.89 23.35
C GLN G 28 71.32 7.37 23.68
N THR G 29 70.42 7.76 24.58
CA THR G 29 70.25 9.16 24.95
C THR G 29 71.15 9.62 26.08
N ASN G 30 71.70 8.66 26.81
CA ASN G 30 72.60 8.96 27.91
C ASN G 30 71.89 9.84 28.95
N ILE G 31 70.69 9.44 29.32
CA ILE G 31 69.90 10.18 30.30
C ILE G 31 69.44 9.19 31.35
N ASN G 32 69.50 9.60 32.62
CA ASN G 32 69.05 8.74 33.70
C ASN G 32 67.78 9.32 34.26
N SER G 33 66.98 8.45 34.86
CA SER G 33 65.74 8.90 35.44
C SER G 33 65.38 7.96 36.58
N LEU G 34 64.61 8.48 37.53
CA LEU G 34 64.18 7.67 38.66
C LEU G 34 62.78 8.07 39.08
N ALA G 35 62.09 7.15 39.76
CA ALA G 35 60.74 7.40 40.22
C ALA G 35 60.61 6.96 41.66
N VAL G 36 59.95 7.78 42.45
CA VAL G 36 59.74 7.45 43.85
C VAL G 36 58.30 7.64 44.22
N ARG G 37 57.87 6.92 45.25
CA ARG G 37 56.50 7.02 45.69
C ARG G 37 56.35 7.80 46.99
N GLY G 38 55.58 8.90 46.93
CA GLY G 38 55.32 9.72 48.08
C GLY G 38 54.25 9.06 48.94
N LYS G 39 53.73 9.79 49.92
CA LYS G 39 52.71 9.25 50.79
C LYS G 39 51.45 9.09 49.93
N ASP G 40 51.23 10.08 49.06
CA ASP G 40 50.08 10.04 48.18
C ASP G 40 50.33 10.84 46.90
N CYS G 41 51.48 10.57 46.29
CA CYS G 41 51.87 11.20 45.03
C CYS G 41 52.98 10.33 44.49
N THR G 42 53.41 10.58 43.26
CA THR G 42 54.47 9.80 42.66
C THR G 42 55.26 10.79 41.82
N VAL G 43 56.58 10.78 41.99
CA VAL G 43 57.42 11.72 41.25
C VAL G 43 58.43 11.02 40.37
N VAL G 44 58.68 11.58 39.19
CA VAL G 44 59.66 11.02 38.27
C VAL G 44 60.64 12.11 37.84
N ILE G 45 61.91 11.88 38.10
CA ILE G 45 62.94 12.82 37.74
C ILE G 45 63.67 12.22 36.56
N SER G 46 64.09 13.07 35.64
CA SER G 46 64.84 12.63 34.48
C SER G 46 65.80 13.73 34.13
N GLN G 47 66.97 13.35 33.65
CA GLN G 47 67.96 14.35 33.27
C GLN G 47 67.53 14.99 31.97
N LYS G 48 67.92 16.23 31.78
CA LYS G 48 67.60 16.91 30.55
C LYS G 48 68.91 17.45 30.02
N LYS G 49 69.25 17.06 28.79
CA LYS G 49 70.49 17.50 28.19
C LYS G 49 70.32 18.12 26.82
N VAL G 50 70.29 19.44 26.77
CA VAL G 50 70.14 20.16 25.51
C VAL G 50 71.45 20.87 25.20
N PRO G 51 72.36 20.17 24.49
CA PRO G 51 73.67 20.67 24.08
C PRO G 51 73.61 21.78 23.03
N ASP G 52 72.84 21.57 21.97
CA ASP G 52 72.72 22.54 20.90
C ASP G 52 72.11 23.86 21.38
N LYS G 53 72.68 24.97 20.94
CA LYS G 53 72.18 26.28 21.33
C LYS G 53 71.03 26.70 20.42
N LEU G 54 70.92 26.05 19.27
CA LEU G 54 69.86 26.36 18.32
C LEU G 54 68.54 25.68 18.67
N LEU G 55 68.60 24.69 19.55
CA LEU G 55 67.41 23.98 19.95
C LEU G 55 66.53 24.80 20.88
N ASP G 56 65.22 24.61 20.76
CA ASP G 56 64.28 25.26 21.64
C ASP G 56 64.07 24.27 22.78
N PRO G 57 64.75 24.49 23.90
CA PRO G 57 64.75 23.70 25.14
C PRO G 57 63.38 23.22 25.53
N THR G 58 62.41 24.11 25.37
CA THR G 58 61.04 23.81 25.75
C THR G 58 60.40 22.66 24.98
N THR G 59 60.87 22.40 23.77
CA THR G 59 60.29 21.32 22.98
C THR G 59 60.94 19.96 23.26
N VAL G 60 62.00 19.96 24.05
CA VAL G 60 62.70 18.72 24.37
C VAL G 60 62.19 18.07 25.65
N SER G 61 61.82 16.80 25.56
CA SER G 61 61.32 16.09 26.73
C SER G 61 61.11 14.60 26.52
N TYR G 62 61.31 13.82 27.58
CA TYR G 62 61.11 12.40 27.52
C TYR G 62 60.06 12.02 28.56
N ILE G 63 59.29 13.02 28.95
CA ILE G 63 58.19 12.83 29.88
C ILE G 63 56.90 13.12 29.10
N PHE G 64 55.90 12.26 29.27
CA PHE G 64 54.63 12.39 28.55
C PHE G 64 53.41 12.25 29.47
N CYS G 65 52.34 12.96 29.12
CA CYS G 65 51.10 12.88 29.86
C CYS G 65 50.19 11.99 29.02
N ILE G 66 49.99 10.75 29.47
CA ILE G 66 49.17 9.83 28.72
C ILE G 66 47.70 10.12 28.93
N SER G 67 47.36 10.54 30.14
CA SER G 67 45.98 10.87 30.50
C SER G 67 46.02 11.79 31.73
N ARG G 68 44.85 12.28 32.13
CA ARG G 68 44.76 13.18 33.29
C ARG G 68 45.52 12.62 34.50
N THR G 69 45.49 11.30 34.66
CA THR G 69 46.12 10.65 35.80
C THR G 69 47.44 9.92 35.54
N ILE G 70 47.65 9.42 34.32
CA ILE G 70 48.86 8.68 34.00
C ILE G 70 49.92 9.49 33.27
N GLY G 71 51.15 9.39 33.78
CA GLY G 71 52.27 10.06 33.17
C GLY G 71 53.26 8.98 32.76
N MET G 72 54.07 9.26 31.75
CA MET G 72 55.04 8.27 31.32
C MET G 72 56.38 8.89 30.91
N VAL G 73 57.45 8.35 31.48
CA VAL G 73 58.79 8.82 31.17
C VAL G 73 59.47 7.69 30.41
N VAL G 74 60.12 8.05 29.31
CA VAL G 74 60.76 7.08 28.46
C VAL G 74 62.28 7.21 28.41
N ASN G 75 62.94 6.07 28.53
CA ASN G 75 64.40 6.00 28.41
C ASN G 75 64.64 5.34 27.07
N GLY G 76 65.17 6.12 26.12
CA GLY G 76 65.42 5.58 24.81
C GLY G 76 65.35 6.69 23.78
N PRO G 77 65.62 6.39 22.49
CA PRO G 77 65.58 7.39 21.41
C PRO G 77 64.21 8.05 21.41
N ILE G 78 64.12 9.29 20.94
CA ILE G 78 62.82 9.95 20.96
C ILE G 78 61.80 9.45 19.92
N PRO G 79 62.22 9.20 18.66
CA PRO G 79 61.20 8.72 17.73
C PRO G 79 60.51 7.44 18.18
N ASP G 80 61.24 6.54 18.83
CA ASP G 80 60.57 5.33 19.34
C ASP G 80 59.78 5.74 20.58
N ALA G 81 60.27 6.75 21.28
CA ALA G 81 59.63 7.24 22.51
C ALA G 81 58.25 7.80 22.22
N ARG G 82 58.12 8.50 21.09
CA ARG G 82 56.86 9.10 20.70
C ARG G 82 55.88 8.07 20.10
N ASN G 83 56.39 7.12 19.34
CA ASN G 83 55.54 6.09 18.79
C ASN G 83 54.88 5.42 19.99
N ALA G 84 55.68 5.12 21.02
CA ALA G 84 55.17 4.48 22.23
C ALA G 84 54.17 5.35 22.96
N ALA G 85 54.50 6.63 23.13
CA ALA G 85 53.60 7.57 23.83
C ALA G 85 52.23 7.59 23.15
N LEU G 86 52.22 7.93 21.88
CA LEU G 86 50.98 7.99 21.12
C LEU G 86 50.13 6.73 21.31
N ARG G 87 50.74 5.57 21.12
CA ARG G 87 49.99 4.33 21.27
C ARG G 87 49.37 4.21 22.64
N ALA G 88 50.13 4.59 23.67
CA ALA G 88 49.62 4.51 25.03
C ALA G 88 48.45 5.47 25.22
N LYS G 89 48.59 6.68 24.67
CA LYS G 89 47.53 7.66 24.77
C LYS G 89 46.25 7.09 24.16
N ALA G 90 46.35 6.61 22.93
CA ALA G 90 45.20 6.00 22.27
C ALA G 90 44.66 4.87 23.15
N GLU G 91 45.53 3.96 23.56
CA GLU G 91 45.09 2.85 24.40
C GLU G 91 44.35 3.36 25.63
N ALA G 92 44.73 4.56 26.09
CA ALA G 92 44.11 5.12 27.29
C ALA G 92 42.71 5.65 27.04
N ALA G 93 42.55 6.34 25.93
CA ALA G 93 41.26 6.93 25.55
C ALA G 93 40.28 5.81 25.22
N GLU G 94 40.72 4.84 24.45
CA GLU G 94 39.85 3.76 24.09
C GLU G 94 39.36 3.03 25.33
N PHE G 95 40.26 2.77 26.26
CA PHE G 95 39.88 2.04 27.47
C PHE G 95 38.73 2.74 28.21
N ARG G 96 38.90 4.05 28.40
CA ARG G 96 37.89 4.85 29.08
C ARG G 96 36.54 4.68 28.40
N TYR G 97 36.54 4.92 27.09
CA TYR G 97 35.35 4.82 26.27
C TYR G 97 34.63 3.47 26.39
N LYS G 98 35.40 2.40 26.26
CA LYS G 98 34.81 1.08 26.33
C LYS G 98 34.39 0.60 27.69
N TYR G 99 35.16 0.95 28.72
CA TYR G 99 34.86 0.47 30.06
C TYR G 99 34.26 1.47 31.02
N GLY G 100 34.23 2.73 30.62
CA GLY G 100 33.62 3.75 31.44
C GLY G 100 34.36 4.22 32.69
N TYR G 101 35.69 4.07 32.66
CA TYR G 101 36.51 4.54 33.76
C TYR G 101 37.93 4.64 33.25
N ASP G 102 38.71 5.51 33.91
CA ASP G 102 40.11 5.76 33.54
C ASP G 102 41.01 4.54 33.68
N MET G 103 41.73 4.22 32.60
CA MET G 103 42.62 3.08 32.60
C MET G 103 43.65 3.19 33.71
N PRO G 104 43.78 2.14 34.54
CA PRO G 104 44.75 2.14 35.63
C PRO G 104 46.18 2.01 35.13
N CYS G 105 47.07 2.84 35.68
CA CYS G 105 48.47 2.81 35.32
C CYS G 105 49.04 1.39 35.08
N ASP G 106 48.78 0.47 36.00
CA ASP G 106 49.28 -0.87 35.83
C ASP G 106 48.71 -1.60 34.64
N VAL G 107 47.43 -1.38 34.38
CA VAL G 107 46.80 -2.03 33.24
C VAL G 107 47.41 -1.49 31.96
N LEU G 108 47.59 -0.18 31.89
CA LEU G 108 48.18 0.45 30.72
C LEU G 108 49.54 -0.14 30.48
N ALA G 109 50.27 -0.37 31.56
CA ALA G 109 51.60 -0.97 31.44
C ALA G 109 51.43 -2.37 30.85
N LYS G 110 50.62 -3.22 31.49
CA LYS G 110 50.40 -4.59 31.01
C LYS G 110 50.05 -4.62 29.53
N ARG G 111 49.20 -3.71 29.10
CA ARG G 111 48.79 -3.66 27.70
C ARG G 111 49.99 -3.30 26.82
N MET G 112 50.81 -2.34 27.24
CA MET G 112 51.98 -1.96 26.44
C MET G 112 53.01 -3.07 26.45
N ALA G 113 53.13 -3.75 27.58
CA ALA G 113 54.08 -4.85 27.71
C ALA G 113 53.66 -5.97 26.76
N ASN G 114 52.37 -6.31 26.77
CA ASN G 114 51.87 -7.35 25.87
C ASN G 114 52.14 -6.94 24.43
N LEU G 115 52.04 -5.64 24.19
CA LEU G 115 52.27 -5.13 22.85
C LEU G 115 53.73 -5.35 22.48
N SER G 116 54.62 -5.14 23.45
CA SER G 116 56.04 -5.33 23.20
C SER G 116 56.36 -6.80 22.95
N GLN G 117 55.75 -7.65 23.76
CA GLN G 117 55.92 -9.10 23.65
C GLN G 117 55.70 -9.53 22.22
N ILE G 118 54.69 -8.96 21.57
CA ILE G 118 54.42 -9.33 20.20
C ILE G 118 55.58 -9.06 19.26
N TYR G 119 56.22 -7.89 19.38
CA TYR G 119 57.34 -7.58 18.49
C TYR G 119 58.47 -8.60 18.74
N THR G 120 58.40 -9.22 19.91
CA THR G 120 59.34 -10.25 20.36
C THR G 120 59.09 -11.60 19.67
N GLN G 121 57.85 -11.86 19.26
CA GLN G 121 57.48 -13.12 18.65
C GLN G 121 57.21 -13.04 17.17
N ARG G 122 56.81 -11.88 16.70
CA ARG G 122 56.54 -11.72 15.28
C ARG G 122 57.74 -11.12 14.59
N ALA G 123 58.17 -11.79 13.53
CA ALA G 123 59.33 -11.42 12.75
C ALA G 123 59.36 -10.05 12.06
N TYR G 124 58.24 -9.58 11.53
CA TYR G 124 58.29 -8.30 10.84
C TYR G 124 58.23 -7.06 11.70
N MET G 125 57.89 -7.22 12.97
CA MET G 125 57.84 -6.08 13.89
C MET G 125 59.14 -6.00 14.71
N ARG G 126 59.85 -4.88 14.63
CA ARG G 126 61.07 -4.75 15.43
C ARG G 126 60.69 -4.25 16.81
N PRO G 127 61.47 -4.62 17.83
CA PRO G 127 61.10 -4.11 19.15
C PRO G 127 61.36 -2.61 19.17
N LEU G 128 60.86 -1.93 20.19
CA LEU G 128 61.09 -0.50 20.31
C LEU G 128 62.20 -0.34 21.33
N GLY G 129 63.22 0.43 20.98
CA GLY G 129 64.33 0.64 21.91
C GLY G 129 63.98 1.63 23.01
N VAL G 130 63.11 1.21 23.92
CA VAL G 130 62.72 2.12 24.98
C VAL G 130 62.25 1.35 26.20
N ILE G 131 62.42 1.97 27.36
CA ILE G 131 61.96 1.40 28.61
C ILE G 131 60.97 2.44 29.09
N LEU G 132 59.73 2.00 29.31
CA LEU G 132 58.65 2.88 29.71
C LEU G 132 58.32 2.81 31.20
N THR G 133 58.36 3.96 31.87
CA THR G 133 58.04 4.01 33.28
C THR G 133 56.71 4.73 33.36
N PHE G 134 55.68 4.05 33.86
CA PHE G 134 54.37 4.66 33.98
C PHE G 134 54.12 4.97 35.44
N VAL G 135 53.61 6.16 35.72
CA VAL G 135 53.35 6.57 37.09
C VAL G 135 51.97 7.22 37.21
N SER G 136 51.37 7.08 38.38
CA SER G 136 50.06 7.64 38.67
C SER G 136 49.75 7.43 40.13
N VAL G 137 48.56 7.88 40.52
CA VAL G 137 48.08 7.69 41.88
C VAL G 137 46.76 6.96 41.68
N ASP G 138 46.86 5.69 41.27
CA ASP G 138 45.69 4.87 41.00
C ASP G 138 44.58 5.03 42.02
N GLU G 139 43.33 5.10 41.56
CA GLU G 139 42.21 5.26 42.45
C GLU G 139 41.99 4.00 43.28
N GLU G 140 42.55 2.88 42.84
CA GLU G 140 42.40 1.65 43.60
C GLU G 140 43.69 1.21 44.25
N LEU G 141 44.83 1.46 43.59
CA LEU G 141 46.13 1.03 44.12
C LEU G 141 47.00 2.03 44.86
N GLY G 142 46.71 3.32 44.74
CA GLY G 142 47.55 4.29 45.45
C GLY G 142 48.67 4.68 44.51
N PRO G 143 49.71 5.41 44.98
CA PRO G 143 50.81 5.81 44.10
C PRO G 143 51.37 4.59 43.40
N SER G 144 51.63 4.71 42.09
CA SER G 144 52.11 3.57 41.33
C SER G 144 53.23 3.83 40.35
N ILE G 145 54.12 2.84 40.24
CA ILE G 145 55.25 2.89 39.31
C ILE G 145 55.29 1.54 38.60
N TYR G 146 55.14 1.57 37.27
CA TYR G 146 55.18 0.34 36.46
C TYR G 146 56.05 0.61 35.24
N LYS G 147 57.07 -0.22 35.06
CA LYS G 147 58.02 -0.04 33.98
C LYS G 147 58.02 -1.25 33.06
N THR G 148 58.08 -0.98 31.75
CA THR G 148 58.09 -2.03 30.75
C THR G 148 59.33 -1.86 29.87
N ASP G 149 59.80 -2.97 29.28
CA ASP G 149 60.99 -3.00 28.44
C ASP G 149 60.79 -3.71 27.10
N PRO G 150 61.78 -3.62 26.20
CA PRO G 150 61.70 -4.25 24.88
C PRO G 150 61.47 -5.75 24.88
N ALA G 151 61.65 -6.36 26.04
CA ALA G 151 61.45 -7.81 26.11
C ALA G 151 59.98 -8.14 26.31
N GLY G 152 59.20 -7.14 26.67
CA GLY G 152 57.79 -7.37 26.90
C GLY G 152 57.63 -7.74 28.35
N TYR G 153 58.47 -7.17 29.20
CA TYR G 153 58.41 -7.44 30.61
C TYR G 153 58.00 -6.18 31.36
N TYR G 154 57.39 -6.36 32.52
CA TYR G 154 56.99 -5.22 33.32
C TYR G 154 56.70 -5.68 34.74
N VAL G 155 56.75 -4.73 35.66
CA VAL G 155 56.47 -5.02 37.06
C VAL G 155 56.29 -3.70 37.80
N GLY G 156 55.74 -3.77 39.00
CA GLY G 156 55.55 -2.57 39.80
C GLY G 156 56.72 -2.41 40.75
N TYR G 157 57.03 -1.16 41.09
CA TYR G 157 58.15 -0.86 41.99
C TYR G 157 57.82 0.07 43.15
N LYS G 158 58.67 0.05 44.17
CA LYS G 158 58.55 0.94 45.32
C LYS G 158 59.18 2.25 44.83
N ALA G 159 60.15 2.10 43.94
CA ALA G 159 60.86 3.19 43.30
C ALA G 159 61.70 2.52 42.22
N THR G 160 62.27 3.29 41.30
CA THR G 160 63.07 2.69 40.25
C THR G 160 63.88 3.72 39.49
N ALA G 161 64.92 3.25 38.81
CA ALA G 161 65.80 4.12 38.05
C ALA G 161 66.09 3.47 36.71
N THR G 162 66.39 4.30 35.71
CA THR G 162 66.65 3.79 34.38
C THR G 162 67.67 4.69 33.68
N GLY G 163 68.48 4.05 32.83
CA GLY G 163 69.50 4.76 32.08
C GLY G 163 70.89 4.17 32.30
N PRO G 164 71.94 4.86 31.82
CA PRO G 164 73.33 4.40 31.96
C PRO G 164 73.75 4.09 33.40
N LYS G 165 73.62 5.06 34.31
CA LYS G 165 74.03 4.86 35.69
C LYS G 165 72.90 4.32 36.57
N GLN G 166 72.02 3.53 35.95
CA GLN G 166 70.88 2.95 36.62
C GLN G 166 71.25 2.32 37.94
N GLN G 167 72.29 1.48 37.90
CA GLN G 167 72.76 0.74 39.08
C GLN G 167 73.16 1.59 40.28
N GLU G 168 73.76 2.75 40.02
CA GLU G 168 74.18 3.64 41.09
C GLU G 168 72.94 4.18 41.80
N ILE G 169 71.99 4.65 41.01
CA ILE G 169 70.75 5.19 41.53
C ILE G 169 69.94 4.12 42.26
N THR G 170 69.87 2.93 41.68
CA THR G 170 69.12 1.83 42.30
C THR G 170 69.62 1.53 43.70
N THR G 171 70.88 1.09 43.77
CA THR G 171 71.51 0.75 45.06
C THR G 171 71.41 1.90 46.06
N ASN G 172 71.50 3.14 45.57
CA ASN G 172 71.37 4.30 46.45
C ASN G 172 69.99 4.18 47.12
N LEU G 173 68.96 4.09 46.29
CA LEU G 173 67.59 3.98 46.77
C LEU G 173 67.39 2.75 47.64
N GLU G 174 67.91 1.61 47.21
CA GLU G 174 67.78 0.37 47.97
C GLU G 174 68.23 0.58 49.39
N ASN G 175 69.33 1.31 49.52
CA ASN G 175 69.90 1.59 50.81
C ASN G 175 68.98 2.48 51.62
N HIS G 176 68.47 3.53 51.00
CA HIS G 176 67.57 4.42 51.70
C HIS G 176 66.39 3.63 52.27
N PHE G 177 65.86 2.70 51.51
CA PHE G 177 64.73 1.93 51.99
C PHE G 177 65.09 0.90 53.03
N LYS G 178 66.23 0.22 52.88
CA LYS G 178 66.64 -0.76 53.87
C LYS G 178 66.67 -0.06 55.23
N LYS G 179 66.98 1.24 55.18
CA LYS G 179 67.09 2.11 56.34
C LYS G 179 65.72 2.53 56.88
N SER G 180 64.91 3.17 56.05
CA SER G 180 63.57 3.64 56.44
C SER G 180 62.61 2.51 56.81
N LYS G 181 62.78 1.35 56.19
CA LYS G 181 61.94 0.18 56.45
C LYS G 181 60.55 0.25 55.82
N ILE G 182 60.22 1.38 55.21
CA ILE G 182 58.93 1.54 54.54
C ILE G 182 59.16 1.56 53.03
N ASP G 183 58.10 1.26 52.28
CA ASP G 183 58.20 1.21 50.84
C ASP G 183 57.88 2.53 50.14
N HIS G 184 58.00 3.64 50.86
CA HIS G 184 57.71 4.92 50.24
C HIS G 184 58.28 6.09 51.03
N ILE G 185 58.35 7.24 50.38
CA ILE G 185 58.85 8.44 51.01
C ILE G 185 57.74 8.95 51.93
N ASN G 186 57.97 8.90 53.24
CA ASN G 186 56.94 9.37 54.16
C ASN G 186 56.83 10.89 54.15
N GLU G 187 56.28 11.44 53.07
CA GLU G 187 56.11 12.87 52.93
C GLU G 187 54.69 13.20 52.45
N GLU G 188 54.10 14.25 53.00
CA GLU G 188 52.73 14.64 52.64
C GLU G 188 52.71 15.44 51.36
N SER G 189 53.59 16.43 51.26
CA SER G 189 53.59 17.25 50.05
C SER G 189 54.50 16.63 49.01
N TRP G 190 54.13 16.80 47.74
CA TRP G 190 54.94 16.24 46.68
C TRP G 190 56.23 17.04 46.47
N GLU G 191 56.20 18.33 46.79
CA GLU G 191 57.38 19.17 46.62
C GLU G 191 58.56 18.60 47.38
N LYS G 192 58.27 18.05 48.56
CA LYS G 192 59.33 17.47 49.36
C LYS G 192 59.78 16.15 48.72
N VAL G 193 58.82 15.38 48.20
CA VAL G 193 59.15 14.12 47.56
C VAL G 193 59.95 14.41 46.30
N VAL G 194 59.61 15.51 45.63
CA VAL G 194 60.37 15.90 44.45
C VAL G 194 61.79 16.22 44.87
N GLU G 195 61.93 16.94 45.98
CA GLU G 195 63.25 17.32 46.48
C GLU G 195 64.05 16.09 46.86
N PHE G 196 63.36 15.11 47.45
CA PHE G 196 64.00 13.86 47.87
C PHE G 196 64.57 13.16 46.66
N ALA G 197 63.74 13.02 45.64
CA ALA G 197 64.13 12.37 44.41
C ALA G 197 65.34 13.08 43.86
N ILE G 198 65.24 14.39 43.62
CA ILE G 198 66.36 15.16 43.09
C ILE G 198 67.61 15.01 43.93
N THR G 199 67.45 15.03 45.25
CA THR G 199 68.57 14.88 46.17
C THR G 199 69.34 13.59 45.89
N HIS G 200 68.71 12.45 46.15
CA HIS G 200 69.37 11.18 45.91
C HIS G 200 69.87 11.02 44.48
N MET G 201 69.20 11.65 43.53
CA MET G 201 69.65 11.61 42.14
C MET G 201 71.04 12.22 42.10
N ILE G 202 71.27 13.22 42.96
CA ILE G 202 72.54 13.90 43.03
C ILE G 202 73.55 13.05 43.78
N ASP G 203 73.16 12.56 44.95
CA ASP G 203 74.03 11.72 45.76
C ASP G 203 74.53 10.52 44.98
N ALA G 204 73.62 9.84 44.29
CA ALA G 204 73.99 8.65 43.52
C ALA G 204 74.82 8.93 42.29
N LEU G 205 74.57 10.05 41.62
CA LEU G 205 75.34 10.34 40.42
C LEU G 205 76.52 11.22 40.74
N GLY G 206 76.57 11.74 41.97
CA GLY G 206 77.65 12.62 42.36
C GLY G 206 77.74 13.82 41.43
N THR G 207 76.60 14.48 41.23
CA THR G 207 76.55 15.64 40.34
C THR G 207 75.61 16.70 40.85
N GLU G 208 75.91 17.94 40.49
CA GLU G 208 75.09 19.08 40.88
C GLU G 208 74.16 19.40 39.70
N PHE G 209 72.98 19.94 39.98
CA PHE G 209 72.04 20.27 38.91
C PHE G 209 71.61 21.73 38.88
N SER G 210 71.20 22.19 37.70
CA SER G 210 70.71 23.55 37.54
C SER G 210 69.28 23.33 37.08
N LYS G 211 68.43 24.35 37.19
CA LYS G 211 67.04 24.21 36.78
C LYS G 211 66.85 23.60 35.38
N ASN G 212 67.85 23.74 34.51
CA ASN G 212 67.73 23.23 33.16
C ASN G 212 68.36 21.87 32.91
N ASP G 213 68.82 21.21 33.96
CA ASP G 213 69.46 19.90 33.80
C ASP G 213 68.50 18.80 34.19
N LEU G 214 67.30 19.20 34.62
CA LEU G 214 66.29 18.25 35.03
C LEU G 214 64.96 18.41 34.33
N GLU G 215 64.12 17.42 34.56
CA GLU G 215 62.80 17.34 34.02
C GLU G 215 62.07 16.58 35.13
N VAL G 216 60.99 17.16 35.64
CA VAL G 216 60.26 16.55 36.73
C VAL G 216 58.81 16.33 36.35
N GLY G 217 58.25 15.27 36.91
CA GLY G 217 56.86 14.95 36.65
C GLY G 217 56.27 14.49 37.94
N VAL G 218 55.06 14.97 38.25
CA VAL G 218 54.38 14.59 39.49
C VAL G 218 53.00 14.04 39.19
N ALA G 219 52.60 13.05 39.96
CA ALA G 219 51.29 12.43 39.81
C ALA G 219 50.59 12.49 41.15
N THR G 220 49.47 13.20 41.19
CA THR G 220 48.69 13.34 42.41
C THR G 220 47.31 12.76 42.16
N LYS G 221 46.50 12.76 43.21
CA LYS G 221 45.14 12.27 43.09
C LYS G 221 44.43 13.04 41.97
N ASP G 222 43.99 12.31 40.96
CA ASP G 222 43.30 12.95 39.84
C ASP G 222 44.04 14.08 39.12
N LYS G 223 45.28 13.77 38.72
CA LYS G 223 46.13 14.65 37.94
C LYS G 223 47.62 14.36 38.02
N PHE G 224 48.25 14.40 36.85
CA PHE G 224 49.66 14.21 36.68
C PHE G 224 50.12 15.42 35.91
N PHE G 225 51.18 16.07 36.39
CA PHE G 225 51.69 17.26 35.73
C PHE G 225 53.20 17.30 35.81
N THR G 226 53.81 18.10 34.95
CA THR G 226 55.26 18.23 34.93
C THR G 226 55.61 19.61 35.46
N LEU G 227 56.76 19.74 36.12
CA LEU G 227 57.17 21.03 36.68
C LEU G 227 57.80 21.93 35.62
N SER G 228 58.05 23.18 35.97
CA SER G 228 58.66 24.12 35.04
C SER G 228 60.06 24.47 35.52
N ALA G 229 60.83 25.12 34.66
CA ALA G 229 62.19 25.51 35.01
C ALA G 229 62.14 26.17 36.40
N GLU G 230 61.18 27.07 36.59
CA GLU G 230 61.02 27.76 37.86
C GLU G 230 60.56 26.90 39.00
N ASN G 231 59.58 26.03 38.73
CA ASN G 231 59.06 25.13 39.76
C ASN G 231 60.23 24.31 40.28
N ILE G 232 61.10 23.92 39.36
CA ILE G 232 62.27 23.14 39.70
C ILE G 232 63.26 24.02 40.45
N GLU G 233 63.56 25.19 39.89
CA GLU G 233 64.48 26.13 40.52
C GLU G 233 64.14 26.29 41.99
N GLU G 234 62.89 26.65 42.27
CA GLU G 234 62.43 26.84 43.64
C GLU G 234 62.70 25.58 44.46
N ARG G 235 62.61 24.42 43.81
CA ARG G 235 62.84 23.13 44.46
C ARG G 235 64.33 22.92 44.72
N LEU G 236 65.17 23.35 43.77
CA LEU G 236 66.62 23.24 43.89
C LEU G 236 67.09 24.14 45.04
N VAL G 237 66.55 25.35 45.12
CA VAL G 237 66.91 26.27 46.18
C VAL G 237 66.62 25.62 47.52
N ALA G 238 65.54 24.85 47.57
CA ALA G 238 65.14 24.17 48.80
C ALA G 238 66.19 23.17 49.28
N ILE G 239 66.62 22.25 48.42
CA ILE G 239 67.62 21.27 48.84
C ILE G 239 68.91 21.98 49.23
N ALA G 240 69.14 23.15 48.64
CA ALA G 240 70.34 23.94 48.89
C ALA G 240 70.38 24.46 50.31
N GLU G 241 69.24 24.89 50.82
CA GLU G 241 69.15 25.41 52.17
C GLU G 241 68.93 24.28 53.16
N GLN G 242 69.67 23.20 52.98
CA GLN G 242 69.60 22.03 53.86
C GLN G 242 71.00 21.42 53.86
N ASP G 243 71.77 21.76 52.82
CA ASP G 243 73.15 21.33 52.62
C ASP G 243 74.08 22.51 52.90
N THR H 1 5.96 -8.75 32.39
CA THR H 1 7.21 -8.70 33.18
C THR H 1 7.31 -7.42 33.98
N THR H 2 7.65 -7.59 35.24
CA THR H 2 7.81 -6.47 36.13
C THR H 2 9.16 -6.59 36.80
N ILE H 3 10.02 -5.62 36.57
CA ILE H 3 11.35 -5.61 37.18
C ILE H 3 11.59 -4.23 37.77
N VAL H 4 12.23 -4.19 38.93
CA VAL H 4 12.49 -2.91 39.58
C VAL H 4 13.85 -2.81 40.27
N GLY H 5 14.29 -1.58 40.49
CA GLY H 5 15.55 -1.36 41.15
C GLY H 5 15.34 -0.32 42.23
N VAL H 6 15.96 -0.51 43.39
CA VAL H 6 15.81 0.44 44.48
C VAL H 6 17.06 0.50 45.33
N LYS H 7 17.66 1.67 45.38
CA LYS H 7 18.87 1.87 46.17
C LYS H 7 18.51 2.21 47.61
N PHE H 8 19.30 1.71 48.55
CA PHE H 8 19.11 2.00 49.95
C PHE H 8 20.41 2.53 50.51
N ASN H 9 20.39 3.01 51.76
CA ASN H 9 21.56 3.61 52.43
C ASN H 9 22.94 2.95 52.24
N ASN H 10 22.99 1.65 52.02
CA ASN H 10 24.29 1.00 51.85
C ASN H 10 24.28 -0.10 50.78
N GLY H 11 23.58 0.17 49.69
CA GLY H 11 23.52 -0.81 48.62
C GLY H 11 22.41 -0.59 47.62
N VAL H 12 21.96 -1.68 47.03
CA VAL H 12 20.94 -1.61 46.02
C VAL H 12 20.27 -2.97 45.93
N VAL H 13 18.98 -2.95 45.63
CA VAL H 13 18.23 -4.20 45.49
C VAL H 13 17.44 -4.16 44.20
N ILE H 14 17.26 -5.34 43.59
CA ILE H 14 16.50 -5.44 42.36
C ILE H 14 15.58 -6.64 42.50
N ALA H 15 14.38 -6.51 41.97
CA ALA H 15 13.41 -7.58 42.03
C ALA H 15 12.69 -7.76 40.70
N ALA H 16 11.97 -8.86 40.57
CA ALA H 16 11.22 -9.16 39.34
C ALA H 16 10.21 -10.27 39.53
N ASP H 17 9.27 -10.37 38.61
CA ASP H 17 8.28 -11.42 38.69
C ASP H 17 8.92 -12.64 38.04
N THR H 18 8.15 -13.71 37.87
CA THR H 18 8.67 -14.93 37.28
C THR H 18 7.83 -15.50 36.15
N ARG H 19 6.99 -14.67 35.52
CA ARG H 19 6.14 -15.13 34.41
C ARG H 19 6.71 -14.84 33.03
N SER H 20 6.71 -15.87 32.19
CA SER H 20 7.22 -15.80 30.83
C SER H 20 6.04 -16.07 29.90
N THR H 21 5.96 -15.33 28.79
CA THR H 21 4.82 -15.52 27.87
C THR H 21 5.08 -15.39 26.39
N GLN H 22 4.26 -16.10 25.62
CA GLN H 22 4.28 -16.06 24.17
C GLN H 22 2.82 -15.86 23.82
N GLY H 23 2.45 -14.60 23.63
CA GLY H 23 1.08 -14.27 23.31
C GLY H 23 0.29 -14.20 24.60
N PRO H 24 -0.85 -14.89 24.69
CA PRO H 24 -1.66 -14.89 25.90
C PRO H 24 -1.40 -16.14 26.72
N ILE H 25 -0.49 -16.97 26.22
CA ILE H 25 -0.13 -18.21 26.91
C ILE H 25 1.12 -18.06 27.77
N VAL H 26 1.06 -18.59 28.98
CA VAL H 26 2.19 -18.56 29.90
C VAL H 26 3.14 -19.69 29.54
N ALA H 27 4.33 -19.33 29.08
CA ALA H 27 5.34 -20.31 28.70
C ALA H 27 6.02 -20.88 29.94
N ASP H 28 6.55 -19.98 30.78
CA ASP H 28 7.19 -20.41 32.00
C ASP H 28 6.51 -19.71 33.18
N LYS H 29 5.96 -20.51 34.09
CA LYS H 29 5.27 -19.98 35.26
C LYS H 29 6.27 -19.48 36.30
N ASN H 30 7.54 -19.86 36.15
CA ASN H 30 8.55 -19.46 37.10
C ASN H 30 9.95 -19.39 36.52
N CYS H 31 10.20 -18.48 35.61
CA CYS H 31 11.54 -18.35 35.06
C CYS H 31 12.26 -17.32 35.91
N ALA H 32 13.57 -17.21 35.77
CA ALA H 32 14.30 -16.22 36.56
C ALA H 32 14.65 -15.06 35.64
N LYS H 33 14.26 -13.86 36.04
CA LYS H 33 14.54 -12.69 35.21
C LYS H 33 15.72 -11.90 35.76
N LEU H 34 16.37 -12.45 36.77
CA LEU H 34 17.53 -11.84 37.40
C LEU H 34 18.79 -12.55 36.92
N HIS H 35 19.65 -11.79 36.24
CA HIS H 35 20.88 -12.31 35.65
C HIS H 35 22.14 -11.84 36.37
N ARG H 36 23.11 -12.73 36.56
CA ARG H 36 24.35 -12.34 37.21
C ARG H 36 25.38 -11.96 36.15
N ILE H 37 25.89 -10.75 36.22
CA ILE H 37 26.89 -10.32 35.26
C ILE H 37 28.25 -10.62 35.89
N SER H 38 28.34 -10.46 37.20
CA SER H 38 29.56 -10.73 37.97
C SER H 38 29.05 -10.96 39.37
N PRO H 39 29.86 -11.60 40.23
CA PRO H 39 29.40 -11.84 41.59
C PRO H 39 28.61 -10.72 42.27
N LYS H 40 28.96 -9.46 42.03
CA LYS H 40 28.24 -8.38 42.69
C LYS H 40 27.58 -7.37 41.78
N ILE H 41 27.31 -7.80 40.55
CA ILE H 41 26.63 -6.95 39.58
C ILE H 41 25.54 -7.82 38.97
N TRP H 42 24.30 -7.54 39.33
CA TRP H 42 23.20 -8.32 38.77
C TRP H 42 22.31 -7.47 37.90
N CYS H 43 21.73 -8.14 36.91
CA CYS H 43 20.88 -7.51 35.94
C CYS H 43 19.50 -8.14 35.88
N ALA H 44 18.48 -7.28 35.86
CA ALA H 44 17.09 -7.72 35.77
C ALA H 44 16.64 -7.32 34.38
N GLY H 45 16.12 -8.28 33.61
CA GLY H 45 15.72 -7.96 32.24
C GLY H 45 14.34 -8.31 31.74
N ALA H 46 13.82 -7.38 30.94
CA ALA H 46 12.52 -7.49 30.31
C ALA H 46 12.69 -7.37 28.80
N GLY H 47 11.69 -7.84 28.07
CA GLY H 47 11.74 -7.79 26.62
C GLY H 47 11.84 -9.20 26.10
N THR H 48 12.50 -9.37 24.96
CA THR H 48 12.68 -10.69 24.36
C THR H 48 13.53 -11.56 25.27
N ALA H 49 12.89 -12.50 25.95
CA ALA H 49 13.60 -13.39 26.86
C ALA H 49 15.00 -13.84 26.41
N ALA H 50 15.07 -14.58 25.31
CA ALA H 50 16.35 -15.05 24.80
C ALA H 50 17.39 -13.92 24.80
N ASP H 51 16.98 -12.74 24.34
CA ASP H 51 17.90 -11.60 24.26
C ASP H 51 18.41 -11.16 25.62
N THR H 52 17.52 -10.96 26.59
CA THR H 52 17.98 -10.52 27.89
C THR H 52 19.04 -11.50 28.42
N GLU H 53 18.83 -12.79 28.15
CA GLU H 53 19.76 -13.85 28.58
C GLU H 53 21.11 -13.78 27.86
N ALA H 54 21.06 -13.89 26.54
CA ALA H 54 22.27 -13.85 25.72
C ALA H 54 23.11 -12.60 25.91
N VAL H 55 22.48 -11.44 25.88
CA VAL H 55 23.22 -10.19 26.05
C VAL H 55 23.83 -10.16 27.44
N THR H 56 23.06 -10.60 28.41
CA THR H 56 23.53 -10.62 29.80
C THR H 56 24.77 -11.50 29.94
N GLN H 57 24.73 -12.69 29.36
CA GLN H 57 25.86 -13.57 29.45
C GLN H 57 27.06 -13.05 28.67
N LEU H 58 26.83 -12.59 27.46
CA LEU H 58 27.91 -12.05 26.66
C LEU H 58 28.69 -11.00 27.43
N ILE H 59 28.02 -9.94 27.88
CA ILE H 59 28.73 -8.89 28.62
C ILE H 59 29.33 -9.48 29.89
N GLY H 60 28.64 -10.45 30.49
CA GLY H 60 29.18 -11.07 31.68
C GLY H 60 30.52 -11.73 31.36
N SER H 61 30.52 -12.59 30.36
CA SER H 61 31.71 -13.29 29.91
C SER H 61 32.86 -12.33 29.72
N ASN H 62 32.60 -11.19 29.10
CA ASN H 62 33.64 -10.20 28.88
C ASN H 62 34.03 -9.47 30.15
N ILE H 63 33.05 -9.21 31.01
CA ILE H 63 33.37 -8.54 32.26
C ILE H 63 34.31 -9.44 33.04
N GLU H 64 34.07 -10.74 32.98
CA GLU H 64 34.90 -11.72 33.68
C GLU H 64 36.33 -11.68 33.16
N LEU H 65 36.50 -11.82 31.86
CA LEU H 65 37.82 -11.78 31.28
C LEU H 65 38.53 -10.48 31.66
N HIS H 66 37.86 -9.35 31.42
CA HIS H 66 38.42 -8.02 31.75
C HIS H 66 38.88 -7.95 33.21
N SER H 67 38.05 -8.46 34.11
CA SER H 67 38.39 -8.47 35.53
C SER H 67 39.72 -9.20 35.76
N LEU H 68 39.86 -10.37 35.13
CA LEU H 68 41.06 -11.16 35.24
C LEU H 68 42.26 -10.42 34.68
N TYR H 69 42.07 -9.77 33.54
CA TYR H 69 43.14 -9.04 32.90
C TYR H 69 43.60 -7.82 33.69
N THR H 70 42.64 -7.10 34.29
CA THR H 70 42.95 -5.88 35.06
C THR H 70 43.20 -6.15 36.54
N SER H 71 42.92 -7.38 36.96
CA SER H 71 43.09 -7.79 38.35
C SER H 71 42.32 -6.88 39.27
N ARG H 72 41.17 -6.40 38.78
CA ARG H 72 40.29 -5.51 39.54
C ARG H 72 38.86 -6.02 39.53
N GLU H 73 38.08 -5.56 40.50
CA GLU H 73 36.68 -5.93 40.61
C GLU H 73 35.93 -5.39 39.41
N PRO H 74 34.83 -6.04 39.00
CA PRO H 74 34.14 -5.47 37.85
C PRO H 74 33.39 -4.23 38.37
N ARG H 75 33.24 -3.22 37.51
CA ARG H 75 32.52 -2.03 37.92
C ARG H 75 31.21 -1.99 37.16
N VAL H 76 30.15 -1.54 37.83
CA VAL H 76 28.86 -1.46 37.17
C VAL H 76 28.94 -0.61 35.90
N VAL H 77 29.55 0.57 35.96
CA VAL H 77 29.64 1.40 34.77
C VAL H 77 30.29 0.70 33.59
N SER H 78 31.06 -0.36 33.84
CA SER H 78 31.69 -1.09 32.73
C SER H 78 30.67 -1.97 32.03
N ALA H 79 29.80 -2.62 32.81
CA ALA H 79 28.77 -3.46 32.22
C ALA H 79 27.76 -2.57 31.51
N LEU H 80 27.52 -1.40 32.10
CA LEU H 80 26.58 -0.44 31.54
C LEU H 80 27.06 0.04 30.19
N GLN H 81 28.34 0.38 30.12
CA GLN H 81 28.92 0.85 28.89
C GLN H 81 28.97 -0.24 27.83
N MET H 82 29.43 -1.42 28.24
CA MET H 82 29.53 -2.56 27.32
C MET H 82 28.16 -2.91 26.75
N LEU H 83 27.20 -3.10 27.65
CA LEU H 83 25.82 -3.41 27.25
C LEU H 83 25.28 -2.37 26.27
N LYS H 84 25.20 -1.13 26.73
CA LYS H 84 24.67 -0.07 25.88
C LYS H 84 25.31 0.02 24.51
N GLN H 85 26.63 0.01 24.43
CA GLN H 85 27.27 0.12 23.13
C GLN H 85 26.91 -1.08 22.26
N HIS H 86 26.65 -2.22 22.91
CA HIS H 86 26.28 -3.43 22.18
C HIS H 86 24.89 -3.24 21.61
N LEU H 87 23.94 -2.94 22.51
CA LEU H 87 22.55 -2.73 22.12
C LEU H 87 22.41 -1.67 21.06
N PHE H 88 23.20 -0.62 21.17
CA PHE H 88 23.16 0.45 20.19
C PHE H 88 23.67 -0.01 18.84
N LYS H 89 24.68 -0.86 18.86
CA LYS H 89 25.28 -1.39 17.64
C LYS H 89 24.20 -2.15 16.88
N TYR H 90 23.29 -2.74 17.63
CA TYR H 90 22.21 -3.51 17.06
C TYR H 90 20.89 -2.78 16.83
N GLN H 91 20.97 -1.49 16.56
CA GLN H 91 19.79 -0.69 16.27
C GLN H 91 18.48 -1.10 16.94
N GLY H 92 18.54 -1.45 18.21
CA GLY H 92 17.34 -1.86 18.91
C GLY H 92 16.82 -3.23 18.50
N HIS H 93 17.48 -3.91 17.57
CA HIS H 93 17.01 -5.21 17.14
C HIS H 93 17.14 -6.31 18.16
N ILE H 94 17.86 -6.03 19.23
CA ILE H 94 18.01 -7.00 20.30
C ILE H 94 17.11 -6.48 21.41
N GLY H 95 15.90 -7.02 21.43
CA GLY H 95 14.88 -6.59 22.38
C GLY H 95 15.19 -6.77 23.84
N ALA H 96 16.17 -6.03 24.33
CA ALA H 96 16.55 -6.12 25.73
C ALA H 96 16.34 -4.80 26.44
N TYR H 97 15.68 -4.90 27.59
CA TYR H 97 15.43 -3.74 28.43
C TYR H 97 15.88 -4.23 29.78
N LEU H 98 16.92 -3.59 30.30
CA LEU H 98 17.49 -4.05 31.55
C LEU H 98 17.72 -3.01 32.61
N ILE H 99 17.64 -3.47 33.84
CA ILE H 99 17.91 -2.66 35.00
C ILE H 99 19.14 -3.32 35.59
N VAL H 100 20.27 -2.63 35.52
CA VAL H 100 21.50 -3.20 36.03
C VAL H 100 21.94 -2.53 37.32
N ALA H 101 22.38 -3.36 38.26
CA ALA H 101 22.81 -2.86 39.55
C ALA H 101 23.95 -3.67 40.15
N GLY H 102 24.45 -3.20 41.27
CA GLY H 102 25.53 -3.87 41.94
C GLY H 102 26.46 -2.89 42.63
N VAL H 103 27.41 -3.46 43.37
CA VAL H 103 28.39 -2.68 44.11
C VAL H 103 29.78 -3.07 43.68
N ASP H 104 30.64 -2.07 43.62
CA ASP H 104 32.01 -2.27 43.21
C ASP H 104 32.87 -1.28 44.03
N PRO H 105 34.18 -1.24 43.77
CA PRO H 105 35.06 -0.33 44.51
C PRO H 105 34.61 1.14 44.54
N THR H 106 33.84 1.58 43.56
CA THR H 106 33.43 2.98 43.55
C THR H 106 32.10 3.26 44.28
N GLY H 107 31.45 2.22 44.78
CA GLY H 107 30.18 2.41 45.48
C GLY H 107 29.04 1.51 45.01
N SER H 108 27.80 1.92 45.25
CA SER H 108 26.63 1.14 44.80
C SER H 108 25.97 1.87 43.62
N HIS H 109 25.50 1.11 42.63
CA HIS H 109 24.91 1.73 41.45
C HIS H 109 23.60 1.14 40.95
N LEU H 110 22.82 1.99 40.28
CA LEU H 110 21.52 1.63 39.72
C LEU H 110 21.29 2.31 38.38
N PHE H 111 21.18 1.51 37.33
CA PHE H 111 20.93 2.01 35.99
C PHE H 111 19.84 1.21 35.29
N SER H 112 19.49 1.67 34.09
CA SER H 112 18.50 1.01 33.25
C SER H 112 18.95 1.22 31.81
N ILE H 113 18.79 0.19 30.99
CA ILE H 113 19.16 0.28 29.58
C ILE H 113 17.96 -0.11 28.73
N HIS H 114 17.81 0.58 27.60
CA HIS H 114 16.71 0.32 26.68
C HIS H 114 17.26 -0.30 25.40
N ALA H 115 16.53 -1.28 24.87
CA ALA H 115 16.96 -1.96 23.66
C ALA H 115 17.66 -1.08 22.62
N HIS H 116 17.30 0.19 22.53
CA HIS H 116 17.99 1.02 21.53
C HIS H 116 19.33 1.52 21.98
N GLY H 117 19.64 1.37 23.26
CA GLY H 117 20.94 1.79 23.75
C GLY H 117 21.08 3.02 24.63
N SER H 118 19.98 3.60 25.09
CA SER H 118 20.08 4.77 25.95
C SER H 118 20.05 4.29 27.39
N THR H 119 20.68 5.04 28.29
CA THR H 119 20.72 4.64 29.69
C THR H 119 20.27 5.75 30.66
N ASP H 120 19.66 5.33 31.76
CA ASP H 120 19.18 6.25 32.80
C ASP H 120 19.77 5.87 34.16
N VAL H 121 19.75 6.82 35.09
CA VAL H 121 20.29 6.60 36.43
C VAL H 121 19.39 7.19 37.51
N GLY H 122 19.09 6.40 38.53
CA GLY H 122 18.26 6.89 39.61
C GLY H 122 18.29 6.02 40.85
N TYR H 123 17.43 6.33 41.82
CA TYR H 123 17.38 5.57 43.06
C TYR H 123 16.33 4.46 43.00
N TYR H 124 15.39 4.60 42.06
CA TYR H 124 14.36 3.60 41.86
C TYR H 124 13.97 3.59 40.39
N LEU H 125 13.86 2.39 39.85
CA LEU H 125 13.54 2.19 38.45
C LEU H 125 12.70 0.94 38.24
N SER H 126 11.87 0.97 37.21
CA SER H 126 11.06 -0.19 36.86
C SER H 126 10.96 -0.28 35.34
N LEU H 127 10.84 -1.51 34.84
CA LEU H 127 10.71 -1.74 33.41
C LEU H 127 9.81 -2.93 33.20
N GLY H 128 9.30 -3.05 31.97
CA GLY H 128 8.42 -4.15 31.64
C GLY H 128 6.97 -3.72 31.52
N SER H 129 6.09 -4.67 31.21
CA SER H 129 4.67 -4.35 31.06
C SER H 129 4.02 -3.98 32.39
N GLY H 130 4.71 -4.25 33.49
CA GLY H 130 4.19 -3.91 34.81
C GLY H 130 4.85 -2.63 35.30
N SER H 131 5.73 -2.12 34.47
CA SER H 131 6.47 -0.91 34.76
C SER H 131 5.63 0.12 35.49
N LEU H 132 4.46 0.42 34.93
CA LEU H 132 3.58 1.42 35.48
C LEU H 132 2.97 1.07 36.83
N ALA H 133 2.51 -0.16 37.00
CA ALA H 133 1.93 -0.53 38.28
C ALA H 133 3.02 -0.35 39.33
N ALA H 134 4.18 -0.93 39.05
CA ALA H 134 5.31 -0.85 39.95
C ALA H 134 5.66 0.61 40.22
N MET H 135 5.93 1.37 39.17
CA MET H 135 6.31 2.76 39.35
C MET H 135 5.33 3.54 40.22
N ALA H 136 4.05 3.18 40.16
CA ALA H 136 3.05 3.88 40.98
C ALA H 136 3.39 3.66 42.44
N VAL H 137 3.63 2.40 42.78
CA VAL H 137 3.99 2.02 44.15
C VAL H 137 5.26 2.76 44.57
N LEU H 138 6.27 2.76 43.70
CA LEU H 138 7.52 3.43 43.98
C LEU H 138 7.30 4.93 44.16
N GLU H 139 6.58 5.56 43.25
CA GLU H 139 6.33 6.99 43.36
C GLU H 139 5.53 7.31 44.62
N SER H 140 4.95 6.27 45.21
CA SER H 140 4.13 6.46 46.39
C SER H 140 4.81 6.15 47.72
N HIS H 141 5.85 5.32 47.69
CA HIS H 141 6.54 4.95 48.93
C HIS H 141 8.06 5.12 48.99
N TRP H 142 8.70 5.52 47.91
CA TRP H 142 10.12 5.68 48.00
C TRP H 142 10.45 6.98 48.73
N LYS H 143 11.49 6.93 49.54
CA LYS H 143 11.97 8.09 50.30
C LYS H 143 13.49 7.96 50.29
N GLN H 144 14.19 9.09 50.39
CA GLN H 144 15.64 9.05 50.39
C GLN H 144 16.12 8.38 51.67
N ASP H 145 17.16 7.55 51.55
CA ASP H 145 17.72 6.84 52.71
C ASP H 145 16.81 5.77 53.28
N LEU H 146 16.75 4.64 52.59
CA LEU H 146 15.94 3.52 53.04
C LEU H 146 16.85 2.47 53.65
N THR H 147 16.36 1.75 54.63
CA THR H 147 17.15 0.69 55.23
C THR H 147 17.03 -0.51 54.29
N LYS H 148 18.01 -1.41 54.34
CA LYS H 148 17.98 -2.61 53.51
C LYS H 148 16.60 -3.26 53.52
N GLU H 149 15.97 -3.38 54.69
CA GLU H 149 14.66 -4.00 54.78
C GLU H 149 13.59 -3.16 54.10
N GLU H 150 13.60 -1.86 54.38
CA GLU H 150 12.63 -0.97 53.77
C GLU H 150 12.73 -1.17 52.27
N ALA H 151 13.94 -1.07 51.74
CA ALA H 151 14.17 -1.23 50.32
C ALA H 151 13.59 -2.57 49.80
N ILE H 152 13.92 -3.68 50.44
CA ILE H 152 13.38 -4.96 49.98
C ILE H 152 11.85 -5.01 49.95
N LYS H 153 11.20 -4.40 50.94
CA LYS H 153 9.74 -4.38 50.98
C LYS H 153 9.26 -3.58 49.78
N LEU H 154 9.74 -2.35 49.68
CA LEU H 154 9.36 -1.46 48.58
C LEU H 154 9.51 -2.14 47.24
N ALA H 155 10.67 -2.74 47.00
CA ALA H 155 10.93 -3.42 45.74
C ALA H 155 9.92 -4.54 45.56
N SER H 156 9.84 -5.42 46.55
CA SER H 156 8.91 -6.53 46.48
C SER H 156 7.45 -6.08 46.29
N ASP H 157 7.06 -4.99 46.93
CA ASP H 157 5.70 -4.46 46.82
C ASP H 157 5.45 -4.01 45.40
N ALA H 158 6.44 -3.38 44.79
CA ALA H 158 6.31 -2.91 43.43
C ALA H 158 6.09 -4.09 42.47
N ILE H 159 6.86 -5.15 42.64
CA ILE H 159 6.74 -6.33 41.80
C ILE H 159 5.34 -6.90 41.96
N GLN H 160 4.85 -6.93 43.19
CA GLN H 160 3.51 -7.44 43.44
C GLN H 160 2.53 -6.64 42.58
N ALA H 161 2.58 -5.32 42.71
CA ALA H 161 1.70 -4.44 41.95
C ALA H 161 1.57 -5.00 40.53
N GLY H 162 2.71 -5.30 39.92
CA GLY H 162 2.70 -5.83 38.58
C GLY H 162 2.06 -7.20 38.46
N ILE H 163 2.49 -8.14 39.28
CA ILE H 163 1.93 -9.49 39.22
C ILE H 163 0.40 -9.42 39.19
N TRP H 164 -0.14 -8.80 40.22
CA TRP H 164 -1.57 -8.62 40.42
C TRP H 164 -2.32 -7.79 39.36
N ASN H 165 -1.77 -6.62 39.01
CA ASN H 165 -2.38 -5.71 38.06
C ASN H 165 -1.97 -5.79 36.58
N ASP H 166 -0.94 -6.57 36.27
CA ASP H 166 -0.52 -6.69 34.89
C ASP H 166 -0.63 -8.15 34.46
N LEU H 167 -1.28 -8.36 33.31
CA LEU H 167 -1.52 -9.69 32.77
C LEU H 167 -0.25 -10.30 32.20
N GLY H 168 0.74 -9.44 31.92
CA GLY H 168 1.99 -9.93 31.37
C GLY H 168 2.93 -10.35 32.47
N SER H 169 2.51 -10.12 33.71
CA SER H 169 3.31 -10.45 34.88
C SER H 169 2.56 -11.36 35.84
N GLY H 170 3.33 -12.11 36.64
CA GLY H 170 2.70 -12.98 37.60
C GLY H 170 3.65 -13.94 38.27
N SER H 171 3.07 -14.82 39.09
CA SER H 171 3.79 -15.85 39.82
C SER H 171 4.56 -15.34 41.04
N ASN H 172 5.86 -15.58 41.07
CA ASN H 172 6.68 -15.22 42.20
C ASN H 172 7.45 -13.94 42.15
N VAL H 173 8.12 -13.64 43.26
CA VAL H 173 8.94 -12.45 43.38
C VAL H 173 10.39 -12.85 43.68
N ASP H 174 11.29 -12.59 42.73
CA ASP H 174 12.71 -12.90 42.90
C ASP H 174 13.40 -11.59 43.29
N VAL H 175 14.30 -11.66 44.27
CA VAL H 175 15.03 -10.50 44.74
C VAL H 175 16.53 -10.79 44.84
N CYS H 176 17.34 -9.73 44.73
CA CYS H 176 18.79 -9.85 44.86
C CYS H 176 19.26 -8.58 45.53
N VAL H 177 19.88 -8.75 46.71
CA VAL H 177 20.38 -7.63 47.49
C VAL H 177 21.89 -7.51 47.33
N MET H 178 22.34 -6.31 46.98
CA MET H 178 23.75 -6.06 46.80
C MET H 178 24.15 -4.96 47.76
N GLU H 179 24.63 -5.37 48.94
CA GLU H 179 25.03 -4.41 49.96
C GLU H 179 26.53 -4.09 49.92
N ILE H 180 26.84 -2.80 49.89
CA ILE H 180 28.21 -2.34 49.82
C ILE H 180 29.27 -3.16 50.55
N GLY H 181 28.99 -3.61 51.76
CA GLY H 181 30.04 -4.36 52.43
C GLY H 181 30.09 -5.86 52.23
N LYS H 182 28.97 -6.49 51.92
CA LYS H 182 28.96 -7.94 51.83
C LYS H 182 28.83 -8.59 50.46
N ASP H 183 28.55 -9.90 50.48
CA ASP H 183 28.35 -10.70 49.28
C ASP H 183 26.93 -10.40 48.83
N ALA H 184 26.69 -10.50 47.53
CA ALA H 184 25.35 -10.25 47.03
C ALA H 184 24.44 -11.42 47.39
N GLU H 185 23.27 -11.14 47.96
CA GLU H 185 22.38 -12.24 48.25
C GLU H 185 21.19 -12.27 47.30
N TYR H 186 21.15 -13.35 46.53
CA TYR H 186 20.12 -13.59 45.56
C TYR H 186 19.07 -14.47 46.24
N LEU H 187 17.85 -13.95 46.28
CA LEU H 187 16.74 -14.62 46.91
C LEU H 187 15.75 -15.06 45.84
N ARG H 188 15.93 -16.28 45.37
CA ARG H 188 15.05 -16.84 44.35
C ARG H 188 13.75 -17.23 45.03
N ASN H 189 12.64 -16.72 44.49
CA ASN H 189 11.32 -17.00 45.03
C ASN H 189 11.20 -16.50 46.44
N TYR H 190 11.61 -15.26 46.65
CA TYR H 190 11.54 -14.61 47.94
C TYR H 190 10.08 -14.51 48.38
N LEU H 191 9.18 -14.60 47.40
CA LEU H 191 7.72 -14.56 47.62
C LEU H 191 7.04 -15.46 46.60
N THR H 192 6.16 -16.33 47.08
CA THR H 192 5.44 -17.24 46.20
C THR H 192 3.94 -17.19 46.53
N PRO H 193 3.30 -16.03 46.29
CA PRO H 193 1.88 -15.77 46.55
C PRO H 193 0.89 -16.35 45.55
N ASN H 194 1.31 -17.30 44.74
CA ASN H 194 0.41 -17.87 43.74
C ASN H 194 0.51 -19.39 43.59
N VAL H 195 0.37 -20.11 44.69
CA VAL H 195 0.45 -21.56 44.62
C VAL H 195 -0.91 -22.08 44.23
N ARG H 196 -0.96 -22.93 43.20
CA ARG H 196 -2.24 -23.46 42.74
C ARG H 196 -2.91 -24.28 43.83
N GLU H 197 -4.24 -24.16 43.92
CA GLU H 197 -5.00 -24.91 44.91
C GLU H 197 -5.07 -26.36 44.49
N GLU H 198 -5.19 -27.26 45.45
CA GLU H 198 -5.26 -28.67 45.14
C GLU H 198 -6.39 -28.94 44.17
N LYS H 199 -6.10 -29.73 43.14
CA LYS H 199 -7.12 -30.03 42.15
C LYS H 199 -8.27 -30.80 42.77
N GLN H 200 -9.42 -30.68 42.16
CA GLN H 200 -10.66 -31.31 42.62
C GLN H 200 -10.65 -32.83 42.52
N LYS H 201 -9.95 -33.35 41.54
CA LYS H 201 -9.91 -34.79 41.32
C LYS H 201 -8.51 -35.16 40.82
N SER H 202 -8.18 -36.44 40.92
CA SER H 202 -6.90 -36.92 40.43
C SER H 202 -7.24 -37.51 39.07
N TYR H 203 -6.43 -37.23 38.07
CA TYR H 203 -6.73 -37.73 36.74
C TYR H 203 -5.85 -38.88 36.30
N LYS H 204 -5.37 -39.62 37.30
CA LYS H 204 -4.51 -40.77 37.08
C LYS H 204 -5.37 -41.81 36.34
N PHE H 205 -4.96 -42.20 35.15
CA PHE H 205 -5.71 -43.18 34.38
C PHE H 205 -5.43 -44.62 34.78
N PRO H 206 -6.44 -45.48 34.66
CA PRO H 206 -6.26 -46.89 35.02
C PRO H 206 -5.38 -47.50 33.92
N ARG H 207 -4.26 -48.10 34.32
CA ARG H 207 -3.37 -48.70 33.33
C ARG H 207 -4.12 -49.56 32.33
N GLY H 208 -3.73 -49.44 31.06
CA GLY H 208 -4.39 -50.18 30.00
C GLY H 208 -5.38 -49.32 29.25
N THR H 209 -5.59 -48.10 29.76
CA THR H 209 -6.52 -47.15 29.16
C THR H 209 -6.12 -46.78 27.74
N THR H 210 -4.82 -46.59 27.52
CA THR H 210 -4.32 -46.23 26.20
C THR H 210 -4.08 -47.46 25.33
N ALA H 211 -4.60 -47.40 24.10
CA ALA H 211 -4.46 -48.48 23.14
C ALA H 211 -3.11 -48.40 22.45
N VAL H 212 -2.35 -49.49 22.52
CA VAL H 212 -1.03 -49.53 21.90
C VAL H 212 -0.97 -50.43 20.67
N LEU H 213 -0.26 -49.97 19.64
CA LEU H 213 -0.11 -50.71 18.40
C LEU H 213 1.11 -51.62 18.38
N LYS H 214 2.25 -51.08 18.79
CA LYS H 214 3.49 -51.83 18.76
C LYS H 214 4.32 -51.42 19.97
N GLU H 215 5.38 -52.18 20.26
CA GLU H 215 6.24 -51.86 21.39
C GLU H 215 7.63 -52.43 21.19
N SER H 216 8.63 -51.81 21.82
CA SER H 216 10.01 -52.27 21.71
C SER H 216 10.90 -51.50 22.67
N ILE H 217 12.08 -52.04 22.92
CA ILE H 217 13.05 -51.40 23.81
C ILE H 217 14.02 -50.62 22.94
N VAL H 218 14.60 -49.55 23.49
CA VAL H 218 15.53 -48.76 22.73
C VAL H 218 16.96 -48.96 23.23
N ASN H 219 17.91 -48.89 22.30
CA ASN H 219 19.33 -49.06 22.59
C ASN H 219 20.04 -47.71 22.77
N ILE H 220 20.50 -47.44 23.99
CA ILE H 220 21.21 -46.21 24.30
C ILE H 220 22.72 -46.46 24.38
N CYS H 221 23.09 -47.64 24.84
CA CYS H 221 24.50 -48.02 24.95
C CYS H 221 25.10 -48.27 23.57
N ASP H 222 26.19 -47.57 23.26
CA ASP H 222 26.87 -47.69 21.98
C ASP H 222 27.64 -49.01 21.83
N SER I 1 2.76 -19.27 4.63
CA SER I 1 2.88 -18.05 5.48
C SER I 1 3.66 -18.35 6.77
N ASP I 2 2.96 -18.84 7.80
CA ASP I 2 3.63 -19.18 9.06
C ASP I 2 4.34 -20.52 8.92
N PRO I 3 5.68 -20.49 8.86
CA PRO I 3 6.51 -21.67 8.71
C PRO I 3 6.15 -22.77 9.70
N SER I 4 6.03 -22.38 10.97
CA SER I 4 5.71 -23.34 12.01
C SER I 4 4.33 -23.95 11.84
N SER I 5 3.63 -23.56 10.78
CA SER I 5 2.29 -24.11 10.55
C SER I 5 2.10 -24.60 9.13
N ILE I 6 3.16 -25.13 8.55
CA ILE I 6 3.11 -25.66 7.19
C ILE I 6 3.02 -27.17 7.22
N ASN I 7 3.78 -27.78 8.11
CA ASN I 7 3.87 -29.23 8.24
C ASN I 7 3.06 -29.84 9.36
N GLY I 8 2.98 -29.11 10.47
CA GLY I 8 2.22 -29.60 11.61
C GLY I 8 3.04 -30.50 12.52
N GLY I 9 2.37 -31.10 13.49
CA GLY I 9 3.06 -31.98 14.42
C GLY I 9 3.12 -31.42 15.83
N ILE I 10 3.35 -32.30 16.80
CA ILE I 10 3.46 -31.87 18.19
C ILE I 10 4.32 -32.82 19.00
N VAL I 11 4.91 -32.29 20.06
CA VAL I 11 5.76 -33.06 20.95
C VAL I 11 5.50 -32.61 22.38
N VAL I 12 5.64 -33.54 23.32
CA VAL I 12 5.40 -33.23 24.71
C VAL I 12 6.23 -34.15 25.59
N ALA I 13 6.91 -33.55 26.57
CA ALA I 13 7.74 -34.30 27.49
C ALA I 13 7.14 -34.16 28.88
N MET I 14 7.34 -35.20 29.69
CA MET I 14 6.80 -35.25 31.03
C MET I 14 7.75 -35.98 31.97
N THR I 15 7.83 -35.49 33.20
CA THR I 15 8.69 -36.10 34.21
C THR I 15 7.85 -36.98 35.15
N GLY I 16 8.48 -38.01 35.69
CA GLY I 16 7.80 -38.90 36.61
C GLY I 16 8.74 -39.27 37.74
N LYS I 17 8.50 -40.44 38.34
CA LYS I 17 9.34 -40.91 39.43
C LYS I 17 10.55 -41.62 38.87
N ASP I 18 11.70 -40.95 38.87
CA ASP I 18 12.93 -41.53 38.35
C ASP I 18 12.72 -42.01 36.93
N CYS I 19 12.09 -41.15 36.14
CA CYS I 19 11.80 -41.48 34.76
C CYS I 19 11.27 -40.22 34.07
N VAL I 20 11.42 -40.18 32.75
CA VAL I 20 10.91 -39.07 31.96
C VAL I 20 10.29 -39.68 30.72
N ALA I 21 9.38 -38.95 30.10
CA ALA I 21 8.73 -39.43 28.90
C ALA I 21 8.61 -38.32 27.88
N ILE I 22 8.68 -38.68 26.62
CA ILE I 22 8.53 -37.69 25.58
C ILE I 22 7.76 -38.41 24.46
N ALA I 23 6.81 -37.70 23.86
CA ALA I 23 6.00 -38.29 22.79
C ALA I 23 5.72 -37.31 21.69
N CYS I 24 5.38 -37.85 20.52
CA CYS I 24 5.08 -37.01 19.37
C CYS I 24 4.08 -37.72 18.46
N ASP I 25 3.54 -36.97 17.49
CA ASP I 25 2.60 -37.53 16.53
C ASP I 25 3.45 -37.99 15.35
N LEU I 26 2.81 -38.46 14.28
CA LEU I 26 3.59 -38.93 13.14
C LEU I 26 3.23 -38.21 11.85
N ARG I 27 2.41 -37.18 11.96
CA ARG I 27 1.99 -36.46 10.79
C ARG I 27 3.04 -35.52 10.21
N LEU I 28 3.01 -35.43 8.88
CA LEU I 28 3.89 -34.56 8.13
C LEU I 28 3.05 -34.24 6.92
N GLY I 29 2.52 -33.03 6.87
CA GLY I 29 1.71 -32.69 5.73
C GLY I 29 2.07 -31.33 5.24
N SER I 30 1.51 -30.96 4.10
CA SER I 30 1.74 -29.65 3.51
C SER I 30 0.37 -28.97 3.53
N GLN I 31 0.21 -28.02 4.45
CA GLN I 31 -1.05 -27.32 4.60
C GLN I 31 -2.05 -28.40 4.98
N SER I 32 -3.16 -28.44 4.26
CA SER I 32 -4.21 -29.42 4.53
C SER I 32 -3.82 -30.84 4.11
N LEU I 33 -3.05 -30.94 3.02
CA LEU I 33 -2.65 -32.23 2.51
C LEU I 33 -1.77 -33.03 3.44
N GLY I 34 -2.23 -34.23 3.80
CA GLY I 34 -1.46 -35.10 4.65
C GLY I 34 -0.48 -35.80 3.71
N VAL I 35 0.78 -35.91 4.10
CA VAL I 35 1.78 -36.54 3.23
C VAL I 35 2.44 -37.79 3.81
N SER I 36 2.94 -37.72 5.04
CA SER I 36 3.55 -38.90 5.63
C SER I 36 3.02 -39.15 7.01
N ASN I 37 2.74 -40.42 7.27
CA ASN I 37 2.22 -40.86 8.55
C ASN I 37 3.33 -41.57 9.33
N LYS I 38 4.57 -41.30 8.95
CA LYS I 38 5.71 -41.93 9.60
C LYS I 38 6.82 -40.96 10.00
N PHE I 39 6.52 -39.67 10.01
CA PHE I 39 7.50 -38.65 10.35
C PHE I 39 7.66 -38.49 11.86
N GLU I 40 8.61 -39.21 12.45
CA GLU I 40 8.87 -39.12 13.88
C GLU I 40 9.63 -37.82 14.15
N LYS I 41 9.33 -37.19 15.28
CA LYS I 41 9.95 -35.92 15.62
C LYS I 41 10.84 -36.02 16.83
N ILE I 42 11.07 -37.24 17.30
CA ILE I 42 11.94 -37.45 18.45
C ILE I 42 13.19 -38.22 18.05
N PHE I 43 14.34 -37.74 18.53
CA PHE I 43 15.62 -38.35 18.25
C PHE I 43 16.38 -38.46 19.56
N HIS I 44 17.53 -39.11 19.52
CA HIS I 44 18.34 -39.22 20.72
C HIS I 44 19.79 -39.34 20.36
N TYR I 45 20.61 -38.87 21.29
CA TYR I 45 22.04 -38.87 21.16
C TYR I 45 22.50 -39.42 22.52
N GLY I 46 22.94 -40.67 22.52
CA GLY I 46 23.34 -41.26 23.77
C GLY I 46 22.08 -41.45 24.56
N HIS I 47 22.09 -41.04 25.82
CA HIS I 47 20.91 -41.19 26.65
C HIS I 47 20.09 -39.90 26.71
N VAL I 48 20.38 -38.94 25.84
CA VAL I 48 19.63 -37.69 25.83
C VAL I 48 18.67 -37.69 24.64
N PHE I 49 17.40 -37.35 24.91
CA PHE I 49 16.40 -37.32 23.85
C PHE I 49 15.99 -35.90 23.45
N LEU I 50 15.72 -35.73 22.16
CA LEU I 50 15.30 -34.45 21.62
C LEU I 50 14.14 -34.56 20.62
N GLY I 51 13.04 -33.87 20.91
CA GLY I 51 11.89 -33.85 20.01
C GLY I 51 11.88 -32.47 19.35
N ILE I 52 11.61 -32.40 18.05
CA ILE I 52 11.60 -31.12 17.35
C ILE I 52 10.31 -30.90 16.55
N THR I 53 9.55 -29.86 16.89
CA THR I 53 8.32 -29.55 16.15
C THR I 53 8.59 -28.31 15.28
N GLY I 54 7.83 -28.15 14.21
CA GLY I 54 8.01 -27.01 13.33
C GLY I 54 8.20 -27.39 11.87
N LEU I 55 8.94 -26.56 11.13
CA LEU I 55 9.19 -26.81 9.72
C LEU I 55 10.05 -28.08 9.59
N ALA I 56 9.46 -29.15 9.04
CA ALA I 56 10.15 -30.43 8.87
C ALA I 56 11.60 -30.35 8.39
N THR I 57 11.86 -29.52 7.38
CA THR I 57 13.21 -29.39 6.85
C THR I 57 14.19 -28.97 7.95
N ASP I 58 13.76 -27.99 8.77
CA ASP I 58 14.60 -27.54 9.87
C ASP I 58 14.65 -28.62 10.94
N VAL I 59 13.56 -29.36 11.11
CA VAL I 59 13.56 -30.45 12.08
C VAL I 59 14.66 -31.42 11.67
N THR I 60 14.61 -31.88 10.43
CA THR I 60 15.61 -32.81 9.90
C THR I 60 17.01 -32.24 10.11
N THR I 61 17.25 -31.05 9.58
CA THR I 61 18.53 -30.36 9.73
C THR I 61 19.03 -30.30 11.18
N LEU I 62 18.23 -29.74 12.08
CA LEU I 62 18.65 -29.64 13.48
C LEU I 62 19.04 -30.97 14.09
N ASN I 63 18.46 -32.06 13.61
CA ASN I 63 18.82 -33.37 14.13
C ASN I 63 20.20 -33.72 13.60
N GLU I 64 20.35 -33.63 12.28
CA GLU I 64 21.64 -33.92 11.65
C GLU I 64 22.73 -33.09 12.31
N MET I 65 22.42 -31.85 12.66
CA MET I 65 23.38 -30.98 13.32
C MET I 65 23.77 -31.49 14.70
N PHE I 66 22.78 -31.74 15.55
CA PHE I 66 23.05 -32.21 16.89
C PHE I 66 23.74 -33.58 16.92
N ARG I 67 23.49 -34.42 15.93
CA ARG I 67 24.16 -35.70 15.90
C ARG I 67 25.64 -35.33 15.77
N TYR I 68 25.95 -34.66 14.67
CA TYR I 68 27.30 -34.19 14.38
C TYR I 68 27.98 -33.58 15.62
N LYS I 69 27.30 -32.65 16.28
CA LYS I 69 27.87 -32.03 17.45
C LYS I 69 28.07 -33.02 18.60
N THR I 70 27.03 -33.77 18.94
CA THR I 70 27.16 -34.74 20.03
C THR I 70 28.22 -35.82 19.77
N ASN I 71 28.41 -36.19 18.49
CA ASN I 71 29.42 -37.19 18.16
C ASN I 71 30.81 -36.64 18.48
N LEU I 72 31.16 -35.50 17.89
CA LEU I 72 32.44 -34.88 18.15
C LEU I 72 32.58 -34.67 19.63
N TYR I 73 31.51 -34.24 20.28
CA TYR I 73 31.58 -34.01 21.72
C TYR I 73 32.07 -35.24 22.49
N LYS I 74 31.58 -36.41 22.09
CA LYS I 74 31.95 -37.66 22.73
C LYS I 74 33.41 -37.99 22.44
N LEU I 75 33.85 -37.78 21.21
CA LEU I 75 35.23 -38.05 20.86
C LEU I 75 36.17 -37.21 21.73
N LYS I 76 35.87 -35.92 21.87
CA LYS I 76 36.72 -35.03 22.66
C LYS I 76 36.56 -35.13 24.17
N GLU I 77 35.33 -35.13 24.66
CA GLU I 77 35.05 -35.22 26.10
C GLU I 77 35.24 -36.63 26.63
N GLU I 78 35.17 -37.61 25.74
CA GLU I 78 35.30 -39.00 26.13
C GLU I 78 34.22 -39.43 27.11
N ARG I 79 32.98 -39.05 26.81
CA ARG I 79 31.80 -39.40 27.59
C ARG I 79 30.59 -38.89 26.81
N ALA I 80 29.42 -39.43 27.12
CA ALA I 80 28.21 -39.01 26.44
C ALA I 80 27.75 -37.69 27.07
N ILE I 81 27.20 -36.80 26.25
CA ILE I 81 26.73 -35.51 26.76
C ILE I 81 25.52 -35.69 27.66
N GLU I 82 25.39 -34.82 28.66
CA GLU I 82 24.26 -34.86 29.58
C GLU I 82 23.11 -33.96 29.12
N PRO I 83 21.89 -34.21 29.63
CA PRO I 83 20.75 -33.39 29.23
C PRO I 83 20.99 -31.90 29.47
N GLU I 84 21.40 -31.55 30.68
CA GLU I 84 21.64 -30.15 31.03
C GLU I 84 22.60 -29.45 30.08
N THR I 85 23.69 -30.13 29.76
CA THR I 85 24.68 -29.57 28.84
C THR I 85 24.06 -29.45 27.46
N PHE I 86 23.52 -30.58 26.97
CA PHE I 86 22.89 -30.58 25.65
C PHE I 86 21.95 -29.41 25.49
N THR I 87 21.11 -29.20 26.51
CA THR I 87 20.15 -28.11 26.51
C THR I 87 20.90 -26.82 26.18
N GLN I 88 22.01 -26.61 26.85
CA GLN I 88 22.83 -25.42 26.61
C GLN I 88 23.32 -25.37 25.18
N LEU I 89 23.77 -26.51 24.67
CA LEU I 89 24.26 -26.59 23.31
C LEU I 89 23.14 -26.22 22.37
N VAL I 90 21.99 -26.84 22.57
CA VAL I 90 20.84 -26.57 21.73
C VAL I 90 20.49 -25.10 21.77
N SER I 91 20.44 -24.52 22.96
CA SER I 91 20.11 -23.11 23.09
C SER I 91 21.06 -22.23 22.29
N SER I 92 22.35 -22.33 22.56
CA SER I 92 23.31 -21.50 21.86
C SER I 92 23.27 -21.80 20.36
N SER I 93 23.01 -23.05 20.02
CA SER I 93 22.94 -23.42 18.61
C SER I 93 21.89 -22.57 17.89
N LEU I 94 20.70 -22.47 18.49
CA LEU I 94 19.60 -21.70 17.91
C LEU I 94 19.84 -20.21 17.92
N TYR I 95 20.19 -19.67 19.08
CA TYR I 95 20.43 -18.24 19.18
C TYR I 95 21.52 -17.79 18.22
N GLU I 96 22.31 -18.73 17.73
CA GLU I 96 23.37 -18.39 16.79
C GLU I 96 22.75 -17.90 15.49
N ARG I 97 21.52 -18.31 15.27
CA ARG I 97 20.76 -17.92 14.07
C ARG I 97 19.69 -16.90 14.47
N ARG I 98 20.01 -16.05 15.45
CA ARG I 98 19.08 -15.06 15.97
C ARG I 98 18.22 -14.30 14.97
N PHE I 99 18.84 -13.82 13.89
CA PHE I 99 18.09 -13.06 12.93
C PHE I 99 17.79 -13.83 11.64
N GLY I 100 17.46 -15.10 11.78
CA GLY I 100 17.14 -15.95 10.65
C GLY I 100 17.09 -17.34 11.23
N PRO I 101 16.29 -17.52 12.29
CA PRO I 101 16.12 -18.79 13.01
C PRO I 101 15.57 -19.94 12.22
N TYR I 102 15.69 -21.11 12.83
CA TYR I 102 15.15 -22.33 12.26
C TYR I 102 13.75 -22.29 12.85
N PHE I 103 12.74 -22.62 12.07
CA PHE I 103 11.40 -22.58 12.59
C PHE I 103 11.06 -23.90 13.27
N VAL I 104 11.57 -24.01 14.49
CA VAL I 104 11.40 -25.21 15.30
C VAL I 104 11.09 -24.88 16.77
N GLY I 105 10.61 -25.90 17.46
CA GLY I 105 10.31 -25.79 18.88
C GLY I 105 10.85 -27.07 19.45
N PRO I 106 12.13 -27.12 19.89
CA PRO I 106 12.81 -28.28 20.46
C PRO I 106 12.51 -28.62 21.90
N VAL I 107 12.32 -29.92 22.14
CA VAL I 107 12.05 -30.41 23.47
C VAL I 107 13.12 -31.43 23.84
N VAL I 108 13.77 -31.21 24.99
CA VAL I 108 14.82 -32.09 25.46
C VAL I 108 14.38 -32.88 26.69
N ALA I 109 14.62 -34.19 26.65
CA ALA I 109 14.25 -35.06 27.75
C ALA I 109 15.33 -36.11 28.02
N GLY I 110 15.59 -36.35 29.30
CA GLY I 110 16.60 -37.32 29.68
C GLY I 110 16.82 -37.39 31.18
N ILE I 111 17.68 -38.31 31.60
CA ILE I 111 18.02 -38.52 33.01
C ILE I 111 19.52 -38.31 33.11
N ASN I 112 19.96 -37.49 34.06
CA ASN I 112 21.39 -37.26 34.20
C ASN I 112 22.01 -38.57 34.70
N SER I 113 22.82 -39.20 33.85
CA SER I 113 23.46 -40.46 34.20
C SER I 113 24.26 -40.42 35.50
N LYS I 114 24.79 -39.25 35.86
CA LYS I 114 25.57 -39.16 37.09
C LYS I 114 24.72 -38.84 38.32
N SER I 115 23.65 -38.07 38.14
CA SER I 115 22.77 -37.70 39.25
C SER I 115 21.50 -38.53 39.30
N GLY I 116 21.18 -39.21 38.20
CA GLY I 116 19.97 -40.02 38.16
C GLY I 116 18.72 -39.18 38.01
N LYS I 117 18.85 -37.88 38.21
CA LYS I 117 17.75 -36.93 38.11
C LYS I 117 17.16 -36.85 36.69
N PRO I 118 15.82 -36.74 36.60
CA PRO I 118 15.11 -36.64 35.32
C PRO I 118 15.20 -35.19 34.86
N PHE I 119 15.22 -34.97 33.55
CA PHE I 119 15.33 -33.62 33.00
C PHE I 119 14.61 -33.40 31.68
N ILE I 120 13.88 -32.27 31.60
CA ILE I 120 13.14 -31.87 30.40
C ILE I 120 13.27 -30.36 30.23
N ALA I 121 13.29 -29.90 28.98
CA ALA I 121 13.41 -28.48 28.70
C ALA I 121 12.92 -28.10 27.31
N GLY I 122 12.31 -26.92 27.20
CA GLY I 122 11.83 -26.45 25.92
C GLY I 122 12.54 -25.17 25.50
N PHE I 123 12.47 -24.84 24.21
CA PHE I 123 13.13 -23.66 23.68
C PHE I 123 12.24 -22.94 22.69
N ASP I 124 12.32 -21.62 22.60
CA ASP I 124 11.52 -20.92 21.60
C ASP I 124 12.42 -21.01 20.36
N LEU I 125 12.00 -20.49 19.20
CA LEU I 125 12.84 -20.66 18.03
C LEU I 125 14.22 -20.01 18.06
N ILE I 126 14.50 -19.19 19.06
CA ILE I 126 15.84 -18.60 19.11
C ILE I 126 16.62 -18.98 20.36
N GLY I 127 16.27 -20.11 20.95
CA GLY I 127 17.00 -20.57 22.11
C GLY I 127 16.47 -20.30 23.50
N CYS I 128 15.52 -19.38 23.66
CA CYS I 128 15.05 -19.18 25.01
C CYS I 128 14.76 -20.53 25.70
N ILE I 129 15.44 -20.78 26.82
CA ILE I 129 15.28 -22.03 27.51
C ILE I 129 14.22 -22.08 28.60
N ASP I 130 13.31 -23.06 28.52
CA ASP I 130 12.28 -23.23 29.54
C ASP I 130 12.54 -24.58 30.16
N GLU I 131 12.98 -24.56 31.42
CA GLU I 131 13.27 -25.79 32.12
C GLU I 131 12.17 -26.05 33.14
N ALA I 132 11.21 -26.87 32.74
CA ALA I 132 10.10 -27.19 33.61
C ALA I 132 10.42 -28.49 34.34
N LYS I 133 9.85 -28.62 35.54
CA LYS I 133 10.05 -29.81 36.35
C LYS I 133 8.89 -30.80 36.17
N ASP I 134 7.88 -30.39 35.40
CA ASP I 134 6.70 -31.22 35.17
C ASP I 134 6.51 -31.65 33.73
N PHE I 135 6.28 -30.69 32.84
CA PHE I 135 6.05 -30.98 31.45
C PHE I 135 6.40 -29.85 30.51
N ILE I 136 6.66 -30.20 29.25
CA ILE I 136 7.02 -29.24 28.22
C ILE I 136 6.19 -29.60 27.01
N VAL I 137 5.62 -28.59 26.35
CA VAL I 137 4.81 -28.84 25.18
C VAL I 137 5.28 -28.04 23.97
N SER I 138 5.09 -28.62 22.79
CA SER I 138 5.51 -27.96 21.57
C SER I 138 4.71 -28.46 20.38
N GLY I 139 4.45 -27.55 19.44
CA GLY I 139 3.71 -27.93 18.26
C GLY I 139 2.51 -27.08 17.95
N THR I 140 1.87 -27.38 16.82
CA THR I 140 0.70 -26.66 16.36
C THR I 140 -0.47 -26.84 17.34
N ALA I 141 -0.41 -27.86 18.18
CA ALA I 141 -1.48 -28.10 19.15
C ALA I 141 -1.00 -27.91 20.59
N SER I 142 -0.05 -27.00 20.75
CA SER I 142 0.55 -26.71 22.05
C SER I 142 -0.46 -26.21 23.10
N ASP I 143 -1.47 -25.46 22.66
CA ASP I 143 -2.47 -24.97 23.60
C ASP I 143 -3.25 -26.14 24.16
N GLN I 144 -3.74 -27.00 23.27
CA GLN I 144 -4.49 -28.18 23.68
C GLN I 144 -3.63 -28.95 24.66
N LEU I 145 -2.35 -29.11 24.33
CA LEU I 145 -1.44 -29.83 25.21
C LEU I 145 -1.29 -29.18 26.58
N PHE I 146 -1.27 -27.85 26.61
CA PHE I 146 -1.15 -27.18 27.90
C PHE I 146 -2.39 -27.50 28.72
N GLY I 147 -3.55 -27.41 28.10
CA GLY I 147 -4.78 -27.70 28.82
C GLY I 147 -4.79 -29.14 29.32
N MET I 148 -4.35 -30.07 28.47
CA MET I 148 -4.31 -31.48 28.82
C MET I 148 -3.39 -31.73 30.00
N CYS I 149 -2.16 -31.25 29.86
CA CYS I 149 -1.15 -31.42 30.89
C CYS I 149 -1.49 -30.74 32.21
N GLU I 150 -1.74 -29.44 32.15
CA GLU I 150 -2.07 -28.68 33.36
C GLU I 150 -3.10 -29.38 34.24
N SER I 151 -3.96 -30.19 33.64
CA SER I 151 -4.99 -30.93 34.40
C SER I 151 -4.55 -32.36 34.70
N LEU I 152 -4.40 -33.19 33.65
CA LEU I 152 -4.00 -34.59 33.78
C LEU I 152 -2.82 -34.85 34.72
N TYR I 153 -1.72 -34.17 34.45
CA TYR I 153 -0.47 -34.31 35.21
C TYR I 153 -0.49 -34.18 36.73
N GLU I 154 0.33 -35.01 37.37
CA GLU I 154 0.53 -35.01 38.81
C GLU I 154 1.94 -35.56 39.00
N PRO I 155 2.67 -35.09 40.03
CA PRO I 155 4.04 -35.48 40.36
C PRO I 155 4.33 -36.97 40.60
N ASN I 156 5.60 -37.31 40.49
CA ASN I 156 6.10 -38.66 40.72
C ASN I 156 5.24 -39.82 40.25
N LEU I 157 4.82 -39.77 39.00
CA LEU I 157 4.05 -40.86 38.44
C LEU I 157 5.02 -42.00 38.15
N GLU I 158 4.58 -43.24 38.35
CA GLU I 158 5.44 -44.37 38.04
C GLU I 158 5.48 -44.46 36.53
N PRO I 159 6.53 -45.08 35.98
CA PRO I 159 6.63 -45.20 34.52
C PRO I 159 5.33 -45.64 33.84
N GLU I 160 4.74 -46.72 34.34
CA GLU I 160 3.50 -47.27 33.80
C GLU I 160 2.32 -46.29 33.82
N ASP I 161 2.28 -45.43 34.83
CA ASP I 161 1.22 -44.43 34.94
C ASP I 161 1.52 -43.24 34.04
N LEU I 162 2.73 -42.70 34.15
CA LEU I 162 3.15 -41.57 33.33
C LEU I 162 2.87 -41.84 31.86
N PHE I 163 2.97 -43.10 31.47
CA PHE I 163 2.71 -43.45 30.08
C PHE I 163 1.26 -43.17 29.74
N GLU I 164 0.36 -43.61 30.61
CA GLU I 164 -1.06 -43.39 30.38
C GLU I 164 -1.31 -41.90 30.32
N THR I 165 -0.76 -41.17 31.27
CA THR I 165 -0.94 -39.73 31.32
C THR I 165 -0.40 -39.01 30.08
N ILE I 166 0.87 -39.17 29.77
CA ILE I 166 1.41 -38.52 28.60
C ILE I 166 0.65 -38.90 27.32
N SER I 167 0.26 -40.16 27.18
CA SER I 167 -0.48 -40.60 25.99
C SER I 167 -1.84 -39.90 25.83
N GLN I 168 -2.59 -39.83 26.92
CA GLN I 168 -3.89 -39.17 26.88
C GLN I 168 -3.75 -37.68 26.56
N ALA I 169 -2.74 -37.03 27.11
CA ALA I 169 -2.54 -35.61 26.83
C ALA I 169 -2.27 -35.47 25.33
N LEU I 170 -1.25 -36.14 24.83
CA LEU I 170 -0.90 -36.07 23.41
C LEU I 170 -2.07 -36.40 22.50
N LEU I 171 -2.66 -37.56 22.75
CA LEU I 171 -3.77 -38.08 21.99
C LEU I 171 -4.98 -37.17 21.88
N ASN I 172 -5.48 -36.69 23.01
CA ASN I 172 -6.66 -35.83 23.00
C ASN I 172 -6.38 -34.44 22.46
N ALA I 173 -5.18 -33.94 22.69
CA ALA I 173 -4.80 -32.62 22.20
C ALA I 173 -4.69 -32.68 20.68
N ALA I 174 -4.09 -33.76 20.18
CA ALA I 174 -3.89 -33.96 18.76
C ALA I 174 -5.19 -34.01 17.96
N ASP I 175 -6.21 -34.64 18.54
CA ASP I 175 -7.49 -34.77 17.87
C ASP I 175 -8.24 -33.46 17.65
N ARG I 176 -7.91 -32.45 18.46
CA ARG I 176 -8.53 -31.13 18.35
C ARG I 176 -7.72 -30.25 17.41
N ASP I 177 -6.69 -30.81 16.78
CA ASP I 177 -5.85 -30.07 15.85
C ASP I 177 -5.79 -30.76 14.50
N ALA I 178 -6.17 -30.00 13.48
CA ALA I 178 -6.19 -30.47 12.10
C ALA I 178 -4.82 -30.86 11.56
N LEU I 179 -3.77 -30.24 12.11
CA LEU I 179 -2.41 -30.48 11.65
C LEU I 179 -1.59 -31.48 12.47
N SER I 180 -2.24 -32.21 13.37
CA SER I 180 -1.55 -33.20 14.20
C SER I 180 -2.25 -34.55 14.19
N GLY I 181 -1.53 -35.59 14.59
CA GLY I 181 -2.11 -36.92 14.64
C GLY I 181 -1.54 -37.84 13.58
N TRP I 182 -2.41 -38.62 12.95
CA TRP I 182 -1.98 -39.55 11.91
C TRP I 182 -1.01 -40.61 12.44
N GLY I 183 -1.03 -40.82 13.75
CA GLY I 183 -0.13 -41.78 14.35
C GLY I 183 0.64 -41.12 15.47
N ALA I 184 1.19 -41.92 16.38
CA ALA I 184 1.93 -41.35 17.49
C ALA I 184 2.86 -42.39 18.10
N VAL I 185 3.89 -41.89 18.76
CA VAL I 185 4.87 -42.73 19.42
C VAL I 185 5.24 -42.09 20.76
N VAL I 186 5.40 -42.93 21.77
CA VAL I 186 5.73 -42.47 23.12
C VAL I 186 6.91 -43.22 23.69
N TYR I 187 7.86 -42.45 24.21
CA TYR I 187 9.09 -42.98 24.81
C TYR I 187 9.05 -42.90 26.33
N ILE I 188 9.29 -44.02 27.00
CA ILE I 188 9.35 -44.02 28.45
C ILE I 188 10.80 -44.32 28.82
N ILE I 189 11.46 -43.30 29.34
CA ILE I 189 12.86 -43.38 29.69
C ILE I 189 13.17 -43.55 31.18
N LYS I 190 14.00 -44.56 31.48
CA LYS I 190 14.42 -44.86 32.84
C LYS I 190 15.95 -44.89 32.85
N LYS I 191 16.54 -44.95 34.05
CA LYS I 191 18.00 -44.98 34.20
C LYS I 191 18.66 -46.12 33.42
N ASP I 192 17.97 -47.26 33.39
CA ASP I 192 18.46 -48.47 32.72
C ASP I 192 17.88 -48.71 31.33
N GLU I 193 16.56 -48.82 31.23
CA GLU I 193 15.92 -49.09 29.95
C GLU I 193 15.01 -47.98 29.42
N VAL I 194 14.73 -48.05 28.12
CA VAL I 194 13.88 -47.09 27.44
C VAL I 194 12.92 -47.85 26.54
N VAL I 195 11.63 -47.68 26.80
CA VAL I 195 10.60 -48.36 26.02
C VAL I 195 9.87 -47.42 25.08
N LYS I 196 9.70 -47.89 23.84
CA LYS I 196 9.02 -47.10 22.81
C LYS I 196 7.76 -47.79 22.33
N ARG I 197 6.62 -47.12 22.49
CA ARG I 197 5.34 -47.67 22.05
C ARG I 197 4.68 -46.78 21.01
N TYR I 198 3.92 -47.40 20.10
CA TYR I 198 3.19 -46.67 19.07
C TYR I 198 1.72 -46.79 19.45
N LEU I 199 1.07 -45.64 19.57
CA LEU I 199 -0.33 -45.61 19.96
C LEU I 199 -1.31 -45.79 18.81
N LYS I 200 -2.51 -46.24 19.13
CA LYS I 200 -3.57 -46.42 18.14
C LYS I 200 -4.42 -45.17 18.29
N MET I 201 -4.67 -44.46 17.18
CA MET I 201 -5.47 -43.26 17.27
C MET I 201 -6.18 -42.97 15.97
N ARG I 202 -7.12 -42.03 16.02
CA ARG I 202 -7.89 -41.64 14.84
C ARG I 202 -6.93 -41.38 13.68
N GLN I 203 -7.41 -41.58 12.47
CA GLN I 203 -6.58 -41.37 11.29
C GLN I 203 -7.18 -40.33 10.34
N ASP I 204 -7.93 -39.37 10.89
CA ASP I 204 -8.58 -38.33 10.09
C ASP I 204 -8.00 -36.92 10.23
N MET J 1 0.43 -27.13 -11.49
CA MET J 1 1.86 -27.44 -11.76
C MET J 1 1.94 -28.55 -12.80
N ASP J 2 3.11 -29.20 -12.89
CA ASP J 2 3.31 -30.31 -13.81
C ASP J 2 2.98 -31.56 -12.99
N ILE J 3 2.93 -32.72 -13.64
CA ILE J 3 2.63 -33.95 -12.91
C ILE J 3 3.84 -34.81 -12.64
N ILE J 4 4.13 -34.98 -11.35
CA ILE J 4 5.26 -35.76 -10.88
C ILE J 4 4.75 -36.83 -9.93
N LEU J 5 4.69 -38.06 -10.42
CA LEU J 5 4.21 -39.19 -9.63
C LEU J 5 5.30 -40.22 -9.45
N GLY J 6 5.21 -40.96 -8.36
CA GLY J 6 6.18 -42.00 -8.08
C GLY J 6 5.54 -43.08 -7.25
N ILE J 7 5.72 -44.32 -7.66
CA ILE J 7 5.14 -45.42 -6.90
C ILE J 7 6.13 -46.58 -6.84
N ARG J 8 6.39 -47.01 -5.61
CA ARG J 8 7.32 -48.09 -5.35
C ARG J 8 6.58 -49.39 -5.14
N VAL J 9 6.79 -50.32 -6.06
CA VAL J 9 6.17 -51.62 -5.95
C VAL J 9 7.22 -52.58 -5.41
N GLN J 10 6.86 -53.86 -5.41
CA GLN J 10 7.72 -54.94 -4.92
C GLN J 10 9.21 -54.84 -5.26
N ASP J 11 9.53 -54.85 -6.55
CA ASP J 11 10.92 -54.85 -6.96
C ASP J 11 11.37 -53.72 -7.83
N SER J 12 10.66 -52.61 -7.82
CA SER J 12 11.07 -51.48 -8.63
C SER J 12 10.32 -50.23 -8.23
N VAL J 13 10.77 -49.11 -8.78
CA VAL J 13 10.15 -47.84 -8.51
C VAL J 13 9.76 -47.27 -9.85
N ILE J 14 8.49 -46.91 -9.98
CA ILE J 14 7.98 -46.35 -11.23
C ILE J 14 7.77 -44.85 -11.10
N LEU J 15 8.26 -44.11 -12.08
CA LEU J 15 8.11 -42.66 -12.10
C LEU J 15 7.34 -42.21 -13.35
N ALA J 16 6.29 -41.42 -13.13
CA ALA J 16 5.45 -40.88 -14.20
C ALA J 16 5.57 -39.36 -14.19
N SER J 17 5.72 -38.75 -15.35
CA SER J 17 5.89 -37.30 -15.42
C SER J 17 5.28 -36.67 -16.66
N SER J 18 4.41 -35.68 -16.47
CA SER J 18 3.74 -34.99 -17.57
C SER J 18 4.70 -34.49 -18.64
N LYS J 19 4.29 -34.62 -19.90
CA LYS J 19 5.10 -34.23 -21.04
C LYS J 19 4.82 -32.82 -21.54
N ALA J 20 3.96 -32.09 -20.85
CA ALA J 20 3.61 -30.76 -21.31
C ALA J 20 4.51 -29.63 -20.82
N VAL J 21 4.79 -28.68 -21.71
CA VAL J 21 5.58 -27.51 -21.37
C VAL J 21 4.77 -26.32 -21.86
N THR J 22 4.08 -25.66 -20.94
CA THR J 22 3.26 -24.53 -21.32
C THR J 22 3.83 -23.23 -20.83
N ARG J 23 3.89 -22.25 -21.72
CA ARG J 23 4.38 -20.96 -21.35
C ARG J 23 3.28 -19.97 -21.62
N GLY J 24 2.63 -19.57 -20.53
CA GLY J 24 1.54 -18.62 -20.61
C GLY J 24 0.33 -19.20 -21.31
N ILE J 25 0.11 -18.69 -22.51
CA ILE J 25 -1.04 -19.08 -23.30
C ILE J 25 -0.81 -20.29 -24.21
N SER J 26 0.43 -20.50 -24.65
CA SER J 26 0.75 -21.60 -25.55
C SER J 26 1.49 -22.78 -24.96
N VAL J 27 1.12 -23.99 -25.41
CA VAL J 27 1.78 -25.21 -24.99
C VAL J 27 2.94 -25.38 -25.97
N LEU J 28 4.15 -25.05 -25.53
CA LEU J 28 5.34 -25.12 -26.38
C LEU J 28 5.85 -26.50 -26.74
N LYS J 29 5.70 -27.47 -25.84
CA LYS J 29 6.19 -28.80 -26.13
C LYS J 29 5.31 -29.86 -25.49
N ASP J 30 5.23 -31.01 -26.12
CA ASP J 30 4.39 -32.10 -25.62
C ASP J 30 5.17 -33.41 -25.42
N SER J 31 6.49 -33.31 -25.43
CA SER J 31 7.34 -34.48 -25.28
C SER J 31 8.47 -34.30 -24.27
N ASP J 32 8.31 -33.32 -23.38
CA ASP J 32 9.33 -33.02 -22.38
C ASP J 32 9.55 -34.17 -21.37
N ASP J 33 10.81 -34.52 -21.16
CA ASP J 33 11.17 -35.59 -20.22
C ASP J 33 11.73 -34.92 -18.97
N LYS J 34 10.88 -34.75 -17.96
CA LYS J 34 11.28 -34.08 -16.72
C LYS J 34 12.04 -34.98 -15.77
N THR J 35 13.08 -35.62 -16.30
CA THR J 35 13.88 -36.56 -15.52
C THR J 35 15.38 -36.49 -15.85
N ARG J 36 16.21 -36.87 -14.89
CA ARG J 36 17.66 -36.94 -15.05
C ARG J 36 18.13 -38.19 -14.33
N GLN J 37 19.03 -38.93 -14.96
CA GLN J 37 19.55 -40.13 -14.32
C GLN J 37 20.78 -39.76 -13.50
N LEU J 38 20.74 -40.05 -12.21
CA LEU J 38 21.86 -39.70 -11.36
C LEU J 38 22.95 -40.79 -11.39
N SER J 39 22.52 -42.01 -11.63
CA SER J 39 23.43 -43.14 -11.72
C SER J 39 22.62 -44.30 -12.29
N PRO J 40 23.29 -45.34 -12.79
CA PRO J 40 22.64 -46.52 -13.36
C PRO J 40 21.41 -47.07 -12.63
N HIS J 41 21.30 -46.83 -11.33
CA HIS J 41 20.14 -47.32 -10.58
C HIS J 41 19.43 -46.25 -9.75
N THR J 42 19.58 -44.98 -10.16
CA THR J 42 18.95 -43.86 -9.46
C THR J 42 18.43 -42.84 -10.47
N LEU J 43 17.12 -42.63 -10.44
CA LEU J 43 16.45 -41.70 -11.35
C LEU J 43 15.73 -40.63 -10.55
N MET J 44 15.84 -39.39 -11.03
CA MET J 44 15.20 -38.27 -10.36
C MET J 44 14.31 -37.42 -11.27
N SER J 45 13.03 -37.34 -10.91
CA SER J 45 12.02 -36.56 -11.63
C SER J 45 11.92 -35.20 -10.95
N PHE J 46 11.65 -34.16 -11.73
CA PHE J 46 11.58 -32.83 -11.16
C PHE J 46 10.55 -31.89 -11.79
N ALA J 47 10.08 -30.93 -10.98
CA ALA J 47 9.10 -29.94 -11.41
C ALA J 47 9.24 -28.68 -10.55
N GLY J 48 9.02 -27.51 -11.16
CA GLY J 48 9.13 -26.27 -10.42
C GLY J 48 9.33 -25.07 -11.31
N GLU J 49 10.06 -24.09 -10.83
CA GLU J 49 10.33 -22.85 -11.58
C GLU J 49 11.07 -23.12 -12.90
N ALA J 50 10.82 -22.26 -13.89
CA ALA J 50 11.41 -22.38 -15.23
C ALA J 50 12.90 -22.70 -15.36
N GLY J 51 13.76 -21.86 -14.79
CA GLY J 51 15.18 -22.12 -14.91
C GLY J 51 15.72 -23.09 -13.86
N ASP J 52 15.43 -22.78 -12.60
CA ASP J 52 15.87 -23.57 -11.47
C ASP J 52 15.74 -25.08 -11.67
N THR J 53 14.62 -25.49 -12.25
CA THR J 53 14.32 -26.90 -12.46
C THR J 53 15.44 -27.76 -13.03
N VAL J 54 15.87 -27.47 -14.25
CA VAL J 54 16.95 -28.24 -14.87
C VAL J 54 18.28 -27.90 -14.21
N GLN J 55 18.59 -26.61 -14.13
CA GLN J 55 19.83 -26.17 -13.50
C GLN J 55 20.13 -26.98 -12.25
N PHE J 56 19.13 -27.17 -11.40
CA PHE J 56 19.33 -27.94 -10.20
C PHE J 56 19.53 -29.43 -10.51
N ALA J 57 18.67 -30.00 -11.36
CA ALA J 57 18.79 -31.42 -11.68
C ALA J 57 20.16 -31.79 -12.27
N GLU J 58 20.61 -31.03 -13.27
CA GLU J 58 21.89 -31.30 -13.91
C GLU J 58 23.02 -31.16 -12.90
N TYR J 59 22.96 -30.10 -12.11
CA TYR J 59 23.95 -29.87 -11.07
C TYR J 59 24.07 -31.12 -10.19
N ILE J 60 22.94 -31.58 -9.67
CA ILE J 60 22.94 -32.78 -8.83
C ILE J 60 23.53 -33.96 -9.60
N GLN J 61 23.16 -34.09 -10.87
CA GLN J 61 23.69 -35.17 -11.67
C GLN J 61 25.22 -35.10 -11.73
N ALA J 62 25.75 -33.96 -12.17
CA ALA J 62 27.19 -33.80 -12.26
C ALA J 62 27.85 -34.29 -10.98
N ASN J 63 27.44 -33.74 -9.85
CA ASN J 63 28.03 -34.15 -8.58
C ASN J 63 27.93 -35.62 -8.27
N ILE J 64 26.83 -36.26 -8.63
CA ILE J 64 26.70 -37.68 -8.35
C ILE J 64 27.62 -38.50 -9.24
N GLN J 65 27.76 -38.09 -10.49
CA GLN J 65 28.61 -38.85 -11.39
C GLN J 65 30.06 -38.73 -10.96
N LEU J 66 30.46 -37.52 -10.54
CA LEU J 66 31.82 -37.25 -10.09
C LEU J 66 32.18 -38.15 -8.92
N TYR J 67 31.23 -38.34 -8.02
CA TYR J 67 31.45 -39.22 -6.87
C TYR J 67 31.60 -40.66 -7.37
N SER J 68 30.84 -41.00 -8.40
CA SER J 68 30.88 -42.34 -8.98
C SER J 68 32.28 -42.62 -9.51
N ILE J 69 32.82 -41.67 -10.26
CA ILE J 69 34.14 -41.85 -10.81
C ILE J 69 35.21 -41.86 -9.74
N ARG J 70 35.16 -40.87 -8.86
CA ARG J 70 36.14 -40.79 -7.79
C ARG J 70 36.19 -42.06 -6.96
N GLU J 71 35.03 -42.57 -6.57
CA GLU J 71 35.00 -43.78 -5.75
C GLU J 71 34.79 -45.07 -6.52
N ASP J 72 34.61 -44.98 -7.84
CA ASP J 72 34.35 -46.17 -8.64
C ASP J 72 33.33 -47.00 -7.84
N TYR J 73 32.23 -46.36 -7.50
CA TYR J 73 31.16 -46.98 -6.72
C TYR J 73 29.92 -46.15 -6.97
N GLU J 74 28.74 -46.74 -6.78
CA GLU J 74 27.48 -46.04 -6.99
C GLU J 74 26.83 -45.83 -5.64
N LEU J 75 26.67 -44.58 -5.24
CA LEU J 75 26.06 -44.26 -3.95
C LEU J 75 24.65 -44.82 -3.85
N SER J 76 24.31 -45.33 -2.68
CA SER J 76 22.98 -45.89 -2.46
C SER J 76 21.94 -44.81 -2.72
N PRO J 77 20.71 -45.23 -3.03
CA PRO J 77 19.68 -44.22 -3.29
C PRO J 77 19.53 -43.35 -2.05
N GLN J 78 19.52 -43.98 -0.89
CA GLN J 78 19.37 -43.28 0.37
C GLN J 78 20.39 -42.16 0.46
N ALA J 79 21.65 -42.48 0.20
CA ALA J 79 22.72 -41.49 0.26
C ALA J 79 22.45 -40.38 -0.73
N VAL J 80 22.22 -40.76 -1.99
CA VAL J 80 21.95 -39.77 -3.03
C VAL J 80 20.87 -38.78 -2.62
N SER J 81 19.80 -39.28 -2.02
CA SER J 81 18.70 -38.42 -1.60
C SER J 81 19.16 -37.47 -0.48
N SER J 82 19.98 -37.98 0.42
CA SER J 82 20.49 -37.16 1.52
C SER J 82 21.32 -36.00 0.95
N PHE J 83 22.08 -36.28 -0.10
CA PHE J 83 22.88 -35.25 -0.72
C PHE J 83 21.93 -34.19 -1.25
N VAL J 84 20.92 -34.66 -1.99
CA VAL J 84 19.94 -33.78 -2.58
C VAL J 84 19.23 -32.92 -1.55
N ARG J 85 18.77 -33.53 -0.45
CA ARG J 85 18.09 -32.76 0.58
C ARG J 85 19.02 -31.67 1.06
N GLN J 86 20.25 -32.05 1.42
CA GLN J 86 21.18 -31.05 1.90
C GLN J 86 21.23 -29.87 0.96
N GLU J 87 21.45 -30.16 -0.31
CA GLU J 87 21.54 -29.11 -1.29
C GLU J 87 20.33 -28.17 -1.27
N LEU J 88 19.12 -28.72 -1.34
CA LEU J 88 17.92 -27.88 -1.32
C LEU J 88 17.86 -27.11 -0.01
N ALA J 89 18.03 -27.83 1.09
CA ALA J 89 18.00 -27.20 2.39
C ALA J 89 18.94 -25.99 2.47
N LYS J 90 20.07 -26.03 1.76
CA LYS J 90 21.03 -24.91 1.76
C LYS J 90 20.37 -23.82 0.97
N SER J 91 19.93 -24.22 -0.22
CA SER J 91 19.27 -23.36 -1.18
C SER J 91 18.16 -22.49 -0.62
N ILE J 92 17.31 -23.09 0.22
CA ILE J 92 16.19 -22.35 0.78
C ILE J 92 16.59 -21.09 1.52
N ARG J 93 17.74 -21.10 2.20
CA ARG J 93 18.16 -19.90 2.92
C ARG J 93 19.22 -19.09 2.18
N SER J 94 19.37 -19.33 0.87
CA SER J 94 20.34 -18.61 0.05
C SER J 94 19.75 -17.30 -0.46
N ARG J 95 20.50 -16.58 -1.29
CA ARG J 95 20.01 -15.31 -1.83
C ARG J 95 18.85 -15.60 -2.77
N ARG J 96 19.04 -16.51 -3.72
CA ARG J 96 17.95 -16.86 -4.62
C ARG J 96 17.81 -18.39 -4.65
N PRO J 97 16.86 -18.92 -3.86
CA PRO J 97 16.56 -20.36 -3.73
C PRO J 97 16.05 -21.08 -4.96
N TYR J 98 16.45 -22.35 -5.08
CA TYR J 98 16.02 -23.19 -6.18
C TYR J 98 14.59 -23.53 -5.89
N GLN J 99 13.70 -23.28 -6.83
CA GLN J 99 12.32 -23.62 -6.58
C GLN J 99 12.04 -24.88 -7.38
N VAL J 100 12.49 -26.00 -6.84
CA VAL J 100 12.29 -27.27 -7.51
C VAL J 100 11.84 -28.32 -6.52
N ASN J 101 11.00 -29.24 -6.99
CA ASN J 101 10.53 -30.33 -6.15
C ASN J 101 10.95 -31.58 -6.87
N VAL J 102 11.29 -32.62 -6.13
CA VAL J 102 11.73 -33.81 -6.80
C VAL J 102 11.32 -35.12 -6.17
N LEU J 103 11.34 -36.13 -7.01
CA LEU J 103 11.05 -37.50 -6.62
C LEU J 103 12.31 -38.24 -6.99
N ILE J 104 12.81 -39.05 -6.07
CA ILE J 104 14.00 -39.82 -6.35
C ILE J 104 13.69 -41.29 -6.20
N GLY J 105 13.86 -42.02 -7.29
CA GLY J 105 13.59 -43.44 -7.29
C GLY J 105 14.81 -44.21 -7.72
N GLY J 106 15.22 -45.16 -6.90
CA GLY J 106 16.39 -45.94 -7.23
C GLY J 106 16.32 -47.33 -6.64
N TYR J 107 17.19 -48.20 -7.16
CA TYR J 107 17.25 -49.58 -6.69
C TYR J 107 18.55 -49.78 -5.94
N ASP J 108 18.43 -50.00 -4.64
CA ASP J 108 19.59 -50.21 -3.80
C ASP J 108 20.18 -51.58 -4.10
N LYS J 109 21.23 -51.62 -4.92
CA LYS J 109 21.85 -52.88 -5.29
C LYS J 109 22.36 -53.67 -4.10
N LYS J 110 22.70 -52.99 -3.01
CA LYS J 110 23.18 -53.67 -1.81
C LYS J 110 22.02 -54.28 -1.02
N LYS J 111 21.04 -53.47 -0.66
CA LYS J 111 19.88 -53.97 0.10
C LYS J 111 18.97 -54.80 -0.78
N ASN J 112 19.06 -54.56 -2.09
CA ASN J 112 18.22 -55.24 -3.06
C ASN J 112 16.78 -54.94 -2.74
N LYS J 113 16.47 -53.65 -2.83
CA LYS J 113 15.13 -53.12 -2.58
C LYS J 113 14.99 -51.79 -3.29
N PRO J 114 13.82 -51.54 -3.90
CA PRO J 114 13.59 -50.28 -4.60
C PRO J 114 13.24 -49.22 -3.56
N GLU J 115 13.51 -47.96 -3.89
CA GLU J 115 13.21 -46.88 -2.96
C GLU J 115 12.67 -45.61 -3.63
N LEU J 116 11.78 -44.91 -2.95
CA LEU J 116 11.20 -43.67 -3.46
C LEU J 116 11.32 -42.56 -2.41
N TYR J 117 11.91 -41.45 -2.83
CA TYR J 117 12.10 -40.32 -1.95
C TYR J 117 11.38 -39.11 -2.51
N GLN J 118 10.71 -38.36 -1.64
CA GLN J 118 10.02 -37.17 -2.07
C GLN J 118 10.68 -36.01 -1.34
N ILE J 119 11.12 -35.02 -2.09
CA ILE J 119 11.78 -33.86 -1.53
C ILE J 119 11.32 -32.59 -2.21
N ASP J 120 10.95 -31.59 -1.40
CA ASP J 120 10.50 -30.30 -1.93
C ASP J 120 11.60 -29.25 -1.82
N TYR J 121 11.41 -28.12 -2.49
CA TYR J 121 12.40 -27.05 -2.48
C TYR J 121 12.84 -26.59 -1.09
N LEU J 122 12.06 -26.92 -0.06
CA LEU J 122 12.44 -26.53 1.29
C LEU J 122 13.46 -27.50 1.89
N GLY J 123 13.65 -28.62 1.23
CA GLY J 123 14.57 -29.61 1.75
C GLY J 123 13.80 -30.59 2.61
N THR J 124 12.50 -30.67 2.40
CA THR J 124 11.68 -31.61 3.17
C THR J 124 11.81 -32.97 2.47
N LYS J 125 12.32 -33.96 3.18
CA LYS J 125 12.48 -35.27 2.60
C LYS J 125 11.68 -36.31 3.34
N VAL J 126 11.05 -37.19 2.59
CA VAL J 126 10.28 -38.26 3.18
C VAL J 126 10.33 -39.42 2.21
N GLU J 127 10.33 -40.63 2.75
CA GLU J 127 10.38 -41.81 1.91
C GLU J 127 8.99 -42.41 1.94
N LEU J 128 8.45 -42.69 0.76
CA LEU J 128 7.10 -43.21 0.67
C LEU J 128 6.91 -44.34 -0.32
N PRO J 129 5.82 -45.09 -0.16
CA PRO J 129 5.48 -46.20 -1.04
C PRO J 129 5.15 -45.56 -2.39
N TYR J 130 4.45 -44.44 -2.32
CA TYR J 130 4.06 -43.65 -3.49
C TYR J 130 4.01 -42.19 -3.11
N GLY J 131 4.30 -41.31 -4.06
CA GLY J 131 4.27 -39.90 -3.77
C GLY J 131 4.12 -39.08 -5.04
N ALA J 132 3.84 -37.79 -4.86
CA ALA J 132 3.67 -36.89 -6.00
C ALA J 132 3.85 -35.46 -5.55
N HIS J 133 4.27 -34.61 -6.47
CA HIS J 133 4.45 -33.19 -6.17
C HIS J 133 3.39 -32.37 -6.88
N GLY J 134 3.02 -31.27 -6.26
CA GLY J 134 2.01 -30.40 -6.85
C GLY J 134 0.61 -30.86 -6.53
N TYR J 135 -0.31 -30.55 -7.42
CA TYR J 135 -1.71 -30.91 -7.22
C TYR J 135 -2.02 -32.38 -7.38
N SER J 136 -1.33 -33.04 -8.30
CA SER J 136 -1.55 -34.47 -8.55
C SER J 136 -1.83 -35.20 -7.24
N GLY J 137 -1.10 -34.83 -6.19
CA GLY J 137 -1.27 -35.49 -4.91
C GLY J 137 -2.72 -35.58 -4.47
N PHE J 138 -3.43 -34.47 -4.62
CA PHE J 138 -4.83 -34.38 -4.24
C PHE J 138 -5.78 -35.39 -4.91
N TYR J 139 -5.47 -35.84 -6.12
CA TYR J 139 -6.34 -36.79 -6.80
C TYR J 139 -5.81 -38.21 -6.72
N THR J 140 -4.50 -38.36 -6.58
CA THR J 140 -3.90 -39.70 -6.56
C THR J 140 -3.66 -40.40 -5.22
N PHE J 141 -3.38 -39.66 -4.16
CA PHE J 141 -3.12 -40.30 -2.88
C PHE J 141 -4.28 -41.17 -2.40
N SER J 142 -5.51 -40.76 -2.69
CA SER J 142 -6.67 -41.53 -2.28
C SER J 142 -6.76 -42.78 -3.13
N LEU J 143 -6.44 -42.66 -4.41
CA LEU J 143 -6.46 -43.81 -5.31
C LEU J 143 -5.51 -44.86 -4.76
N LEU J 144 -4.24 -44.47 -4.61
CA LEU J 144 -3.22 -45.39 -4.12
C LEU J 144 -3.54 -45.82 -2.69
N ASP J 145 -3.96 -44.87 -1.86
CA ASP J 145 -4.32 -45.17 -0.47
C ASP J 145 -5.29 -46.36 -0.49
N HIS J 146 -5.98 -46.50 -1.62
CA HIS J 146 -6.99 -47.52 -1.81
C HIS J 146 -6.46 -48.79 -2.48
N HIS J 147 -5.97 -48.65 -3.71
CA HIS J 147 -5.48 -49.81 -4.46
C HIS J 147 -3.97 -50.07 -4.36
N TYR J 148 -3.35 -49.84 -3.22
CA TYR J 148 -1.92 -50.08 -3.15
C TYR J 148 -1.50 -51.26 -2.26
N ARG J 149 -0.62 -52.08 -2.81
CA ARG J 149 -0.09 -53.25 -2.13
C ARG J 149 1.43 -53.33 -2.34
N PRO J 150 2.19 -53.51 -1.25
CA PRO J 150 3.66 -53.60 -1.21
C PRO J 150 4.31 -54.69 -2.07
N ASP J 151 3.57 -55.77 -2.30
CA ASP J 151 4.07 -56.90 -3.08
C ASP J 151 3.63 -56.86 -4.52
N MET J 152 3.06 -55.74 -4.95
CA MET J 152 2.61 -55.61 -6.33
C MET J 152 3.74 -55.77 -7.34
N THR J 153 3.45 -56.46 -8.43
CA THR J 153 4.44 -56.67 -9.47
C THR J 153 4.63 -55.34 -10.20
N THR J 154 5.67 -55.25 -11.01
CA THR J 154 5.91 -54.03 -11.75
C THR J 154 4.73 -53.77 -12.65
N GLU J 155 4.15 -54.85 -13.20
CA GLU J 155 3.01 -54.69 -14.08
C GLU J 155 1.80 -54.14 -13.32
N GLU J 156 1.56 -54.67 -12.13
CA GLU J 156 0.44 -54.21 -11.32
C GLU J 156 0.67 -52.71 -11.08
N GLY J 157 1.90 -52.37 -10.75
CA GLY J 157 2.24 -50.98 -10.50
C GLY J 157 1.90 -50.11 -11.68
N LEU J 158 2.26 -50.54 -12.88
CA LEU J 158 1.94 -49.76 -14.05
C LEU J 158 0.44 -49.56 -14.18
N ASP J 159 -0.32 -50.63 -13.99
CA ASP J 159 -1.78 -50.54 -14.09
C ASP J 159 -2.32 -49.53 -13.09
N LEU J 160 -1.77 -49.58 -11.88
CA LEU J 160 -2.14 -48.67 -10.81
C LEU J 160 -1.89 -47.23 -11.27
N LEU J 161 -0.79 -47.01 -11.96
CA LEU J 161 -0.45 -45.69 -12.48
C LEU J 161 -1.48 -45.31 -13.53
N LYS J 162 -1.74 -46.25 -14.42
CA LYS J 162 -2.70 -46.05 -15.50
C LYS J 162 -3.98 -45.52 -14.88
N LEU J 163 -4.32 -46.09 -13.74
CA LEU J 163 -5.51 -45.67 -13.01
C LEU J 163 -5.39 -44.21 -12.54
N CYS J 164 -4.23 -43.84 -12.00
CA CYS J 164 -3.97 -42.48 -11.53
C CYS J 164 -3.99 -41.47 -12.67
N VAL J 165 -3.32 -41.80 -13.77
CA VAL J 165 -3.27 -40.92 -14.92
C VAL J 165 -4.65 -40.62 -15.45
N GLN J 166 -5.52 -41.63 -15.48
CA GLN J 166 -6.87 -41.42 -15.98
C GLN J 166 -7.60 -40.41 -15.10
N GLU J 167 -7.59 -40.64 -13.79
CA GLU J 167 -8.25 -39.73 -12.87
C GLU J 167 -7.72 -38.32 -13.09
N LEU J 168 -6.40 -38.20 -13.26
CA LEU J 168 -5.78 -36.90 -13.48
C LEU J 168 -6.27 -36.22 -14.75
N GLU J 169 -6.52 -37.00 -15.78
CA GLU J 169 -6.99 -36.41 -17.02
C GLU J 169 -8.45 -36.05 -16.90
N LYS J 170 -9.19 -36.86 -16.15
CA LYS J 170 -10.61 -36.61 -15.95
C LYS J 170 -10.90 -35.34 -15.15
N ARG J 171 -10.35 -35.26 -13.94
CA ARG J 171 -10.60 -34.12 -13.06
C ARG J 171 -9.64 -32.92 -13.05
N MET J 172 -8.55 -32.98 -13.81
CA MET J 172 -7.66 -31.84 -13.78
C MET J 172 -7.86 -30.82 -14.86
N PRO J 173 -7.82 -29.55 -14.48
CA PRO J 173 -7.99 -28.36 -15.32
C PRO J 173 -7.11 -28.35 -16.54
N MET J 174 -5.83 -28.58 -16.30
CA MET J 174 -4.82 -28.55 -17.34
C MET J 174 -4.63 -29.79 -18.20
N ASP J 175 -4.18 -29.53 -19.43
CA ASP J 175 -3.90 -30.61 -20.37
C ASP J 175 -2.40 -30.86 -20.27
N PHE J 176 -2.00 -31.85 -19.47
CA PHE J 176 -0.58 -32.13 -19.30
C PHE J 176 0.05 -32.99 -20.38
N LYS J 177 -0.71 -33.25 -21.45
CA LYS J 177 -0.22 -34.02 -22.59
C LYS J 177 0.29 -35.43 -22.30
N GLY J 178 -0.28 -36.10 -21.31
CA GLY J 178 0.15 -37.44 -20.98
C GLY J 178 1.42 -37.45 -20.17
N VAL J 179 1.87 -38.64 -19.78
CA VAL J 179 3.09 -38.77 -18.98
C VAL J 179 4.12 -39.73 -19.57
N ILE J 180 5.38 -39.57 -19.17
CA ILE J 180 6.45 -40.47 -19.60
C ILE J 180 6.72 -41.33 -18.40
N VAL J 181 6.68 -42.63 -18.57
CA VAL J 181 6.90 -43.53 -17.45
C VAL J 181 8.27 -44.20 -17.54
N LYS J 182 8.92 -44.35 -16.39
CA LYS J 182 10.22 -44.99 -16.32
C LYS J 182 10.26 -45.93 -15.11
N ILE J 183 10.96 -47.05 -15.27
CA ILE J 183 11.07 -48.03 -14.20
C ILE J 183 12.51 -48.19 -13.77
N VAL J 184 12.73 -48.22 -12.46
CA VAL J 184 14.06 -48.38 -11.90
C VAL J 184 14.02 -49.69 -11.12
N ASP J 185 15.03 -50.53 -11.35
CA ASP J 185 15.12 -51.83 -10.69
C ASP J 185 16.54 -52.41 -10.75
N LYS J 186 16.69 -53.63 -10.23
CA LYS J 186 17.98 -54.31 -10.19
C LYS J 186 18.76 -54.19 -11.49
N ASP J 187 18.06 -54.14 -12.61
CA ASP J 187 18.74 -54.06 -13.89
C ASP J 187 18.91 -52.65 -14.41
N GLY J 188 18.56 -51.66 -13.61
CA GLY J 188 18.72 -50.28 -14.04
C GLY J 188 17.45 -49.51 -14.32
N ILE J 189 17.56 -48.52 -15.19
CA ILE J 189 16.45 -47.65 -15.56
C ILE J 189 16.03 -47.86 -17.01
N ARG J 190 14.74 -47.99 -17.26
CA ARG J 190 14.22 -48.16 -18.62
C ARG J 190 12.90 -47.41 -18.74
N GLN J 191 12.56 -46.98 -19.96
CA GLN J 191 11.35 -46.22 -20.19
C GLN J 191 10.25 -46.96 -20.94
N VAL J 192 9.07 -47.07 -20.32
CA VAL J 192 7.93 -47.74 -20.94
C VAL J 192 7.40 -46.87 -22.08
N ASP J 193 7.98 -47.04 -23.27
CA ASP J 193 7.59 -46.26 -24.45
C ASP J 193 6.15 -46.48 -24.94
N ASP J 194 5.46 -47.46 -24.38
CA ASP J 194 4.08 -47.70 -24.78
C ASP J 194 3.12 -47.56 -23.60
N PHE J 195 2.81 -46.32 -23.26
CA PHE J 195 1.90 -46.05 -22.16
C PHE J 195 0.82 -45.11 -22.67
N GLN J 196 1.03 -44.59 -23.88
CA GLN J 196 0.07 -43.69 -24.52
C GLN J 196 -1.18 -44.50 -24.90
N ALA J 197 -1.19 -45.78 -24.49
CA ALA J 197 -2.28 -46.71 -24.76
C ALA J 197 -1.88 -48.12 -24.33
N GLN J 198 -1.53 -48.27 -23.04
CA GLN J 198 -1.13 -49.57 -22.48
C GLN J 198 -2.23 -50.18 -21.62
N THR K 1 5.71 -8.65 -31.88
CA THR K 1 6.77 -9.43 -32.55
C THR K 1 6.37 -10.87 -32.74
N THR K 2 6.71 -11.42 -33.90
CA THR K 2 6.41 -12.80 -34.21
C THR K 2 7.63 -13.42 -34.85
N THR K 3 8.08 -14.55 -34.30
CA THR K 3 9.23 -15.26 -34.82
C THR K 3 8.88 -16.74 -34.79
N LEU K 4 9.24 -17.46 -35.85
CA LEU K 4 8.94 -18.89 -35.90
C LEU K 4 10.03 -19.65 -36.63
N ALA K 5 10.26 -20.88 -36.18
CA ALA K 5 11.25 -21.74 -36.78
C ALA K 5 10.74 -23.17 -36.70
N PHE K 6 10.77 -23.86 -37.82
CA PHE K 6 10.33 -25.24 -37.84
C PHE K 6 11.24 -26.12 -38.67
N ARG K 7 11.34 -27.37 -38.25
CA ARG K 7 12.17 -28.38 -38.89
C ARG K 7 11.31 -29.22 -39.83
N PHE K 8 11.89 -29.57 -40.98
CA PHE K 8 11.21 -30.42 -41.97
C PHE K 8 12.25 -31.09 -42.83
N GLN K 9 11.78 -31.92 -43.75
CA GLN K 9 12.68 -32.65 -44.63
C GLN K 9 13.83 -31.80 -45.22
N GLY K 10 13.50 -30.63 -45.75
CA GLY K 10 14.52 -29.79 -46.35
C GLY K 10 15.38 -29.02 -45.37
N GLY K 11 15.24 -29.34 -44.08
CA GLY K 11 16.03 -28.65 -43.08
C GLY K 11 15.22 -27.79 -42.13
N ILE K 12 15.58 -26.51 -42.04
CA ILE K 12 14.87 -25.60 -41.15
C ILE K 12 14.49 -24.29 -41.82
N ILE K 13 13.29 -23.83 -41.49
CA ILE K 13 12.75 -22.57 -42.00
C ILE K 13 12.66 -21.60 -40.83
N VAL K 14 13.08 -20.36 -41.08
CA VAL K 14 13.04 -19.35 -40.04
C VAL K 14 12.51 -18.07 -40.67
N ALA K 15 11.47 -17.51 -40.04
CA ALA K 15 10.85 -16.28 -40.51
C ALA K 15 10.49 -15.40 -39.31
N VAL K 16 10.61 -14.09 -39.47
CA VAL K 16 10.30 -13.16 -38.41
C VAL K 16 9.73 -11.89 -39.01
N ASP K 17 9.15 -11.03 -38.16
CA ASP K 17 8.60 -9.77 -38.66
C ASP K 17 9.67 -8.71 -38.39
N SER K 18 9.33 -7.44 -38.45
CA SER K 18 10.35 -6.44 -38.21
C SER K 18 9.81 -5.20 -37.53
N ARG K 19 8.76 -5.38 -36.73
CA ARG K 19 8.19 -4.23 -36.05
C ARG K 19 8.71 -4.10 -34.62
N ALA K 20 8.97 -2.86 -34.23
CA ALA K 20 9.46 -2.56 -32.89
C ALA K 20 8.54 -1.50 -32.31
N THR K 21 8.14 -1.71 -31.05
CA THR K 21 7.26 -0.76 -30.40
C THR K 21 7.71 -0.30 -29.02
N ALA K 22 7.05 0.76 -28.57
CA ALA K 22 7.26 1.36 -27.28
C ALA K 22 5.82 1.70 -26.92
N GLY K 23 5.09 0.70 -26.42
CA GLY K 23 3.69 0.90 -26.10
C GLY K 23 2.90 0.74 -27.39
N ASN K 24 2.02 1.68 -27.70
CA ASN K 24 1.23 1.61 -28.93
C ASN K 24 2.01 2.26 -30.07
N TRP K 25 3.08 2.96 -29.70
CA TRP K 25 3.91 3.64 -30.68
C TRP K 25 4.86 2.70 -31.40
N VAL K 26 4.73 2.66 -32.72
CA VAL K 26 5.57 1.84 -33.57
C VAL K 26 6.87 2.59 -33.72
N ALA K 27 7.92 2.04 -33.12
CA ALA K 27 9.23 2.65 -33.17
C ALA K 27 9.93 2.40 -34.50
N SER K 28 9.75 1.20 -35.05
CA SER K 28 10.36 0.83 -36.32
C SER K 28 9.67 -0.37 -37.00
N GLN K 29 9.76 -0.37 -38.33
CA GLN K 29 9.20 -1.44 -39.14
C GLN K 29 10.36 -2.08 -39.89
N THR K 30 11.57 -1.63 -39.55
CA THR K 30 12.80 -2.09 -40.20
C THR K 30 13.83 -2.72 -39.28
N VAL K 31 13.39 -3.53 -38.33
CA VAL K 31 14.32 -4.17 -37.41
C VAL K 31 14.69 -5.56 -37.89
N LYS K 32 15.93 -5.98 -37.64
CA LYS K 32 16.39 -7.32 -38.05
C LYS K 32 16.29 -8.26 -36.86
N LYS K 33 15.19 -9.01 -36.77
CA LYS K 33 14.98 -9.91 -35.66
C LYS K 33 15.72 -11.23 -35.78
N VAL K 34 16.50 -11.39 -36.86
CA VAL K 34 17.29 -12.61 -37.01
C VAL K 34 18.75 -12.21 -36.94
N ILE K 35 19.48 -12.84 -36.02
CA ILE K 35 20.89 -12.55 -35.85
C ILE K 35 21.67 -13.72 -36.40
N GLU K 36 22.52 -13.42 -37.38
CA GLU K 36 23.36 -14.42 -38.02
C GLU K 36 24.62 -14.63 -37.16
N ILE K 37 24.50 -15.57 -36.23
CA ILE K 37 25.58 -15.88 -35.30
C ILE K 37 26.83 -16.26 -36.05
N ASN K 38 26.63 -16.92 -37.17
CA ASN K 38 27.71 -17.35 -38.03
C ASN K 38 27.07 -18.14 -39.15
N PRO K 39 27.74 -18.24 -40.29
CA PRO K 39 27.32 -18.95 -41.50
C PRO K 39 26.53 -20.24 -41.30
N PHE K 40 26.31 -20.64 -40.06
CA PHE K 40 25.58 -21.87 -39.81
C PHE K 40 24.67 -21.79 -38.62
N LEU K 41 24.71 -20.66 -37.93
CA LEU K 41 23.88 -20.46 -36.76
C LEU K 41 23.05 -19.20 -36.86
N LEU K 42 21.77 -19.37 -36.55
CA LEU K 42 20.81 -18.28 -36.57
C LEU K 42 20.16 -18.10 -35.20
N GLY K 43 19.89 -16.84 -34.85
CA GLY K 43 19.24 -16.55 -33.59
C GLY K 43 18.06 -15.60 -33.79
N THR K 44 16.86 -16.03 -33.37
CA THR K 44 15.66 -15.20 -33.50
C THR K 44 15.66 -14.22 -32.33
N MET K 45 14.95 -13.12 -32.49
CA MET K 45 14.95 -12.10 -31.45
C MET K 45 13.54 -11.60 -31.10
N ALA K 46 13.07 -11.97 -29.91
CA ALA K 46 11.75 -11.56 -29.43
C ALA K 46 11.82 -11.23 -27.94
N GLY K 47 11.22 -10.12 -27.55
CA GLY K 47 11.28 -9.70 -26.16
C GLY K 47 11.91 -8.32 -26.16
N GLY K 48 12.78 -8.02 -25.20
CA GLY K 48 13.43 -6.71 -25.18
C GLY K 48 14.45 -6.70 -26.30
N ALA K 49 14.43 -5.65 -27.13
CA ALA K 49 15.35 -5.57 -28.26
C ALA K 49 16.79 -5.67 -27.79
N ALA K 50 17.27 -4.60 -27.16
CA ALA K 50 18.63 -4.60 -26.66
C ALA K 50 19.00 -5.96 -26.04
N ASP K 51 18.23 -6.42 -25.06
CA ASP K 51 18.53 -7.71 -24.43
C ASP K 51 18.84 -8.85 -25.40
N CYS K 52 18.07 -8.99 -26.48
CA CYS K 52 18.32 -10.07 -27.44
C CYS K 52 19.52 -9.77 -28.32
N GLN K 53 19.42 -8.65 -28.99
CA GLN K 53 20.43 -8.15 -29.89
C GLN K 53 21.82 -8.12 -29.25
N PHE K 54 21.90 -7.66 -28.01
CA PHE K 54 23.18 -7.56 -27.31
C PHE K 54 23.73 -8.93 -26.95
N TRP K 55 22.93 -9.68 -26.22
CA TRP K 55 23.36 -11.00 -25.79
C TRP K 55 23.55 -12.00 -26.88
N GLU K 56 22.84 -11.86 -27.99
CA GLU K 56 23.02 -12.80 -29.08
C GLU K 56 24.29 -12.46 -29.84
N THR K 57 24.63 -11.18 -29.91
CA THR K 57 25.86 -10.76 -30.56
C THR K 57 27.00 -11.31 -29.71
N TRP K 58 26.85 -11.19 -28.40
CA TRP K 58 27.84 -11.70 -27.46
C TRP K 58 28.00 -13.20 -27.69
N LEU K 59 26.88 -13.90 -27.90
CA LEU K 59 26.92 -15.34 -28.15
C LEU K 59 27.81 -15.62 -29.34
N GLY K 60 27.68 -14.81 -30.39
CA GLY K 60 28.50 -14.99 -31.58
C GLY K 60 29.97 -15.01 -31.23
N SER K 61 30.37 -14.09 -30.36
CA SER K 61 31.76 -13.99 -29.91
C SER K 61 32.19 -15.22 -29.14
N GLN K 62 31.30 -15.78 -28.35
CA GLN K 62 31.65 -16.97 -27.58
C GLN K 62 31.78 -18.16 -28.50
N CYS K 63 30.95 -18.20 -29.54
CA CYS K 63 30.98 -19.30 -30.50
C CYS K 63 32.25 -19.26 -31.31
N ARG K 64 32.68 -18.05 -31.69
CA ARG K 64 33.89 -17.86 -32.46
C ARG K 64 35.10 -18.32 -31.63
N LEU K 65 35.13 -17.89 -30.38
CA LEU K 65 36.20 -18.25 -29.47
C LEU K 65 36.25 -19.75 -29.29
N HIS K 66 35.09 -20.38 -29.21
CA HIS K 66 35.04 -21.83 -29.03
C HIS K 66 35.67 -22.55 -30.21
N GLU K 67 35.47 -22.03 -31.41
CA GLU K 67 36.02 -22.68 -32.57
C GLU K 67 37.51 -22.42 -32.71
N LEU K 68 37.98 -21.25 -32.28
CA LEU K 68 39.40 -20.96 -32.33
C LEU K 68 40.09 -21.93 -31.40
N ARG K 69 39.48 -22.14 -30.24
CA ARG K 69 40.01 -23.02 -29.21
C ARG K 69 40.00 -24.49 -29.61
N GLU K 70 38.83 -24.99 -30.00
CA GLU K 70 38.66 -26.40 -30.37
C GLU K 70 38.81 -26.72 -31.84
N LYS K 71 39.19 -25.73 -32.63
CA LYS K 71 39.39 -25.95 -34.05
C LYS K 71 38.24 -26.77 -34.63
N GLU K 72 37.02 -26.43 -34.24
CA GLU K 72 35.83 -27.12 -34.71
C GLU K 72 34.56 -26.30 -34.46
N ARG K 73 33.69 -26.29 -35.46
CA ARG K 73 32.41 -25.58 -35.42
C ARG K 73 31.62 -26.00 -34.17
N ILE K 74 31.21 -25.02 -33.38
CA ILE K 74 30.45 -25.28 -32.16
C ILE K 74 29.06 -25.86 -32.45
N SER K 75 28.60 -26.77 -31.58
CA SER K 75 27.30 -27.39 -31.80
C SER K 75 26.14 -26.49 -31.38
N VAL K 76 24.99 -26.69 -32.04
CA VAL K 76 23.79 -25.92 -31.75
C VAL K 76 23.43 -26.07 -30.28
N ALA K 77 23.42 -27.30 -29.82
CA ALA K 77 23.09 -27.58 -28.43
C ALA K 77 24.00 -26.81 -27.47
N ALA K 78 25.29 -26.71 -27.81
CA ALA K 78 26.22 -25.99 -26.95
C ALA K 78 25.98 -24.49 -27.02
N ALA K 79 25.87 -23.97 -28.24
CA ALA K 79 25.64 -22.55 -28.43
C ALA K 79 24.40 -22.12 -27.63
N SER K 80 23.35 -22.95 -27.72
CA SER K 80 22.11 -22.66 -27.03
C SER K 80 22.27 -22.72 -25.53
N LYS K 81 23.17 -23.57 -25.03
CA LYS K 81 23.32 -23.62 -23.59
C LYS K 81 24.15 -22.47 -23.07
N ILE K 82 25.01 -21.92 -23.91
CA ILE K 82 25.84 -20.79 -23.50
C ILE K 82 24.91 -19.62 -23.20
N LEU K 83 24.00 -19.35 -24.13
CA LEU K 83 23.05 -18.26 -23.96
C LEU K 83 22.22 -18.60 -22.73
N SER K 84 21.67 -19.80 -22.73
CA SER K 84 20.86 -20.29 -21.64
C SER K 84 21.48 -20.02 -20.28
N ASN K 85 22.70 -20.51 -20.10
CA ASN K 85 23.40 -20.34 -18.84
C ASN K 85 23.69 -18.86 -18.54
N LEU K 86 24.12 -18.09 -19.53
CA LEU K 86 24.41 -16.67 -19.31
C LEU K 86 23.17 -16.01 -18.76
N VAL K 87 22.08 -16.21 -19.49
CA VAL K 87 20.80 -15.64 -19.15
C VAL K 87 20.36 -16.01 -17.73
N TYR K 88 20.55 -17.28 -17.35
CA TYR K 88 20.17 -17.74 -16.02
C TYR K 88 20.99 -17.07 -14.94
N GLN K 89 22.18 -16.60 -15.30
CA GLN K 89 23.02 -15.91 -14.33
C GLN K 89 22.34 -14.59 -13.94
N TYR K 90 21.44 -14.14 -14.79
CA TYR K 90 20.73 -12.89 -14.57
C TYR K 90 19.27 -13.10 -14.19
N LYS K 91 18.89 -14.33 -13.86
CA LYS K 91 17.50 -14.61 -13.52
C LYS K 91 17.04 -13.70 -12.39
N GLY K 92 15.88 -13.08 -12.60
CA GLY K 92 15.33 -12.17 -11.61
C GLY K 92 15.76 -10.72 -11.84
N ALA K 93 16.78 -10.52 -12.65
CA ALA K 93 17.29 -9.18 -12.89
C ALA K 93 16.46 -8.32 -13.81
N GLY K 94 15.65 -8.94 -14.66
CA GLY K 94 14.85 -8.13 -15.55
C GLY K 94 15.14 -8.32 -17.04
N LEU K 95 16.07 -9.21 -17.37
CA LEU K 95 16.33 -9.45 -18.79
C LEU K 95 15.01 -9.97 -19.37
N SER K 96 14.78 -9.69 -20.64
CA SER K 96 13.56 -10.14 -21.28
C SER K 96 13.84 -10.56 -22.71
N MET K 97 13.95 -11.86 -22.90
CA MET K 97 14.21 -12.39 -24.22
C MET K 97 13.69 -13.80 -24.38
N GLY K 98 13.05 -14.00 -25.53
CA GLY K 98 12.50 -15.30 -25.90
C GLY K 98 13.19 -15.47 -27.23
N THR K 99 14.04 -16.48 -27.31
CA THR K 99 14.80 -16.66 -28.52
C THR K 99 14.89 -18.09 -29.00
N MET K 100 15.25 -18.23 -30.27
CA MET K 100 15.42 -19.52 -30.90
C MET K 100 16.84 -19.59 -31.43
N ILE K 101 17.50 -20.71 -31.15
CA ILE K 101 18.86 -20.93 -31.65
C ILE K 101 18.71 -22.08 -32.64
N CYS K 102 18.92 -21.78 -33.92
CA CYS K 102 18.76 -22.76 -34.98
C CYS K 102 20.03 -22.98 -35.78
N GLY K 103 20.40 -24.24 -35.96
CA GLY K 103 21.60 -24.55 -36.70
C GLY K 103 21.61 -25.92 -37.35
N TYR K 104 22.68 -26.20 -38.10
CA TYR K 104 22.79 -27.48 -38.80
C TYR K 104 24.20 -28.04 -38.73
N THR K 105 24.47 -28.91 -37.77
CA THR K 105 25.79 -29.49 -37.67
C THR K 105 25.72 -30.92 -38.15
N ARG K 106 26.78 -31.37 -38.82
CA ARG K 106 26.83 -32.72 -39.34
C ARG K 106 26.47 -33.74 -38.26
N LYS K 107 26.79 -33.36 -37.02
CA LYS K 107 26.56 -34.22 -35.87
C LYS K 107 25.10 -34.28 -35.42
N GLU K 108 24.46 -33.11 -35.35
CA GLU K 108 23.07 -33.01 -34.89
C GLU K 108 22.02 -32.89 -36.01
N GLY K 109 22.43 -32.40 -37.17
CA GLY K 109 21.48 -32.24 -38.27
C GLY K 109 20.71 -30.96 -38.07
N PRO K 110 19.46 -30.87 -38.55
CA PRO K 110 18.74 -29.62 -38.34
C PRO K 110 18.34 -29.59 -36.88
N THR K 111 18.60 -28.46 -36.21
CA THR K 111 18.26 -28.34 -34.79
C THR K 111 17.77 -26.95 -34.42
N ILE K 112 16.80 -26.93 -33.50
CA ILE K 112 16.19 -25.70 -33.01
C ILE K 112 16.04 -25.75 -31.50
N TYR K 113 16.55 -24.70 -30.84
CA TYR K 113 16.46 -24.60 -29.40
C TYR K 113 15.73 -23.31 -29.02
N TYR K 114 14.81 -23.44 -28.09
CA TYR K 114 14.05 -22.31 -27.60
C TYR K 114 14.73 -21.88 -26.30
N VAL K 115 15.11 -20.61 -26.21
CA VAL K 115 15.77 -20.10 -25.03
C VAL K 115 15.15 -18.80 -24.60
N ASP K 116 14.65 -18.72 -23.37
CA ASP K 116 14.06 -17.47 -22.88
C ASP K 116 14.78 -17.01 -21.60
N SER K 117 14.64 -15.73 -21.29
CA SER K 117 15.28 -15.16 -20.11
C SER K 117 14.81 -15.79 -18.80
N ASP K 118 13.92 -16.78 -18.92
CA ASP K 118 13.41 -17.50 -17.75
C ASP K 118 14.39 -18.59 -17.37
N GLY K 119 15.19 -19.00 -18.34
CA GLY K 119 16.17 -20.06 -18.13
C GLY K 119 15.69 -21.31 -18.82
N THR K 120 14.52 -21.19 -19.45
CA THR K 120 13.93 -22.30 -20.15
C THR K 120 14.71 -22.54 -21.44
N ARG K 121 15.17 -23.78 -21.62
CA ARG K 121 15.90 -24.19 -22.81
C ARG K 121 15.18 -25.43 -23.30
N LEU K 122 14.67 -25.38 -24.52
CA LEU K 122 13.93 -26.49 -25.09
C LEU K 122 14.28 -26.82 -26.54
N LYS K 123 14.37 -28.11 -26.85
CA LYS K 123 14.66 -28.54 -28.21
C LYS K 123 13.34 -28.99 -28.85
N GLY K 124 13.13 -28.60 -30.10
CA GLY K 124 11.89 -28.98 -30.76
C GLY K 124 11.90 -28.75 -32.25
N ASP K 125 10.83 -29.24 -32.90
CA ASP K 125 10.68 -29.12 -34.34
C ASP K 125 10.00 -27.83 -34.76
N ILE K 126 9.10 -27.33 -33.91
CA ILE K 126 8.38 -26.10 -34.21
C ILE K 126 8.33 -25.22 -32.99
N PHE K 127 8.53 -23.92 -33.20
CA PHE K 127 8.49 -22.95 -32.11
C PHE K 127 8.05 -21.60 -32.65
N CYS K 128 7.07 -21.01 -32.00
CA CYS K 128 6.60 -19.68 -32.40
C CYS K 128 6.78 -18.84 -31.17
N VAL K 129 7.54 -17.77 -31.27
CA VAL K 129 7.76 -16.94 -30.11
C VAL K 129 7.48 -15.49 -30.40
N GLY K 130 6.79 -14.84 -29.47
CA GLY K 130 6.47 -13.43 -29.64
C GLY K 130 5.01 -13.11 -29.38
N SER K 131 4.71 -11.82 -29.30
CA SER K 131 3.36 -11.39 -29.04
C SER K 131 2.37 -11.89 -30.11
N GLY K 132 2.89 -12.44 -31.21
CA GLY K 132 2.01 -12.92 -32.26
C GLY K 132 2.09 -14.42 -32.46
N GLN K 133 2.83 -15.09 -31.60
CA GLN K 133 3.02 -16.53 -31.72
C GLN K 133 1.79 -17.39 -31.96
N THR K 134 0.72 -17.14 -31.22
CA THR K 134 -0.49 -17.93 -31.38
C THR K 134 -1.02 -17.83 -32.81
N PHE K 135 -1.01 -16.61 -33.37
CA PHE K 135 -1.50 -16.42 -34.73
C PHE K 135 -0.66 -17.23 -35.69
N ALA K 136 0.67 -17.16 -35.54
CA ALA K 136 1.56 -17.91 -36.40
C ALA K 136 1.29 -19.41 -36.20
N TYR K 137 1.19 -19.83 -34.95
CA TYR K 137 0.90 -21.22 -34.64
C TYR K 137 -0.35 -21.67 -35.37
N GLY K 138 -1.40 -20.86 -35.29
CA GLY K 138 -2.65 -21.18 -35.95
C GLY K 138 -2.45 -21.64 -37.39
N VAL K 139 -1.84 -20.78 -38.20
CA VAL K 139 -1.56 -21.08 -39.59
C VAL K 139 -0.61 -22.29 -39.71
N LEU K 140 0.59 -22.14 -39.17
CA LEU K 140 1.60 -23.18 -39.23
C LEU K 140 1.12 -24.58 -38.83
N ASP K 141 0.70 -24.74 -37.58
CA ASP K 141 0.26 -26.03 -37.09
C ASP K 141 -0.62 -26.83 -38.02
N SER K 142 -1.54 -26.14 -38.69
CA SER K 142 -2.49 -26.80 -39.57
C SER K 142 -2.06 -27.04 -41.02
N ASN K 143 -0.81 -26.73 -41.34
CA ASN K 143 -0.33 -26.93 -42.69
C ASN K 143 1.07 -27.54 -42.68
N TYR K 144 1.59 -27.84 -41.50
CA TYR K 144 2.92 -28.40 -41.42
C TYR K 144 2.93 -29.91 -41.69
N LYS K 145 3.95 -30.33 -42.43
CA LYS K 145 4.20 -31.72 -42.79
C LYS K 145 5.72 -31.83 -42.95
N TRP K 146 6.31 -32.90 -42.47
CA TRP K 146 7.76 -33.03 -42.60
C TRP K 146 8.17 -33.04 -44.08
N ASP K 147 7.18 -33.29 -44.93
CA ASP K 147 7.38 -33.38 -46.37
C ASP K 147 7.02 -32.14 -47.18
N LEU K 148 7.50 -30.99 -46.76
CA LEU K 148 7.23 -29.76 -47.48
C LEU K 148 8.39 -29.46 -48.38
N SER K 149 8.11 -28.98 -49.58
CA SER K 149 9.20 -28.64 -50.48
C SER K 149 9.84 -27.43 -49.86
N VAL K 150 11.16 -27.31 -49.98
CA VAL K 150 11.84 -26.16 -49.42
C VAL K 150 11.10 -24.89 -49.88
N GLU K 151 10.36 -25.03 -50.98
CA GLU K 151 9.60 -23.93 -51.55
C GLU K 151 8.27 -23.71 -50.80
N ASP K 152 7.59 -24.79 -50.46
CA ASP K 152 6.33 -24.69 -49.74
C ASP K 152 6.55 -24.35 -48.28
N ALA K 153 7.60 -24.91 -47.69
CA ALA K 153 7.93 -24.62 -46.31
C ALA K 153 8.23 -23.13 -46.23
N LEU K 154 9.03 -22.64 -47.17
CA LEU K 154 9.34 -21.23 -47.18
C LEU K 154 8.05 -20.42 -47.21
N TYR K 155 7.10 -20.84 -48.05
CA TYR K 155 5.85 -20.10 -48.12
C TYR K 155 5.09 -20.20 -46.81
N LEU K 156 4.78 -21.43 -46.39
CA LEU K 156 4.06 -21.61 -45.13
C LEU K 156 4.60 -20.72 -44.03
N GLY K 157 5.93 -20.56 -43.98
CA GLY K 157 6.53 -19.71 -42.97
C GLY K 157 6.17 -18.26 -43.24
N LYS K 158 6.52 -17.77 -44.42
CA LYS K 158 6.21 -16.40 -44.80
C LYS K 158 4.75 -16.09 -44.52
N ARG K 159 3.89 -17.06 -44.82
CA ARG K 159 2.45 -16.90 -44.63
C ARG K 159 2.07 -16.89 -43.17
N SER K 160 2.78 -17.67 -42.36
CA SER K 160 2.50 -17.72 -40.94
C SER K 160 2.80 -16.38 -40.28
N ILE K 161 3.81 -15.68 -40.79
CA ILE K 161 4.17 -14.38 -40.24
C ILE K 161 3.16 -13.37 -40.77
N LEU K 162 2.72 -13.56 -42.01
CA LEU K 162 1.74 -12.66 -42.61
C LEU K 162 0.49 -12.62 -41.73
N ALA K 163 0.04 -13.80 -41.32
CA ALA K 163 -1.13 -13.92 -40.46
C ALA K 163 -0.93 -13.10 -39.18
N ALA K 164 0.15 -13.39 -38.46
CA ALA K 164 0.48 -12.71 -37.20
C ALA K 164 0.58 -11.20 -37.38
N ALA K 165 1.25 -10.77 -38.43
CA ALA K 165 1.41 -9.34 -38.69
C ALA K 165 0.05 -8.67 -38.78
N HIS K 166 -0.88 -9.36 -39.44
CA HIS K 166 -2.25 -8.86 -39.62
C HIS K 166 -3.04 -8.69 -38.32
N ARG K 167 -3.27 -9.80 -37.61
CA ARG K 167 -4.00 -9.81 -36.34
C ARG K 167 -3.32 -9.12 -35.18
N ASP K 168 -2.03 -9.37 -34.98
CA ASP K 168 -1.29 -8.76 -33.89
C ASP K 168 -0.91 -7.32 -34.19
N ALA K 169 -1.24 -6.44 -33.25
CA ALA K 169 -0.94 -5.02 -33.40
C ALA K 169 0.55 -4.76 -33.24
N TYR K 170 1.22 -5.62 -32.51
CA TYR K 170 2.64 -5.45 -32.25
C TYR K 170 3.60 -6.08 -33.25
N SER K 171 3.02 -6.77 -34.24
CA SER K 171 3.80 -7.42 -35.27
C SER K 171 3.48 -6.78 -36.60
N GLY K 172 4.42 -6.86 -37.53
CA GLY K 172 4.20 -6.28 -38.83
C GLY K 172 5.49 -5.80 -39.44
N GLY K 173 5.38 -4.79 -40.30
CA GLY K 173 6.55 -4.25 -40.98
C GLY K 173 6.89 -5.04 -42.24
N SER K 174 7.64 -6.13 -42.06
CA SER K 174 8.03 -6.98 -43.17
C SER K 174 8.46 -8.35 -42.68
N VAL K 175 8.47 -9.31 -43.60
CA VAL K 175 8.87 -10.66 -43.27
C VAL K 175 10.32 -10.87 -43.73
N ASN K 176 11.07 -11.66 -42.97
CA ASN K 176 12.46 -11.99 -43.30
C ASN K 176 12.60 -13.49 -43.24
N LEU K 177 12.91 -14.08 -44.38
CA LEU K 177 13.05 -15.53 -44.47
C LEU K 177 14.48 -16.04 -44.48
N TYR K 178 14.65 -17.25 -43.97
CA TYR K 178 15.93 -17.93 -43.93
C TYR K 178 15.70 -19.43 -44.10
N HIS K 179 16.61 -20.08 -44.81
CA HIS K 179 16.52 -21.52 -44.99
C HIS K 179 17.82 -22.09 -44.45
N VAL K 180 17.70 -23.01 -43.50
CA VAL K 180 18.87 -23.60 -42.89
C VAL K 180 19.20 -24.97 -43.45
N THR K 181 20.36 -25.05 -44.11
CA THR K 181 20.89 -26.27 -44.72
C THR K 181 22.28 -26.45 -44.13
N GLU K 182 22.83 -27.66 -44.21
CA GLU K 182 24.14 -27.94 -43.64
C GLU K 182 25.22 -26.99 -44.11
N ASP K 183 25.13 -26.56 -45.36
CA ASP K 183 26.11 -25.63 -45.89
C ASP K 183 25.94 -24.24 -45.28
N GLY K 184 24.91 -24.12 -44.43
CA GLY K 184 24.63 -22.87 -43.76
C GLY K 184 23.24 -22.38 -44.09
N TRP K 185 22.93 -21.18 -43.61
CA TRP K 185 21.64 -20.60 -43.84
C TRP K 185 21.66 -19.80 -45.14
N ILE K 186 20.51 -19.72 -45.78
CA ILE K 186 20.38 -18.97 -47.03
C ILE K 186 19.27 -17.94 -46.88
N TYR K 187 19.63 -16.66 -46.97
CA TYR K 187 18.62 -15.61 -46.84
C TYR K 187 17.61 -15.78 -47.95
N HIS K 188 16.38 -15.39 -47.68
CA HIS K 188 15.34 -15.49 -48.68
C HIS K 188 14.51 -14.23 -48.76
N GLY K 189 15.21 -13.11 -48.67
CA GLY K 189 14.59 -11.81 -48.79
C GLY K 189 13.70 -11.25 -47.71
N ASN K 190 13.43 -9.96 -47.89
CA ASN K 190 12.59 -9.17 -47.01
C ASN K 190 11.32 -8.88 -47.77
N HIS K 191 10.19 -9.32 -47.22
CA HIS K 191 8.91 -9.11 -47.87
C HIS K 191 8.03 -8.15 -47.08
N ASP K 192 7.80 -6.97 -47.65
CA ASP K 192 6.99 -5.97 -46.99
C ASP K 192 5.57 -6.46 -46.82
N VAL K 193 5.11 -6.48 -45.59
CA VAL K 193 3.75 -6.94 -45.27
C VAL K 193 2.77 -6.10 -46.05
N GLY K 194 3.09 -4.81 -46.17
CA GLY K 194 2.23 -3.91 -46.91
C GLY K 194 1.83 -4.53 -48.24
N GLU K 195 2.81 -4.75 -49.11
CA GLU K 195 2.53 -5.33 -50.42
C GLU K 195 2.29 -6.83 -50.40
N LEU K 196 2.90 -7.52 -49.45
CA LEU K 196 2.73 -8.96 -49.37
C LEU K 196 1.30 -9.38 -49.09
N PHE K 197 0.64 -8.66 -48.19
CA PHE K 197 -0.74 -8.96 -47.83
C PHE K 197 -1.66 -9.02 -49.04
N TRP K 198 -1.80 -7.88 -49.70
CA TRP K 198 -2.63 -7.77 -50.89
C TRP K 198 -2.34 -8.92 -51.85
N LYS K 199 -1.09 -9.01 -52.29
CA LYS K 199 -0.68 -10.06 -53.20
C LYS K 199 -1.27 -11.39 -52.74
N VAL K 200 -0.98 -11.78 -51.50
CA VAL K 200 -1.48 -13.03 -50.97
C VAL K 200 -2.98 -13.07 -51.02
N LYS K 201 -3.62 -11.98 -50.62
CA LYS K 201 -5.08 -11.94 -50.62
C LYS K 201 -5.58 -12.34 -51.99
N GLU K 202 -5.23 -11.53 -53.00
CA GLU K 202 -5.64 -11.81 -54.36
C GLU K 202 -5.32 -13.24 -54.78
N GLU K 203 -4.04 -13.55 -54.87
CA GLU K 203 -3.60 -14.87 -55.29
C GLU K 203 -4.19 -16.04 -54.53
N GLU K 204 -4.22 -15.93 -53.22
CA GLU K 204 -4.71 -17.02 -52.38
C GLU K 204 -6.22 -17.00 -52.10
N GLY K 205 -6.83 -15.83 -52.17
CA GLY K 205 -8.25 -15.72 -51.92
C GLY K 205 -8.63 -15.76 -50.45
N SER K 206 -7.63 -15.72 -49.57
CA SER K 206 -7.86 -15.74 -48.14
C SER K 206 -7.96 -14.28 -47.72
N PHE K 207 -8.14 -14.05 -46.42
CA PHE K 207 -8.28 -12.69 -45.90
C PHE K 207 -9.50 -12.13 -46.59
N ASN K 208 -10.44 -13.04 -46.86
CA ASN K 208 -11.66 -12.69 -47.54
C ASN K 208 -12.43 -11.61 -46.79
N ASN K 209 -12.21 -11.50 -45.48
CA ASN K 209 -12.91 -10.49 -44.69
C ASN K 209 -12.55 -9.08 -45.09
N VAL K 210 -11.25 -8.75 -45.01
CA VAL K 210 -10.78 -7.43 -45.38
C VAL K 210 -11.35 -7.03 -46.75
N ILE K 211 -11.56 -5.73 -46.97
CA ILE K 211 -12.07 -5.26 -48.25
C ILE K 211 -10.97 -4.57 -49.06
N GLY K 212 -10.88 -4.95 -50.33
CA GLY K 212 -9.86 -4.36 -51.19
C GLY K 212 -10.20 -4.32 -52.68
N GLN L 1 10.52 9.86 -1.68
CA GLN L 1 11.80 9.12 -1.96
C GLN L 1 12.58 9.89 -3.04
N PHE L 2 13.89 9.63 -3.13
CA PHE L 2 14.72 10.32 -4.13
C PHE L 2 14.66 9.73 -5.53
N ASN L 3 14.21 10.55 -6.48
CA ASN L 3 14.12 10.14 -7.88
C ASN L 3 15.36 10.67 -8.60
N PRO L 4 16.24 9.75 -9.03
CA PRO L 4 17.50 10.01 -9.73
C PRO L 4 17.35 10.58 -11.13
N TYR L 5 16.18 10.40 -11.74
CA TYR L 5 15.93 10.87 -13.09
C TYR L 5 15.15 12.16 -13.23
N GLY L 6 15.14 12.70 -14.45
CA GLY L 6 14.43 13.92 -14.73
C GLY L 6 14.13 14.03 -16.21
N ASP L 7 13.42 15.08 -16.61
CA ASP L 7 13.10 15.29 -18.01
C ASP L 7 13.37 16.74 -18.38
N ASN L 8 14.24 16.94 -19.36
CA ASN L 8 14.59 18.28 -19.81
C ASN L 8 13.95 18.58 -21.15
N GLY L 9 13.06 17.71 -21.59
CA GLY L 9 12.36 17.89 -22.84
C GLY L 9 13.24 17.75 -24.06
N GLY L 10 13.11 18.68 -24.99
CA GLY L 10 13.93 18.63 -26.19
C GLY L 10 13.49 17.60 -27.22
N THR L 11 13.90 17.83 -28.46
CA THR L 11 13.57 16.93 -29.57
C THR L 11 14.69 17.00 -30.60
N ILE L 12 15.07 15.85 -31.15
CA ILE L 12 16.12 15.81 -32.14
C ILE L 12 15.70 15.05 -33.39
N LEU L 13 16.39 15.35 -34.48
CA LEU L 13 16.09 14.76 -35.77
C LEU L 13 17.33 14.47 -36.59
N GLY L 14 17.40 13.27 -37.17
CA GLY L 14 18.54 12.90 -38.01
C GLY L 14 18.11 12.39 -39.36
N ILE L 15 18.66 12.99 -40.42
CA ILE L 15 18.35 12.59 -41.79
C ILE L 15 19.62 12.31 -42.59
N ALA L 16 19.62 11.20 -43.33
CA ALA L 16 20.79 10.80 -44.10
C ALA L 16 20.64 11.12 -45.57
N GLY L 17 21.61 11.83 -46.12
CA GLY L 17 21.58 12.15 -47.55
C GLY L 17 22.45 11.14 -48.30
N GLU L 18 22.56 11.29 -49.61
CA GLU L 18 23.38 10.36 -50.39
C GLU L 18 24.88 10.55 -50.12
N ASP L 19 25.28 11.77 -49.83
CA ASP L 19 26.68 12.04 -49.58
C ASP L 19 26.80 13.00 -48.41
N PHE L 20 25.84 12.93 -47.50
CA PHE L 20 25.84 13.79 -46.32
C PHE L 20 24.81 13.27 -45.33
N ALA L 21 24.67 13.97 -44.23
CA ALA L 21 23.72 13.59 -43.21
C ALA L 21 23.54 14.81 -42.32
N VAL L 22 22.43 14.83 -41.59
CA VAL L 22 22.15 15.95 -40.70
C VAL L 22 21.57 15.46 -39.39
N LEU L 23 21.90 16.20 -38.33
CA LEU L 23 21.41 15.90 -36.99
C LEU L 23 20.99 17.27 -36.43
N ALA L 24 19.71 17.38 -36.10
CA ALA L 24 19.19 18.63 -35.60
C ALA L 24 18.47 18.48 -34.27
N GLY L 25 18.33 19.60 -33.56
CA GLY L 25 17.66 19.58 -32.29
C GLY L 25 17.29 20.98 -31.86
N ASP L 26 16.21 21.10 -31.10
CA ASP L 26 15.78 22.39 -30.60
C ASP L 26 16.80 22.79 -29.57
N THR L 27 16.86 24.06 -29.21
CA THR L 27 17.84 24.43 -28.22
C THR L 27 17.18 24.90 -26.93
N ARG L 28 16.05 24.29 -26.60
CA ARG L 28 15.33 24.64 -25.39
C ARG L 28 15.51 23.54 -24.35
N ASN L 29 15.85 23.93 -23.13
CA ASN L 29 16.02 22.99 -22.04
C ASN L 29 14.98 23.40 -21.01
N ILE L 30 14.16 22.44 -20.63
CA ILE L 30 13.09 22.73 -19.67
C ILE L 30 13.02 21.75 -18.51
N THR L 31 12.23 22.13 -17.52
CA THR L 31 11.96 21.34 -16.33
C THR L 31 10.51 21.69 -16.02
N ASP L 32 9.64 20.70 -16.18
CA ASP L 32 8.23 20.88 -15.94
C ASP L 32 7.66 21.96 -16.85
N TYR L 33 7.17 23.03 -16.26
CA TYR L 33 6.59 24.12 -17.02
C TYR L 33 7.46 25.36 -17.09
N SER L 34 8.72 25.24 -16.67
CA SER L 34 9.63 26.37 -16.72
C SER L 34 10.68 26.12 -17.77
N ILE L 35 11.30 27.20 -18.23
CA ILE L 35 12.35 27.10 -19.22
C ILE L 35 13.65 27.39 -18.51
N ASN L 36 14.58 26.44 -18.61
CA ASN L 36 15.88 26.58 -17.97
C ASN L 36 16.75 27.41 -18.88
N SER L 37 16.58 27.23 -20.19
CA SER L 37 17.37 27.98 -21.16
C SER L 37 16.81 27.87 -22.56
N ARG L 38 16.91 29.00 -23.27
CA ARG L 38 16.45 29.09 -24.65
C ARG L 38 17.56 28.64 -25.57
N TYR L 39 18.77 28.54 -25.04
CA TYR L 39 19.91 28.09 -25.84
C TYR L 39 20.89 27.25 -25.05
N GLU L 40 20.77 25.95 -25.23
CA GLU L 40 21.63 24.99 -24.56
C GLU L 40 21.83 23.87 -25.57
N PRO L 41 22.83 24.02 -26.45
CA PRO L 41 23.19 23.07 -27.49
C PRO L 41 23.01 21.64 -27.03
N LYS L 42 22.56 20.79 -27.94
CA LYS L 42 22.29 19.42 -27.61
C LYS L 42 22.85 18.42 -28.64
N VAL L 43 23.31 18.94 -29.78
CA VAL L 43 23.91 18.09 -30.81
C VAL L 43 25.39 18.49 -30.91
N PHE L 44 26.28 17.52 -30.73
CA PHE L 44 27.71 17.79 -30.73
C PHE L 44 28.56 17.09 -31.78
N ASP L 45 29.68 17.75 -32.10
CA ASP L 45 30.64 17.21 -33.05
C ASP L 45 31.63 16.44 -32.19
N CYS L 46 31.74 15.14 -32.40
CA CYS L 46 32.64 14.33 -31.59
C CYS L 46 33.95 13.99 -32.29
N GLY L 47 34.16 14.60 -33.46
CA GLY L 47 35.36 14.33 -34.22
C GLY L 47 35.14 13.15 -35.14
N ASP L 48 36.13 12.88 -35.98
CA ASP L 48 36.06 11.79 -36.95
C ASP L 48 34.75 11.86 -37.75
N ASN L 49 34.29 13.09 -37.95
CA ASN L 49 33.05 13.36 -38.68
C ASN L 49 31.87 12.62 -38.17
N ILE L 50 31.65 12.72 -36.87
CA ILE L 50 30.53 12.06 -36.23
C ILE L 50 29.87 13.10 -35.35
N VAL L 51 28.57 13.25 -35.50
CA VAL L 51 27.78 14.18 -34.71
C VAL L 51 26.85 13.30 -33.89
N MET L 52 26.74 13.63 -32.61
CA MET L 52 25.92 12.85 -31.70
C MET L 52 25.05 13.71 -30.82
N SER L 53 23.95 13.12 -30.37
CA SER L 53 23.03 13.78 -29.48
C SER L 53 22.26 12.75 -28.70
N ALA L 54 22.30 12.91 -27.38
CA ALA L 54 21.61 12.03 -26.46
C ALA L 54 20.51 12.89 -25.84
N ASN L 55 19.27 12.68 -26.27
CA ASN L 55 18.16 13.48 -25.76
C ASN L 55 17.43 12.79 -24.63
N GLY L 56 16.80 13.60 -23.77
CA GLY L 56 16.07 13.08 -22.63
C GLY L 56 16.42 13.77 -21.33
N PHE L 57 17.13 13.05 -20.47
CA PHE L 57 17.55 13.57 -19.17
C PHE L 57 18.93 14.18 -19.35
N ALA L 58 19.00 15.51 -19.33
CA ALA L 58 20.24 16.26 -19.54
C ALA L 58 21.50 15.68 -18.92
N ALA L 59 21.47 15.44 -17.61
CA ALA L 59 22.63 14.89 -16.92
C ALA L 59 23.10 13.65 -17.66
N ASP L 60 22.25 12.64 -17.74
CA ASP L 60 22.59 11.41 -18.42
C ASP L 60 23.01 11.62 -19.87
N GLY L 61 22.44 12.64 -20.50
CA GLY L 61 22.79 12.90 -21.89
C GLY L 61 24.22 13.41 -22.02
N ASP L 62 24.59 14.36 -21.17
CA ASP L 62 25.94 14.91 -21.23
C ASP L 62 26.98 13.88 -20.82
N ALA L 63 26.63 13.07 -19.82
CA ALA L 63 27.55 12.04 -19.37
C ALA L 63 27.89 11.13 -20.54
N LEU L 64 26.88 10.73 -21.31
CA LEU L 64 27.11 9.83 -22.43
C LEU L 64 28.00 10.47 -23.48
N VAL L 65 27.64 11.66 -23.95
CA VAL L 65 28.45 12.34 -24.95
C VAL L 65 29.88 12.42 -24.47
N LYS L 66 30.07 12.93 -23.26
CA LYS L 66 31.39 13.06 -22.69
C LYS L 66 32.13 11.71 -22.80
N ARG L 67 31.48 10.66 -22.31
CA ARG L 67 32.05 9.32 -22.36
C ARG L 67 32.39 8.88 -23.77
N PHE L 68 31.41 8.91 -24.69
CA PHE L 68 31.69 8.52 -26.06
C PHE L 68 32.86 9.31 -26.65
N LYS L 69 32.83 10.63 -26.52
CA LYS L 69 33.91 11.45 -27.03
C LYS L 69 35.23 10.93 -26.48
N ASN L 70 35.25 10.78 -25.17
CA ASN L 70 36.46 10.29 -24.52
C ASN L 70 36.87 8.95 -25.10
N SER L 71 35.87 8.14 -25.48
CA SER L 71 36.13 6.83 -26.06
C SER L 71 36.82 7.00 -27.41
N VAL L 72 36.43 8.05 -28.13
CA VAL L 72 37.04 8.35 -29.43
C VAL L 72 38.51 8.74 -29.22
N LYS L 73 38.74 9.61 -28.24
CA LYS L 73 40.08 10.09 -27.93
C LYS L 73 41.04 8.91 -27.77
N TRP L 74 40.63 7.94 -26.97
CA TRP L 74 41.45 6.77 -26.76
C TRP L 74 41.54 5.91 -27.99
N TYR L 75 40.48 5.84 -28.77
CA TYR L 75 40.55 5.04 -29.98
C TYR L 75 41.79 5.52 -30.73
N HIS L 76 41.93 6.83 -30.87
CA HIS L 76 43.09 7.38 -31.56
C HIS L 76 44.39 6.93 -30.92
N PHE L 77 44.52 7.14 -29.61
CA PHE L 77 45.73 6.70 -28.93
C PHE L 77 45.99 5.24 -29.28
N ASP L 78 45.12 4.35 -28.80
CA ASP L 78 45.25 2.91 -29.03
C ASP L 78 45.47 2.43 -30.47
N HIS L 79 44.82 3.04 -31.46
CA HIS L 79 44.99 2.56 -32.83
C HIS L 79 45.60 3.54 -33.82
N ASN L 80 46.59 4.30 -33.34
CA ASN L 80 47.30 5.24 -34.19
C ASN L 80 46.43 6.21 -34.97
N ASP L 81 45.81 7.15 -34.25
CA ASP L 81 44.93 8.17 -34.84
C ASP L 81 44.00 7.74 -35.97
N LYS L 82 43.78 6.43 -36.10
CA LYS L 82 42.88 5.88 -37.11
C LYS L 82 41.45 6.38 -36.86
N LYS L 83 40.84 6.93 -37.91
CA LYS L 83 39.48 7.41 -37.84
C LYS L 83 38.49 6.32 -37.39
N LEU L 84 37.53 6.73 -36.57
CA LEU L 84 36.53 5.80 -36.06
C LEU L 84 35.34 5.79 -37.02
N SER L 85 35.12 4.66 -37.67
CA SER L 85 34.01 4.53 -38.60
C SER L 85 32.70 4.65 -37.83
N ILE L 86 31.70 5.24 -38.49
CA ILE L 86 30.40 5.43 -37.88
C ILE L 86 29.80 4.15 -37.33
N ASN L 87 29.98 3.04 -38.05
CA ASN L 87 29.44 1.75 -37.61
C ASN L 87 30.14 1.28 -36.35
N SER L 88 31.42 1.61 -36.22
CA SER L 88 32.18 1.22 -35.04
C SER L 88 31.69 2.02 -33.84
N ALA L 89 31.49 3.33 -34.06
CA ALA L 89 31.00 4.21 -33.01
C ALA L 89 29.66 3.65 -32.52
N ALA L 90 28.82 3.25 -33.45
CA ALA L 90 27.51 2.69 -33.14
C ALA L 90 27.64 1.50 -32.19
N ARG L 91 28.44 0.52 -32.59
CA ARG L 91 28.65 -0.65 -31.76
C ARG L 91 29.19 -0.22 -30.40
N ASN L 92 30.18 0.66 -30.43
CA ASN L 92 30.78 1.14 -29.19
C ASN L 92 29.73 1.74 -28.28
N ILE L 93 28.97 2.72 -28.78
CA ILE L 93 27.93 3.37 -27.99
C ILE L 93 26.95 2.36 -27.40
N GLN L 94 26.62 1.33 -28.17
CA GLN L 94 25.72 0.31 -27.67
C GLN L 94 26.29 -0.23 -26.38
N HIS L 95 27.59 -0.48 -26.38
CA HIS L 95 28.23 -1.01 -25.19
C HIS L 95 28.25 0.02 -24.06
N LEU L 96 28.44 1.29 -24.40
CA LEU L 96 28.43 2.35 -23.41
C LEU L 96 27.12 2.27 -22.64
N LEU L 97 26.02 2.25 -23.39
CA LEU L 97 24.66 2.21 -22.85
C LEU L 97 24.26 0.91 -22.20
N TYR L 98 24.47 -0.20 -22.88
CA TYR L 98 24.08 -1.47 -22.30
C TYR L 98 24.87 -1.78 -21.06
N GLY L 99 25.95 -1.02 -20.86
CA GLY L 99 26.78 -1.21 -19.69
C GLY L 99 25.98 -0.86 -18.46
N LYS L 100 25.14 0.17 -18.59
CA LYS L 100 24.30 0.61 -17.49
C LYS L 100 22.88 0.07 -17.64
N ARG L 101 22.76 -1.08 -18.30
CA ARG L 101 21.48 -1.73 -18.54
C ARG L 101 20.61 -1.89 -17.30
N PHE L 102 21.21 -1.75 -16.12
CA PHE L 102 20.40 -1.90 -14.91
C PHE L 102 20.30 -0.65 -14.05
N PHE L 103 20.57 0.49 -14.68
CA PHE L 103 20.50 1.82 -14.10
C PHE L 103 20.92 2.64 -15.29
N PRO L 104 20.08 2.61 -16.35
CA PRO L 104 20.19 3.26 -17.65
C PRO L 104 20.41 4.74 -17.70
N TYR L 105 20.86 5.17 -18.87
CA TYR L 105 21.06 6.57 -19.18
C TYR L 105 19.68 6.90 -19.74
N TYR L 106 18.91 7.68 -19.00
CA TYR L 106 17.56 8.01 -19.44
C TYR L 106 17.61 8.90 -20.69
N VAL L 107 18.20 8.38 -21.76
CA VAL L 107 18.27 9.16 -22.97
C VAL L 107 18.10 8.28 -24.18
N HIS L 108 17.51 8.87 -25.20
CA HIS L 108 17.32 8.21 -26.47
C HIS L 108 18.32 9.00 -27.34
N THR L 109 19.33 8.32 -27.85
CA THR L 109 20.38 8.96 -28.62
C THR L 109 20.46 8.64 -30.11
N ILE L 110 20.96 9.61 -30.87
CA ILE L 110 21.14 9.51 -32.31
C ILE L 110 22.48 10.10 -32.73
N ILE L 111 23.15 9.44 -33.67
CA ILE L 111 24.41 9.93 -34.19
C ILE L 111 24.31 9.86 -35.71
N ALA L 112 24.98 10.79 -36.37
CA ALA L 112 24.97 10.86 -37.81
C ALA L 112 26.38 11.06 -38.35
N GLY L 113 26.62 10.53 -39.55
CA GLY L 113 27.93 10.67 -40.16
C GLY L 113 27.92 10.16 -41.59
N LEU L 114 29.04 9.62 -42.03
CA LEU L 114 29.14 9.08 -43.38
C LEU L 114 29.72 7.69 -43.20
N ASP L 115 29.27 6.73 -43.99
CA ASP L 115 29.80 5.39 -43.88
C ASP L 115 31.11 5.28 -44.66
N GLU L 116 31.72 4.10 -44.65
CA GLU L 116 32.98 3.90 -45.35
C GLU L 116 32.86 3.97 -46.87
N ASP L 117 31.67 4.32 -47.35
CA ASP L 117 31.44 4.45 -48.78
C ASP L 117 31.10 5.88 -49.14
N GLY L 118 31.18 6.75 -48.15
CA GLY L 118 30.89 8.16 -48.34
C GLY L 118 29.43 8.51 -48.19
N LYS L 119 28.57 7.50 -48.23
CA LYS L 119 27.13 7.67 -48.13
C LYS L 119 26.72 8.22 -46.78
N GLY L 120 25.66 9.02 -46.75
CA GLY L 120 25.17 9.57 -45.50
C GLY L 120 24.65 8.45 -44.63
N ALA L 121 24.77 8.62 -43.31
CA ALA L 121 24.31 7.60 -42.40
C ALA L 121 23.80 8.15 -41.08
N VAL L 122 22.78 7.48 -40.54
CA VAL L 122 22.19 7.87 -39.28
C VAL L 122 21.94 6.61 -38.46
N TYR L 123 22.27 6.70 -37.18
CA TYR L 123 22.09 5.61 -36.25
C TYR L 123 21.34 6.18 -35.06
N SER L 124 20.43 5.38 -34.50
CA SER L 124 19.66 5.82 -33.36
C SER L 124 19.70 4.71 -32.34
N PHE L 125 19.56 5.09 -31.07
CA PHE L 125 19.62 4.13 -29.98
C PHE L 125 18.47 4.10 -28.99
N ASP L 126 18.42 2.97 -28.30
CA ASP L 126 17.47 2.65 -27.27
C ASP L 126 18.13 3.11 -25.96
N PRO L 127 17.35 3.50 -24.95
CA PRO L 127 18.02 3.93 -23.72
C PRO L 127 19.03 2.91 -23.24
N VAL L 128 18.84 1.65 -23.56
CA VAL L 128 19.81 0.67 -23.12
C VAL L 128 20.62 0.00 -24.22
N GLY L 129 20.79 0.67 -25.34
CA GLY L 129 21.62 0.10 -26.38
C GLY L 129 21.08 -0.37 -27.72
N SER L 130 19.88 -0.90 -27.77
CA SER L 130 19.37 -1.37 -29.06
C SER L 130 19.57 -0.26 -30.11
N TYR L 131 20.16 -0.62 -31.25
CA TYR L 131 20.40 0.38 -32.29
C TYR L 131 20.13 -0.17 -33.69
N GLU L 132 19.91 0.74 -34.64
CA GLU L 132 19.61 0.37 -36.02
C GLU L 132 20.07 1.52 -36.89
N ARG L 133 20.43 1.20 -38.12
CA ARG L 133 20.84 2.27 -39.02
C ARG L 133 19.57 2.56 -39.80
N GLU L 134 19.28 3.85 -39.96
CA GLU L 134 18.07 4.25 -40.67
C GLU L 134 18.30 5.48 -41.53
N GLN L 135 17.40 5.69 -42.47
CA GLN L 135 17.50 6.81 -43.39
C GLN L 135 17.27 8.15 -42.71
N CYS L 136 16.35 8.15 -41.74
CA CYS L 136 16.01 9.33 -40.96
C CYS L 136 15.35 8.88 -39.67
N ARG L 137 15.43 9.73 -38.64
CA ARG L 137 14.83 9.40 -37.36
C ARG L 137 14.69 10.61 -36.45
N ALA L 138 13.55 10.67 -35.77
CA ALA L 138 13.28 11.74 -34.84
C ALA L 138 13.33 11.12 -33.46
N GLY L 139 13.84 11.90 -32.52
CA GLY L 139 13.94 11.45 -31.15
C GLY L 139 13.59 12.60 -30.24
N GLY L 140 13.04 12.29 -29.08
CA GLY L 140 12.68 13.34 -28.15
C GLY L 140 11.19 13.48 -27.92
N ALA L 141 10.81 14.63 -27.40
CA ALA L 141 9.42 14.93 -27.10
C ALA L 141 8.46 14.86 -28.29
N ALA L 142 8.76 15.60 -29.35
CA ALA L 142 7.89 15.62 -30.52
C ALA L 142 8.24 14.54 -31.55
N ALA L 143 8.84 13.45 -31.10
CA ALA L 143 9.21 12.39 -32.01
C ALA L 143 7.97 11.78 -32.68
N SER L 144 6.92 11.59 -31.89
CA SER L 144 5.69 11.02 -32.41
C SER L 144 5.02 12.00 -33.36
N LEU L 145 5.36 13.27 -33.26
CA LEU L 145 4.79 14.26 -34.15
C LEU L 145 5.56 14.36 -35.45
N ILE L 146 6.87 14.13 -35.38
CA ILE L 146 7.68 14.25 -36.59
C ILE L 146 7.90 12.98 -37.41
N MET L 147 8.09 11.84 -36.76
CA MET L 147 8.31 10.61 -37.51
C MET L 147 7.30 10.35 -38.63
N PRO L 148 5.99 10.43 -38.34
CA PRO L 148 5.02 10.18 -39.40
C PRO L 148 5.31 11.10 -40.60
N PHE L 149 5.54 12.38 -40.31
CA PHE L 149 5.82 13.38 -41.33
C PHE L 149 7.01 12.95 -42.20
N LEU L 150 8.05 12.45 -41.55
CA LEU L 150 9.24 11.98 -42.25
C LEU L 150 8.98 10.70 -43.06
N ASP L 151 8.23 9.75 -42.51
CA ASP L 151 7.93 8.52 -43.25
C ASP L 151 7.28 8.92 -44.58
N ASN L 152 6.59 10.05 -44.57
CA ASN L 152 5.91 10.53 -45.75
C ASN L 152 6.82 11.26 -46.73
N GLN L 153 7.37 12.38 -46.28
CA GLN L 153 8.22 13.20 -47.13
C GLN L 153 9.65 12.73 -47.40
N VAL L 154 10.15 11.80 -46.58
CA VAL L 154 11.50 11.30 -46.77
C VAL L 154 11.59 9.92 -47.41
N ASN L 155 10.62 9.05 -47.12
CA ASN L 155 10.63 7.71 -47.69
C ASN L 155 9.41 7.47 -48.60
N PHE L 156 8.69 8.55 -48.89
CA PHE L 156 7.50 8.51 -49.76
C PHE L 156 6.49 7.42 -49.42
N LYS L 157 6.12 7.33 -48.14
CA LYS L 157 5.15 6.31 -47.72
C LYS L 157 3.73 6.69 -48.12
N ASN L 158 2.93 5.66 -48.42
CA ASN L 158 1.54 5.81 -48.82
C ASN L 158 1.37 6.71 -50.03
N GLN L 159 2.47 6.95 -50.74
CA GLN L 159 2.43 7.78 -51.92
C GLN L 159 2.58 6.95 -53.18
N TYR L 160 1.75 7.23 -54.18
CA TYR L 160 1.79 6.49 -55.43
C TYR L 160 1.87 7.36 -56.67
N GLU L 161 2.16 6.72 -57.79
CA GLU L 161 2.24 7.40 -59.06
C GLU L 161 0.80 7.73 -59.48
N PRO L 162 0.50 9.03 -59.63
CA PRO L 162 -0.85 9.41 -60.00
C PRO L 162 -1.41 8.56 -61.15
N GLY L 163 -2.71 8.32 -61.11
CA GLY L 163 -3.36 7.54 -62.15
C GLY L 163 -3.07 6.06 -62.21
N THR L 164 -1.84 5.63 -61.93
CA THR L 164 -1.52 4.20 -61.99
C THR L 164 -2.38 3.28 -61.13
N ASN L 165 -3.50 3.82 -60.63
CA ASN L 165 -4.42 3.05 -59.80
C ASN L 165 -3.73 2.54 -58.55
N GLY L 166 -2.98 3.42 -57.89
CA GLY L 166 -2.28 3.02 -56.68
C GLY L 166 -1.61 1.66 -56.81
N LYS L 167 -1.00 1.42 -57.96
CA LYS L 167 -0.31 0.16 -58.21
C LYS L 167 1.19 0.38 -58.29
N VAL L 168 1.59 1.61 -58.60
CA VAL L 168 3.00 1.97 -58.69
C VAL L 168 3.38 2.92 -57.57
N LYS L 169 4.22 2.46 -56.66
CA LYS L 169 4.65 3.30 -55.55
C LYS L 169 5.54 4.41 -56.06
N LYS L 170 5.51 5.55 -55.38
CA LYS L 170 6.35 6.67 -55.78
C LYS L 170 7.80 6.22 -55.61
N PRO L 171 8.62 6.41 -56.66
CA PRO L 171 10.04 6.04 -56.63
C PRO L 171 10.79 6.67 -55.46
N LEU L 172 11.92 6.09 -55.08
CA LEU L 172 12.71 6.60 -53.97
C LEU L 172 13.82 7.57 -54.31
N LYS L 173 13.57 8.52 -55.21
CA LYS L 173 14.59 9.51 -55.57
C LYS L 173 15.18 9.97 -54.24
N TYR L 174 16.37 10.56 -54.25
CA TYR L 174 16.91 11.01 -52.98
C TYR L 174 17.06 12.49 -52.76
N LEU L 175 16.82 12.90 -51.52
CA LEU L 175 16.88 14.31 -51.15
C LEU L 175 18.25 14.92 -51.12
N SER L 176 18.29 16.18 -51.51
CA SER L 176 19.52 16.95 -51.52
C SER L 176 19.57 17.62 -50.18
N VAL L 177 20.71 18.22 -49.84
CA VAL L 177 20.84 18.88 -48.54
C VAL L 177 19.86 20.05 -48.40
N GLU L 178 19.64 20.77 -49.49
CA GLU L 178 18.74 21.92 -49.45
C GLU L 178 17.31 21.49 -49.16
N GLU L 179 16.88 20.40 -49.78
CA GLU L 179 15.53 19.88 -49.58
C GLU L 179 15.43 19.23 -48.19
N VAL L 180 16.54 18.64 -47.72
CA VAL L 180 16.56 18.01 -46.42
C VAL L 180 16.46 19.05 -45.31
N ILE L 181 17.14 20.18 -45.47
CA ILE L 181 17.08 21.23 -44.46
C ILE L 181 15.68 21.84 -44.38
N LYS L 182 14.93 21.78 -45.48
CA LYS L 182 13.56 22.31 -45.45
C LYS L 182 12.72 21.41 -44.55
N LEU L 183 12.60 20.14 -44.91
CA LEU L 183 11.82 19.21 -44.10
C LEU L 183 12.16 19.31 -42.62
N VAL L 184 13.40 19.68 -42.31
CA VAL L 184 13.84 19.80 -40.93
C VAL L 184 13.17 21.01 -40.29
N ARG L 185 13.34 22.18 -40.89
CA ARG L 185 12.76 23.40 -40.35
C ARG L 185 11.25 23.27 -40.25
N ASP L 186 10.64 22.69 -41.27
CA ASP L 186 9.18 22.49 -41.26
C ASP L 186 8.80 21.46 -40.19
N SER L 187 9.65 20.46 -39.99
CA SER L 187 9.37 19.46 -38.96
C SER L 187 9.37 20.16 -37.61
N PHE L 188 10.31 21.08 -37.41
CA PHE L 188 10.39 21.77 -36.14
C PHE L 188 9.36 22.87 -35.93
N THR L 189 9.16 23.71 -36.93
CA THR L 189 8.21 24.78 -36.77
C THR L 189 6.85 24.15 -36.46
N SER L 190 6.57 23.02 -37.07
CA SER L 190 5.31 22.34 -36.80
C SER L 190 5.31 21.77 -35.39
N ALA L 191 6.39 21.11 -34.99
CA ALA L 191 6.48 20.57 -33.65
C ALA L 191 6.33 21.71 -32.63
N THR L 192 6.98 22.85 -32.91
CA THR L 192 6.91 23.99 -32.02
C THR L 192 5.47 24.41 -31.75
N GLU L 193 4.63 24.30 -32.77
CA GLU L 193 3.22 24.67 -32.67
C GLU L 193 2.43 23.82 -31.68
N ARG L 194 2.48 22.49 -31.84
CA ARG L 194 1.71 21.60 -30.97
C ARG L 194 2.39 21.03 -29.72
N HIS L 195 3.67 21.33 -29.51
CA HIS L 195 4.36 20.83 -28.32
C HIS L 195 4.97 21.93 -27.48
N ILE L 196 4.55 21.99 -26.20
CA ILE L 196 5.01 23.01 -25.29
C ILE L 196 6.46 22.87 -24.85
N GLN L 197 7.11 21.80 -25.27
CA GLN L 197 8.51 21.60 -24.90
C GLN L 197 9.43 21.83 -26.09
N VAL L 198 8.87 22.25 -27.21
CA VAL L 198 9.66 22.49 -28.39
C VAL L 198 9.61 23.96 -28.77
N GLY L 199 10.77 24.55 -29.04
CA GLY L 199 10.80 25.95 -29.42
C GLY L 199 12.15 26.63 -29.23
N ASP L 200 12.11 27.96 -29.11
CA ASP L 200 13.30 28.79 -28.90
C ASP L 200 14.33 28.84 -30.04
N GLY L 201 14.77 27.68 -30.51
CA GLY L 201 15.75 27.66 -31.58
C GLY L 201 16.04 26.29 -32.15
N LEU L 202 16.53 26.28 -33.39
CA LEU L 202 16.85 25.05 -34.10
C LEU L 202 18.30 25.05 -34.52
N GLU L 203 19.07 24.11 -33.98
CA GLU L 203 20.49 24.00 -34.32
C GLU L 203 20.66 22.74 -35.15
N ILE L 204 21.25 22.91 -36.34
CA ILE L 204 21.48 21.79 -37.25
C ILE L 204 22.95 21.62 -37.60
N LEU L 205 23.39 20.36 -37.55
CA LEU L 205 24.76 20.01 -37.91
C LEU L 205 24.72 19.17 -39.21
N ILE L 206 25.55 19.57 -40.18
CA ILE L 206 25.60 18.87 -41.46
C ILE L 206 26.96 18.22 -41.65
N VAL L 207 26.92 16.92 -41.95
CA VAL L 207 28.14 16.15 -42.15
C VAL L 207 28.35 15.82 -43.63
N THR L 208 29.53 16.16 -44.11
CA THR L 208 29.92 15.91 -45.49
C THR L 208 31.34 15.39 -45.44
N LYS L 209 31.92 15.10 -46.60
CA LYS L 209 33.28 14.61 -46.64
C LYS L 209 34.22 15.73 -46.22
N ASP L 210 33.72 16.97 -46.24
CA ASP L 210 34.51 18.13 -45.87
C ASP L 210 34.44 18.48 -44.39
N GLY L 211 33.53 17.83 -43.66
CA GLY L 211 33.42 18.10 -42.24
C GLY L 211 32.03 18.33 -41.71
N VAL L 212 31.99 19.02 -40.59
CA VAL L 212 30.75 19.33 -39.90
C VAL L 212 30.47 20.83 -39.97
N ARG L 213 29.28 21.17 -40.48
CA ARG L 213 28.88 22.56 -40.59
C ARG L 213 27.61 22.77 -39.79
N LYS L 214 27.48 23.94 -39.15
CA LYS L 214 26.31 24.27 -38.35
C LYS L 214 25.44 25.37 -38.93
N GLU L 215 24.13 25.21 -38.81
CA GLU L 215 23.18 26.21 -39.26
C GLU L 215 22.25 26.42 -38.05
N PHE L 216 21.84 27.66 -37.81
CA PHE L 216 20.93 27.92 -36.69
C PHE L 216 19.76 28.82 -37.05
N TYR L 217 18.56 28.38 -36.67
CA TYR L 217 17.34 29.12 -36.93
C TYR L 217 16.56 29.31 -35.63
N GLU L 218 15.81 30.40 -35.55
CA GLU L 218 15.00 30.67 -34.37
C GLU L 218 13.68 29.89 -34.43
N LEU L 219 13.04 29.75 -33.28
CA LEU L 219 11.75 29.08 -33.21
C LEU L 219 10.91 29.90 -32.23
N LYS L 220 9.58 29.77 -32.31
CA LYS L 220 8.72 30.52 -31.42
C LYS L 220 9.08 30.28 -29.96
N ARG L 221 9.13 31.35 -29.18
CA ARG L 221 9.51 31.29 -27.77
C ARG L 221 8.38 31.17 -26.74
N ASP L 222 7.15 30.91 -27.19
CA ASP L 222 6.01 30.80 -26.28
C ASP L 222 5.86 29.41 -25.65
N THR M 1 19.76 8.56 -0.48
CA THR M 1 18.42 9.21 -0.52
C THR M 1 18.14 9.96 0.77
N GLN M 2 18.22 11.28 0.71
CA GLN M 2 17.92 12.05 1.91
C GLN M 2 16.70 12.92 1.68
N GLN M 3 16.49 13.89 2.56
CA GLN M 3 15.39 14.83 2.47
C GLN M 3 15.95 16.07 3.16
N PRO M 4 15.90 17.22 2.49
CA PRO M 4 16.42 18.46 3.07
C PRO M 4 15.81 18.80 4.41
N ILE M 5 16.54 19.52 5.26
CA ILE M 5 16.02 19.89 6.58
C ILE M 5 16.10 21.40 6.74
N VAL M 6 17.29 21.94 6.93
CA VAL M 6 17.41 23.37 7.04
C VAL M 6 17.67 23.78 5.60
N THR M 7 16.93 24.77 5.10
CA THR M 7 17.09 25.16 3.70
C THR M 7 17.19 26.63 3.33
N GLY M 8 17.73 26.85 2.13
CA GLY M 8 17.89 28.17 1.59
C GLY M 8 16.99 28.27 0.36
N THR M 9 16.48 29.46 0.11
CA THR M 9 15.58 29.65 -1.01
C THR M 9 16.29 30.18 -2.26
N SER M 10 15.51 30.77 -3.16
CA SER M 10 16.01 31.29 -4.41
C SER M 10 17.41 31.86 -4.42
N VAL M 11 18.06 31.70 -5.56
CA VAL M 11 19.38 32.26 -5.81
C VAL M 11 19.17 32.79 -7.21
N ILE M 12 19.24 34.10 -7.37
CA ILE M 12 19.02 34.72 -8.67
C ILE M 12 20.28 35.37 -9.18
N SER M 13 20.45 35.37 -10.50
CA SER M 13 21.64 35.94 -11.14
C SER M 13 21.40 36.16 -12.62
N MET M 14 22.11 37.14 -13.17
CA MET M 14 22.00 37.46 -14.59
C MET M 14 23.36 38.00 -14.96
N LYS M 15 23.59 38.31 -16.23
CA LYS M 15 24.88 38.85 -16.61
C LYS M 15 24.73 40.16 -17.38
N TYR M 16 25.66 41.09 -17.20
CA TYR M 16 25.60 42.36 -17.93
C TYR M 16 26.80 42.50 -18.86
N ASP M 17 26.97 43.69 -19.42
CA ASP M 17 28.06 43.94 -20.37
C ASP M 17 29.47 43.62 -19.88
N ASN M 18 29.76 43.87 -18.62
CA ASN M 18 31.10 43.63 -18.10
C ASN M 18 31.29 42.47 -17.13
N GLY M 19 30.20 42.00 -16.55
CA GLY M 19 30.33 40.89 -15.63
C GLY M 19 29.02 40.22 -15.36
N VAL M 20 28.87 39.75 -14.13
CA VAL M 20 27.66 39.07 -13.72
C VAL M 20 27.30 39.54 -12.32
N ILE M 21 26.02 39.37 -11.98
CA ILE M 21 25.51 39.72 -10.66
C ILE M 21 24.79 38.48 -10.15
N ILE M 22 24.85 38.30 -8.85
CA ILE M 22 24.20 37.16 -8.23
C ILE M 22 23.81 37.56 -6.81
N ALA M 23 22.64 37.10 -6.37
CA ALA M 23 22.15 37.42 -5.03
C ALA M 23 21.32 36.29 -4.42
N ALA M 24 21.19 36.33 -3.10
CA ALA M 24 20.43 35.32 -2.37
C ALA M 24 20.20 35.85 -0.97
N ASP M 25 18.98 35.68 -0.45
CA ASP M 25 18.69 36.19 0.87
C ASP M 25 19.50 35.41 1.89
N ASN M 26 19.51 35.90 3.13
CA ASN M 26 20.28 35.28 4.19
C ASN M 26 19.45 34.46 5.14
N LEU M 27 18.58 33.59 4.62
CA LEU M 27 17.73 32.81 5.50
C LEU M 27 18.01 31.32 5.51
N GLY M 28 17.79 30.70 6.65
CA GLY M 28 17.97 29.27 6.80
C GLY M 28 16.69 28.74 7.40
N SER M 29 15.75 28.35 6.53
CA SER M 29 14.46 27.83 6.98
C SER M 29 14.48 26.39 7.46
N TYR M 30 13.50 26.05 8.26
CA TYR M 30 13.39 24.71 8.83
C TYR M 30 11.90 24.43 8.81
N GLY M 31 11.37 24.17 7.63
CA GLY M 31 9.95 23.93 7.50
C GLY M 31 9.35 25.31 7.32
N SER M 32 8.23 25.58 7.98
CA SER M 32 7.63 26.90 7.85
C SER M 32 8.31 27.83 8.84
N LEU M 33 9.13 27.27 9.74
CA LEU M 33 9.86 28.07 10.72
C LEU M 33 11.09 28.74 10.13
N LEU M 34 11.04 30.06 10.00
CA LEU M 34 12.16 30.83 9.48
C LEU M 34 13.16 30.87 10.64
N ARG M 35 13.88 29.77 10.82
CA ARG M 35 14.82 29.59 11.93
C ARG M 35 16.14 30.36 12.00
N PHE M 36 16.92 30.36 10.93
CA PHE M 36 18.20 31.06 10.95
C PHE M 36 18.27 32.26 10.01
N ASN M 37 18.72 33.39 10.53
CA ASN M 37 18.78 34.59 9.70
C ASN M 37 20.11 35.15 9.28
N GLY M 38 21.21 34.56 9.72
CA GLY M 38 22.49 35.10 9.30
C GLY M 38 23.21 34.25 8.27
N VAL M 39 22.47 33.37 7.60
CA VAL M 39 23.04 32.47 6.61
C VAL M 39 23.48 33.11 5.30
N GLU M 40 24.77 33.08 5.03
CA GLU M 40 25.30 33.63 3.78
C GLU M 40 25.29 32.46 2.81
N ARG M 41 24.59 32.61 1.70
CA ARG M 41 24.49 31.54 0.73
C ARG M 41 25.23 31.87 -0.55
N LEU M 42 26.07 32.89 -0.49
CA LEU M 42 26.89 33.30 -1.62
C LEU M 42 28.36 33.06 -1.23
N ILE M 43 28.96 31.99 -1.76
CA ILE M 43 30.35 31.64 -1.46
C ILE M 43 31.30 32.14 -2.53
N PRO M 44 32.22 33.03 -2.16
CA PRO M 44 33.16 33.51 -3.17
C PRO M 44 34.40 32.60 -3.19
N VAL M 45 34.75 32.12 -4.39
CA VAL M 45 35.92 31.27 -4.56
C VAL M 45 36.94 32.13 -5.30
N GLY M 46 37.95 32.61 -4.57
CA GLY M 46 38.93 33.47 -5.19
C GLY M 46 38.29 34.86 -5.26
N ASP M 47 38.46 35.54 -6.38
CA ASP M 47 37.87 36.87 -6.54
C ASP M 47 37.46 37.08 -8.00
N ASN M 48 37.01 35.99 -8.62
CA ASN M 48 36.59 36.00 -10.00
C ASN M 48 35.47 34.98 -10.15
N THR M 49 35.01 34.47 -9.01
CA THR M 49 33.96 33.45 -9.00
C THR M 49 33.18 33.54 -7.71
N VAL M 50 31.85 33.60 -7.80
CA VAL M 50 31.00 33.60 -6.62
C VAL M 50 30.02 32.45 -6.83
N VAL M 51 29.87 31.59 -5.83
CA VAL M 51 28.98 30.43 -5.93
C VAL M 51 27.74 30.58 -5.05
N GLY M 52 26.57 30.67 -5.69
CA GLY M 52 25.31 30.78 -4.97
C GLY M 52 24.68 29.41 -4.76
N ILE M 53 24.32 29.11 -3.52
CA ILE M 53 23.74 27.81 -3.20
C ILE M 53 22.37 27.88 -2.50
N SER M 54 21.45 27.05 -2.97
CA SER M 54 20.13 26.96 -2.37
C SER M 54 19.90 25.49 -2.10
N GLY M 55 18.99 25.19 -1.18
CA GLY M 55 18.73 23.81 -0.87
C GLY M 55 19.10 23.53 0.57
N ASP M 56 19.50 22.30 0.85
CA ASP M 56 19.86 21.90 2.20
C ASP M 56 21.12 22.60 2.71
N ILE M 57 21.01 23.33 3.81
CA ILE M 57 22.15 24.07 4.35
C ILE M 57 23.31 23.19 4.77
N SER M 58 23.03 22.10 5.47
CA SER M 58 24.12 21.24 5.90
C SER M 58 24.98 20.84 4.69
N ASP M 59 24.34 20.49 3.57
CA ASP M 59 25.07 20.11 2.36
C ASP M 59 25.77 21.33 1.79
N MET M 60 25.14 22.49 1.93
CA MET M 60 25.76 23.72 1.43
C MET M 60 27.07 23.96 2.18
N GLN M 61 27.02 23.74 3.50
CA GLN M 61 28.21 23.93 4.31
C GLN M 61 29.31 22.99 3.83
N HIS M 62 28.90 21.77 3.48
CA HIS M 62 29.83 20.75 3.00
C HIS M 62 30.52 21.16 1.69
N ILE M 63 29.73 21.76 0.81
CA ILE M 63 30.22 22.23 -0.48
C ILE M 63 31.13 23.43 -0.31
N GLU M 64 30.94 24.14 0.79
CA GLU M 64 31.75 25.29 1.07
C GLU M 64 33.16 24.82 1.33
N ARG M 65 33.27 23.81 2.19
CA ARG M 65 34.54 23.23 2.57
C ARG M 65 35.22 22.73 1.29
N LEU M 66 34.49 21.95 0.49
CA LEU M 66 35.08 21.47 -0.74
C LEU M 66 35.69 22.61 -1.52
N LEU M 67 34.96 23.72 -1.64
CA LEU M 67 35.46 24.87 -2.37
C LEU M 67 36.71 25.45 -1.75
N LYS M 68 36.68 25.71 -0.45
CA LYS M 68 37.87 26.27 0.20
C LYS M 68 39.05 25.32 0.03
N ASP M 69 38.80 24.02 0.12
CA ASP M 69 39.85 23.02 -0.06
C ASP M 69 40.41 23.12 -1.47
N LEU M 70 39.52 23.16 -2.46
CA LEU M 70 39.94 23.27 -3.85
C LEU M 70 40.88 24.47 -4.00
N VAL M 71 40.69 25.50 -3.18
CA VAL M 71 41.56 26.67 -3.23
C VAL M 71 42.92 26.33 -2.64
N THR M 72 42.92 25.74 -1.45
CA THR M 72 44.17 25.35 -0.81
C THR M 72 44.95 24.42 -1.72
N GLU M 73 44.28 23.38 -2.22
CA GLU M 73 44.89 22.40 -3.11
C GLU M 73 45.52 23.05 -4.33
N ASN M 74 44.86 24.06 -4.89
CA ASN M 74 45.39 24.69 -6.08
C ASN M 74 46.71 25.39 -5.81
N ALA M 75 46.85 25.95 -4.61
CA ALA M 75 48.06 26.67 -4.24
C ALA M 75 49.27 25.75 -4.17
N TYR M 76 49.03 24.48 -3.87
CA TYR M 76 50.11 23.50 -3.78
C TYR M 76 50.97 23.40 -5.05
N ASP M 77 52.29 23.48 -4.86
CA ASP M 77 53.27 23.38 -5.95
C ASP M 77 52.83 24.21 -7.15
N ASN M 78 52.20 25.35 -6.87
CA ASN M 78 51.73 26.21 -7.93
C ASN M 78 52.19 27.65 -7.78
N PRO M 79 53.36 27.98 -8.35
CA PRO M 79 53.89 29.35 -8.25
C PRO M 79 53.04 30.41 -8.95
N LEU M 80 52.04 29.96 -9.71
CA LEU M 80 51.14 30.88 -10.43
C LEU M 80 49.70 30.78 -9.91
N ALA M 81 49.57 30.39 -8.64
CA ALA M 81 48.26 30.21 -8.00
C ALA M 81 47.40 31.46 -8.01
N ASP M 82 48.06 32.60 -8.11
CA ASP M 82 47.35 33.87 -8.11
C ASP M 82 47.64 34.56 -9.43
N ALA M 83 47.79 33.77 -10.48
CA ALA M 83 48.06 34.32 -11.79
C ALA M 83 47.53 33.39 -12.87
N GLU M 84 48.39 33.04 -13.82
CA GLU M 84 48.01 32.15 -14.92
C GLU M 84 47.42 30.83 -14.46
N GLU M 85 47.77 30.36 -13.27
CA GLU M 85 47.22 29.09 -12.82
C GLU M 85 46.28 29.19 -11.62
N ALA M 86 45.59 30.33 -11.52
CA ALA M 86 44.61 30.55 -10.47
C ALA M 86 43.30 29.87 -10.90
N LEU M 87 42.37 29.70 -9.97
CA LEU M 87 41.12 29.06 -10.30
C LEU M 87 40.20 29.89 -11.20
N GLU M 88 39.66 29.25 -12.23
CA GLU M 88 38.75 29.86 -13.18
C GLU M 88 37.35 29.44 -12.76
N PRO M 89 36.33 30.26 -13.05
CA PRO M 89 34.98 29.87 -12.67
C PRO M 89 34.64 28.52 -13.30
N SER M 90 34.97 28.40 -14.58
CA SER M 90 34.70 27.17 -15.34
C SER M 90 35.27 25.92 -14.66
N TYR M 91 36.41 26.06 -14.00
CA TYR M 91 36.99 24.90 -13.31
C TYR M 91 36.12 24.60 -12.10
N ILE M 92 35.83 25.63 -11.30
CA ILE M 92 35.01 25.45 -10.11
C ILE M 92 33.67 24.83 -10.46
N PHE M 93 33.12 25.23 -11.60
CA PHE M 93 31.84 24.68 -12.01
C PHE M 93 31.99 23.21 -12.34
N GLU M 94 32.85 22.91 -13.31
CA GLU M 94 33.05 21.53 -13.71
C GLU M 94 33.22 20.63 -12.50
N TYR M 95 34.04 21.07 -11.56
CA TYR M 95 34.29 20.28 -10.34
C TYR M 95 32.97 20.01 -9.65
N LEU M 96 32.28 21.09 -9.30
CA LEU M 96 30.99 20.98 -8.63
C LEU M 96 30.06 20.08 -9.46
N ALA M 97 29.97 20.37 -10.75
CA ALA M 97 29.11 19.61 -11.65
C ALA M 97 29.45 18.13 -11.49
N THR M 98 30.74 17.84 -11.53
CA THR M 98 31.19 16.48 -11.40
C THR M 98 30.65 15.90 -10.10
N VAL M 99 31.01 16.52 -8.99
CA VAL M 99 30.57 16.04 -7.69
C VAL M 99 29.06 15.82 -7.63
N MET M 100 28.31 16.79 -8.13
CA MET M 100 26.85 16.69 -8.09
C MET M 100 26.32 15.46 -8.79
N TYR M 101 26.73 15.23 -10.03
CA TYR M 101 26.25 14.08 -10.78
C TYR M 101 26.71 12.76 -10.16
N GLN M 102 27.88 12.75 -9.53
CA GLN M 102 28.39 11.54 -8.91
C GLN M 102 27.55 11.12 -7.72
N ARG M 103 27.17 12.12 -6.94
CA ARG M 103 26.36 11.85 -5.77
C ARG M 103 24.97 11.33 -6.15
N ARG M 104 24.36 11.91 -7.18
CA ARG M 104 23.03 11.46 -7.60
C ARG M 104 23.16 10.04 -8.12
N SER M 105 24.26 9.77 -8.82
CA SER M 105 24.49 8.45 -9.40
C SER M 105 24.70 7.43 -8.31
N LYS M 106 25.10 7.91 -7.13
CA LYS M 106 25.32 7.03 -5.99
C LYS M 106 24.08 6.98 -5.12
N MET M 107 23.02 7.64 -5.55
CA MET M 107 21.78 7.64 -4.79
C MET M 107 21.92 8.33 -3.45
N ASN M 108 22.85 9.26 -3.36
CA ASN M 108 23.04 10.02 -2.13
C ASN M 108 23.40 11.40 -2.59
N PRO M 109 22.41 12.14 -3.07
CA PRO M 109 22.64 13.50 -3.58
C PRO M 109 22.93 14.58 -2.55
N LEU M 110 23.47 15.68 -3.05
CA LEU M 110 23.75 16.88 -2.25
C LEU M 110 22.53 17.74 -2.62
N TRP M 111 21.53 17.74 -1.76
CA TRP M 111 20.27 18.46 -1.99
C TRP M 111 20.36 19.97 -2.21
N ASN M 112 20.93 20.35 -3.36
CA ASN M 112 21.10 21.74 -3.68
C ASN M 112 20.93 22.07 -5.15
N ALA M 113 20.77 23.36 -5.41
CA ALA M 113 20.68 23.90 -6.75
C ALA M 113 21.81 24.91 -6.63
N ILE M 114 22.72 24.92 -7.59
CA ILE M 114 23.85 25.84 -7.52
C ILE M 114 24.08 26.65 -8.77
N ILE M 115 24.53 27.88 -8.57
CA ILE M 115 24.82 28.78 -9.68
C ILE M 115 26.22 29.35 -9.49
N VAL M 116 27.09 29.07 -10.45
CA VAL M 116 28.45 29.56 -10.41
C VAL M 116 28.52 30.77 -11.32
N ALA M 117 28.86 31.92 -10.76
CA ALA M 117 28.93 33.12 -11.55
C ALA M 117 30.32 33.72 -11.45
N GLY M 118 30.84 34.19 -12.58
CA GLY M 118 32.16 34.78 -12.56
C GLY M 118 32.67 35.28 -13.90
N VAL M 119 33.93 35.67 -13.91
CA VAL M 119 34.58 36.18 -15.10
C VAL M 119 35.82 35.35 -15.43
N GLN M 120 35.83 34.78 -16.62
CA GLN M 120 36.97 33.97 -17.05
C GLN M 120 38.18 34.89 -17.18
N SER M 121 39.37 34.29 -17.23
CA SER M 121 40.58 35.08 -17.35
C SER M 121 40.58 35.98 -18.59
N ASN M 122 39.93 35.53 -19.66
CA ASN M 122 39.89 36.32 -20.88
C ASN M 122 38.72 37.31 -20.88
N GLY M 123 38.29 37.73 -19.71
CA GLY M 123 37.20 38.70 -19.61
C GLY M 123 35.78 38.19 -19.71
N ASP M 124 35.60 37.04 -20.35
CA ASP M 124 34.29 36.41 -20.53
C ASP M 124 33.47 36.24 -19.27
N GLN M 125 32.16 36.41 -19.38
CA GLN M 125 31.29 36.22 -18.23
C GLN M 125 30.97 34.74 -18.18
N PHE M 126 30.84 34.23 -16.96
CA PHE M 126 30.52 32.83 -16.78
C PHE M 126 29.33 32.75 -15.84
N LEU M 127 28.33 31.97 -16.24
CA LEU M 127 27.15 31.77 -15.44
C LEU M 127 26.57 30.43 -15.81
N ARG M 128 26.60 29.49 -14.88
CA ARG M 128 26.04 28.17 -15.16
C ARG M 128 25.40 27.57 -13.91
N TYR M 129 24.42 26.70 -14.14
CA TYR M 129 23.64 26.09 -13.08
C TYR M 129 23.79 24.58 -13.00
N VAL M 130 23.67 24.04 -11.80
CA VAL M 130 23.75 22.60 -11.59
C VAL M 130 22.98 22.26 -10.32
N ASN M 131 22.20 21.18 -10.37
CA ASN M 131 21.40 20.79 -9.21
C ASN M 131 21.68 19.37 -8.76
N LEU M 132 20.98 18.96 -7.72
CA LEU M 132 21.15 17.64 -7.13
C LEU M 132 21.01 16.46 -8.10
N LEU M 133 20.47 16.70 -9.29
CA LEU M 133 20.38 15.61 -10.27
C LEU M 133 21.61 15.59 -11.18
N GLY M 134 22.30 16.73 -11.21
CA GLY M 134 23.50 16.86 -12.04
C GLY M 134 23.16 17.61 -13.30
N VAL M 135 21.91 18.03 -13.43
CA VAL M 135 21.54 18.76 -14.61
C VAL M 135 22.21 20.12 -14.65
N THR M 136 22.69 20.49 -15.83
CA THR M 136 23.37 21.75 -16.00
C THR M 136 22.90 22.52 -17.22
N TYR M 137 22.99 23.84 -17.13
CA TYR M 137 22.59 24.70 -18.24
C TYR M 137 22.96 26.16 -18.02
N SER M 138 22.98 26.92 -19.10
CA SER M 138 23.31 28.34 -19.04
C SER M 138 22.26 29.17 -19.77
N SER M 139 22.12 30.42 -19.32
CA SER M 139 21.19 31.36 -19.92
C SER M 139 21.63 32.72 -19.40
N PRO M 140 21.34 33.81 -20.15
CA PRO M 140 21.75 35.15 -19.71
C PRO M 140 21.29 35.46 -18.29
N THR M 141 20.30 34.70 -17.81
CA THR M 141 19.82 34.86 -16.44
C THR M 141 19.54 33.46 -15.90
N LEU M 142 19.78 33.27 -14.61
CA LEU M 142 19.55 31.99 -13.98
C LEU M 142 19.11 32.19 -12.55
N ALA M 143 18.16 31.38 -12.14
CA ALA M 143 17.63 31.46 -10.80
C ALA M 143 17.23 30.05 -10.40
N THR M 144 17.26 29.78 -9.09
CA THR M 144 16.90 28.46 -8.57
C THR M 144 15.63 28.54 -7.75
N GLY M 145 14.85 27.47 -7.79
CA GLY M 145 13.62 27.42 -7.04
C GLY M 145 12.64 28.51 -7.43
N PHE M 146 12.10 29.19 -6.42
CA PHE M 146 11.13 30.24 -6.64
C PHE M 146 11.57 31.31 -7.64
N GLY M 147 12.87 31.58 -7.69
CA GLY M 147 13.37 32.57 -8.61
C GLY M 147 13.22 32.12 -10.04
N ALA M 148 13.16 30.81 -10.26
CA ALA M 148 13.01 30.27 -11.60
C ALA M 148 11.68 30.72 -12.18
N HIS M 149 10.69 30.94 -11.31
CA HIS M 149 9.37 31.35 -11.78
C HIS M 149 9.10 32.85 -11.75
N MET M 150 9.50 33.52 -10.68
CA MET M 150 9.25 34.94 -10.57
C MET M 150 10.41 35.81 -11.00
N ALA M 151 11.62 35.47 -10.57
CA ALA M 151 12.77 36.27 -10.94
C ALA M 151 13.10 36.24 -12.44
N ASN M 152 13.15 35.04 -13.03
CA ASN M 152 13.49 34.94 -14.45
C ASN M 152 12.68 35.81 -15.41
N PRO M 153 11.34 35.78 -15.30
CA PRO M 153 10.53 36.60 -16.21
C PRO M 153 10.88 38.08 -16.13
N LEU M 154 11.33 38.52 -14.97
CA LEU M 154 11.70 39.93 -14.79
C LEU M 154 13.05 40.19 -15.45
N LEU M 155 14.07 39.43 -15.04
CA LEU M 155 15.41 39.58 -15.57
C LEU M 155 15.45 39.33 -17.07
N ARG M 156 14.65 38.40 -17.57
CA ARG M 156 14.62 38.10 -18.99
C ARG M 156 14.13 39.28 -19.82
N LYS M 157 13.47 40.23 -19.16
CA LYS M 157 12.98 41.41 -19.85
C LYS M 157 14.12 42.41 -20.03
N VAL M 158 15.21 42.21 -19.29
CA VAL M 158 16.36 43.09 -19.41
C VAL M 158 17.33 42.50 -20.41
N VAL M 159 17.53 41.19 -20.32
CA VAL M 159 18.41 40.49 -21.24
C VAL M 159 17.65 39.29 -21.77
N ASP M 160 16.87 39.53 -22.82
CA ASP M 160 16.05 38.49 -23.44
C ASP M 160 16.92 37.56 -24.29
N ARG M 161 17.80 38.14 -25.10
CA ARG M 161 18.69 37.31 -25.91
C ARG M 161 20.15 37.77 -25.75
N GLU M 162 21.07 36.97 -26.29
CA GLU M 162 22.49 37.26 -26.16
C GLU M 162 22.90 38.70 -26.44
N SER M 163 22.49 39.19 -27.60
CA SER M 163 22.80 40.55 -28.04
C SER M 163 22.37 41.63 -27.06
N ASP M 164 21.65 41.24 -26.02
CA ASP M 164 21.18 42.19 -25.02
C ASP M 164 22.23 42.49 -23.97
N ILE M 165 23.08 41.50 -23.68
CA ILE M 165 24.09 41.65 -22.64
C ILE M 165 25.00 42.86 -22.79
N PRO M 166 25.66 43.02 -23.95
CA PRO M 166 26.54 44.19 -24.09
C PRO M 166 25.83 45.51 -23.90
N LYS M 167 24.51 45.51 -24.08
CA LYS M 167 23.69 46.70 -23.92
C LYS M 167 23.22 46.95 -22.48
N THR M 168 23.58 46.04 -21.56
CA THR M 168 23.13 46.19 -20.18
C THR M 168 24.23 46.67 -19.25
N THR M 169 23.92 47.67 -18.43
CA THR M 169 24.93 48.18 -17.53
C THR M 169 24.76 47.59 -16.13
N VAL M 170 25.78 47.75 -15.31
CA VAL M 170 25.77 47.26 -13.94
C VAL M 170 24.62 47.89 -13.18
N GLN M 171 24.34 49.15 -13.48
CA GLN M 171 23.26 49.88 -12.82
C GLN M 171 21.93 49.21 -13.13
N VAL M 172 21.67 49.06 -14.43
CA VAL M 172 20.45 48.41 -14.89
C VAL M 172 20.34 47.03 -14.25
N ALA M 173 21.32 46.19 -14.56
CA ALA M 173 21.37 44.83 -14.04
C ALA M 173 21.18 44.78 -12.53
N GLU M 174 22.00 45.52 -11.79
CA GLU M 174 21.87 45.49 -10.34
C GLU M 174 20.46 45.82 -9.89
N GLU M 175 19.87 46.80 -10.55
CA GLU M 175 18.53 47.24 -10.24
C GLU M 175 17.54 46.09 -10.47
N ALA M 176 17.59 45.49 -11.65
CA ALA M 176 16.72 44.37 -11.98
C ALA M 176 16.76 43.35 -10.85
N ILE M 177 17.97 42.96 -10.49
CA ILE M 177 18.20 41.99 -9.43
C ILE M 177 17.62 42.45 -8.10
N VAL M 178 17.90 43.70 -7.72
CA VAL M 178 17.38 44.22 -6.46
C VAL M 178 15.85 44.15 -6.41
N ASN M 179 15.24 44.47 -7.54
CA ASN M 179 13.79 44.45 -7.63
C ASN M 179 13.27 43.02 -7.50
N ALA M 180 13.86 42.11 -8.28
CA ALA M 180 13.44 40.72 -8.23
C ALA M 180 13.48 40.28 -6.78
N MET M 181 14.57 40.60 -6.08
CA MET M 181 14.69 40.23 -4.66
C MET M 181 13.47 40.69 -3.87
N ARG M 182 12.95 41.87 -4.20
CA ARG M 182 11.77 42.40 -3.52
C ARG M 182 10.53 41.57 -3.88
N VAL M 183 10.27 41.41 -5.17
CA VAL M 183 9.15 40.64 -5.65
C VAL M 183 9.17 39.27 -4.96
N LEU M 184 10.34 38.67 -4.84
CA LEU M 184 10.45 37.38 -4.20
C LEU M 184 10.05 37.49 -2.73
N TYR M 185 10.32 38.66 -2.13
CA TYR M 185 9.98 38.89 -0.73
C TYR M 185 8.46 38.93 -0.55
N TYR M 186 7.78 39.48 -1.56
CA TYR M 186 6.33 39.59 -1.56
C TYR M 186 5.64 38.25 -1.70
N ARG M 187 6.09 37.39 -2.63
CA ARG M 187 5.40 36.12 -2.85
C ARG M 187 6.03 34.80 -2.41
N ASP M 188 7.27 34.81 -1.92
CA ASP M 188 7.91 33.56 -1.46
C ASP M 188 7.79 33.50 0.06
N ALA M 189 6.97 32.57 0.56
CA ALA M 189 6.73 32.41 2.00
C ALA M 189 7.94 31.92 2.76
N ARG M 190 9.00 31.61 2.03
CA ARG M 190 10.24 31.12 2.61
C ARG M 190 11.40 32.11 2.38
N SER M 191 11.08 33.37 2.12
CA SER M 191 12.11 34.37 1.88
C SER M 191 12.29 35.31 3.06
N SER M 192 13.42 36.02 3.04
CA SER M 192 13.78 36.96 4.08
C SER M 192 13.96 38.34 3.47
N ARG M 193 13.89 39.38 4.30
CA ARG M 193 14.04 40.75 3.82
C ARG M 193 15.50 41.11 3.58
N ASN M 194 16.40 40.34 4.20
CA ASN M 194 17.82 40.57 4.07
C ASN M 194 18.48 39.60 3.13
N PHE M 195 19.33 40.14 2.29
CA PHE M 195 20.03 39.32 1.32
C PHE M 195 21.43 39.87 1.07
N SER M 196 22.16 39.19 0.20
CA SER M 196 23.50 39.59 -0.15
C SER M 196 23.55 39.63 -1.65
N LEU M 197 24.34 40.53 -2.19
CA LEU M 197 24.46 40.68 -3.62
C LEU M 197 25.93 40.78 -3.99
N ALA M 198 26.34 40.04 -5.03
CA ALA M 198 27.73 40.06 -5.46
C ALA M 198 27.86 40.43 -6.92
N ILE M 199 28.87 41.23 -7.23
CA ILE M 199 29.11 41.65 -8.60
C ILE M 199 30.53 41.25 -8.97
N ILE M 200 30.68 40.55 -10.10
CA ILE M 200 31.99 40.18 -10.56
C ILE M 200 32.12 40.91 -11.89
N ASP M 201 32.95 41.96 -11.88
CA ASP M 201 33.16 42.80 -13.07
C ASP M 201 34.56 42.56 -13.61
N LYS M 202 34.66 42.37 -14.92
CA LYS M 202 35.97 42.14 -15.51
C LYS M 202 36.88 43.33 -15.32
N ASN M 203 36.38 44.40 -14.69
CA ASN M 203 37.21 45.56 -14.47
C ASN M 203 37.31 45.91 -13.00
N THR M 204 36.17 46.04 -12.33
CA THR M 204 36.16 46.41 -10.91
C THR M 204 36.41 45.22 -9.97
N GLY M 205 36.36 44.01 -10.52
CA GLY M 205 36.59 42.83 -9.71
C GLY M 205 35.35 42.37 -8.98
N LEU M 206 35.55 41.77 -7.81
CA LEU M 206 34.44 41.27 -7.04
C LEU M 206 34.01 42.23 -5.92
N THR M 207 32.78 42.72 -6.02
CA THR M 207 32.22 43.61 -5.02
C THR M 207 31.17 42.75 -4.30
N PHE M 208 31.36 42.53 -3.01
CA PHE M 208 30.44 41.69 -2.26
C PHE M 208 29.63 42.53 -1.26
N LYS M 209 28.37 42.79 -1.61
CA LYS M 209 27.48 43.57 -0.76
C LYS M 209 26.71 42.68 0.23
N LYS M 210 26.84 43.01 1.51
CA LYS M 210 26.16 42.25 2.54
C LYS M 210 25.15 43.12 3.30
N ASN M 211 24.18 42.44 3.91
CA ASN M 211 23.14 43.07 4.70
C ASN M 211 22.26 44.06 3.97
N LEU M 212 21.88 43.71 2.75
CA LEU M 212 21.00 44.57 2.00
C LEU M 212 19.60 44.24 2.53
N GLN M 213 18.66 45.10 2.21
CA GLN M 213 17.29 44.93 2.65
C GLN M 213 16.36 45.35 1.54
N VAL M 214 15.19 44.73 1.47
CA VAL M 214 14.22 45.09 0.46
C VAL M 214 13.58 46.37 0.94
N GLU M 215 13.71 47.42 0.14
CA GLU M 215 13.14 48.71 0.49
C GLU M 215 12.12 49.09 -0.54
N ASN M 216 11.41 50.19 -0.27
CA ASN M 216 10.39 50.70 -1.19
C ASN M 216 9.32 49.69 -1.50
N MET M 217 8.80 49.04 -0.48
CA MET M 217 7.74 48.07 -0.66
C MET M 217 6.40 48.81 -0.66
N LYS M 218 5.46 48.35 -1.50
CA LYS M 218 4.13 48.95 -1.55
C LYS M 218 3.19 48.15 -0.65
N TRP M 219 2.64 48.82 0.36
CA TRP M 219 1.72 48.15 1.28
C TRP M 219 0.48 48.98 1.60
N ASP M 220 0.54 50.28 1.32
CA ASP M 220 -0.56 51.18 1.64
C ASP M 220 -1.95 50.75 1.17
N PHE M 221 -2.05 50.27 -0.07
CA PHE M 221 -3.34 49.84 -0.59
C PHE M 221 -3.99 48.75 0.27
N ALA M 222 -3.20 48.09 1.10
CA ALA M 222 -3.73 47.04 1.94
C ALA M 222 -4.88 47.51 2.83
N LYS M 223 -4.84 48.80 3.20
CA LYS M 223 -5.89 49.35 4.08
C LYS M 223 -7.25 49.34 3.42
N ASP M 224 -7.28 49.66 2.13
CA ASP M 224 -8.51 49.72 1.36
C ASP M 224 -9.13 48.36 1.09
N ILE M 225 -8.43 47.31 1.47
CA ILE M 225 -8.95 45.98 1.23
C ILE M 225 -9.57 45.33 2.46
N LYS M 226 -10.89 45.27 2.48
CA LYS M 226 -11.61 44.66 3.60
C LYS M 226 -12.48 43.52 3.11
N GLY M 227 -12.74 42.57 4.02
CA GLY M 227 -13.56 41.41 3.68
C GLY M 227 -12.95 40.57 2.57
N TYR M 228 -13.74 39.68 2.00
CA TYR M 228 -13.28 38.82 0.92
C TYR M 228 -14.36 38.70 -0.15
N GLY M 229 -15.20 39.72 -0.25
CA GLY M 229 -16.26 39.72 -1.23
C GLY M 229 -17.40 40.71 -1.01
N THR M 230 -18.26 40.42 -0.05
CA THR M 230 -19.40 41.30 0.19
C THR M 230 -19.28 42.24 1.37
N GLN M 231 -18.34 41.95 2.27
CA GLN M 231 -18.14 42.80 3.45
C GLN M 231 -17.78 44.21 3.06
N LYS M 232 -18.44 45.18 3.67
CA LYS M 232 -18.18 46.57 3.32
C LYS M 232 -17.32 47.34 4.32
N ILE M 233 -17.25 46.88 5.56
CA ILE M 233 -16.45 47.57 6.56
C ILE M 233 -15.20 46.81 7.00
N THR N 1 11.30 17.76 25.03
CA THR N 1 12.52 18.32 25.64
C THR N 1 12.64 19.83 25.40
N SER N 2 13.17 20.53 26.39
CA SER N 2 13.37 21.98 26.28
C SER N 2 14.80 22.26 26.72
N ILE N 3 15.63 22.71 25.79
CA ILE N 3 17.03 23.01 26.06
C ILE N 3 17.47 24.30 25.41
N MET N 4 18.34 25.03 26.09
CA MET N 4 18.85 26.27 25.53
C MET N 4 20.26 26.58 26.08
N ALA N 5 20.98 27.43 25.35
CA ALA N 5 22.31 27.82 25.75
C ALA N 5 22.39 29.33 25.52
N VAL N 6 22.80 30.06 26.55
CA VAL N 6 22.89 31.52 26.45
C VAL N 6 24.27 32.04 26.83
N THR N 7 24.85 32.83 25.94
CA THR N 7 26.15 33.41 26.18
C THR N 7 25.98 34.74 26.87
N PHE N 8 26.82 35.03 27.86
CA PHE N 8 26.71 36.30 28.53
C PHE N 8 28.07 36.92 28.85
N LYS N 9 28.05 37.99 29.64
CA LYS N 9 29.25 38.73 30.02
C LYS N 9 30.42 37.88 30.55
N ASP N 10 30.13 36.93 31.43
CA ASP N 10 31.20 36.13 32.01
C ASP N 10 31.40 34.72 31.43
N GLY N 11 30.67 34.41 30.35
CA GLY N 11 30.82 33.10 29.78
C GLY N 11 29.60 32.54 29.07
N VAL N 12 29.02 31.49 29.64
CA VAL N 12 27.85 30.84 29.03
C VAL N 12 27.08 29.97 30.03
N ILE N 13 25.79 29.82 29.80
CA ILE N 13 24.95 28.97 30.66
C ILE N 13 24.09 28.00 29.83
N LEU N 14 24.05 26.74 30.25
CA LEU N 14 23.23 25.75 29.55
C LEU N 14 22.04 25.40 30.43
N GLY N 15 20.88 25.20 29.81
CA GLY N 15 19.70 24.86 30.58
C GLY N 15 18.85 23.79 29.93
N ALA N 16 18.10 23.05 30.75
CA ALA N 16 17.25 21.98 30.24
C ALA N 16 16.20 21.50 31.24
N ASP N 17 15.17 20.82 30.74
CA ASP N 17 14.15 20.29 31.62
C ASP N 17 14.67 18.88 31.92
N SER N 18 13.96 18.10 32.71
CA SER N 18 14.41 16.76 33.04
C SER N 18 13.42 15.69 32.65
N ARG N 19 12.63 15.95 31.61
CA ARG N 19 11.62 14.99 31.19
C ARG N 19 11.94 14.25 29.92
N THR N 20 11.88 12.94 29.98
CA THR N 20 12.10 12.10 28.82
C THR N 20 10.92 11.15 28.81
N THR N 21 10.15 11.24 27.74
CA THR N 21 8.97 10.42 27.62
C THR N 21 9.04 9.46 26.48
N THR N 22 8.22 8.43 26.58
CA THR N 22 8.11 7.42 25.55
C THR N 22 6.61 7.39 25.35
N GLY N 23 6.16 8.26 24.44
CA GLY N 23 4.75 8.37 24.19
C GLY N 23 4.24 9.39 25.17
N ALA N 24 3.22 9.03 25.94
CA ALA N 24 2.67 9.96 26.91
C ALA N 24 3.25 9.63 28.27
N TYR N 25 4.01 8.54 28.35
CA TYR N 25 4.60 8.12 29.62
C TYR N 25 5.94 8.76 29.89
N ILE N 26 6.10 9.29 31.10
CA ILE N 26 7.35 9.93 31.48
C ILE N 26 8.24 8.83 32.05
N ALA N 27 9.13 8.33 31.19
CA ALA N 27 10.06 7.27 31.55
C ALA N 27 11.08 7.75 32.58
N ASN N 28 11.41 9.03 32.56
CA ASN N 28 12.34 9.59 33.51
C ASN N 28 11.97 11.04 33.75
N ARG N 29 11.72 11.39 35.00
CA ARG N 29 11.35 12.77 35.32
C ARG N 29 12.51 13.58 35.89
N VAL N 30 13.65 12.95 36.05
CA VAL N 30 14.82 13.62 36.60
C VAL N 30 16.03 13.52 35.68
N THR N 31 15.76 13.34 34.38
CA THR N 31 16.82 13.25 33.39
C THR N 31 17.80 14.44 33.43
N ASP N 32 19.05 14.19 33.04
CA ASP N 32 20.08 15.23 32.98
C ASP N 32 20.50 15.35 31.52
N LYS N 33 19.85 16.26 30.81
CA LYS N 33 20.10 16.50 29.41
C LYS N 33 21.33 17.35 29.18
N LEU N 34 22.00 17.73 30.27
CA LEU N 34 23.24 18.52 30.20
C LEU N 34 24.45 17.60 30.30
N THR N 35 25.10 17.32 29.16
CA THR N 35 26.25 16.42 29.14
C THR N 35 27.62 17.08 28.95
N ARG N 36 28.61 16.58 29.69
CA ARG N 36 29.96 17.12 29.68
C ARG N 36 30.91 16.43 28.72
N VAL N 37 31.32 17.09 27.63
CA VAL N 37 32.27 16.47 26.70
C VAL N 37 33.71 16.80 27.08
N HIS N 38 33.90 17.97 27.69
CA HIS N 38 35.22 18.40 28.14
C HIS N 38 35.10 19.22 29.42
N ASP N 39 36.23 19.67 29.96
CA ASP N 39 36.21 20.46 31.19
C ASP N 39 35.24 21.61 31.11
N LYS N 40 35.43 22.49 30.14
CA LYS N 40 34.51 23.59 30.01
C LYS N 40 33.81 23.64 28.66
N ILE N 41 33.40 22.46 28.21
CA ILE N 41 32.66 22.32 26.96
C ILE N 41 31.58 21.29 27.22
N TRP N 42 30.34 21.74 27.27
CA TRP N 42 29.21 20.84 27.50
C TRP N 42 28.25 20.97 26.34
N CYS N 43 27.23 20.10 26.34
CA CYS N 43 26.24 20.09 25.27
C CYS N 43 24.85 19.84 25.85
N CYS N 44 23.83 20.16 25.04
CA CYS N 44 22.43 19.96 25.40
C CYS N 44 21.89 18.95 24.43
N ARG N 45 21.34 17.86 24.97
CA ARG N 45 20.85 16.80 24.12
C ARG N 45 19.34 16.74 23.91
N SER N 46 18.93 16.75 22.65
CA SER N 46 17.52 16.65 22.29
C SER N 46 17.45 15.71 21.08
N GLY N 47 16.36 14.96 20.98
CA GLY N 47 16.22 14.01 19.90
C GLY N 47 16.34 12.66 20.56
N SER N 48 16.66 11.61 19.81
CA SER N 48 16.77 10.28 20.41
C SER N 48 17.80 10.29 21.54
N ALA N 49 17.50 9.63 22.65
CA ALA N 49 18.48 9.60 23.73
C ALA N 49 19.55 8.61 23.34
N ALA N 50 19.15 7.44 22.86
CA ALA N 50 20.11 6.43 22.45
C ALA N 50 21.07 7.06 21.44
N ASP N 51 20.59 8.00 20.64
CA ASP N 51 21.45 8.64 19.66
C ASP N 51 22.31 9.76 20.22
N THR N 52 21.71 10.68 20.97
CA THR N 52 22.50 11.79 21.51
C THR N 52 23.52 11.28 22.52
N GLN N 53 23.17 10.22 23.24
CA GLN N 53 24.09 9.66 24.22
C GLN N 53 25.26 9.01 23.49
N ALA N 54 24.95 8.22 22.47
CA ALA N 54 25.99 7.53 21.71
C ALA N 54 26.88 8.57 21.04
N ILE N 55 26.29 9.60 20.49
CA ILE N 55 27.08 10.64 19.84
C ILE N 55 27.97 11.35 20.85
N ALA N 56 27.38 11.75 21.97
CA ALA N 56 28.11 12.45 23.03
C ALA N 56 29.27 11.59 23.49
N ASP N 57 28.98 10.34 23.87
CA ASP N 57 29.99 9.41 24.34
C ASP N 57 31.19 9.36 23.40
N ILE N 58 30.90 9.24 22.10
CA ILE N 58 31.94 9.20 21.09
C ILE N 58 32.71 10.53 21.03
N VAL N 59 32.01 11.64 21.20
CA VAL N 59 32.67 12.92 21.15
C VAL N 59 33.62 13.08 22.31
N GLN N 60 33.14 12.80 23.52
CA GLN N 60 33.97 12.93 24.69
C GLN N 60 35.28 12.16 24.47
N TYR N 61 35.16 10.95 23.93
CA TYR N 61 36.33 10.13 23.64
C TYR N 61 37.28 10.82 22.65
N HIS N 62 36.74 11.46 21.63
CA HIS N 62 37.55 12.14 20.64
C HIS N 62 38.27 13.35 21.21
N LEU N 63 37.60 14.06 22.10
CA LEU N 63 38.18 15.23 22.71
C LEU N 63 39.21 14.81 23.73
N GLU N 64 39.02 13.64 24.33
CA GLU N 64 39.98 13.15 25.31
C GLU N 64 41.29 12.83 24.59
N LEU N 65 41.20 12.08 23.49
CA LEU N 65 42.38 11.74 22.73
C LEU N 65 43.01 13.00 22.15
N TYR N 66 42.17 13.93 21.69
CA TYR N 66 42.65 15.18 21.14
C TYR N 66 43.54 15.88 22.18
N THR N 67 42.99 16.05 23.37
CA THR N 67 43.74 16.67 24.45
C THR N 67 45.09 15.95 24.63
N SER N 68 45.04 14.64 24.89
CA SER N 68 46.26 13.83 25.05
C SER N 68 47.34 14.22 24.07
N GLN N 69 46.95 14.49 22.82
CA GLN N 69 47.94 14.84 21.81
C GLN N 69 48.19 16.31 21.56
N TYR N 70 47.16 17.13 21.53
CA TYR N 70 47.41 18.53 21.21
C TYR N 70 46.92 19.56 22.22
N GLY N 71 46.71 19.13 23.45
CA GLY N 71 46.25 20.05 24.47
C GLY N 71 44.76 20.34 24.36
N THR N 72 44.29 21.22 25.21
CA THR N 72 42.88 21.58 25.23
C THR N 72 42.32 21.99 23.86
N PRO N 73 41.12 21.46 23.54
CA PRO N 73 40.44 21.73 22.28
C PRO N 73 39.56 22.98 22.43
N SER N 74 39.30 23.67 21.32
CA SER N 74 38.46 24.87 21.34
C SER N 74 37.01 24.44 21.36
N THR N 75 36.13 25.35 21.75
CA THR N 75 34.70 25.04 21.79
C THR N 75 34.26 24.79 20.35
N GLU N 76 34.88 25.50 19.42
CA GLU N 76 34.57 25.34 18.01
C GLU N 76 34.87 23.91 17.60
N THR N 77 36.08 23.45 17.87
CA THR N 77 36.49 22.10 17.53
C THR N 77 35.51 21.06 18.04
N ALA N 78 34.95 21.30 19.23
CA ALA N 78 34.00 20.38 19.83
C ALA N 78 32.74 20.37 18.97
N ALA N 79 32.32 21.55 18.54
CA ALA N 79 31.15 21.63 17.70
C ALA N 79 31.44 20.86 16.42
N SER N 80 32.66 21.01 15.92
CA SER N 80 33.11 20.35 14.70
C SER N 80 33.02 18.82 14.72
N VAL N 81 33.33 18.21 15.87
CA VAL N 81 33.27 16.77 15.98
C VAL N 81 31.82 16.34 15.99
N PHE N 82 31.02 17.03 16.81
CA PHE N 82 29.59 16.74 16.89
C PHE N 82 29.00 16.80 15.51
N LYS N 83 29.27 17.90 14.82
CA LYS N 83 28.77 18.09 13.47
C LYS N 83 29.17 16.95 12.54
N GLU N 84 30.45 16.61 12.57
CA GLU N 84 30.94 15.57 11.71
C GLU N 84 30.12 14.31 11.90
N LEU N 85 29.88 13.95 13.15
CA LEU N 85 29.09 12.76 13.45
C LEU N 85 27.66 12.88 12.98
N CYS N 86 27.02 13.99 13.31
CA CYS N 86 25.64 14.20 12.93
C CYS N 86 25.43 14.29 11.42
N TYR N 87 26.28 15.04 10.73
CA TYR N 87 26.12 15.18 9.29
C TYR N 87 26.38 13.90 8.53
N GLU N 88 27.48 13.25 8.85
CA GLU N 88 27.90 12.03 8.21
C GLU N 88 26.95 10.87 8.43
N ASN N 89 26.18 10.91 9.50
CA ASN N 89 25.24 9.83 9.80
C ASN N 89 23.82 10.36 9.88
N LYS N 90 23.55 11.46 9.20
CA LYS N 90 22.23 12.07 9.22
C LYS N 90 21.08 11.12 8.93
N ASP N 91 21.33 10.08 8.18
CA ASP N 91 20.29 9.14 7.82
C ASP N 91 19.88 8.17 8.92
N ASN N 92 20.70 8.04 9.95
CA ASN N 92 20.38 7.11 11.03
C ASN N 92 20.39 7.78 12.37
N LEU N 93 20.34 9.09 12.38
CA LEU N 93 20.34 9.81 13.63
C LEU N 93 19.20 10.78 13.75
N THR N 94 18.78 10.97 14.98
CA THR N 94 17.74 11.93 15.29
C THR N 94 18.34 12.62 16.51
N ALA N 95 19.20 13.60 16.23
CA ALA N 95 19.85 14.34 17.29
C ALA N 95 19.95 15.82 16.99
N GLY N 96 19.45 16.61 17.93
CA GLY N 96 19.51 18.05 17.81
C GLY N 96 20.38 18.43 18.97
N ILE N 97 21.59 18.90 18.69
CA ILE N 97 22.50 19.20 19.79
C ILE N 97 22.98 20.64 19.88
N ILE N 98 23.03 21.16 21.10
CA ILE N 98 23.55 22.50 21.31
C ILE N 98 24.88 22.32 22.01
N VAL N 99 25.91 23.00 21.51
CA VAL N 99 27.24 22.89 22.09
C VAL N 99 27.64 24.26 22.65
N ALA N 100 27.95 24.28 23.94
CA ALA N 100 28.34 25.52 24.59
C ALA N 100 29.62 25.27 25.37
N GLY N 101 30.50 26.25 25.33
CA GLY N 101 31.75 26.11 26.04
C GLY N 101 32.37 27.44 26.39
N TYR N 102 33.11 27.45 27.51
CA TYR N 102 33.78 28.67 27.93
C TYR N 102 35.24 28.60 27.55
N ASP N 103 35.70 29.70 26.97
CA ASP N 103 37.06 29.84 26.51
C ASP N 103 37.57 31.05 27.24
N ASP N 104 38.88 31.21 27.33
CA ASP N 104 39.41 32.36 28.03
C ASP N 104 39.53 33.53 27.08
N LYS N 105 39.93 33.24 25.85
CA LYS N 105 40.10 34.26 24.84
C LYS N 105 38.74 34.64 24.26
N ASN N 106 37.93 33.63 23.97
CA ASN N 106 36.60 33.81 23.38
C ASN N 106 35.46 34.01 24.37
N LYS N 107 35.71 33.71 25.65
CA LYS N 107 34.69 33.86 26.67
C LYS N 107 33.63 32.77 26.49
N GLY N 108 32.43 33.14 26.04
CA GLY N 108 31.38 32.15 25.85
C GLY N 108 31.03 31.95 24.40
N GLU N 109 30.77 30.71 24.01
CA GLU N 109 30.39 30.40 22.64
C GLU N 109 29.32 29.34 22.59
N VAL N 110 28.41 29.47 21.63
CA VAL N 110 27.31 28.53 21.46
C VAL N 110 27.12 28.13 20.00
N TYR N 111 27.12 26.81 19.76
CA TYR N 111 26.92 26.24 18.43
C TYR N 111 25.71 25.34 18.50
N THR N 112 24.79 25.51 17.58
CA THR N 112 23.60 24.67 17.55
C THR N 112 23.71 23.78 16.33
N ILE N 113 23.43 22.50 16.54
CA ILE N 113 23.50 21.51 15.47
C ILE N 113 22.12 20.88 15.29
N PRO N 114 21.34 21.41 14.33
CA PRO N 114 19.99 20.94 14.03
C PRO N 114 20.00 19.58 13.36
N LEU N 115 18.83 19.03 13.11
CA LEU N 115 18.69 17.72 12.48
C LEU N 115 19.46 17.44 11.20
N GLY N 116 19.59 18.43 10.32
CA GLY N 116 20.35 18.14 9.11
C GLY N 116 21.85 17.86 9.34
N GLY N 117 22.36 18.31 10.47
CA GLY N 117 23.77 18.14 10.76
C GLY N 117 24.54 19.39 10.37
N SER N 118 23.83 20.50 10.21
CA SER N 118 24.51 21.73 9.86
C SER N 118 24.94 22.34 11.19
N VAL N 119 25.79 23.37 11.14
CA VAL N 119 26.23 23.99 12.38
C VAL N 119 25.96 25.47 12.31
N HIS N 120 25.54 26.03 13.44
CA HIS N 120 25.24 27.44 13.51
C HIS N 120 25.76 27.99 14.83
N LYS N 121 26.56 29.05 14.74
CA LYS N 121 27.13 29.66 15.93
C LYS N 121 26.27 30.88 16.21
N LEU N 122 25.77 31.00 17.43
CA LEU N 122 24.89 32.12 17.78
C LEU N 122 25.11 32.59 19.22
N PRO N 123 24.53 33.76 19.57
CA PRO N 123 24.61 34.37 20.91
C PRO N 123 23.89 33.49 21.89
N TYR N 124 22.89 32.77 21.41
CA TYR N 124 22.12 31.86 22.24
C TYR N 124 21.29 31.01 21.29
N ALA N 125 20.90 29.82 21.73
CA ALA N 125 20.10 28.96 20.88
C ALA N 125 19.19 28.14 21.73
N ILE N 126 17.99 27.90 21.21
CA ILE N 126 17.00 27.08 21.89
C ILE N 126 16.74 25.84 21.02
N ALA N 127 16.23 24.77 21.62
CA ALA N 127 15.96 23.57 20.85
C ALA N 127 15.13 22.57 21.63
N GLY N 128 14.55 21.60 20.92
CA GLY N 128 13.71 20.61 21.56
C GLY N 128 12.26 20.93 21.31
N SER N 129 11.37 19.99 21.60
CA SER N 129 9.93 20.20 21.37
C SER N 129 9.43 21.51 21.97
N GLY N 130 9.75 21.76 23.24
CA GLY N 130 9.31 22.98 23.89
C GLY N 130 9.86 24.27 23.29
N SER N 131 10.96 24.21 22.56
CA SER N 131 11.54 25.42 22.01
C SER N 131 10.62 26.29 21.15
N THR N 132 9.73 25.66 20.40
CA THR N 132 8.83 26.40 19.52
C THR N 132 7.97 27.40 20.26
N PHE N 133 7.52 27.02 21.45
CA PHE N 133 6.67 27.90 22.24
C PHE N 133 7.35 29.12 22.81
N ILE N 134 8.68 29.13 22.79
CA ILE N 134 9.36 30.26 23.36
C ILE N 134 10.21 31.07 22.39
N TYR N 135 10.01 30.88 21.09
CA TYR N 135 10.77 31.66 20.12
C TYR N 135 10.51 33.14 20.31
N GLY N 136 9.23 33.52 20.29
CA GLY N 136 8.90 34.92 20.45
C GLY N 136 9.40 35.46 21.78
N TYR N 137 9.15 34.71 22.85
CA TYR N 137 9.58 35.16 24.16
C TYR N 137 11.08 35.42 24.20
N CYS N 138 11.87 34.39 23.91
CA CYS N 138 13.32 34.49 23.95
C CYS N 138 13.84 35.58 23.03
N ASP N 139 13.20 35.76 21.89
CA ASP N 139 13.66 36.78 20.96
C ASP N 139 13.42 38.15 21.54
N LYS N 140 12.36 38.28 22.32
CA LYS N 140 12.02 39.56 22.91
C LYS N 140 12.69 39.85 24.26
N ASN N 141 13.34 38.85 24.84
CA ASN N 141 13.98 39.05 26.14
C ASN N 141 15.47 38.86 26.21
N PHE N 142 16.06 38.24 25.20
CA PHE N 142 17.49 38.04 25.21
C PHE N 142 18.19 39.34 24.91
N ARG N 143 19.36 39.50 25.51
CA ARG N 143 20.19 40.68 25.33
C ARG N 143 21.59 40.13 25.42
N GLU N 144 22.54 40.81 24.80
CA GLU N 144 23.91 40.35 24.86
C GLU N 144 24.66 40.86 26.08
N ASN N 145 25.54 40.02 26.62
CA ASN N 145 26.35 40.36 27.76
C ASN N 145 25.57 40.66 29.03
N MET N 146 24.59 39.81 29.32
CA MET N 146 23.78 39.94 30.52
C MET N 146 24.64 39.44 31.66
N SER N 147 24.26 39.74 32.89
CA SER N 147 25.03 39.27 34.03
C SER N 147 24.65 37.83 34.34
N LYS N 148 25.40 37.19 35.22
CA LYS N 148 25.10 35.81 35.56
C LYS N 148 23.65 35.66 36.03
N GLU N 149 23.19 36.61 36.84
CA GLU N 149 21.83 36.55 37.36
C GLU N 149 20.79 36.79 36.28
N GLU N 150 20.96 37.86 35.49
CA GLU N 150 20.01 38.16 34.42
C GLU N 150 19.85 36.94 33.52
N THR N 151 20.98 36.32 33.18
CA THR N 151 21.00 35.16 32.32
C THR N 151 20.35 33.93 32.95
N VAL N 152 20.53 33.75 34.26
CA VAL N 152 19.91 32.60 34.93
C VAL N 152 18.39 32.83 34.96
N ASP N 153 17.99 34.08 35.01
CA ASP N 153 16.58 34.43 35.02
C ASP N 153 16.02 34.21 33.62
N PHE N 154 16.70 34.76 32.63
CA PHE N 154 16.29 34.60 31.24
C PHE N 154 16.03 33.13 30.93
N ILE N 155 16.96 32.27 31.34
CA ILE N 155 16.81 30.85 31.09
C ILE N 155 15.68 30.28 31.92
N LYS N 156 15.63 30.66 33.19
CA LYS N 156 14.60 30.15 34.09
C LYS N 156 13.19 30.46 33.58
N HIS N 157 12.98 31.67 33.10
CA HIS N 157 11.67 32.03 32.58
C HIS N 157 11.37 31.29 31.31
N SER N 158 12.23 31.46 30.31
CA SER N 158 12.05 30.81 29.01
C SER N 158 11.66 29.33 29.13
N LEU N 159 12.42 28.58 29.92
CA LEU N 159 12.13 27.17 30.05
C LEU N 159 10.89 26.88 30.88
N SER N 160 10.61 27.72 31.87
CA SER N 160 9.42 27.48 32.68
C SER N 160 8.23 27.56 31.72
N GLN N 161 8.28 28.50 30.78
CA GLN N 161 7.21 28.63 29.82
C GLN N 161 7.15 27.40 28.92
N ALA N 162 8.26 27.07 28.27
CA ALA N 162 8.29 25.91 27.40
C ALA N 162 7.77 24.69 28.14
N ILE N 163 8.15 24.54 29.42
CA ILE N 163 7.68 23.41 30.18
C ILE N 163 6.16 23.50 30.36
N LYS N 164 5.67 24.74 30.46
CA LYS N 164 4.25 24.99 30.64
C LYS N 164 3.40 24.47 29.52
N TRP N 165 3.75 24.92 28.31
CA TRP N 165 3.03 24.57 27.12
C TRP N 165 3.30 23.20 26.52
N ASP N 166 4.55 22.76 26.57
CA ASP N 166 4.92 21.46 26.01
C ASP N 166 4.87 20.29 26.97
N GLY N 167 4.02 19.31 26.66
CA GLY N 167 3.88 18.13 27.50
C GLY N 167 5.10 17.24 27.44
N SER N 168 5.90 17.40 26.39
CA SER N 168 7.09 16.57 26.28
C SER N 168 8.20 17.17 27.14
N SER N 169 7.88 18.21 27.90
CA SER N 169 8.86 18.86 28.77
C SER N 169 8.32 19.00 30.18
N GLY N 170 9.22 19.05 31.16
CA GLY N 170 8.81 19.19 32.54
C GLY N 170 9.87 18.74 33.53
N GLY N 171 9.43 18.51 34.76
CA GLY N 171 10.33 18.09 35.82
C GLY N 171 11.04 19.31 36.37
N VAL N 172 12.35 19.21 36.56
CA VAL N 172 13.11 20.34 37.06
C VAL N 172 13.93 21.00 35.97
N ILE N 173 14.30 22.25 36.22
CA ILE N 173 15.14 22.94 35.26
C ILE N 173 16.56 22.81 35.76
N ARG N 174 17.46 22.41 34.86
CA ARG N 174 18.86 22.26 35.21
C ARG N 174 19.68 23.26 34.41
N MET N 175 20.69 23.81 35.06
CA MET N 175 21.58 24.76 34.42
C MET N 175 23.02 24.40 34.76
N VAL N 176 23.92 24.90 33.94
CA VAL N 176 25.34 24.67 34.12
C VAL N 176 26.05 25.95 33.70
N VAL N 177 26.68 26.61 34.68
CA VAL N 177 27.39 27.86 34.39
C VAL N 177 28.84 27.56 34.02
N LEU N 178 29.29 28.17 32.93
CA LEU N 178 30.65 27.97 32.47
C LEU N 178 31.34 29.32 32.36
N THR N 179 32.24 29.59 33.30
CA THR N 179 33.00 30.85 33.30
C THR N 179 34.43 30.57 33.73
N ALA N 180 35.25 31.62 33.72
CA ALA N 180 36.64 31.46 34.13
C ALA N 180 36.68 30.88 35.54
N ALA N 181 35.66 31.19 36.34
CA ALA N 181 35.59 30.72 37.71
C ALA N 181 35.27 29.23 37.86
N GLY N 182 35.18 28.50 36.75
CA GLY N 182 34.87 27.09 36.87
C GLY N 182 33.50 26.67 36.34
N VAL N 183 33.03 25.53 36.81
CA VAL N 183 31.75 24.99 36.36
C VAL N 183 30.79 24.92 37.53
N GLU N 184 29.56 25.42 37.35
CA GLU N 184 28.56 25.41 38.43
C GLU N 184 27.21 24.80 38.04
N ARG N 185 26.76 23.82 38.83
CA ARG N 185 25.49 23.14 38.61
C ARG N 185 24.39 23.92 39.33
N LEU N 186 23.27 24.15 38.66
CA LEU N 186 22.15 24.86 39.27
C LEU N 186 20.90 24.02 39.02
N ILE N 187 20.00 23.95 39.99
CA ILE N 187 18.77 23.22 39.80
C ILE N 187 17.59 24.04 40.33
N PHE N 188 16.48 24.01 39.61
CA PHE N 188 15.30 24.75 40.01
C PHE N 188 14.13 23.82 39.96
N TYR N 189 13.33 23.84 41.03
CA TYR N 189 12.18 22.96 41.13
C TYR N 189 10.87 23.58 40.65
N PRO N 190 9.90 22.73 40.29
CA PRO N 190 8.59 23.18 39.81
C PRO N 190 8.06 24.32 40.65
N ASP N 191 7.86 24.05 41.92
CA ASP N 191 7.34 25.03 42.84
C ASP N 191 8.00 26.39 42.69
N GLU N 192 9.22 26.41 42.20
CA GLU N 192 9.87 27.71 42.06
C GLU N 192 9.61 28.36 40.72
N TYR N 193 9.87 27.64 39.63
CA TYR N 193 9.68 28.21 38.30
C TYR N 193 8.24 28.25 37.80
N GLU N 194 7.37 27.38 38.31
CA GLU N 194 5.99 27.36 37.87
C GLU N 194 5.32 28.70 38.08
N GLN N 195 5.44 29.23 39.30
CA GLN N 195 4.84 30.50 39.62
C GLN N 195 5.77 31.67 39.31
N LEU N 196 6.14 31.79 38.04
CA LEU N 196 7.02 32.87 37.59
C LEU N 196 6.27 33.67 36.55
N MET O 1 -51.96 18.53 6.89
CA MET O 1 -51.29 19.28 5.78
C MET O 1 -51.30 18.36 4.57
N THR O 2 -50.20 18.43 3.81
CA THR O 2 -50.04 17.62 2.62
C THR O 2 -51.21 17.76 1.67
N ASP O 3 -50.92 18.41 0.54
CA ASP O 3 -51.88 18.63 -0.51
C ASP O 3 -52.56 17.29 -0.79
N ARG O 4 -53.75 17.09 -0.25
CA ARG O 4 -54.48 15.84 -0.47
C ARG O 4 -55.32 15.95 -1.73
N TYR O 5 -55.12 17.05 -2.45
CA TYR O 5 -55.81 17.32 -3.70
C TYR O 5 -55.00 16.72 -4.84
N SER O 6 -55.01 15.40 -4.90
CA SER O 6 -54.27 14.66 -5.92
C SER O 6 -55.15 14.31 -7.11
N PHE O 7 -56.32 14.94 -7.19
CA PHE O 7 -57.29 14.70 -8.26
C PHE O 7 -57.54 15.97 -9.07
N SER O 8 -57.96 15.81 -10.31
CA SER O 8 -58.21 16.95 -11.17
C SER O 8 -59.35 17.83 -10.65
N LEU O 9 -59.18 19.14 -10.82
CA LEU O 9 -60.19 20.10 -10.40
C LEU O 9 -60.91 20.62 -11.64
N THR O 10 -60.45 20.17 -12.81
CA THR O 10 -61.05 20.55 -14.08
C THR O 10 -61.50 19.24 -14.70
N THR O 11 -62.80 19.00 -14.78
CA THR O 11 -63.29 17.75 -15.37
C THR O 11 -64.33 17.96 -16.45
N PHE O 12 -64.67 16.89 -17.17
CA PHE O 12 -65.65 16.97 -18.26
C PHE O 12 -67.08 16.93 -17.75
N SER O 13 -67.90 17.85 -18.23
CA SER O 13 -69.30 17.86 -17.81
C SER O 13 -70.04 17.00 -18.84
N PRO O 14 -71.28 16.57 -18.51
CA PRO O 14 -72.05 15.74 -19.45
C PRO O 14 -72.19 16.34 -20.83
N SER O 15 -72.06 17.67 -20.92
CA SER O 15 -72.18 18.35 -22.20
C SER O 15 -70.86 18.24 -22.98
N GLY O 16 -69.80 17.84 -22.27
CA GLY O 16 -68.49 17.70 -22.90
C GLY O 16 -67.63 18.94 -22.73
N LYS O 17 -68.06 19.85 -21.87
CA LYS O 17 -67.30 21.06 -21.65
C LYS O 17 -66.37 20.86 -20.46
N LEU O 18 -65.35 21.70 -20.39
CA LEU O 18 -64.40 21.67 -19.29
C LEU O 18 -64.63 23.01 -18.58
N GLY O 19 -65.50 22.96 -17.57
CA GLY O 19 -65.88 24.13 -16.82
C GLY O 19 -64.83 25.17 -16.56
N GLN O 20 -63.86 24.81 -15.73
CA GLN O 20 -62.80 25.71 -15.34
C GLN O 20 -62.10 26.41 -16.50
N ILE O 21 -61.88 25.69 -17.59
CA ILE O 21 -61.22 26.30 -18.74
C ILE O 21 -62.15 27.35 -19.33
N ASP O 22 -63.44 27.03 -19.38
CA ASP O 22 -64.40 27.96 -19.90
C ASP O 22 -64.41 29.20 -19.00
N TYR O 23 -64.56 28.99 -17.70
CA TYR O 23 -64.60 30.08 -16.75
C TYR O 23 -63.33 30.89 -16.82
N ALA O 24 -62.21 30.20 -17.01
CA ALA O 24 -60.93 30.87 -17.11
C ALA O 24 -61.00 31.85 -18.28
N LEU O 25 -61.52 31.40 -19.40
CA LEU O 25 -61.64 32.24 -20.60
C LEU O 25 -62.53 33.44 -20.34
N THR O 26 -63.57 33.22 -19.53
CA THR O 26 -64.49 34.28 -19.17
C THR O 26 -63.67 35.36 -18.45
N ALA O 27 -62.79 34.89 -17.57
CA ALA O 27 -61.92 35.76 -16.81
C ALA O 27 -61.07 36.60 -17.76
N VAL O 28 -60.67 35.99 -18.86
CA VAL O 28 -59.85 36.66 -19.86
C VAL O 28 -60.66 37.76 -20.53
N LYS O 29 -61.91 37.42 -20.85
CA LYS O 29 -62.81 38.36 -21.48
C LYS O 29 -62.88 39.64 -20.67
N GLN O 30 -63.09 39.49 -19.37
CA GLN O 30 -63.19 40.62 -18.47
C GLN O 30 -61.93 41.50 -18.43
N GLY O 31 -60.77 40.92 -18.68
CA GLY O 31 -59.54 41.67 -18.63
C GLY O 31 -59.33 42.77 -19.67
N VAL O 32 -58.48 43.73 -19.33
CA VAL O 32 -58.17 44.84 -20.24
C VAL O 32 -57.75 44.32 -21.61
N THR O 33 -58.07 45.08 -22.64
CA THR O 33 -57.72 44.67 -23.99
C THR O 33 -56.21 44.77 -24.22
N SER O 34 -55.72 44.00 -25.19
CA SER O 34 -54.32 43.97 -25.59
C SER O 34 -54.35 43.37 -27.01
N LEU O 35 -53.42 43.76 -27.86
CA LEU O 35 -53.43 43.26 -29.23
C LEU O 35 -52.03 42.99 -29.77
N GLY O 36 -51.97 42.42 -30.97
CA GLY O 36 -50.70 42.12 -31.61
C GLY O 36 -50.83 42.27 -33.11
N ILE O 37 -49.81 42.82 -33.74
CA ILE O 37 -49.83 43.02 -35.18
C ILE O 37 -48.48 42.63 -35.76
N LYS O 38 -48.51 41.80 -36.79
CA LYS O 38 -47.28 41.37 -37.42
C LYS O 38 -47.04 42.13 -38.72
N ALA O 39 -45.94 42.87 -38.79
CA ALA O 39 -45.58 43.62 -40.01
C ALA O 39 -44.52 42.80 -40.74
N THR O 40 -44.19 43.20 -41.97
CA THR O 40 -43.19 42.47 -42.75
C THR O 40 -41.78 42.57 -42.17
N ASN O 41 -41.56 43.48 -41.24
CA ASN O 41 -40.23 43.62 -40.68
C ASN O 41 -40.28 43.83 -39.19
N GLY O 42 -41.25 43.21 -38.55
CA GLY O 42 -41.37 43.36 -37.11
C GLY O 42 -42.72 42.95 -36.61
N VAL O 43 -42.90 43.04 -35.30
CA VAL O 43 -44.17 42.70 -34.66
C VAL O 43 -44.36 43.73 -33.56
N VAL O 44 -45.60 44.02 -33.23
CA VAL O 44 -45.87 44.98 -32.18
C VAL O 44 -46.93 44.41 -31.28
N ILE O 45 -46.78 44.66 -30.00
CA ILE O 45 -47.78 44.21 -29.04
C ILE O 45 -47.99 45.38 -28.09
N ALA O 46 -49.24 45.57 -27.67
CA ALA O 46 -49.56 46.66 -26.77
C ALA O 46 -50.84 46.39 -26.00
N THR O 47 -50.97 47.08 -24.89
CA THR O 47 -52.13 46.94 -24.04
C THR O 47 -52.31 48.29 -23.34
N GLU O 48 -53.24 48.36 -22.41
CA GLU O 48 -53.49 49.59 -21.69
C GLU O 48 -53.07 49.43 -20.24
N LYS O 49 -52.36 50.43 -19.70
CA LYS O 49 -51.95 50.38 -18.30
C LYS O 49 -53.07 51.00 -17.46
N LYS O 50 -54.03 50.14 -17.11
CA LYS O 50 -55.21 50.51 -16.32
C LYS O 50 -54.87 50.78 -14.85
N SER O 51 -54.15 51.87 -14.60
CA SER O 51 -53.75 52.24 -13.25
C SER O 51 -54.91 52.06 -12.28
N SER O 52 -54.78 51.13 -11.34
CA SER O 52 -55.83 50.86 -10.35
C SER O 52 -55.83 51.78 -9.12
N SER O 53 -55.40 53.02 -9.33
CA SER O 53 -55.34 54.07 -8.30
C SER O 53 -54.35 55.11 -8.80
N PRO O 54 -54.68 56.41 -8.64
CA PRO O 54 -53.81 57.50 -9.08
C PRO O 54 -52.53 57.57 -8.25
N LEU O 55 -52.59 56.93 -7.07
CA LEU O 55 -51.45 56.90 -6.19
C LEU O 55 -50.46 55.83 -6.63
N ALA O 56 -50.96 54.78 -7.27
CA ALA O 56 -50.10 53.69 -7.75
C ALA O 56 -49.31 54.16 -8.96
N MET O 57 -48.07 53.70 -9.07
CA MET O 57 -47.20 54.09 -10.17
C MET O 57 -47.17 52.97 -11.20
N SER O 58 -47.92 53.17 -12.29
CA SER O 58 -48.04 52.19 -13.36
C SER O 58 -46.74 51.74 -13.99
N GLU O 59 -45.66 52.50 -13.82
CA GLU O 59 -44.38 52.10 -14.39
C GLU O 59 -43.87 50.88 -13.65
N THR O 60 -44.00 50.89 -12.32
CA THR O 60 -43.55 49.78 -11.50
C THR O 60 -44.34 48.51 -11.76
N LEU O 61 -44.81 48.34 -12.99
CA LEU O 61 -45.59 47.16 -13.32
C LEU O 61 -45.65 47.09 -14.83
N SER O 62 -45.17 45.98 -15.40
CA SER O 62 -45.19 45.85 -16.85
C SER O 62 -46.09 44.73 -17.32
N LYS O 63 -47.01 45.07 -18.22
CA LYS O 63 -47.93 44.09 -18.80
C LYS O 63 -47.24 43.48 -20.00
N VAL O 64 -46.24 44.21 -20.52
CA VAL O 64 -45.45 43.75 -21.66
C VAL O 64 -44.11 43.31 -21.09
N SER O 65 -43.74 42.06 -21.35
CA SER O 65 -42.51 41.52 -20.79
C SER O 65 -41.59 40.86 -21.81
N LEU O 66 -40.28 40.93 -21.53
CA LEU O 66 -39.30 40.31 -22.39
C LEU O 66 -39.10 38.87 -21.91
N LEU O 67 -39.24 37.90 -22.80
CA LEU O 67 -39.05 36.50 -22.45
C LEU O 67 -37.60 36.14 -22.79
N THR O 68 -37.17 36.51 -23.98
CA THR O 68 -35.80 36.27 -24.42
C THR O 68 -35.46 37.59 -25.07
N PRO O 69 -34.22 37.77 -25.51
CA PRO O 69 -33.97 39.07 -26.13
C PRO O 69 -34.63 39.30 -27.49
N ASP O 70 -35.37 38.29 -27.96
CA ASP O 70 -36.07 38.38 -29.24
C ASP O 70 -37.52 37.93 -29.16
N ILE O 71 -38.02 37.79 -27.94
CA ILE O 71 -39.39 37.37 -27.71
C ILE O 71 -40.02 38.17 -26.58
N GLY O 72 -41.21 38.70 -26.83
CA GLY O 72 -41.91 39.47 -25.83
C GLY O 72 -43.29 38.87 -25.62
N ALA O 73 -43.92 39.21 -24.51
CA ALA O 73 -45.24 38.69 -24.25
C ALA O 73 -46.11 39.76 -23.62
N VAL O 74 -47.41 39.63 -23.83
CA VAL O 74 -48.40 40.55 -23.29
C VAL O 74 -49.64 39.71 -23.04
N TYR O 75 -50.47 40.14 -22.10
CA TYR O 75 -51.67 39.35 -21.76
C TYR O 75 -53.00 40.11 -21.66
N SER O 76 -53.97 39.38 -21.13
CA SER O 76 -55.33 39.83 -20.87
C SER O 76 -55.89 38.78 -19.93
N GLY O 77 -56.33 39.23 -18.77
CA GLY O 77 -56.86 38.32 -17.79
C GLY O 77 -56.35 38.70 -16.42
N MET O 78 -55.96 37.69 -15.64
CA MET O 78 -55.48 37.92 -14.28
C MET O 78 -53.99 38.25 -14.15
N GLY O 79 -53.68 39.54 -14.02
CA GLY O 79 -52.30 39.99 -13.87
C GLY O 79 -51.39 39.05 -13.10
N PRO O 80 -51.71 38.73 -11.83
CA PRO O 80 -50.84 37.83 -11.07
C PRO O 80 -50.55 36.51 -11.79
N ASP O 81 -51.54 35.87 -12.41
CA ASP O 81 -51.26 34.62 -13.11
C ASP O 81 -50.20 34.83 -14.20
N TYR O 82 -50.33 35.93 -14.94
CA TYR O 82 -49.39 36.25 -15.99
C TYR O 82 -47.99 36.36 -15.43
N ARG O 83 -47.88 37.10 -14.32
CA ARG O 83 -46.60 37.33 -13.69
C ARG O 83 -45.81 36.07 -13.49
N VAL O 84 -46.35 35.12 -12.74
CA VAL O 84 -45.61 33.89 -12.53
C VAL O 84 -45.40 33.15 -13.86
N LEU O 85 -46.31 33.29 -14.81
CA LEU O 85 -46.16 32.63 -16.10
C LEU O 85 -44.94 33.16 -16.84
N VAL O 86 -44.67 34.45 -16.66
CA VAL O 86 -43.52 35.09 -17.29
C VAL O 86 -42.23 34.50 -16.74
N ASP O 87 -42.10 34.52 -15.42
CA ASP O 87 -40.91 33.97 -14.78
C ASP O 87 -40.71 32.54 -15.27
N LYS O 88 -41.74 31.71 -15.19
CA LYS O 88 -41.65 30.32 -15.66
C LYS O 88 -41.22 30.25 -17.12
N SER O 89 -41.79 31.10 -17.95
CA SER O 89 -41.45 31.12 -19.36
C SER O 89 -40.00 31.56 -19.58
N ARG O 90 -39.47 32.43 -18.73
CA ARG O 90 -38.08 32.90 -18.86
C ARG O 90 -37.11 31.79 -18.45
N LYS O 91 -37.46 31.07 -17.39
CA LYS O 91 -36.62 29.99 -16.93
C LYS O 91 -36.67 28.85 -17.95
N VAL O 92 -37.87 28.35 -18.24
CA VAL O 92 -38.03 27.25 -19.20
C VAL O 92 -37.23 27.48 -20.47
N ALA O 93 -37.05 28.75 -20.84
CA ALA O 93 -36.30 29.09 -22.04
C ALA O 93 -34.85 28.67 -21.86
N HIS O 94 -34.34 28.82 -20.63
CA HIS O 94 -32.97 28.46 -20.33
C HIS O 94 -32.85 26.98 -20.10
N THR O 95 -33.55 26.49 -19.07
CA THR O 95 -33.49 25.08 -18.72
C THR O 95 -33.76 24.10 -19.84
N SER O 96 -34.69 24.41 -20.73
CA SER O 96 -34.99 23.45 -21.78
C SER O 96 -34.50 23.82 -23.17
N TYR O 97 -33.61 24.78 -23.25
CA TYR O 97 -33.11 25.15 -24.55
C TYR O 97 -31.77 25.86 -24.57
N LYS O 98 -31.68 27.07 -24.03
CA LYS O 98 -30.40 27.76 -24.07
C LYS O 98 -29.28 26.98 -23.40
N ARG O 99 -29.61 26.23 -22.35
CA ARG O 99 -28.59 25.44 -21.65
C ARG O 99 -28.22 24.20 -22.42
N ILE O 100 -29.03 23.84 -23.42
CA ILE O 100 -28.70 22.64 -24.18
C ILE O 100 -28.11 22.95 -25.53
N TYR O 101 -28.60 23.99 -26.18
CA TYR O 101 -28.10 24.34 -27.50
C TYR O 101 -27.32 25.62 -27.51
N GLY O 102 -27.22 26.27 -26.37
CA GLY O 102 -26.46 27.49 -26.32
C GLY O 102 -27.05 28.63 -27.14
N GLU O 103 -28.34 28.54 -27.42
CA GLU O 103 -29.00 29.60 -28.17
C GLU O 103 -30.43 29.70 -27.66
N TYR O 104 -31.02 30.88 -27.75
CA TYR O 104 -32.38 31.08 -27.28
C TYR O 104 -33.36 30.32 -28.15
N PRO O 105 -34.42 29.83 -27.54
CA PRO O 105 -35.44 29.08 -28.28
C PRO O 105 -36.15 29.94 -29.31
N PRO O 106 -36.65 29.30 -30.39
CA PRO O 106 -37.37 30.03 -31.43
C PRO O 106 -38.79 30.23 -30.90
N THR O 107 -39.41 31.35 -31.28
CA THR O 107 -40.74 31.70 -30.83
C THR O 107 -41.72 30.53 -30.69
N LYS O 108 -42.02 29.83 -31.77
CA LYS O 108 -42.98 28.72 -31.70
C LYS O 108 -42.74 27.70 -30.57
N LEU O 109 -41.49 27.36 -30.33
CA LEU O 109 -41.16 26.40 -29.29
C LEU O 109 -41.32 26.97 -27.88
N LEU O 110 -40.81 28.17 -27.65
CA LEU O 110 -40.94 28.79 -26.33
C LEU O 110 -42.43 28.87 -26.01
N VAL O 111 -43.20 29.24 -27.03
CA VAL O 111 -44.64 29.35 -26.90
C VAL O 111 -45.15 27.96 -26.58
N SER O 112 -44.67 27.00 -27.34
CA SER O 112 -45.05 25.61 -27.16
C SER O 112 -44.80 25.22 -25.71
N GLU O 113 -43.71 25.72 -25.17
CA GLU O 113 -43.34 25.44 -23.79
C GLU O 113 -44.37 26.00 -22.82
N VAL O 114 -44.62 27.31 -22.93
CA VAL O 114 -45.58 27.98 -22.06
C VAL O 114 -46.94 27.29 -22.12
N ALA O 115 -47.36 26.97 -23.33
CA ALA O 115 -48.61 26.28 -23.57
C ALA O 115 -48.69 25.02 -22.73
N LYS O 116 -47.63 24.24 -22.76
CA LYS O 116 -47.60 22.99 -22.01
C LYS O 116 -47.84 23.26 -20.53
N ILE O 117 -47.21 24.31 -20.01
CA ILE O 117 -47.35 24.68 -18.61
C ILE O 117 -48.83 24.87 -18.28
N MET O 118 -49.48 25.72 -19.07
CA MET O 118 -50.89 25.99 -18.90
C MET O 118 -51.67 24.69 -19.04
N GLN O 119 -51.40 23.95 -20.12
CA GLN O 119 -52.08 22.69 -20.35
C GLN O 119 -52.09 21.86 -19.10
N GLU O 120 -50.96 21.81 -18.40
CA GLU O 120 -50.88 21.01 -17.21
C GLU O 120 -51.76 21.51 -16.05
N ALA O 121 -51.90 22.83 -15.94
CA ALA O 121 -52.73 23.44 -14.89
C ALA O 121 -54.20 23.17 -15.17
N THR O 122 -54.42 22.39 -16.21
CA THR O 122 -55.76 22.05 -16.69
C THR O 122 -56.09 20.60 -16.41
N GLN O 123 -55.08 19.85 -16.00
CA GLN O 123 -55.25 18.43 -15.75
C GLN O 123 -54.61 17.93 -14.44
N SER O 124 -53.55 18.61 -14.01
CA SER O 124 -52.85 18.21 -12.78
C SER O 124 -53.78 18.17 -11.57
N GLY O 125 -53.37 17.45 -10.54
CA GLY O 125 -54.20 17.40 -9.34
C GLY O 125 -54.20 18.75 -8.61
N GLY O 126 -55.27 18.99 -7.85
CA GLY O 126 -55.40 20.20 -7.06
C GLY O 126 -55.08 21.60 -7.55
N VAL O 127 -55.35 21.91 -8.82
CA VAL O 127 -55.08 23.26 -9.30
C VAL O 127 -56.16 23.74 -10.25
N ARG O 128 -56.12 25.04 -10.56
CA ARG O 128 -57.07 25.66 -11.47
C ARG O 128 -56.29 26.14 -12.67
N PRO O 129 -56.94 26.27 -13.82
CA PRO O 129 -56.22 26.75 -15.00
C PRO O 129 -55.75 28.17 -14.80
N PHE O 130 -54.90 28.66 -15.68
CA PHE O 130 -54.43 30.03 -15.57
C PHE O 130 -55.49 30.94 -16.15
N GLY O 131 -55.81 32.03 -15.45
CA GLY O 131 -56.82 32.95 -15.92
C GLY O 131 -56.26 34.02 -16.86
N VAL O 132 -55.48 33.60 -17.84
CA VAL O 132 -54.92 34.57 -18.76
C VAL O 132 -54.74 33.99 -20.15
N SER O 133 -54.61 34.89 -21.12
CA SER O 133 -54.36 34.52 -22.49
C SER O 133 -53.15 35.35 -22.83
N LEU O 134 -52.24 34.76 -23.58
CA LEU O 134 -51.03 35.46 -23.90
C LEU O 134 -50.88 35.73 -25.38
N LEU O 135 -50.18 36.81 -25.66
CA LEU O 135 -49.87 37.19 -27.01
C LEU O 135 -48.37 37.30 -27.00
N ILE O 136 -47.71 36.30 -27.58
CA ILE O 136 -46.26 36.26 -27.64
C ILE O 136 -45.81 36.61 -29.04
N ALA O 137 -44.82 37.48 -29.14
CA ALA O 137 -44.29 37.89 -30.43
C ALA O 137 -42.77 37.82 -30.39
N GLY O 138 -42.19 37.26 -31.44
CA GLY O 138 -40.76 37.14 -31.48
C GLY O 138 -40.21 36.92 -32.87
N HIS O 139 -38.91 36.65 -32.92
CA HIS O 139 -38.22 36.44 -34.17
C HIS O 139 -37.04 35.52 -33.98
N ASP O 140 -36.82 34.64 -34.95
CA ASP O 140 -35.70 33.73 -34.92
C ASP O 140 -35.20 33.58 -36.35
N GLU O 141 -33.92 33.27 -36.50
CA GLU O 141 -33.30 33.14 -37.82
C GLU O 141 -34.05 32.33 -38.86
N PHE O 142 -34.53 31.14 -38.49
CA PHE O 142 -35.21 30.28 -39.45
C PHE O 142 -36.72 30.39 -39.53
N ASN O 143 -37.32 31.31 -38.77
CA ASN O 143 -38.77 31.46 -38.81
C ASN O 143 -39.21 32.90 -39.01
N GLY O 144 -38.25 33.84 -38.97
CA GLY O 144 -38.58 35.24 -39.14
C GLY O 144 -39.38 35.75 -37.95
N PHE O 145 -40.33 36.65 -38.19
CA PHE O 145 -41.15 37.15 -37.10
C PHE O 145 -42.41 36.32 -36.98
N SER O 146 -42.98 36.30 -35.80
CA SER O 146 -44.21 35.57 -35.63
C SER O 146 -44.98 36.09 -34.41
N LEU O 147 -46.27 35.80 -34.39
CA LEU O 147 -47.16 36.22 -33.32
C LEU O 147 -48.03 35.03 -32.93
N TYR O 148 -48.11 34.75 -31.64
CA TYR O 148 -48.89 33.62 -31.18
C TYR O 148 -49.81 34.02 -30.04
N GLN O 149 -50.90 33.28 -29.89
CA GLN O 149 -51.84 33.54 -28.83
C GLN O 149 -51.96 32.23 -28.08
N VAL O 150 -51.84 32.29 -26.76
CA VAL O 150 -51.93 31.09 -25.95
C VAL O 150 -53.11 31.22 -25.01
N ASP O 151 -53.94 30.18 -24.98
CA ASP O 151 -55.15 30.16 -24.16
C ASP O 151 -55.02 29.28 -22.94
N PRO O 152 -55.82 29.56 -21.92
CA PRO O 152 -55.83 28.81 -20.66
C PRO O 152 -56.08 27.32 -20.89
N SER O 153 -56.58 26.96 -22.06
CA SER O 153 -56.84 25.57 -22.36
C SER O 153 -55.49 24.93 -22.64
N GLY O 154 -54.54 25.78 -23.04
CA GLY O 154 -53.22 25.31 -23.37
C GLY O 154 -53.08 25.31 -24.88
N SER O 155 -54.06 25.89 -25.56
CA SER O 155 -54.02 25.95 -27.01
C SER O 155 -53.33 27.24 -27.44
N TYR O 156 -52.74 27.21 -28.63
CA TYR O 156 -52.08 28.39 -29.15
C TYR O 156 -52.14 28.36 -30.66
N PHE O 157 -52.08 29.54 -31.28
CA PHE O 157 -52.15 29.64 -32.71
C PHE O 157 -51.46 30.89 -33.18
N PRO O 158 -50.98 30.88 -34.42
CA PRO O 158 -50.28 32.01 -35.05
C PRO O 158 -51.26 33.03 -35.61
N TRP O 159 -50.90 34.30 -35.55
CA TRP O 159 -51.76 35.36 -36.05
C TRP O 159 -51.04 36.40 -36.88
N LYS O 160 -51.74 37.03 -37.81
CA LYS O 160 -51.15 38.08 -38.62
C LYS O 160 -51.36 39.33 -37.78
N ALA O 161 -52.40 39.25 -36.95
CA ALA O 161 -52.78 40.31 -36.04
C ALA O 161 -54.01 39.80 -35.27
N THR O 162 -54.20 40.28 -34.05
CA THR O 162 -55.36 39.86 -33.26
C THR O 162 -55.36 40.58 -31.93
N ALA O 163 -56.47 40.49 -31.23
CA ALA O 163 -56.59 41.14 -29.93
C ALA O 163 -57.39 40.23 -29.02
N ILE O 164 -57.21 40.42 -27.72
CA ILE O 164 -57.91 39.63 -26.71
C ILE O 164 -58.34 40.56 -25.60
N GLY O 165 -59.23 40.07 -24.74
CA GLY O 165 -59.70 40.88 -23.63
C GLY O 165 -60.97 41.65 -23.99
N LYS O 166 -61.34 42.58 -23.12
CA LYS O 166 -62.54 43.42 -23.29
C LYS O 166 -63.06 43.62 -24.71
N GLY O 167 -62.61 44.69 -25.36
CA GLY O 167 -63.07 45.00 -26.70
C GLY O 167 -62.33 44.28 -27.80
N SER O 168 -62.18 42.97 -27.64
CA SER O 168 -61.48 42.17 -28.63
C SER O 168 -62.29 42.06 -29.93
N VAL O 169 -63.57 41.73 -29.80
CA VAL O 169 -64.42 41.59 -30.98
C VAL O 169 -64.34 42.84 -31.84
N ALA O 170 -64.49 44.00 -31.19
CA ALA O 170 -64.43 45.29 -31.86
C ALA O 170 -63.10 45.51 -32.54
N ALA O 171 -62.03 45.37 -31.76
CA ALA O 171 -60.66 45.56 -32.26
C ALA O 171 -60.28 44.56 -33.33
N LYS O 172 -60.70 43.31 -33.15
CA LYS O 172 -60.41 42.26 -34.13
C LYS O 172 -60.99 42.65 -35.47
N THR O 173 -62.19 43.24 -35.44
CA THR O 173 -62.85 43.68 -36.66
C THR O 173 -62.08 44.84 -37.27
N PHE O 174 -61.63 45.77 -36.44
CA PHE O 174 -60.89 46.93 -36.93
C PHE O 174 -59.55 46.55 -37.55
N LEU O 175 -58.98 45.45 -37.09
CA LEU O 175 -57.69 45.01 -37.62
C LEU O 175 -57.85 44.31 -38.96
N GLU O 176 -58.89 43.49 -39.10
CA GLU O 176 -59.13 42.80 -40.37
C GLU O 176 -59.22 43.85 -41.47
N LYS O 177 -59.70 45.03 -41.12
CA LYS O 177 -59.84 46.11 -42.08
C LYS O 177 -58.55 46.83 -42.44
N ARG O 178 -57.66 46.98 -41.46
CA ARG O 178 -56.43 47.72 -41.70
C ARG O 178 -55.17 46.91 -42.00
N TRP O 179 -55.23 45.60 -41.80
CA TRP O 179 -54.06 44.76 -42.02
C TRP O 179 -53.88 44.30 -43.46
N ASN O 180 -52.63 44.22 -43.90
CA ASN O 180 -52.30 43.75 -45.24
C ASN O 180 -50.92 43.11 -45.12
N ASP O 181 -50.56 42.26 -46.07
CA ASP O 181 -49.27 41.59 -46.01
C ASP O 181 -48.11 42.45 -46.49
N GLU O 182 -48.24 43.76 -46.39
CA GLU O 182 -47.18 44.67 -46.82
C GLU O 182 -46.89 45.75 -45.80
N LEU O 183 -47.44 45.61 -44.60
CA LEU O 183 -47.22 46.61 -43.57
C LEU O 183 -45.79 46.67 -43.08
N GLU O 184 -45.29 47.88 -42.92
CA GLU O 184 -43.94 48.06 -42.39
C GLU O 184 -44.22 48.13 -40.88
N LEU O 185 -43.19 48.00 -40.04
CA LEU O 185 -43.40 48.04 -38.60
C LEU O 185 -44.05 49.34 -38.12
N GLU O 186 -43.56 50.48 -38.59
CA GLU O 186 -44.14 51.76 -38.19
C GLU O 186 -45.62 51.80 -38.49
N ASP O 187 -46.01 51.13 -39.58
CA ASP O 187 -47.41 51.07 -39.98
C ASP O 187 -48.21 50.37 -38.88
N ALA O 188 -47.78 49.16 -38.56
CA ALA O 188 -48.44 48.36 -37.53
C ALA O 188 -48.52 49.13 -36.22
N ILE O 189 -47.44 49.85 -35.88
CA ILE O 189 -47.39 50.64 -34.66
C ILE O 189 -48.54 51.66 -34.67
N HIS O 190 -48.71 52.32 -35.81
CA HIS O 190 -49.78 53.31 -36.00
C HIS O 190 -51.12 52.61 -35.82
N ILE O 191 -51.38 51.62 -36.68
CA ILE O 191 -52.62 50.84 -36.62
C ILE O 191 -52.88 50.37 -35.19
N ALA O 192 -51.80 49.98 -34.52
CA ALA O 192 -51.88 49.52 -33.13
C ALA O 192 -52.48 50.61 -32.26
N LEU O 193 -51.88 51.79 -32.29
CA LEU O 193 -52.35 52.91 -31.51
C LEU O 193 -53.79 53.29 -31.83
N LEU O 194 -54.18 53.18 -33.09
CA LEU O 194 -55.56 53.47 -33.48
C LEU O 194 -56.45 52.40 -32.88
N THR O 195 -56.15 51.14 -33.18
CA THR O 195 -56.95 50.02 -32.67
C THR O 195 -57.13 50.09 -31.17
N LEU O 196 -56.14 50.65 -30.50
CA LEU O 196 -56.15 50.76 -29.05
C LEU O 196 -57.07 51.87 -28.56
N LYS O 197 -56.98 53.03 -29.19
CA LYS O 197 -57.80 54.17 -28.83
C LYS O 197 -59.28 53.83 -28.62
N GLU O 198 -59.83 52.99 -29.49
CA GLU O 198 -61.23 52.58 -29.39
C GLU O 198 -61.58 51.99 -28.03
N SER O 199 -60.72 51.09 -27.53
CA SER O 199 -60.97 50.42 -26.24
C SER O 199 -60.62 51.31 -25.05
N VAL O 200 -60.05 52.48 -25.30
CA VAL O 200 -59.66 53.38 -24.22
C VAL O 200 -60.70 54.43 -23.85
N GLU O 201 -61.15 54.38 -22.60
CA GLU O 201 -62.14 55.29 -22.05
C GLU O 201 -61.57 56.68 -21.80
N GLY O 202 -60.78 56.81 -20.75
CA GLY O 202 -60.20 58.09 -20.39
C GLY O 202 -58.92 58.51 -21.10
N GLU O 203 -57.87 58.75 -20.33
CA GLU O 203 -56.59 59.18 -20.89
C GLU O 203 -55.97 58.16 -21.83
N PHE O 204 -55.34 58.65 -22.87
CA PHE O 204 -54.70 57.80 -23.86
C PHE O 204 -53.39 58.47 -24.21
N ASN O 205 -52.32 58.05 -23.56
CA ASN O 205 -51.01 58.64 -23.81
C ASN O 205 -49.94 57.64 -23.45
N GLY O 206 -48.69 58.06 -23.55
CA GLY O 206 -47.58 57.18 -23.24
C GLY O 206 -47.50 56.69 -21.81
N ASP O 207 -48.30 57.25 -20.91
CA ASP O 207 -48.25 56.84 -19.51
C ASP O 207 -49.38 55.88 -19.17
N THR O 208 -50.36 55.80 -20.05
CA THR O 208 -51.51 54.93 -19.85
C THR O 208 -51.42 53.74 -20.80
N ILE O 209 -50.58 53.90 -21.82
CA ILE O 209 -50.36 52.88 -22.84
C ILE O 209 -49.01 52.21 -22.66
N GLU O 210 -48.96 50.91 -22.96
CA GLU O 210 -47.73 50.16 -22.85
C GLU O 210 -47.59 49.36 -24.13
N LEU O 211 -46.54 49.65 -24.88
CA LEU O 211 -46.32 48.97 -26.14
C LEU O 211 -44.83 48.72 -26.39
N ALA O 212 -44.55 47.53 -26.92
CA ALA O 212 -43.20 47.12 -27.24
C ALA O 212 -43.19 46.53 -28.64
N ILE O 213 -41.98 46.36 -29.18
CA ILE O 213 -41.85 45.81 -30.52
C ILE O 213 -40.78 44.73 -30.58
N ILE O 214 -40.74 44.04 -31.71
CA ILE O 214 -39.75 43.01 -31.98
C ILE O 214 -39.32 43.36 -33.40
N GLY O 215 -38.30 44.19 -33.52
CA GLY O 215 -37.84 44.60 -34.84
C GLY O 215 -36.41 44.25 -35.17
N ASP O 216 -35.60 45.27 -35.44
CA ASP O 216 -34.22 45.05 -35.77
C ASP O 216 -33.37 44.90 -34.52
N GLU O 217 -32.14 44.42 -34.71
CA GLU O 217 -31.22 44.22 -33.61
C GLU O 217 -30.70 45.54 -33.03
N ASN O 218 -30.79 45.69 -31.72
CA ASN O 218 -30.34 46.90 -31.03
C ASN O 218 -28.98 46.63 -30.39
N PRO O 219 -27.89 46.81 -31.14
CA PRO O 219 -26.55 46.58 -30.60
C PRO O 219 -26.29 47.59 -29.50
N ASP O 220 -26.91 48.76 -29.64
CA ASP O 220 -26.77 49.82 -28.66
C ASP O 220 -27.35 49.35 -27.32
N LEU O 221 -28.13 48.26 -27.35
CA LEU O 221 -28.74 47.73 -26.14
C LEU O 221 -28.07 46.45 -25.67
N LEU O 222 -26.92 46.13 -26.27
CA LEU O 222 -26.22 44.91 -25.90
C LEU O 222 -25.49 45.01 -24.58
N GLY O 223 -24.81 46.13 -24.34
CA GLY O 223 -24.09 46.32 -23.09
C GLY O 223 -22.59 46.12 -23.20
N TYR O 224 -22.16 45.54 -24.31
CA TYR O 224 -20.75 45.27 -24.56
C TYR O 224 -20.47 45.16 -26.05
N THR O 225 -19.22 45.34 -26.42
CA THR O 225 -18.79 45.28 -27.81
C THR O 225 -17.68 44.26 -27.94
N GLY O 226 -17.25 44.00 -29.18
CA GLY O 226 -16.15 43.08 -29.39
C GLY O 226 -16.48 41.73 -29.96
N ILE O 227 -17.76 41.42 -30.13
CA ILE O 227 -18.12 40.11 -30.67
C ILE O 227 -19.05 40.26 -31.85
N PRO O 228 -18.52 40.15 -33.07
CA PRO O 228 -19.23 40.27 -34.34
C PRO O 228 -20.61 39.65 -34.39
N THR O 229 -20.71 38.37 -34.03
CA THR O 229 -21.98 37.65 -34.08
C THR O 229 -23.06 38.06 -33.09
N ASP O 230 -22.72 38.90 -32.11
CA ASP O 230 -23.69 39.36 -31.12
C ASP O 230 -24.10 40.77 -31.51
N LYS O 231 -25.28 40.90 -32.10
CA LYS O 231 -25.76 42.20 -32.58
C LYS O 231 -26.77 42.97 -31.72
N GLY O 232 -27.26 42.35 -30.66
CA GLY O 232 -28.21 43.05 -29.82
C GLY O 232 -29.61 42.46 -29.88
N PRO O 233 -30.46 42.80 -28.91
CA PRO O 233 -31.83 42.29 -28.86
C PRO O 233 -32.77 42.97 -29.85
N ARG O 234 -33.70 42.19 -30.40
CA ARG O 234 -34.66 42.72 -31.34
C ARG O 234 -35.86 43.27 -30.58
N PHE O 235 -36.02 42.82 -29.33
CA PHE O 235 -37.12 43.28 -28.50
C PHE O 235 -36.85 44.66 -27.91
N ARG O 236 -37.85 45.53 -27.96
CA ARG O 236 -37.71 46.84 -27.38
C ARG O 236 -39.03 47.46 -27.02
N LYS O 237 -39.14 47.83 -25.76
CA LYS O 237 -40.33 48.45 -25.23
C LYS O 237 -40.21 49.94 -25.56
N LEU O 238 -41.30 50.56 -26.00
CA LEU O 238 -41.23 51.97 -26.31
C LEU O 238 -41.35 52.77 -25.03
N THR O 239 -40.76 53.96 -25.04
CA THR O 239 -40.80 54.84 -23.88
C THR O 239 -42.06 55.67 -23.95
N SER O 240 -42.45 56.22 -22.80
CA SER O 240 -43.64 57.07 -22.74
C SER O 240 -43.50 58.16 -23.79
N GLN O 241 -42.36 58.84 -23.76
CA GLN O 241 -42.08 59.91 -24.70
C GLN O 241 -42.16 59.42 -26.15
N GLU O 242 -41.68 58.21 -26.42
CA GLU O 242 -41.73 57.67 -27.78
C GLU O 242 -43.16 57.47 -28.22
N ILE O 243 -44.02 57.09 -27.29
CA ILE O 243 -45.42 56.86 -27.59
C ILE O 243 -46.16 58.15 -27.96
N ASN O 244 -46.02 59.16 -27.13
CA ASN O 244 -46.68 60.43 -27.36
C ASN O 244 -46.32 61.04 -28.70
N ASP O 245 -45.03 60.97 -29.06
CA ASP O 245 -44.61 61.51 -30.35
C ASP O 245 -45.50 60.91 -31.44
N ARG O 246 -45.61 59.59 -31.44
CA ARG O 246 -46.42 58.93 -32.44
C ARG O 246 -47.90 59.29 -32.37
N LEU O 247 -48.39 59.52 -31.15
CA LEU O 247 -49.79 59.88 -30.94
C LEU O 247 -50.19 61.18 -31.61
N GLU O 248 -49.21 62.04 -31.89
CA GLU O 248 -49.51 63.31 -32.55
C GLU O 248 -49.77 63.09 -34.05
N ALA O 249 -49.15 62.06 -34.60
CA ALA O 249 -49.33 61.73 -36.01
C ALA O 249 -50.51 60.77 -36.14
N LEU O 250 -51.28 60.64 -35.06
CA LEU O 250 -52.42 59.76 -35.02
C LEU O 250 -53.52 60.26 -35.97
N GLY P 1 -62.24 17.17 5.18
CA GLY P 1 -61.06 16.90 4.30
C GLY P 1 -61.22 17.39 2.86
N SER P 2 -60.54 16.71 1.94
CA SER P 2 -60.54 17.06 0.51
C SER P 2 -61.56 16.28 -0.33
N ARG P 3 -61.94 15.09 0.13
CA ARG P 3 -62.90 14.22 -0.54
C ARG P 3 -64.15 14.96 -1.02
N ARG P 4 -64.44 16.07 -0.35
CA ARG P 4 -65.61 16.90 -0.64
C ARG P 4 -65.63 17.48 -2.05
N TYR P 5 -64.45 17.67 -2.65
CA TYR P 5 -64.33 18.25 -3.99
C TYR P 5 -63.85 17.27 -5.06
N ASP P 6 -63.75 15.99 -4.70
CA ASP P 6 -63.28 14.96 -5.60
C ASP P 6 -64.34 14.46 -6.58
N SER P 7 -64.14 14.73 -7.87
CA SER P 7 -65.07 14.29 -8.91
C SER P 7 -65.03 12.79 -9.16
N ARG P 8 -63.98 12.10 -8.71
CA ARG P 8 -63.83 10.66 -8.88
C ARG P 8 -63.94 10.32 -10.37
N THR P 9 -63.13 11.00 -11.14
CA THR P 9 -63.10 10.85 -12.58
C THR P 9 -62.93 9.44 -13.10
N THR P 10 -62.57 8.48 -12.25
CA THR P 10 -62.38 7.12 -12.74
C THR P 10 -63.32 6.03 -12.25
N ILE P 11 -64.61 6.33 -12.10
CA ILE P 11 -65.52 5.30 -11.62
C ILE P 11 -66.52 4.85 -12.66
N PHE P 12 -67.18 3.74 -12.37
CA PHE P 12 -68.18 3.18 -13.26
C PHE P 12 -69.57 3.78 -13.01
N SER P 13 -70.40 3.81 -14.04
CA SER P 13 -71.77 4.30 -13.88
C SER P 13 -72.56 3.03 -13.55
N PRO P 14 -73.76 3.17 -12.98
CA PRO P 14 -74.53 1.96 -12.67
C PRO P 14 -74.69 1.05 -13.89
N GLU P 15 -74.53 1.64 -15.07
CA GLU P 15 -74.67 0.89 -16.32
C GLU P 15 -73.33 0.32 -16.76
N GLY P 16 -72.29 0.54 -15.96
CA GLY P 16 -70.98 0.03 -16.31
C GLY P 16 -70.31 0.90 -17.35
N ARG P 17 -70.56 2.20 -17.32
CA ARG P 17 -69.95 3.12 -18.27
C ARG P 17 -68.96 4.02 -17.55
N LEU P 18 -68.05 4.64 -18.30
CA LEU P 18 -67.08 5.52 -17.68
C LEU P 18 -67.38 6.97 -17.97
N TYR P 19 -68.15 7.56 -17.07
CA TYR P 19 -68.57 8.95 -17.16
C TYR P 19 -67.65 9.86 -17.96
N GLN P 20 -66.49 10.15 -17.39
CA GLN P 20 -65.53 11.03 -18.04
C GLN P 20 -65.14 10.61 -19.45
N VAL P 21 -64.98 9.31 -19.68
CA VAL P 21 -64.61 8.87 -21.02
C VAL P 21 -65.74 9.29 -21.93
N GLU P 22 -66.96 9.03 -21.48
CA GLU P 22 -68.16 9.36 -22.22
C GLU P 22 -68.17 10.85 -22.51
N TYR P 23 -68.10 11.65 -21.45
CA TYR P 23 -68.13 13.10 -21.59
C TYR P 23 -67.00 13.61 -22.45
N ALA P 24 -65.82 13.02 -22.27
CA ALA P 24 -64.66 13.42 -23.05
C ALA P 24 -65.01 13.29 -24.53
N LEU P 25 -65.60 12.14 -24.87
CA LEU P 25 -66.03 11.86 -26.23
C LEU P 25 -67.02 12.93 -26.68
N GLU P 26 -67.95 13.25 -25.80
CA GLU P 26 -68.95 14.27 -26.09
C GLU P 26 -68.23 15.53 -26.55
N SER P 27 -67.12 15.84 -25.89
CA SER P 27 -66.36 17.03 -26.24
C SER P 27 -65.81 16.93 -27.65
N ILE P 28 -65.22 15.77 -27.94
CA ILE P 28 -64.62 15.51 -29.24
C ILE P 28 -65.60 15.58 -30.41
N SER P 29 -66.87 15.31 -30.13
CA SER P 29 -67.89 15.36 -31.16
C SER P 29 -68.07 16.77 -31.72
N HIS P 30 -67.49 17.76 -31.06
CA HIS P 30 -67.61 19.14 -31.52
C HIS P 30 -66.33 19.64 -32.15
N ALA P 31 -65.35 18.75 -32.30
CA ALA P 31 -64.07 19.13 -32.88
C ALA P 31 -64.04 18.96 -34.40
N GLY P 32 -63.26 19.81 -35.06
CA GLY P 32 -63.13 19.72 -36.51
C GLY P 32 -63.05 18.28 -36.96
N THR P 33 -63.69 17.95 -38.08
CA THR P 33 -63.67 16.57 -38.55
C THR P 33 -62.34 16.17 -39.15
N ALA P 34 -61.93 14.94 -38.83
CA ALA P 34 -60.70 14.38 -39.33
C ALA P 34 -61.05 13.06 -39.98
N ILE P 35 -60.55 12.87 -41.20
CA ILE P 35 -60.82 11.66 -41.95
C ILE P 35 -59.55 10.99 -42.41
N GLY P 36 -59.56 9.66 -42.33
CA GLY P 36 -58.42 8.88 -42.75
C GLY P 36 -58.88 7.80 -43.71
N ILE P 37 -58.31 7.77 -44.92
CA ILE P 37 -58.68 6.77 -45.91
C ILE P 37 -57.43 6.04 -46.35
N MET P 38 -57.54 4.72 -46.42
CA MET P 38 -56.41 3.90 -46.78
C MET P 38 -56.58 3.17 -48.13
N ALA P 39 -55.74 3.55 -49.09
CA ALA P 39 -55.77 2.96 -50.43
C ALA P 39 -54.63 1.94 -50.58
N SER P 40 -54.70 1.13 -51.63
CA SER P 40 -53.68 0.11 -51.90
C SER P 40 -52.25 0.66 -51.96
N ASP P 41 -52.07 1.86 -52.50
CA ASP P 41 -50.74 2.45 -52.62
C ASP P 41 -50.44 3.65 -51.72
N GLY P 42 -51.22 3.81 -50.64
CA GLY P 42 -50.97 4.92 -49.75
C GLY P 42 -52.11 5.24 -48.82
N ILE P 43 -51.91 6.19 -47.91
CA ILE P 43 -52.96 6.58 -46.98
C ILE P 43 -53.20 8.09 -47.06
N VAL P 44 -54.41 8.50 -46.70
CA VAL P 44 -54.76 9.91 -46.75
C VAL P 44 -55.32 10.42 -45.42
N LEU P 45 -54.87 11.61 -45.04
CA LEU P 45 -55.34 12.27 -43.83
C LEU P 45 -55.84 13.64 -44.19
N ALA P 46 -57.11 13.87 -43.89
CA ALA P 46 -57.74 15.15 -44.15
C ALA P 46 -58.51 15.56 -42.90
N ALA P 47 -58.37 16.83 -42.52
CA ALA P 47 -59.06 17.35 -41.34
C ALA P 47 -59.54 18.77 -41.59
N GLU P 48 -60.56 19.18 -40.83
CA GLU P 48 -61.14 20.50 -40.97
C GLU P 48 -60.67 21.38 -39.83
N ARG P 49 -60.04 22.51 -40.17
CA ARG P 49 -59.55 23.44 -39.17
C ARG P 49 -60.70 24.07 -38.45
N LYS P 50 -60.80 23.84 -37.14
CA LYS P 50 -61.89 24.45 -36.38
C LYS P 50 -61.49 25.91 -36.12
N VAL P 51 -62.45 26.81 -36.23
CA VAL P 51 -62.25 28.25 -36.03
C VAL P 51 -61.02 28.81 -36.76
N THR P 52 -61.30 29.69 -37.72
CA THR P 52 -60.28 30.34 -38.53
C THR P 52 -60.63 31.81 -38.72
N SER P 53 -59.65 32.58 -39.19
CA SER P 53 -59.84 34.00 -39.40
C SER P 53 -58.98 34.49 -40.56
N THR P 54 -59.24 35.71 -41.00
CA THR P 54 -58.49 36.31 -42.09
C THR P 54 -57.06 36.48 -41.60
N LEU P 55 -56.96 36.89 -40.34
CA LEU P 55 -55.68 37.14 -39.69
C LEU P 55 -54.91 35.90 -39.30
N LEU P 56 -55.60 34.78 -39.06
CA LEU P 56 -54.90 33.56 -38.68
C LEU P 56 -53.78 33.29 -39.68
N GLU P 57 -52.55 33.20 -39.18
CA GLU P 57 -51.38 32.92 -40.00
C GLU P 57 -51.46 31.43 -40.33
N GLN P 58 -52.00 31.08 -41.49
CA GLN P 58 -52.17 29.69 -41.84
C GLN P 58 -50.93 28.88 -42.25
N ASP P 59 -49.93 29.54 -42.82
CA ASP P 59 -48.72 28.83 -43.23
C ASP P 59 -47.98 28.22 -42.04
N THR P 60 -47.92 28.99 -40.96
CA THR P 60 -47.25 28.59 -39.72
C THR P 60 -48.12 27.74 -38.79
N SER P 61 -49.34 27.43 -39.21
CA SER P 61 -50.25 26.68 -38.35
C SER P 61 -50.34 25.16 -38.54
N THR P 62 -50.75 24.50 -37.45
CA THR P 62 -50.95 23.05 -37.39
C THR P 62 -51.79 22.78 -36.15
N GLU P 63 -52.99 22.26 -36.35
CA GLU P 63 -53.85 21.99 -35.21
C GLU P 63 -54.47 20.61 -35.31
N LYS P 64 -54.18 19.89 -36.40
CA LYS P 64 -54.78 18.58 -36.55
C LYS P 64 -53.88 17.46 -37.08
N LEU P 65 -52.92 17.82 -37.95
CA LEU P 65 -52.01 16.83 -38.51
C LEU P 65 -50.60 16.96 -37.92
N TYR P 66 -50.18 15.91 -37.21
CA TYR P 66 -48.86 15.89 -36.60
C TYR P 66 -47.99 14.73 -37.02
N LYS P 67 -46.73 15.03 -37.28
CA LYS P 67 -45.77 14.02 -37.69
C LYS P 67 -45.19 13.41 -36.42
N LEU P 68 -45.29 12.09 -36.30
CA LEU P 68 -44.76 11.40 -35.14
C LEU P 68 -43.40 10.79 -35.43
N ASN P 69 -43.34 10.14 -36.58
CA ASN P 69 -42.17 9.41 -37.02
C ASN P 69 -41.90 9.87 -38.45
N ASP P 70 -41.20 9.03 -39.20
CA ASP P 70 -40.93 9.33 -40.59
C ASP P 70 -41.94 8.54 -41.40
N LYS P 71 -42.48 7.49 -40.79
CA LYS P 71 -43.45 6.64 -41.44
C LYS P 71 -44.78 6.62 -40.71
N ILE P 72 -44.94 7.54 -39.76
CA ILE P 72 -46.17 7.62 -38.99
C ILE P 72 -46.59 9.05 -38.69
N ALA P 73 -47.89 9.29 -38.77
CA ALA P 73 -48.44 10.62 -38.48
C ALA P 73 -49.84 10.44 -37.93
N VAL P 74 -50.35 11.47 -37.26
CA VAL P 74 -51.68 11.41 -36.69
C VAL P 74 -52.49 12.64 -36.99
N ALA P 75 -53.79 12.44 -36.96
CA ALA P 75 -54.78 13.49 -37.16
C ALA P 75 -55.51 13.54 -35.82
N VAL P 76 -55.66 14.76 -35.30
CA VAL P 76 -56.28 14.99 -34.00
C VAL P 76 -57.72 15.53 -34.00
N ALA P 77 -58.45 15.23 -32.94
CA ALA P 77 -59.82 15.72 -32.81
C ALA P 77 -60.07 15.84 -31.31
N GLY P 78 -60.12 17.08 -30.81
CA GLY P 78 -60.33 17.31 -29.39
C GLY P 78 -59.44 18.43 -28.87
N LEU P 79 -58.97 18.33 -27.62
CA LEU P 79 -58.11 19.37 -27.06
C LEU P 79 -56.71 19.31 -27.67
N THR P 80 -56.34 20.31 -28.46
CA THR P 80 -55.01 20.33 -29.09
C THR P 80 -53.95 20.21 -28.02
N ALA P 81 -54.05 21.05 -26.99
CA ALA P 81 -53.11 21.03 -25.88
C ALA P 81 -52.93 19.60 -25.40
N ASP P 82 -54.04 18.92 -25.10
CA ASP P 82 -53.97 17.52 -24.64
C ASP P 82 -53.27 16.64 -25.68
N ALA P 83 -53.67 16.80 -26.94
CA ALA P 83 -53.09 16.02 -28.01
C ALA P 83 -51.57 16.09 -27.99
N GLU P 84 -51.03 17.32 -28.01
CA GLU P 84 -49.58 17.52 -27.99
C GLU P 84 -48.90 16.72 -26.87
N ILE P 85 -49.34 16.92 -25.64
CA ILE P 85 -48.76 16.18 -24.52
C ILE P 85 -48.60 14.70 -24.90
N LEU P 86 -49.61 14.13 -25.56
CA LEU P 86 -49.56 12.72 -25.96
C LEU P 86 -48.66 12.47 -27.17
N ILE P 87 -48.68 13.43 -28.10
CA ILE P 87 -47.89 13.36 -29.32
C ILE P 87 -46.40 13.35 -29.00
N ASN P 88 -46.00 14.22 -28.08
CA ASN P 88 -44.60 14.26 -27.72
C ASN P 88 -44.16 12.93 -27.11
N THR P 89 -44.94 12.36 -26.19
CA THR P 89 -44.52 11.09 -25.63
C THR P 89 -44.51 10.01 -26.72
N ALA P 90 -45.36 10.18 -27.73
CA ALA P 90 -45.40 9.23 -28.83
C ALA P 90 -44.09 9.34 -29.58
N ARG P 91 -43.72 10.56 -29.95
CA ARG P 91 -42.48 10.80 -30.69
C ARG P 91 -41.27 10.20 -29.97
N ILE P 92 -41.25 10.34 -28.65
CA ILE P 92 -40.17 9.79 -27.86
C ILE P 92 -40.19 8.27 -27.94
N HIS P 93 -41.34 7.66 -27.63
CA HIS P 93 -41.47 6.22 -27.67
C HIS P 93 -40.90 5.64 -28.96
N ALA P 94 -41.21 6.28 -30.08
CA ALA P 94 -40.71 5.82 -31.39
C ALA P 94 -39.18 5.73 -31.34
N GLN P 95 -38.55 6.82 -30.95
CA GLN P 95 -37.10 6.90 -30.86
C GLN P 95 -36.51 5.82 -29.95
N ASN P 96 -37.08 5.63 -28.76
CA ASN P 96 -36.55 4.60 -27.88
C ASN P 96 -36.59 3.24 -28.56
N TYR P 97 -37.69 2.92 -29.22
CA TYR P 97 -37.79 1.63 -29.90
C TYR P 97 -36.63 1.51 -30.88
N LEU P 98 -36.35 2.60 -31.58
CA LEU P 98 -35.27 2.64 -32.55
C LEU P 98 -33.94 2.43 -31.85
N LYS P 99 -33.72 3.17 -30.77
CA LYS P 99 -32.47 3.09 -30.02
C LYS P 99 -32.23 1.71 -29.45
N THR P 100 -33.29 1.02 -29.04
CA THR P 100 -33.12 -0.31 -28.48
C THR P 100 -32.91 -1.37 -29.53
N TYR P 101 -33.72 -1.34 -30.57
CA TYR P 101 -33.67 -2.36 -31.62
C TYR P 101 -33.03 -2.00 -32.95
N ASN P 102 -32.70 -0.73 -33.13
CA ASN P 102 -32.09 -0.29 -34.37
C ASN P 102 -33.00 -0.59 -35.55
N GLU P 103 -34.31 -0.45 -35.33
CA GLU P 103 -35.32 -0.68 -36.34
C GLU P 103 -36.44 0.31 -36.06
N ASP P 104 -37.15 0.74 -37.09
CA ASP P 104 -38.25 1.70 -36.93
C ASP P 104 -39.46 1.07 -36.24
N ILE P 105 -39.96 1.74 -35.22
CA ILE P 105 -41.10 1.24 -34.46
C ILE P 105 -42.30 0.85 -35.31
N PRO P 106 -42.76 -0.42 -35.19
CA PRO P 106 -43.91 -0.89 -35.95
C PRO P 106 -45.11 -0.03 -35.58
N VAL P 107 -45.87 0.40 -36.60
CA VAL P 107 -47.04 1.25 -36.38
C VAL P 107 -47.92 0.83 -35.20
N GLU P 108 -48.48 -0.39 -35.24
CA GLU P 108 -49.35 -0.83 -34.16
C GLU P 108 -48.74 -0.71 -32.77
N ILE P 109 -47.44 -0.98 -32.68
CA ILE P 109 -46.76 -0.91 -31.39
C ILE P 109 -46.79 0.49 -30.79
N LEU P 110 -46.60 1.51 -31.62
CA LEU P 110 -46.63 2.88 -31.14
C LEU P 110 -48.05 3.18 -30.71
N VAL P 111 -49.01 2.77 -31.53
CA VAL P 111 -50.43 3.00 -31.25
C VAL P 111 -50.87 2.32 -29.94
N ARG P 112 -50.33 1.13 -29.66
CA ARG P 112 -50.74 0.44 -28.44
C ARG P 112 -50.24 1.16 -27.20
N ARG P 113 -49.01 1.67 -27.28
CA ARG P 113 -48.41 2.38 -26.16
C ARG P 113 -49.25 3.62 -25.82
N LEU P 114 -49.54 4.43 -26.85
CA LEU P 114 -50.35 5.64 -26.66
C LEU P 114 -51.72 5.35 -26.07
N SER P 115 -52.35 4.28 -26.54
CA SER P 115 -53.66 3.90 -26.05
C SER P 115 -53.59 3.46 -24.59
N ASP P 116 -52.49 2.78 -24.26
CA ASP P 116 -52.28 2.31 -22.89
C ASP P 116 -52.15 3.49 -21.93
N ILE P 117 -51.47 4.55 -22.37
CA ILE P 117 -51.28 5.74 -21.56
C ILE P 117 -52.64 6.36 -21.24
N LYS P 118 -53.51 6.42 -22.24
CA LYS P 118 -54.86 6.94 -22.07
C LYS P 118 -55.60 6.04 -21.10
N GLN P 119 -55.69 4.76 -21.46
CA GLN P 119 -56.37 3.76 -20.62
C GLN P 119 -56.05 3.97 -19.16
N GLY P 120 -54.81 4.34 -18.86
CA GLY P 120 -54.40 4.56 -17.49
C GLY P 120 -55.19 5.65 -16.79
N TYR P 121 -55.28 6.83 -17.39
CA TYR P 121 -56.02 7.93 -16.81
C TYR P 121 -57.48 7.54 -16.62
N THR P 122 -57.82 6.35 -17.07
CA THR P 122 -59.16 5.79 -17.00
C THR P 122 -59.37 4.85 -15.82
N GLN P 123 -58.28 4.31 -15.29
CA GLN P 123 -58.40 3.33 -14.21
C GLN P 123 -57.85 3.75 -12.87
N HIS P 124 -57.02 4.79 -12.86
CA HIS P 124 -56.43 5.25 -11.61
C HIS P 124 -55.87 6.64 -11.75
N GLY P 125 -55.65 7.31 -10.63
CA GLY P 125 -55.07 8.64 -10.70
C GLY P 125 -55.97 9.78 -10.26
N GLY P 126 -57.26 9.66 -10.48
CA GLY P 126 -58.15 10.73 -10.07
C GLY P 126 -58.03 11.97 -10.94
N LEU P 127 -57.47 11.79 -12.13
CA LEU P 127 -57.32 12.91 -13.07
C LEU P 127 -58.27 12.71 -14.25
N ARG P 128 -58.48 13.77 -15.01
CA ARG P 128 -59.37 13.72 -16.16
C ARG P 128 -58.68 13.07 -17.36
N PRO P 129 -59.46 12.39 -18.22
CA PRO P 129 -58.87 11.75 -19.41
C PRO P 129 -58.42 12.82 -20.37
N PHE P 130 -57.76 12.42 -21.44
CA PHE P 130 -57.33 13.38 -22.45
C PHE P 130 -58.49 13.52 -23.42
N GLY P 131 -58.84 14.77 -23.74
CA GLY P 131 -59.95 15.00 -24.66
C GLY P 131 -59.47 14.89 -26.08
N VAL P 132 -58.94 13.73 -26.43
CA VAL P 132 -58.42 13.52 -27.77
C VAL P 132 -58.73 12.16 -28.35
N SER P 133 -58.81 12.13 -29.69
CA SER P 133 -59.03 10.92 -30.44
C SER P 133 -58.03 11.03 -31.58
N PHE P 134 -57.38 9.92 -31.89
CA PHE P 134 -56.38 9.92 -32.94
C PHE P 134 -56.68 9.00 -34.12
N ILE P 135 -56.26 9.46 -35.29
CA ILE P 135 -56.38 8.65 -36.48
C ILE P 135 -54.94 8.50 -36.83
N TYR P 136 -54.43 7.28 -36.66
CA TYR P 136 -53.03 7.02 -36.96
C TYR P 136 -52.88 6.50 -38.39
N ALA P 137 -52.02 7.17 -39.13
CA ALA P 137 -51.73 6.79 -40.50
C ALA P 137 -50.25 6.47 -40.57
N GLY P 138 -49.93 5.23 -40.86
CA GLY P 138 -48.52 4.88 -40.93
C GLY P 138 -48.22 3.65 -41.77
N TYR P 139 -46.93 3.45 -42.00
CA TYR P 139 -46.47 2.31 -42.79
C TYR P 139 -45.21 1.67 -42.23
N ASP P 140 -45.21 0.35 -42.19
CA ASP P 140 -44.04 -0.38 -41.73
C ASP P 140 -43.97 -1.59 -42.64
N ASP P 141 -42.84 -2.29 -42.64
CA ASP P 141 -42.69 -3.45 -43.52
C ASP P 141 -43.40 -4.73 -43.08
N ARG P 142 -44.16 -4.68 -41.98
CA ARG P 142 -44.83 -5.89 -41.53
C ARG P 142 -46.31 -5.95 -41.90
N TYR P 143 -46.95 -4.79 -41.95
CA TYR P 143 -48.35 -4.75 -42.28
C TYR P 143 -48.61 -3.72 -43.35
N GLY P 144 -47.52 -3.16 -43.87
CA GLY P 144 -47.63 -2.14 -44.91
C GLY P 144 -48.47 -0.97 -44.44
N TYR P 145 -49.28 -0.44 -45.33
CA TYR P 145 -50.12 0.69 -44.98
C TYR P 145 -51.14 0.29 -43.94
N GLN P 146 -51.23 1.07 -42.87
CA GLN P 146 -52.17 0.80 -41.80
C GLN P 146 -52.87 2.08 -41.39
N LEU P 147 -54.08 1.91 -40.86
CA LEU P 147 -54.91 3.03 -40.40
C LEU P 147 -55.53 2.64 -39.08
N TYR P 148 -55.23 3.40 -38.04
CA TYR P 148 -55.75 3.11 -36.72
C TYR P 148 -56.47 4.31 -36.12
N THR P 149 -57.22 4.04 -35.08
CA THR P 149 -57.94 5.10 -34.41
C THR P 149 -57.96 4.77 -32.92
N SER P 150 -57.81 5.81 -32.10
CA SER P 150 -57.82 5.64 -30.65
C SER P 150 -58.52 6.86 -30.04
N ASN P 151 -59.13 6.66 -28.88
CA ASN P 151 -59.87 7.71 -28.20
C ASN P 151 -59.65 7.70 -26.69
N PRO P 152 -60.24 8.68 -25.98
CA PRO P 152 -60.13 8.83 -24.53
C PRO P 152 -60.25 7.54 -23.73
N SER P 153 -60.99 6.58 -24.26
CA SER P 153 -61.19 5.33 -23.54
C SER P 153 -59.89 4.55 -23.40
N GLY P 154 -59.09 4.56 -24.45
CA GLY P 154 -57.84 3.83 -24.41
C GLY P 154 -57.91 2.65 -25.35
N ASN P 155 -59.04 2.50 -26.03
CA ASN P 155 -59.18 1.42 -26.97
C ASN P 155 -58.76 1.92 -28.35
N TYR P 156 -58.30 1.00 -29.20
CA TYR P 156 -57.88 1.37 -30.54
C TYR P 156 -58.29 0.25 -31.50
N THR P 157 -58.54 0.63 -32.75
CA THR P 157 -58.95 -0.33 -33.77
C THR P 157 -58.45 0.14 -35.13
N GLY P 158 -58.41 -0.81 -36.07
CA GLY P 158 -57.95 -0.53 -37.43
C GLY P 158 -59.09 -0.30 -38.41
N TRP P 159 -58.81 0.48 -39.45
CA TRP P 159 -59.83 0.79 -40.44
C TRP P 159 -59.32 0.90 -41.88
N LYS P 160 -60.26 0.86 -42.82
CA LYS P 160 -59.94 1.02 -44.23
C LYS P 160 -60.16 2.51 -44.48
N ALA P 161 -61.21 3.02 -43.85
CA ALA P 161 -61.58 4.43 -43.92
C ALA P 161 -62.29 4.77 -42.60
N ILE P 162 -62.00 5.95 -42.06
CA ILE P 162 -62.60 6.34 -40.79
C ILE P 162 -62.51 7.83 -40.55
N SER P 163 -63.34 8.30 -39.62
CA SER P 163 -63.34 9.71 -39.29
C SER P 163 -63.57 9.93 -37.80
N VAL P 164 -63.17 11.10 -37.34
CA VAL P 164 -63.32 11.46 -35.94
C VAL P 164 -63.68 12.93 -35.85
N GLY P 165 -64.31 13.29 -34.75
CA GLY P 165 -64.71 14.68 -34.57
C GLY P 165 -66.20 14.84 -34.74
N ALA P 166 -66.59 15.92 -35.40
CA ALA P 166 -68.00 16.20 -35.61
C ALA P 166 -68.58 15.53 -36.84
N ASN P 167 -69.89 15.26 -36.78
CA ASN P 167 -70.58 14.65 -37.90
C ASN P 167 -69.91 13.40 -38.39
N THR P 168 -69.37 12.61 -37.47
CA THR P 168 -68.70 11.38 -37.87
C THR P 168 -69.71 10.45 -38.54
N SER P 169 -70.87 10.29 -37.90
CA SER P 169 -71.95 9.44 -38.41
C SER P 169 -72.29 9.77 -39.86
N ALA P 170 -72.38 11.07 -40.16
CA ALA P 170 -72.67 11.50 -41.51
C ALA P 170 -71.55 11.03 -42.42
N ALA P 171 -70.31 11.34 -42.06
CA ALA P 171 -69.13 10.96 -42.84
C ALA P 171 -68.97 9.45 -42.99
N GLN P 172 -69.16 8.71 -41.91
CA GLN P 172 -69.01 7.26 -41.99
C GLN P 172 -69.95 6.68 -43.03
N THR P 173 -71.18 7.18 -43.06
CA THR P 173 -72.16 6.72 -44.03
C THR P 173 -71.68 7.01 -45.45
N LEU P 174 -71.20 8.23 -45.67
CA LEU P 174 -70.72 8.62 -46.99
C LEU P 174 -69.51 7.80 -47.43
N LEU P 175 -68.62 7.49 -46.50
CA LEU P 175 -67.42 6.73 -46.82
C LEU P 175 -67.82 5.30 -47.10
N GLN P 176 -68.65 4.76 -46.24
CA GLN P 176 -69.13 3.39 -46.35
C GLN P 176 -69.91 3.20 -47.64
N MET P 177 -70.31 4.31 -48.22
CA MET P 177 -71.12 4.31 -49.44
C MET P 177 -70.26 4.34 -50.70
N ASP P 178 -69.07 4.92 -50.63
CA ASP P 178 -68.19 5.03 -51.81
C ASP P 178 -66.78 4.47 -51.71
N TYR P 179 -66.47 3.73 -50.66
CA TYR P 179 -65.14 3.18 -50.52
C TYR P 179 -65.04 1.83 -51.24
N LYS P 180 -63.89 1.57 -51.85
CA LYS P 180 -63.68 0.31 -52.52
C LYS P 180 -62.24 -0.16 -52.25
N ASP P 181 -62.09 -1.43 -51.90
CA ASP P 181 -60.80 -2.03 -51.57
C ASP P 181 -59.68 -1.75 -52.57
N ASP P 182 -60.03 -1.67 -53.85
CA ASP P 182 -59.02 -1.43 -54.87
C ASP P 182 -58.83 0.05 -55.19
N MET P 183 -59.10 0.90 -54.21
CA MET P 183 -58.93 2.33 -54.44
C MET P 183 -57.48 2.65 -54.60
N LYS P 184 -57.23 3.85 -55.10
CA LYS P 184 -55.88 4.31 -55.32
C LYS P 184 -55.78 5.59 -54.51
N VAL P 185 -54.58 5.93 -54.08
CA VAL P 185 -54.37 7.13 -53.30
C VAL P 185 -55.18 8.31 -53.82
N ASP P 186 -54.98 8.67 -55.07
CA ASP P 186 -55.71 9.78 -55.68
C ASP P 186 -57.20 9.65 -55.41
N ASP P 187 -57.73 8.46 -55.64
CA ASP P 187 -59.15 8.19 -55.40
C ASP P 187 -59.49 8.55 -53.97
N ALA P 188 -58.73 8.00 -53.02
CA ALA P 188 -58.94 8.26 -51.61
C ALA P 188 -58.85 9.75 -51.32
N ILE P 189 -57.88 10.42 -51.93
CA ILE P 189 -57.70 11.85 -51.73
C ILE P 189 -58.99 12.58 -52.07
N GLU P 190 -59.62 12.17 -53.16
CA GLU P 190 -60.87 12.79 -53.59
C GLU P 190 -62.00 12.44 -52.63
N LEU P 191 -62.22 11.15 -52.41
CA LEU P 191 -63.27 10.69 -51.49
C LEU P 191 -63.18 11.42 -50.15
N ALA P 192 -61.97 11.65 -49.67
CA ALA P 192 -61.76 12.33 -48.40
C ALA P 192 -62.38 13.72 -48.44
N LEU P 193 -61.87 14.55 -49.34
CA LEU P 193 -62.35 15.93 -49.50
C LEU P 193 -63.84 16.02 -49.80
N LYS P 194 -64.35 15.09 -50.60
CA LYS P 194 -65.77 15.08 -50.95
C LYS P 194 -66.58 14.89 -49.68
N THR P 195 -66.15 13.97 -48.82
CA THR P 195 -66.84 13.70 -47.59
C THR P 195 -66.88 14.93 -46.70
N LEU P 196 -65.71 15.50 -46.44
CA LEU P 196 -65.65 16.70 -45.60
C LEU P 196 -66.60 17.72 -46.18
N SER P 197 -66.46 17.94 -47.50
CA SER P 197 -67.29 18.87 -48.24
C SER P 197 -68.77 18.71 -47.92
N LYS P 198 -69.22 17.47 -47.82
CA LYS P 198 -70.63 17.22 -47.52
C LYS P 198 -70.98 17.25 -46.04
N THR P 199 -69.98 17.24 -45.16
CA THR P 199 -70.25 17.28 -43.72
C THR P 199 -69.91 18.62 -43.07
N THR P 200 -69.05 19.40 -43.71
CA THR P 200 -68.65 20.69 -43.19
C THR P 200 -69.80 21.48 -42.65
N ASP P 201 -69.65 22.03 -41.44
CA ASP P 201 -70.70 22.83 -40.83
C ASP P 201 -70.62 24.23 -41.46
N SER P 202 -69.59 24.46 -42.25
CA SER P 202 -69.40 25.76 -42.89
C SER P 202 -70.01 25.91 -44.27
N SER P 203 -69.94 27.13 -44.78
CA SER P 203 -70.49 27.47 -46.09
C SER P 203 -69.86 26.61 -47.17
N ALA P 204 -68.60 26.92 -47.49
CA ALA P 204 -67.85 26.19 -48.50
C ALA P 204 -66.56 25.62 -47.90
N LEU P 205 -66.05 24.56 -48.52
CA LEU P 205 -64.83 23.93 -48.05
C LEU P 205 -63.65 24.55 -48.80
N THR P 206 -63.06 25.56 -48.19
CA THR P 206 -61.92 26.25 -48.79
C THR P 206 -60.61 25.69 -48.20
N TYR P 207 -59.51 25.95 -48.90
CA TYR P 207 -58.20 25.46 -48.48
C TYR P 207 -57.76 25.97 -47.10
N ASP P 208 -58.02 27.25 -46.83
CA ASP P 208 -57.64 27.86 -45.57
C ASP P 208 -58.29 27.23 -44.32
N ARG P 209 -59.19 26.27 -44.53
CA ARG P 209 -59.87 25.62 -43.41
C ARG P 209 -59.52 24.13 -43.39
N LEU P 210 -58.46 23.77 -44.10
CA LEU P 210 -58.06 22.37 -44.20
C LEU P 210 -56.60 22.08 -43.89
N GLU P 211 -56.33 20.81 -43.65
CA GLU P 211 -55.00 20.31 -43.39
C GLU P 211 -55.03 18.95 -44.06
N PHE P 212 -54.05 18.72 -44.93
CA PHE P 212 -54.00 17.47 -45.67
C PHE P 212 -52.66 16.77 -45.53
N ALA P 213 -52.68 15.44 -45.67
CA ALA P 213 -51.46 14.67 -45.56
C ALA P 213 -51.60 13.33 -46.26
N THR P 214 -50.53 12.88 -46.93
CA THR P 214 -50.52 11.61 -47.65
C THR P 214 -49.25 10.80 -47.37
N ILE P 215 -49.43 9.49 -47.23
CA ILE P 215 -48.30 8.59 -47.02
C ILE P 215 -48.24 7.69 -48.24
N ARG P 216 -47.38 8.03 -49.18
CA ARG P 216 -47.24 7.24 -50.39
C ARG P 216 -45.83 6.75 -50.62
N LYS P 217 -45.72 5.70 -51.41
CA LYS P 217 -44.41 5.15 -51.72
C LYS P 217 -44.01 5.55 -53.13
N GLY P 218 -43.44 6.76 -53.25
CA GLY P 218 -43.01 7.26 -54.54
C GLY P 218 -42.21 6.22 -55.30
N ALA P 219 -42.88 5.51 -56.21
CA ALA P 219 -42.28 4.44 -57.04
C ALA P 219 -40.84 4.72 -57.44
N ASN P 220 -40.59 5.93 -57.94
CA ASN P 220 -39.25 6.35 -58.35
C ASN P 220 -38.43 6.58 -57.08
N ASP P 221 -38.25 5.50 -56.32
CA ASP P 221 -37.51 5.55 -55.07
C ASP P 221 -37.55 4.17 -54.39
N GLY P 222 -38.73 3.76 -53.94
CA GLY P 222 -38.87 2.48 -53.28
C GLY P 222 -39.06 2.65 -51.79
N GLU P 223 -38.98 3.89 -51.32
CA GLU P 223 -39.16 4.21 -49.91
C GLU P 223 -40.50 4.92 -49.75
N VAL P 224 -41.07 4.86 -48.55
CA VAL P 224 -42.36 5.52 -48.30
C VAL P 224 -42.10 6.98 -47.99
N TYR P 225 -43.08 7.84 -48.26
CA TYR P 225 -42.92 9.27 -48.02
C TYR P 225 -44.13 9.90 -47.35
N GLN P 226 -43.87 10.82 -46.43
CA GLN P 226 -44.92 11.56 -45.73
C GLN P 226 -44.97 12.94 -46.33
N LYS P 227 -46.16 13.35 -46.76
CA LYS P 227 -46.29 14.67 -47.35
C LYS P 227 -47.40 15.41 -46.64
N ILE P 228 -47.04 16.48 -45.94
CA ILE P 228 -48.06 17.28 -45.26
C ILE P 228 -48.24 18.56 -46.06
N PHE P 229 -49.20 18.51 -46.98
CA PHE P 229 -49.51 19.62 -47.87
C PHE P 229 -49.48 20.98 -47.24
N LYS P 230 -48.94 21.93 -48.00
CA LYS P 230 -48.83 23.30 -47.57
C LYS P 230 -50.10 24.00 -48.03
N PRO P 231 -50.38 25.19 -47.47
CA PRO P 231 -51.59 25.89 -47.89
C PRO P 231 -51.87 25.81 -49.41
N GLN P 232 -50.90 26.23 -50.21
CA GLN P 232 -51.03 26.22 -51.67
C GLN P 232 -51.29 24.82 -52.24
N GLU P 233 -50.65 23.81 -51.68
CA GLU P 233 -50.83 22.45 -52.17
C GLU P 233 -52.26 21.97 -51.99
N ILE P 234 -52.91 22.43 -50.93
CA ILE P 234 -54.29 22.09 -50.64
C ILE P 234 -55.20 22.87 -51.59
N LYS P 235 -54.88 24.14 -51.78
CA LYS P 235 -55.63 25.03 -52.63
C LYS P 235 -55.68 24.44 -54.05
N ASP P 236 -54.58 23.80 -54.46
CA ASP P 236 -54.51 23.18 -55.78
C ASP P 236 -55.39 21.95 -55.85
N ILE P 237 -54.98 20.91 -55.14
CA ILE P 237 -55.73 19.66 -55.09
C ILE P 237 -57.22 19.92 -54.91
N LEU P 238 -57.56 21.05 -54.31
CA LEU P 238 -58.95 21.42 -54.07
C LEU P 238 -59.64 21.83 -55.37
N VAL P 239 -58.90 22.50 -56.25
CA VAL P 239 -59.44 22.92 -57.53
C VAL P 239 -59.54 21.70 -58.42
N LYS P 240 -58.51 20.87 -58.36
CA LYS P 240 -58.44 19.66 -59.16
C LYS P 240 -59.61 18.73 -58.90
N THR P 241 -59.80 18.34 -57.65
CA THR P 241 -60.89 17.43 -57.30
C THR P 241 -62.27 18.01 -57.62
N GLY P 242 -62.29 19.20 -58.20
CA GLY P 242 -63.55 19.81 -58.57
C GLY P 242 -64.35 20.42 -57.43
N ILE P 243 -63.68 21.24 -56.63
CA ILE P 243 -64.34 21.90 -55.51
C ILE P 243 -63.84 23.33 -55.58
N THR P 244 -62.98 23.59 -56.56
CA THR P 244 -62.36 24.90 -56.79
C THR P 244 -62.17 25.69 -55.50
N GLY Q 1 -50.15 9.65 -4.86
CA GLY Q 1 -50.95 10.68 -4.14
C GLY Q 1 -52.44 10.36 -4.04
N TYR Q 2 -53.06 10.00 -5.17
CA TYR Q 2 -54.48 9.70 -5.19
C TYR Q 2 -54.72 8.30 -4.63
N ASP Q 3 -55.54 8.20 -3.60
CA ASP Q 3 -55.84 6.91 -2.98
C ASP Q 3 -57.28 6.77 -2.49
N ARG Q 4 -58.18 7.58 -3.05
CA ARG Q 4 -59.59 7.52 -2.65
C ARG Q 4 -60.08 6.09 -2.72
N ALA Q 5 -60.78 5.64 -1.69
CA ALA Q 5 -61.32 4.30 -1.71
C ALA Q 5 -62.54 4.37 -2.62
N LEU Q 6 -62.40 3.84 -3.83
CA LEU Q 6 -63.49 3.86 -4.82
C LEU Q 6 -64.36 2.62 -4.76
N SER Q 7 -63.80 1.53 -4.25
CA SER Q 7 -64.56 0.29 -4.11
C SER Q 7 -64.77 0.07 -2.63
N ILE Q 8 -65.95 0.43 -2.15
CA ILE Q 8 -66.28 0.28 -0.73
C ILE Q 8 -67.61 -0.43 -0.56
N PHE Q 9 -67.91 -0.78 0.68
CA PHE Q 9 -69.16 -1.48 0.99
C PHE Q 9 -70.30 -0.49 1.16
N SER Q 10 -71.50 -0.94 0.79
CA SER Q 10 -72.70 -0.14 0.94
C SER Q 10 -73.55 -0.90 1.95
N PRO Q 11 -74.54 -0.21 2.57
CA PRO Q 11 -75.43 -0.80 3.57
C PRO Q 11 -75.81 -2.27 3.39
N ASP Q 12 -76.21 -2.63 2.18
CA ASP Q 12 -76.62 -3.99 1.89
C ASP Q 12 -75.45 -4.94 1.71
N GLY Q 13 -74.24 -4.45 1.98
CA GLY Q 13 -73.06 -5.29 1.85
C GLY Q 13 -72.64 -5.56 0.43
N HIS Q 14 -72.72 -4.55 -0.42
CA HIS Q 14 -72.32 -4.71 -1.82
C HIS Q 14 -71.24 -3.72 -2.15
N ILE Q 15 -70.51 -4.03 -3.21
CA ILE Q 15 -69.44 -3.14 -3.64
C ILE Q 15 -69.83 -2.78 -5.05
N PHE Q 16 -70.68 -1.75 -5.14
CA PHE Q 16 -71.19 -1.29 -6.41
C PHE Q 16 -70.18 -1.10 -7.52
N GLN Q 17 -68.99 -0.56 -7.23
CA GLN Q 17 -68.03 -0.39 -8.32
C GLN Q 17 -67.68 -1.73 -8.99
N VAL Q 18 -67.61 -2.81 -8.20
CA VAL Q 18 -67.30 -4.14 -8.72
C VAL Q 18 -68.52 -4.65 -9.48
N GLU Q 19 -69.70 -4.37 -8.95
CA GLU Q 19 -70.94 -4.80 -9.56
C GLU Q 19 -71.09 -4.10 -10.91
N TYR Q 20 -70.83 -2.79 -10.93
CA TYR Q 20 -70.94 -2.01 -12.16
C TYR Q 20 -69.90 -2.47 -13.14
N ALA Q 21 -68.79 -2.97 -12.63
CA ALA Q 21 -67.75 -3.47 -13.48
C ALA Q 21 -68.37 -4.61 -14.29
N LEU Q 22 -69.12 -5.48 -13.61
CA LEU Q 22 -69.78 -6.59 -14.27
C LEU Q 22 -70.73 -6.11 -15.36
N GLU Q 23 -71.47 -5.04 -15.09
CA GLU Q 23 -72.38 -4.51 -16.09
C GLU Q 23 -71.61 -4.17 -17.36
N ALA Q 24 -70.36 -3.76 -17.19
CA ALA Q 24 -69.52 -3.42 -18.33
C ALA Q 24 -69.22 -4.70 -19.10
N VAL Q 25 -69.19 -5.83 -18.39
CA VAL Q 25 -68.93 -7.13 -19.00
C VAL Q 25 -70.15 -7.61 -19.78
N LYS Q 26 -71.33 -7.40 -19.22
CA LYS Q 26 -72.57 -7.82 -19.85
C LYS Q 26 -72.75 -7.11 -21.19
N ARG Q 27 -72.30 -5.86 -21.25
CA ARG Q 27 -72.40 -5.06 -22.48
C ARG Q 27 -71.35 -5.47 -23.52
N GLY Q 28 -70.30 -6.15 -23.10
CA GLY Q 28 -69.25 -6.56 -24.04
C GLY Q 28 -69.71 -7.67 -24.96
N THR Q 29 -68.97 -7.87 -26.06
CA THR Q 29 -69.31 -8.91 -27.03
C THR Q 29 -69.25 -10.26 -26.33
N CYS Q 30 -69.97 -11.24 -26.86
CA CYS Q 30 -70.01 -12.55 -26.26
C CYS Q 30 -68.75 -13.36 -26.56
N ALA Q 31 -68.35 -14.18 -25.59
CA ALA Q 31 -67.18 -15.03 -25.71
C ALA Q 31 -67.58 -16.37 -25.10
N VAL Q 32 -67.19 -17.45 -25.75
CA VAL Q 32 -67.54 -18.78 -25.24
C VAL Q 32 -66.40 -19.75 -25.33
N GLY Q 33 -66.40 -20.73 -24.44
CA GLY Q 33 -65.35 -21.74 -24.44
C GLY Q 33 -65.89 -23.11 -24.06
N VAL Q 34 -65.59 -24.11 -24.88
CA VAL Q 34 -66.04 -25.47 -24.61
C VAL Q 34 -64.88 -26.43 -24.72
N LYS Q 35 -64.71 -27.28 -23.73
CA LYS Q 35 -63.62 -28.23 -23.78
C LYS Q 35 -64.07 -29.59 -24.26
N GLY Q 36 -63.33 -30.14 -25.22
CA GLY Q 36 -63.63 -31.44 -25.76
C GLY Q 36 -62.92 -32.52 -24.94
N LYS Q 37 -62.59 -33.64 -25.58
CA LYS Q 37 -61.91 -34.72 -24.88
C LYS Q 37 -60.41 -34.63 -25.12
N ASN Q 38 -60.01 -33.77 -26.05
CA ASN Q 38 -58.61 -33.63 -26.38
C ASN Q 38 -58.34 -32.25 -26.95
N CYS Q 39 -59.11 -31.27 -26.49
CA CYS Q 39 -58.93 -29.91 -26.98
C CYS Q 39 -59.90 -28.96 -26.31
N VAL Q 40 -59.67 -27.68 -26.49
CA VAL Q 40 -60.55 -26.66 -25.95
C VAL Q 40 -60.73 -25.70 -27.10
N VAL Q 41 -61.90 -25.09 -27.18
CA VAL Q 41 -62.16 -24.14 -28.26
C VAL Q 41 -62.73 -22.87 -27.67
N LEU Q 42 -62.33 -21.73 -28.23
CA LEU Q 42 -62.83 -20.44 -27.77
C LEU Q 42 -63.41 -19.66 -28.93
N GLY Q 43 -64.65 -19.21 -28.77
CA GLY Q 43 -65.31 -18.45 -29.82
C GLY Q 43 -65.71 -17.09 -29.30
N CYS Q 44 -65.67 -16.09 -30.17
CA CYS Q 44 -66.02 -14.74 -29.81
C CYS Q 44 -66.74 -14.06 -30.96
N GLU Q 45 -67.72 -13.23 -30.63
CA GLU Q 45 -68.48 -12.51 -31.64
C GLU Q 45 -67.81 -11.16 -31.95
N ARG Q 46 -68.05 -10.65 -33.15
CA ARG Q 46 -67.51 -9.37 -33.57
C ARG Q 46 -68.66 -8.38 -33.71
N ARG Q 47 -68.62 -7.33 -32.89
CA ARG Q 47 -69.64 -6.28 -32.89
C ARG Q 47 -69.91 -5.82 -34.33
N SER Q 48 -71.00 -5.07 -34.54
CA SER Q 48 -71.32 -4.56 -35.87
C SER Q 48 -71.81 -3.11 -35.94
N THR Q 49 -71.67 -2.36 -34.85
CA THR Q 49 -72.08 -0.93 -34.79
C THR Q 49 -71.43 -0.09 -35.90
N LEU Q 50 -70.30 -0.59 -36.42
CA LEU Q 50 -69.54 0.03 -37.50
C LEU Q 50 -68.82 -1.13 -38.22
N LYS Q 51 -68.89 -1.16 -39.55
CA LYS Q 51 -68.21 -2.20 -40.30
C LYS Q 51 -67.52 -1.52 -41.49
N LEU Q 52 -66.19 -1.58 -41.49
CA LEU Q 52 -65.37 -0.98 -42.54
C LEU Q 52 -63.96 -1.04 -41.96
N GLN Q 53 -63.81 -1.96 -41.01
CA GLN Q 53 -62.55 -2.16 -40.32
C GLN Q 53 -61.57 -2.96 -41.15
N ASP Q 54 -60.34 -3.02 -40.64
CA ASP Q 54 -59.29 -3.77 -41.30
C ASP Q 54 -58.99 -4.93 -40.35
N THR Q 55 -59.77 -6.00 -40.48
CA THR Q 55 -59.62 -7.17 -39.63
C THR Q 55 -58.20 -7.74 -39.50
N ARG Q 56 -57.33 -7.43 -40.46
CA ARG Q 56 -55.95 -7.93 -40.41
C ARG Q 56 -55.25 -7.40 -39.16
N ILE Q 57 -55.22 -6.08 -39.04
CA ILE Q 57 -54.57 -5.40 -37.93
C ILE Q 57 -55.38 -5.32 -36.63
N THR Q 58 -56.67 -4.93 -36.71
CA THR Q 58 -57.52 -4.82 -35.53
C THR Q 58 -57.29 -5.97 -34.53
N PRO Q 59 -56.94 -5.63 -33.29
CA PRO Q 59 -56.69 -6.63 -32.24
C PRO Q 59 -57.81 -7.67 -32.14
N SER Q 60 -57.42 -8.95 -32.08
CA SER Q 60 -58.40 -10.04 -31.98
C SER Q 60 -58.85 -10.26 -30.54
N LYS Q 61 -59.88 -11.08 -30.37
CA LYS Q 61 -60.45 -11.35 -29.05
C LYS Q 61 -59.79 -12.45 -28.23
N VAL Q 62 -59.06 -13.35 -28.88
CA VAL Q 62 -58.39 -14.43 -28.14
C VAL Q 62 -56.90 -14.14 -28.12
N SER Q 63 -56.32 -14.12 -26.93
CA SER Q 63 -54.89 -13.84 -26.81
C SER Q 63 -54.10 -15.03 -26.29
N LYS Q 64 -52.83 -15.06 -26.63
CA LYS Q 64 -51.93 -16.12 -26.17
C LYS Q 64 -51.10 -15.52 -25.04
N ILE Q 65 -51.18 -16.16 -23.88
CA ILE Q 65 -50.43 -15.70 -22.72
C ILE Q 65 -49.06 -16.37 -22.86
N ASP Q 66 -49.10 -17.61 -23.31
CA ASP Q 66 -47.90 -18.41 -23.56
C ASP Q 66 -48.25 -19.34 -24.72
N SER Q 67 -47.32 -20.19 -25.12
CA SER Q 67 -47.56 -21.09 -26.25
C SER Q 67 -48.64 -22.12 -25.99
N HIS Q 68 -48.85 -22.51 -24.74
CA HIS Q 68 -49.85 -23.51 -24.42
C HIS Q 68 -51.12 -22.96 -23.76
N VAL Q 69 -51.19 -21.63 -23.64
CA VAL Q 69 -52.35 -21.02 -22.99
C VAL Q 69 -52.87 -19.77 -23.66
N VAL Q 70 -54.19 -19.69 -23.77
CA VAL Q 70 -54.85 -18.54 -24.38
C VAL Q 70 -55.90 -17.96 -23.44
N LEU Q 71 -56.23 -16.70 -23.67
CA LEU Q 71 -57.21 -15.99 -22.85
C LEU Q 71 -58.11 -15.07 -23.69
N SER Q 72 -59.42 -15.30 -23.59
CA SER Q 72 -60.40 -14.47 -24.31
C SER Q 72 -61.18 -13.73 -23.23
N PHE Q 73 -61.86 -12.66 -23.63
CA PHE Q 73 -62.58 -11.85 -22.65
C PHE Q 73 -63.83 -11.13 -23.16
N SER Q 74 -64.57 -10.60 -22.19
CA SER Q 74 -65.78 -9.81 -22.43
C SER Q 74 -65.70 -8.62 -21.51
N GLY Q 75 -65.84 -7.43 -22.07
CA GLY Q 75 -65.78 -6.23 -21.26
C GLY Q 75 -65.07 -5.12 -21.97
N LEU Q 76 -64.44 -4.24 -21.20
CA LEU Q 76 -63.70 -3.11 -21.76
C LEU Q 76 -62.41 -3.62 -22.34
N ASN Q 77 -62.12 -3.25 -23.56
CA ASN Q 77 -60.90 -3.70 -24.21
C ASN Q 77 -59.65 -3.09 -23.60
N ALA Q 78 -59.64 -1.76 -23.47
CA ALA Q 78 -58.49 -1.08 -22.90
C ALA Q 78 -58.05 -1.81 -21.63
N ASP Q 79 -59.01 -2.23 -20.82
CA ASP Q 79 -58.69 -2.96 -19.59
C ASP Q 79 -58.10 -4.33 -19.86
N SER Q 80 -58.61 -5.04 -20.86
CA SER Q 80 -58.11 -6.37 -21.15
C SER Q 80 -56.62 -6.36 -21.47
N ARG Q 81 -56.16 -5.31 -22.12
CA ARG Q 81 -54.75 -5.24 -22.47
C ARG Q 81 -53.88 -5.33 -21.21
N ILE Q 82 -54.19 -4.49 -20.22
CA ILE Q 82 -53.46 -4.47 -18.98
C ILE Q 82 -53.39 -5.84 -18.33
N LEU Q 83 -54.50 -6.57 -18.36
CA LEU Q 83 -54.53 -7.91 -17.78
C LEU Q 83 -53.73 -8.89 -18.62
N ILE Q 84 -53.93 -8.85 -19.93
CA ILE Q 84 -53.19 -9.75 -20.81
C ILE Q 84 -51.68 -9.56 -20.70
N GLU Q 85 -51.26 -8.32 -20.52
CA GLU Q 85 -49.84 -8.03 -20.38
C GLU Q 85 -49.30 -8.71 -19.12
N LYS Q 86 -49.85 -8.32 -17.98
CA LYS Q 86 -49.44 -8.88 -16.70
C LYS Q 86 -49.39 -10.40 -16.73
N ALA Q 87 -50.34 -11.00 -17.42
CA ALA Q 87 -50.37 -12.46 -17.52
C ALA Q 87 -49.17 -12.96 -18.30
N ARG Q 88 -48.92 -12.33 -19.43
CA ARG Q 88 -47.82 -12.72 -20.30
C ARG Q 88 -46.48 -12.55 -19.61
N VAL Q 89 -46.34 -11.47 -18.87
CA VAL Q 89 -45.10 -11.20 -18.17
C VAL Q 89 -44.90 -12.22 -17.07
N GLU Q 90 -45.98 -12.56 -16.38
CA GLU Q 90 -45.90 -13.56 -15.33
C GLU Q 90 -45.57 -14.93 -15.93
N ALA Q 91 -46.08 -15.16 -17.14
CA ALA Q 91 -45.86 -16.42 -17.83
C ALA Q 91 -44.37 -16.69 -18.00
N GLN Q 92 -43.65 -15.65 -18.40
CA GLN Q 92 -42.22 -15.76 -18.61
C GLN Q 92 -41.47 -15.89 -17.28
N SER Q 93 -41.86 -15.06 -16.32
CA SER Q 93 -41.25 -15.06 -15.00
C SER Q 93 -41.35 -16.44 -14.35
N HIS Q 94 -42.48 -17.11 -14.54
CA HIS Q 94 -42.66 -18.41 -13.94
C HIS Q 94 -41.74 -19.43 -14.58
N ARG Q 95 -41.52 -19.30 -15.90
CA ARG Q 95 -40.63 -20.22 -16.60
C ARG Q 95 -39.22 -19.96 -16.07
N LEU Q 96 -38.84 -18.69 -16.05
CA LEU Q 96 -37.53 -18.27 -15.59
C LEU Q 96 -37.17 -18.69 -14.17
N THR Q 97 -38.12 -18.65 -13.25
CA THR Q 97 -37.80 -19.03 -11.87
C THR Q 97 -38.15 -20.46 -11.52
N LEU Q 98 -39.14 -21.05 -12.18
CA LEU Q 98 -39.52 -22.42 -11.86
C LEU Q 98 -39.08 -23.40 -12.93
N GLU Q 99 -38.45 -22.85 -13.96
CA GLU Q 99 -37.98 -23.67 -15.08
C GLU Q 99 -39.08 -24.61 -15.57
N ASP Q 100 -40.27 -24.05 -15.75
CA ASP Q 100 -41.40 -24.85 -16.21
C ASP Q 100 -42.54 -23.87 -16.49
N PRO Q 101 -43.19 -23.99 -17.65
CA PRO Q 101 -44.31 -23.09 -17.98
C PRO Q 101 -45.44 -23.18 -16.96
N VAL Q 102 -46.21 -22.11 -16.88
CA VAL Q 102 -47.33 -22.02 -15.95
C VAL Q 102 -48.44 -23.00 -16.29
N THR Q 103 -49.16 -23.48 -15.28
CA THR Q 103 -50.29 -24.37 -15.51
C THR Q 103 -51.46 -23.44 -15.81
N VAL Q 104 -52.44 -23.92 -16.56
CA VAL Q 104 -53.60 -23.08 -16.88
C VAL Q 104 -54.26 -22.57 -15.61
N GLU Q 105 -54.35 -23.45 -14.62
CA GLU Q 105 -54.97 -23.08 -13.36
C GLU Q 105 -54.20 -21.94 -12.70
N TYR Q 106 -52.87 -22.03 -12.70
CA TYR Q 106 -51.99 -21.02 -12.10
C TYR Q 106 -52.11 -19.66 -12.76
N LEU Q 107 -51.96 -19.64 -14.08
CA LEU Q 107 -52.04 -18.40 -14.83
C LEU Q 107 -53.37 -17.74 -14.51
N THR Q 108 -54.39 -18.57 -14.32
CA THR Q 108 -55.73 -18.08 -14.01
C THR Q 108 -55.72 -17.43 -12.63
N ARG Q 109 -55.28 -18.21 -11.65
CA ARG Q 109 -55.19 -17.77 -10.27
C ARG Q 109 -54.44 -16.45 -10.14
N TYR Q 110 -53.49 -16.23 -11.04
CA TYR Q 110 -52.72 -15.01 -11.02
C TYR Q 110 -53.60 -13.86 -11.47
N VAL Q 111 -54.19 -14.00 -12.65
CA VAL Q 111 -55.06 -12.97 -13.23
C VAL Q 111 -56.16 -12.59 -12.26
N ALA Q 112 -56.80 -13.62 -11.71
CA ALA Q 112 -57.88 -13.42 -10.75
C ALA Q 112 -57.37 -12.53 -9.61
N GLY Q 113 -56.15 -12.82 -9.15
CA GLY Q 113 -55.55 -12.04 -8.07
C GLY Q 113 -55.41 -10.58 -8.43
N VAL Q 114 -54.89 -10.31 -9.62
CA VAL Q 114 -54.72 -8.94 -10.06
C VAL Q 114 -56.06 -8.23 -9.95
N GLN Q 115 -57.09 -8.82 -10.53
CA GLN Q 115 -58.43 -8.25 -10.49
C GLN Q 115 -58.88 -8.01 -9.05
N GLN Q 116 -58.80 -9.05 -8.21
CA GLN Q 116 -59.23 -8.91 -6.82
C GLN Q 116 -58.54 -7.71 -6.19
N ARG Q 117 -57.22 -7.64 -6.34
CA ARG Q 117 -56.41 -6.55 -5.81
C ARG Q 117 -57.01 -5.21 -6.19
N TYR Q 118 -57.41 -5.08 -7.45
CA TYR Q 118 -58.00 -3.82 -7.92
C TYR Q 118 -59.37 -3.52 -7.33
N THR Q 119 -59.88 -4.42 -6.49
CA THR Q 119 -61.17 -4.17 -5.88
C THR Q 119 -61.01 -3.79 -4.43
N GLN Q 120 -59.77 -3.66 -3.96
CA GLN Q 120 -59.56 -3.25 -2.58
C GLN Q 120 -58.26 -2.48 -2.39
N SER Q 121 -57.91 -1.71 -3.43
CA SER Q 121 -56.72 -0.89 -3.43
C SER Q 121 -57.18 0.53 -3.65
N GLY Q 122 -56.54 1.48 -2.98
CA GLY Q 122 -56.95 2.86 -3.14
C GLY Q 122 -56.72 3.42 -4.53
N GLY Q 123 -57.41 4.51 -4.85
CA GLY Q 123 -57.26 5.20 -6.13
C GLY Q 123 -57.44 4.46 -7.44
N VAL Q 124 -58.00 3.24 -7.41
CA VAL Q 124 -58.20 2.50 -8.66
C VAL Q 124 -59.57 1.86 -8.79
N ARG Q 125 -60.04 1.72 -10.03
CA ARG Q 125 -61.33 1.09 -10.26
C ARG Q 125 -61.07 -0.32 -10.75
N PRO Q 126 -61.99 -1.25 -10.42
CA PRO Q 126 -61.83 -2.64 -10.86
C PRO Q 126 -61.79 -2.74 -12.38
N PHE Q 127 -61.42 -3.91 -12.88
CA PHE Q 127 -61.35 -4.15 -14.33
C PHE Q 127 -62.72 -4.51 -14.88
N GLY Q 128 -63.15 -3.76 -15.89
CA GLY Q 128 -64.44 -4.06 -16.49
C GLY Q 128 -64.22 -5.21 -17.45
N VAL Q 129 -63.67 -6.31 -16.94
CA VAL Q 129 -63.40 -7.44 -17.79
C VAL Q 129 -63.62 -8.75 -17.09
N SER Q 130 -63.99 -9.76 -17.85
CA SER Q 130 -64.21 -11.10 -17.31
C SER Q 130 -63.47 -11.95 -18.32
N THR Q 131 -62.76 -12.97 -17.85
CA THR Q 131 -61.97 -13.77 -18.76
C THR Q 131 -62.24 -15.25 -18.82
N LEU Q 132 -61.79 -15.81 -19.94
CA LEU Q 132 -61.87 -17.23 -20.24
C LEU Q 132 -60.42 -17.56 -20.55
N ILE Q 133 -59.87 -18.49 -19.77
CA ILE Q 133 -58.47 -18.90 -19.94
C ILE Q 133 -58.47 -20.42 -20.16
N ALA Q 134 -57.87 -20.86 -21.26
CA ALA Q 134 -57.84 -22.28 -21.57
C ALA Q 134 -56.55 -22.72 -22.23
N GLY Q 135 -56.23 -23.99 -22.04
CA GLY Q 135 -55.02 -24.57 -22.60
C GLY Q 135 -54.73 -25.90 -21.94
N PHE Q 136 -53.48 -26.35 -22.03
CA PHE Q 136 -53.08 -27.63 -21.44
C PHE Q 136 -51.85 -27.49 -20.55
N ASP Q 137 -51.94 -28.02 -19.34
CA ASP Q 137 -50.82 -27.95 -18.42
C ASP Q 137 -49.63 -28.59 -19.14
N PRO Q 138 -48.40 -28.17 -18.79
CA PRO Q 138 -47.22 -28.73 -19.43
C PRO Q 138 -47.21 -30.25 -19.36
N ARG Q 139 -46.86 -30.88 -20.48
CA ARG Q 139 -46.80 -32.34 -20.55
C ARG Q 139 -48.06 -33.00 -19.99
N ASP Q 140 -49.22 -32.44 -20.36
CA ASP Q 140 -50.51 -32.97 -19.93
C ASP Q 140 -51.46 -32.90 -21.12
N ASP Q 141 -52.47 -33.77 -21.13
CA ASP Q 141 -53.43 -33.81 -22.23
C ASP Q 141 -54.87 -33.52 -21.83
N GLU Q 142 -55.12 -33.36 -20.54
CA GLU Q 142 -56.46 -33.06 -20.07
C GLU Q 142 -56.71 -31.55 -20.21
N PRO Q 143 -57.60 -31.15 -21.14
CA PRO Q 143 -57.90 -29.74 -21.37
C PRO Q 143 -58.31 -28.93 -20.14
N LYS Q 144 -58.02 -27.64 -20.18
CA LYS Q 144 -58.33 -26.73 -19.08
C LYS Q 144 -59.11 -25.53 -19.57
N LEU Q 145 -60.13 -25.15 -18.80
CA LEU Q 145 -60.96 -23.99 -19.10
C LEU Q 145 -61.40 -23.36 -17.79
N TYR Q 146 -61.02 -22.09 -17.60
CA TYR Q 146 -61.33 -21.35 -16.38
C TYR Q 146 -61.95 -20.02 -16.78
N GLN Q 147 -62.57 -19.37 -15.80
CA GLN Q 147 -63.19 -18.08 -16.02
C GLN Q 147 -62.98 -17.21 -14.79
N THR Q 148 -62.70 -15.93 -15.01
CA THR Q 148 -62.51 -15.00 -13.91
C THR Q 148 -63.41 -13.79 -14.09
N GLU Q 149 -63.65 -13.06 -13.01
CA GLU Q 149 -64.47 -11.86 -13.06
C GLU Q 149 -63.92 -10.74 -12.17
N PRO Q 150 -64.38 -9.50 -12.42
CA PRO Q 150 -63.93 -8.34 -11.66
C PRO Q 150 -63.81 -8.55 -10.15
N SER Q 151 -64.74 -9.31 -9.58
CA SER Q 151 -64.72 -9.56 -8.14
C SER Q 151 -63.40 -10.17 -7.74
N GLY Q 152 -62.78 -10.89 -8.68
CA GLY Q 152 -61.52 -11.54 -8.41
C GLY Q 152 -61.71 -13.02 -8.20
N ILE Q 153 -62.92 -13.51 -8.47
CA ILE Q 153 -63.23 -14.91 -8.30
C ILE Q 153 -63.03 -15.67 -9.60
N TYR Q 154 -62.76 -16.96 -9.50
CA TYR Q 154 -62.55 -17.76 -10.70
C TYR Q 154 -62.89 -19.22 -10.40
N SER Q 155 -63.02 -20.00 -11.46
CA SER Q 155 -63.35 -21.44 -11.34
C SER Q 155 -63.31 -22.07 -12.73
N SER Q 156 -63.30 -23.40 -12.77
CA SER Q 156 -63.25 -24.10 -14.05
C SER Q 156 -64.63 -24.55 -14.53
N TRP Q 157 -64.78 -24.62 -15.84
CA TRP Q 157 -66.03 -25.00 -16.46
C TRP Q 157 -65.80 -26.02 -17.55
N SER Q 158 -66.81 -26.86 -17.81
CA SER Q 158 -66.72 -27.86 -18.87
C SER Q 158 -66.97 -27.07 -20.15
N ALA Q 159 -67.68 -25.96 -19.97
CA ALA Q 159 -68.00 -25.04 -21.05
C ALA Q 159 -68.60 -23.84 -20.36
N GLN Q 160 -68.46 -22.67 -20.98
CA GLN Q 160 -68.97 -21.45 -20.38
C GLN Q 160 -68.92 -20.30 -21.38
N THR Q 161 -69.67 -19.25 -21.10
CA THR Q 161 -69.72 -18.10 -21.98
C THR Q 161 -69.91 -16.85 -21.12
N ILE Q 162 -69.40 -15.73 -21.61
CA ILE Q 162 -69.53 -14.47 -20.90
C ILE Q 162 -69.85 -13.40 -21.92
N GLY Q 163 -70.41 -12.29 -21.46
CA GLY Q 163 -70.74 -11.22 -22.37
C GLY Q 163 -72.24 -11.06 -22.60
N ARG Q 164 -72.60 -10.32 -23.65
CA ARG Q 164 -74.02 -10.08 -23.94
C ARG Q 164 -74.66 -11.35 -24.45
N ASN Q 165 -75.88 -11.60 -23.97
CA ASN Q 165 -76.64 -12.78 -24.39
C ASN Q 165 -75.96 -14.07 -23.95
N SER Q 166 -75.02 -13.94 -23.03
CA SER Q 166 -74.33 -15.11 -22.52
C SER Q 166 -75.37 -15.98 -21.80
N LYS Q 167 -76.43 -15.33 -21.33
CA LYS Q 167 -77.52 -16.02 -20.63
C LYS Q 167 -78.10 -17.06 -21.57
N THR Q 168 -78.37 -16.62 -22.78
CA THR Q 168 -78.94 -17.46 -23.82
C THR Q 168 -78.03 -18.63 -24.16
N VAL Q 169 -76.87 -18.34 -24.70
CA VAL Q 169 -75.91 -19.37 -25.07
C VAL Q 169 -75.55 -20.32 -23.92
N ARG Q 170 -75.54 -19.81 -22.69
CA ARG Q 170 -75.19 -20.69 -21.57
C ARG Q 170 -76.26 -21.78 -21.53
N GLU Q 171 -77.52 -21.35 -21.66
CA GLU Q 171 -78.67 -22.27 -21.66
C GLU Q 171 -78.44 -23.31 -22.75
N PHE Q 172 -78.22 -22.82 -23.97
CA PHE Q 172 -77.97 -23.68 -25.11
C PHE Q 172 -76.99 -24.77 -24.71
N LEU Q 173 -75.86 -24.34 -24.16
CA LEU Q 173 -74.81 -25.24 -23.73
C LEU Q 173 -75.26 -26.17 -22.61
N GLU Q 174 -75.96 -25.61 -21.62
CA GLU Q 174 -76.42 -26.42 -20.49
C GLU Q 174 -77.30 -27.58 -20.94
N LYS Q 175 -77.88 -27.46 -22.13
CA LYS Q 175 -78.75 -28.50 -22.67
C LYS Q 175 -78.24 -29.03 -24.00
N ASN Q 176 -76.93 -28.97 -24.22
CA ASN Q 176 -76.32 -29.46 -25.46
C ASN Q 176 -74.94 -30.05 -25.23
N TYR Q 177 -74.47 -29.98 -23.97
CA TYR Q 177 -73.16 -30.49 -23.60
C TYR Q 177 -73.32 -31.54 -22.52
N ASP Q 178 -72.77 -32.71 -22.78
CA ASP Q 178 -72.84 -33.80 -21.83
C ASP Q 178 -71.44 -34.09 -21.32
N ARG Q 179 -71.24 -33.92 -20.01
CA ARG Q 179 -69.94 -34.19 -19.42
C ARG Q 179 -69.61 -35.66 -19.62
N LYS Q 180 -70.64 -36.51 -19.62
CA LYS Q 180 -70.46 -37.95 -19.82
C LYS Q 180 -69.64 -38.16 -21.09
N GLU Q 181 -70.12 -37.59 -22.19
CA GLU Q 181 -69.42 -37.71 -23.45
C GLU Q 181 -69.16 -36.35 -24.08
N PRO Q 182 -68.02 -35.72 -23.73
CA PRO Q 182 -67.66 -34.41 -24.26
C PRO Q 182 -67.28 -34.53 -25.73
N PRO Q 183 -67.40 -33.44 -26.50
CA PRO Q 183 -67.06 -33.42 -27.93
C PRO Q 183 -65.75 -34.15 -28.20
N ALA Q 184 -65.82 -35.47 -28.35
CA ALA Q 184 -64.64 -36.30 -28.59
C ALA Q 184 -63.82 -35.90 -29.82
N THR Q 185 -64.27 -34.91 -30.58
CA THR Q 185 -63.52 -34.49 -31.76
C THR Q 185 -63.32 -32.99 -31.84
N VAL Q 186 -62.18 -32.61 -32.39
CA VAL Q 186 -61.87 -31.20 -32.55
C VAL Q 186 -62.99 -30.60 -33.40
N GLU Q 187 -63.40 -31.33 -34.44
CA GLU Q 187 -64.46 -30.85 -35.32
C GLU Q 187 -65.81 -30.73 -34.61
N GLU Q 188 -66.29 -31.83 -34.04
CA GLU Q 188 -67.57 -31.78 -33.37
C GLU Q 188 -67.54 -30.81 -32.19
N CYS Q 189 -66.33 -30.48 -31.73
CA CYS Q 189 -66.18 -29.55 -30.62
C CYS Q 189 -66.36 -28.12 -31.10
N VAL Q 190 -65.76 -27.82 -32.24
CA VAL Q 190 -65.86 -26.47 -32.81
C VAL Q 190 -67.29 -26.23 -33.29
N LYS Q 191 -67.95 -27.31 -33.71
CA LYS Q 191 -69.33 -27.22 -34.19
C LYS Q 191 -70.22 -26.76 -33.05
N LEU Q 192 -70.08 -27.43 -31.91
CA LEU Q 192 -70.88 -27.09 -30.73
C LEU Q 192 -70.68 -25.63 -30.35
N THR Q 193 -69.48 -25.10 -30.56
CA THR Q 193 -69.19 -23.71 -30.23
C THR Q 193 -69.86 -22.77 -31.22
N VAL Q 194 -69.71 -23.07 -32.50
CA VAL Q 194 -70.32 -22.27 -33.55
C VAL Q 194 -71.83 -22.31 -33.36
N ARG Q 195 -72.36 -23.49 -33.05
CA ARG Q 195 -73.79 -23.63 -32.81
C ARG Q 195 -74.20 -22.67 -31.68
N SER Q 196 -73.51 -22.80 -30.56
CA SER Q 196 -73.79 -21.97 -29.39
C SER Q 196 -73.69 -20.46 -29.66
N LEU Q 197 -72.79 -20.06 -30.56
CA LEU Q 197 -72.67 -18.63 -30.86
C LEU Q 197 -73.80 -18.16 -31.76
N LEU Q 198 -74.17 -19.00 -32.72
CA LEU Q 198 -75.23 -18.66 -33.65
C LEU Q 198 -76.51 -18.25 -32.91
N GLU Q 199 -76.77 -18.90 -31.79
CA GLU Q 199 -77.96 -18.60 -31.00
C GLU Q 199 -78.06 -17.10 -30.74
N VAL Q 200 -76.91 -16.42 -30.72
CA VAL Q 200 -76.91 -14.99 -30.44
C VAL Q 200 -76.28 -14.12 -31.51
N VAL Q 201 -75.41 -14.69 -32.35
CA VAL Q 201 -74.75 -13.93 -33.38
C VAL Q 201 -75.68 -13.43 -34.49
N GLN Q 202 -76.74 -14.18 -34.76
CA GLN Q 202 -77.69 -13.80 -35.80
C GLN Q 202 -76.90 -13.65 -37.10
N THR Q 203 -76.69 -14.79 -37.79
CA THR Q 203 -75.94 -14.88 -39.04
C THR Q 203 -74.82 -13.85 -39.12
N GLY Q 204 -73.62 -14.31 -38.79
CA GLY Q 204 -72.46 -13.46 -38.81
C GLY Q 204 -71.25 -14.32 -39.13
N ALA Q 205 -71.15 -14.74 -40.38
CA ALA Q 205 -70.03 -15.56 -40.80
C ALA Q 205 -68.75 -14.81 -40.44
N LYS Q 206 -68.70 -13.53 -40.82
CA LYS Q 206 -67.53 -12.68 -40.54
C LYS Q 206 -67.58 -12.11 -39.13
N ASN Q 207 -68.61 -12.44 -38.36
CA ASN Q 207 -68.75 -11.95 -36.99
C ASN Q 207 -68.38 -12.99 -35.93
N ILE Q 208 -68.01 -14.19 -36.37
CA ILE Q 208 -67.63 -15.26 -35.45
C ILE Q 208 -66.25 -15.83 -35.71
N GLU Q 209 -65.32 -15.62 -34.77
CA GLU Q 209 -63.96 -16.15 -34.91
C GLU Q 209 -63.74 -17.28 -33.91
N ILE Q 210 -63.12 -18.36 -34.37
CA ILE Q 210 -62.86 -19.53 -33.52
C ILE Q 210 -61.37 -19.82 -33.42
N THR Q 211 -60.92 -20.25 -32.24
CA THR Q 211 -59.51 -20.59 -32.01
C THR Q 211 -59.48 -21.94 -31.31
N VAL Q 212 -58.75 -22.89 -31.89
CA VAL Q 212 -58.63 -24.22 -31.32
C VAL Q 212 -57.28 -24.44 -30.65
N VAL Q 213 -57.33 -25.00 -29.44
CA VAL Q 213 -56.09 -25.27 -28.72
C VAL Q 213 -56.01 -26.77 -28.43
N LYS Q 214 -54.86 -27.35 -28.77
CA LYS Q 214 -54.60 -28.77 -28.52
C LYS Q 214 -53.38 -28.91 -27.60
N PRO Q 215 -53.12 -30.12 -27.10
CA PRO Q 215 -51.97 -30.33 -26.21
C PRO Q 215 -50.65 -29.99 -26.88
N ASP Q 216 -49.65 -29.68 -26.05
CA ASP Q 216 -48.31 -29.34 -26.51
C ASP Q 216 -48.25 -28.12 -27.42
N SER Q 217 -48.72 -26.99 -26.88
CA SER Q 217 -48.68 -25.72 -27.61
C SER Q 217 -49.14 -25.75 -29.06
N ASP Q 218 -50.25 -26.44 -29.33
CA ASP Q 218 -50.80 -26.50 -30.68
C ASP Q 218 -52.03 -25.59 -30.72
N ILE Q 219 -51.76 -24.31 -30.95
CA ILE Q 219 -52.81 -23.30 -30.99
C ILE Q 219 -52.97 -22.74 -32.39
N VAL Q 220 -54.22 -22.68 -32.86
CA VAL Q 220 -54.53 -22.17 -34.19
C VAL Q 220 -55.91 -21.51 -34.26
N ALA Q 221 -56.01 -20.44 -35.06
CA ALA Q 221 -57.27 -19.73 -35.23
C ALA Q 221 -57.81 -19.95 -36.64
N LEU Q 222 -59.02 -20.50 -36.74
CA LEU Q 222 -59.64 -20.79 -38.03
C LEU Q 222 -59.95 -19.52 -38.82
N SER Q 223 -60.02 -19.67 -40.14
CA SER Q 223 -60.31 -18.56 -41.04
C SER Q 223 -61.82 -18.50 -41.32
N SER Q 224 -62.26 -17.40 -41.91
CA SER Q 224 -63.67 -17.22 -42.23
C SER Q 224 -64.27 -18.43 -42.93
N GLU Q 225 -63.55 -18.98 -43.90
CA GLU Q 225 -64.01 -20.14 -44.66
C GLU Q 225 -64.27 -21.35 -43.78
N GLU Q 226 -63.24 -21.79 -43.08
CA GLU Q 226 -63.35 -22.93 -42.19
C GLU Q 226 -64.57 -22.74 -41.30
N ILE Q 227 -64.76 -21.50 -40.85
CA ILE Q 227 -65.88 -21.16 -39.98
C ILE Q 227 -67.18 -21.11 -40.79
N ASN Q 228 -67.16 -20.38 -41.90
CA ASN Q 228 -68.33 -20.26 -42.77
C ASN Q 228 -68.89 -21.64 -43.07
N GLN Q 229 -67.99 -22.61 -43.26
CA GLN Q 229 -68.37 -23.98 -43.55
C GLN Q 229 -69.18 -24.57 -42.39
N TYR Q 230 -68.66 -24.40 -41.18
CA TYR Q 230 -69.36 -24.90 -40.00
C TYR Q 230 -70.77 -24.32 -39.92
N VAL Q 231 -70.88 -23.03 -40.18
CA VAL Q 231 -72.16 -22.33 -40.15
C VAL Q 231 -73.08 -22.99 -41.18
N THR Q 232 -72.53 -23.24 -42.36
CA THR Q 232 -73.24 -23.87 -43.48
C THR Q 232 -73.82 -25.23 -43.08
N GLN Q 233 -72.94 -26.16 -42.74
CA GLN Q 233 -73.37 -27.50 -42.36
C GLN Q 233 -74.42 -27.48 -41.25
N ILE Q 234 -74.36 -26.46 -40.40
CA ILE Q 234 -75.29 -26.33 -39.28
C ILE Q 234 -76.69 -25.85 -39.70
N GLU Q 235 -76.74 -24.83 -40.57
CA GLU Q 235 -78.04 -24.31 -41.01
C GLU Q 235 -78.90 -25.36 -41.68
N GLN Q 236 -78.25 -26.35 -42.27
CA GLN Q 236 -78.96 -27.44 -42.93
C GLN Q 236 -79.60 -28.34 -41.90
N GLU Q 237 -78.90 -28.54 -40.78
CA GLU Q 237 -79.39 -29.39 -39.71
C GLU Q 237 -80.81 -28.94 -39.30
N LYS Q 238 -81.05 -27.63 -39.34
CA LYS Q 238 -82.35 -27.05 -38.99
C LYS Q 238 -83.40 -27.32 -40.08
N GLN Q 239 -83.06 -26.95 -41.31
CA GLN Q 239 -83.94 -27.12 -42.45
C GLN Q 239 -84.28 -28.58 -42.72
N GLU Q 240 -83.31 -29.47 -42.56
CA GLU Q 240 -83.53 -30.89 -42.77
C GLU Q 240 -84.46 -31.40 -41.68
N GLN Q 241 -85.49 -30.61 -41.40
CA GLN Q 241 -86.46 -30.93 -40.38
C GLN Q 241 -87.56 -29.86 -40.40
N ASP R 1 -68.24 12.50 0.32
CA ASP R 1 -68.99 11.28 0.80
C ASP R 1 -68.87 11.15 2.33
N ARG R 2 -68.14 10.14 2.78
CA ARG R 2 -67.93 9.89 4.21
C ARG R 2 -66.75 8.92 4.33
N GLY R 3 -65.81 9.24 5.23
CA GLY R 3 -64.63 8.40 5.42
C GLY R 3 -64.90 6.92 5.56
N VAL R 4 -64.00 6.10 5.01
CA VAL R 4 -64.17 4.65 5.08
C VAL R 4 -63.92 4.13 6.48
N SER R 5 -63.38 4.98 7.34
CA SER R 5 -63.10 4.57 8.72
C SER R 5 -63.90 5.45 9.69
N THR R 6 -65.09 5.86 9.25
CA THR R 6 -65.96 6.71 10.05
C THR R 6 -66.79 5.92 11.06
N PHE R 7 -67.10 6.59 12.17
CA PHE R 7 -67.90 5.99 13.21
C PHE R 7 -69.36 6.34 13.05
N SER R 8 -70.23 5.39 13.39
CA SER R 8 -71.67 5.64 13.34
C SER R 8 -71.96 6.27 14.68
N PRO R 9 -73.08 6.99 14.81
CA PRO R 9 -73.35 7.57 16.11
C PRO R 9 -73.56 6.53 17.20
N GLU R 10 -73.73 5.26 16.79
CA GLU R 10 -73.93 4.17 17.74
C GLU R 10 -72.61 3.55 18.16
N GLY R 11 -71.51 4.13 17.67
CA GLY R 11 -70.19 3.65 18.02
C GLY R 11 -69.67 2.48 17.22
N ARG R 12 -70.09 2.39 15.97
CA ARG R 12 -69.61 1.30 15.13
C ARG R 12 -68.99 1.83 13.87
N LEU R 13 -68.20 0.97 13.21
CA LEU R 13 -67.55 1.36 11.98
C LEU R 13 -68.40 0.88 10.80
N PHE R 14 -68.98 1.85 10.10
CA PHE R 14 -69.83 1.56 8.95
C PHE R 14 -69.28 0.46 8.08
N GLN R 15 -68.17 0.73 7.39
CA GLN R 15 -67.56 -0.27 6.52
C GLN R 15 -67.49 -1.65 7.16
N VAL R 16 -67.09 -1.73 8.41
CA VAL R 16 -66.99 -3.03 9.05
C VAL R 16 -68.35 -3.71 9.10
N GLU R 17 -69.34 -2.95 9.53
CA GLU R 17 -70.70 -3.46 9.63
C GLU R 17 -71.20 -3.92 8.26
N TYR R 18 -71.17 -3.03 7.28
CA TYR R 18 -71.62 -3.39 5.95
C TYR R 18 -70.86 -4.63 5.50
N SER R 19 -69.61 -4.72 5.92
CA SER R 19 -68.79 -5.86 5.55
C SER R 19 -69.44 -7.13 6.04
N LEU R 20 -69.96 -7.09 7.26
CA LEU R 20 -70.62 -8.24 7.86
C LEU R 20 -71.85 -8.66 7.05
N GLU R 21 -72.50 -7.70 6.42
CA GLU R 21 -73.67 -8.00 5.62
C GLU R 21 -73.29 -8.88 4.44
N ALA R 22 -72.36 -8.40 3.63
CA ALA R 22 -71.94 -9.16 2.48
C ALA R 22 -71.67 -10.62 2.85
N ILE R 23 -71.22 -10.82 4.09
CA ILE R 23 -70.92 -12.16 4.57
C ILE R 23 -72.16 -13.01 4.81
N LYS R 24 -73.22 -12.39 5.33
CA LYS R 24 -74.47 -13.11 5.58
C LYS R 24 -74.95 -13.71 4.26
N LEU R 25 -74.64 -13.03 3.16
CA LEU R 25 -75.02 -13.49 1.84
C LEU R 25 -74.15 -14.67 1.38
N GLY R 26 -73.00 -14.84 2.01
CA GLY R 26 -72.09 -15.91 1.63
C GLY R 26 -72.58 -17.33 1.84
N SER R 27 -71.86 -18.28 1.25
CA SER R 27 -72.17 -19.70 1.34
C SER R 27 -72.05 -20.17 2.77
N THR R 28 -72.86 -21.16 3.13
CA THR R 28 -72.83 -21.67 4.48
C THR R 28 -71.52 -22.40 4.76
N ALA R 29 -71.05 -22.28 6.00
CA ALA R 29 -69.83 -22.92 6.43
C ALA R 29 -70.04 -23.28 7.89
N ILE R 30 -69.70 -24.51 8.26
CA ILE R 30 -69.89 -24.95 9.64
C ILE R 30 -68.68 -25.67 10.21
N GLY R 31 -68.43 -25.44 11.50
CA GLY R 31 -67.30 -26.07 12.14
C GLY R 31 -67.71 -26.61 13.49
N ILE R 32 -67.31 -27.85 13.77
CA ILE R 32 -67.61 -28.48 15.05
C ILE R 32 -66.32 -29.10 15.60
N ALA R 33 -66.00 -28.78 16.84
CA ALA R 33 -64.80 -29.32 17.46
C ALA R 33 -65.14 -30.44 18.43
N THR R 34 -64.32 -31.48 18.45
CA THR R 34 -64.54 -32.60 19.36
C THR R 34 -63.19 -32.96 19.94
N LYS R 35 -63.18 -33.72 21.04
CA LYS R 35 -61.93 -34.12 21.64
C LYS R 35 -61.22 -35.16 20.77
N GLU R 36 -61.73 -35.34 19.56
CA GLU R 36 -61.17 -36.29 18.60
C GLU R 36 -60.77 -35.57 17.31
N GLY R 37 -61.01 -34.27 17.27
CA GLY R 37 -60.68 -33.50 16.08
C GLY R 37 -61.72 -32.44 15.80
N VAL R 38 -61.45 -31.62 14.78
CA VAL R 38 -62.37 -30.57 14.40
C VAL R 38 -62.82 -30.84 12.97
N VAL R 39 -64.10 -30.64 12.71
CA VAL R 39 -64.65 -30.88 11.38
C VAL R 39 -65.07 -29.57 10.73
N LEU R 40 -64.68 -29.40 9.47
CA LEU R 40 -65.03 -28.21 8.74
C LEU R 40 -65.86 -28.61 7.53
N GLY R 41 -67.01 -27.95 7.38
CA GLY R 41 -67.88 -28.24 6.26
C GLY R 41 -68.34 -26.99 5.56
N VAL R 42 -68.54 -27.08 4.25
CA VAL R 42 -68.98 -25.92 3.48
C VAL R 42 -69.96 -26.25 2.35
N GLU R 43 -70.63 -25.21 1.88
CA GLU R 43 -71.59 -25.34 0.78
C GLU R 43 -70.89 -24.87 -0.51
N LYS R 44 -70.66 -25.79 -1.44
CA LYS R 44 -70.03 -25.42 -2.70
C LYS R 44 -70.82 -24.33 -3.40
N ARG R 45 -72.09 -24.62 -3.69
CA ARG R 45 -72.98 -23.67 -4.35
C ARG R 45 -72.54 -23.29 -5.77
N ALA R 46 -72.74 -24.22 -6.69
CA ALA R 46 -72.38 -23.99 -8.09
C ALA R 46 -73.48 -23.16 -8.78
N THR R 47 -73.09 -22.04 -9.40
CA THR R 47 -74.05 -21.17 -10.07
C THR R 47 -74.45 -21.67 -11.46
N SER R 48 -74.23 -22.95 -11.71
CA SER R 48 -74.55 -23.56 -13.00
C SER R 48 -74.07 -25.00 -13.02
N PRO R 49 -74.73 -25.87 -13.80
CA PRO R 49 -74.35 -27.28 -13.91
C PRO R 49 -73.04 -27.49 -14.67
N LEU R 50 -72.67 -26.52 -15.51
CA LEU R 50 -71.45 -26.60 -16.29
C LEU R 50 -70.18 -26.32 -15.47
N LEU R 51 -70.36 -25.65 -14.35
CA LEU R 51 -69.25 -25.33 -13.45
C LEU R 51 -68.74 -26.60 -12.75
N GLU R 52 -67.47 -26.92 -12.97
CA GLU R 52 -66.87 -28.11 -12.36
C GLU R 52 -66.77 -27.90 -10.86
N SER R 53 -67.79 -28.36 -10.15
CA SER R 53 -67.88 -28.21 -8.69
C SER R 53 -66.61 -28.41 -7.84
N ASP R 54 -65.67 -29.23 -8.28
CA ASP R 54 -64.48 -29.43 -7.47
C ASP R 54 -63.43 -28.31 -7.60
N SER R 55 -63.64 -27.38 -8.53
CA SER R 55 -62.71 -26.27 -8.68
C SER R 55 -63.15 -25.20 -7.67
N ILE R 56 -64.07 -25.57 -6.80
CA ILE R 56 -64.57 -24.68 -5.77
C ILE R 56 -63.80 -25.01 -4.50
N GLU R 57 -62.93 -24.08 -4.09
CA GLU R 57 -62.08 -24.25 -2.91
C GLU R 57 -62.42 -23.27 -1.80
N LYS R 58 -63.23 -23.72 -0.84
CA LYS R 58 -63.63 -22.88 0.28
C LYS R 58 -63.13 -23.40 1.62
N ILE R 59 -62.33 -24.46 1.55
CA ILE R 59 -61.70 -25.06 2.73
C ILE R 59 -60.25 -25.23 2.31
N VAL R 60 -59.35 -24.50 2.96
CA VAL R 60 -57.94 -24.58 2.60
C VAL R 60 -57.05 -24.94 3.78
N GLU R 61 -55.83 -25.39 3.46
CA GLU R 61 -54.84 -25.75 4.47
C GLU R 61 -53.90 -24.58 4.73
N ILE R 62 -53.71 -24.27 6.01
CA ILE R 62 -52.81 -23.20 6.40
C ILE R 62 -51.47 -23.86 6.71
N ASP R 63 -51.52 -24.94 7.47
CA ASP R 63 -50.35 -25.73 7.80
C ASP R 63 -50.84 -27.16 7.96
N ARG R 64 -49.97 -28.09 8.33
CA ARG R 64 -50.40 -29.48 8.47
C ARG R 64 -51.34 -29.68 9.67
N HIS R 65 -51.35 -28.72 10.58
CA HIS R 65 -52.16 -28.79 11.80
C HIS R 65 -53.20 -27.65 11.88
N ILE R 66 -53.34 -26.88 10.80
CA ILE R 66 -54.26 -25.75 10.78
C ILE R 66 -54.92 -25.57 9.43
N GLY R 67 -56.25 -25.67 9.42
CA GLY R 67 -57.00 -25.48 8.19
C GLY R 67 -58.11 -24.49 8.43
N CYS R 68 -58.79 -24.05 7.38
CA CYS R 68 -59.86 -23.11 7.58
C CYS R 68 -60.93 -23.14 6.49
N ALA R 69 -62.11 -22.62 6.85
CA ALA R 69 -63.27 -22.52 5.95
C ALA R 69 -63.63 -21.05 5.83
N MET R 70 -64.05 -20.64 4.64
CA MET R 70 -64.37 -19.24 4.37
C MET R 70 -65.80 -19.01 3.90
N SER R 71 -66.29 -17.80 4.15
CA SER R 71 -67.63 -17.42 3.76
C SER R 71 -67.71 -15.93 3.43
N GLY R 72 -68.46 -15.61 2.38
CA GLY R 72 -68.59 -14.22 1.98
C GLY R 72 -67.85 -14.03 0.66
N LEU R 73 -67.32 -12.84 0.43
CA LEU R 73 -66.55 -12.59 -0.78
C LEU R 73 -65.26 -13.39 -0.63
N THR R 74 -65.20 -14.57 -1.26
CA THR R 74 -64.04 -15.45 -1.14
C THR R 74 -62.76 -15.00 -1.83
N ALA R 75 -62.87 -14.09 -2.78
CA ALA R 75 -61.69 -13.59 -3.46
C ALA R 75 -60.85 -12.85 -2.42
N ASP R 76 -61.52 -12.25 -1.45
CA ASP R 76 -60.83 -11.52 -0.40
C ASP R 76 -59.98 -12.46 0.46
N ALA R 77 -60.41 -13.72 0.55
CA ALA R 77 -59.70 -14.69 1.38
C ALA R 77 -58.28 -15.05 0.94
N ARG R 78 -57.98 -14.92 -0.34
CA ARG R 78 -56.64 -15.28 -0.81
C ARG R 78 -55.51 -14.60 -0.06
N SER R 79 -55.48 -13.27 -0.06
CA SER R 79 -54.40 -12.58 0.64
C SER R 79 -54.32 -12.95 2.12
N MET R 80 -55.45 -13.28 2.71
CA MET R 80 -55.46 -13.66 4.12
C MET R 80 -54.84 -15.04 4.29
N ILE R 81 -55.24 -15.97 3.43
CA ILE R 81 -54.73 -17.33 3.49
C ILE R 81 -53.21 -17.32 3.30
N GLU R 82 -52.76 -16.52 2.34
CA GLU R 82 -51.33 -16.40 2.07
C GLU R 82 -50.64 -15.91 3.34
N HIS R 83 -51.18 -14.85 3.92
CA HIS R 83 -50.62 -14.32 5.13
C HIS R 83 -50.56 -15.39 6.20
N ALA R 84 -51.68 -16.05 6.42
CA ALA R 84 -51.73 -17.10 7.43
C ALA R 84 -50.67 -18.19 7.19
N ARG R 85 -50.56 -18.67 5.96
CA ARG R 85 -49.59 -19.73 5.64
C ARG R 85 -48.17 -19.27 5.92
N THR R 86 -47.85 -18.06 5.43
CA THR R 86 -46.54 -17.47 5.66
C THR R 86 -46.23 -17.35 7.15
N ALA R 87 -47.15 -16.76 7.91
CA ALA R 87 -46.96 -16.62 9.35
C ALA R 87 -46.69 -17.96 10.01
N ALA R 88 -47.47 -18.97 9.66
CA ALA R 88 -47.29 -20.30 10.26
C ALA R 88 -45.94 -20.92 9.91
N VAL R 89 -45.55 -20.81 8.65
CA VAL R 89 -44.27 -21.34 8.17
C VAL R 89 -43.11 -20.54 8.76
N THR R 90 -43.24 -19.22 8.78
CA THR R 90 -42.18 -18.38 9.33
C THR R 90 -41.94 -18.69 10.80
N HIS R 91 -43.01 -18.74 11.58
CA HIS R 91 -42.88 -19.05 12.99
C HIS R 91 -42.07 -20.33 13.16
N ASN R 92 -42.27 -21.26 12.24
CA ASN R 92 -41.56 -22.51 12.32
C ASN R 92 -40.07 -22.32 12.02
N LEU R 93 -39.78 -21.39 11.11
CA LEU R 93 -38.40 -21.08 10.72
C LEU R 93 -37.65 -20.34 11.82
N TYR R 94 -38.37 -19.48 12.53
CA TYR R 94 -37.78 -18.68 13.61
C TYR R 94 -37.75 -19.36 14.95
N TYR R 95 -38.67 -20.28 15.20
CA TYR R 95 -38.72 -20.92 16.51
C TYR R 95 -38.62 -22.42 16.51
N ASP R 96 -38.45 -23.03 15.35
CA ASP R 96 -38.34 -24.48 15.28
C ASP R 96 -39.46 -25.10 16.09
N GLU R 97 -40.69 -24.86 15.65
CA GLU R 97 -41.89 -25.38 16.29
C GLU R 97 -43.11 -24.92 15.49
N ASP R 98 -44.24 -25.58 15.72
CA ASP R 98 -45.48 -25.23 15.03
C ASP R 98 -46.06 -24.00 15.71
N ILE R 99 -46.83 -23.22 14.95
CA ILE R 99 -47.44 -22.02 15.49
C ILE R 99 -48.75 -22.36 16.18
N ASN R 100 -49.03 -21.71 17.31
CA ASN R 100 -50.25 -21.97 18.05
C ASN R 100 -51.45 -21.53 17.23
N VAL R 101 -52.48 -22.36 17.21
CA VAL R 101 -53.68 -22.07 16.44
C VAL R 101 -54.27 -20.71 16.77
N GLU R 102 -54.16 -20.29 18.03
CA GLU R 102 -54.70 -18.99 18.42
C GLU R 102 -53.89 -17.86 17.80
N SER R 103 -52.57 -17.94 17.93
CA SER R 103 -51.69 -16.92 17.38
C SER R 103 -51.89 -16.81 15.87
N LEU R 104 -52.01 -17.95 15.21
CA LEU R 104 -52.23 -17.96 13.77
C LEU R 104 -53.45 -17.09 13.52
N THR R 105 -54.52 -17.37 14.26
CA THR R 105 -55.77 -16.63 14.13
C THR R 105 -55.56 -15.15 14.45
N GLN R 106 -54.87 -14.89 15.56
CA GLN R 106 -54.60 -13.52 15.97
C GLN R 106 -53.83 -12.77 14.90
N SER R 107 -52.97 -13.50 14.20
CA SER R 107 -52.15 -12.91 13.15
C SER R 107 -53.00 -12.43 11.97
N VAL R 108 -53.95 -13.27 11.58
CA VAL R 108 -54.85 -12.97 10.48
C VAL R 108 -55.68 -11.75 10.84
N CYS R 109 -56.28 -11.83 12.03
CA CYS R 109 -57.11 -10.75 12.53
C CYS R 109 -56.42 -9.40 12.50
N ASP R 110 -55.10 -9.40 12.56
CA ASP R 110 -54.37 -8.14 12.57
C ASP R 110 -54.41 -7.39 11.23
N LEU R 111 -54.68 -8.11 10.15
CA LEU R 111 -54.75 -7.47 8.84
C LEU R 111 -56.06 -6.72 8.75
N ALA R 112 -57.10 -7.37 9.25
CA ALA R 112 -58.46 -6.84 9.23
C ALA R 112 -58.66 -5.32 9.28
N LEU R 113 -58.29 -4.66 10.38
CA LEU R 113 -58.49 -3.21 10.48
C LEU R 113 -57.47 -2.35 9.75
N ARG R 114 -56.56 -3.00 9.02
CA ARG R 114 -55.55 -2.27 8.28
C ARG R 114 -56.13 -1.66 7.02
N PHE R 115 -57.00 -0.67 7.17
CA PHE R 115 -57.58 -0.03 6.00
C PHE R 115 -57.94 1.42 6.24
N GLY R 116 -58.19 2.13 5.14
CA GLY R 116 -58.54 3.53 5.23
C GLY R 116 -58.04 4.31 4.04
N GLU R 117 -57.94 5.62 4.21
CA GLU R 117 -57.46 6.53 3.17
C GLU R 117 -56.40 7.46 3.76
N GLY R 118 -55.90 7.08 4.94
CA GLY R 118 -54.88 7.88 5.61
C GLY R 118 -54.99 7.82 7.13
N ALA R 119 -55.27 6.62 7.66
CA ALA R 119 -55.42 6.41 9.11
C ALA R 119 -54.10 6.55 9.88
N SER R 120 -54.06 7.54 10.77
CA SER R 120 -52.90 7.89 11.61
C SER R 120 -52.57 6.85 12.71
N GLY R 121 -51.72 5.87 12.37
CA GLY R 121 -51.34 4.85 13.33
C GLY R 121 -50.22 3.96 12.79
N GLU R 122 -50.02 4.04 11.48
CA GLU R 122 -48.99 3.28 10.75
C GLU R 122 -49.23 3.52 9.25
N GLU R 123 -49.12 2.48 8.44
CA GLU R 123 -49.35 2.63 7.00
C GLU R 123 -50.39 1.61 6.52
N ARG R 124 -51.63 1.79 6.97
CA ARG R 124 -52.74 0.90 6.60
C ARG R 124 -53.23 1.12 5.17
N LEU R 125 -52.60 0.42 4.23
CA LEU R 125 -52.98 0.52 2.84
C LEU R 125 -53.81 -0.70 2.41
N MET R 126 -55.09 -0.42 2.19
CA MET R 126 -56.10 -1.40 1.77
C MET R 126 -57.32 -0.49 1.87
N SER R 127 -57.96 -0.23 0.73
CA SER R 127 -59.11 0.67 0.71
C SER R 127 -60.33 0.29 1.54
N ARG R 128 -60.62 -1.00 1.66
CA ARG R 128 -61.80 -1.44 2.40
C ARG R 128 -61.51 -2.68 3.21
N PRO R 129 -62.43 -3.03 4.12
CA PRO R 129 -62.25 -4.23 4.96
C PRO R 129 -62.40 -5.47 4.08
N PHE R 130 -62.15 -6.64 4.65
CA PHE R 130 -62.30 -7.89 3.90
C PHE R 130 -63.76 -8.26 3.91
N GLY R 131 -64.25 -8.79 2.80
CA GLY R 131 -65.65 -9.16 2.75
C GLY R 131 -65.83 -10.65 2.99
N VAL R 132 -65.05 -11.19 3.91
CA VAL R 132 -65.14 -12.62 4.18
C VAL R 132 -64.81 -12.94 5.63
N ALA R 133 -65.45 -13.97 6.17
CA ALA R 133 -65.18 -14.39 7.53
C ALA R 133 -64.48 -15.73 7.43
N LEU R 134 -63.77 -16.12 8.49
CA LEU R 134 -63.05 -17.38 8.46
C LEU R 134 -63.25 -18.24 9.68
N LEU R 135 -63.29 -19.54 9.44
CA LEU R 135 -63.41 -20.51 10.51
C LEU R 135 -62.06 -21.20 10.48
N ILE R 136 -61.21 -20.88 11.44
CA ILE R 136 -59.90 -21.49 11.51
C ILE R 136 -59.95 -22.62 12.50
N ALA R 137 -59.58 -23.81 12.03
CA ALA R 137 -59.59 -25.00 12.85
C ALA R 137 -58.20 -25.59 12.89
N GLY R 138 -57.81 -26.13 14.05
CA GLY R 138 -56.49 -26.70 14.15
C GLY R 138 -56.22 -27.35 15.49
N HIS R 139 -54.96 -27.71 15.69
CA HIS R 139 -54.56 -28.37 16.91
C HIS R 139 -53.12 -28.05 17.24
N ASP R 140 -52.83 -27.95 18.54
CA ASP R 140 -51.47 -27.73 18.98
C ASP R 140 -51.36 -28.39 20.33
N ALA R 141 -50.16 -28.47 20.89
CA ALA R 141 -49.99 -29.13 22.16
C ALA R 141 -50.32 -28.28 23.37
N ASP R 142 -50.67 -27.02 23.17
CA ASP R 142 -50.98 -26.18 24.31
C ASP R 142 -52.48 -26.11 24.67
N ASP R 143 -53.33 -26.10 23.64
CA ASP R 143 -54.77 -26.03 23.85
C ASP R 143 -55.55 -27.06 23.05
N GLY R 144 -54.90 -28.15 22.67
CA GLY R 144 -55.55 -29.18 21.89
C GLY R 144 -56.27 -28.69 20.65
N TYR R 145 -57.40 -29.32 20.34
CA TYR R 145 -58.20 -28.94 19.18
C TYR R 145 -58.91 -27.62 19.41
N GLN R 146 -58.86 -26.76 18.41
CA GLN R 146 -59.48 -25.45 18.52
C GLN R 146 -60.17 -25.05 17.25
N LEU R 147 -61.27 -24.31 17.44
CA LEU R 147 -62.06 -23.79 16.36
C LEU R 147 -62.15 -22.28 16.59
N PHE R 148 -61.86 -21.49 15.56
CA PHE R 148 -61.89 -20.05 15.70
C PHE R 148 -62.71 -19.37 14.63
N HIS R 149 -63.34 -18.25 15.00
CA HIS R 149 -64.15 -17.47 14.07
C HIS R 149 -63.45 -16.13 13.97
N ALA R 150 -63.04 -15.76 12.76
CA ALA R 150 -62.36 -14.50 12.57
C ALA R 150 -63.16 -13.63 11.61
N GLU R 151 -63.58 -12.46 12.07
CA GLU R 151 -64.37 -11.57 11.24
C GLU R 151 -63.54 -10.36 10.85
N PRO R 152 -63.98 -9.64 9.81
CA PRO R 152 -63.30 -8.44 9.32
C PRO R 152 -63.24 -7.33 10.38
N SER R 153 -63.98 -7.53 11.47
CA SER R 153 -64.01 -6.56 12.56
C SER R 153 -62.61 -6.43 13.14
N GLY R 154 -61.90 -7.55 13.16
CA GLY R 154 -60.56 -7.57 13.69
C GLY R 154 -60.57 -8.42 14.94
N THR R 155 -61.76 -8.88 15.33
CA THR R 155 -61.89 -9.71 16.51
C THR R 155 -62.12 -11.16 16.12
N PHE R 156 -61.93 -12.05 17.08
CA PHE R 156 -62.12 -13.47 16.83
C PHE R 156 -62.52 -14.17 18.11
N TYR R 157 -63.33 -15.21 17.96
CA TYR R 157 -63.80 -15.99 19.10
C TYR R 157 -63.45 -17.44 18.87
N ARG R 158 -63.63 -18.22 19.91
CA ARG R 158 -63.36 -19.65 19.84
C ARG R 158 -64.67 -20.34 20.16
N TYR R 159 -65.19 -21.11 19.22
CA TYR R 159 -66.45 -21.84 19.41
C TYR R 159 -66.22 -23.35 19.48
N ASN R 160 -67.13 -24.05 20.14
CA ASN R 160 -67.06 -25.51 20.23
C ASN R 160 -67.62 -25.95 18.89
N ALA R 161 -68.49 -25.10 18.37
CA ALA R 161 -69.13 -25.30 17.10
C ALA R 161 -69.58 -23.90 16.70
N LYS R 162 -69.55 -23.62 15.41
CA LYS R 162 -69.96 -22.32 14.91
C LYS R 162 -70.29 -22.47 13.45
N ALA R 163 -71.29 -21.73 13.00
CA ALA R 163 -71.69 -21.80 11.61
C ALA R 163 -71.87 -20.39 11.10
N ILE R 164 -71.24 -20.08 9.98
CA ILE R 164 -71.32 -18.75 9.39
C ILE R 164 -71.85 -18.93 7.98
N GLY R 165 -72.41 -17.87 7.42
CA GLY R 165 -72.94 -17.96 6.08
C GLY R 165 -74.46 -17.79 6.06
N SER R 166 -75.05 -17.82 4.88
CA SER R 166 -76.49 -17.63 4.74
C SER R 166 -77.36 -18.43 5.73
N GLY R 167 -77.08 -19.71 5.94
CA GLY R 167 -77.92 -20.49 6.85
C GLY R 167 -77.56 -20.47 8.32
N SER R 168 -76.57 -19.67 8.68
CA SER R 168 -76.09 -19.57 10.06
C SER R 168 -77.08 -19.47 11.24
N GLU R 169 -77.68 -18.30 11.43
CA GLU R 169 -78.62 -18.07 12.55
C GLU R 169 -79.46 -19.29 12.91
N GLY R 170 -79.93 -20.01 11.88
CA GLY R 170 -80.73 -21.19 12.12
C GLY R 170 -79.81 -22.34 12.50
N ALA R 171 -78.80 -22.56 11.66
CA ALA R 171 -77.83 -23.63 11.86
C ALA R 171 -77.16 -23.52 13.23
N GLN R 172 -76.80 -22.30 13.61
CA GLN R 172 -76.14 -22.05 14.88
C GLN R 172 -77.09 -22.49 15.98
N ALA R 173 -78.37 -22.17 15.79
CA ALA R 173 -79.39 -22.53 16.76
C ALA R 173 -79.42 -24.05 16.90
N GLU R 174 -79.30 -24.72 15.77
CA GLU R 174 -79.28 -26.18 15.76
C GLU R 174 -78.11 -26.62 16.63
N LEU R 175 -76.91 -26.15 16.28
CA LEU R 175 -75.69 -26.49 16.99
C LEU R 175 -75.78 -26.25 18.48
N LEU R 176 -76.56 -25.24 18.87
CA LEU R 176 -76.73 -24.91 20.28
C LEU R 176 -77.28 -26.11 21.04
N ASN R 177 -78.13 -26.87 20.37
CA ASN R 177 -78.76 -28.05 20.96
C ASN R 177 -77.93 -29.31 20.73
N GLU R 178 -77.58 -29.55 19.47
CA GLU R 178 -76.82 -30.74 19.09
C GLU R 178 -75.46 -30.93 19.77
N TRP R 179 -74.67 -29.87 19.85
CA TRP R 179 -73.33 -29.99 20.44
C TRP R 179 -73.27 -30.31 21.92
N HIS R 180 -72.30 -31.15 22.27
CA HIS R 180 -72.08 -31.52 23.65
C HIS R 180 -70.64 -32.00 23.78
N SER R 181 -70.05 -31.73 24.95
CA SER R 181 -68.66 -32.05 25.26
C SER R 181 -68.15 -33.46 25.05
N SER R 182 -68.96 -34.35 24.50
CA SER R 182 -68.50 -35.71 24.29
C SER R 182 -68.77 -36.24 22.89
N LEU R 183 -69.07 -35.33 21.97
CA LEU R 183 -69.30 -35.71 20.58
C LEU R 183 -68.08 -36.44 20.07
N THR R 184 -68.26 -37.32 19.10
CA THR R 184 -67.13 -38.03 18.54
C THR R 184 -66.87 -37.35 17.21
N LEU R 185 -65.76 -37.69 16.56
CA LEU R 185 -65.48 -37.08 15.29
C LEU R 185 -66.58 -37.50 14.31
N LYS R 186 -66.84 -38.81 14.26
CA LYS R 186 -67.87 -39.36 13.37
C LYS R 186 -69.20 -38.65 13.57
N GLU R 187 -69.58 -38.45 14.83
CA GLU R 187 -70.83 -37.78 15.16
C GLU R 187 -70.83 -36.37 14.57
N ALA R 188 -69.79 -35.60 14.85
CA ALA R 188 -69.69 -34.24 14.34
C ALA R 188 -69.77 -34.16 12.82
N GLU R 189 -69.27 -35.20 12.14
CA GLU R 189 -69.30 -35.25 10.68
C GLU R 189 -70.75 -35.25 10.18
N LEU R 190 -71.52 -36.22 10.64
CA LEU R 190 -72.91 -36.33 10.24
C LEU R 190 -73.68 -35.06 10.66
N LEU R 191 -73.42 -34.59 11.87
CA LEU R 191 -74.08 -33.39 12.39
C LEU R 191 -73.87 -32.20 11.45
N VAL R 192 -72.64 -32.04 10.95
CA VAL R 192 -72.32 -30.95 10.04
C VAL R 192 -73.06 -31.22 8.73
N LEU R 193 -72.94 -32.46 8.28
CA LEU R 193 -73.57 -32.89 7.03
C LEU R 193 -75.09 -32.72 7.10
N LYS R 194 -75.64 -32.87 8.29
CA LYS R 194 -77.07 -32.72 8.54
C LYS R 194 -77.48 -31.25 8.46
N ILE R 195 -76.94 -30.44 9.37
CA ILE R 195 -77.25 -29.00 9.39
C ILE R 195 -77.00 -28.32 8.05
N LEU R 196 -76.11 -28.90 7.24
CA LEU R 196 -75.84 -28.34 5.92
C LEU R 196 -77.02 -28.62 5.03
N LYS R 197 -77.52 -29.86 5.11
CA LYS R 197 -78.65 -30.31 4.31
C LYS R 197 -79.88 -29.45 4.61
N GLN R 198 -80.07 -29.09 5.88
CA GLN R 198 -81.20 -28.27 6.29
C GLN R 198 -81.20 -26.88 5.68
N VAL R 199 -80.11 -26.13 5.87
CA VAL R 199 -80.01 -24.77 5.36
C VAL R 199 -79.67 -24.59 3.88
N MET R 200 -79.30 -25.66 3.20
CA MET R 200 -78.95 -25.53 1.79
C MET R 200 -80.18 -25.57 0.87
N GLU R 201 -80.25 -24.59 -0.03
CA GLU R 201 -81.36 -24.54 -0.98
C GLU R 201 -81.28 -25.82 -1.80
N GLU R 202 -80.06 -26.23 -2.10
CA GLU R 202 -79.81 -27.42 -2.89
C GLU R 202 -79.92 -28.71 -2.14
N LYS R 203 -80.15 -29.80 -2.86
CA LYS R 203 -80.25 -31.11 -2.24
C LYS R 203 -78.81 -31.54 -2.01
N LEU R 204 -78.38 -31.55 -0.74
CA LEU R 204 -77.02 -31.90 -0.39
C LEU R 204 -76.54 -33.25 -0.91
N ASP R 205 -75.45 -33.21 -1.69
CA ASP R 205 -74.84 -34.40 -2.24
C ASP R 205 -73.32 -34.20 -2.15
N GLU R 206 -72.54 -35.21 -2.47
CA GLU R 206 -71.10 -35.08 -2.38
C GLU R 206 -70.50 -34.17 -3.44
N ASN R 207 -71.31 -33.35 -4.08
CA ASN R 207 -70.78 -32.44 -5.11
C ASN R 207 -71.07 -30.97 -4.93
N ASN R 208 -71.85 -30.62 -3.92
CA ASN R 208 -72.14 -29.23 -3.64
C ASN R 208 -71.91 -29.01 -2.14
N ALA R 209 -71.33 -30.02 -1.51
CA ALA R 209 -71.01 -29.99 -0.11
C ALA R 209 -69.63 -30.63 0.05
N GLN R 210 -68.84 -30.11 0.97
CA GLN R 210 -67.50 -30.64 1.19
C GLN R 210 -67.13 -30.69 2.68
N LEU R 211 -66.60 -31.82 3.12
CA LEU R 211 -66.17 -32.00 4.50
C LEU R 211 -64.66 -32.14 4.58
N SER R 212 -64.13 -31.89 5.78
CA SER R 212 -62.70 -31.99 6.02
C SER R 212 -62.52 -31.95 7.53
N CYS R 213 -61.31 -32.20 7.98
CA CYS R 213 -61.03 -32.18 9.41
C CYS R 213 -59.55 -32.05 9.73
N ILE R 214 -59.28 -31.91 11.02
CA ILE R 214 -57.93 -31.80 11.51
C ILE R 214 -57.81 -32.67 12.73
N THR R 215 -56.89 -33.63 12.67
CA THR R 215 -56.64 -34.54 13.79
C THR R 215 -55.16 -34.48 14.11
N LYS R 216 -54.83 -34.66 15.38
CA LYS R 216 -53.45 -34.62 15.81
C LYS R 216 -52.62 -35.65 15.05
N GLN R 217 -53.22 -36.80 14.77
CA GLN R 217 -52.48 -37.83 14.09
C GLN R 217 -52.20 -37.58 12.61
N ASP R 218 -53.24 -37.30 11.84
CA ASP R 218 -53.05 -37.10 10.41
C ASP R 218 -53.12 -35.66 9.91
N GLY R 219 -53.35 -34.71 10.81
CA GLY R 219 -53.41 -33.31 10.42
C GLY R 219 -54.61 -32.96 9.56
N PHE R 220 -54.55 -31.80 8.92
CA PHE R 220 -55.64 -31.33 8.08
C PHE R 220 -55.78 -32.11 6.78
N LYS R 221 -56.96 -32.66 6.57
CA LYS R 221 -57.27 -33.44 5.37
C LYS R 221 -58.64 -33.05 4.86
N ILE R 222 -58.82 -33.10 3.55
CA ILE R 222 -60.10 -32.78 2.94
C ILE R 222 -60.72 -34.08 2.39
N TYR R 223 -61.85 -34.48 2.95
CA TYR R 223 -62.53 -35.70 2.52
C TYR R 223 -62.79 -35.71 1.03
N ASP R 224 -62.29 -36.74 0.35
CA ASP R 224 -62.52 -36.85 -1.09
C ASP R 224 -63.98 -37.26 -1.26
N ASN R 225 -64.61 -36.81 -2.34
CA ASN R 225 -66.01 -37.11 -2.61
C ASN R 225 -66.49 -38.47 -2.14
N GLU R 226 -65.90 -39.54 -2.67
CA GLU R 226 -66.28 -40.90 -2.29
C GLU R 226 -66.50 -41.01 -0.79
N LYS R 227 -65.52 -40.54 0.00
CA LYS R 227 -65.63 -40.62 1.44
C LYS R 227 -66.83 -39.83 1.97
N THR R 228 -67.05 -38.64 1.41
CA THR R 228 -68.17 -37.80 1.82
C THR R 228 -69.51 -38.46 1.47
N ALA R 229 -69.63 -38.92 0.23
CA ALA R 229 -70.85 -39.56 -0.23
C ALA R 229 -71.34 -40.61 0.77
N GLU R 230 -70.49 -41.57 1.09
CA GLU R 230 -70.85 -42.64 2.03
C GLU R 230 -71.37 -42.05 3.33
N LEU R 231 -70.69 -41.02 3.84
CA LEU R 231 -71.12 -40.37 5.07
C LEU R 231 -72.53 -39.81 4.90
N ILE R 232 -72.81 -39.29 3.72
CA ILE R 232 -74.13 -38.73 3.41
C ILE R 232 -75.17 -39.87 3.46
N LYS R 233 -74.88 -40.93 2.71
CA LYS R 233 -75.74 -42.12 2.67
C LYS R 233 -76.02 -42.55 4.10
N GLU R 234 -74.96 -42.65 4.90
CA GLU R 234 -75.08 -43.04 6.29
C GLU R 234 -76.06 -42.13 7.03
N LEU R 235 -75.93 -40.81 6.80
CA LEU R 235 -76.79 -39.80 7.44
C LEU R 235 -78.26 -40.06 7.14
N LYS R 236 -78.56 -40.23 5.85
CA LYS R 236 -79.92 -40.49 5.40
C LYS R 236 -80.57 -41.66 6.15
N GLU R 237 -79.86 -42.78 6.20
CA GLU R 237 -80.37 -43.97 6.87
C GLU R 237 -80.65 -43.79 8.36
N LYS R 238 -79.75 -43.12 9.06
CA LYS R 238 -79.98 -42.89 10.48
C LYS R 238 -81.13 -41.90 10.68
N GLU R 239 -81.38 -41.04 9.68
CA GLU R 239 -82.46 -40.06 9.77
C GLU R 239 -83.80 -40.74 9.51
N ALA R 240 -83.87 -41.49 8.40
CA ALA R 240 -85.07 -42.21 8.04
C ALA R 240 -85.33 -43.29 9.08
N ALA R 241 -84.36 -43.53 9.97
CA ALA R 241 -84.49 -44.54 11.01
C ALA R 241 -85.47 -44.14 12.10
N GLU R 242 -85.85 -42.86 12.12
CA GLU R 242 -86.80 -42.35 13.11
C GLU R 242 -86.97 -40.85 12.90
N PHE S 1 -78.49 19.23 11.54
CA PHE S 1 -77.44 19.73 12.47
C PHE S 1 -76.27 18.76 12.55
N ARG S 2 -76.24 17.97 13.63
CA ARG S 2 -75.19 16.99 13.89
C ARG S 2 -74.72 16.24 12.63
N ASN S 3 -75.64 16.01 11.69
CA ASN S 3 -75.31 15.29 10.46
C ASN S 3 -74.26 15.97 9.58
N ASN S 4 -74.12 17.29 9.72
CA ASN S 4 -73.17 18.03 8.91
C ASN S 4 -71.83 18.23 9.59
N TYR S 5 -71.68 17.73 10.81
CA TYR S 5 -70.44 17.93 11.53
C TYR S 5 -69.87 16.67 12.15
N ASP S 6 -70.23 15.50 11.62
CA ASP S 6 -69.71 14.28 12.19
C ASP S 6 -69.18 13.32 11.12
N GLY S 7 -68.79 13.87 9.98
CA GLY S 7 -68.27 13.03 8.91
C GLY S 7 -66.79 12.69 9.06
N ASP S 8 -66.12 13.30 10.03
CA ASP S 8 -64.71 13.08 10.28
C ASP S 8 -64.28 13.86 11.51
N THR S 9 -63.15 13.48 12.09
CA THR S 9 -62.66 14.14 13.28
C THR S 9 -62.01 15.49 13.06
N VAL S 10 -61.86 15.90 11.83
CA VAL S 10 -61.22 17.17 11.63
C VAL S 10 -62.25 18.29 11.53
N THR S 11 -63.45 18.04 12.05
CA THR S 11 -64.52 19.03 12.01
C THR S 11 -65.15 19.34 13.35
N PHE S 12 -65.24 20.62 13.69
CA PHE S 12 -65.85 21.06 14.94
C PHE S 12 -67.31 21.36 14.70
N SER S 13 -68.18 21.08 15.67
CA SER S 13 -69.60 21.41 15.46
C SER S 13 -69.73 22.84 15.95
N PRO S 14 -70.76 23.56 15.49
CA PRO S 14 -70.95 24.95 15.90
C PRO S 14 -70.87 25.19 17.40
N THR S 15 -70.95 24.11 18.18
CA THR S 15 -70.89 24.21 19.62
C THR S 15 -69.54 23.84 20.24
N GLY S 16 -68.59 23.41 19.41
CA GLY S 16 -67.26 23.06 19.90
C GLY S 16 -67.08 21.58 20.21
N ARG S 17 -67.97 20.76 19.66
CA ARG S 17 -67.91 19.32 19.89
C ARG S 17 -67.29 18.59 18.71
N LEU S 18 -66.72 17.44 19.01
CA LEU S 18 -66.10 16.59 18.00
C LEU S 18 -66.88 15.28 18.09
N PHE S 19 -67.91 15.19 17.25
CA PHE S 19 -68.79 14.02 17.24
C PHE S 19 -68.11 12.72 17.00
N GLN S 20 -67.33 12.63 15.93
CA GLN S 20 -66.64 11.40 15.63
C GLN S 20 -65.99 10.83 16.88
N VAL S 21 -65.47 11.73 17.72
CA VAL S 21 -64.83 11.35 18.98
C VAL S 21 -65.89 10.86 19.94
N GLU S 22 -67.02 11.54 19.96
CA GLU S 22 -68.11 11.17 20.84
C GLU S 22 -68.71 9.83 20.46
N TYR S 23 -68.80 9.57 19.17
CA TYR S 23 -69.35 8.31 18.68
C TYR S 23 -68.44 7.19 19.16
N ALA S 24 -67.13 7.48 19.15
CA ALA S 24 -66.15 6.51 19.61
C ALA S 24 -66.44 6.24 21.08
N LEU S 25 -66.55 7.31 21.87
CA LEU S 25 -66.83 7.18 23.30
C LEU S 25 -68.04 6.29 23.53
N GLU S 26 -68.99 6.33 22.59
CA GLU S 26 -70.18 5.52 22.70
C GLU S 26 -69.82 4.04 22.69
N ALA S 27 -68.99 3.63 21.74
CA ALA S 27 -68.57 2.25 21.65
C ALA S 27 -68.17 1.69 23.02
N ILE S 28 -67.66 2.57 23.88
CA ILE S 28 -67.26 2.16 25.22
C ILE S 28 -68.48 1.79 26.05
N LYS S 29 -69.47 2.68 26.10
CA LYS S 29 -70.68 2.41 26.86
C LYS S 29 -71.35 1.10 26.44
N GLN S 30 -71.25 0.79 25.15
CA GLN S 30 -71.80 -0.43 24.59
C GLN S 30 -70.95 -1.61 25.05
N GLY S 31 -69.85 -1.30 25.72
CA GLY S 31 -68.94 -2.32 26.21
C GLY S 31 -69.20 -2.89 27.59
N SER S 32 -68.78 -4.14 27.78
CA SER S 32 -68.96 -4.84 29.04
C SER S 32 -68.25 -4.12 30.19
N VAL S 33 -68.96 -3.96 31.29
CA VAL S 33 -68.42 -3.29 32.48
C VAL S 33 -67.12 -3.90 33.00
N THR S 34 -66.29 -3.02 33.53
CA THR S 34 -65.00 -3.39 34.10
C THR S 34 -64.68 -2.38 35.22
N VAL S 35 -64.16 -2.88 36.34
CA VAL S 35 -63.86 -2.04 37.49
C VAL S 35 -62.40 -2.00 37.91
N GLY S 36 -61.96 -0.82 38.36
CA GLY S 36 -60.61 -0.64 38.84
C GLY S 36 -60.63 0.11 40.15
N LEU S 37 -59.80 -0.31 41.10
CA LEU S 37 -59.71 0.35 42.41
C LEU S 37 -58.35 0.00 43.03
N ARG S 38 -57.86 0.87 43.90
CA ARG S 38 -56.55 0.63 44.52
C ARG S 38 -56.47 1.09 45.95
N SER S 39 -55.57 0.48 46.71
CA SER S 39 -55.31 0.87 48.09
C SER S 39 -53.96 1.58 48.02
N ASN S 40 -53.11 1.39 49.01
CA ASN S 40 -51.81 2.03 48.98
C ASN S 40 -50.75 1.00 48.72
N THR S 41 -51.13 -0.26 48.78
CA THR S 41 -50.19 -1.33 48.52
C THR S 41 -50.52 -2.11 47.24
N HIS S 42 -51.78 -2.07 46.82
CA HIS S 42 -52.17 -2.78 45.61
C HIS S 42 -53.18 -2.03 44.78
N ALA S 43 -53.30 -2.46 43.53
CA ALA S 43 -54.25 -1.91 42.57
C ALA S 43 -54.94 -3.13 41.97
N VAL S 44 -56.24 -3.03 41.71
CA VAL S 44 -56.95 -4.17 41.18
C VAL S 44 -57.89 -3.85 40.05
N LEU S 45 -58.06 -4.84 39.20
CA LEU S 45 -58.95 -4.75 38.06
C LEU S 45 -59.90 -5.93 38.12
N VAL S 46 -61.18 -5.65 37.86
CA VAL S 46 -62.21 -6.68 37.82
C VAL S 46 -63.00 -6.34 36.57
N ALA S 47 -63.22 -7.33 35.73
CA ALA S 47 -63.94 -7.11 34.49
C ALA S 47 -64.90 -8.26 34.19
N LEU S 48 -66.01 -7.90 33.54
CA LEU S 48 -67.03 -8.87 33.17
C LEU S 48 -66.77 -9.31 31.73
N LYS S 49 -66.41 -10.58 31.54
CA LYS S 49 -66.15 -11.06 30.20
C LYS S 49 -67.48 -11.42 29.53
N ARG S 50 -67.65 -10.94 28.31
CA ARG S 50 -68.87 -11.17 27.54
C ARG S 50 -68.62 -12.25 26.48
N ASN S 51 -69.57 -13.16 26.28
CA ASN S 51 -69.42 -14.21 25.28
C ASN S 51 -70.49 -14.09 24.19
N ALA S 52 -70.23 -14.68 23.02
CA ALA S 52 -71.17 -14.64 21.90
C ALA S 52 -72.33 -15.62 22.10
N ASP S 53 -72.07 -16.90 21.84
CA ASP S 53 -73.07 -17.95 22.02
C ASP S 53 -72.73 -18.57 23.34
N GLU S 54 -73.18 -19.79 23.54
CA GLU S 54 -72.86 -20.53 24.74
C GLU S 54 -71.90 -21.59 24.26
N LEU S 55 -71.60 -21.53 22.96
CA LEU S 55 -70.67 -22.45 22.35
C LEU S 55 -69.35 -21.70 22.16
N SER S 56 -69.39 -20.38 22.35
CA SER S 56 -68.18 -19.57 22.20
C SER S 56 -67.51 -19.32 23.53
N SER S 57 -66.31 -18.76 23.45
CA SER S 57 -65.51 -18.43 24.62
C SER S 57 -65.91 -17.04 25.09
N TYR S 58 -65.36 -16.61 26.23
CA TYR S 58 -65.62 -15.27 26.72
C TYR S 58 -64.35 -14.51 26.34
N GLN S 59 -64.50 -13.33 25.77
CA GLN S 59 -63.36 -12.54 25.33
C GLN S 59 -62.57 -11.86 26.44
N LYS S 60 -61.25 -11.97 26.38
CA LYS S 60 -60.39 -11.39 27.41
C LYS S 60 -60.55 -9.88 27.50
N LYS S 61 -60.56 -9.36 28.72
CA LYS S 61 -60.75 -7.93 28.97
C LYS S 61 -59.52 -7.30 29.59
N ILE S 62 -58.66 -8.14 30.15
CA ILE S 62 -57.43 -7.68 30.81
C ILE S 62 -56.14 -8.03 30.07
N ILE S 63 -55.26 -7.04 29.96
CA ILE S 63 -53.99 -7.22 29.27
C ILE S 63 -52.81 -6.73 30.12
N LYS S 64 -51.73 -7.50 30.09
CA LYS S 64 -50.53 -7.18 30.83
C LYS S 64 -49.57 -6.43 29.92
N CYS S 65 -49.03 -5.32 30.40
CA CYS S 65 -48.11 -4.52 29.62
C CYS S 65 -46.67 -4.61 30.09
N ASP S 66 -46.51 -5.05 31.33
CA ASP S 66 -45.18 -5.21 31.93
C ASP S 66 -45.39 -5.97 33.25
N GLU S 67 -44.33 -6.17 34.02
CA GLU S 67 -44.44 -6.88 35.28
C GLU S 67 -45.06 -5.98 36.34
N HIS S 68 -45.10 -4.68 36.06
CA HIS S 68 -45.64 -3.74 37.02
C HIS S 68 -46.84 -2.96 36.49
N MET S 69 -47.26 -3.24 35.26
CA MET S 69 -48.36 -2.49 34.67
C MET S 69 -49.30 -3.34 33.82
N GLY S 70 -50.57 -2.98 33.81
CA GLY S 70 -51.54 -3.71 33.03
C GLY S 70 -52.80 -2.89 32.93
N LEU S 71 -53.79 -3.40 32.19
CA LEU S 71 -55.04 -2.66 32.03
C LEU S 71 -56.22 -3.54 31.64
N SER S 72 -57.41 -2.96 31.70
CA SER S 72 -58.62 -3.66 31.32
C SER S 72 -59.22 -2.79 30.23
N LEU S 73 -59.92 -3.42 29.30
CA LEU S 73 -60.52 -2.74 28.17
C LEU S 73 -62.05 -2.87 28.10
N ALA S 74 -62.67 -1.92 27.42
CA ALA S 74 -64.12 -1.91 27.21
C ALA S 74 -64.31 -1.19 25.89
N GLY S 75 -64.84 -1.90 24.91
CA GLY S 75 -65.03 -1.29 23.60
C GLY S 75 -64.42 -2.16 22.52
N LEU S 76 -63.83 -1.52 21.51
CA LEU S 76 -63.20 -2.24 20.39
C LEU S 76 -61.98 -3.05 20.78
N ALA S 77 -62.12 -4.36 20.88
CA ALA S 77 -61.00 -5.21 21.25
C ALA S 77 -59.72 -4.86 20.48
N PRO S 78 -59.77 -4.87 19.15
CA PRO S 78 -58.59 -4.55 18.33
C PRO S 78 -57.84 -3.32 18.82
N ASP S 79 -58.57 -2.23 19.03
CA ASP S 79 -57.91 -1.01 19.48
C ASP S 79 -57.20 -1.16 20.83
N ALA S 80 -57.71 -2.03 21.69
CA ALA S 80 -57.06 -2.24 22.98
C ALA S 80 -55.73 -2.93 22.73
N ARG S 81 -55.75 -3.89 21.81
CA ARG S 81 -54.56 -4.63 21.43
C ARG S 81 -53.53 -3.65 20.90
N VAL S 82 -53.96 -2.77 20.02
CA VAL S 82 -53.06 -1.78 19.45
C VAL S 82 -52.48 -0.90 20.54
N LEU S 83 -53.35 -0.31 21.36
CA LEU S 83 -52.91 0.58 22.44
C LEU S 83 -52.09 -0.10 23.54
N SER S 84 -52.48 -1.31 23.95
CA SER S 84 -51.76 -2.02 25.00
C SER S 84 -50.40 -2.42 24.47
N ASN S 85 -50.40 -2.89 23.23
CA ASN S 85 -49.18 -3.31 22.61
C ASN S 85 -48.24 -2.12 22.55
N TYR S 86 -48.77 -0.94 22.25
CA TYR S 86 -47.95 0.26 22.21
C TYR S 86 -47.49 0.63 23.61
N LEU S 87 -48.31 0.34 24.60
CA LEU S 87 -47.93 0.66 25.97
C LEU S 87 -46.86 -0.33 26.43
N ARG S 88 -46.85 -1.52 25.85
CA ARG S 88 -45.82 -2.51 26.19
C ARG S 88 -44.47 -1.99 25.68
N GLN S 89 -44.43 -1.54 24.44
CA GLN S 89 -43.21 -0.99 23.85
C GLN S 89 -42.64 0.11 24.72
N GLN S 90 -43.48 1.08 25.10
CA GLN S 90 -43.00 2.17 25.93
C GLN S 90 -42.36 1.70 27.24
N CYS S 91 -42.96 0.70 27.88
CA CYS S 91 -42.41 0.19 29.13
C CYS S 91 -41.05 -0.40 28.80
N ASN S 92 -41.05 -1.18 27.73
CA ASN S 92 -39.88 -1.86 27.22
C ASN S 92 -38.74 -0.88 26.96
N TYR S 93 -39.05 0.16 26.20
CA TYR S 93 -38.07 1.18 25.85
C TYR S 93 -37.54 1.85 27.10
N SER S 94 -38.41 2.09 28.07
CA SER S 94 -37.97 2.73 29.31
C SER S 94 -36.90 1.86 30.00
N SER S 95 -37.08 0.54 29.94
CA SER S 95 -36.12 -0.38 30.55
C SER S 95 -34.83 -0.39 29.75
N LEU S 96 -34.91 -0.99 28.56
CA LEU S 96 -33.76 -1.10 27.68
C LEU S 96 -32.89 0.14 27.64
N VAL S 97 -33.48 1.33 27.54
CA VAL S 97 -32.66 2.52 27.50
C VAL S 97 -32.25 3.17 28.81
N PHE S 98 -33.15 3.24 29.78
CA PHE S 98 -32.80 3.88 31.05
C PHE S 98 -32.72 2.95 32.23
N ASN S 99 -33.06 1.68 32.01
CA ASN S 99 -33.06 0.68 33.08
C ASN S 99 -33.94 1.31 34.15
N ARG S 100 -35.13 1.73 33.71
CA ARG S 100 -36.09 2.40 34.57
C ARG S 100 -37.51 1.95 34.28
N LYS S 101 -38.27 1.64 35.32
CA LYS S 101 -39.65 1.22 35.11
C LYS S 101 -40.51 2.45 34.76
N LEU S 102 -41.26 2.34 33.67
CA LEU S 102 -42.12 3.42 33.20
C LEU S 102 -43.22 3.69 34.23
N ALA S 103 -43.15 4.86 34.83
CA ALA S 103 -44.13 5.27 35.83
C ALA S 103 -45.51 5.29 35.21
N VAL S 104 -46.50 4.85 35.98
CA VAL S 104 -47.89 4.80 35.51
C VAL S 104 -48.33 6.16 35.00
N GLU S 105 -48.05 7.19 35.77
CA GLU S 105 -48.42 8.54 35.39
C GLU S 105 -47.93 8.90 34.00
N ARG S 106 -46.74 8.46 33.66
CA ARG S 106 -46.16 8.74 32.35
C ARG S 106 -46.81 7.91 31.25
N ALA S 107 -47.03 6.63 31.55
CA ALA S 107 -47.67 5.73 30.59
C ALA S 107 -48.95 6.43 30.14
N GLY S 108 -49.63 7.03 31.11
CA GLY S 108 -50.85 7.75 30.82
C GLY S 108 -50.56 8.88 29.86
N HIS S 109 -49.65 9.79 30.23
CA HIS S 109 -49.31 10.93 29.38
C HIS S 109 -49.04 10.46 27.95
N LEU S 110 -48.44 9.28 27.84
CA LEU S 110 -48.11 8.73 26.54
C LEU S 110 -49.36 8.35 25.78
N LEU S 111 -50.25 7.60 26.43
CA LEU S 111 -51.52 7.18 25.82
C LEU S 111 -52.30 8.39 25.33
N CYS S 112 -52.43 9.38 26.20
CA CYS S 112 -53.15 10.59 25.86
C CYS S 112 -52.60 11.19 24.57
N ASP S 113 -51.30 11.38 24.51
CA ASP S 113 -50.75 11.99 23.32
C ASP S 113 -50.91 11.13 22.09
N LYS S 114 -50.96 9.82 22.27
CA LYS S 114 -51.13 8.94 21.12
C LYS S 114 -52.53 9.12 20.60
N ALA S 115 -53.49 9.02 21.51
CA ALA S 115 -54.88 9.18 21.15
C ALA S 115 -55.12 10.53 20.46
N GLN S 116 -54.77 11.61 21.15
CA GLN S 116 -54.96 12.94 20.61
C GLN S 116 -54.58 13.07 19.14
N LYS S 117 -53.54 12.38 18.69
CA LYS S 117 -53.12 12.46 17.30
C LYS S 117 -54.16 11.98 16.28
N ASN S 118 -55.03 11.07 16.70
CA ASN S 118 -56.07 10.57 15.81
C ASN S 118 -57.36 11.40 15.84
N THR S 119 -57.27 12.62 16.38
CA THR S 119 -58.44 13.49 16.47
C THR S 119 -58.19 14.91 15.95
N GLN S 120 -57.19 15.07 15.09
CA GLN S 120 -56.90 16.40 14.55
C GLN S 120 -56.33 16.31 13.13
N SER S 121 -56.14 15.08 12.66
CA SER S 121 -55.60 14.83 11.34
C SER S 121 -56.58 14.08 10.46
N TYR S 122 -56.75 14.56 9.24
CA TYR S 122 -57.65 13.95 8.28
C TYR S 122 -57.30 12.48 8.10
N GLY S 123 -58.29 11.67 7.74
CA GLY S 123 -58.04 10.27 7.51
C GLY S 123 -57.95 9.38 8.73
N GLY S 124 -57.57 9.94 9.87
CA GLY S 124 -57.47 9.12 11.06
C GLY S 124 -58.80 8.96 11.77
N ARG S 125 -58.92 7.98 12.65
CA ARG S 125 -60.14 7.77 13.41
C ARG S 125 -59.76 7.62 14.87
N PRO S 126 -60.65 8.05 15.78
CA PRO S 126 -60.31 7.91 17.19
C PRO S 126 -60.31 6.42 17.55
N TYR S 127 -59.82 6.10 18.74
CA TYR S 127 -59.78 4.72 19.18
C TYR S 127 -61.11 4.48 19.88
N GLY S 128 -61.78 3.39 19.53
CA GLY S 128 -63.05 3.09 20.14
C GLY S 128 -62.92 2.18 21.33
N VAL S 129 -62.10 2.57 22.29
CA VAL S 129 -61.92 1.72 23.45
C VAL S 129 -61.54 2.54 24.67
N GLY S 130 -62.02 2.08 25.82
CA GLY S 130 -61.71 2.74 27.08
C GLY S 130 -60.77 1.83 27.83
N LEU S 131 -59.86 2.41 28.61
CA LEU S 131 -58.92 1.59 29.34
C LEU S 131 -58.78 2.00 30.78
N LEU S 132 -58.52 1.01 31.63
CA LEU S 132 -58.30 1.24 33.04
C LEU S 132 -56.93 0.65 33.32
N ILE S 133 -55.94 1.52 33.51
CA ILE S 133 -54.59 1.05 33.77
C ILE S 133 -54.23 1.10 35.25
N ILE S 134 -53.73 -0.01 35.77
CA ILE S 134 -53.30 -0.08 37.16
C ILE S 134 -51.81 -0.35 37.08
N GLY S 135 -51.10 -0.02 38.15
CA GLY S 135 -49.67 -0.26 38.15
C GLY S 135 -48.99 0.18 39.44
N TYR S 136 -47.89 -0.47 39.75
CA TYR S 136 -47.13 -0.14 40.94
C TYR S 136 -45.77 0.36 40.48
N ASP S 137 -45.42 1.58 40.87
CA ASP S 137 -44.15 2.15 40.49
C ASP S 137 -43.45 2.78 41.68
N LYS S 138 -42.48 3.67 41.43
CA LYS S 138 -41.75 4.31 42.52
C LYS S 138 -42.57 5.22 43.43
N SER S 139 -43.81 5.49 43.07
CA SER S 139 -44.61 6.34 43.92
C SER S 139 -45.84 5.60 44.42
N GLY S 140 -45.80 4.26 44.31
CA GLY S 140 -46.88 3.45 44.81
C GLY S 140 -47.80 2.79 43.80
N ALA S 141 -49.04 2.60 44.21
CA ALA S 141 -50.06 1.98 43.37
C ALA S 141 -50.81 3.08 42.62
N HIS S 142 -51.30 2.76 41.44
CA HIS S 142 -51.99 3.74 40.63
C HIS S 142 -53.10 3.15 39.79
N LEU S 143 -54.08 4.00 39.50
CA LEU S 143 -55.22 3.66 38.68
C LEU S 143 -55.46 4.81 37.69
N LEU S 144 -55.60 4.44 36.42
CA LEU S 144 -55.81 5.40 35.37
C LEU S 144 -57.02 5.04 34.54
N GLU S 145 -57.72 6.06 34.05
CA GLU S 145 -58.87 5.84 33.20
C GLU S 145 -58.59 6.52 31.88
N PHE S 146 -58.51 5.71 30.83
CA PHE S 146 -58.23 6.22 29.51
C PHE S 146 -59.44 6.36 28.62
N GLN S 147 -59.68 7.58 28.11
CA GLN S 147 -60.79 7.83 27.20
C GLN S 147 -60.27 8.22 25.82
N PRO S 148 -60.84 7.62 24.76
CA PRO S 148 -60.49 7.85 23.35
C PRO S 148 -60.35 9.30 23.00
N SER S 149 -60.94 10.16 23.82
CA SER S 149 -60.85 11.60 23.60
C SER S 149 -59.41 12.02 23.85
N GLY S 150 -58.74 11.20 24.65
CA GLY S 150 -57.35 11.46 25.00
C GLY S 150 -57.25 11.74 26.49
N ASN S 151 -58.39 12.03 27.12
CA ASN S 151 -58.42 12.32 28.55
C ASN S 151 -58.08 11.14 29.44
N VAL S 152 -56.92 11.24 30.10
CA VAL S 152 -56.47 10.19 31.00
C VAL S 152 -56.51 10.77 32.40
N THR S 153 -57.11 10.03 33.32
CA THR S 153 -57.25 10.53 34.69
C THR S 153 -56.87 9.52 35.76
N GLU S 154 -56.24 10.03 36.81
CA GLU S 154 -55.83 9.17 37.91
C GLU S 154 -56.89 9.22 38.99
N LEU S 155 -57.39 8.04 39.39
CA LEU S 155 -58.44 7.93 40.38
C LEU S 155 -58.10 6.85 41.39
N TYR S 156 -58.90 6.75 42.45
CA TYR S 156 -58.71 5.73 43.47
C TYR S 156 -59.38 4.48 42.96
N GLY S 157 -60.45 4.70 42.21
CA GLY S 157 -61.18 3.59 41.62
C GLY S 157 -62.15 4.11 40.59
N THR S 158 -62.73 3.21 39.82
CA THR S 158 -63.70 3.61 38.81
C THR S 158 -64.16 2.41 37.99
N ALA S 159 -65.07 2.69 37.07
CA ALA S 159 -65.60 1.66 36.20
C ALA S 159 -66.01 2.28 34.87
N ILE S 160 -66.14 1.43 33.86
CA ILE S 160 -66.57 1.88 32.55
C ILE S 160 -67.26 0.70 31.91
N GLY S 161 -68.14 0.99 30.98
CA GLY S 161 -68.90 -0.06 30.32
C GLY S 161 -70.37 0.07 30.68
N ALA S 162 -71.20 -0.76 30.08
CA ALA S 162 -72.64 -0.71 30.33
C ALA S 162 -72.95 -0.91 31.81
N ARG S 163 -73.78 0.00 32.35
CA ARG S 163 -74.19 -0.07 33.75
C ARG S 163 -73.07 0.28 34.71
N SER S 164 -71.94 0.71 34.16
CA SER S 164 -70.77 1.07 34.96
C SER S 164 -71.12 2.02 36.10
N GLN S 165 -72.05 2.93 35.84
CA GLN S 165 -72.47 3.90 36.84
C GLN S 165 -72.82 3.25 38.18
N GLY S 166 -73.31 2.02 38.12
CA GLY S 166 -73.66 1.28 39.33
C GLY S 166 -72.46 1.11 40.23
N ALA S 167 -71.44 0.43 39.71
CA ALA S 167 -70.22 0.19 40.43
C ALA S 167 -69.57 1.50 40.88
N LYS S 168 -69.48 2.45 39.95
CA LYS S 168 -68.85 3.74 40.24
C LYS S 168 -69.44 4.43 41.48
N THR S 169 -70.76 4.41 41.61
CA THR S 169 -71.41 5.01 42.77
C THR S 169 -70.98 4.21 43.99
N TYR S 170 -71.03 2.90 43.86
CA TYR S 170 -70.66 2.00 44.95
C TYR S 170 -69.24 2.28 45.44
N LEU S 171 -68.31 2.51 44.51
CA LEU S 171 -66.94 2.80 44.91
C LEU S 171 -66.88 4.18 45.56
N GLU S 172 -67.53 5.14 44.91
CA GLU S 172 -67.58 6.52 45.38
C GLU S 172 -68.05 6.57 46.83
N ARG S 173 -68.80 5.55 47.21
CA ARG S 173 -69.37 5.41 48.54
C ARG S 173 -68.37 4.68 49.45
N THR S 174 -67.87 3.54 48.97
CA THR S 174 -66.93 2.69 49.69
C THR S 174 -65.53 3.28 49.80
N LEU S 175 -65.29 4.38 49.09
CA LEU S 175 -63.97 5.02 49.06
C LEU S 175 -63.09 4.87 50.29
N ASP S 176 -63.38 5.65 51.33
CA ASP S 176 -62.60 5.64 52.56
C ASP S 176 -62.30 4.25 53.09
N THR S 177 -63.03 3.26 52.61
CA THR S 177 -62.85 1.89 53.06
C THR S 177 -61.80 1.09 52.30
N PHE S 178 -61.97 0.96 50.99
CA PHE S 178 -61.02 0.19 50.20
C PHE S 178 -59.64 0.83 50.06
N ILE S 179 -59.59 2.16 50.11
CA ILE S 179 -58.33 2.87 49.97
C ILE S 179 -57.35 2.51 51.09
N LYS S 180 -57.88 2.00 52.18
CA LYS S 180 -57.05 1.63 53.32
C LYS S 180 -56.79 0.14 53.38
N ILE S 181 -57.26 -0.61 52.39
CA ILE S 181 -57.04 -2.05 52.35
C ILE S 181 -55.61 -2.37 51.93
N ASP S 182 -54.67 -2.14 52.83
CA ASP S 182 -53.27 -2.37 52.56
C ASP S 182 -52.83 -3.70 53.16
N GLY S 183 -51.80 -4.28 52.59
CA GLY S 183 -51.31 -5.54 53.12
C GLY S 183 -52.31 -6.67 52.98
N ASN S 184 -53.32 -6.49 52.15
CA ASN S 184 -54.30 -7.54 51.96
C ASN S 184 -54.94 -7.49 50.59
N PRO S 185 -54.37 -8.24 49.64
CA PRO S 185 -54.87 -8.29 48.27
C PRO S 185 -56.28 -8.88 48.17
N ASP S 186 -56.53 -9.99 48.88
CA ASP S 186 -57.84 -10.63 48.84
C ASP S 186 -58.98 -9.70 49.23
N GLU S 187 -58.71 -8.82 50.19
CA GLU S 187 -59.71 -7.86 50.63
C GLU S 187 -59.96 -6.83 49.55
N LEU S 188 -58.89 -6.28 49.00
CA LEU S 188 -59.03 -5.29 47.94
C LEU S 188 -59.77 -5.91 46.76
N ILE S 189 -59.53 -7.20 46.52
CA ILE S 189 -60.20 -7.88 45.41
C ILE S 189 -61.69 -8.04 45.67
N LYS S 190 -62.06 -8.54 46.86
CA LYS S 190 -63.47 -8.71 47.17
C LYS S 190 -64.22 -7.38 47.06
N ALA S 191 -63.58 -6.28 47.46
CA ALA S 191 -64.20 -4.96 47.37
C ALA S 191 -64.37 -4.64 45.90
N GLY S 192 -63.52 -5.24 45.09
CA GLY S 192 -63.58 -5.02 43.66
C GLY S 192 -64.70 -5.80 43.03
N VAL S 193 -64.91 -7.02 43.50
CA VAL S 193 -65.97 -7.88 42.96
C VAL S 193 -67.34 -7.30 43.34
N GLU S 194 -67.41 -6.70 44.52
CA GLU S 194 -68.64 -6.09 44.99
C GLU S 194 -68.99 -4.91 44.12
N ALA S 195 -68.02 -4.02 43.91
CA ALA S 195 -68.24 -2.86 43.09
C ALA S 195 -68.77 -3.25 41.72
N ILE S 196 -68.22 -4.32 41.16
CA ILE S 196 -68.65 -4.75 39.84
C ILE S 196 -70.03 -5.40 39.83
N SER S 197 -70.34 -6.20 40.84
CA SER S 197 -71.67 -6.85 40.85
C SER S 197 -72.75 -5.78 40.94
N GLN S 198 -72.34 -4.56 41.28
CA GLN S 198 -73.24 -3.42 41.39
C GLN S 198 -73.71 -2.97 40.00
N SER S 199 -73.10 -3.51 38.96
CA SER S 199 -73.44 -3.17 37.59
C SER S 199 -73.98 -4.39 36.85
N LEU S 200 -74.32 -5.43 37.59
CA LEU S 200 -74.87 -6.65 37.02
C LEU S 200 -76.33 -6.37 36.69
N ARG S 201 -77.02 -7.34 36.12
CA ARG S 201 -78.42 -7.16 35.75
C ARG S 201 -78.81 -8.43 35.02
N ASP S 202 -78.27 -8.56 33.81
CA ASP S 202 -78.50 -9.72 32.97
C ASP S 202 -78.39 -10.97 33.85
N GLU S 203 -77.16 -11.28 34.26
CA GLU S 203 -76.91 -12.47 35.06
C GLU S 203 -76.08 -12.15 36.31
N SER S 204 -75.37 -13.17 36.77
CA SER S 204 -74.50 -13.07 37.94
C SER S 204 -73.12 -13.60 37.52
N LEU S 205 -72.07 -12.94 38.01
CA LEU S 205 -70.71 -13.33 37.67
C LEU S 205 -70.37 -14.77 38.04
N THR S 206 -69.99 -15.53 37.03
CA THR S 206 -69.63 -16.94 37.18
C THR S 206 -68.11 -17.12 37.07
N VAL S 207 -67.65 -18.37 37.09
CA VAL S 207 -66.22 -18.67 37.03
C VAL S 207 -65.56 -18.41 35.69
N ASP S 208 -66.23 -18.75 34.60
CA ASP S 208 -65.65 -18.53 33.29
C ASP S 208 -66.20 -17.23 32.74
N ASN S 209 -66.66 -16.38 33.65
CA ASN S 209 -67.25 -15.11 33.29
C ASN S 209 -66.50 -13.94 33.94
N LEU S 210 -66.01 -14.18 35.16
CA LEU S 210 -65.29 -13.17 35.92
C LEU S 210 -63.80 -13.16 35.60
N SER S 211 -63.22 -11.97 35.57
CA SER S 211 -61.81 -11.76 35.28
C SER S 211 -61.22 -10.75 36.26
N ILE S 212 -60.14 -11.16 36.95
CA ILE S 212 -59.50 -10.28 37.92
C ILE S 212 -58.00 -10.17 37.68
N ALA S 213 -57.45 -9.01 38.00
CA ALA S 213 -56.03 -8.75 37.84
C ALA S 213 -55.54 -7.91 39.02
N ILE S 214 -54.29 -8.15 39.43
CA ILE S 214 -53.73 -7.40 40.54
C ILE S 214 -52.23 -7.15 40.44
N VAL S 215 -51.84 -5.95 40.86
CA VAL S 215 -50.44 -5.53 40.87
C VAL S 215 -50.20 -4.89 42.25
N GLY S 216 -48.94 -4.83 42.68
CA GLY S 216 -48.66 -4.24 43.96
C GLY S 216 -47.22 -4.30 44.43
N LYS S 217 -47.01 -3.85 45.66
CA LYS S 217 -45.71 -3.79 46.30
C LYS S 217 -44.81 -4.95 45.90
N ASP S 218 -45.12 -6.15 46.37
CA ASP S 218 -44.30 -7.29 46.00
C ASP S 218 -45.11 -8.23 45.13
N THR S 219 -46.06 -7.64 44.41
CA THR S 219 -46.90 -8.43 43.54
C THR S 219 -46.80 -8.05 42.07
N PRO S 220 -46.25 -8.94 41.24
CA PRO S 220 -46.15 -8.61 39.83
C PRO S 220 -47.54 -8.74 39.23
N PHE S 221 -47.90 -7.81 38.34
CA PHE S 221 -49.21 -7.81 37.69
C PHE S 221 -49.57 -9.21 37.23
N THR S 222 -50.61 -9.78 37.83
CA THR S 222 -51.04 -11.13 37.47
C THR S 222 -52.54 -11.24 37.30
N ILE S 223 -52.94 -11.86 36.20
CA ILE S 223 -54.34 -12.04 35.84
C ILE S 223 -54.89 -13.37 36.31
N TYR S 224 -56.15 -13.34 36.78
CA TYR S 224 -56.81 -14.56 37.26
C TYR S 224 -58.11 -14.84 36.51
N ASP S 225 -58.25 -16.08 36.05
CA ASP S 225 -59.44 -16.47 35.31
C ASP S 225 -59.89 -17.87 35.65
N GLY S 226 -61.18 -18.11 35.46
CA GLY S 226 -61.75 -19.41 35.76
C GLY S 226 -61.48 -19.82 37.20
N GLU S 227 -61.36 -21.12 37.41
CA GLU S 227 -61.07 -21.71 38.72
C GLU S 227 -60.33 -20.76 39.66
N ALA S 228 -59.40 -19.98 39.11
CA ALA S 228 -58.60 -19.05 39.88
C ALA S 228 -59.44 -18.00 40.61
N VAL S 229 -60.54 -17.59 40.00
CA VAL S 229 -61.42 -16.57 40.60
C VAL S 229 -62.53 -17.20 41.44
N ALA S 230 -62.72 -18.51 41.28
CA ALA S 230 -63.75 -19.24 42.01
C ALA S 230 -63.88 -18.79 43.47
N LYS S 231 -62.75 -18.59 44.15
CA LYS S 231 -62.76 -18.19 45.55
C LYS S 231 -63.24 -16.77 45.81
N TYR S 232 -63.84 -16.13 44.81
CA TYR S 232 -64.33 -14.77 44.99
C TYR S 232 -65.80 -14.66 44.64
N ILE S 233 -66.31 -15.66 43.92
CA ILE S 233 -67.71 -15.68 43.54
C ILE S 233 -68.53 -16.28 44.68
N GLY T 1 -73.84 31.52 -0.74
CA GLY T 1 -74.59 30.35 -0.19
C GLY T 1 -74.29 30.07 1.29
N THR T 2 -74.14 28.79 1.64
CA THR T 2 -73.83 28.40 3.02
C THR T 2 -72.83 27.24 3.04
N GLY T 3 -72.62 26.64 4.22
CA GLY T 3 -71.69 25.54 4.31
C GLY T 3 -70.26 26.01 4.48
N TYR T 4 -70.11 27.32 4.68
CA TYR T 4 -68.79 27.91 4.87
C TYR T 4 -68.22 27.59 6.25
N ASP T 5 -68.82 26.62 6.93
CA ASP T 5 -68.37 26.24 8.26
C ASP T 5 -68.15 24.74 8.40
N LEU T 6 -67.99 24.05 7.27
CA LEU T 6 -67.77 22.61 7.31
C LEU T 6 -66.29 22.24 7.07
N SER T 7 -65.52 23.17 6.51
CA SER T 7 -64.10 22.95 6.24
C SER T 7 -63.27 23.99 6.98
N ASN T 8 -62.10 23.57 7.46
CA ASN T 8 -61.26 24.47 8.23
C ASN T 8 -60.59 25.67 7.55
N SER T 9 -60.16 25.59 6.31
CA SER T 9 -59.50 26.76 5.79
C SER T 9 -60.37 27.72 5.00
N VAL T 10 -61.69 27.52 5.04
CA VAL T 10 -62.61 28.36 4.26
C VAL T 10 -63.02 29.72 4.81
N PHE T 11 -63.00 30.73 3.94
CA PHE T 11 -63.40 32.07 4.34
C PHE T 11 -64.89 32.21 4.10
N SER T 12 -65.63 32.60 5.12
CA SER T 12 -67.07 32.82 4.96
C SER T 12 -67.14 34.10 4.13
N PRO T 13 -68.32 34.44 3.57
CA PRO T 13 -68.44 35.65 2.76
C PRO T 13 -68.13 36.96 3.50
N ASP T 14 -68.20 36.92 4.82
CA ASP T 14 -67.88 38.10 5.61
C ASP T 14 -66.44 38.08 6.07
N GLY T 15 -65.68 37.09 5.60
CA GLY T 15 -64.26 36.99 5.94
C GLY T 15 -63.88 36.26 7.20
N ARG T 16 -64.71 35.35 7.67
CA ARG T 16 -64.40 34.62 8.89
C ARG T 16 -64.03 33.18 8.64
N ASN T 17 -63.61 32.52 9.71
CA ASN T 17 -63.24 31.12 9.67
C ASN T 17 -64.05 30.46 10.78
N PHE T 18 -65.26 30.05 10.46
CA PHE T 18 -66.13 29.44 11.45
C PHE T 18 -65.53 28.29 12.23
N GLN T 19 -64.78 27.41 11.55
CA GLN T 19 -64.18 26.30 12.26
C GLN T 19 -63.37 26.78 13.45
N VAL T 20 -62.60 27.85 13.25
CA VAL T 20 -61.80 28.43 14.31
C VAL T 20 -62.74 28.95 15.38
N GLU T 21 -63.77 29.64 14.92
CA GLU T 21 -64.76 30.19 15.83
C GLU T 21 -65.45 29.08 16.63
N TYR T 22 -65.74 27.95 15.98
CA TYR T 22 -66.37 26.84 16.70
C TYR T 22 -65.41 26.28 17.71
N ALA T 23 -64.11 26.43 17.44
CA ALA T 23 -63.08 25.92 18.36
C ALA T 23 -63.15 26.73 19.65
N VAL T 24 -63.23 28.04 19.49
CA VAL T 24 -63.32 28.95 20.62
C VAL T 24 -64.43 28.49 21.53
N LYS T 25 -65.47 27.90 20.95
CA LYS T 25 -66.59 27.42 21.76
C LYS T 25 -66.07 26.37 22.71
N ALA T 26 -65.38 25.37 22.18
CA ALA T 26 -64.82 24.30 22.99
C ALA T 26 -63.97 24.86 24.13
N VAL T 27 -63.37 26.02 23.89
CA VAL T 27 -62.52 26.66 24.90
C VAL T 27 -63.33 27.29 26.01
N GLU T 28 -64.19 28.24 25.64
CA GLU T 28 -65.04 28.94 26.61
C GLU T 28 -65.74 27.95 27.51
N ASN T 29 -66.03 26.79 26.94
CA ASN T 29 -66.73 25.76 27.67
C ASN T 29 -65.83 25.11 28.72
N GLY T 30 -64.52 25.26 28.56
CA GLY T 30 -63.61 24.67 29.50
C GLY T 30 -63.46 25.39 30.83
N THR T 31 -62.60 24.80 31.68
CA THR T 31 -62.29 25.33 33.01
C THR T 31 -61.67 26.72 32.88
N THR T 32 -61.64 27.44 33.97
CA THR T 32 -61.08 28.78 33.93
C THR T 32 -59.61 28.74 34.40
N SER T 33 -58.80 29.61 33.82
CA SER T 33 -57.39 29.69 34.14
C SER T 33 -56.88 31.10 33.88
N ILE T 34 -55.95 31.55 34.71
CA ILE T 34 -55.43 32.90 34.57
C ILE T 34 -53.92 33.00 34.66
N GLY T 35 -53.47 34.22 34.42
CA GLY T 35 -52.06 34.54 34.48
C GLY T 35 -51.96 35.97 34.95
N ILE T 36 -51.09 36.18 35.93
CA ILE T 36 -50.90 37.52 36.46
C ILE T 36 -49.42 37.87 36.33
N LYS T 37 -49.13 38.98 35.67
CA LYS T 37 -47.75 39.38 35.50
C LYS T 37 -47.33 40.32 36.63
N CYS T 38 -46.57 39.80 37.60
CA CYS T 38 -46.11 40.62 38.70
C CYS T 38 -44.90 41.44 38.24
N ASN T 39 -44.28 42.18 39.16
CA ASN T 39 -43.16 43.03 38.79
C ASN T 39 -41.79 42.38 38.54
N ASP T 40 -41.72 41.05 38.61
CA ASP T 40 -40.46 40.36 38.32
C ASP T 40 -40.70 38.89 37.96
N GLY T 41 -41.89 38.60 37.46
CA GLY T 41 -42.21 37.24 37.09
C GLY T 41 -43.65 37.15 36.64
N VAL T 42 -44.19 35.93 36.70
CA VAL T 42 -45.56 35.70 36.31
C VAL T 42 -46.14 34.59 37.16
N VAL T 43 -47.43 34.69 37.48
CA VAL T 43 -48.09 33.66 38.28
C VAL T 43 -49.18 32.99 37.46
N PHE T 44 -49.26 31.67 37.57
CA PHE T 44 -50.28 30.94 36.83
C PHE T 44 -51.15 30.19 37.80
N ALA T 45 -52.45 30.16 37.53
CA ALA T 45 -53.40 29.45 38.38
C ALA T 45 -54.48 28.84 37.50
N VAL T 46 -55.07 27.74 37.97
CA VAL T 46 -56.11 27.09 37.21
C VAL T 46 -57.19 26.47 38.08
N GLU T 47 -58.37 26.29 37.49
CA GLU T 47 -59.53 25.69 38.17
C GLU T 47 -59.53 24.20 37.85
N LYS T 48 -59.50 23.35 38.86
CA LYS T 48 -59.52 21.90 38.62
C LYS T 48 -60.80 21.32 39.20
N LEU T 49 -61.82 21.13 38.35
CA LEU T 49 -63.08 20.60 38.85
C LEU T 49 -63.01 19.17 39.36
N ILE T 50 -63.56 18.95 40.54
CA ILE T 50 -63.58 17.64 41.15
C ILE T 50 -64.84 16.91 40.72
N THR T 51 -64.75 16.20 39.59
CA THR T 51 -65.86 15.42 39.06
C THR T 51 -66.40 14.41 40.06
N SER T 52 -65.54 13.95 40.96
CA SER T 52 -65.96 13.00 41.98
C SER T 52 -64.87 12.87 43.01
N LYS T 53 -65.21 12.27 44.16
CA LYS T 53 -64.27 12.06 45.25
C LYS T 53 -63.22 11.04 44.83
N LEU T 54 -63.46 10.39 43.69
CA LEU T 54 -62.56 9.36 43.17
C LEU T 54 -61.24 9.91 42.64
N LEU T 55 -61.25 11.14 42.15
CA LEU T 55 -60.04 11.76 41.64
C LEU T 55 -59.03 11.91 42.76
N VAL T 56 -57.88 11.26 42.61
CA VAL T 56 -56.85 11.37 43.63
C VAL T 56 -56.46 12.85 43.67
N PRO T 57 -56.64 13.48 44.83
CA PRO T 57 -56.31 14.89 45.01
C PRO T 57 -54.85 15.23 44.75
N GLN T 58 -54.60 16.41 44.21
CA GLN T 58 -53.25 16.87 43.92
C GLN T 58 -52.58 16.07 42.80
N LYS T 59 -53.29 15.10 42.24
CA LYS T 59 -52.69 14.26 41.22
C LYS T 59 -52.76 14.65 39.75
N ASN T 60 -53.95 14.92 39.22
CA ASN T 60 -54.04 15.24 37.80
C ASN T 60 -53.62 16.67 37.49
N VAL T 61 -52.32 16.92 37.58
CA VAL T 61 -51.74 18.24 37.36
C VAL T 61 -52.01 18.80 35.98
N LYS T 62 -52.35 20.09 35.91
CA LYS T 62 -52.65 20.72 34.64
C LYS T 62 -51.56 21.64 34.09
N ILE T 63 -51.05 22.55 34.91
CA ILE T 63 -50.02 23.48 34.45
C ILE T 63 -48.78 22.74 34.00
N GLN T 64 -48.24 23.15 32.85
CA GLN T 64 -47.06 22.50 32.32
C GLN T 64 -45.91 23.46 32.15
N VAL T 65 -44.69 22.93 32.27
CA VAL T 65 -43.50 23.73 32.10
C VAL T 65 -42.83 23.38 30.77
N VAL T 66 -42.28 24.39 30.12
CA VAL T 66 -41.58 24.20 28.88
C VAL T 66 -40.15 24.60 29.20
N ASP T 67 -39.23 23.66 29.01
CA ASP T 67 -37.83 23.89 29.31
C ASP T 67 -37.71 23.93 30.80
N ARG T 68 -37.27 25.09 31.32
CA ARG T 68 -37.09 25.26 32.74
C ARG T 68 -37.57 26.62 33.24
N HIS T 69 -37.86 27.52 32.32
CA HIS T 69 -38.29 28.89 32.69
C HIS T 69 -39.66 29.32 32.18
N ILE T 70 -40.32 28.47 31.39
CA ILE T 70 -41.62 28.81 30.83
C ILE T 70 -42.75 27.97 31.41
N GLY T 71 -43.88 28.63 31.63
CA GLY T 71 -45.04 27.95 32.18
C GLY T 71 -46.22 28.05 31.27
N CYS T 72 -46.96 26.95 31.17
CA CYS T 72 -48.14 26.90 30.32
C CYS T 72 -49.37 26.39 31.04
N VAL T 73 -50.48 27.06 30.78
CA VAL T 73 -51.75 26.68 31.35
C VAL T 73 -52.74 26.96 30.21
N TYR T 74 -53.73 26.09 30.06
CA TYR T 74 -54.71 26.27 29.01
C TYR T 74 -56.09 25.77 29.41
N SER T 75 -57.09 26.32 28.73
CA SER T 75 -58.48 25.96 28.96
C SER T 75 -59.04 25.42 27.66
N GLY T 76 -59.83 24.35 27.77
CA GLY T 76 -60.43 23.78 26.58
C GLY T 76 -60.14 22.30 26.51
N LEU T 77 -59.79 21.84 25.32
CA LEU T 77 -59.47 20.44 25.08
C LEU T 77 -58.06 20.14 25.55
N ILE T 78 -57.97 19.66 26.79
CA ILE T 78 -56.69 19.32 27.40
C ILE T 78 -55.72 18.60 26.45
N PRO T 79 -56.15 17.48 25.84
CA PRO T 79 -55.25 16.79 24.93
C PRO T 79 -54.63 17.73 23.89
N ASP T 80 -55.43 18.64 23.34
CA ASP T 80 -54.88 19.58 22.38
C ASP T 80 -53.86 20.45 23.10
N GLY T 81 -54.15 20.73 24.36
CA GLY T 81 -53.27 21.57 25.16
C GLY T 81 -51.90 20.96 25.26
N ARG T 82 -51.85 19.70 25.67
CA ARG T 82 -50.60 18.97 25.79
C ARG T 82 -49.89 18.95 24.44
N HIS T 83 -50.61 18.53 23.41
CA HIS T 83 -50.06 18.48 22.05
C HIS T 83 -49.29 19.77 21.78
N LEU T 84 -49.91 20.92 22.06
CA LEU T 84 -49.27 22.19 21.83
C LEU T 84 -47.97 22.34 22.65
N VAL T 85 -48.02 21.99 23.93
CA VAL T 85 -46.84 22.10 24.80
C VAL T 85 -45.70 21.20 24.29
N ASN T 86 -46.04 19.99 23.84
CA ASN T 86 -45.02 19.11 23.30
C ASN T 86 -44.27 19.85 22.21
N ARG T 87 -45.03 20.44 21.30
CA ARG T 87 -44.43 21.19 20.21
C ARG T 87 -43.59 22.35 20.72
N GLY T 88 -44.07 23.00 21.78
CA GLY T 88 -43.35 24.12 22.33
C GLY T 88 -42.03 23.63 22.86
N ARG T 89 -42.07 22.48 23.53
CA ARG T 89 -40.87 21.89 24.10
C ARG T 89 -39.82 21.60 23.02
N GLU T 90 -40.23 20.98 21.93
CA GLU T 90 -39.33 20.67 20.83
C GLU T 90 -38.83 21.99 20.31
N GLU T 91 -39.77 22.90 20.13
CA GLU T 91 -39.49 24.23 19.62
C GLU T 91 -38.41 24.91 20.48
N ALA T 92 -38.59 24.88 21.79
CA ALA T 92 -37.63 25.51 22.71
C ALA T 92 -36.27 24.80 22.63
N ALA T 93 -36.30 23.47 22.62
CA ALA T 93 -35.09 22.65 22.53
C ALA T 93 -34.31 22.95 21.25
N SER T 94 -35.00 22.98 20.12
CA SER T 94 -34.36 23.28 18.86
C SER T 94 -33.63 24.61 19.01
N PHE T 95 -34.32 25.61 19.53
CA PHE T 95 -33.77 26.94 19.72
C PHE T 95 -32.48 26.96 20.55
N LYS T 96 -32.56 26.41 21.77
CA LYS T 96 -31.42 26.40 22.67
C LYS T 96 -30.22 25.73 22.01
N LYS T 97 -30.45 24.54 21.46
CA LYS T 97 -29.40 23.77 20.81
C LYS T 97 -28.56 24.60 19.83
N LEU T 98 -29.18 25.49 19.08
CA LEU T 98 -28.45 26.29 18.12
C LEU T 98 -27.91 27.61 18.64
N TYR T 99 -28.69 28.28 19.48
CA TYR T 99 -28.27 29.59 20.00
C TYR T 99 -27.78 29.53 21.43
N LYS T 100 -27.80 28.33 22.01
CA LYS T 100 -27.32 28.11 23.38
C LYS T 100 -28.25 28.70 24.44
N THR T 101 -28.53 29.99 24.32
CA THR T 101 -29.39 30.66 25.28
C THR T 101 -30.80 30.05 25.31
N PRO T 102 -31.37 29.87 26.52
CA PRO T 102 -32.72 29.29 26.62
C PRO T 102 -33.71 30.26 25.96
N ILE T 103 -34.59 29.73 25.12
CA ILE T 103 -35.55 30.54 24.37
C ILE T 103 -36.25 31.67 25.08
N PRO T 104 -36.18 32.89 24.52
CA PRO T 104 -36.80 34.09 25.06
C PRO T 104 -38.32 33.94 25.01
N ILE T 105 -39.00 34.38 26.07
CA ILE T 105 -40.45 34.26 26.11
C ILE T 105 -41.12 34.76 24.84
N PRO T 106 -40.75 35.96 24.36
CA PRO T 106 -41.39 36.45 23.14
C PRO T 106 -41.21 35.47 21.97
N ALA T 107 -39.95 35.12 21.68
CA ALA T 107 -39.64 34.19 20.59
C ALA T 107 -40.45 32.92 20.74
N PHE T 108 -40.56 32.41 21.96
CA PHE T 108 -41.33 31.19 22.18
C PHE T 108 -42.78 31.43 21.84
N ALA T 109 -43.26 32.62 22.18
CA ALA T 109 -44.64 32.97 21.93
C ALA T 109 -44.89 32.79 20.46
N ASP T 110 -44.15 33.53 19.64
CA ASP T 110 -44.35 33.41 18.21
C ASP T 110 -44.09 31.99 17.70
N ARG T 111 -43.29 31.23 18.42
CA ARG T 111 -43.03 29.88 17.99
C ARG T 111 -44.35 29.12 18.09
N LEU T 112 -45.06 29.25 19.21
CA LEU T 112 -46.35 28.57 19.36
C LEU T 112 -47.38 29.25 18.47
N GLY T 113 -47.24 30.57 18.29
CA GLY T 113 -48.16 31.32 17.47
C GLY T 113 -48.22 30.85 16.02
N GLN T 114 -47.05 30.70 15.41
CA GLN T 114 -46.96 30.27 14.02
C GLN T 114 -47.47 28.84 13.86
N TYR T 115 -47.20 28.00 14.85
CA TYR T 115 -47.64 26.62 14.79
C TYR T 115 -49.15 26.55 14.77
N VAL T 116 -49.77 27.25 15.72
CA VAL T 116 -51.22 27.29 15.85
C VAL T 116 -51.88 27.89 14.61
N GLN T 117 -51.34 29.03 14.15
CA GLN T 117 -51.88 29.69 12.97
C GLN T 117 -51.83 28.72 11.79
N ALA T 118 -50.84 27.84 11.83
CA ALA T 118 -50.65 26.83 10.80
C ALA T 118 -51.86 25.91 10.67
N HIS T 119 -52.58 25.70 11.78
CA HIS T 119 -53.75 24.81 11.76
C HIS T 119 -55.07 25.50 11.36
N THR T 120 -54.96 26.65 10.73
CA THR T 120 -56.12 27.41 10.27
C THR T 120 -55.90 27.63 8.77
N LEU T 121 -54.88 26.95 8.25
CA LEU T 121 -54.49 27.04 6.85
C LEU T 121 -54.95 25.93 5.94
N TYR T 122 -55.23 24.76 6.49
CA TYR T 122 -55.60 23.61 5.66
C TYR T 122 -56.87 22.97 6.15
N ASN T 123 -57.62 22.36 5.24
CA ASN T 123 -58.86 21.70 5.60
C ASN T 123 -58.57 20.29 6.10
N SER T 124 -57.31 19.89 6.03
CA SER T 124 -56.93 18.54 6.46
C SER T 124 -56.59 18.49 7.93
N VAL T 125 -56.69 19.64 8.60
CA VAL T 125 -56.42 19.69 10.02
C VAL T 125 -57.48 20.48 10.75
N ARG T 126 -57.55 20.24 12.05
CA ARG T 126 -58.51 20.89 12.91
C ARG T 126 -57.77 21.94 13.75
N PRO T 127 -58.40 23.09 14.00
CA PRO T 127 -57.72 24.12 14.81
C PRO T 127 -57.60 23.64 16.26
N PHE T 128 -56.78 24.33 17.06
CA PHE T 128 -56.61 23.91 18.44
C PHE T 128 -57.79 24.29 19.30
N GLY T 129 -58.25 23.32 20.07
CA GLY T 129 -59.38 23.57 20.95
C GLY T 129 -58.94 24.08 22.31
N VAL T 130 -58.00 25.03 22.33
CA VAL T 130 -57.50 25.58 23.59
C VAL T 130 -56.98 27.00 23.48
N SER T 131 -57.05 27.71 24.58
CA SER T 131 -56.48 29.05 24.63
C SER T 131 -55.39 28.81 25.64
N THR T 132 -54.22 29.39 25.43
CA THR T 132 -53.13 29.14 26.35
C THR T 132 -52.48 30.39 26.92
N ILE T 133 -52.36 30.37 28.25
CA ILE T 133 -51.76 31.44 29.00
C ILE T 133 -50.40 30.86 29.36
N PHE T 134 -49.34 31.57 28.99
CA PHE T 134 -47.99 31.09 29.26
C PHE T 134 -47.05 32.27 29.40
N GLY T 135 -45.86 31.99 29.93
CA GLY T 135 -44.88 33.04 30.09
C GLY T 135 -43.75 32.62 30.99
N GLY T 136 -42.86 33.57 31.25
CA GLY T 136 -41.73 33.31 32.11
C GLY T 136 -40.81 34.51 32.15
N VAL T 137 -39.62 34.30 32.72
CA VAL T 137 -38.64 35.37 32.82
C VAL T 137 -37.48 35.11 31.86
N ASP T 138 -36.97 36.16 31.25
CA ASP T 138 -35.87 36.00 30.34
C ASP T 138 -34.89 37.14 30.49
N LYS T 139 -33.98 37.27 29.52
CA LYS T 139 -32.96 38.31 29.54
C LYS T 139 -33.50 39.70 29.87
N ASN T 140 -34.75 39.99 29.52
CA ASN T 140 -35.26 41.32 29.85
C ASN T 140 -36.60 41.37 30.55
N GLY T 141 -36.70 40.70 31.69
CA GLY T 141 -37.93 40.75 32.43
C GLY T 141 -38.86 39.57 32.31
N ALA T 142 -40.09 39.79 32.73
CA ALA T 142 -41.13 38.77 32.69
C ALA T 142 -42.10 39.09 31.57
N HIS T 143 -42.81 38.07 31.12
CA HIS T 143 -43.76 38.23 30.04
C HIS T 143 -44.93 37.27 30.23
N LEU T 144 -46.15 37.77 30.03
CA LEU T 144 -47.34 36.95 30.15
C LEU T 144 -47.95 36.98 28.75
N TYR T 145 -48.42 35.82 28.30
CA TYR T 145 -49.01 35.68 26.95
C TYR T 145 -50.22 34.78 26.88
N MET T 146 -51.15 35.13 25.98
CA MET T 146 -52.31 34.29 25.80
C MET T 146 -52.47 34.04 24.30
N LEU T 147 -52.68 32.77 23.97
CA LEU T 147 -52.80 32.33 22.58
C LEU T 147 -54.17 31.73 22.30
N GLU T 148 -54.82 32.25 21.25
CA GLU T 148 -56.16 31.80 20.82
C GLU T 148 -56.10 30.78 19.67
N PRO T 149 -57.13 29.91 19.55
CA PRO T 149 -57.17 28.91 18.48
C PRO T 149 -56.91 29.52 17.11
N SER T 150 -57.18 30.80 16.97
CA SER T 150 -56.96 31.47 15.70
C SER T 150 -55.48 31.65 15.44
N GLY T 151 -54.68 31.47 16.49
CA GLY T 151 -53.25 31.65 16.39
C GLY T 151 -52.87 33.04 16.91
N SER T 152 -53.88 33.84 17.25
CA SER T 152 -53.62 35.19 17.75
C SER T 152 -53.14 35.18 19.17
N TYR T 153 -52.25 36.13 19.48
CA TYR T 153 -51.70 36.24 20.82
C TYR T 153 -51.10 37.63 21.04
N TRP T 154 -51.14 38.09 22.29
CA TRP T 154 -50.57 39.38 22.67
C TRP T 154 -50.02 39.28 24.08
N GLY T 155 -49.24 40.30 24.47
CA GLY T 155 -48.68 40.35 25.79
C GLY T 155 -49.69 40.98 26.74
N TYR T 156 -49.93 40.34 27.88
CA TYR T 156 -50.89 40.83 28.85
C TYR T 156 -50.30 41.09 30.23
N LYS T 157 -50.97 41.97 30.98
CA LYS T 157 -50.60 42.33 32.35
C LYS T 157 -51.33 41.27 33.16
N GLY T 158 -52.48 40.88 32.66
CA GLY T 158 -53.27 39.85 33.32
C GLY T 158 -54.04 39.19 32.21
N ALA T 159 -54.38 37.90 32.38
CA ALA T 159 -55.11 37.17 31.34
C ALA T 159 -55.91 36.04 31.94
N ALA T 160 -57.05 35.77 31.31
CA ALA T 160 -57.93 34.74 31.78
C ALA T 160 -58.66 34.12 30.61
N THR T 161 -59.07 32.87 30.79
CA THR T 161 -59.79 32.18 29.75
C THR T 161 -60.62 31.05 30.34
N GLY T 162 -61.68 30.68 29.63
CA GLY T 162 -62.53 29.60 30.10
C GLY T 162 -63.93 30.01 30.52
N LYS T 163 -64.54 29.15 31.32
CA LYS T 163 -65.89 29.39 31.81
C LYS T 163 -65.97 30.73 32.54
N GLY T 164 -65.21 30.86 33.64
CA GLY T 164 -65.23 32.08 34.42
C GLY T 164 -64.36 33.20 33.92
N ARG T 165 -64.07 33.18 32.63
CA ARG T 165 -63.22 34.19 32.04
C ARG T 165 -63.60 35.65 32.33
N GLN T 166 -64.90 35.94 32.40
CA GLN T 166 -65.35 37.31 32.65
C GLN T 166 -65.12 37.76 34.08
N SER T 167 -65.56 36.95 35.05
CA SER T 167 -65.37 37.28 36.45
C SER T 167 -63.91 37.65 36.63
N ALA T 168 -63.05 36.77 36.10
CA ALA T 168 -61.62 36.95 36.17
C ALA T 168 -61.23 38.26 35.53
N LYS T 169 -61.37 38.36 34.21
CA LYS T 169 -61.02 39.60 33.53
C LYS T 169 -61.50 40.80 34.33
N ALA T 170 -62.62 40.63 35.02
CA ALA T 170 -63.16 41.70 35.82
C ALA T 170 -62.20 42.01 36.95
N GLU T 171 -61.86 40.97 37.71
CA GLU T 171 -60.95 41.09 38.84
C GLU T 171 -59.56 41.53 38.44
N LEU T 172 -59.02 40.93 37.38
CA LEU T 172 -57.69 41.27 36.90
C LEU T 172 -57.61 42.76 36.63
N GLU T 173 -58.63 43.30 35.96
CA GLU T 173 -58.66 44.73 35.63
C GLU T 173 -58.65 45.57 36.90
N LYS T 174 -59.35 45.10 37.93
CA LYS T 174 -59.39 45.83 39.18
C LYS T 174 -57.96 45.95 39.71
N LEU T 175 -57.23 44.83 39.72
CA LEU T 175 -55.85 44.82 40.17
C LEU T 175 -55.04 45.85 39.43
N VAL T 176 -55.02 45.74 38.10
CA VAL T 176 -54.28 46.67 37.26
C VAL T 176 -54.49 48.12 37.69
N ASP T 177 -55.73 48.46 38.04
CA ASP T 177 -56.04 49.83 38.44
C ASP T 177 -55.54 50.19 39.83
N HIS T 178 -55.69 49.27 40.77
CA HIS T 178 -55.28 49.52 42.15
C HIS T 178 -53.81 49.16 42.43
N HIS T 179 -53.01 49.06 41.38
CA HIS T 179 -51.59 48.73 41.53
C HIS T 179 -50.81 49.23 40.34
N PRO T 180 -50.75 50.55 40.15
CA PRO T 180 -50.02 51.10 39.01
C PRO T 180 -48.51 50.84 39.13
N GLU T 181 -48.04 50.74 40.38
CA GLU T 181 -46.63 50.51 40.66
C GLU T 181 -46.21 49.04 40.58
N GLY T 182 -47.17 48.15 40.38
CA GLY T 182 -46.84 46.74 40.27
C GLY T 182 -47.24 45.86 41.44
N LEU T 183 -47.35 44.58 41.16
CA LEU T 183 -47.72 43.60 42.17
C LEU T 183 -46.50 42.73 42.40
N SER T 184 -46.33 42.20 43.60
CA SER T 184 -45.18 41.34 43.89
C SER T 184 -45.55 39.88 43.61
N ALA T 185 -44.55 39.07 43.30
CA ALA T 185 -44.78 37.66 43.01
C ALA T 185 -45.59 37.04 44.13
N ARG T 186 -45.18 37.32 45.37
CA ARG T 186 -45.87 36.81 46.56
C ARG T 186 -47.34 37.18 46.53
N GLU T 187 -47.60 38.47 46.29
CA GLU T 187 -48.94 39.01 46.22
C GLU T 187 -49.76 38.47 45.06
N ALA T 188 -49.14 38.32 43.90
CA ALA T 188 -49.83 37.79 42.72
C ALA T 188 -50.31 36.36 42.96
N VAL T 189 -49.58 35.60 43.77
CA VAL T 189 -49.98 34.24 44.06
C VAL T 189 -51.29 34.27 44.83
N LYS T 190 -51.38 35.16 45.82
CA LYS T 190 -52.59 35.31 46.64
C LYS T 190 -53.75 35.76 45.77
N GLN T 191 -53.57 36.93 45.18
CA GLN T 191 -54.57 37.53 44.31
C GLN T 191 -55.10 36.54 43.29
N ALA T 192 -54.22 35.68 42.78
CA ALA T 192 -54.60 34.67 41.81
C ALA T 192 -55.56 33.67 42.43
N ALA T 193 -55.22 33.18 43.61
CA ALA T 193 -56.06 32.22 44.30
C ALA T 193 -57.44 32.80 44.53
N LYS T 194 -57.48 34.10 44.83
CA LYS T 194 -58.78 34.75 45.05
C LYS T 194 -59.53 34.76 43.74
N ILE T 195 -58.93 35.36 42.72
CA ILE T 195 -59.52 35.47 41.38
C ILE T 195 -60.00 34.14 40.82
N ILE T 196 -59.38 33.04 41.24
CA ILE T 196 -59.83 31.74 40.77
C ILE T 196 -61.07 31.36 41.54
N TYR T 197 -61.06 31.63 42.85
CA TYR T 197 -62.20 31.33 43.72
C TYR T 197 -63.48 32.08 43.31
N LEU T 198 -63.31 33.33 42.88
CA LEU T 198 -64.43 34.14 42.43
C LEU T 198 -64.93 33.58 41.11
N ALA T 199 -64.03 33.41 40.15
CA ALA T 199 -64.41 32.89 38.85
C ALA T 199 -65.04 31.51 38.94
N HIS T 200 -64.92 30.85 40.08
CA HIS T 200 -65.50 29.53 40.23
C HIS T 200 -67.02 29.55 40.40
N GLU T 201 -67.60 30.73 40.52
CA GLU T 201 -69.05 30.87 40.68
C GLU T 201 -69.87 30.48 39.47
N ASP T 202 -69.25 30.56 38.29
CA ASP T 202 -69.91 30.20 37.05
C ASP T 202 -69.71 28.71 36.85
N ASN T 203 -69.66 27.99 37.96
CA ASN T 203 -69.46 26.54 37.95
C ASN T 203 -69.58 26.06 39.40
N LYS T 204 -70.15 26.93 40.23
CA LYS T 204 -70.35 26.67 41.66
C LYS T 204 -71.06 25.35 41.96
N GLU T 205 -71.36 24.59 40.92
CA GLU T 205 -72.06 23.32 41.07
C GLU T 205 -71.13 22.21 41.54
N LYS T 206 -70.00 22.07 40.86
CA LYS T 206 -69.01 21.04 41.19
C LYS T 206 -67.91 21.65 42.06
N ASP T 207 -67.37 20.86 42.97
CA ASP T 207 -66.32 21.36 43.83
C ASP T 207 -65.02 21.34 43.04
N PHE T 208 -64.07 22.19 43.40
CA PHE T 208 -62.82 22.22 42.66
C PHE T 208 -61.55 22.10 43.49
N GLU T 209 -60.41 22.24 42.81
CA GLU T 209 -59.09 22.17 43.41
C GLU T 209 -58.21 23.23 42.74
N LEU T 210 -57.58 24.06 43.55
CA LEU T 210 -56.74 25.14 43.05
C LEU T 210 -55.35 24.64 42.70
N GLU T 211 -54.71 25.28 41.73
CA GLU T 211 -53.37 24.91 41.31
C GLU T 211 -52.65 26.16 40.82
N ILE T 212 -51.65 26.61 41.58
CA ILE T 212 -50.88 27.79 41.22
C ILE T 212 -49.43 27.42 40.93
N SER T 213 -48.79 28.21 40.08
CA SER T 213 -47.39 27.99 39.74
C SER T 213 -46.85 29.36 39.38
N TRP T 214 -45.59 29.61 39.68
CA TRP T 214 -44.99 30.90 39.38
C TRP T 214 -43.57 30.81 38.87
N CYS T 215 -43.11 31.91 38.31
CA CYS T 215 -41.79 32.04 37.77
C CYS T 215 -41.39 33.48 38.14
N SER T 216 -40.61 33.59 39.21
CA SER T 216 -40.15 34.90 39.68
C SER T 216 -38.65 34.95 39.78
N LEU T 217 -38.12 36.07 39.34
CA LEU T 217 -36.69 36.32 39.35
C LEU T 217 -36.17 36.28 40.78
N SER T 218 -36.92 36.87 41.70
CA SER T 218 -36.50 36.91 43.10
C SER T 218 -37.03 35.76 43.92
N GLU T 219 -38.13 35.18 43.50
CA GLU T 219 -38.70 34.09 44.26
C GLU T 219 -38.27 32.70 43.84
N THR T 220 -38.10 32.48 42.53
CA THR T 220 -37.70 31.17 42.01
C THR T 220 -36.47 31.20 41.13
N ASN T 221 -35.74 32.31 41.16
CA ASN T 221 -34.53 32.43 40.37
C ASN T 221 -34.83 32.29 38.90
N GLY T 222 -35.91 32.92 38.43
CA GLY T 222 -36.24 32.83 37.02
C GLY T 222 -36.65 31.45 36.54
N LEU T 223 -36.81 30.51 37.47
CA LEU T 223 -37.23 29.18 37.07
C LEU T 223 -38.70 29.01 37.40
N HIS T 224 -39.41 28.29 36.55
CA HIS T 224 -40.82 28.06 36.75
C HIS T 224 -40.97 26.99 37.82
N LYS T 225 -41.84 27.24 38.81
CA LYS T 225 -42.06 26.28 39.88
C LYS T 225 -43.51 26.27 40.37
N PHE T 226 -43.93 25.14 40.92
CA PHE T 226 -45.29 25.03 41.44
C PHE T 226 -45.34 25.53 42.87
N VAL T 227 -46.36 26.32 43.19
CA VAL T 227 -46.53 26.82 44.54
C VAL T 227 -47.15 25.68 45.34
N LYS T 228 -46.45 25.19 46.34
CA LYS T 228 -46.96 24.08 47.15
C LYS T 228 -46.97 24.39 48.65
N GLY T 229 -47.36 23.38 49.41
CA GLY T 229 -47.41 23.47 50.86
C GLY T 229 -47.97 24.71 51.52
N ASP T 230 -47.18 25.27 52.44
CA ASP T 230 -47.55 26.45 53.20
C ASP T 230 -47.97 27.65 52.36
N LEU T 231 -47.10 28.12 51.46
CA LEU T 231 -47.45 29.28 50.65
C LEU T 231 -48.75 29.06 49.90
N LEU T 232 -49.04 27.81 49.56
CA LEU T 232 -50.26 27.46 48.84
C LEU T 232 -51.48 27.63 49.74
N GLN T 233 -51.49 26.91 50.87
CA GLN T 233 -52.60 26.98 51.82
C GLN T 233 -52.84 28.42 52.21
N GLU T 234 -51.76 29.13 52.44
CA GLU T 234 -51.81 30.53 52.81
C GLU T 234 -52.66 31.31 51.80
N ALA T 235 -52.49 31.03 50.52
CA ALA T 235 -53.26 31.71 49.48
C ALA T 235 -54.68 31.17 49.45
N ILE T 236 -54.84 29.85 49.60
CA ILE T 236 -56.17 29.27 49.59
C ILE T 236 -56.97 29.98 50.68
N ASP T 237 -56.31 30.27 51.79
CA ASP T 237 -56.95 30.96 52.89
C ASP T 237 -57.28 32.40 52.52
N PHE T 238 -56.28 33.15 52.07
CA PHE T 238 -56.51 34.53 51.69
C PHE T 238 -57.70 34.65 50.75
N ALA T 239 -57.95 33.61 49.98
CA ALA T 239 -59.06 33.60 49.04
C ALA T 239 -60.36 33.24 49.77
N GLN T 240 -60.36 32.07 50.41
CA GLN T 240 -61.52 31.60 51.17
C GLN T 240 -62.07 32.66 52.09
N LYS T 241 -61.18 33.53 52.57
CA LYS T 241 -61.56 34.60 53.46
C LYS T 241 -62.31 35.70 52.74
N GLU T 242 -61.80 36.11 51.58
CA GLU T 242 -62.44 37.17 50.84
C GLU T 242 -63.61 36.73 49.99
N ILE T 243 -63.93 35.45 50.01
CA ILE T 243 -65.06 34.95 49.25
C ILE T 243 -66.29 35.05 50.15
N ASN T 244 -66.08 35.55 51.37
CA ASN T 244 -67.15 35.71 52.35
C ASN T 244 -67.08 37.08 53.02
N ALA U 1 -70.81 21.33 -7.27
CA ALA U 1 -70.81 22.52 -8.17
C ALA U 1 -70.67 23.82 -7.37
N GLY U 2 -71.51 23.95 -6.34
CA GLY U 2 -71.51 25.13 -5.49
C GLY U 2 -70.35 25.25 -4.52
N TYR U 3 -69.27 24.54 -4.82
CA TYR U 3 -68.08 24.60 -3.99
C TYR U 3 -67.07 25.51 -4.64
N ASP U 4 -67.47 26.17 -5.73
CA ASP U 4 -66.58 27.08 -6.42
C ASP U 4 -66.47 28.34 -5.57
N ARG U 5 -66.96 28.22 -4.33
CA ARG U 5 -66.91 29.33 -3.40
C ARG U 5 -66.24 28.92 -2.10
N HIS U 6 -65.75 27.70 -2.06
CA HIS U 6 -65.06 27.20 -0.88
C HIS U 6 -63.57 27.06 -1.10
N ILE U 7 -63.19 26.79 -2.34
CA ILE U 7 -61.78 26.66 -2.70
C ILE U 7 -61.46 27.62 -3.83
N THR U 8 -60.18 27.80 -4.12
CA THR U 8 -59.78 28.72 -5.15
C THR U 8 -59.84 28.21 -6.58
N ILE U 9 -61.06 28.01 -7.06
CA ILE U 9 -61.26 27.58 -8.44
C ILE U 9 -62.23 28.61 -9.01
N PHE U 10 -62.32 28.67 -10.32
CA PHE U 10 -63.18 29.64 -10.97
C PHE U 10 -64.66 29.48 -10.76
N SER U 11 -65.36 30.62 -10.81
CA SER U 11 -66.82 30.65 -10.72
C SER U 11 -67.22 30.92 -12.17
N PRO U 12 -68.47 30.64 -12.54
CA PRO U 12 -68.78 30.92 -13.94
C PRO U 12 -68.50 32.37 -14.34
N GLU U 13 -68.60 33.30 -13.39
CA GLU U 13 -68.32 34.70 -13.72
C GLU U 13 -66.82 34.82 -13.95
N GLY U 14 -66.09 33.76 -13.63
CA GLY U 14 -64.65 33.74 -13.79
C GLY U 14 -64.00 34.42 -12.61
N ARG U 15 -64.66 34.29 -11.46
CA ARG U 15 -64.18 34.91 -10.24
C ARG U 15 -63.70 33.92 -9.21
N LEU U 16 -62.96 34.42 -8.23
CA LEU U 16 -62.44 33.59 -7.16
C LEU U 16 -62.92 34.17 -5.84
N TYR U 17 -64.13 33.76 -5.45
CA TYR U 17 -64.75 34.23 -4.23
C TYR U 17 -63.84 34.16 -3.00
N GLN U 18 -63.23 33.00 -2.78
CA GLN U 18 -62.34 32.81 -1.64
C GLN U 18 -61.30 33.90 -1.55
N VAL U 19 -60.88 34.40 -2.70
CA VAL U 19 -59.89 35.48 -2.76
C VAL U 19 -60.58 36.78 -2.31
N GLU U 20 -61.84 36.92 -2.70
CA GLU U 20 -62.62 38.10 -2.36
C GLU U 20 -62.92 38.11 -0.88
N TYR U 21 -63.31 36.95 -0.36
CA TYR U 21 -63.61 36.85 1.04
C TYR U 21 -62.33 37.07 1.84
N ALA U 22 -61.18 36.78 1.22
CA ALA U 22 -59.91 36.97 1.90
C ALA U 22 -59.78 38.47 2.09
N PHE U 23 -59.94 39.20 1.01
CA PHE U 23 -59.87 40.65 1.08
C PHE U 23 -60.77 41.19 2.18
N LYS U 24 -61.95 40.61 2.30
CA LYS U 24 -62.89 41.03 3.32
C LYS U 24 -62.26 40.93 4.71
N ALA U 25 -61.53 39.84 4.95
CA ALA U 25 -60.92 39.66 6.26
C ALA U 25 -59.88 40.74 6.58
N THR U 26 -59.31 41.36 5.57
CA THR U 26 -58.28 42.37 5.82
C THR U 26 -58.77 43.52 6.69
N ASN U 27 -60.06 43.83 6.63
CA ASN U 27 -60.55 44.93 7.44
C ASN U 27 -60.93 44.50 8.84
N GLN U 28 -60.91 43.20 9.08
CA GLN U 28 -61.27 42.62 10.36
C GLN U 28 -60.73 43.37 11.57
N THR U 29 -59.61 44.06 11.41
CA THR U 29 -58.99 44.80 12.52
C THR U 29 -59.49 46.23 12.67
N ASN U 30 -60.18 46.73 11.66
CA ASN U 30 -60.71 48.08 11.70
C ASN U 30 -59.60 49.10 11.99
N ILE U 31 -58.50 48.99 11.28
CA ILE U 31 -57.39 49.90 11.46
C ILE U 31 -57.02 50.43 10.09
N ASN U 32 -56.72 51.72 10.01
CA ASN U 32 -56.33 52.31 8.73
C ASN U 32 -54.86 52.65 8.81
N SER U 33 -54.23 52.72 7.66
CA SER U 33 -52.80 53.03 7.60
C SER U 33 -52.49 53.69 6.28
N LEU U 34 -51.46 54.52 6.26
CA LEU U 34 -51.08 55.15 5.03
C LEU U 34 -49.56 55.26 4.97
N ALA U 35 -49.02 55.44 3.77
CA ALA U 35 -47.59 55.56 3.57
C ALA U 35 -47.31 56.71 2.62
N VAL U 36 -46.30 57.50 2.95
CA VAL U 36 -45.95 58.62 2.09
C VAL U 36 -44.46 58.64 1.85
N ARG U 37 -44.06 59.25 0.75
CA ARG U 37 -42.65 59.29 0.43
C ARG U 37 -42.05 60.67 0.63
N GLY U 38 -41.04 60.74 1.49
CA GLY U 38 -40.36 61.98 1.77
C GLY U 38 -39.34 62.26 0.67
N LYS U 39 -38.48 63.24 0.88
CA LYS U 39 -37.48 63.57 -0.12
C LYS U 39 -36.51 62.40 -0.17
N ASP U 40 -36.20 61.84 0.99
CA ASP U 40 -35.30 60.71 1.06
C ASP U 40 -35.57 59.85 2.29
N CYS U 41 -36.84 59.55 2.50
CA CYS U 41 -37.28 58.72 3.61
C CYS U 41 -38.68 58.26 3.22
N THR U 42 -39.22 57.31 3.96
CA THR U 42 -40.56 56.82 3.68
C THR U 42 -41.21 56.59 5.04
N VAL U 43 -42.42 57.12 5.23
CA VAL U 43 -43.10 56.94 6.51
C VAL U 43 -44.42 56.19 6.38
N VAL U 44 -44.72 55.36 7.37
CA VAL U 44 -45.98 54.62 7.38
C VAL U 44 -46.68 54.83 8.70
N ILE U 45 -47.89 55.36 8.63
CA ILE U 45 -48.70 55.60 9.81
C ILE U 45 -49.76 54.53 9.84
N SER U 46 -50.09 54.06 11.04
CA SER U 46 -51.13 53.08 11.20
C SER U 46 -51.83 53.37 12.51
N GLN U 47 -53.12 53.12 12.57
CA GLN U 47 -53.84 53.36 13.79
C GLN U 47 -53.52 52.25 14.77
N LYS U 48 -53.59 52.58 16.05
CA LYS U 48 -53.33 51.58 17.06
C LYS U 48 -54.52 51.62 17.99
N LYS U 49 -55.19 50.47 18.15
CA LYS U 49 -56.37 50.41 19.00
C LYS U 49 -56.31 49.29 20.04
N VAL U 50 -55.91 49.66 21.26
CA VAL U 50 -55.82 48.69 22.34
C VAL U 50 -56.93 48.99 23.34
N PRO U 51 -58.08 48.35 23.15
CA PRO U 51 -59.28 48.50 23.98
C PRO U 51 -59.13 47.88 25.37
N ASP U 52 -58.65 46.64 25.42
CA ASP U 52 -58.49 45.93 26.68
C ASP U 52 -57.46 46.61 27.59
N LYS U 53 -57.78 46.70 28.87
CA LYS U 53 -56.87 47.33 29.83
C LYS U 53 -55.83 46.32 30.33
N LEU U 54 -56.13 45.04 30.15
CA LEU U 54 -55.23 43.98 30.58
C LEU U 54 -54.11 43.71 29.59
N LEU U 55 -54.26 44.25 28.39
CA LEU U 55 -53.25 44.06 27.36
C LEU U 55 -52.03 44.93 27.57
N ASP U 56 -50.88 44.38 27.21
CA ASP U 56 -49.64 45.13 27.31
C ASP U 56 -49.50 45.81 25.95
N PRO U 57 -49.87 47.10 25.88
CA PRO U 57 -49.85 47.97 24.70
C PRO U 57 -48.61 47.83 23.86
N THR U 58 -47.48 47.68 24.53
CA THR U 58 -46.20 47.56 23.86
C THR U 58 -46.05 46.33 22.96
N THR U 59 -46.78 45.26 23.26
CA THR U 59 -46.69 44.05 22.47
C THR U 59 -47.62 44.06 21.26
N VAL U 60 -48.48 45.06 21.17
CA VAL U 60 -49.42 45.16 20.06
C VAL U 60 -48.86 45.98 18.90
N SER U 61 -48.87 45.40 17.70
CA SER U 61 -48.37 46.12 16.53
C SER U 61 -48.60 45.40 15.22
N TYR U 62 -48.80 46.19 14.17
CA TYR U 62 -49.01 45.65 12.84
C TYR U 62 -47.91 46.19 11.92
N ILE U 63 -46.84 46.65 12.55
CA ILE U 63 -45.68 47.14 11.83
C ILE U 63 -44.54 46.17 12.13
N PHE U 64 -43.80 45.77 11.10
CA PHE U 64 -42.70 44.82 11.25
C PHE U 64 -41.42 45.29 10.58
N CYS U 65 -40.28 44.88 11.14
CA CYS U 65 -38.97 45.18 10.56
C CYS U 65 -38.53 43.89 9.88
N ILE U 66 -38.56 43.88 8.56
CA ILE U 66 -38.19 42.67 7.83
C ILE U 66 -36.69 42.55 7.74
N SER U 67 -36.03 43.70 7.63
CA SER U 67 -34.58 43.76 7.53
C SER U 67 -34.13 45.16 7.92
N ARG U 68 -32.82 45.37 8.01
CA ARG U 68 -32.29 46.67 8.38
C ARG U 68 -32.90 47.80 7.56
N THR U 69 -33.22 47.53 6.30
CA THR U 69 -33.77 48.56 5.42
C THR U 69 -35.26 48.45 5.08
N ILE U 70 -35.81 47.24 5.11
CA ILE U 70 -37.23 47.06 4.78
C ILE U 70 -38.16 46.94 5.99
N GLY U 71 -39.24 47.70 5.93
CA GLY U 71 -40.24 47.67 6.99
C GLY U 71 -41.54 47.25 6.33
N MET U 72 -42.42 46.63 7.10
CA MET U 72 -43.69 46.18 6.54
C MET U 72 -44.84 46.36 7.51
N VAL U 73 -45.90 47.03 7.04
CA VAL U 73 -47.10 47.25 7.84
C VAL U 73 -48.19 46.37 7.22
N VAL U 74 -48.91 45.65 8.06
CA VAL U 74 -49.94 44.74 7.60
C VAL U 74 -51.35 45.15 8.01
N ASN U 75 -52.27 45.10 7.06
CA ASN U 75 -53.68 45.38 7.33
C ASN U 75 -54.35 44.03 7.26
N GLY U 76 -54.81 43.53 8.40
CA GLY U 76 -55.46 42.25 8.43
C GLY U 76 -55.29 41.62 9.79
N PRO U 77 -55.86 40.45 10.06
CA PRO U 77 -55.76 39.75 11.35
C PRO U 77 -54.29 39.60 11.70
N ILE U 78 -53.95 39.49 12.98
CA ILE U 78 -52.54 39.37 13.33
C ILE U 78 -51.91 37.99 13.06
N PRO U 79 -52.60 36.88 13.38
CA PRO U 79 -51.95 35.60 13.09
C PRO U 79 -51.54 35.43 11.61
N ASP U 80 -52.34 35.94 10.69
CA ASP U 80 -51.96 35.86 9.28
C ASP U 80 -50.87 36.92 9.06
N ALA U 81 -50.94 38.01 9.81
CA ALA U 81 -49.98 39.10 9.69
C ALA U 81 -48.58 38.64 10.08
N ARG U 82 -48.50 37.76 11.07
CA ARG U 82 -47.22 37.23 11.54
C ARG U 82 -46.68 36.12 10.65
N ASN U 83 -47.56 35.28 10.14
CA ASN U 83 -47.14 34.22 9.23
C ASN U 83 -46.47 34.94 8.06
N ALA U 84 -47.10 35.99 7.57
CA ALA U 84 -46.56 36.76 6.45
C ALA U 84 -45.23 37.42 6.78
N ALA U 85 -45.16 38.05 7.95
CA ALA U 85 -43.95 38.73 8.38
C ALA U 85 -42.77 37.76 8.40
N LEU U 86 -42.90 36.70 9.18
CA LEU U 86 -41.87 35.69 9.29
C LEU U 86 -41.35 35.26 7.90
N ARG U 87 -42.27 34.86 7.03
CA ARG U 87 -41.89 34.42 5.70
C ARG U 87 -41.08 35.47 4.97
N ALA U 88 -41.50 36.72 5.06
CA ALA U 88 -40.78 37.80 4.40
C ALA U 88 -39.39 37.97 4.99
N LYS U 89 -39.28 37.84 6.32
CA LYS U 89 -37.99 37.96 6.98
C LYS U 89 -37.06 36.88 6.47
N ALA U 90 -37.53 35.63 6.48
CA ALA U 90 -36.74 34.52 5.96
C ALA U 90 -36.34 34.83 4.51
N GLU U 91 -37.33 35.14 3.68
CA GLU U 91 -37.05 35.47 2.27
C GLU U 91 -36.00 36.57 2.15
N ALA U 92 -35.96 37.46 3.12
CA ALA U 92 -34.99 38.56 3.09
C ALA U 92 -33.56 38.11 3.43
N ALA U 93 -33.45 37.24 4.42
CA ALA U 93 -32.17 36.73 4.86
C ALA U 93 -31.58 35.82 3.80
N GLU U 94 -32.42 34.95 3.27
CA GLU U 94 -31.94 34.04 2.24
C GLU U 94 -31.44 34.81 1.02
N PHE U 95 -32.19 35.82 0.61
CA PHE U 95 -31.79 36.61 -0.55
C PHE U 95 -30.39 37.17 -0.39
N ARG U 96 -30.14 37.78 0.76
CA ARG U 96 -28.84 38.39 1.05
C ARG U 96 -27.74 37.35 0.92
N TYR U 97 -27.94 36.22 1.58
CA TYR U 97 -26.99 35.13 1.58
C TYR U 97 -26.63 34.64 0.18
N LYS U 98 -27.67 34.36 -0.61
CA LYS U 98 -27.49 33.86 -1.97
C LYS U 98 -26.97 34.86 -2.98
N TYR U 99 -27.39 36.11 -2.91
CA TYR U 99 -26.96 37.08 -3.89
C TYR U 99 -25.96 38.13 -3.44
N GLY U 100 -25.61 38.11 -2.15
CA GLY U 100 -24.63 39.05 -1.66
C GLY U 100 -24.99 40.51 -1.56
N TYR U 101 -26.28 40.80 -1.42
CA TYR U 101 -26.73 42.17 -1.22
C TYR U 101 -28.15 42.12 -0.69
N ASP U 102 -28.53 43.19 0.00
CA ASP U 102 -29.85 43.33 0.64
C ASP U 102 -31.00 43.33 -0.35
N MET U 103 -31.96 42.44 -0.11
CA MET U 103 -33.11 42.33 -0.98
C MET U 103 -33.85 43.66 -1.07
N PRO U 104 -34.10 44.13 -2.32
CA PRO U 104 -34.80 45.40 -2.54
C PRO U 104 -36.29 45.30 -2.20
N CYS U 105 -36.79 46.31 -1.51
CA CYS U 105 -38.18 46.34 -1.13
C CYS U 105 -39.15 45.82 -2.21
N ASP U 106 -38.99 46.30 -3.43
CA ASP U 106 -39.86 45.88 -4.53
C ASP U 106 -39.73 44.40 -4.85
N VAL U 107 -38.52 43.88 -4.81
CA VAL U 107 -38.33 42.47 -5.11
C VAL U 107 -38.98 41.65 -4.02
N LEU U 108 -38.82 42.07 -2.77
CA LEU U 108 -39.43 41.36 -1.65
C LEU U 108 -40.93 41.32 -1.85
N ALA U 109 -41.47 42.44 -2.32
CA ALA U 109 -42.90 42.51 -2.57
C ALA U 109 -43.25 41.48 -3.65
N LYS U 110 -42.58 41.56 -4.80
CA LYS U 110 -42.83 40.63 -5.91
C LYS U 110 -42.79 39.17 -5.47
N ARG U 111 -41.82 38.83 -4.62
CA ARG U 111 -41.69 37.47 -4.16
C ARG U 111 -42.88 37.09 -3.28
N MET U 112 -43.34 38.02 -2.44
CA MET U 112 -44.47 37.75 -1.56
C MET U 112 -45.76 37.69 -2.38
N ALA U 113 -45.83 38.54 -3.39
CA ALA U 113 -47.00 38.57 -4.27
C ALA U 113 -47.10 37.23 -5.02
N ASN U 114 -45.99 36.77 -5.59
CA ASN U 114 -45.96 35.50 -6.30
C ASN U 114 -46.36 34.38 -5.35
N LEU U 115 -45.96 34.53 -4.09
CA LEU U 115 -46.27 33.54 -3.08
C LEU U 115 -47.79 33.53 -2.86
N SER U 116 -48.40 34.71 -2.85
CA SER U 116 -49.84 34.83 -2.66
C SER U 116 -50.57 34.22 -3.86
N GLN U 117 -50.08 34.55 -5.07
CA GLN U 117 -50.65 34.05 -6.30
C GLN U 117 -50.85 32.53 -6.22
N ILE U 118 -49.87 31.84 -5.65
CA ILE U 118 -49.98 30.41 -5.53
C ILE U 118 -51.18 29.94 -4.72
N TYR U 119 -51.46 30.61 -3.61
CA TYR U 119 -52.59 30.19 -2.79
C TYR U 119 -53.89 30.42 -3.58
N THR U 120 -53.76 31.28 -4.58
CA THR U 120 -54.84 31.64 -5.49
C THR U 120 -55.12 30.53 -6.51
N GLN U 121 -54.09 29.75 -6.85
CA GLN U 121 -54.20 28.67 -7.85
C GLN U 121 -54.21 27.27 -7.28
N ARG U 122 -53.60 27.08 -6.12
CA ARG U 122 -53.57 25.77 -5.51
C ARG U 122 -54.67 25.65 -4.48
N ALA U 123 -55.44 24.58 -4.63
CA ALA U 123 -56.60 24.29 -3.79
C ALA U 123 -56.40 24.12 -2.30
N TYR U 124 -55.32 23.47 -1.88
CA TYR U 124 -55.14 23.26 -0.45
C TYR U 124 -54.57 24.43 0.36
N MET U 125 -54.05 25.45 -0.31
CA MET U 125 -53.52 26.62 0.38
C MET U 125 -54.57 27.74 0.39
N ARG U 126 -54.97 28.20 1.57
CA ARG U 126 -55.94 29.30 1.62
C ARG U 126 -55.19 30.62 1.50
N PRO U 127 -55.83 31.65 0.95
CA PRO U 127 -55.08 32.91 0.86
C PRO U 127 -54.90 33.48 2.27
N LEU U 128 -54.04 34.48 2.40
CA LEU U 128 -53.85 35.10 3.71
C LEU U 128 -54.65 36.39 3.70
N GLY U 129 -55.50 36.58 4.72
CA GLY U 129 -56.30 37.78 4.79
C GLY U 129 -55.50 38.99 5.20
N VAL U 130 -54.62 39.45 4.32
CA VAL U 130 -53.79 40.59 4.69
C VAL U 130 -53.31 41.34 3.46
N ILE U 131 -53.11 42.64 3.64
CA ILE U 131 -52.58 43.46 2.56
C ILE U 131 -51.27 43.93 3.16
N LEU U 132 -50.17 43.68 2.44
CA LEU U 132 -48.85 44.04 2.92
C LEU U 132 -48.27 45.26 2.24
N THR U 133 -47.87 46.24 3.04
CA THR U 133 -47.28 47.46 2.52
C THR U 133 -45.81 47.41 2.89
N PHE U 134 -44.92 47.35 1.90
CA PHE U 134 -43.50 47.30 2.17
C PHE U 134 -42.91 48.67 1.86
N VAL U 135 -42.06 49.15 2.77
CA VAL U 135 -41.42 50.45 2.58
C VAL U 135 -39.94 50.38 2.88
N SER U 136 -39.18 51.24 2.20
CA SER U 136 -37.74 51.31 2.36
C SER U 136 -37.20 52.48 1.57
N VAL U 137 -35.90 52.65 1.62
CA VAL U 137 -35.25 53.71 0.86
C VAL U 137 -34.23 52.92 0.03
N ASP U 138 -34.74 52.19 -0.96
CA ASP U 138 -33.91 51.36 -1.84
C ASP U 138 -32.62 52.04 -2.28
N GLU U 139 -31.52 51.30 -2.28
CA GLU U 139 -30.24 51.87 -2.67
C GLU U 139 -30.22 52.18 -4.16
N GLU U 140 -31.13 51.58 -4.91
CA GLU U 140 -31.18 51.87 -6.33
C GLU U 140 -32.40 52.68 -6.73
N LEU U 141 -33.53 52.45 -6.07
CA LEU U 141 -34.77 53.15 -6.40
C LEU U 141 -35.19 54.38 -5.61
N GLY U 142 -34.58 54.61 -4.45
CA GLY U 142 -34.98 55.76 -3.64
C GLY U 142 -36.13 55.34 -2.74
N PRO U 143 -36.80 56.27 -2.06
CA PRO U 143 -37.92 55.91 -1.16
C PRO U 143 -38.91 55.03 -1.91
N SER U 144 -39.37 53.97 -1.26
CA SER U 144 -40.27 53.03 -1.95
C SER U 144 -41.46 52.52 -1.15
N ILE U 145 -42.58 52.36 -1.85
CA ILE U 145 -43.80 51.84 -1.24
C ILE U 145 -44.33 50.78 -2.20
N TYR U 146 -44.46 49.55 -1.74
CA TYR U 146 -44.97 48.45 -2.55
C TYR U 146 -45.96 47.66 -1.70
N LYS U 147 -47.19 47.53 -2.19
CA LYS U 147 -48.22 46.84 -1.45
C LYS U 147 -48.72 45.61 -2.19
N THR U 148 -48.96 44.54 -1.45
CA THR U 148 -49.45 43.30 -2.05
C THR U 148 -50.74 42.89 -1.37
N ASP U 149 -51.59 42.14 -2.08
CA ASP U 149 -52.88 41.68 -1.56
C ASP U 149 -53.15 40.17 -1.75
N PRO U 150 -54.23 39.67 -1.14
CA PRO U 150 -54.57 38.24 -1.25
C PRO U 150 -54.76 37.74 -2.65
N ALA U 151 -54.84 38.65 -3.62
CA ALA U 151 -55.04 38.22 -4.99
C ALA U 151 -53.73 37.87 -5.64
N GLY U 152 -52.65 38.32 -5.02
CA GLY U 152 -51.34 38.05 -5.57
C GLY U 152 -51.01 39.22 -6.47
N TYR U 153 -51.51 40.38 -6.12
CA TYR U 153 -51.24 41.57 -6.91
C TYR U 153 -50.36 42.53 -6.11
N TYR U 154 -49.63 43.38 -6.82
CA TYR U 154 -48.79 44.34 -6.13
C TYR U 154 -48.37 45.43 -7.10
N VAL U 155 -47.94 46.57 -6.56
CA VAL U 155 -47.48 47.67 -7.41
C VAL U 155 -46.84 48.71 -6.50
N GLY U 156 -46.12 49.64 -7.10
CA GLY U 156 -45.46 50.67 -6.34
C GLY U 156 -46.36 51.89 -6.33
N TYR U 157 -46.25 52.70 -5.27
CA TYR U 157 -47.05 53.90 -5.11
C TYR U 157 -46.26 55.16 -4.76
N LYS U 158 -46.88 56.32 -4.97
CA LYS U 158 -46.30 57.62 -4.61
C LYS U 158 -46.61 57.76 -3.12
N ALA U 159 -47.75 57.15 -2.74
CA ALA U 159 -48.25 57.11 -1.37
C ALA U 159 -49.41 56.12 -1.43
N THR U 160 -49.92 55.68 -0.30
CA THR U 160 -51.04 54.75 -0.32
C THR U 160 -51.69 54.61 1.05
N ALA U 161 -52.94 54.15 1.07
CA ALA U 161 -53.66 53.95 2.32
C ALA U 161 -54.37 52.61 2.27
N THR U 162 -54.63 52.05 3.45
CA THR U 162 -55.27 50.75 3.51
C THR U 162 -56.12 50.65 4.77
N GLY U 163 -57.21 49.90 4.67
CA GLY U 163 -58.12 49.74 5.79
C GLY U 163 -59.54 50.14 5.42
N PRO U 164 -60.45 50.20 6.41
CA PRO U 164 -61.85 50.58 6.20
C PRO U 164 -62.07 51.92 5.47
N LYS U 165 -61.50 52.99 5.98
CA LYS U 165 -61.69 54.29 5.37
C LYS U 165 -60.59 54.62 4.37
N GLN U 166 -60.10 53.57 3.71
CA GLN U 166 -59.04 53.69 2.72
C GLN U 166 -59.31 54.79 1.70
N GLN U 167 -60.51 54.76 1.14
CA GLN U 167 -60.92 55.73 0.13
C GLN U 167 -60.83 57.19 0.55
N GLU U 168 -61.16 57.49 1.80
CA GLU U 168 -61.11 58.86 2.30
C GLU U 168 -59.66 59.33 2.30
N ILE U 169 -58.79 58.48 2.86
CA ILE U 169 -57.37 58.80 2.94
C ILE U 169 -56.75 58.91 1.54
N THR U 170 -57.10 58.00 0.65
CA THR U 170 -56.57 58.02 -0.72
C THR U 170 -56.87 59.33 -1.42
N THR U 171 -58.17 59.61 -1.61
CA THR U 171 -58.60 60.84 -2.28
C THR U 171 -58.03 62.08 -1.59
N ASN U 172 -57.83 62.02 -0.27
CA ASN U 172 -57.25 63.15 0.43
C ASN U 172 -55.86 63.38 -0.17
N LEU U 173 -55.05 62.32 -0.14
CA LEU U 173 -53.70 62.35 -0.67
C LEU U 173 -53.65 62.72 -2.14
N GLU U 174 -54.54 62.10 -2.93
CA GLU U 174 -54.62 62.37 -4.37
C GLU U 174 -54.72 63.85 -4.60
N ASN U 175 -55.54 64.49 -3.77
CA ASN U 175 -55.77 65.92 -3.88
C ASN U 175 -54.52 66.68 -3.55
N HIS U 176 -53.87 66.29 -2.46
CA HIS U 176 -52.66 66.98 -2.08
C HIS U 176 -51.64 66.95 -3.21
N PHE U 177 -51.52 65.80 -3.87
CA PHE U 177 -50.56 65.70 -4.96
C PHE U 177 -50.98 66.43 -6.22
N LYS U 178 -52.28 66.38 -6.57
CA LYS U 178 -52.74 67.10 -7.77
C LYS U 178 -52.32 68.56 -7.61
N LYS U 179 -52.28 68.98 -6.35
CA LYS U 179 -51.92 70.34 -5.96
C LYS U 179 -50.42 70.60 -6.03
N SER U 180 -49.63 69.80 -5.30
CA SER U 180 -48.18 69.97 -5.27
C SER U 180 -47.50 69.70 -6.62
N LYS U 181 -48.10 68.81 -7.40
CA LYS U 181 -47.57 68.46 -8.72
C LYS U 181 -46.36 67.52 -8.69
N ILE U 182 -45.87 67.22 -7.48
CA ILE U 182 -44.74 66.30 -7.33
C ILE U 182 -45.24 64.99 -6.73
N ASP U 183 -44.47 63.94 -6.91
CA ASP U 183 -44.86 62.61 -6.43
C ASP U 183 -44.34 62.31 -5.03
N HIS U 184 -44.00 63.35 -4.27
CA HIS U 184 -43.49 63.10 -2.92
C HIS U 184 -43.57 64.34 -2.03
N ILE U 185 -43.44 64.13 -0.73
CA ILE U 185 -43.46 65.22 0.24
C ILE U 185 -42.11 65.91 0.15
N ASN U 186 -42.08 67.13 -0.35
CA ASN U 186 -40.82 67.84 -0.45
C ASN U 186 -40.28 68.27 0.91
N GLU U 187 -39.85 67.30 1.71
CA GLU U 187 -39.31 67.59 3.04
C GLU U 187 -37.98 66.85 3.26
N GLU U 188 -37.03 67.52 3.89
CA GLU U 188 -35.71 66.94 4.13
C GLU U 188 -35.70 66.02 5.34
N SER U 189 -36.28 66.46 6.44
CA SER U 189 -36.30 65.62 7.62
C SER U 189 -37.52 64.73 7.62
N TRP U 190 -37.37 63.53 8.15
CA TRP U 190 -38.48 62.60 8.19
C TRP U 190 -39.53 62.99 9.23
N GLU U 191 -39.11 63.71 10.28
CA GLU U 191 -40.01 64.13 11.34
C GLU U 191 -41.14 64.97 10.75
N LYS U 192 -40.81 65.81 9.76
CA LYS U 192 -41.80 66.64 9.13
C LYS U 192 -42.69 65.78 8.22
N VAL U 193 -42.11 64.79 7.55
CA VAL U 193 -42.89 63.90 6.69
C VAL U 193 -43.79 63.07 7.58
N VAL U 194 -43.30 62.71 8.76
CA VAL U 194 -44.12 61.95 9.69
C VAL U 194 -45.30 62.82 10.11
N GLU U 195 -45.02 64.09 10.39
CA GLU U 195 -46.08 65.03 10.79
C GLU U 195 -47.10 65.19 9.67
N PHE U 196 -46.60 65.27 8.44
CA PHE U 196 -47.45 65.41 7.26
C PHE U 196 -48.42 64.23 7.19
N ALA U 197 -47.85 63.05 7.24
CA ALA U 197 -48.63 61.83 7.20
C ALA U 197 -49.71 61.88 8.25
N ILE U 198 -49.31 62.04 9.52
CA ILE U 198 -50.26 62.11 10.62
C ILE U 198 -51.32 63.18 10.40
N THR U 199 -50.90 64.35 9.93
CA THR U 199 -51.83 65.45 9.67
C THR U 199 -52.95 65.01 8.76
N HIS U 200 -52.62 64.70 7.50
CA HIS U 200 -53.63 64.27 6.55
C HIS U 200 -54.41 63.05 7.01
N MET U 201 -53.79 62.21 7.82
CA MET U 201 -54.48 61.03 8.35
C MET U 201 -55.65 61.57 9.19
N ILE U 202 -55.43 62.73 9.81
CA ILE U 202 -56.43 63.36 10.66
C ILE U 202 -57.48 64.06 9.79
N ASP U 203 -57.01 64.87 8.86
CA ASP U 203 -57.91 65.60 7.96
C ASP U 203 -58.86 64.64 7.25
N ALA U 204 -58.32 63.55 6.72
CA ALA U 204 -59.12 62.58 5.98
C ALA U 204 -60.05 61.77 6.84
N LEU U 205 -59.64 61.43 8.05
CA LEU U 205 -60.52 60.64 8.90
C LEU U 205 -61.34 61.53 9.83
N GLY U 206 -61.02 62.82 9.86
CA GLY U 206 -61.73 63.74 10.72
C GLY U 206 -61.66 63.26 12.16
N THR U 207 -60.46 63.00 12.65
CA THR U 207 -60.27 62.53 14.01
C THR U 207 -58.99 63.05 14.62
N GLU U 208 -59.01 63.22 15.94
CA GLU U 208 -57.84 63.70 16.65
C GLU U 208 -57.12 62.48 17.20
N PHE U 209 -55.80 62.59 17.38
CA PHE U 209 -55.04 61.46 17.90
C PHE U 209 -54.24 61.77 19.15
N SER U 210 -53.95 60.72 19.92
CA SER U 210 -53.16 60.83 21.13
C SER U 210 -51.93 59.94 20.85
N LYS U 211 -50.84 60.16 21.56
CA LYS U 211 -49.64 59.36 21.32
C LYS U 211 -49.93 57.86 21.26
N ASN U 212 -51.00 57.40 21.89
CA ASN U 212 -51.25 55.97 21.88
C ASN U 212 -52.26 55.47 20.86
N ASP U 213 -52.67 56.35 19.97
CA ASP U 213 -53.65 56.00 18.95
C ASP U 213 -52.98 55.74 17.61
N LEU U 214 -51.66 55.93 17.58
CA LEU U 214 -50.90 55.73 16.38
C LEU U 214 -49.74 54.77 16.55
N GLU U 215 -49.14 54.45 15.41
CA GLU U 215 -48.02 53.55 15.26
C GLU U 215 -47.34 54.14 14.05
N VAL U 216 -46.06 54.48 14.19
CA VAL U 216 -45.35 55.09 13.09
C VAL U 216 -44.12 54.28 12.76
N GLY U 217 -43.75 54.30 11.48
CA GLY U 217 -42.58 53.58 11.02
C GLY U 217 -41.88 54.49 10.02
N VAL U 218 -40.55 54.58 10.11
CA VAL U 218 -39.78 55.40 9.20
C VAL U 218 -38.68 54.55 8.55
N ALA U 219 -38.41 54.84 7.29
CA ALA U 219 -37.39 54.16 6.54
C ALA U 219 -36.45 55.21 5.98
N THR U 220 -35.19 55.15 6.40
CA THR U 220 -34.19 56.10 5.93
C THR U 220 -33.09 55.32 5.22
N LYS U 221 -32.13 56.05 4.69
CA LYS U 221 -31.00 55.43 4.02
C LYS U 221 -30.34 54.45 5.01
N ASP U 222 -30.32 53.18 4.64
CA ASP U 222 -29.71 52.16 5.49
C ASP U 222 -30.26 52.05 6.93
N LYS U 223 -31.57 51.96 7.03
CA LYS U 223 -32.29 51.76 8.29
C LYS U 223 -33.75 52.15 8.28
N PHE U 224 -34.55 51.28 8.87
CA PHE U 224 -35.98 51.45 9.01
C PHE U 224 -36.24 51.23 10.48
N PHE U 225 -36.96 52.16 11.09
CA PHE U 225 -37.23 52.08 12.51
C PHE U 225 -38.64 52.57 12.79
N THR U 226 -39.17 52.17 13.93
CA THR U 226 -40.51 52.58 14.35
C THR U 226 -40.36 53.61 15.47
N LEU U 227 -41.28 54.57 15.57
CA LEU U 227 -41.20 55.59 16.63
C LEU U 227 -41.76 55.08 17.94
N SER U 228 -41.59 55.87 18.99
CA SER U 228 -42.09 55.49 20.31
C SER U 228 -43.23 56.41 20.72
N ALA U 229 -43.96 56.02 21.76
CA ALA U 229 -45.06 56.83 22.24
C ALA U 229 -44.58 58.28 22.33
N GLU U 230 -43.38 58.46 22.88
CA GLU U 230 -42.82 59.80 23.04
C GLU U 230 -42.39 60.44 21.74
N ASN U 231 -41.75 59.66 20.87
CA ASN U 231 -41.30 60.17 19.59
C ASN U 231 -42.52 60.74 18.88
N ILE U 232 -43.63 60.01 19.01
CA ILE U 232 -44.88 60.40 18.40
C ILE U 232 -45.45 61.62 19.11
N GLU U 233 -45.51 61.54 20.43
CA GLU U 233 -46.01 62.66 21.23
C GLU U 233 -45.35 63.96 20.78
N GLU U 234 -44.03 63.97 20.77
CA GLU U 234 -43.28 65.15 20.36
C GLU U 234 -43.74 65.59 18.96
N ARG U 235 -44.08 64.62 18.13
CA ARG U 235 -44.51 64.90 16.76
C ARG U 235 -45.93 65.47 16.76
N LEU U 236 -46.78 64.95 17.64
CA LEU U 236 -48.16 65.42 17.77
C LEU U 236 -48.15 66.87 18.24
N VAL U 237 -47.28 67.17 19.21
CA VAL U 237 -47.17 68.53 19.73
C VAL U 237 -46.81 69.48 18.59
N ALA U 238 -45.99 68.99 17.67
CA ALA U 238 -45.56 69.78 16.54
C ALA U 238 -46.73 70.21 15.65
N ILE U 239 -47.55 69.26 15.21
CA ILE U 239 -48.69 69.58 14.35
C ILE U 239 -49.64 70.51 15.09
N ALA U 240 -49.66 70.38 16.42
CA ALA U 240 -50.52 71.19 17.26
C ALA U 240 -50.14 72.67 17.23
N GLU U 241 -48.84 72.96 17.22
CA GLU U 241 -48.38 74.33 17.19
C GLU U 241 -48.29 74.85 15.75
N GLN U 242 -49.32 74.53 14.97
CA GLN U 242 -49.39 74.95 13.58
C GLN U 242 -50.88 75.14 13.27
N ASP U 243 -51.71 74.51 14.11
CA ASP U 243 -53.18 74.56 14.04
C ASP U 243 -53.69 75.44 15.20
N THR V 1 -1.81 28.43 -18.67
CA THR V 1 -2.82 29.51 -18.70
C THR V 1 -2.39 30.66 -17.82
N THR V 2 -2.53 31.87 -18.35
CA THR V 2 -2.19 33.06 -17.61
C THR V 2 -3.37 34.02 -17.71
N ILE V 3 -3.98 34.36 -16.58
CA ILE V 3 -5.11 35.28 -16.58
C ILE V 3 -4.84 36.29 -15.49
N VAL V 4 -5.24 37.53 -15.73
CA VAL V 4 -4.99 38.60 -14.77
C VAL V 4 -6.13 39.61 -14.68
N GLY V 5 -6.17 40.32 -13.57
CA GLY V 5 -7.17 41.35 -13.35
C GLY V 5 -6.46 42.60 -12.85
N VAL V 6 -6.88 43.75 -13.32
CA VAL V 6 -6.26 45.00 -12.89
C VAL V 6 -7.24 46.14 -12.91
N LYS V 7 -7.51 46.71 -11.74
CA LYS V 7 -8.44 47.82 -11.63
C LYS V 7 -7.74 49.14 -11.90
N PHE V 8 -8.45 50.06 -12.55
CA PHE V 8 -7.91 51.38 -12.84
C PHE V 8 -8.89 52.42 -12.31
N ASN V 9 -8.49 53.69 -12.32
CA ASN V 9 -9.31 54.79 -11.82
C ASN V 9 -10.83 54.78 -12.08
N ASN V 10 -11.29 54.20 -13.18
CA ASN V 10 -12.72 54.20 -13.44
C ASN V 10 -13.21 52.89 -14.05
N GLY V 11 -12.67 51.78 -13.56
CA GLY V 11 -13.08 50.50 -14.09
C GLY V 11 -12.17 49.36 -13.72
N VAL V 12 -12.16 48.35 -14.57
CA VAL V 12 -11.36 47.19 -14.32
C VAL V 12 -11.12 46.50 -15.66
N VAL V 13 -9.95 45.87 -15.80
CA VAL V 13 -9.64 45.16 -17.03
C VAL V 13 -9.13 43.77 -16.66
N ILE V 14 -9.40 42.82 -17.55
CA ILE V 14 -8.93 41.46 -17.33
C ILE V 14 -8.37 40.95 -18.64
N ALA V 15 -7.29 40.18 -18.57
CA ALA V 15 -6.66 39.65 -19.76
C ALA V 15 -6.32 38.18 -19.58
N ALA V 16 -5.94 37.53 -20.68
CA ALA V 16 -5.58 36.12 -20.65
C ALA V 16 -4.88 35.68 -21.92
N ASP V 17 -4.18 34.55 -21.85
CA ASP V 17 -3.52 33.99 -23.02
C ASP V 17 -4.57 33.18 -23.74
N THR V 18 -4.17 32.51 -24.82
CA THR V 18 -5.11 31.73 -25.61
C THR V 18 -4.71 30.27 -25.85
N ARG V 19 -3.79 29.75 -25.04
CA ARG V 19 -3.33 28.37 -25.20
C ARG V 19 -4.06 27.34 -24.32
N SER V 20 -4.51 26.28 -24.96
CA SER V 20 -5.23 25.20 -24.29
C SER V 20 -4.35 23.95 -24.40
N THR V 21 -4.28 23.13 -23.36
CA THR V 21 -3.44 21.94 -23.41
C THR V 21 -3.94 20.69 -22.73
N GLN V 22 -3.48 19.55 -23.24
CA GLN V 22 -3.77 18.25 -22.67
C GLN V 22 -2.40 17.58 -22.63
N GLY V 23 -1.75 17.68 -21.48
CA GLY V 23 -0.43 17.12 -21.32
C GLY V 23 0.58 18.11 -21.88
N PRO V 24 1.48 17.66 -22.75
CA PRO V 24 2.48 18.56 -23.35
C PRO V 24 2.04 19.00 -24.75
N ILE V 25 0.88 18.51 -25.18
CA ILE V 25 0.33 18.85 -26.48
C ILE V 25 -0.66 20.01 -26.43
N VAL V 26 -0.50 20.96 -27.35
CA VAL V 26 -1.40 22.11 -27.43
C VAL V 26 -2.68 21.70 -28.14
N ALA V 27 -3.79 21.70 -27.42
CA ALA V 27 -5.10 21.32 -27.99
C ALA V 27 -5.66 22.48 -28.83
N ASP V 28 -5.72 23.67 -28.24
CA ASP V 28 -6.23 24.83 -28.95
C ASP V 28 -5.18 25.93 -28.88
N LYS V 29 -4.69 26.33 -30.05
CA LYS V 29 -3.69 27.38 -30.10
C LYS V 29 -4.29 28.76 -29.84
N ASN V 30 -5.62 28.85 -29.89
CA ASN V 30 -6.29 30.13 -29.67
C ASN V 30 -7.71 30.02 -29.14
N CYS V 31 -7.87 29.52 -27.92
CA CYS V 31 -9.20 29.43 -27.35
C CYS V 31 -9.41 30.72 -26.58
N ALA V 32 -10.64 30.98 -26.17
CA ALA V 32 -10.91 32.20 -25.42
C ALA V 32 -11.10 31.81 -23.97
N LYS V 33 -10.35 32.45 -23.10
CA LYS V 33 -10.44 32.14 -21.68
C LYS V 33 -11.25 33.21 -20.93
N LEU V 34 -11.79 34.15 -21.71
CA LEU V 34 -12.60 35.23 -21.16
C LEU V 34 -14.09 34.91 -21.38
N HIS V 35 -14.82 34.75 -20.28
CA HIS V 35 -16.23 34.40 -20.30
C HIS V 35 -17.15 35.54 -19.88
N ARG V 36 -18.26 35.71 -20.58
CA ARG V 36 -19.19 36.77 -20.23
C ARG V 36 -20.27 36.18 -19.30
N ILE V 37 -20.41 36.76 -18.12
CA ILE V 37 -21.42 36.31 -17.18
C ILE V 37 -22.68 37.16 -17.40
N SER V 38 -22.46 38.43 -17.72
CA SER V 38 -23.53 39.36 -18.01
C SER V 38 -22.85 40.44 -18.84
N PRO V 39 -23.62 41.24 -19.57
CA PRO V 39 -23.01 42.29 -20.40
C PRO V 39 -21.83 43.03 -19.78
N LYS V 40 -21.86 43.29 -18.47
CA LYS V 40 -20.75 44.03 -17.89
C LYS V 40 -20.02 43.34 -16.76
N ILE V 41 -20.12 42.01 -16.74
CA ILE V 41 -19.43 41.21 -15.75
C ILE V 41 -18.78 40.08 -16.53
N TRP V 42 -17.45 40.15 -16.65
CA TRP V 42 -16.73 39.10 -17.36
C TRP V 42 -15.82 38.33 -16.43
N CYS V 43 -15.65 37.06 -16.78
CA CYS V 43 -14.87 36.13 -16.01
C CYS V 43 -13.73 35.52 -16.82
N ALA V 44 -12.53 35.49 -16.24
CA ALA V 44 -11.35 34.89 -16.88
C ALA V 44 -11.09 33.61 -16.09
N GLY V 45 -11.02 32.48 -16.78
CA GLY V 45 -10.83 31.23 -16.07
C GLY V 45 -9.71 30.28 -16.45
N ALA V 46 -9.10 29.71 -15.42
CA ALA V 46 -8.02 28.75 -15.55
C ALA V 46 -8.44 27.46 -14.86
N GLY V 47 -7.75 26.37 -15.19
CA GLY V 47 -8.08 25.08 -14.61
C GLY V 47 -8.67 24.19 -15.68
N THR V 48 -9.53 23.26 -15.28
CA THR V 48 -10.18 22.35 -16.22
C THR V 48 -11.05 23.16 -17.17
N ALA V 49 -10.59 23.33 -18.41
CA ALA V 49 -11.32 24.10 -19.41
C ALA V 49 -12.86 23.92 -19.39
N ALA V 50 -13.33 22.69 -19.60
CA ALA V 50 -14.77 22.41 -19.62
C ALA V 50 -15.45 23.05 -18.43
N ASP V 51 -14.84 22.88 -17.25
CA ASP V 51 -15.38 23.42 -16.01
C ASP V 51 -15.47 24.95 -16.01
N THR V 52 -14.40 25.64 -16.36
CA THR V 52 -14.47 27.09 -16.36
C THR V 52 -15.62 27.56 -17.24
N GLU V 53 -15.85 26.84 -18.34
CA GLU V 53 -16.93 27.17 -19.29
C GLU V 53 -18.32 26.89 -18.69
N ALA V 54 -18.56 25.64 -18.34
CA ALA V 54 -19.84 25.23 -17.78
C ALA V 54 -20.24 26.05 -16.55
N VAL V 55 -19.35 26.18 -15.58
CA VAL V 55 -19.67 26.93 -14.38
C VAL V 55 -19.97 28.38 -14.75
N THR V 56 -19.17 28.94 -15.64
CA THR V 56 -19.36 30.32 -16.08
C THR V 56 -20.73 30.52 -16.69
N GLN V 57 -21.15 29.60 -17.54
CA GLN V 57 -22.45 29.73 -18.18
C GLN V 57 -23.57 29.52 -17.20
N LEU V 58 -23.46 28.49 -16.37
CA LEU V 58 -24.48 28.21 -15.38
C LEU V 58 -24.78 29.46 -14.55
N ILE V 59 -23.78 29.99 -13.87
CA ILE V 59 -24.02 31.20 -13.08
C ILE V 59 -24.51 32.34 -13.97
N GLY V 60 -24.01 32.41 -15.20
CA GLY V 60 -24.48 33.45 -16.10
C GLY V 60 -25.98 33.32 -16.35
N SER V 61 -26.40 32.12 -16.75
CA SER V 61 -27.80 31.80 -17.01
C SER V 61 -28.66 32.25 -15.83
N ASN V 62 -28.21 31.96 -14.61
CA ASN V 62 -28.97 32.36 -13.43
C ASN V 62 -28.89 33.85 -13.16
N ILE V 63 -27.73 34.45 -13.44
CA ILE V 63 -27.61 35.88 -13.21
C ILE V 63 -28.60 36.57 -14.13
N GLU V 64 -28.73 36.04 -15.35
CA GLU V 64 -29.64 36.62 -16.32
C GLU V 64 -31.06 36.55 -15.82
N LEU V 65 -31.52 35.36 -15.45
CA LEU V 65 -32.87 35.20 -14.95
C LEU V 65 -33.11 36.16 -13.77
N HIS V 66 -32.23 36.11 -12.77
CA HIS V 66 -32.33 36.96 -11.59
C HIS V 66 -32.47 38.43 -11.98
N SER V 67 -31.65 38.88 -12.93
CA SER V 67 -31.69 40.27 -13.39
C SER V 67 -33.08 40.62 -13.91
N LEU V 68 -33.67 39.71 -14.66
CA LEU V 68 -35.00 39.90 -15.21
C LEU V 68 -36.04 39.95 -14.09
N TYR V 69 -35.89 39.06 -13.13
CA TYR V 69 -36.83 38.98 -12.01
C TYR V 69 -36.77 40.21 -11.10
N THR V 70 -35.57 40.71 -10.87
CA THR V 70 -35.38 41.87 -9.99
C THR V 70 -35.41 43.19 -10.73
N SER V 71 -35.44 43.13 -12.05
CA SER V 71 -35.44 44.33 -12.89
C SER V 71 -34.26 45.25 -12.55
N ARG V 72 -33.14 44.64 -12.17
CA ARG V 72 -31.91 45.35 -11.81
C ARG V 72 -30.71 44.79 -12.54
N GLU V 73 -29.66 45.61 -12.65
CA GLU V 73 -28.42 45.21 -13.29
C GLU V 73 -27.80 44.08 -12.49
N PRO V 74 -27.02 43.20 -13.13
CA PRO V 74 -26.44 42.14 -12.32
C PRO V 74 -25.29 42.80 -11.53
N ARG V 75 -25.03 42.29 -10.34
CA ARG V 75 -23.94 42.83 -9.53
C ARG V 75 -22.84 41.79 -9.45
N VAL V 76 -21.60 42.25 -9.48
CA VAL V 76 -20.49 41.33 -9.42
C VAL V 76 -20.57 40.46 -8.17
N VAL V 77 -20.82 41.04 -7.01
CA VAL V 77 -20.89 40.24 -5.80
C VAL V 77 -21.92 39.11 -5.89
N SER V 78 -22.89 39.22 -6.80
CA SER V 78 -23.89 38.16 -6.94
C SER V 78 -23.31 36.96 -7.68
N ALA V 79 -22.51 37.23 -8.70
CA ALA V 79 -21.88 36.16 -9.46
C ALA V 79 -20.81 35.52 -8.58
N LEU V 80 -20.15 36.36 -7.78
CA LEU V 80 -19.10 35.89 -6.87
C LEU V 80 -19.69 34.94 -5.85
N GLN V 81 -20.80 35.34 -5.26
CA GLN V 81 -21.44 34.53 -4.26
C GLN V 81 -21.99 33.25 -4.86
N MET V 82 -22.68 33.37 -5.99
CA MET V 82 -23.27 32.21 -6.68
C MET V 82 -22.19 31.20 -7.07
N LEU V 83 -21.15 31.69 -7.75
CA LEU V 83 -20.03 30.85 -8.16
C LEU V 83 -19.45 30.13 -6.94
N LYS V 84 -18.92 30.91 -5.99
CA LYS V 84 -18.29 30.34 -4.81
C LYS V 84 -19.13 29.29 -4.10
N GLN V 85 -20.39 29.57 -3.83
CA GLN V 85 -21.21 28.59 -3.13
C GLN V 85 -21.36 27.33 -3.98
N HIS V 86 -21.30 27.50 -5.30
CA HIS V 86 -21.42 26.37 -6.21
C HIS V 86 -20.15 25.53 -6.09
N LEU V 87 -19.02 26.17 -6.36
CA LEU V 87 -17.73 25.49 -6.28
C LEU V 87 -17.52 24.81 -4.94
N PHE V 88 -17.94 25.46 -3.87
CA PHE V 88 -17.79 24.89 -2.55
C PHE V 88 -18.65 23.65 -2.38
N LYS V 89 -19.84 23.68 -2.97
CA LYS V 89 -20.78 22.57 -2.88
C LYS V 89 -20.11 21.37 -3.50
N TYR V 90 -19.25 21.63 -4.47
CA TYR V 90 -18.57 20.58 -5.18
C TYR V 90 -17.17 20.24 -4.69
N GLN V 91 -16.95 20.39 -3.39
CA GLN V 91 -15.67 20.05 -2.77
C GLN V 91 -14.44 20.18 -3.65
N GLY V 92 -14.35 21.25 -4.44
CA GLY V 92 -13.20 21.43 -5.31
C GLY V 92 -13.13 20.49 -6.50
N HIS V 93 -14.11 19.60 -6.64
CA HIS V 93 -14.11 18.68 -7.76
C HIS V 93 -14.36 19.32 -9.10
N ILE V 94 -14.76 20.58 -9.09
CA ILE V 94 -14.96 21.28 -10.33
C ILE V 94 -13.77 22.20 -10.44
N GLY V 95 -12.76 21.72 -11.16
CA GLY V 95 -11.52 22.45 -11.32
C GLY V 95 -11.57 23.83 -11.96
N ALA V 96 -12.21 24.76 -11.28
CA ALA V 96 -12.30 26.10 -11.82
C ALA V 96 -11.60 27.10 -10.95
N TYR V 97 -10.80 27.94 -11.57
CA TYR V 97 -10.09 28.99 -10.87
C TYR V 97 -10.40 30.21 -11.71
N LEU V 98 -11.14 31.14 -11.15
CA LEU V 98 -11.55 32.29 -11.90
C LEU V 98 -11.28 33.64 -11.31
N ILE V 99 -11.08 34.61 -12.20
CA ILE V 99 -10.89 35.99 -11.83
C ILE V 99 -12.11 36.67 -12.41
N VAL V 100 -13.03 37.09 -11.54
CA VAL V 100 -14.25 37.72 -12.01
C VAL V 100 -14.22 39.25 -11.80
N ALA V 101 -14.70 39.96 -12.81
CA ALA V 101 -14.72 41.40 -12.72
C ALA V 101 -15.90 42.00 -13.47
N GLY V 102 -16.04 43.31 -13.33
CA GLY V 102 -17.12 44.00 -13.99
C GLY V 102 -17.59 45.20 -13.20
N VAL V 103 -18.49 45.97 -13.81
CA VAL V 103 -19.05 47.14 -13.19
C VAL V 103 -20.56 47.01 -13.11
N ASP V 104 -21.11 47.50 -12.00
CA ASP V 104 -22.53 47.43 -11.78
C ASP V 104 -22.93 48.72 -11.03
N PRO V 105 -24.20 48.84 -10.64
CA PRO V 105 -24.62 50.05 -9.94
C PRO V 105 -23.80 50.43 -8.70
N THR V 106 -23.14 49.46 -8.07
CA THR V 106 -22.36 49.76 -6.87
C THR V 106 -20.91 50.15 -7.14
N GLY V 107 -20.47 50.09 -8.39
CA GLY V 107 -19.10 50.45 -8.72
C GLY V 107 -18.36 49.40 -9.56
N SER V 108 -17.02 49.43 -9.53
CA SER V 108 -16.22 48.45 -10.29
C SER V 108 -15.62 47.43 -9.34
N HIS V 109 -15.56 46.17 -9.75
CA HIS V 109 -15.07 45.13 -8.87
C HIS V 109 -14.08 44.14 -9.48
N LEU V 110 -13.24 43.58 -8.60
CA LEU V 110 -12.21 42.61 -8.96
C LEU V 110 -12.04 41.53 -7.90
N PHE V 111 -12.37 40.29 -8.25
CA PHE V 111 -12.26 39.16 -7.33
C PHE V 111 -11.59 37.98 -8.02
N SER V 112 -11.38 36.93 -7.23
CA SER V 112 -10.78 35.69 -7.72
C SER V 112 -11.41 34.56 -6.91
N ILE V 113 -11.71 33.46 -7.58
CA ILE V 113 -12.29 32.31 -6.91
C ILE V 113 -11.43 31.09 -7.17
N HIS V 114 -11.33 30.22 -6.18
CA HIS V 114 -10.53 29.01 -6.29
C HIS V 114 -11.45 27.82 -6.27
N ALA V 115 -11.13 26.80 -7.07
CA ALA V 115 -11.95 25.61 -7.19
C ALA V 115 -12.58 25.12 -5.89
N HIS V 116 -11.92 25.34 -4.76
CA HIS V 116 -12.51 24.88 -3.50
C HIS V 116 -13.56 25.81 -2.95
N GLY V 117 -13.64 27.02 -3.48
CA GLY V 117 -14.65 27.94 -3.04
C GLY V 117 -14.27 29.17 -2.25
N SER V 118 -12.99 29.46 -2.10
CA SER V 118 -12.60 30.63 -1.34
C SER V 118 -12.44 31.80 -2.31
N THR V 119 -12.67 33.02 -1.82
CA THR V 119 -12.54 34.19 -2.68
C THR V 119 -11.64 35.29 -2.11
N ASP V 120 -10.99 36.01 -3.02
CA ASP V 120 -10.08 37.10 -2.65
C ASP V 120 -10.48 38.39 -3.38
N VAL V 121 -10.01 39.52 -2.87
CA VAL V 121 -10.32 40.82 -3.48
C VAL V 121 -9.11 41.73 -3.51
N GLY V 122 -8.85 42.34 -4.66
CA GLY V 122 -7.72 43.24 -4.76
C GLY V 122 -7.76 44.12 -5.99
N TYR V 123 -6.69 44.86 -6.22
CA TYR V 123 -6.61 45.73 -7.39
C TYR V 123 -5.92 45.06 -8.57
N TYR V 124 -5.21 43.98 -8.29
CA TYR V 124 -4.53 43.20 -9.33
C TYR V 124 -4.43 41.75 -8.88
N LEU V 125 -4.76 40.86 -9.78
CA LEU V 125 -4.77 39.43 -9.50
C LEU V 125 -4.37 38.62 -10.72
N SER V 126 -3.79 37.46 -10.48
CA SER V 126 -3.41 36.57 -11.58
C SER V 126 -3.62 35.14 -11.13
N LEU V 127 -3.95 34.27 -12.07
CA LEU V 127 -4.16 32.86 -11.78
C LEU V 127 -3.68 32.03 -12.94
N GLY V 128 -3.47 30.73 -12.69
CA GLY V 128 -3.01 29.84 -13.75
C GLY V 128 -1.54 29.50 -13.61
N SER V 129 -1.03 28.66 -14.51
CA SER V 129 0.38 28.28 -14.44
C SER V 129 1.34 29.44 -14.72
N GLY V 130 0.81 30.53 -15.26
CA GLY V 130 1.65 31.69 -15.54
C GLY V 130 1.48 32.70 -14.43
N SER V 131 0.63 32.35 -13.47
CA SER V 131 0.33 33.19 -12.34
C SER V 131 1.55 33.94 -11.84
N LEU V 132 2.61 33.19 -11.57
CA LEU V 132 3.85 33.77 -11.04
C LEU V 132 4.58 34.74 -11.95
N ALA V 133 4.69 34.39 -13.23
CA ALA V 133 5.39 35.29 -14.14
C ALA V 133 4.60 36.59 -14.18
N ALA V 134 3.29 36.46 -14.36
CA ALA V 134 2.41 37.62 -14.42
C ALA V 134 2.52 38.43 -13.13
N MET V 135 2.30 37.77 -12.00
CA MET V 135 2.35 38.45 -10.72
C MET V 135 3.65 39.23 -10.52
N ALA V 136 4.76 38.71 -11.04
CA ALA V 136 6.04 39.38 -10.91
C ALA V 136 5.95 40.75 -11.59
N VAL V 137 5.40 40.75 -12.80
CA VAL V 137 5.23 41.96 -13.58
C VAL V 137 4.31 42.92 -12.82
N LEU V 138 3.21 42.38 -12.30
CA LEU V 138 2.27 43.20 -11.56
C LEU V 138 2.94 43.80 -10.32
N GLU V 139 3.60 42.96 -9.52
CA GLU V 139 4.25 43.46 -8.32
C GLU V 139 5.34 44.46 -8.64
N SER V 140 5.70 44.54 -9.91
CA SER V 140 6.76 45.44 -10.33
C SER V 140 6.27 46.73 -10.96
N HIS V 141 5.06 46.72 -11.52
CA HIS V 141 4.56 47.93 -12.18
C HIS V 141 3.19 48.48 -11.76
N TRP V 142 2.48 47.78 -10.89
CA TRP V 142 1.19 48.28 -10.50
C TRP V 142 1.37 49.44 -9.53
N LYS V 143 0.52 50.45 -9.67
CA LYS V 143 0.54 51.62 -8.81
C LYS V 143 -0.92 51.98 -8.62
N GLN V 144 -1.25 52.63 -7.51
CA GLN V 144 -2.63 53.00 -7.26
C GLN V 144 -3.02 54.09 -8.26
N ASP V 145 -4.25 54.02 -8.76
CA ASP V 145 -4.77 55.00 -9.72
C ASP V 145 -4.10 54.94 -11.08
N LEU V 146 -4.48 53.94 -11.87
CA LEU V 146 -3.94 53.77 -13.20
C LEU V 146 -4.98 54.23 -14.21
N THR V 147 -4.53 54.81 -15.32
CA THR V 147 -5.46 55.24 -16.36
C THR V 147 -5.84 53.98 -17.12
N LYS V 148 -6.99 54.03 -17.78
CA LYS V 148 -7.45 52.89 -18.58
C LYS V 148 -6.32 52.30 -19.44
N GLU V 149 -5.54 53.15 -20.09
CA GLU V 149 -4.45 52.67 -20.94
C GLU V 149 -3.35 52.02 -20.14
N GLU V 150 -2.95 52.69 -19.05
CA GLU V 150 -1.90 52.15 -18.20
C GLU V 150 -2.33 50.75 -17.80
N ALA V 151 -3.55 50.65 -17.31
CA ALA V 151 -4.08 49.36 -16.89
C ALA V 151 -3.99 48.32 -18.00
N ILE V 152 -4.47 48.64 -19.20
CA ILE V 152 -4.41 47.67 -20.29
C ILE V 152 -2.99 47.20 -20.61
N LYS V 153 -2.04 48.12 -20.58
CA LYS V 153 -0.64 47.77 -20.85
C LYS V 153 -0.20 46.77 -19.77
N LEU V 154 -0.32 47.20 -18.51
CA LEU V 154 0.08 46.37 -17.38
C LEU V 154 -0.53 44.98 -17.47
N ALA V 155 -1.82 44.91 -17.70
CA ALA V 155 -2.50 43.62 -17.80
C ALA V 155 -1.88 42.82 -18.94
N SER V 156 -1.84 43.44 -20.11
CA SER V 156 -1.29 42.78 -21.29
C SER V 156 0.17 42.34 -21.08
N ASP V 157 0.97 43.18 -20.44
CA ASP V 157 2.37 42.86 -20.16
C ASP V 157 2.46 41.63 -19.26
N ALA V 158 1.57 41.53 -18.28
CA ALA V 158 1.57 40.40 -17.37
C ALA V 158 1.26 39.13 -18.14
N ILE V 159 0.28 39.19 -19.02
CA ILE V 159 -0.08 38.01 -19.80
C ILE V 159 1.12 37.58 -20.63
N GLN V 160 1.79 38.55 -21.24
CA GLN V 160 2.94 38.23 -22.05
C GLN V 160 3.91 37.44 -21.20
N ALA V 161 4.29 38.00 -20.04
CA ALA V 161 5.21 37.33 -19.14
C ALA V 161 4.90 35.84 -19.13
N GLY V 162 3.63 35.50 -18.97
CA GLY V 162 3.22 34.11 -18.94
C GLY V 162 3.45 33.38 -20.24
N ILE V 163 2.92 33.93 -21.34
CA ILE V 163 3.08 33.32 -22.65
C ILE V 163 4.54 32.92 -22.87
N TRP V 164 5.42 33.91 -22.78
CA TRP V 164 6.86 33.75 -22.97
C TRP V 164 7.60 32.83 -21.97
N ASN V 165 7.34 33.01 -20.68
CA ASN V 165 8.01 32.25 -19.63
C ASN V 165 7.29 31.01 -19.09
N ASP V 166 6.04 30.79 -19.48
CA ASP V 166 5.35 29.60 -19.00
C ASP V 166 4.98 28.71 -20.17
N LEU V 167 5.31 27.43 -20.04
CA LEU V 167 5.06 26.47 -21.10
C LEU V 167 3.60 26.10 -21.20
N GLY V 168 2.84 26.39 -20.15
CA GLY V 168 1.43 26.06 -20.16
C GLY V 168 0.64 27.19 -20.75
N SER V 169 1.33 28.27 -21.09
CA SER V 169 0.71 29.46 -21.66
C SER V 169 1.35 29.89 -22.97
N GLY V 170 0.57 30.58 -23.81
CA GLY V 170 1.10 31.03 -25.07
C GLY V 170 0.06 31.59 -26.02
N SER V 171 0.52 31.89 -27.23
CA SER V 171 -0.30 32.43 -28.32
C SER V 171 -0.65 33.90 -28.17
N ASN V 172 -1.94 34.19 -28.13
CA ASN V 172 -2.40 35.57 -28.05
C ASN V 172 -2.80 36.12 -26.69
N VAL V 173 -3.12 37.41 -26.71
CA VAL V 173 -3.55 38.13 -25.52
C VAL V 173 -4.98 38.66 -25.74
N ASP V 174 -5.93 38.14 -24.96
CA ASP V 174 -7.31 38.58 -25.03
C ASP V 174 -7.53 39.54 -23.86
N VAL V 175 -8.23 40.64 -24.11
CA VAL V 175 -8.49 41.63 -23.08
C VAL V 175 -9.96 42.04 -23.09
N CYS V 176 -10.46 42.49 -21.95
CA CYS V 176 -11.84 42.97 -21.82
C CYS V 176 -11.82 44.12 -20.83
N VAL V 177 -12.21 45.30 -21.30
CA VAL V 177 -12.22 46.48 -20.46
C VAL V 177 -13.64 46.78 -20.01
N MET V 178 -13.81 46.96 -18.70
CA MET V 178 -15.11 47.27 -18.12
C MET V 178 -15.00 48.61 -17.40
N GLU V 179 -15.33 49.67 -18.11
CA GLU V 179 -15.26 51.01 -17.53
C GLU V 179 -16.58 51.46 -16.95
N ILE V 180 -16.54 51.94 -15.71
CA ILE V 180 -17.72 52.38 -15.00
C ILE V 180 -18.81 53.08 -15.81
N GLY V 181 -18.44 53.98 -16.72
CA GLY V 181 -19.47 54.66 -17.46
C GLY V 181 -19.98 54.03 -18.75
N LYS V 182 -19.16 53.23 -19.42
CA LYS V 182 -19.56 52.68 -20.71
C LYS V 182 -19.90 51.20 -20.81
N ASP V 183 -19.98 50.74 -22.05
CA ASP V 183 -20.25 49.34 -22.38
C ASP V 183 -18.93 48.63 -22.22
N ALA V 184 -18.96 47.35 -21.89
CA ALA V 184 -17.73 46.60 -21.72
C ALA V 184 -17.12 46.33 -23.09
N GLU V 185 -15.84 46.61 -23.27
CA GLU V 185 -15.23 46.30 -24.57
C GLU V 185 -14.30 45.11 -24.46
N TYR V 186 -14.69 44.07 -25.19
CA TYR V 186 -13.98 42.80 -25.25
C TYR V 186 -13.10 42.87 -26.49
N LEU V 187 -11.80 42.74 -26.26
CA LEU V 187 -10.82 42.80 -27.33
C LEU V 187 -10.22 41.43 -27.53
N ARG V 188 -10.82 40.64 -28.41
CA ARG V 188 -10.33 39.31 -28.71
C ARG V 188 -9.08 39.45 -29.55
N ASN V 189 -8.00 38.83 -29.11
CA ASN V 189 -6.72 38.87 -29.81
C ASN V 189 -6.20 40.29 -29.91
N TYR V 190 -6.20 40.96 -28.77
CA TYR V 190 -5.72 42.32 -28.68
C TYR V 190 -4.24 42.33 -29.04
N LEU V 191 -3.60 41.17 -28.93
CA LEU V 191 -2.19 40.99 -29.25
C LEU V 191 -1.97 39.60 -29.82
N THR V 192 -1.29 39.54 -30.96
CA THR V 192 -1.02 38.26 -31.59
C THR V 192 0.47 38.18 -31.96
N PRO V 193 1.34 38.12 -30.93
CA PRO V 193 2.80 38.06 -31.08
C PRO V 193 3.38 36.70 -31.42
N ASN V 194 2.57 35.77 -31.91
CA ASN V 194 3.09 34.44 -32.23
C ASN V 194 2.53 33.86 -33.53
N VAL V 195 2.67 34.60 -34.62
CA VAL V 195 2.20 34.12 -35.91
C VAL V 195 3.26 33.23 -36.51
N ARG V 196 2.89 32.01 -36.89
CA ARG V 196 3.85 31.08 -37.46
C ARG V 196 4.46 31.63 -38.74
N GLU V 197 5.76 31.40 -38.92
CA GLU V 197 6.47 31.86 -40.12
C GLU V 197 6.04 30.98 -41.28
N GLU V 198 6.10 31.55 -42.48
CA GLU V 198 5.72 30.81 -43.66
C GLU V 198 6.52 29.54 -43.77
N LYS V 199 5.83 28.44 -44.03
CA LYS V 199 6.50 27.16 -44.16
C LYS V 199 7.51 27.18 -45.29
N GLN V 200 8.51 26.32 -45.19
CA GLN V 200 9.60 26.23 -46.16
C GLN V 200 9.17 25.67 -47.51
N LYS V 201 8.17 24.79 -47.49
CA LYS V 201 7.70 24.16 -48.71
C LYS V 201 6.19 23.98 -48.61
N SER V 202 5.53 23.76 -49.74
CA SER V 202 4.11 23.52 -49.76
C SER V 202 4.00 22.01 -49.85
N TYR V 203 3.12 21.41 -49.08
CA TYR V 203 3.03 19.96 -49.10
C TYR V 203 1.81 19.43 -49.81
N LYS V 204 1.33 20.24 -50.75
CA LYS V 204 0.17 19.92 -51.57
C LYS V 204 0.54 18.70 -52.42
N PHE V 205 -0.17 17.59 -52.24
CA PHE V 205 0.13 16.38 -52.99
C PHE V 205 -0.45 16.39 -54.38
N PRO V 206 0.23 15.73 -55.33
CA PRO V 206 -0.27 15.67 -56.70
C PRO V 206 -1.47 14.73 -56.69
N ARG V 207 -2.61 15.20 -57.17
CA ARG V 207 -3.80 14.37 -57.18
C ARG V 207 -3.51 12.98 -57.72
N GLY V 208 -4.10 11.98 -57.09
CA GLY V 208 -3.88 10.61 -57.52
C GLY V 208 -2.84 9.92 -56.63
N THR V 209 -2.20 10.71 -55.76
CA THR V 209 -1.18 10.21 -54.84
C THR V 209 -1.72 9.13 -53.91
N THR V 210 -2.94 9.33 -53.41
CA THR V 210 -3.57 8.37 -52.50
C THR V 210 -4.28 7.26 -53.23
N ALA V 211 -4.01 6.03 -52.81
CA ALA V 211 -4.63 4.87 -53.43
C ALA V 211 -6.01 4.64 -52.86
N VAL V 212 -7.01 4.57 -53.73
CA VAL V 212 -8.40 4.35 -53.29
C VAL V 212 -8.92 2.96 -53.63
N LEU V 213 -9.68 2.37 -52.72
CA LEU V 213 -10.24 1.03 -52.92
C LEU V 213 -11.65 1.05 -53.50
N LYS V 214 -12.49 1.93 -52.96
CA LYS V 214 -13.88 2.01 -53.37
C LYS V 214 -14.33 3.45 -53.29
N GLU V 215 -15.48 3.77 -53.87
CA GLU V 215 -15.98 5.13 -53.84
C GLU V 215 -17.50 5.16 -54.01
N SER V 216 -18.13 6.20 -53.49
CA SER V 216 -19.58 6.34 -53.60
C SER V 216 -20.03 7.69 -53.08
N ILE V 217 -21.26 8.06 -53.43
CA ILE V 217 -21.82 9.33 -53.00
C ILE V 217 -22.70 9.05 -51.79
N VAL V 218 -22.83 10.03 -50.91
CA VAL V 218 -23.64 9.85 -49.72
C VAL V 218 -24.94 10.65 -49.80
N ASN V 219 -25.99 10.07 -49.23
CA ASN V 219 -27.32 10.68 -49.23
C ASN V 219 -27.59 11.45 -47.92
N ILE V 220 -27.71 12.77 -48.05
CA ILE V 220 -27.99 13.64 -46.90
C ILE V 220 -29.47 14.04 -46.85
N CYS V 221 -30.07 14.20 -48.04
CA CYS V 221 -31.47 14.57 -48.16
C CYS V 221 -32.36 13.39 -47.75
N ASP V 222 -33.27 13.63 -46.79
CA ASP V 222 -34.18 12.60 -46.30
C ASP V 222 -35.29 12.26 -47.31
N SER W 1 -6.99 -0.98 -18.69
CA SER W 1 -6.60 0.22 -17.89
C SER W 1 -7.16 1.51 -18.48
N ASP W 2 -6.44 2.11 -19.43
CA ASP W 2 -6.91 3.34 -20.06
C ASP W 2 -7.98 2.99 -21.09
N PRO W 3 -9.26 3.30 -20.79
CA PRO W 3 -10.39 3.03 -21.66
C PRO W 3 -10.17 3.49 -23.09
N SER W 4 -9.74 4.74 -23.23
CA SER W 4 -9.49 5.30 -24.54
C SER W 4 -8.38 4.58 -25.30
N SER W 5 -7.81 3.54 -24.71
CA SER W 5 -6.74 2.80 -25.38
C SER W 5 -6.97 1.30 -25.34
N ILE W 6 -8.22 0.90 -25.41
CA ILE W 6 -8.56 -0.51 -25.39
C ILE W 6 -8.87 -0.98 -26.79
N ASN W 7 -9.61 -0.14 -27.53
CA ASN W 7 -10.05 -0.46 -28.88
C ASN W 7 -9.25 0.17 -29.98
N GLY W 8 -8.77 1.38 -29.75
CA GLY W 8 -7.98 2.07 -30.75
C GLY W 8 -8.82 2.84 -31.74
N GLY W 9 -8.16 3.37 -32.76
CA GLY W 9 -8.87 4.12 -33.77
C GLY W 9 -8.54 5.59 -33.78
N ILE W 10 -8.79 6.26 -34.90
CA ILE W 10 -8.52 7.68 -35.00
C ILE W 10 -9.45 8.36 -35.99
N VAL W 11 -9.63 9.66 -35.82
CA VAL W 11 -10.48 10.46 -36.67
C VAL W 11 -9.83 11.82 -36.85
N VAL W 12 -10.07 12.43 -37.98
CA VAL W 12 -9.49 13.74 -38.26
C VAL W 12 -10.35 14.48 -39.27
N ALA W 13 -10.63 15.74 -38.97
CA ALA W 13 -11.44 16.57 -39.82
C ALA W 13 -10.58 17.71 -40.32
N MET W 14 -10.92 18.19 -41.51
CA MET W 14 -10.17 19.26 -42.14
C MET W 14 -11.08 20.15 -42.97
N THR W 15 -10.76 21.43 -42.96
CA THR W 15 -11.53 22.39 -43.72
C THR W 15 -10.81 22.76 -45.01
N GLY W 16 -11.59 23.10 -46.03
CA GLY W 16 -11.03 23.48 -47.32
C GLY W 16 -11.79 24.65 -47.89
N LYS W 17 -11.79 24.77 -49.21
CA LYS W 17 -12.50 25.86 -49.86
C LYS W 17 -13.94 25.43 -50.08
N ASP W 18 -14.84 25.98 -49.26
CA ASP W 18 -16.26 25.67 -49.37
C ASP W 18 -16.45 24.17 -49.33
N CYS W 19 -15.77 23.54 -48.39
CA CYS W 19 -15.84 22.09 -48.23
C CYS W 19 -15.15 21.72 -46.93
N VAL W 20 -15.49 20.56 -46.40
CA VAL W 20 -14.88 20.04 -45.18
C VAL W 20 -14.70 18.56 -45.40
N ALA W 21 -13.74 17.98 -44.69
CA ALA W 21 -13.49 16.56 -44.81
C ALA W 21 -13.27 15.95 -43.44
N ILE W 22 -13.68 14.69 -43.29
CA ILE W 22 -13.48 14.00 -42.04
C ILE W 22 -13.18 12.56 -42.42
N ALA W 23 -12.19 11.97 -41.75
CA ALA W 23 -11.79 10.61 -42.05
C ALA W 23 -11.49 9.82 -40.80
N CYS W 24 -11.53 8.50 -40.92
CA CYS W 24 -11.25 7.63 -39.80
C CYS W 24 -10.66 6.30 -40.29
N ASP W 25 -10.15 5.50 -39.36
CA ASP W 25 -9.58 4.20 -39.71
C ASP W 25 -10.73 3.21 -39.56
N LEU W 26 -10.45 1.92 -39.68
CA LEU W 26 -11.54 0.95 -39.55
C LEU W 26 -11.24 -0.10 -38.51
N ARG W 27 -10.18 0.12 -37.75
CA ARG W 27 -9.79 -0.86 -36.74
C ARG W 27 -10.63 -0.83 -35.48
N LEU W 28 -10.84 -2.03 -34.93
CA LEU W 28 -11.57 -2.21 -33.69
C LEU W 28 -10.92 -3.44 -33.11
N GLY W 29 -10.10 -3.24 -32.10
CA GLY W 29 -9.46 -4.39 -31.51
C GLY W 29 -9.51 -4.31 -30.02
N SER W 30 -9.11 -5.39 -29.37
CA SER W 30 -9.07 -5.47 -27.92
C SER W 30 -7.59 -5.61 -27.57
N GLN W 31 -7.01 -4.51 -27.10
CA GLN W 31 -5.60 -4.51 -26.75
C GLN W 31 -4.89 -4.77 -28.06
N SER W 32 -4.00 -5.75 -28.05
CA SER W 32 -3.22 -6.10 -29.23
C SER W 32 -4.06 -6.81 -30.30
N LEU W 33 -4.98 -7.65 -29.84
CA LEU W 33 -5.82 -8.40 -30.75
C LEU W 33 -6.69 -7.55 -31.65
N GLY W 34 -6.52 -7.71 -32.96
CA GLY W 34 -7.36 -6.98 -33.91
C GLY W 34 -8.64 -7.78 -34.01
N VAL W 35 -9.80 -7.11 -34.03
CA VAL W 35 -11.07 -7.82 -34.09
C VAL W 35 -11.95 -7.52 -35.31
N SER W 36 -12.15 -6.24 -35.62
CA SER W 36 -12.93 -5.92 -36.80
C SER W 36 -12.24 -4.87 -37.63
N ASN W 37 -12.27 -5.09 -38.93
CA ASN W 37 -11.66 -4.20 -39.91
C ASN W 37 -12.74 -3.40 -40.62
N LYS W 38 -13.91 -3.32 -40.00
CA LYS W 38 -15.03 -2.61 -40.59
C LYS W 38 -15.75 -1.66 -39.64
N PHE W 39 -15.10 -1.35 -38.52
CA PHE W 39 -15.70 -0.45 -37.53
C PHE W 39 -15.51 1.02 -37.92
N GLU W 40 -16.50 1.58 -38.59
CA GLU W 40 -16.44 2.98 -38.99
C GLU W 40 -16.74 3.85 -37.76
N LYS W 41 -16.07 4.99 -37.67
CA LYS W 41 -16.24 5.85 -36.52
C LYS W 41 -16.87 7.18 -36.87
N ILE W 42 -17.33 7.30 -38.11
CA ILE W 42 -17.99 8.51 -38.56
C ILE W 42 -19.45 8.26 -38.88
N PHE W 43 -20.31 9.14 -38.39
CA PHE W 43 -21.75 9.07 -38.60
C PHE W 43 -22.22 10.44 -39.03
N HIS W 44 -23.49 10.52 -39.41
CA HIS W 44 -24.06 11.79 -39.80
C HIS W 44 -25.55 11.83 -39.48
N TYR W 45 -26.01 13.05 -39.24
CA TYR W 45 -27.39 13.31 -38.92
C TYR W 45 -27.69 14.50 -39.83
N GLY W 46 -28.46 14.25 -40.87
CA GLY W 46 -28.77 15.32 -41.79
C GLY W 46 -27.48 15.65 -42.50
N HIS W 47 -27.15 16.93 -42.57
CA HIS W 47 -25.92 17.30 -43.24
C HIS W 47 -24.77 17.51 -42.25
N VAL W 48 -24.95 17.09 -41.01
CA VAL W 48 -23.89 17.27 -40.01
C VAL W 48 -23.22 15.93 -39.74
N PHE W 49 -21.88 15.93 -39.79
CA PHE W 49 -21.12 14.70 -39.56
C PHE W 49 -20.41 14.66 -38.22
N LEU W 50 -20.37 13.46 -37.63
CA LEU W 50 -19.71 13.25 -36.35
C LEU W 50 -18.86 11.99 -36.30
N GLY W 51 -17.57 12.17 -36.00
CA GLY W 51 -16.66 11.05 -35.86
C GLY W 51 -16.38 10.86 -34.37
N ILE W 52 -16.37 9.61 -33.89
CA ILE W 52 -16.15 9.36 -32.47
C ILE W 52 -15.03 8.36 -32.20
N THR W 53 -13.95 8.79 -31.54
CA THR W 53 -12.85 7.88 -31.20
C THR W 53 -12.92 7.53 -29.71
N GLY W 54 -12.36 6.39 -29.31
CA GLY W 54 -12.41 6.03 -27.92
C GLY W 54 -12.96 4.63 -27.68
N LEU W 55 -13.59 4.41 -26.53
CA LEU W 55 -14.14 3.11 -26.20
C LEU W 55 -15.33 2.82 -27.14
N ALA W 56 -15.17 1.82 -28.01
CA ALA W 56 -16.19 1.47 -28.99
C ALA W 56 -17.64 1.47 -28.47
N THR W 57 -17.87 0.86 -27.31
CA THR W 57 -19.21 0.79 -26.74
C THR W 57 -19.78 2.20 -26.56
N ASP W 58 -18.95 3.12 -26.06
CA ASP W 58 -19.40 4.50 -25.88
C ASP W 58 -19.56 5.15 -27.25
N VAL W 59 -18.70 4.78 -28.20
CA VAL W 59 -18.81 5.33 -29.54
C VAL W 59 -20.19 4.97 -30.08
N THR W 60 -20.52 3.68 -30.05
CA THR W 60 -21.81 3.17 -30.50
C THR W 60 -22.93 3.93 -29.79
N THR W 61 -22.92 3.88 -28.46
CA THR W 61 -23.90 4.58 -27.65
C THR W 61 -24.08 6.05 -28.03
N LEU W 62 -23.00 6.83 -28.00
CA LEU W 62 -23.11 8.25 -28.34
C LEU W 62 -23.75 8.50 -29.70
N ASN W 63 -23.57 7.57 -30.62
CA ASN W 63 -24.18 7.73 -31.93
C ASN W 63 -25.67 7.52 -31.80
N GLU W 64 -26.06 6.38 -31.22
CA GLU W 64 -27.46 6.07 -31.02
C GLU W 64 -28.15 7.23 -30.29
N MET W 65 -27.43 7.85 -29.35
CA MET W 65 -27.98 8.97 -28.59
C MET W 65 -28.22 10.17 -29.48
N PHE W 66 -27.20 10.59 -30.21
CA PHE W 66 -27.33 11.76 -31.08
C PHE W 66 -28.33 11.57 -32.22
N ARG W 67 -28.51 10.33 -32.67
CA ARG W 67 -29.50 10.07 -33.70
C ARG W 67 -30.81 10.49 -33.03
N TYR W 68 -31.16 9.75 -31.97
CA TYR W 68 -32.36 10.01 -31.16
C TYR W 68 -32.59 11.51 -30.93
N LYS W 69 -31.57 12.22 -30.43
CA LYS W 69 -31.71 13.65 -30.20
C LYS W 69 -31.96 14.43 -31.47
N THR W 70 -31.12 14.24 -32.49
CA THR W 70 -31.30 14.97 -33.75
C THR W 70 -32.65 14.69 -34.43
N ASN W 71 -33.17 13.47 -34.27
CA ASN W 71 -34.45 13.12 -34.86
C ASN W 71 -35.54 13.96 -34.23
N LEU W 72 -35.67 13.86 -32.90
CA LEU W 72 -36.67 14.65 -32.21
C LEU W 72 -36.45 16.13 -32.53
N TYR W 73 -35.19 16.56 -32.58
CA TYR W 73 -34.91 17.95 -32.87
C TYR W 73 -35.56 18.40 -34.16
N LYS W 74 -35.52 17.54 -35.17
CA LYS W 74 -36.09 17.82 -36.48
C LYS W 74 -37.62 17.88 -36.41
N LEU W 75 -38.21 16.93 -35.68
CA LEU W 75 -39.66 16.91 -35.54
C LEU W 75 -40.14 18.22 -34.90
N LYS W 76 -39.46 18.67 -33.86
CA LYS W 76 -39.87 19.89 -33.18
C LYS W 76 -39.46 21.20 -33.84
N GLU W 77 -38.20 21.29 -34.26
CA GLU W 77 -37.71 22.51 -34.89
C GLU W 77 -38.18 22.62 -36.34
N GLU W 78 -38.53 21.49 -36.92
CA GLU W 78 -38.97 21.44 -38.31
C GLU W 78 -37.88 21.92 -39.26
N ARG W 79 -36.68 21.40 -39.03
CA ARG W 79 -35.50 21.69 -39.86
C ARG W 79 -34.39 20.79 -39.36
N ALA W 80 -33.35 20.61 -40.17
CA ALA W 80 -32.23 19.77 -39.76
C ALA W 80 -31.30 20.64 -38.91
N ILE W 81 -30.69 20.02 -37.90
CA ILE W 81 -29.81 20.75 -37.01
C ILE W 81 -28.56 21.18 -37.73
N GLU W 82 -28.00 22.32 -37.32
CA GLU W 82 -26.78 22.84 -37.93
C GLU W 82 -25.53 22.38 -37.16
N PRO W 83 -24.36 22.43 -37.80
CA PRO W 83 -23.15 22.01 -37.12
C PRO W 83 -22.92 22.75 -35.81
N GLU W 84 -22.96 24.08 -35.85
CA GLU W 84 -22.73 24.89 -34.66
C GLU W 84 -23.62 24.48 -33.51
N THR W 85 -24.90 24.30 -33.79
CA THR W 85 -25.85 23.90 -32.75
C THR W 85 -25.49 22.51 -32.27
N PHE W 86 -25.39 21.57 -33.19
CA PHE W 86 -25.05 20.19 -32.84
C PHE W 86 -23.86 20.14 -31.90
N THR W 87 -22.84 20.92 -32.23
CA THR W 87 -21.63 21.00 -31.41
C THR W 87 -22.04 21.28 -29.98
N GLN W 88 -22.89 22.29 -29.81
CA GLN W 88 -23.39 22.64 -28.50
C GLN W 88 -24.11 21.50 -27.84
N LEU W 89 -24.96 20.81 -28.61
CA LEU W 89 -25.70 19.68 -28.09
C LEU W 89 -24.72 18.62 -27.62
N VAL W 90 -23.77 18.30 -28.49
CA VAL W 90 -22.78 17.30 -28.15
C VAL W 90 -22.04 17.71 -26.88
N SER W 91 -21.60 18.96 -26.82
CA SER W 91 -20.87 19.44 -25.64
C SER W 91 -21.67 19.24 -24.35
N SER W 92 -22.86 19.82 -24.28
CA SER W 92 -23.67 19.68 -23.09
C SER W 92 -24.00 18.23 -22.84
N SER W 93 -24.14 17.44 -23.91
CA SER W 93 -24.47 16.03 -23.75
C SER W 93 -23.40 15.32 -22.94
N LEU W 94 -22.14 15.61 -23.25
CA LEU W 94 -21.00 15.01 -22.57
C LEU W 94 -20.81 15.53 -21.15
N TYR W 95 -20.76 16.86 -21.01
CA TYR W 95 -20.58 17.46 -19.70
C TYR W 95 -21.66 17.02 -18.71
N GLU W 96 -22.77 16.51 -19.23
CA GLU W 96 -23.85 16.03 -18.39
C GLU W 96 -23.38 14.83 -17.59
N ARG W 97 -22.36 14.17 -18.11
CA ARG W 97 -21.77 13.00 -17.48
C ARG W 97 -20.41 13.37 -16.92
N ARG W 98 -20.28 14.61 -16.44
CA ARG W 98 -19.02 15.13 -15.90
C ARG W 98 -18.21 14.23 -15.01
N PHE W 99 -18.85 13.57 -14.06
CA PHE W 99 -18.13 12.71 -13.14
C PHE W 99 -18.32 11.21 -13.41
N GLY W 100 -18.31 10.87 -14.70
CA GLY W 100 -18.48 9.49 -15.13
C GLY W 100 -18.70 9.58 -16.62
N PRO W 101 -17.79 10.27 -17.32
CA PRO W 101 -17.84 10.48 -18.77
C PRO W 101 -17.78 9.25 -19.64
N TYR W 102 -18.11 9.46 -20.91
CA TYR W 102 -18.04 8.42 -21.91
C TYR W 102 -16.60 8.60 -22.34
N PHE W 103 -15.89 7.52 -22.59
CA PHE W 103 -14.50 7.63 -22.99
C PHE W 103 -14.43 7.77 -24.48
N VAL W 104 -14.69 8.98 -24.95
CA VAL W 104 -14.71 9.29 -26.36
C VAL W 104 -14.06 10.62 -26.66
N GLY W 105 -13.79 10.84 -27.94
CA GLY W 105 -13.20 12.08 -28.40
C GLY W 105 -13.92 12.34 -29.70
N PRO W 106 -15.04 13.07 -29.65
CA PRO W 106 -15.91 13.42 -30.78
C PRO W 106 -15.42 14.55 -31.67
N VAL W 107 -15.58 14.33 -32.97
CA VAL W 107 -15.20 15.32 -33.97
C VAL W 107 -16.42 15.63 -34.83
N VAL W 108 -16.73 16.92 -34.92
CA VAL W 108 -17.87 17.37 -35.69
C VAL W 108 -17.44 18.12 -36.94
N ALA W 109 -18.04 17.75 -38.07
CA ALA W 109 -17.74 18.37 -39.36
C ALA W 109 -19.01 18.59 -40.20
N GLY W 110 -19.09 19.75 -40.83
CA GLY W 110 -20.22 20.07 -41.66
C GLY W 110 -20.14 21.47 -42.23
N ILE W 111 -21.13 21.80 -43.06
CA ILE W 111 -21.24 23.10 -43.70
C ILE W 111 -22.59 23.66 -43.27
N ASN W 112 -22.60 24.91 -42.79
CA ASN W 112 -23.86 25.51 -42.36
C ASN W 112 -24.71 25.73 -43.60
N SER W 113 -25.80 24.98 -43.71
CA SER W 113 -26.70 25.10 -44.86
C SER W 113 -27.18 26.52 -45.14
N LYS W 114 -27.29 27.35 -44.10
CA LYS W 114 -27.75 28.70 -44.32
C LYS W 114 -26.63 29.69 -44.65
N SER W 115 -25.44 29.48 -44.08
CA SER W 115 -24.30 30.38 -44.32
C SER W 115 -23.31 29.82 -45.34
N GLY W 116 -23.41 28.51 -45.61
CA GLY W 116 -22.52 27.87 -46.57
C GLY W 116 -21.14 27.64 -45.99
N LYS W 117 -20.87 28.28 -44.86
CA LYS W 117 -19.59 28.17 -44.17
C LYS W 117 -19.28 26.75 -43.69
N PRO W 118 -18.00 26.33 -43.82
CA PRO W 118 -17.54 25.00 -43.39
C PRO W 118 -17.30 25.04 -41.88
N PHE W 119 -17.52 23.92 -41.21
CA PHE W 119 -17.35 23.87 -39.76
C PHE W 119 -16.89 22.53 -39.20
N ILE W 120 -15.91 22.62 -38.29
CA ILE W 120 -15.33 21.46 -37.61
C ILE W 120 -15.07 21.82 -36.14
N ALA W 121 -15.21 20.83 -35.27
CA ALA W 121 -14.96 21.03 -33.86
C ALA W 121 -14.68 19.73 -33.09
N GLY W 122 -13.80 19.83 -32.10
CA GLY W 122 -13.44 18.68 -31.28
C GLY W 122 -13.83 18.91 -29.84
N PHE W 123 -13.94 17.82 -29.08
CA PHE W 123 -14.34 17.88 -27.66
C PHE W 123 -13.49 16.95 -26.82
N ASP W 124 -13.21 17.30 -25.57
CA ASP W 124 -12.46 16.38 -24.73
C ASP W 124 -13.57 15.45 -24.17
N LEU W 125 -13.24 14.46 -23.36
CA LEU W 125 -14.32 13.56 -22.93
C LEU W 125 -15.44 14.16 -22.11
N ILE W 126 -15.30 15.41 -21.68
CA ILE W 126 -16.37 16.00 -20.91
C ILE W 126 -16.94 17.25 -21.55
N GLY W 127 -16.83 17.33 -22.87
CA GLY W 127 -17.43 18.46 -23.54
C GLY W 127 -16.59 19.65 -23.92
N CYS W 128 -15.40 19.82 -23.34
CA CYS W 128 -14.65 20.98 -23.74
C CYS W 128 -14.61 21.12 -25.27
N ILE W 129 -15.11 22.24 -25.76
CA ILE W 129 -15.18 22.44 -27.20
C ILE W 129 -13.99 23.14 -27.86
N ASP W 130 -13.41 22.50 -28.87
CA ASP W 130 -12.30 23.10 -29.61
C ASP W 130 -12.81 23.33 -31.02
N GLU W 131 -12.96 24.60 -31.37
CA GLU W 131 -13.44 24.95 -32.69
C GLU W 131 -12.28 25.48 -33.50
N ALA W 132 -11.68 24.61 -34.28
CA ALA W 132 -10.56 25.00 -35.11
C ALA W 132 -11.07 25.35 -36.50
N LYS W 133 -10.35 26.24 -37.17
CA LYS W 133 -10.69 26.67 -38.52
C LYS W 133 -9.90 25.89 -39.57
N ASP W 134 -8.98 25.04 -39.10
CA ASP W 134 -8.15 24.24 -39.99
C ASP W 134 -8.36 22.73 -39.88
N PHE W 135 -8.03 22.16 -38.74
CA PHE W 135 -8.17 20.74 -38.54
C PHE W 135 -8.38 20.34 -37.08
N ILE W 136 -8.93 19.15 -36.91
CA ILE W 136 -9.21 18.61 -35.60
C ILE W 136 -8.76 17.16 -35.63
N VAL W 137 -8.09 16.72 -34.59
CA VAL W 137 -7.61 15.34 -34.53
C VAL W 137 -8.08 14.62 -33.30
N SER W 138 -8.24 13.31 -33.41
CA SER W 138 -8.71 12.53 -32.29
C SER W 138 -8.33 11.08 -32.45
N GLY W 139 -8.02 10.43 -31.34
CA GLY W 139 -7.65 9.04 -31.39
C GLY W 139 -6.32 8.69 -30.73
N THR W 140 -6.04 7.39 -30.71
CA THR W 140 -4.81 6.86 -30.13
C THR W 140 -3.59 7.37 -30.87
N ALA W 141 -3.78 7.85 -32.09
CA ALA W 141 -2.65 8.35 -32.84
C ALA W 141 -2.76 9.85 -33.10
N SER W 142 -3.40 10.55 -32.15
CA SER W 142 -3.61 11.99 -32.26
C SER W 142 -2.34 12.84 -32.37
N ASP W 143 -1.25 12.38 -31.77
CA ASP W 143 0.00 13.13 -31.85
C ASP W 143 0.53 13.05 -33.28
N GLN W 144 0.60 11.84 -33.80
CA GLN W 144 1.06 11.66 -35.16
C GLN W 144 0.21 12.57 -36.06
N LEU W 145 -1.10 12.54 -35.87
CA LEU W 145 -2.01 13.36 -36.67
C LEU W 145 -1.72 14.85 -36.54
N PHE W 146 -1.34 15.30 -35.34
CA PHE W 146 -1.04 16.71 -35.17
C PHE W 146 0.20 17.04 -36.00
N GLY W 147 1.21 16.18 -35.91
CA GLY W 147 2.42 16.39 -36.68
C GLY W 147 2.14 16.42 -38.17
N MET W 148 1.32 15.46 -38.62
CA MET W 148 0.95 15.36 -40.03
C MET W 148 0.24 16.62 -40.52
N CYS W 149 -0.82 16.98 -39.79
CA CYS W 149 -1.63 18.14 -40.13
C CYS W 149 -0.86 19.44 -40.05
N GLU W 150 -0.27 19.71 -38.89
CA GLU W 150 0.47 20.94 -38.70
C GLU W 150 1.41 21.27 -39.87
N SER W 151 1.88 20.23 -40.56
CA SER W 151 2.79 20.42 -41.70
C SER W 151 2.04 20.37 -43.05
N LEU W 152 1.47 19.22 -43.36
CA LEU W 152 0.73 19.01 -44.62
C LEU W 152 -0.27 20.11 -44.98
N TYR W 153 -1.19 20.37 -44.06
CA TYR W 153 -2.25 21.36 -44.21
C TYR W 153 -1.89 22.77 -44.63
N GLU W 154 -2.76 23.35 -45.47
CA GLU W 154 -2.69 24.72 -45.98
C GLU W 154 -4.14 25.09 -46.27
N PRO W 155 -4.50 26.37 -46.08
CA PRO W 155 -5.83 26.94 -46.30
C PRO W 155 -6.47 26.77 -47.68
N ASN W 156 -7.78 26.92 -47.71
CA ASN W 156 -8.58 26.84 -48.93
C ASN W 156 -8.18 25.81 -49.97
N LEU W 157 -8.01 24.56 -49.56
CA LEU W 157 -7.67 23.51 -50.51
C LEU W 157 -8.95 23.16 -51.25
N GLU W 158 -8.84 22.83 -52.52
CA GLU W 158 -10.03 22.44 -53.27
C GLU W 158 -10.37 21.04 -52.79
N PRO W 159 -11.64 20.64 -52.94
CA PRO W 159 -12.04 19.30 -52.50
C PRO W 159 -11.08 18.19 -52.91
N GLU W 160 -10.71 18.17 -54.18
CA GLU W 160 -9.80 17.16 -54.73
C GLU W 160 -8.42 17.17 -54.07
N ASP W 161 -7.96 18.35 -53.66
CA ASP W 161 -6.66 18.46 -53.01
C ASP W 161 -6.77 18.08 -51.54
N LEU W 162 -7.76 18.68 -50.85
CA LEU W 162 -7.99 18.40 -49.45
C LEU W 162 -8.08 16.89 -49.21
N PHE W 163 -8.61 16.17 -50.18
CA PHE W 163 -8.72 14.73 -50.05
C PHE W 163 -7.35 14.09 -49.95
N GLU W 164 -6.45 14.54 -50.82
CA GLU W 164 -5.10 13.99 -50.80
C GLU W 164 -4.48 14.32 -49.47
N THR W 165 -4.58 15.59 -49.07
CA THR W 165 -4.00 16.01 -47.79
C THR W 165 -4.56 15.24 -46.58
N ILE W 166 -5.86 15.28 -46.37
CA ILE W 166 -6.42 14.56 -45.24
C ILE W 166 -6.05 13.06 -45.28
N SER W 167 -6.03 12.44 -46.45
CA SER W 167 -5.70 11.02 -46.56
C SER W 167 -4.27 10.72 -46.14
N GLN W 168 -3.34 11.55 -46.58
CA GLN W 168 -1.95 11.36 -46.23
C GLN W 168 -1.72 11.54 -44.74
N ALA W 169 -2.39 12.52 -44.15
CA ALA W 169 -2.24 12.75 -42.72
C ALA W 169 -2.74 11.51 -41.99
N LEU W 170 -3.99 11.13 -42.23
CA LEU W 170 -4.57 9.96 -41.59
C LEU W 170 -3.72 8.72 -41.77
N LEU W 171 -3.43 8.43 -43.03
CA LEU W 171 -2.67 7.25 -43.44
C LEU W 171 -1.30 7.11 -42.80
N ASN W 172 -0.49 8.16 -42.87
CA ASN W 172 0.85 8.10 -42.30
C ASN W 172 0.86 8.08 -40.77
N ALA W 173 -0.06 8.81 -40.17
CA ALA W 173 -0.17 8.84 -38.71
C ALA W 173 -0.57 7.46 -38.21
N ALA W 174 -1.55 6.85 -38.87
CA ALA W 174 -2.05 5.54 -38.50
C ALA W 174 -1.00 4.44 -38.50
N ASP W 175 -0.10 4.51 -39.48
CA ASP W 175 0.95 3.50 -39.61
C ASP W 175 1.97 3.50 -38.48
N ARG W 176 2.10 4.64 -37.81
CA ARG W 176 3.01 4.78 -36.67
C ARG W 176 2.32 4.42 -35.36
N ASP W 177 1.08 3.94 -35.45
CA ASP W 177 0.32 3.56 -34.26
C ASP W 177 -0.18 2.12 -34.38
N ALA W 178 0.19 1.33 -33.39
CA ALA W 178 -0.19 -0.08 -33.35
C ALA W 178 -1.68 -0.31 -33.22
N LEU W 179 -2.39 0.68 -32.67
CA LEU W 179 -3.83 0.56 -32.46
C LEU W 179 -4.74 1.22 -33.51
N SER W 180 -4.17 1.63 -34.63
CA SER W 180 -4.92 2.27 -35.71
C SER W 180 -4.63 1.63 -37.06
N GLY W 181 -5.51 1.89 -38.03
CA GLY W 181 -5.33 1.36 -39.35
C GLY W 181 -6.32 0.25 -39.70
N TRP W 182 -5.83 -0.80 -40.34
CA TRP W 182 -6.69 -1.91 -40.72
C TRP W 182 -7.80 -1.48 -41.68
N GLY W 183 -7.60 -0.36 -42.36
CA GLY W 183 -8.59 0.13 -43.30
C GLY W 183 -8.90 1.57 -42.97
N ALA W 184 -9.48 2.31 -43.92
CA ALA W 184 -9.81 3.69 -43.67
C ALA W 184 -10.86 4.19 -44.64
N VAL W 185 -11.57 5.24 -44.25
CA VAL W 185 -12.59 5.84 -45.07
C VAL W 185 -12.49 7.35 -44.93
N VAL W 186 -12.69 8.06 -46.03
CA VAL W 186 -12.61 9.52 -46.04
C VAL W 186 -13.85 10.14 -46.71
N TYR W 187 -14.42 11.12 -46.01
CA TYR W 187 -15.61 11.83 -46.48
C TYR W 187 -15.26 13.23 -46.95
N ILE W 188 -15.66 13.56 -48.17
CA ILE W 188 -15.43 14.90 -48.69
C ILE W 188 -16.81 15.53 -48.82
N ILE W 189 -17.06 16.51 -47.96
CA ILE W 189 -18.35 17.19 -47.90
C ILE W 189 -18.39 18.58 -48.54
N LYS W 190 -19.39 18.75 -49.41
CA LYS W 190 -19.61 20.03 -50.11
C LYS W 190 -21.06 20.44 -49.85
N LYS W 191 -21.40 21.68 -50.23
CA LYS W 191 -22.76 22.20 -50.03
C LYS W 191 -23.84 21.33 -50.65
N ASP W 192 -23.51 20.75 -51.80
CA ASP W 192 -24.43 19.91 -52.56
C ASP W 192 -24.23 18.40 -52.37
N GLU W 193 -23.03 17.91 -52.70
CA GLU W 193 -22.74 16.49 -52.59
C GLU W 193 -21.67 16.11 -51.56
N VAL W 194 -21.68 14.82 -51.22
CA VAL W 194 -20.74 14.26 -50.25
C VAL W 194 -20.21 12.95 -50.80
N VAL W 195 -18.90 12.89 -51.00
CA VAL W 195 -18.28 11.68 -51.52
C VAL W 195 -17.52 10.90 -50.47
N LYS W 196 -17.72 9.59 -50.45
CA LYS W 196 -17.07 8.71 -49.49
C LYS W 196 -16.15 7.71 -50.19
N ARG W 197 -14.87 7.75 -49.85
CA ARG W 197 -13.91 6.82 -50.45
C ARG W 197 -13.24 5.97 -49.39
N TYR W 198 -12.88 4.76 -49.76
CA TYR W 198 -12.17 3.85 -48.85
C TYR W 198 -10.73 3.76 -49.37
N LEU W 199 -9.77 4.05 -48.49
CA LEU W 199 -8.38 4.02 -48.88
C LEU W 199 -7.74 2.63 -48.81
N LYS W 200 -6.67 2.46 -49.58
CA LYS W 200 -5.90 1.21 -49.57
C LYS W 200 -4.70 1.50 -48.66
N MET W 201 -4.49 0.66 -47.65
CA MET W 201 -3.38 0.88 -46.74
C MET W 201 -2.90 -0.42 -46.14
N ARG W 202 -1.74 -0.36 -45.48
CA ARG W 202 -1.14 -1.50 -44.84
C ARG W 202 -2.18 -2.22 -44.01
N GLN W 203 -2.02 -3.52 -43.83
CA GLN W 203 -2.96 -4.29 -43.04
C GLN W 203 -2.30 -5.02 -41.87
N ASP W 204 -1.23 -4.43 -41.34
CA ASP W 204 -0.47 -5.02 -40.23
C ASP W 204 -0.60 -4.27 -38.88
N MET X 1 -10.05 -18.75 -20.41
CA MET X 1 -11.53 -18.70 -20.32
C MET X 1 -12.11 -19.98 -20.93
N ASP X 2 -13.40 -19.95 -21.26
CA ASP X 2 -14.07 -21.08 -21.90
C ASP X 2 -13.94 -20.82 -23.40
N ILE X 3 -14.36 -21.78 -24.23
CA ILE X 3 -14.27 -21.58 -25.68
C ILE X 3 -15.59 -21.26 -26.33
N ILE X 4 -15.67 -20.05 -26.89
CA ILE X 4 -16.84 -19.54 -27.57
C ILE X 4 -16.46 -19.13 -28.98
N LEU X 5 -16.84 -19.96 -29.94
CA LEU X 5 -16.55 -19.74 -31.35
C LEU X 5 -17.82 -19.60 -32.15
N GLY X 6 -17.72 -18.84 -33.23
CA GLY X 6 -18.86 -18.64 -34.09
C GLY X 6 -18.39 -18.37 -35.51
N ILE X 7 -18.98 -19.08 -36.45
CA ILE X 7 -18.60 -18.89 -37.84
C ILE X 7 -19.83 -18.92 -38.73
N ARG X 8 -19.96 -17.86 -39.52
CA ARG X 8 -21.07 -17.69 -40.43
C ARG X 8 -20.70 -18.10 -41.85
N VAL X 9 -21.32 -19.16 -42.31
CA VAL X 9 -21.07 -19.66 -43.66
C VAL X 9 -22.24 -19.17 -44.53
N GLN X 10 -22.25 -19.66 -45.76
CA GLN X 10 -23.26 -19.31 -46.75
C GLN X 10 -24.70 -19.18 -46.26
N ASP X 11 -25.25 -20.26 -45.73
CA ASP X 11 -26.64 -20.24 -45.32
C ASP X 11 -26.94 -20.58 -43.89
N SER X 12 -25.96 -20.43 -43.02
CA SER X 12 -26.20 -20.71 -41.61
C SER X 12 -25.07 -20.18 -40.77
N VAL X 13 -25.29 -20.19 -39.46
CA VAL X 13 -24.30 -19.73 -38.50
C VAL X 13 -24.04 -20.91 -37.58
N ILE X 14 -22.75 -21.23 -37.44
CA ILE X 14 -22.36 -22.34 -36.58
C ILE X 14 -21.72 -21.84 -35.30
N LEU X 15 -22.20 -22.37 -34.17
CA LEU X 15 -21.65 -21.98 -32.87
C LEU X 15 -21.05 -23.20 -32.15
N ALA X 16 -19.80 -23.04 -31.71
CA ALA X 16 -19.06 -24.07 -30.99
C ALA X 16 -18.75 -23.54 -29.59
N SER X 17 -18.94 -24.38 -28.57
CA SER X 17 -18.71 -23.93 -27.19
C SER X 17 -18.21 -25.04 -26.28
N SER X 18 -17.09 -24.79 -25.61
CA SER X 18 -16.49 -25.77 -24.72
C SER X 18 -17.47 -26.35 -23.69
N LYS X 19 -17.35 -27.66 -23.44
CA LYS X 19 -18.24 -28.36 -22.51
C LYS X 19 -17.69 -28.46 -21.09
N ALA X 20 -16.54 -27.83 -20.85
CA ALA X 20 -15.92 -27.93 -19.54
C ALA X 20 -16.35 -26.90 -18.51
N VAL X 21 -16.54 -27.38 -17.28
CA VAL X 21 -16.91 -26.51 -16.16
C VAL X 21 -15.92 -26.82 -15.05
N THR X 22 -14.92 -25.96 -14.91
CA THR X 22 -13.89 -26.15 -13.91
C THR X 22 -13.97 -25.14 -12.79
N ARG X 23 -13.95 -25.65 -11.57
CA ARG X 23 -13.99 -24.78 -10.41
C ARG X 23 -12.71 -25.03 -9.63
N GLY X 24 -11.80 -24.09 -9.78
CA GLY X 24 -10.52 -24.15 -9.12
C GLY X 24 -9.66 -25.30 -9.60
N ILE X 25 -9.55 -26.31 -8.75
CA ILE X 25 -8.74 -27.47 -9.04
C ILE X 25 -9.48 -28.60 -9.76
N SER X 26 -10.78 -28.70 -9.56
CA SER X 26 -11.53 -29.79 -10.17
C SER X 26 -12.45 -29.40 -11.34
N VAL X 27 -12.53 -30.29 -12.32
CA VAL X 27 -13.40 -30.10 -13.48
C VAL X 27 -14.71 -30.75 -13.04
N LEU X 28 -15.69 -29.91 -12.72
CA LEU X 28 -16.98 -30.38 -12.23
C LEU X 28 -17.90 -31.00 -13.26
N LYS X 29 -17.86 -30.48 -14.48
CA LYS X 29 -18.73 -31.02 -15.51
C LYS X 29 -18.06 -31.00 -16.87
N ASP X 30 -18.42 -31.96 -17.71
CA ASP X 30 -17.84 -32.08 -19.04
C ASP X 30 -18.90 -32.08 -20.16
N SER X 31 -20.13 -31.70 -19.80
CA SER X 31 -21.23 -31.70 -20.76
C SER X 31 -22.04 -30.41 -20.74
N ASP X 32 -21.45 -29.35 -20.22
CA ASP X 32 -22.13 -28.07 -20.12
C ASP X 32 -22.47 -27.45 -21.49
N ASP X 33 -23.71 -27.01 -21.64
CA ASP X 33 -24.15 -26.38 -22.89
C ASP X 33 -24.24 -24.88 -22.64
N LYS X 34 -23.21 -24.13 -23.01
CA LYS X 34 -23.17 -22.70 -22.78
C LYS X 34 -23.96 -21.90 -23.80
N THR X 35 -25.21 -22.30 -23.99
CA THR X 35 -26.06 -21.65 -24.97
C THR X 35 -27.52 -21.53 -24.51
N ARG X 36 -28.22 -20.53 -25.05
CA ARG X 36 -29.63 -20.28 -24.77
C ARG X 36 -30.29 -19.90 -26.09
N GLN X 37 -31.47 -20.45 -26.36
CA GLN X 37 -32.17 -20.09 -27.58
C GLN X 37 -33.08 -18.90 -27.31
N LEU X 38 -32.84 -17.80 -28.02
CA LEU X 38 -33.66 -16.63 -27.79
C LEU X 38 -34.98 -16.68 -28.57
N SER X 39 -34.98 -17.40 -29.69
CA SER X 39 -36.15 -17.58 -30.52
C SER X 39 -35.81 -18.68 -31.53
N PRO X 40 -36.84 -19.26 -32.18
CA PRO X 40 -36.65 -20.33 -33.18
C PRO X 40 -35.49 -20.17 -34.17
N HIS X 41 -35.08 -18.93 -34.45
CA HIS X 41 -33.98 -18.72 -35.38
C HIS X 41 -32.86 -17.83 -34.84
N THR X 42 -32.74 -17.76 -33.52
CA THR X 42 -31.69 -16.97 -32.88
C THR X 42 -31.13 -17.72 -31.67
N LEU X 43 -29.82 -17.99 -31.74
CA LEU X 43 -29.11 -18.71 -30.69
C LEU X 43 -27.99 -17.84 -30.11
N MET X 44 -27.84 -17.88 -28.79
CA MET X 44 -26.79 -17.10 -28.14
C MET X 44 -25.92 -17.93 -27.22
N SER X 45 -24.61 -17.90 -27.51
CA SER X 45 -23.58 -18.61 -26.72
C SER X 45 -22.98 -17.60 -25.76
N PHE X 46 -22.60 -18.07 -24.57
CA PHE X 46 -22.06 -17.15 -23.58
C PHE X 46 -20.95 -17.72 -22.70
N ALA X 47 -20.10 -16.81 -22.21
CA ALA X 47 -18.98 -17.16 -21.33
C ALA X 47 -18.58 -15.95 -20.49
N GLY X 48 -18.20 -16.21 -19.24
CA GLY X 48 -17.80 -15.13 -18.35
C GLY X 48 -17.86 -15.53 -16.89
N GLU X 49 -18.17 -14.58 -16.03
CA GLU X 49 -18.26 -14.81 -14.58
C GLU X 49 -19.27 -15.91 -14.19
N ALA X 50 -18.98 -16.61 -13.11
CA ALA X 50 -19.82 -17.72 -12.63
C ALA X 50 -21.33 -17.54 -12.58
N GLY X 51 -21.81 -16.52 -11.87
CA GLY X 51 -23.25 -16.33 -11.79
C GLY X 51 -23.81 -15.52 -12.94
N ASP X 52 -23.20 -14.37 -13.17
CA ASP X 52 -23.62 -13.44 -14.22
C ASP X 52 -23.96 -14.11 -15.54
N THR X 53 -23.13 -15.06 -15.92
CA THR X 53 -23.27 -15.79 -17.19
C THR X 53 -24.70 -16.25 -17.53
N VAL X 54 -25.24 -17.19 -16.77
CA VAL X 54 -26.58 -17.68 -17.04
C VAL X 54 -27.60 -16.60 -16.71
N GLN X 55 -27.51 -16.03 -15.52
CA GLN X 55 -28.44 -14.98 -15.11
C GLN X 55 -28.71 -14.03 -16.25
N PHE X 56 -27.66 -13.59 -16.93
CA PHE X 56 -27.83 -12.67 -18.03
C PHE X 56 -28.49 -13.33 -19.22
N ALA X 57 -28.01 -14.51 -19.59
CA ALA X 57 -28.57 -15.22 -20.74
C ALA X 57 -30.09 -15.49 -20.60
N GLU X 58 -30.49 -16.07 -19.47
CA GLU X 58 -31.90 -16.38 -19.23
C GLU X 58 -32.73 -15.10 -19.25
N TYR X 59 -32.22 -14.07 -18.59
CA TYR X 59 -32.90 -12.79 -18.56
C TYR X 59 -33.19 -12.34 -19.99
N ILE X 60 -32.16 -12.33 -20.83
CA ILE X 60 -32.33 -11.93 -22.22
C ILE X 60 -33.36 -12.82 -22.91
N GLN X 61 -33.27 -14.11 -22.65
CA GLN X 61 -34.22 -15.03 -23.24
C GLN X 61 -35.63 -14.64 -22.86
N ALA X 62 -35.91 -14.54 -21.57
CA ALA X 62 -37.24 -14.19 -21.10
C ALA X 62 -37.76 -12.98 -21.87
N ASN X 63 -36.99 -11.90 -21.88
CA ASN X 63 -37.42 -10.69 -22.60
C ASN X 63 -37.69 -10.89 -24.08
N ILE X 64 -36.88 -11.71 -24.74
CA ILE X 64 -37.09 -11.94 -26.17
C ILE X 64 -38.35 -12.74 -26.41
N GLN X 65 -38.61 -13.75 -25.57
CA GLN X 65 -39.80 -14.55 -25.76
C GLN X 65 -41.06 -13.73 -25.51
N LEU X 66 -41.01 -12.88 -24.50
CA LEU X 66 -42.14 -12.00 -24.15
C LEU X 66 -42.50 -11.12 -25.35
N TYR X 67 -41.48 -10.61 -26.04
CA TYR X 67 -41.70 -9.77 -27.21
C TYR X 67 -42.33 -10.62 -28.31
N SER X 68 -41.90 -11.87 -28.39
CA SER X 68 -42.43 -12.80 -29.39
C SER X 68 -43.92 -12.99 -29.18
N ILE X 69 -44.33 -13.25 -27.93
CA ILE X 69 -45.74 -13.43 -27.65
C ILE X 69 -46.53 -12.16 -27.83
N ARG X 70 -46.04 -11.07 -27.27
CA ARG X 70 -46.73 -9.80 -27.39
C ARG X 70 -46.96 -9.41 -28.85
N GLU X 71 -45.94 -9.55 -29.70
CA GLU X 71 -46.08 -9.17 -31.09
C GLU X 71 -46.39 -10.32 -32.05
N ASP X 72 -46.45 -11.55 -31.52
CA ASP X 72 -46.68 -12.71 -32.36
C ASP X 72 -45.81 -12.50 -33.58
N TYR X 73 -44.51 -12.31 -33.33
CA TYR X 73 -43.54 -12.07 -34.38
C TYR X 73 -42.18 -12.39 -33.78
N GLU X 74 -41.21 -12.74 -34.62
CA GLU X 74 -39.87 -13.04 -34.12
C GLU X 74 -38.95 -11.92 -34.57
N LEU X 75 -38.36 -11.21 -33.60
CA LEU X 75 -37.45 -10.10 -33.89
C LEU X 75 -36.26 -10.58 -34.69
N SER X 76 -35.84 -9.75 -35.64
CA SER X 76 -34.70 -10.09 -36.47
C SER X 76 -33.47 -10.30 -35.61
N PRO X 77 -32.48 -11.06 -36.12
CA PRO X 77 -31.29 -11.26 -35.31
C PRO X 77 -30.67 -9.91 -34.99
N GLN X 78 -30.60 -9.04 -36.00
CA GLN X 78 -30.03 -7.72 -35.83
C GLN X 78 -30.67 -7.02 -34.63
N ALA X 79 -32.00 -7.01 -34.60
CA ALA X 79 -32.72 -6.35 -33.52
C ALA X 79 -32.38 -7.00 -32.18
N VAL X 80 -32.50 -8.31 -32.11
CA VAL X 80 -32.18 -9.05 -30.89
C VAL X 80 -30.81 -8.65 -30.36
N SER X 81 -29.81 -8.58 -31.24
CA SER X 81 -28.46 -8.21 -30.80
C SER X 81 -28.43 -6.77 -30.28
N SER X 82 -29.18 -5.88 -30.92
CA SER X 82 -29.20 -4.49 -30.46
C SER X 82 -29.79 -4.43 -29.04
N PHE X 83 -30.77 -5.27 -28.77
CA PHE X 83 -31.38 -5.31 -27.45
C PHE X 83 -30.29 -5.73 -26.48
N VAL X 84 -29.61 -6.82 -26.82
CA VAL X 84 -28.55 -7.35 -25.99
C VAL X 84 -27.43 -6.33 -25.73
N ARG X 85 -26.97 -5.65 -26.76
CA ARG X 85 -25.93 -4.66 -26.56
C ARG X 85 -26.41 -3.62 -25.56
N GLN X 86 -27.61 -3.09 -25.79
CA GLN X 86 -28.13 -2.07 -24.88
C GLN X 86 -28.05 -2.55 -23.45
N GLU X 87 -28.57 -3.75 -23.21
CA GLU X 87 -28.54 -4.30 -21.88
C GLU X 87 -27.13 -4.33 -21.28
N LEU X 88 -26.16 -4.90 -21.99
CA LEU X 88 -24.80 -4.94 -21.47
C LEU X 88 -24.29 -3.52 -21.26
N ALA X 89 -24.45 -2.68 -22.26
CA ALA X 89 -24.00 -1.30 -22.16
C ALA X 89 -24.54 -0.59 -20.91
N LYS X 90 -25.74 -0.97 -20.48
CA LYS X 90 -26.33 -0.37 -19.27
C LYS X 90 -25.55 -0.93 -18.10
N SER X 91 -25.49 -2.26 -18.10
CA SER X 91 -24.82 -3.05 -17.09
C SER X 91 -23.41 -2.58 -16.74
N ILE X 92 -22.64 -2.24 -17.76
CA ILE X 92 -21.27 -1.81 -17.52
C ILE X 92 -21.18 -0.62 -16.55
N ARG X 93 -22.12 0.31 -16.60
CA ARG X 93 -22.05 1.44 -15.68
C ARG X 93 -22.97 1.31 -14.46
N SER X 94 -23.43 0.10 -14.18
CA SER X 94 -24.30 -0.16 -13.03
C SER X 94 -23.47 -0.39 -11.76
N ARG X 95 -24.14 -0.74 -10.66
CA ARG X 95 -23.43 -0.98 -9.41
C ARG X 95 -22.58 -2.23 -9.54
N ARG X 96 -23.20 -3.32 -10.00
CA ARG X 96 -22.44 -4.56 -10.21
C ARG X 96 -22.74 -5.10 -11.61
N PRO X 97 -21.85 -4.78 -12.58
CA PRO X 97 -21.93 -5.18 -13.99
C PRO X 97 -21.88 -6.68 -14.29
N TYR X 98 -22.63 -7.07 -15.31
CA TYR X 98 -22.66 -8.45 -15.76
C TYR X 98 -21.33 -8.68 -16.46
N GLN X 99 -20.60 -9.70 -16.05
CA GLN X 99 -19.35 -9.97 -16.72
C GLN X 99 -19.58 -11.16 -17.62
N VAL X 100 -20.20 -10.89 -18.76
CA VAL X 100 -20.49 -11.95 -19.71
C VAL X 100 -20.17 -11.48 -21.10
N ASN X 101 -19.71 -12.41 -21.93
CA ASN X 101 -19.40 -12.13 -23.32
C ASN X 101 -20.29 -13.07 -24.13
N VAL X 102 -20.75 -12.60 -25.28
CA VAL X 102 -21.63 -13.44 -26.05
C VAL X 102 -21.48 -13.37 -27.55
N LEU X 103 -21.92 -14.47 -28.16
CA LEU X 103 -21.95 -14.62 -29.59
C LEU X 103 -23.42 -14.82 -29.91
N ILE X 104 -23.93 -14.07 -30.88
CA ILE X 104 -25.32 -14.23 -31.26
C ILE X 104 -25.40 -14.64 -32.72
N GLY X 105 -25.96 -15.83 -32.94
CA GLY X 105 -26.10 -16.34 -34.29
C GLY X 105 -27.55 -16.64 -34.60
N GLY X 106 -28.05 -16.07 -35.69
CA GLY X 106 -29.43 -16.29 -36.05
C GLY X 106 -29.63 -16.18 -37.54
N TYR X 107 -30.77 -16.70 -37.99
CA TYR X 107 -31.11 -16.67 -39.41
C TYR X 107 -32.26 -15.67 -39.61
N ASP X 108 -31.96 -14.59 -40.31
CA ASP X 108 -32.95 -13.57 -40.58
C ASP X 108 -33.93 -14.10 -41.62
N LYS X 109 -35.08 -14.58 -41.16
CA LYS X 109 -36.09 -15.14 -42.05
C LYS X 109 -36.57 -14.15 -43.12
N LYS X 110 -36.47 -12.86 -42.83
CA LYS X 110 -36.89 -11.84 -43.79
C LYS X 110 -35.83 -11.62 -44.86
N LYS X 111 -34.60 -11.31 -44.44
CA LYS X 111 -33.50 -11.08 -45.40
C LYS X 111 -33.02 -12.41 -46.01
N ASN X 112 -33.32 -13.51 -45.30
CA ASN X 112 -32.90 -14.83 -45.72
C ASN X 112 -31.37 -14.84 -45.83
N LYS X 113 -30.75 -14.64 -44.68
CA LYS X 113 -29.30 -14.60 -44.55
C LYS X 113 -28.93 -14.88 -43.11
N PRO X 114 -27.87 -15.67 -42.88
CA PRO X 114 -27.44 -15.98 -41.52
C PRO X 114 -26.64 -14.80 -41.00
N GLU X 115 -26.59 -14.64 -39.68
CA GLU X 115 -25.84 -13.54 -39.08
C GLU X 115 -25.13 -13.93 -37.79
N LEU X 116 -23.96 -13.32 -37.57
CA LEU X 116 -23.17 -13.57 -36.37
C LEU X 116 -22.78 -12.24 -35.70
N TYR X 117 -23.12 -12.12 -34.43
CA TYR X 117 -22.83 -10.93 -33.67
C TYR X 117 -21.94 -11.27 -32.49
N GLN X 118 -20.94 -10.43 -32.27
CA GLN X 118 -20.03 -10.63 -31.15
C GLN X 118 -20.19 -9.42 -30.23
N ILE X 119 -20.49 -9.70 -28.98
CA ILE X 119 -20.69 -8.64 -27.99
C ILE X 119 -20.02 -9.01 -26.67
N ASP X 120 -19.25 -8.06 -26.12
CA ASP X 120 -18.58 -8.27 -24.83
C ASP X 120 -19.29 -7.54 -23.70
N TYR X 121 -18.95 -7.88 -22.48
CA TYR X 121 -19.59 -7.28 -21.32
C TYR X 121 -19.60 -5.73 -21.34
N LEU X 122 -18.77 -5.10 -22.16
CA LEU X 122 -18.76 -3.65 -22.21
C LEU X 122 -19.86 -3.12 -23.12
N GLY X 123 -20.50 -4.03 -23.83
CA GLY X 123 -21.52 -3.62 -24.77
C GLY X 123 -20.90 -3.32 -26.12
N THR X 124 -19.72 -3.89 -26.39
CA THR X 124 -19.07 -3.69 -27.67
C THR X 124 -19.70 -4.72 -28.62
N LYS X 125 -20.31 -4.23 -29.69
CA LYS X 125 -20.94 -5.12 -30.65
C LYS X 125 -20.34 -4.97 -32.03
N VAL X 126 -20.11 -6.10 -32.66
CA VAL X 126 -19.56 -6.12 -33.99
C VAL X 126 -20.11 -7.36 -34.69
N GLU X 127 -20.35 -7.23 -35.99
CA GLU X 127 -20.87 -8.34 -36.76
C GLU X 127 -19.72 -8.87 -37.57
N LEU X 128 -19.51 -10.18 -37.52
CA LEU X 128 -18.39 -10.77 -38.21
C LEU X 128 -18.71 -12.08 -38.90
N PRO X 129 -17.85 -12.47 -39.87
CA PRO X 129 -18.00 -13.71 -40.63
C PRO X 129 -17.79 -14.83 -39.62
N TYR X 130 -16.81 -14.62 -38.74
CA TYR X 130 -16.46 -15.56 -37.67
C TYR X 130 -15.92 -14.74 -36.50
N GLY X 131 -16.14 -15.28 -35.29
CA GLY X 131 -15.68 -14.59 -34.09
C GLY X 131 -15.57 -15.53 -32.93
N ALA X 132 -14.92 -15.07 -31.87
CA ALA X 132 -14.76 -15.87 -30.68
C ALA X 132 -14.42 -14.98 -29.49
N HIS X 133 -14.77 -15.46 -28.31
CA HIS X 133 -14.50 -14.71 -27.10
C HIS X 133 -13.41 -15.37 -26.29
N GLY X 134 -12.61 -14.57 -25.59
CA GLY X 134 -11.56 -15.12 -24.77
C GLY X 134 -10.30 -15.34 -25.58
N TYR X 135 -9.53 -16.33 -25.15
CA TYR X 135 -8.27 -16.62 -25.80
C TYR X 135 -8.40 -17.30 -27.13
N SER X 136 -9.40 -18.17 -27.27
CA SER X 136 -9.61 -18.89 -28.53
C SER X 136 -9.31 -17.99 -29.73
N GLY X 137 -9.71 -16.72 -29.64
CA GLY X 137 -9.47 -15.79 -30.72
C GLY X 137 -8.06 -15.82 -31.24
N PHE X 138 -7.10 -15.81 -30.31
CA PHE X 138 -5.68 -15.83 -30.64
C PHE X 138 -5.19 -16.99 -31.50
N TYR X 139 -5.83 -18.15 -31.40
CA TYR X 139 -5.42 -19.31 -32.20
C TYR X 139 -6.31 -19.53 -33.41
N THR X 140 -7.55 -19.09 -33.36
CA THR X 140 -8.47 -19.32 -34.48
C THR X 140 -8.65 -18.23 -35.54
N PHE X 141 -8.50 -16.96 -35.21
CA PHE X 141 -8.66 -15.92 -36.22
C PHE X 141 -7.71 -16.05 -37.39
N SER X 142 -6.50 -16.55 -37.16
CA SER X 142 -5.52 -16.72 -38.22
C SER X 142 -5.93 -17.92 -39.08
N LEU X 143 -6.45 -18.97 -38.44
CA LEU X 143 -6.92 -20.14 -39.17
C LEU X 143 -8.01 -19.70 -40.14
N LEU X 144 -9.08 -19.12 -39.61
CA LEU X 144 -10.18 -18.65 -40.42
C LEU X 144 -9.73 -17.56 -41.38
N ASP X 145 -8.92 -16.61 -40.89
CA ASP X 145 -8.40 -15.55 -41.75
C ASP X 145 -7.80 -16.18 -43.00
N HIS X 146 -7.42 -17.45 -42.87
CA HIS X 146 -6.77 -18.22 -43.93
C HIS X 146 -7.75 -19.09 -44.75
N HIS X 147 -8.40 -20.03 -44.08
CA HIS X 147 -9.34 -20.94 -44.76
C HIS X 147 -10.80 -20.52 -44.75
N TYR X 148 -11.11 -19.23 -44.84
CA TYR X 148 -12.52 -18.84 -44.81
C TYR X 148 -13.06 -18.28 -46.10
N ARG X 149 -14.22 -18.80 -46.49
CA ARG X 149 -14.90 -18.38 -47.71
C ARG X 149 -16.40 -18.19 -47.42
N PRO X 150 -16.96 -17.03 -47.84
CA PRO X 150 -18.35 -16.62 -47.67
C PRO X 150 -19.42 -17.57 -48.22
N ASP X 151 -19.07 -18.30 -49.27
CA ASP X 151 -20.01 -19.21 -49.91
C ASP X 151 -19.87 -20.64 -49.42
N MET X 152 -19.10 -20.84 -48.36
CA MET X 152 -18.90 -22.18 -47.82
C MET X 152 -20.20 -22.85 -47.41
N THR X 153 -20.31 -24.14 -47.68
CA THR X 153 -21.51 -24.88 -47.30
C THR X 153 -21.47 -25.08 -45.80
N THR X 154 -22.58 -25.52 -45.22
CA THR X 154 -22.62 -25.75 -43.79
C THR X 154 -21.60 -26.82 -43.45
N GLU X 155 -21.46 -27.80 -44.34
CA GLU X 155 -20.49 -28.87 -44.10
C GLU X 155 -19.06 -28.35 -44.10
N GLU X 156 -18.75 -27.48 -45.06
CA GLU X 156 -17.42 -26.91 -45.14
C GLU X 156 -17.18 -26.17 -43.82
N GLY X 157 -18.19 -25.41 -43.40
CA GLY X 157 -18.08 -24.66 -42.15
C GLY X 157 -17.74 -25.58 -41.00
N LEU X 158 -18.44 -26.70 -40.88
CA LEU X 158 -18.14 -27.62 -39.80
C LEU X 158 -16.71 -28.09 -39.87
N ASP X 159 -16.25 -28.47 -41.06
CA ASP X 159 -14.87 -28.92 -41.21
C ASP X 159 -13.91 -27.83 -40.75
N LEU X 160 -14.20 -26.60 -41.16
CA LEU X 160 -13.38 -25.46 -40.79
C LEU X 160 -13.32 -25.37 -39.26
N LEU X 161 -14.44 -25.64 -38.60
CA LEU X 161 -14.48 -25.61 -37.14
C LEU X 161 -13.60 -26.72 -36.61
N LYS X 162 -13.80 -27.91 -37.17
CA LYS X 162 -13.05 -29.09 -36.79
C LYS X 162 -11.58 -28.71 -36.77
N LEU X 163 -11.17 -27.93 -37.76
CA LEU X 163 -9.81 -27.47 -37.88
C LEU X 163 -9.43 -26.56 -36.70
N CYS X 164 -10.33 -25.64 -36.33
CA CYS X 164 -10.10 -24.71 -35.23
C CYS X 164 -10.01 -25.45 -33.89
N VAL X 165 -10.95 -26.37 -33.65
CA VAL X 165 -10.98 -27.13 -32.41
C VAL X 165 -9.69 -27.91 -32.20
N GLN X 166 -9.15 -28.47 -33.28
CA GLN X 166 -7.92 -29.23 -33.17
C GLN X 166 -6.78 -28.33 -32.72
N GLU X 167 -6.61 -27.20 -33.40
CA GLU X 167 -5.57 -26.26 -33.03
C GLU X 167 -5.72 -25.89 -31.58
N LEU X 168 -6.97 -25.64 -31.15
CA LEU X 168 -7.24 -25.27 -29.76
C LEU X 168 -6.84 -26.37 -28.78
N GLU X 169 -7.02 -27.62 -29.17
CA GLU X 169 -6.65 -28.69 -28.28
C GLU X 169 -5.15 -28.88 -28.25
N LYS X 170 -4.53 -28.61 -29.40
CA LYS X 170 -3.08 -28.76 -29.51
C LYS X 170 -2.32 -27.73 -28.69
N ARG X 171 -2.57 -26.45 -28.97
CA ARG X 171 -1.87 -25.34 -28.31
C ARG X 171 -2.45 -24.72 -27.03
N MET X 172 -3.64 -25.13 -26.60
CA MET X 172 -4.15 -24.51 -25.39
C MET X 172 -3.90 -25.24 -24.10
N PRO X 173 -3.50 -24.48 -23.07
CA PRO X 173 -3.17 -24.95 -21.72
C PRO X 173 -4.25 -25.82 -21.10
N MET X 174 -5.47 -25.32 -21.14
CA MET X 174 -6.61 -25.97 -20.54
C MET X 174 -7.29 -27.09 -21.33
N ASP X 175 -7.88 -28.01 -20.59
CA ASP X 175 -8.61 -29.12 -21.17
C ASP X 175 -10.09 -28.71 -21.17
N PHE X 176 -10.57 -28.14 -22.27
CA PHE X 176 -11.95 -27.69 -22.31
C PHE X 176 -12.98 -28.78 -22.58
N LYS X 177 -12.56 -30.03 -22.55
CA LYS X 177 -13.44 -31.17 -22.76
C LYS X 177 -14.27 -31.21 -24.05
N GLY X 178 -13.72 -30.65 -25.13
CA GLY X 178 -14.43 -30.66 -26.39
C GLY X 178 -15.48 -29.56 -26.47
N VAL X 179 -16.16 -29.45 -27.60
CA VAL X 179 -17.18 -28.43 -27.78
C VAL X 179 -18.53 -28.99 -28.25
N ILE X 180 -19.59 -28.21 -28.01
CA ILE X 180 -20.92 -28.59 -28.45
C ILE X 180 -21.18 -27.67 -29.62
N VAL X 181 -21.53 -28.24 -30.76
CA VAL X 181 -21.78 -27.45 -31.96
C VAL X 181 -23.26 -27.37 -32.28
N LYS X 182 -23.68 -26.18 -32.72
CA LYS X 182 -25.08 -25.96 -33.07
C LYS X 182 -25.16 -25.12 -34.34
N ILE X 183 -26.16 -25.42 -35.18
CA ILE X 183 -26.33 -24.72 -36.44
C ILE X 183 -27.64 -24.00 -36.47
N VAL X 184 -27.59 -22.75 -36.92
CA VAL X 184 -28.78 -21.92 -37.03
C VAL X 184 -28.95 -21.63 -38.52
N ASP X 185 -30.17 -21.79 -39.02
CA ASP X 185 -30.49 -21.56 -40.43
C ASP X 185 -31.99 -21.38 -40.67
N LYS X 186 -32.36 -21.26 -41.93
CA LYS X 186 -33.75 -21.09 -42.31
C LYS X 186 -34.71 -22.02 -41.58
N ASP X 187 -34.25 -23.24 -41.27
CA ASP X 187 -35.12 -24.19 -40.60
C ASP X 187 -35.00 -24.20 -39.09
N GLY X 188 -34.24 -23.25 -38.55
CA GLY X 188 -34.09 -23.19 -37.11
C GLY X 188 -32.73 -23.55 -36.55
N ILE X 189 -32.76 -24.02 -35.30
CA ILE X 189 -31.53 -24.39 -34.59
C ILE X 189 -31.49 -25.89 -34.33
N ARG X 190 -30.34 -26.50 -34.60
CA ARG X 190 -30.14 -27.94 -34.36
C ARG X 190 -28.72 -28.17 -33.88
N GLN X 191 -28.51 -29.23 -33.10
CA GLN X 191 -27.20 -29.54 -32.56
C GLN X 191 -26.52 -30.76 -33.17
N VAL X 192 -25.31 -30.57 -33.71
CA VAL X 192 -24.54 -31.65 -34.32
C VAL X 192 -24.05 -32.58 -33.23
N ASP X 193 -24.86 -33.55 -32.85
CA ASP X 193 -24.51 -34.48 -31.78
C ASP X 193 -23.32 -35.39 -32.06
N ASP X 194 -22.81 -35.36 -33.29
CA ASP X 194 -21.66 -36.18 -33.64
C ASP X 194 -20.50 -35.32 -34.11
N PHE X 195 -19.79 -34.72 -33.16
CA PHE X 195 -18.65 -33.88 -33.48
C PHE X 195 -17.48 -34.36 -32.65
N GLN X 196 -17.76 -35.25 -31.70
CA GLN X 196 -16.73 -35.82 -30.82
C GLN X 196 -15.86 -36.77 -31.66
N ALA X 197 -16.12 -36.77 -32.97
CA ALA X 197 -15.40 -37.61 -33.93
C ALA X 197 -16.07 -37.53 -35.31
N GLN X 198 -16.19 -36.32 -35.85
CA GLN X 198 -16.82 -36.09 -37.16
C GLN X 198 -15.77 -35.80 -38.24
N THR Y 1 -13.86 -30.13 4.87
CA THR Y 1 -15.20 -30.69 4.59
C THR Y 1 -15.25 -31.44 3.27
N THR Y 2 -15.95 -32.56 3.28
CA THR Y 2 -16.11 -33.37 2.09
C THR Y 2 -17.57 -33.81 2.00
N THR Y 3 -18.18 -33.53 0.87
CA THR Y 3 -19.56 -33.91 0.63
C THR Y 3 -19.63 -34.42 -0.78
N LEU Y 4 -20.33 -35.54 -0.97
CA LEU Y 4 -20.47 -36.10 -2.32
C LEU Y 4 -21.86 -36.69 -2.55
N ALA Y 5 -22.32 -36.58 -3.80
CA ALA Y 5 -23.62 -37.11 -4.18
C ALA Y 5 -23.51 -37.63 -5.61
N PHE Y 6 -23.94 -38.86 -5.82
CA PHE Y 6 -23.89 -39.43 -7.15
C PHE Y 6 -25.16 -40.21 -7.46
N ARG Y 7 -25.53 -40.18 -8.73
CA ARG Y 7 -26.71 -40.85 -9.25
C ARG Y 7 -26.34 -42.21 -9.82
N PHE Y 8 -27.19 -43.20 -9.60
CA PHE Y 8 -26.95 -44.53 -10.14
C PHE Y 8 -28.30 -45.25 -10.26
N GLN Y 9 -28.26 -46.48 -10.76
CA GLN Y 9 -29.48 -47.27 -10.92
C GLN Y 9 -30.44 -47.22 -9.73
N GLY Y 10 -29.92 -47.43 -8.52
CA GLY Y 10 -30.76 -47.42 -7.33
C GLY Y 10 -31.17 -46.05 -6.84
N GLY Y 11 -30.86 -45.02 -7.63
CA GLY Y 11 -31.23 -43.68 -7.22
C GLY Y 11 -30.05 -42.78 -6.95
N ILE Y 12 -30.01 -42.20 -5.75
CA ILE Y 12 -28.94 -41.31 -5.37
C ILE Y 12 -28.34 -41.62 -4.01
N ILE Y 13 -27.01 -41.50 -3.94
CA ILE Y 13 -26.27 -41.73 -2.71
C ILE Y 13 -25.69 -40.39 -2.27
N VAL Y 14 -25.80 -40.10 -0.98
CA VAL Y 14 -25.28 -38.85 -0.44
C VAL Y 14 -24.54 -39.17 0.85
N ALA Y 15 -23.30 -38.72 0.94
CA ALA Y 15 -22.47 -38.93 2.12
C ALA Y 15 -21.66 -37.68 2.38
N VAL Y 16 -21.44 -37.40 3.67
CA VAL Y 16 -20.68 -36.21 4.06
C VAL Y 16 -19.89 -36.54 5.32
N ASP Y 17 -18.94 -35.66 5.68
CA ASP Y 17 -18.18 -35.88 6.91
C ASP Y 17 -18.83 -35.01 7.97
N SER Y 18 -18.18 -34.79 9.10
CA SER Y 18 -18.81 -33.97 10.12
C SER Y 18 -17.82 -33.11 10.89
N ARG Y 19 -16.74 -32.72 10.24
CA ARG Y 19 -15.76 -31.89 10.92
C ARG Y 19 -15.94 -30.41 10.61
N ALA Y 20 -15.76 -29.60 11.64
CA ALA Y 20 -15.88 -28.16 11.51
C ALA Y 20 -14.62 -27.54 12.06
N THR Y 21 -14.08 -26.56 11.36
CA THR Y 21 -12.86 -25.92 11.82
C THR Y 21 -12.88 -24.41 11.81
N ALA Y 22 -11.88 -23.85 12.47
CA ALA Y 22 -11.67 -22.43 12.58
C ALA Y 22 -10.15 -22.40 12.49
N GLY Y 23 -9.65 -22.44 11.27
CA GLY Y 23 -8.21 -22.48 11.08
C GLY Y 23 -7.77 -23.92 11.25
N ASN Y 24 -6.72 -24.16 12.03
CA ASN Y 24 -6.23 -25.51 12.27
C ASN Y 24 -7.01 -26.13 13.43
N TRP Y 25 -7.76 -25.29 14.13
CA TRP Y 25 -8.55 -25.74 15.27
C TRP Y 25 -9.83 -26.43 14.86
N VAL Y 26 -9.95 -27.67 15.28
CA VAL Y 26 -11.13 -28.46 15.02
C VAL Y 26 -12.19 -28.00 16.01
N ALA Y 27 -13.21 -27.34 15.49
CA ALA Y 27 -14.30 -26.84 16.31
C ALA Y 27 -15.27 -27.95 16.68
N SER Y 28 -15.53 -28.87 15.76
CA SER Y 28 -16.45 -29.97 16.03
C SER Y 28 -16.27 -31.16 15.08
N GLN Y 29 -16.62 -32.34 15.57
CA GLN Y 29 -16.54 -33.56 14.78
C GLN Y 29 -17.94 -34.14 14.73
N THR Y 30 -18.90 -33.34 15.22
CA THR Y 30 -20.30 -33.73 15.28
C THR Y 30 -21.28 -32.79 14.56
N VAL Y 31 -20.91 -32.30 13.39
CA VAL Y 31 -21.78 -31.39 12.65
C VAL Y 31 -22.62 -32.17 11.64
N LYS Y 32 -23.86 -31.73 11.40
CA LYS Y 32 -24.73 -32.39 10.43
C LYS Y 32 -24.66 -31.62 9.11
N LYS Y 33 -23.82 -32.10 8.18
CA LYS Y 33 -23.66 -31.42 6.91
C LYS Y 33 -24.74 -31.73 5.88
N VAL Y 34 -25.72 -32.53 6.28
CA VAL Y 34 -26.84 -32.85 5.39
C VAL Y 34 -28.10 -32.25 6.00
N ILE Y 35 -28.78 -31.41 5.24
CA ILE Y 35 -30.00 -30.76 5.71
C ILE Y 35 -31.18 -31.41 5.02
N GLU Y 36 -32.06 -32.00 5.82
CA GLU Y 36 -33.24 -32.65 5.29
C GLU Y 36 -34.31 -31.59 5.02
N ILE Y 37 -34.27 -31.04 3.81
CA ILE Y 37 -35.21 -30.00 3.38
C ILE Y 37 -36.65 -30.47 3.55
N ASN Y 38 -36.86 -31.76 3.32
CA ASN Y 38 -38.17 -32.37 3.47
C ASN Y 38 -38.00 -33.81 3.02
N PRO Y 39 -38.88 -34.69 3.48
CA PRO Y 39 -38.91 -36.13 3.19
C PRO Y 39 -38.48 -36.58 1.80
N PHE Y 40 -38.14 -35.63 0.93
CA PHE Y 40 -37.74 -35.99 -0.41
C PHE Y 40 -36.64 -35.11 -0.97
N LEU Y 41 -36.22 -34.13 -0.18
CA LEU Y 41 -35.15 -33.22 -0.59
C LEU Y 41 -34.05 -33.18 0.42
N LEU Y 42 -32.82 -33.29 -0.08
CA LEU Y 42 -31.63 -33.24 0.75
C LEU Y 42 -30.70 -32.10 0.29
N GLY Y 43 -30.01 -31.49 1.25
CA GLY Y 43 -29.09 -30.42 0.93
C GLY Y 43 -27.76 -30.64 1.62
N THR Y 44 -26.67 -30.71 0.86
CA THR Y 44 -25.35 -30.90 1.45
C THR Y 44 -24.85 -29.53 1.88
N MET Y 45 -23.89 -29.52 2.80
CA MET Y 45 -23.42 -28.27 3.34
C MET Y 45 -21.89 -28.19 3.39
N ALA Y 46 -21.31 -27.36 2.53
CA ALA Y 46 -19.86 -27.17 2.48
C ALA Y 46 -19.56 -25.68 2.25
N GLY Y 47 -18.63 -25.13 3.02
CA GLY Y 47 -18.29 -23.72 2.91
C GLY Y 47 -18.51 -23.13 4.29
N GLY Y 48 -19.01 -21.91 4.37
CA GLY Y 48 -19.28 -21.31 5.67
C GLY Y 48 -20.46 -22.05 6.29
N ALA Y 49 -20.33 -22.50 7.54
CA ALA Y 49 -21.41 -23.24 8.20
C ALA Y 49 -22.70 -22.45 8.23
N ALA Y 50 -22.73 -21.39 9.02
CA ALA Y 50 -23.90 -20.55 9.13
C ALA Y 50 -24.51 -20.33 7.75
N ASP Y 51 -23.73 -19.78 6.81
CA ASP Y 51 -24.25 -19.54 5.47
C ASP Y 51 -25.03 -20.69 4.85
N CYS Y 52 -24.55 -21.92 4.95
CA CYS Y 52 -25.27 -23.05 4.37
C CYS Y 52 -26.48 -23.44 5.20
N GLN Y 53 -26.21 -23.73 6.45
CA GLN Y 53 -27.20 -24.12 7.43
C GLN Y 53 -28.40 -23.15 7.51
N PHE Y 54 -28.10 -21.85 7.49
CA PHE Y 54 -29.13 -20.84 7.56
C PHE Y 54 -29.96 -20.79 6.29
N TRP Y 55 -29.28 -20.54 5.17
CA TRP Y 55 -29.95 -20.44 3.90
C TRP Y 55 -30.63 -21.70 3.42
N GLU Y 56 -30.13 -22.87 3.81
CA GLU Y 56 -30.77 -24.11 3.39
C GLU Y 56 -32.02 -24.33 4.23
N THR Y 57 -31.98 -23.90 5.49
CA THR Y 57 -33.15 -24.03 6.35
C THR Y 57 -34.23 -23.13 5.74
N TRP Y 58 -33.80 -21.93 5.34
CA TRP Y 58 -34.69 -20.96 4.73
C TRP Y 58 -35.31 -21.58 3.48
N LEU Y 59 -34.50 -22.32 2.72
CA LEU Y 59 -34.97 -22.97 1.52
C LEU Y 59 -36.11 -23.91 1.87
N GLY Y 60 -35.95 -24.65 2.96
CA GLY Y 60 -37.00 -25.57 3.39
C GLY Y 60 -38.34 -24.86 3.53
N SER Y 61 -38.30 -23.65 4.10
CA SER Y 61 -39.48 -22.83 4.30
C SER Y 61 -40.09 -22.39 2.98
N GLN Y 62 -39.24 -22.08 2.01
CA GLN Y 62 -39.78 -21.66 0.72
C GLN Y 62 -40.41 -22.84 0.00
N CYS Y 63 -39.82 -24.01 0.16
CA CYS Y 63 -40.35 -25.21 -0.48
C CYS Y 63 -41.69 -25.59 0.12
N ARG Y 64 -41.82 -25.43 1.42
CA ARG Y 64 -43.06 -25.73 2.11
C ARG Y 64 -44.15 -24.79 1.64
N LEU Y 65 -43.81 -23.52 1.56
CA LEU Y 65 -44.75 -22.51 1.12
C LEU Y 65 -45.19 -22.79 -0.30
N HIS Y 66 -44.26 -23.23 -1.14
CA HIS Y 66 -44.58 -23.54 -2.52
C HIS Y 66 -45.61 -24.66 -2.62
N GLU Y 67 -45.48 -25.66 -1.76
CA GLU Y 67 -46.41 -26.76 -1.80
C GLU Y 67 -47.76 -26.39 -1.23
N LEU Y 68 -47.79 -25.50 -0.25
CA LEU Y 68 -49.07 -25.07 0.31
C LEU Y 68 -49.81 -24.33 -0.79
N ARG Y 69 -49.07 -23.51 -1.52
CA ARG Y 69 -49.62 -22.71 -2.60
C ARG Y 69 -50.09 -23.53 -3.79
N GLU Y 70 -49.20 -24.37 -4.33
CA GLU Y 70 -49.50 -25.19 -5.51
C GLU Y 70 -50.00 -26.59 -5.22
N LYS Y 71 -50.25 -26.88 -3.96
CA LYS Y 71 -50.76 -28.20 -3.59
C LYS Y 71 -50.02 -29.30 -4.35
N GLU Y 72 -48.71 -29.18 -4.42
CA GLU Y 72 -47.87 -30.15 -5.10
C GLU Y 72 -46.41 -30.02 -4.69
N ARG Y 73 -45.78 -31.17 -4.49
CA ARG Y 73 -44.37 -31.27 -4.10
C ARG Y 73 -43.49 -30.48 -5.08
N ILE Y 74 -42.68 -29.56 -4.56
CA ILE Y 74 -41.80 -28.74 -5.39
C ILE Y 74 -40.71 -29.56 -6.08
N SER Y 75 -40.37 -29.20 -7.30
CA SER Y 75 -39.35 -29.93 -8.05
C SER Y 75 -37.91 -29.59 -7.61
N VAL Y 76 -37.02 -30.56 -7.74
CA VAL Y 76 -35.62 -30.39 -7.39
C VAL Y 76 -35.05 -29.20 -8.14
N ALA Y 77 -35.31 -29.15 -9.43
CA ALA Y 77 -34.81 -28.08 -10.26
C ALA Y 77 -35.26 -26.71 -9.74
N ALA Y 78 -36.51 -26.63 -9.29
CA ALA Y 78 -37.02 -25.36 -8.78
C ALA Y 78 -36.40 -25.03 -7.43
N ALA Y 79 -36.37 -26.01 -6.53
CA ALA Y 79 -35.80 -25.81 -5.20
C ALA Y 79 -34.37 -25.30 -5.36
N SER Y 80 -33.62 -25.95 -6.25
CA SER Y 80 -32.25 -25.56 -6.49
C SER Y 80 -32.13 -24.15 -7.09
N LYS Y 81 -33.12 -23.71 -7.85
CA LYS Y 81 -33.01 -22.37 -8.41
C LYS Y 81 -33.36 -21.30 -7.40
N ILE Y 82 -34.17 -21.68 -6.41
CA ILE Y 82 -34.56 -20.74 -5.37
C ILE Y 82 -33.30 -20.35 -4.58
N LEU Y 83 -32.56 -21.37 -4.17
CA LEU Y 83 -31.34 -21.14 -3.43
C LEU Y 83 -30.42 -20.35 -4.35
N SER Y 84 -30.23 -20.88 -5.54
CA SER Y 84 -29.39 -20.25 -6.56
C SER Y 84 -29.64 -18.75 -6.68
N ASN Y 85 -30.89 -18.41 -6.97
CA ASN Y 85 -31.26 -17.02 -7.14
C ASN Y 85 -31.06 -16.20 -5.87
N LEU Y 86 -31.46 -16.74 -4.72
CA LEU Y 86 -31.29 -16.03 -3.45
C LEU Y 86 -29.82 -15.67 -3.29
N VAL Y 87 -28.99 -16.68 -3.41
CA VAL Y 87 -27.55 -16.56 -3.26
C VAL Y 87 -26.97 -15.50 -4.22
N TYR Y 88 -27.45 -15.51 -5.47
CA TYR Y 88 -26.96 -14.55 -6.45
C TYR Y 88 -27.34 -13.13 -6.08
N GLN Y 89 -28.39 -12.97 -5.28
CA GLN Y 89 -28.81 -11.65 -4.86
C GLN Y 89 -27.74 -11.08 -3.94
N TYR Y 90 -26.94 -11.97 -3.36
CA TYR Y 90 -25.87 -11.59 -2.45
C TYR Y 90 -24.48 -11.70 -3.07
N LYS Y 91 -24.41 -11.89 -4.39
CA LYS Y 91 -23.10 -12.04 -5.04
C LYS Y 91 -22.20 -10.84 -4.71
N GLY Y 92 -20.98 -11.15 -4.27
CA GLY Y 92 -20.02 -10.12 -3.92
C GLY Y 92 -20.06 -9.74 -2.45
N ALA Y 93 -21.10 -10.16 -1.76
CA ALA Y 93 -21.27 -9.83 -0.34
C ALA Y 93 -20.40 -10.65 0.60
N GLY Y 94 -19.99 -11.83 0.19
CA GLY Y 94 -19.17 -12.62 1.09
C GLY Y 94 -19.80 -13.94 1.50
N LEU Y 95 -20.99 -14.25 1.01
CA LEU Y 95 -21.57 -15.55 1.37
C LEU Y 95 -20.59 -16.60 0.87
N SER Y 96 -20.55 -17.74 1.54
CA SER Y 96 -19.64 -18.79 1.13
C SER Y 96 -20.29 -20.14 1.34
N MET Y 97 -20.78 -20.68 0.24
CA MET Y 97 -21.43 -21.98 0.30
C MET Y 97 -21.34 -22.71 -1.03
N GLY Y 98 -21.03 -24.00 -0.93
CA GLY Y 98 -20.94 -24.88 -2.07
C GLY Y 98 -21.90 -25.96 -1.60
N THR Y 99 -22.99 -26.12 -2.32
CA THR Y 99 -23.98 -27.07 -1.88
C THR Y 99 -24.56 -27.93 -2.99
N MET Y 100 -25.19 -29.01 -2.57
CA MET Y 100 -25.83 -29.94 -3.49
C MET Y 100 -27.29 -30.05 -3.10
N ILE Y 101 -28.17 -29.98 -4.09
CA ILE Y 101 -29.60 -30.12 -3.85
C ILE Y 101 -29.96 -31.42 -4.55
N CYS Y 102 -30.32 -32.42 -3.78
CA CYS Y 102 -30.64 -33.74 -4.31
C CYS Y 102 -32.05 -34.18 -3.97
N GLY Y 103 -32.79 -34.63 -4.97
CA GLY Y 103 -34.15 -35.07 -4.75
C GLY Y 103 -34.65 -36.09 -5.75
N TYR Y 104 -35.87 -36.57 -5.54
CA TYR Y 104 -36.45 -37.57 -6.42
C TYR Y 104 -37.93 -37.29 -6.70
N THR Y 105 -38.23 -36.58 -7.78
CA THR Y 105 -39.62 -36.32 -8.11
C THR Y 105 -40.04 -37.24 -9.24
N ARG Y 106 -41.29 -37.70 -9.19
CA ARG Y 106 -41.82 -38.59 -10.23
C ARG Y 106 -41.55 -38.00 -11.62
N LYS Y 107 -41.53 -36.67 -11.68
CA LYS Y 107 -41.32 -35.96 -12.93
C LYS Y 107 -39.88 -35.96 -13.41
N GLU Y 108 -38.93 -35.71 -12.51
CA GLU Y 108 -37.50 -35.65 -12.85
C GLU Y 108 -36.69 -36.91 -12.53
N GLY Y 109 -37.17 -37.71 -11.58
CA GLY Y 109 -36.46 -38.92 -11.20
C GLY Y 109 -35.32 -38.54 -10.26
N PRO Y 110 -34.23 -39.33 -10.22
CA PRO Y 110 -33.15 -38.92 -9.31
C PRO Y 110 -32.49 -37.69 -9.90
N THR Y 111 -32.27 -36.67 -9.07
CA THR Y 111 -31.65 -35.45 -9.58
C THR Y 111 -30.73 -34.81 -8.55
N ILE Y 112 -29.64 -34.22 -9.05
CA ILE Y 112 -28.65 -33.56 -8.21
C ILE Y 112 -28.23 -32.24 -8.84
N TYR Y 113 -28.29 -31.19 -8.04
CA TYR Y 113 -27.90 -29.86 -8.49
C TYR Y 113 -26.80 -29.30 -7.60
N TYR Y 114 -25.77 -28.77 -8.23
CA TYR Y 114 -24.66 -28.18 -7.51
C TYR Y 114 -24.93 -26.67 -7.48
N VAL Y 115 -24.95 -26.11 -6.28
CA VAL Y 115 -25.19 -24.68 -6.13
C VAL Y 115 -24.16 -24.04 -5.22
N ASP Y 116 -23.44 -23.04 -5.70
CA ASP Y 116 -22.46 -22.36 -4.85
C ASP Y 116 -22.74 -20.87 -4.76
N SER Y 117 -22.22 -20.23 -3.73
CA SER Y 117 -22.44 -18.80 -3.53
C SER Y 117 -21.89 -17.95 -4.66
N ASP Y 118 -21.38 -18.59 -5.71
CA ASP Y 118 -20.86 -17.88 -6.88
C ASP Y 118 -22.01 -17.59 -7.83
N GLY Y 119 -23.06 -18.40 -7.70
CA GLY Y 119 -24.21 -18.26 -8.57
C GLY Y 119 -24.24 -19.43 -9.53
N THR Y 120 -23.24 -20.28 -9.41
CA THR Y 120 -23.14 -21.44 -10.26
C THR Y 120 -24.17 -22.48 -9.86
N ARG Y 121 -24.98 -22.88 -10.83
CA ARG Y 121 -26.01 -23.89 -10.64
C ARG Y 121 -25.76 -24.92 -11.74
N LEU Y 122 -25.52 -26.18 -11.35
CA LEU Y 122 -25.23 -27.23 -12.31
C LEU Y 122 -25.91 -28.55 -11.99
N LYS Y 123 -26.42 -29.19 -13.03
CA LYS Y 123 -27.07 -30.49 -12.86
C LYS Y 123 -26.08 -31.57 -13.26
N GLY Y 124 -26.03 -32.66 -12.50
CA GLY Y 124 -25.10 -33.70 -12.84
C GLY Y 124 -25.32 -35.00 -12.10
N ASP Y 125 -24.56 -36.02 -12.49
CA ASP Y 125 -24.66 -37.35 -11.88
C ASP Y 125 -23.72 -37.52 -10.69
N ILE Y 126 -22.59 -36.84 -10.72
CA ILE Y 126 -21.63 -36.93 -9.64
C ILE Y 126 -21.10 -35.55 -9.29
N PHE Y 127 -20.99 -35.28 -8.00
CA PHE Y 127 -20.47 -34.01 -7.52
C PHE Y 127 -19.80 -34.21 -6.17
N CYS Y 128 -18.58 -33.69 -6.05
CA CYS Y 128 -17.85 -33.78 -4.79
C CYS Y 128 -17.53 -32.35 -4.45
N VAL Y 129 -17.98 -31.90 -3.29
CA VAL Y 129 -17.72 -30.52 -2.92
C VAL Y 129 -17.10 -30.43 -1.56
N GLY Y 130 -16.12 -29.56 -1.43
CA GLY Y 130 -15.47 -29.38 -0.15
C GLY Y 130 -13.95 -29.44 -0.22
N SER Y 131 -13.30 -29.05 0.87
CA SER Y 131 -11.86 -29.06 0.88
C SER Y 131 -11.29 -30.47 0.65
N GLY Y 132 -12.14 -31.47 0.65
CA GLY Y 132 -11.65 -32.83 0.44
C GLY Y 132 -12.16 -33.47 -0.84
N GLN Y 133 -12.89 -32.69 -1.63
CA GLN Y 133 -13.49 -33.18 -2.87
C GLN Y 133 -12.59 -34.01 -3.78
N THR Y 134 -11.37 -33.55 -4.04
CA THR Y 134 -10.47 -34.27 -4.92
C THR Y 134 -10.21 -35.67 -4.40
N PHE Y 135 -10.01 -35.80 -3.10
CA PHE Y 135 -9.75 -37.12 -2.53
C PHE Y 135 -10.96 -38.02 -2.75
N ALA Y 136 -12.15 -37.49 -2.49
CA ALA Y 136 -13.37 -38.26 -2.68
C ALA Y 136 -13.49 -38.62 -4.16
N TYR Y 137 -13.28 -37.64 -5.02
CA TYR Y 137 -13.33 -37.87 -6.46
C TYR Y 137 -12.40 -39.02 -6.84
N GLY Y 138 -11.18 -38.98 -6.32
CA GLY Y 138 -10.22 -40.02 -6.62
C GLY Y 138 -10.82 -41.40 -6.49
N VAL Y 139 -11.32 -41.70 -5.29
CA VAL Y 139 -11.93 -42.99 -5.02
C VAL Y 139 -13.17 -43.23 -5.86
N LEU Y 140 -14.15 -42.36 -5.70
CA LEU Y 140 -15.40 -42.46 -6.43
C LEU Y 140 -15.26 -42.67 -7.94
N ASP Y 141 -14.68 -41.69 -8.63
CA ASP Y 141 -14.52 -41.75 -10.07
C ASP Y 141 -14.08 -43.10 -10.63
N SER Y 142 -13.16 -43.75 -9.93
CA SER Y 142 -12.61 -45.02 -10.39
C SER Y 142 -13.36 -46.27 -9.98
N ASN Y 143 -14.52 -46.13 -9.35
CA ASN Y 143 -15.29 -47.29 -8.95
C ASN Y 143 -16.76 -47.09 -9.22
N TYR Y 144 -17.11 -45.96 -9.83
CA TYR Y 144 -18.51 -45.70 -10.12
C TYR Y 144 -18.99 -46.42 -11.38
N LYS Y 145 -20.21 -46.94 -11.29
CA LYS Y 145 -20.89 -47.63 -12.38
C LYS Y 145 -22.38 -47.40 -12.12
N TRP Y 146 -23.15 -47.11 -13.16
CA TRP Y 146 -24.58 -46.87 -12.95
C TRP Y 146 -25.23 -48.12 -12.35
N ASP Y 147 -24.53 -49.25 -12.46
CA ASP Y 147 -25.03 -50.52 -11.97
C ASP Y 147 -24.51 -50.97 -10.61
N LEU Y 148 -24.57 -50.08 -9.64
CA LEU Y 148 -24.11 -50.45 -8.30
C LEU Y 148 -25.31 -50.87 -7.49
N SER Y 149 -25.13 -51.88 -6.65
CA SER Y 149 -26.22 -52.31 -5.81
C SER Y 149 -26.37 -51.17 -4.81
N VAL Y 150 -27.59 -50.90 -4.39
CA VAL Y 150 -27.82 -49.84 -3.42
C VAL Y 150 -26.85 -50.06 -2.26
N GLU Y 151 -26.41 -51.31 -2.10
CA GLU Y 151 -25.49 -51.69 -1.04
C GLU Y 151 -24.05 -51.30 -1.37
N ASP Y 152 -23.64 -51.53 -2.61
CA ASP Y 152 -22.29 -51.18 -3.04
C ASP Y 152 -22.12 -49.69 -3.22
N ALA Y 153 -23.16 -49.05 -3.73
CA ALA Y 153 -23.12 -47.61 -3.93
C ALA Y 153 -22.96 -46.99 -2.55
N LEU Y 154 -23.74 -47.48 -1.60
CA LEU Y 154 -23.67 -46.97 -0.24
C LEU Y 154 -22.22 -47.10 0.26
N TYR Y 155 -21.62 -48.27 0.03
CA TYR Y 155 -20.25 -48.45 0.47
C TYR Y 155 -19.31 -47.49 -0.25
N LEU Y 156 -19.27 -47.56 -1.58
CA LEU Y 156 -18.40 -46.67 -2.35
C LEU Y 156 -18.46 -45.24 -1.84
N GLY Y 157 -19.66 -44.79 -1.46
CA GLY Y 157 -19.80 -43.44 -0.94
C GLY Y 157 -19.12 -43.32 0.40
N LYS Y 158 -19.53 -44.16 1.35
CA LYS Y 158 -18.94 -44.17 2.68
C LYS Y 158 -17.40 -44.23 2.57
N ARG Y 159 -16.92 -45.05 1.66
CA ARG Y 159 -15.48 -45.22 1.46
C ARG Y 159 -14.86 -43.98 0.85
N SER Y 160 -15.60 -43.28 -0.02
CA SER Y 160 -15.07 -42.08 -0.64
C SER Y 160 -14.86 -40.97 0.39
N ILE Y 161 -15.71 -40.96 1.41
CA ILE Y 161 -15.58 -39.95 2.46
C ILE Y 161 -14.46 -40.40 3.39
N LEU Y 162 -14.32 -41.70 3.58
CA LEU Y 162 -13.28 -42.24 4.42
C LEU Y 162 -11.93 -41.77 3.90
N ALA Y 163 -11.76 -41.89 2.58
CA ALA Y 163 -10.53 -41.47 1.94
C ALA Y 163 -10.24 -40.00 2.24
N ALA Y 164 -11.18 -39.13 1.90
CA ALA Y 164 -11.04 -37.69 2.12
C ALA Y 164 -10.75 -37.35 3.58
N ALA Y 165 -11.47 -37.98 4.49
CA ALA Y 165 -11.29 -37.73 5.92
C ALA Y 165 -9.84 -37.97 6.29
N HIS Y 166 -9.28 -39.05 5.75
CA HIS Y 166 -7.89 -39.46 6.01
C HIS Y 166 -6.85 -38.43 5.54
N ARG Y 167 -6.82 -38.18 4.22
CA ARG Y 167 -5.87 -37.25 3.60
C ARG Y 167 -6.10 -35.78 3.92
N ASP Y 168 -7.36 -35.35 3.92
CA ASP Y 168 -7.68 -33.96 4.20
C ASP Y 168 -7.71 -33.69 5.70
N ALA Y 169 -6.97 -32.65 6.09
CA ALA Y 169 -6.89 -32.25 7.48
C ALA Y 169 -8.19 -31.60 7.94
N TYR Y 170 -8.92 -30.99 7.01
CA TYR Y 170 -10.16 -30.31 7.35
C TYR Y 170 -11.41 -31.18 7.31
N SER Y 171 -11.24 -32.44 6.94
CA SER Y 171 -12.36 -33.36 6.88
C SER Y 171 -12.13 -34.46 7.88
N GLY Y 172 -13.22 -35.05 8.34
CA GLY Y 172 -13.11 -36.13 9.31
C GLY Y 172 -14.32 -36.19 10.23
N GLY Y 173 -14.10 -36.73 11.42
CA GLY Y 173 -15.17 -36.86 12.39
C GLY Y 173 -15.94 -38.15 12.18
N SER Y 174 -16.91 -38.10 11.27
CA SER Y 174 -17.73 -39.27 10.98
C SER Y 174 -18.42 -39.12 9.65
N VAL Y 175 -18.88 -40.26 9.12
CA VAL Y 175 -19.58 -40.27 7.85
C VAL Y 175 -21.08 -40.35 8.09
N ASN Y 176 -21.85 -39.70 7.24
CA ASN Y 176 -23.30 -39.73 7.34
C ASN Y 176 -23.83 -40.09 5.97
N LEU Y 177 -24.51 -41.23 5.91
CA LEU Y 177 -25.08 -41.73 4.66
C LEU Y 177 -26.57 -41.52 4.46
N TYR Y 178 -26.96 -41.36 3.21
CA TYR Y 178 -28.35 -41.18 2.84
C TYR Y 178 -28.58 -41.84 1.49
N HIS Y 179 -29.75 -42.45 1.34
CA HIS Y 179 -30.09 -43.09 0.06
C HIS Y 179 -31.37 -42.41 -0.41
N VAL Y 180 -31.32 -41.84 -1.61
CA VAL Y 180 -32.48 -41.15 -2.14
C VAL Y 180 -33.28 -42.00 -3.12
N THR Y 181 -34.52 -42.32 -2.71
CA THR Y 181 -35.48 -43.10 -3.51
C THR Y 181 -36.72 -42.23 -3.63
N GLU Y 182 -37.57 -42.52 -4.61
CA GLU Y 182 -38.77 -41.72 -4.82
C GLU Y 182 -39.63 -41.56 -3.56
N ASP Y 183 -39.66 -42.60 -2.73
CA ASP Y 183 -40.44 -42.52 -1.50
C ASP Y 183 -39.78 -41.57 -0.51
N GLY Y 184 -38.62 -41.05 -0.90
CA GLY Y 184 -37.88 -40.13 -0.07
C GLY Y 184 -36.49 -40.66 0.23
N TRP Y 185 -35.79 -39.94 1.09
CA TRP Y 185 -34.45 -40.33 1.47
C TRP Y 185 -34.50 -41.26 2.67
N ILE Y 186 -33.52 -42.15 2.76
CA ILE Y 186 -33.42 -43.08 3.87
C ILE Y 186 -32.07 -42.92 4.55
N TYR Y 187 -32.07 -42.50 5.81
CA TYR Y 187 -30.80 -42.33 6.53
C TYR Y 187 -30.10 -43.67 6.60
N HIS Y 188 -28.77 -43.66 6.59
CA HIS Y 188 -28.00 -44.88 6.68
C HIS Y 188 -26.89 -44.79 7.69
N GLY Y 189 -27.22 -44.17 8.81
CA GLY Y 189 -26.30 -44.06 9.92
C GLY Y 189 -25.10 -43.15 9.87
N ASN Y 190 -24.53 -43.00 11.05
CA ASN Y 190 -23.36 -42.18 11.29
C ASN Y 190 -22.24 -43.15 11.59
N HIS Y 191 -21.19 -43.08 10.79
CA HIS Y 191 -20.05 -43.95 10.97
C HIS Y 191 -18.82 -43.16 11.38
N ASP Y 192 -18.37 -43.40 12.61
CA ASP Y 192 -17.20 -42.71 13.12
C ASP Y 192 -15.97 -43.11 12.33
N VAL Y 193 -15.32 -42.11 11.73
CA VAL Y 193 -14.11 -42.35 10.96
C VAL Y 193 -13.09 -43.05 11.82
N GLY Y 194 -13.06 -42.68 13.10
CA GLY Y 194 -12.13 -43.30 14.02
C GLY Y 194 -12.18 -44.81 13.88
N GLU Y 195 -13.33 -45.41 14.19
CA GLU Y 195 -13.47 -46.86 14.10
C GLU Y 195 -13.65 -47.38 12.69
N LEU Y 196 -14.26 -46.56 11.83
CA LEU Y 196 -14.47 -46.98 10.45
C LEU Y 196 -13.18 -47.26 9.70
N PHE Y 197 -12.19 -46.38 9.89
CA PHE Y 197 -10.89 -46.53 9.22
C PHE Y 197 -10.27 -47.90 9.45
N TRP Y 198 -9.97 -48.18 10.70
CA TRP Y 198 -9.38 -49.45 11.06
C TRP Y 198 -10.16 -50.62 10.44
N LYS Y 199 -11.45 -50.69 10.74
CA LYS Y 199 -12.30 -51.74 10.21
C LYS Y 199 -12.03 -51.91 8.71
N VAL Y 200 -12.16 -50.83 7.96
CA VAL Y 200 -11.94 -50.87 6.52
C VAL Y 200 -10.53 -51.34 6.22
N LYS Y 201 -9.55 -50.79 6.94
CA LYS Y 201 -8.18 -51.18 6.69
C LYS Y 201 -8.08 -52.69 6.75
N GLU Y 202 -8.38 -53.25 7.91
CA GLU Y 202 -8.33 -54.70 8.08
C GLU Y 202 -9.11 -55.45 7.02
N GLU Y 203 -10.42 -55.26 7.01
CA GLU Y 203 -11.28 -55.95 6.06
C GLU Y 203 -10.91 -55.78 4.59
N GLU Y 204 -10.60 -54.55 4.19
CA GLU Y 204 -10.26 -54.26 2.80
C GLU Y 204 -8.79 -54.40 2.41
N GLY Y 205 -7.90 -54.29 3.40
CA GLY Y 205 -6.49 -54.42 3.11
C GLY Y 205 -5.86 -53.19 2.48
N SER Y 206 -6.64 -52.11 2.39
CA SER Y 206 -6.14 -50.87 1.80
C SER Y 206 -5.56 -50.06 2.95
N PHE Y 207 -5.07 -48.86 2.64
CA PHE Y 207 -4.46 -48.01 3.66
C PHE Y 207 -3.29 -48.80 4.19
N ASN Y 208 -2.72 -49.60 3.29
CA ASN Y 208 -1.60 -50.44 3.64
C ASN Y 208 -0.42 -49.63 4.18
N ASN Y 209 -0.38 -48.34 3.86
CA ASN Y 209 0.72 -47.50 4.33
C ASN Y 209 0.70 -47.32 5.84
N VAL Y 210 -0.41 -46.80 6.35
CA VAL Y 210 -0.57 -46.60 7.79
C VAL Y 210 -0.19 -47.90 8.55
N ILE Y 211 0.32 -47.74 9.76
CA ILE Y 211 0.70 -48.90 10.56
C ILE Y 211 -0.30 -49.13 11.68
N GLY Y 212 -0.73 -50.37 11.84
CA GLY Y 212 -1.70 -50.69 12.87
C GLY Y 212 -1.66 -52.10 13.40
N GLN Z 1 -7.53 4.38 11.58
CA GLN Z 1 -8.98 4.25 11.27
C GLN Z 1 -9.74 3.71 12.52
N PHE Z 2 -11.05 3.93 12.58
CA PHE Z 2 -11.84 3.46 13.73
C PHE Z 2 -12.21 1.98 13.70
N ASN Z 3 -11.74 1.26 14.71
CA ASN Z 3 -12.03 -0.16 14.84
C ASN Z 3 -13.18 -0.33 15.81
N PRO Z 4 -14.36 -0.73 15.30
CA PRO Z 4 -15.60 -0.96 16.04
C PRO Z 4 -15.56 -2.12 17.01
N TYR Z 5 -14.60 -3.02 16.85
CA TYR Z 5 -14.51 -4.19 17.72
C TYR Z 5 -13.45 -4.14 18.81
N GLY Z 6 -13.53 -5.08 19.74
CA GLY Z 6 -12.57 -5.16 20.83
C GLY Z 6 -12.57 -6.57 21.42
N ASP Z 7 -11.65 -6.81 22.36
CA ASP Z 7 -11.57 -8.10 23.00
C ASP Z 7 -11.50 -7.93 24.51
N ASN Z 8 -12.47 -8.50 25.22
CA ASN Z 8 -12.50 -8.41 26.68
C ASN Z 8 -12.11 -9.71 27.34
N GLY Z 9 -11.58 -10.63 26.51
CA GLY Z 9 -11.11 -11.91 27.01
C GLY Z 9 -12.21 -12.82 27.51
N GLY Z 10 -12.00 -13.40 28.67
CA GLY Z 10 -12.98 -14.30 29.24
C GLY Z 10 -13.06 -15.66 28.57
N THR Z 11 -13.61 -16.62 29.30
CA THR Z 11 -13.76 -17.98 28.82
C THR Z 11 -15.00 -18.60 29.47
N ILE Z 12 -15.77 -19.35 28.70
CA ILE Z 12 -16.97 -19.98 29.23
C ILE Z 12 -17.02 -21.48 28.93
N LEU Z 13 -17.81 -22.18 29.71
CA LEU Z 13 -17.92 -23.63 29.58
C LEU Z 13 -19.33 -24.12 29.88
N GLY Z 14 -19.85 -25.00 29.02
CA GLY Z 14 -21.18 -25.56 29.21
C GLY Z 14 -21.17 -27.08 29.17
N ILE Z 15 -21.74 -27.71 30.19
CA ILE Z 15 -21.80 -29.17 30.25
C ILE Z 15 -23.23 -29.62 30.54
N ALA Z 16 -23.68 -30.62 29.81
CA ALA Z 16 -25.03 -31.14 29.95
C ALA Z 16 -25.08 -32.42 30.75
N GLY Z 17 -25.91 -32.44 31.79
CA GLY Z 17 -26.08 -33.65 32.58
C GLY Z 17 -27.32 -34.39 32.12
N GLU Z 18 -27.62 -35.53 32.74
CA GLU Z 18 -28.81 -36.29 32.34
C GLU Z 18 -30.10 -35.59 32.69
N ASP Z 19 -30.10 -34.82 33.79
CA ASP Z 19 -31.29 -34.12 34.21
C ASP Z 19 -30.92 -32.73 34.68
N PHE Z 20 -29.87 -32.18 34.09
CA PHE Z 20 -29.41 -30.85 34.44
C PHE Z 20 -28.39 -30.39 33.41
N ALA Z 21 -27.84 -29.21 33.63
CA ALA Z 21 -26.84 -28.68 32.73
C ALA Z 21 -26.18 -27.54 33.46
N VAL Z 22 -24.99 -27.17 33.02
CA VAL Z 22 -24.26 -26.10 33.66
C VAL Z 22 -23.59 -25.20 32.63
N LEU Z 23 -23.51 -23.92 32.97
CA LEU Z 23 -22.87 -22.93 32.12
C LEU Z 23 -21.99 -22.12 33.06
N ALA Z 24 -20.69 -22.15 32.80
CA ALA Z 24 -19.75 -21.43 33.64
C ALA Z 24 -18.87 -20.44 32.90
N GLY Z 25 -18.31 -19.50 33.63
CA GLY Z 25 -17.44 -18.51 33.04
C GLY Z 25 -16.61 -17.79 34.08
N ASP Z 26 -15.41 -17.41 33.71
CA ASP Z 26 -14.54 -16.66 34.61
C ASP Z 26 -15.21 -15.31 34.79
N THR Z 27 -14.83 -14.56 35.81
CA THR Z 27 -15.47 -13.27 35.98
C THR Z 27 -14.49 -12.15 35.81
N ARG Z 28 -13.52 -12.36 34.92
CA ARG Z 28 -12.53 -11.33 34.67
C ARG Z 28 -12.79 -10.68 33.31
N ASN Z 29 -12.76 -9.36 33.28
CA ASN Z 29 -12.97 -8.60 32.05
C ASN Z 29 -11.70 -7.82 31.87
N ILE Z 30 -11.08 -7.99 30.71
CA ILE Z 30 -9.83 -7.32 30.41
C ILE Z 30 -9.82 -6.59 29.08
N THR Z 31 -8.78 -5.79 28.91
CA THR Z 31 -8.53 -5.03 27.70
C THR Z 31 -7.02 -5.02 27.61
N ASP Z 32 -6.50 -5.73 26.62
CA ASP Z 32 -5.07 -5.82 26.43
C ASP Z 32 -4.40 -6.47 27.62
N TYR Z 33 -3.52 -5.72 28.27
CA TYR Z 33 -2.81 -6.24 29.44
C TYR Z 33 -3.30 -5.70 30.76
N SER Z 34 -4.45 -5.02 30.75
CA SER Z 34 -5.00 -4.47 31.97
C SER Z 34 -6.25 -5.23 32.34
N ILE Z 35 -6.63 -5.15 33.61
CA ILE Z 35 -7.84 -5.79 34.07
C ILE Z 35 -8.86 -4.69 34.31
N ASN Z 36 -10.01 -4.82 33.67
CA ASN Z 36 -11.06 -3.83 33.82
C ASN Z 36 -11.85 -4.17 35.09
N SER Z 37 -11.98 -5.46 35.37
CA SER Z 37 -12.70 -5.90 36.55
C SER Z 37 -12.49 -7.36 36.86
N ARG Z 38 -12.38 -7.64 38.15
CA ARG Z 38 -12.18 -9.00 38.66
C ARG Z 38 -13.54 -9.69 38.82
N TYR Z 39 -14.62 -8.89 38.75
CA TYR Z 39 -15.97 -9.43 38.85
C TYR Z 39 -16.96 -8.67 37.98
N GLU Z 40 -17.28 -9.27 36.84
CA GLU Z 40 -18.23 -8.71 35.88
C GLU Z 40 -18.91 -9.93 35.27
N PRO Z 41 -19.96 -10.43 35.94
CA PRO Z 41 -20.75 -11.60 35.52
C PRO Z 41 -20.90 -11.66 34.02
N LYS Z 42 -20.87 -12.88 33.49
CA LYS Z 42 -20.94 -13.07 32.06
C LYS Z 42 -21.94 -14.15 31.64
N VAL Z 43 -22.45 -14.90 32.62
CA VAL Z 43 -23.44 -15.95 32.34
C VAL Z 43 -24.73 -15.49 33.00
N PHE Z 44 -25.80 -15.39 32.22
CA PHE Z 44 -27.08 -14.91 32.74
C PHE Z 44 -28.28 -15.85 32.67
N ASP Z 45 -29.21 -15.63 33.59
CA ASP Z 45 -30.44 -16.40 33.64
C ASP Z 45 -31.42 -15.55 32.81
N CYS Z 46 -31.93 -16.12 31.73
CA CYS Z 46 -32.85 -15.38 30.88
C CYS Z 46 -34.31 -15.80 31.06
N GLY Z 47 -34.56 -16.60 32.08
CA GLY Z 47 -35.90 -17.06 32.32
C GLY Z 47 -36.20 -18.32 31.55
N ASP Z 48 -37.36 -18.90 31.82
CA ASP Z 48 -37.80 -20.14 31.18
C ASP Z 48 -36.71 -21.20 31.30
N ASN Z 49 -35.95 -21.13 32.38
CA ASN Z 49 -34.87 -22.05 32.65
C ASN Z 49 -33.84 -22.13 31.56
N ILE Z 50 -33.38 -20.97 31.14
CA ILE Z 50 -32.38 -20.90 30.09
C ILE Z 50 -31.30 -19.95 30.58
N VAL Z 51 -30.06 -20.43 30.53
CA VAL Z 51 -28.92 -19.63 30.93
C VAL Z 51 -28.13 -19.40 29.65
N MET Z 52 -27.70 -18.16 29.46
CA MET Z 52 -26.95 -17.81 28.26
C MET Z 52 -25.71 -16.99 28.55
N SER Z 53 -24.76 -17.08 27.63
CA SER Z 53 -23.53 -16.32 27.74
C SER Z 53 -22.94 -16.11 26.36
N ALA Z 54 -22.66 -14.86 26.03
CA ALA Z 54 -22.09 -14.46 24.76
C ALA Z 54 -20.70 -13.93 25.11
N ASN Z 55 -19.69 -14.75 24.85
CA ASN Z 55 -18.33 -14.34 25.18
C ASN Z 55 -17.59 -13.71 23.99
N GLY Z 56 -16.61 -12.87 24.30
CA GLY Z 56 -15.84 -12.19 23.27
C GLY Z 56 -15.74 -10.69 23.48
N PHE Z 57 -16.44 -9.92 22.66
CA PHE Z 57 -16.45 -8.46 22.75
C PHE Z 57 -17.63 -8.07 23.61
N ALA Z 58 -17.33 -7.64 24.84
CA ALA Z 58 -18.33 -7.24 25.84
C ALA Z 58 -19.57 -6.47 25.33
N ALA Z 59 -19.34 -5.37 24.63
CA ALA Z 59 -20.45 -4.60 24.11
C ALA Z 59 -21.39 -5.53 23.33
N ASP Z 60 -20.88 -6.16 22.28
CA ASP Z 60 -21.69 -7.07 21.46
C ASP Z 60 -22.29 -8.20 22.28
N GLY Z 61 -21.59 -8.64 23.31
CA GLY Z 61 -22.10 -9.72 24.13
C GLY Z 61 -23.33 -9.30 24.92
N ASP Z 62 -23.26 -8.11 25.52
CA ASP Z 62 -24.38 -7.62 26.31
C ASP Z 62 -25.58 -7.29 25.42
N ALA Z 63 -25.30 -6.70 24.26
CA ALA Z 63 -26.35 -6.36 23.34
C ALA Z 63 -27.15 -7.62 23.00
N LEU Z 64 -26.45 -8.71 22.70
CA LEU Z 64 -27.11 -9.95 22.35
C LEU Z 64 -27.98 -10.48 23.49
N VAL Z 65 -27.40 -10.63 24.67
CA VAL Z 65 -28.17 -11.12 25.81
C VAL Z 65 -29.41 -10.27 25.99
N LYS Z 66 -29.21 -8.96 26.03
CA LYS Z 66 -30.32 -8.03 26.20
C LYS Z 66 -31.40 -8.35 25.17
N ARG Z 67 -31.00 -8.41 23.90
CA ARG Z 67 -31.90 -8.71 22.80
C ARG Z 67 -32.61 -10.04 22.99
N PHE Z 68 -31.86 -11.13 23.18
CA PHE Z 68 -32.50 -12.43 23.37
C PHE Z 68 -33.49 -12.39 24.51
N LYS Z 69 -33.08 -11.88 25.66
CA LYS Z 69 -33.97 -11.79 26.82
C LYS Z 69 -35.24 -11.09 26.40
N ASN Z 70 -35.07 -9.92 25.79
CA ASN Z 70 -36.20 -9.15 25.33
C ASN Z 70 -37.06 -10.00 24.38
N SER Z 71 -36.42 -10.87 23.63
CA SER Z 71 -37.12 -11.72 22.71
C SER Z 71 -37.98 -12.71 23.47
N VAL Z 72 -37.48 -13.13 24.63
CA VAL Z 72 -38.23 -14.06 25.47
C VAL Z 72 -39.46 -13.37 26.04
N LYS Z 73 -39.26 -12.14 26.52
CA LYS Z 73 -40.32 -11.35 27.10
C LYS Z 73 -41.51 -11.32 26.15
N TRP Z 74 -41.24 -10.97 24.89
CA TRP Z 74 -42.30 -10.91 23.91
C TRP Z 74 -42.87 -12.28 23.59
N TYR Z 75 -42.03 -13.29 23.59
CA TYR Z 75 -42.54 -14.62 23.32
C TYR Z 75 -43.71 -14.83 24.26
N HIS Z 76 -43.52 -14.51 25.54
CA HIS Z 76 -44.59 -14.66 26.52
C HIS Z 76 -45.82 -13.85 26.11
N PHE Z 77 -45.63 -12.56 25.86
CA PHE Z 77 -46.76 -11.75 25.45
C PHE Z 77 -47.48 -12.45 24.30
N ASP Z 78 -46.81 -12.53 23.16
CA ASP Z 78 -47.38 -13.13 21.96
C ASP Z 78 -48.00 -14.52 22.09
N HIS Z 79 -47.39 -15.41 22.88
CA HIS Z 79 -47.95 -16.76 22.98
C HIS Z 79 -48.46 -17.18 24.35
N ASN Z 80 -49.07 -16.26 25.05
CA ASN Z 80 -49.67 -16.54 26.36
C ASN Z 80 -48.71 -17.18 27.36
N ASP Z 81 -47.74 -16.41 27.83
CA ASP Z 81 -46.74 -16.87 28.79
C ASP Z 81 -46.20 -18.30 28.64
N LYS Z 82 -46.38 -18.88 27.45
CA LYS Z 82 -45.88 -20.22 27.16
C LYS Z 82 -44.34 -20.23 27.25
N LYS Z 83 -43.81 -21.20 27.98
CA LYS Z 83 -42.38 -21.36 28.16
C LYS Z 83 -41.66 -21.55 26.83
N LEU Z 84 -40.49 -20.94 26.70
CA LEU Z 84 -39.71 -21.03 25.48
C LEU Z 84 -38.77 -22.23 25.58
N SER Z 85 -39.01 -23.24 24.76
CA SER Z 85 -38.16 -24.44 24.79
C SER Z 85 -36.75 -24.07 24.36
N ILE Z 86 -35.78 -24.75 24.94
CA ILE Z 86 -34.38 -24.49 24.64
C ILE Z 86 -34.07 -24.53 23.14
N ASN Z 87 -34.66 -25.50 22.44
CA ASN Z 87 -34.44 -25.64 21.00
C ASN Z 87 -34.98 -24.43 20.25
N SER Z 88 -36.08 -23.87 20.73
CA SER Z 88 -36.68 -22.71 20.10
C SER Z 88 -35.78 -21.50 20.29
N ALA Z 89 -35.26 -21.35 21.50
CA ALA Z 89 -34.35 -20.27 21.84
C ALA Z 89 -33.15 -20.35 20.90
N ALA Z 90 -32.64 -21.56 20.72
CA ALA Z 90 -31.50 -21.79 19.85
C ALA Z 90 -31.78 -21.25 18.46
N ARG Z 91 -32.88 -21.70 17.86
CA ARG Z 91 -33.24 -21.26 16.52
C ARG Z 91 -33.37 -19.74 16.53
N ASN Z 92 -34.07 -19.22 17.52
CA ASN Z 92 -34.27 -17.79 17.63
C ASN Z 92 -32.94 -17.05 17.64
N ILE Z 93 -32.06 -17.42 18.56
CA ILE Z 93 -30.75 -16.78 18.68
C ILE Z 93 -30.00 -16.82 17.35
N GLN Z 94 -30.10 -17.93 16.63
CA GLN Z 94 -29.43 -18.04 15.33
C GLN Z 94 -29.87 -16.87 14.47
N HIS Z 95 -31.18 -16.61 14.48
CA HIS Z 95 -31.68 -15.51 13.69
C HIS Z 95 -31.20 -14.16 14.23
N LEU Z 96 -31.07 -14.05 15.54
CA LEU Z 96 -30.60 -12.81 16.15
C LEU Z 96 -29.24 -12.48 15.57
N LEU Z 97 -28.36 -13.49 15.60
CA LEU Z 97 -27.00 -13.36 15.12
C LEU Z 97 -26.85 -13.26 13.61
N TYR Z 98 -27.48 -14.19 12.88
CA TYR Z 98 -27.35 -14.16 11.44
C TYR Z 98 -27.94 -12.89 10.85
N GLY Z 99 -28.73 -12.18 11.65
CA GLY Z 99 -29.32 -10.95 11.19
C GLY Z 99 -28.24 -9.92 10.95
N LYS Z 100 -27.18 -9.98 11.74
CA LYS Z 100 -26.07 -9.07 11.60
C LYS Z 100 -24.92 -9.76 10.89
N ARG Z 101 -25.26 -10.74 10.05
CA ARG Z 101 -24.27 -11.53 9.31
C ARG Z 101 -23.25 -10.67 8.56
N PHE Z 102 -23.55 -9.40 8.36
CA PHE Z 102 -22.61 -8.57 7.63
C PHE Z 102 -22.01 -7.43 8.44
N PHE Z 103 -22.04 -7.58 9.75
CA PHE Z 103 -21.50 -6.65 10.75
C PHE Z 103 -21.89 -7.37 12.01
N PRO Z 104 -21.34 -8.58 12.20
CA PRO Z 104 -21.52 -9.53 13.29
C PRO Z 104 -21.31 -9.07 14.71
N TYR Z 105 -21.85 -9.87 15.62
CA TYR Z 105 -21.70 -9.68 17.04
C TYR Z 105 -20.43 -10.46 17.30
N TYR Z 106 -19.34 -9.76 17.56
CA TYR Z 106 -18.06 -10.42 17.78
C TYR Z 106 -18.09 -11.27 19.04
N VAL Z 107 -18.99 -12.25 19.08
CA VAL Z 107 -19.07 -13.08 20.25
C VAL Z 107 -19.39 -14.50 19.86
N HIS Z 108 -18.88 -15.42 20.65
CA HIS Z 108 -19.13 -16.84 20.47
C HIS Z 108 -20.01 -17.12 21.69
N THR Z 109 -21.25 -17.51 21.45
CA THR Z 109 -22.19 -17.72 22.54
C THR Z 109 -22.63 -19.17 22.82
N ILE Z 110 -23.00 -19.41 24.07
CA ILE Z 110 -23.48 -20.70 24.53
C ILE Z 110 -24.66 -20.51 25.48
N ILE Z 111 -25.64 -21.40 25.37
CA ILE Z 111 -26.80 -21.38 26.25
C ILE Z 111 -27.01 -22.81 26.71
N ALA Z 112 -27.52 -22.95 27.92
CA ALA Z 112 -27.77 -24.25 28.50
C ALA Z 112 -29.15 -24.29 29.15
N GLY Z 113 -29.75 -25.48 29.16
CA GLY Z 113 -31.06 -25.62 29.76
C GLY Z 113 -31.46 -27.08 29.82
N LEU Z 114 -32.75 -27.35 29.70
CA LEU Z 114 -33.25 -28.72 29.71
C LEU Z 114 -34.15 -28.82 28.50
N ASP Z 115 -34.14 -29.97 27.85
CA ASP Z 115 -34.99 -30.13 26.67
C ASP Z 115 -36.39 -30.53 27.12
N GLU Z 116 -37.29 -30.71 26.16
CA GLU Z 116 -38.67 -31.07 26.47
C GLU Z 116 -38.82 -32.46 27.06
N ASP Z 117 -37.69 -33.12 27.33
CA ASP Z 117 -37.71 -34.44 27.92
C ASP Z 117 -37.05 -34.42 29.28
N GLY Z 118 -36.73 -33.21 29.74
CA GLY Z 118 -36.09 -33.03 31.03
C GLY Z 118 -34.58 -33.19 31.01
N LYS Z 119 -34.06 -33.81 29.95
CA LYS Z 119 -32.62 -34.05 29.80
C LYS Z 119 -31.85 -32.75 29.71
N GLY Z 120 -30.62 -32.78 30.22
CA GLY Z 120 -29.76 -31.60 30.18
C GLY Z 120 -29.41 -31.30 28.74
N ALA Z 121 -29.23 -30.02 28.42
CA ALA Z 121 -28.90 -29.61 27.07
C ALA Z 121 -28.03 -28.37 26.99
N VAL Z 122 -27.13 -28.39 26.00
CA VAL Z 122 -26.23 -27.28 25.78
C VAL Z 122 -26.18 -26.96 24.30
N TYR Z 123 -26.23 -25.68 23.97
CA TYR Z 123 -26.19 -25.23 22.59
C TYR Z 123 -25.10 -24.19 22.53
N SER Z 124 -24.36 -24.17 21.43
CA SER Z 124 -23.30 -23.21 21.26
C SER Z 124 -23.43 -22.60 19.88
N PHE Z 125 -22.96 -21.37 19.73
CA PHE Z 125 -23.08 -20.67 18.46
C PHE Z 125 -21.83 -20.09 17.85
N ASP Z 126 -21.97 -19.78 16.59
CA ASP Z 126 -20.97 -19.22 15.72
C ASP Z 126 -21.21 -17.71 15.79
N PRO Z 127 -20.16 -16.90 15.64
CA PRO Z 127 -20.44 -15.46 15.71
C PRO Z 127 -21.58 -15.06 14.82
N VAL Z 128 -21.82 -15.81 13.75
CA VAL Z 128 -22.91 -15.44 12.87
C VAL Z 128 -24.07 -16.41 12.81
N GLY Z 129 -24.23 -17.21 13.85
CA GLY Z 129 -25.39 -18.07 13.85
C GLY Z 129 -25.26 -19.56 13.81
N SER Z 130 -24.26 -20.11 13.14
CA SER Z 130 -24.18 -21.56 13.09
C SER Z 130 -24.27 -22.14 14.51
N TYR Z 131 -25.15 -23.10 14.74
CA TYR Z 131 -25.30 -23.70 16.07
C TYR Z 131 -25.47 -25.21 16.05
N GLU Z 132 -25.19 -25.85 17.17
CA GLU Z 132 -25.28 -27.30 17.26
C GLU Z 132 -25.57 -27.62 18.71
N ARG Z 133 -26.24 -28.73 18.96
CA ARG Z 133 -26.47 -29.12 20.33
C ARG Z 133 -25.35 -30.09 20.65
N GLU Z 134 -24.73 -29.91 21.81
CA GLU Z 134 -23.62 -30.77 22.20
C GLU Z 134 -23.67 -31.11 23.68
N GLN Z 135 -22.96 -32.16 24.05
CA GLN Z 135 -22.92 -32.62 25.43
C GLN Z 135 -22.19 -31.64 26.34
N CYS Z 136 -21.15 -31.01 25.80
CA CYS Z 136 -20.34 -30.04 26.53
C CYS Z 136 -19.58 -29.18 25.53
N ARG Z 137 -19.23 -27.98 25.93
CA ARG Z 137 -18.51 -27.09 25.05
C ARG Z 137 -17.87 -25.91 25.78
N ALA Z 138 -16.66 -25.58 25.37
CA ALA Z 138 -15.94 -24.48 25.97
C ALA Z 138 -15.89 -23.38 24.92
N GLY Z 139 -15.97 -22.15 25.39
CA GLY Z 139 -15.93 -21.02 24.47
C GLY Z 139 -15.12 -19.92 25.10
N GLY Z 140 -14.46 -19.12 24.28
CA GLY Z 140 -13.66 -18.05 24.82
C GLY Z 140 -12.16 -18.21 24.61
N ALA Z 141 -11.38 -17.47 25.39
CA ALA Z 141 -9.93 -17.48 25.30
C ALA Z 141 -9.28 -18.86 25.49
N ALA Z 142 -9.57 -19.52 26.60
CA ALA Z 142 -8.97 -20.83 26.87
C ALA Z 142 -9.79 -22.00 26.34
N ALA Z 143 -10.57 -21.77 25.30
CA ALA Z 143 -11.40 -22.82 24.74
C ALA Z 143 -10.53 -23.96 24.21
N SER Z 144 -9.44 -23.59 23.54
CA SER Z 144 -8.51 -24.56 22.98
C SER Z 144 -7.81 -25.32 24.08
N LEU Z 145 -7.74 -24.74 25.27
CA LEU Z 145 -7.10 -25.41 26.41
C LEU Z 145 -8.07 -26.34 27.11
N ILE Z 146 -9.34 -26.00 27.12
CA ILE Z 146 -10.30 -26.84 27.82
C ILE Z 146 -11.01 -27.92 27.02
N MET Z 147 -11.39 -27.62 25.78
CA MET Z 147 -12.08 -28.62 24.98
C MET Z 147 -11.41 -30.00 24.97
N PRO Z 148 -10.09 -30.06 24.67
CA PRO Z 148 -9.45 -31.38 24.66
C PRO Z 148 -9.70 -32.11 25.97
N PHE Z 149 -9.53 -31.38 27.07
CA PHE Z 149 -9.72 -31.93 28.40
C PHE Z 149 -11.11 -32.53 28.56
N LEU Z 150 -12.10 -31.80 28.06
CA LEU Z 150 -13.48 -32.26 28.11
C LEU Z 150 -13.75 -33.46 27.21
N ASP Z 151 -13.19 -33.47 26.00
CA ASP Z 151 -13.38 -34.61 25.10
C ASP Z 151 -12.93 -35.86 25.83
N ASN Z 152 -11.95 -35.68 26.71
CA ASN Z 152 -11.40 -36.80 27.44
C ASN Z 152 -12.24 -37.23 28.63
N GLN Z 153 -12.38 -36.32 29.60
CA GLN Z 153 -13.10 -36.61 30.83
C GLN Z 153 -14.63 -36.64 30.76
N VAL Z 154 -15.21 -36.02 29.73
CA VAL Z 154 -16.67 -35.97 29.61
C VAL Z 154 -17.24 -36.96 28.60
N ASN Z 155 -16.52 -37.22 27.51
CA ASN Z 155 -16.99 -38.15 26.49
C ASN Z 155 -16.09 -39.38 26.38
N PHE Z 156 -15.16 -39.53 27.32
CA PHE Z 156 -14.22 -40.65 27.38
C PHE Z 156 -13.50 -40.96 26.06
N LYS Z 157 -12.94 -39.93 25.43
CA LYS Z 157 -12.22 -40.12 24.18
C LYS Z 157 -10.84 -40.75 24.39
N ASN Z 158 -10.44 -41.56 23.42
CA ASN Z 158 -9.16 -42.26 23.43
C ASN Z 158 -8.99 -43.14 24.66
N GLN Z 159 -10.10 -43.41 25.34
CA GLN Z 159 -10.06 -44.25 26.52
C GLN Z 159 -10.67 -45.62 26.26
N TYR Z 160 -10.00 -46.66 26.72
CA TYR Z 160 -10.49 -48.02 26.53
C TYR Z 160 -10.55 -48.86 27.78
N GLU Z 161 -11.22 -50.00 27.65
CA GLU Z 161 -11.34 -50.93 28.75
C GLU Z 161 -9.98 -51.58 28.93
N PRO Z 162 -9.36 -51.40 30.10
CA PRO Z 162 -8.06 -51.99 30.33
C PRO Z 162 -7.99 -53.46 29.88
N GLY Z 163 -6.83 -53.85 29.38
CA GLY Z 163 -6.63 -55.21 28.95
C GLY Z 163 -7.32 -55.65 27.67
N THR Z 164 -8.53 -55.18 27.40
CA THR Z 164 -9.25 -55.59 26.20
C THR Z 164 -8.52 -55.33 24.89
N ASN Z 165 -7.23 -55.00 24.97
CA ASN Z 165 -6.41 -54.75 23.79
C ASN Z 165 -6.98 -53.57 22.99
N GLY Z 166 -7.31 -52.50 23.69
CA GLY Z 166 -7.86 -51.32 23.04
C GLY Z 166 -8.87 -51.66 21.98
N LYS Z 167 -9.72 -52.64 22.29
CA LYS Z 167 -10.76 -53.07 21.38
C LYS Z 167 -12.14 -52.65 21.90
N VAL Z 168 -12.24 -52.46 23.21
CA VAL Z 168 -13.48 -52.05 23.84
C VAL Z 168 -13.35 -50.62 24.36
N LYS Z 169 -14.10 -49.70 23.77
CA LYS Z 169 -14.07 -48.31 24.22
C LYS Z 169 -14.71 -48.20 25.59
N LYS Z 170 -14.24 -47.23 26.37
CA LYS Z 170 -14.79 -47.01 27.69
C LYS Z 170 -16.25 -46.60 27.50
N PRO Z 171 -17.18 -47.28 28.21
CA PRO Z 171 -18.61 -46.98 28.14
C PRO Z 171 -18.93 -45.52 28.44
N LEU Z 172 -20.08 -45.05 27.97
CA LEU Z 172 -20.48 -43.67 28.18
C LEU Z 172 -21.33 -43.37 29.40
N LYS Z 173 -20.99 -43.97 30.54
CA LYS Z 173 -21.76 -43.70 31.77
C LYS Z 173 -21.92 -42.17 31.82
N TYR Z 174 -22.88 -41.67 32.61
CA TYR Z 174 -23.01 -40.24 32.65
C TYR Z 174 -22.71 -39.53 33.95
N LEU Z 175 -22.13 -38.34 33.82
CA LEU Z 175 -21.73 -37.55 34.96
C LEU Z 175 -22.85 -36.97 35.78
N SER Z 176 -22.61 -36.91 37.08
CA SER Z 176 -23.56 -36.35 38.02
C SER Z 176 -23.16 -34.89 38.15
N VAL Z 177 -24.00 -34.09 38.78
CA VAL Z 177 -23.69 -32.68 38.93
C VAL Z 177 -22.44 -32.46 39.77
N GLU Z 178 -22.23 -33.30 40.77
CA GLU Z 178 -21.06 -33.17 41.64
C GLU Z 178 -19.78 -33.42 40.87
N GLU Z 179 -19.80 -34.43 40.01
CA GLU Z 179 -18.63 -34.79 39.21
C GLU Z 179 -18.45 -33.73 38.09
N VAL Z 180 -19.57 -33.20 37.60
CA VAL Z 180 -19.51 -32.19 36.56
C VAL Z 180 -18.92 -30.90 37.09
N ILE Z 181 -19.26 -30.53 38.31
CA ILE Z 181 -18.73 -29.30 38.87
C ILE Z 181 -17.22 -29.41 39.11
N LYS Z 182 -16.74 -30.63 39.32
CA LYS Z 182 -15.31 -30.82 39.53
C LYS Z 182 -14.58 -30.48 38.23
N LEU Z 183 -14.89 -31.22 37.18
CA LEU Z 183 -14.27 -31.00 35.87
C LEU Z 183 -14.29 -29.53 35.49
N VAL Z 184 -15.30 -28.81 35.95
CA VAL Z 184 -15.42 -27.38 35.65
C VAL Z 184 -14.34 -26.60 36.37
N ARG Z 185 -14.28 -26.78 37.70
CA ARG Z 185 -13.29 -26.07 38.50
C ARG Z 185 -11.89 -26.42 38.04
N ASP Z 186 -11.66 -27.71 37.79
CA ASP Z 186 -10.35 -28.14 37.32
C ASP Z 186 -10.06 -27.57 35.93
N SER Z 187 -11.10 -27.47 35.09
CA SER Z 187 -10.92 -26.91 33.77
C SER Z 187 -10.46 -25.48 33.91
N PHE Z 188 -11.07 -24.76 34.85
CA PHE Z 188 -10.70 -23.37 35.02
C PHE Z 188 -9.41 -23.11 35.75
N THR Z 189 -9.17 -23.82 36.84
CA THR Z 189 -7.93 -23.63 37.58
C THR Z 189 -6.76 -23.89 36.64
N SER Z 190 -6.93 -24.88 35.76
CA SER Z 190 -5.87 -25.19 34.80
C SER Z 190 -5.76 -24.06 33.79
N ALA Z 191 -6.89 -23.63 33.23
CA ALA Z 191 -6.87 -22.55 32.27
C ALA Z 191 -6.23 -21.32 32.90
N THR Z 192 -6.56 -21.04 34.16
CA THR Z 192 -6.01 -19.89 34.88
C THR Z 192 -4.49 -19.92 34.89
N GLU Z 193 -3.93 -21.11 34.99
CA GLU Z 193 -2.48 -21.30 35.02
C GLU Z 193 -1.79 -20.88 33.74
N ARG Z 194 -2.22 -21.40 32.60
CA ARG Z 194 -1.58 -21.08 31.33
C ARG Z 194 -2.14 -19.94 30.48
N HIS Z 195 -3.23 -19.31 30.91
CA HIS Z 195 -3.78 -18.20 30.14
C HIS Z 195 -3.88 -16.91 30.97
N ILE Z 196 -3.24 -15.85 30.48
CA ILE Z 196 -3.22 -14.56 31.16
C ILE Z 196 -4.54 -13.82 31.15
N GLN Z 197 -5.54 -14.37 30.47
CA GLN Z 197 -6.84 -13.71 30.40
C GLN Z 197 -7.88 -14.46 31.20
N VAL Z 198 -7.44 -15.50 31.90
CA VAL Z 198 -8.35 -16.28 32.71
C VAL Z 198 -7.96 -16.17 34.17
N GLY Z 199 -8.94 -15.89 35.02
CA GLY Z 199 -8.65 -15.79 36.45
C GLY Z 199 -9.70 -15.06 37.26
N ASP Z 200 -9.28 -14.57 38.43
CA ASP Z 200 -10.12 -13.81 39.35
C ASP Z 200 -11.30 -14.56 39.99
N GLY Z 201 -12.13 -15.21 39.20
CA GLY Z 201 -13.28 -15.92 39.76
C GLY Z 201 -14.02 -16.80 38.78
N LEU Z 202 -14.71 -17.79 39.31
CA LEU Z 202 -15.49 -18.73 38.51
C LEU Z 202 -16.95 -18.72 38.95
N GLU Z 203 -17.83 -18.28 38.04
CA GLU Z 203 -19.26 -18.25 38.33
C GLU Z 203 -19.93 -19.33 37.53
N ILE Z 204 -20.66 -20.20 38.22
CA ILE Z 204 -21.35 -21.32 37.58
C ILE Z 204 -22.85 -21.30 37.82
N LEU Z 205 -23.61 -21.52 36.76
CA LEU Z 205 -25.06 -21.58 36.84
C LEU Z 205 -25.50 -23.02 36.56
N ILE Z 206 -26.35 -23.56 37.43
CA ILE Z 206 -26.85 -24.93 37.26
C ILE Z 206 -28.34 -24.94 36.99
N VAL Z 207 -28.73 -25.61 35.91
CA VAL Z 207 -30.13 -25.70 35.51
C VAL Z 207 -30.69 -27.08 35.78
N THR Z 208 -31.80 -27.10 36.51
CA THR Z 208 -32.50 -28.32 36.87
C THR Z 208 -33.98 -28.05 36.67
N LYS Z 209 -34.81 -29.05 36.92
CA LYS Z 209 -36.24 -28.85 36.75
C LYS Z 209 -36.74 -27.86 37.79
N ASP Z 210 -35.93 -27.64 38.83
CA ASP Z 210 -36.29 -26.72 39.91
C ASP Z 210 -35.83 -25.30 39.66
N GLY Z 211 -35.03 -25.10 38.62
CA GLY Z 211 -34.58 -23.74 38.35
C GLY Z 211 -33.10 -23.57 38.10
N VAL Z 212 -32.66 -22.34 38.30
CA VAL Z 212 -31.28 -21.95 38.10
C VAL Z 212 -30.60 -21.63 39.43
N ARG Z 213 -29.50 -22.31 39.70
CA ARG Z 213 -28.75 -22.10 40.94
C ARG Z 213 -27.34 -21.64 40.59
N LYS Z 214 -26.78 -20.75 41.41
CA LYS Z 214 -25.43 -20.24 41.19
C LYS Z 214 -24.42 -20.68 42.25
N GLU Z 215 -23.21 -20.98 41.81
CA GLU Z 215 -22.11 -21.33 42.71
C GLU Z 215 -20.96 -20.44 42.26
N PHE Z 216 -20.16 -19.94 43.21
CA PHE Z 216 -19.03 -19.08 42.85
C PHE Z 216 -17.76 -19.46 43.57
N TYR Z 217 -16.67 -19.57 42.81
CA TYR Z 217 -15.38 -19.92 43.36
C TYR Z 217 -14.35 -18.89 42.91
N GLU Z 218 -13.32 -18.68 43.71
CA GLU Z 218 -12.27 -17.74 43.37
C GLU Z 218 -11.25 -18.41 42.43
N LEU Z 219 -10.46 -17.59 41.76
CA LEU Z 219 -9.40 -18.08 40.86
C LEU Z 219 -8.21 -17.17 41.08
N LYS Z 220 -7.01 -17.65 40.75
CA LYS Z 220 -5.82 -16.83 40.94
C LYS Z 220 -5.96 -15.46 40.26
N ARG Z 221 -5.54 -14.41 40.97
CA ARG Z 221 -5.65 -13.05 40.46
C ARG Z 221 -4.41 -12.46 39.76
N ASP Z 222 -3.42 -13.29 39.45
CA ASP Z 222 -2.20 -12.80 38.80
C ASP Z 222 -2.33 -12.68 37.27
N THR AA 1 -16.33 7.59 11.69
CA THR AA 1 -14.89 7.41 12.06
C THR AA 1 -14.18 8.74 12.20
N GLN AA 2 -13.87 9.10 13.43
CA GLN AA 2 -13.17 10.35 13.65
C GLN AA 2 -11.83 10.07 14.32
N GLN AA 3 -11.22 11.12 14.82
CA GLN AA 3 -9.94 11.05 15.50
C GLN AA 3 -9.99 12.22 16.49
N PRO AA 4 -9.77 11.93 17.77
CA PRO AA 4 -9.80 12.99 18.78
C PRO AA 4 -8.87 14.16 18.48
N ILE AA 5 -9.21 15.34 18.96
CA ILE AA 5 -8.37 16.52 18.73
C ILE AA 5 -7.99 17.17 20.05
N VAL AA 6 -8.93 17.82 20.72
CA VAL AA 6 -8.62 18.41 22.01
C VAL AA 6 -9.03 17.29 22.94
N THR AA 7 -8.16 16.94 23.90
CA THR AA 7 -8.47 15.82 24.77
C THR AA 7 -8.23 15.93 26.27
N GLY AA 8 -8.91 15.06 27.00
CA GLY AA 8 -8.80 15.02 28.44
C GLY AA 8 -8.18 13.70 28.81
N THR AA 9 -7.41 13.70 29.88
CA THR AA 9 -6.73 12.48 30.28
C THR AA 9 -7.49 11.69 31.35
N SER AA 10 -6.75 10.87 32.09
CA SER AA 10 -7.31 10.02 33.13
C SER AA 10 -8.48 10.57 33.92
N VAL AA 11 -9.34 9.66 34.33
CA VAL AA 11 -10.48 9.97 35.17
C VAL AA 11 -10.42 8.79 36.12
N ILE AA 12 -10.14 9.07 37.38
CA ILE AA 12 -10.02 8.02 38.39
C ILE AA 12 -11.15 8.10 39.40
N SER AA 13 -11.53 6.94 39.94
CA SER AA 13 -12.61 6.87 40.90
C SER AA 13 -12.61 5.54 41.61
N MET AA 14 -13.14 5.52 42.83
CA MET AA 14 -13.22 4.29 43.63
C MET AA 14 -14.42 4.51 44.51
N LYS AA 15 -14.80 3.51 45.27
CA LYS AA 15 -15.95 3.66 46.15
C LYS AA 15 -15.60 3.31 47.60
N TYR AA 16 -16.18 4.04 48.57
CA TYR AA 16 -15.92 3.75 49.98
C TYR AA 16 -17.18 3.26 50.68
N ASP AA 17 -17.13 3.16 52.00
CA ASP AA 17 -18.27 2.66 52.79
C ASP AA 17 -19.59 3.40 52.59
N ASN AA 18 -19.55 4.72 52.39
CA ASN AA 18 -20.78 5.49 52.25
C ASN AA 18 -21.09 6.07 50.89
N GLY AA 19 -20.08 6.15 50.03
CA GLY AA 19 -20.33 6.69 48.71
C GLY AA 19 -19.23 6.36 47.73
N VAL AA 20 -18.99 7.29 46.82
CA VAL AA 20 -17.96 7.13 45.82
C VAL AA 20 -17.21 8.45 45.65
N ILE AA 21 -15.99 8.35 45.16
CA ILE AA 21 -15.16 9.52 44.91
C ILE AA 21 -14.73 9.40 43.46
N ILE AA 22 -14.57 10.54 42.82
CA ILE AA 22 -14.17 10.60 41.43
C ILE AA 22 -13.41 11.90 41.19
N ALA AA 23 -12.35 11.83 40.41
CA ALA AA 23 -11.57 13.03 40.10
C ALA AA 23 -10.97 13.01 38.69
N ALA AA 24 -10.58 14.20 38.23
CA ALA AA 24 -9.99 14.34 36.91
C ALA AA 24 -9.36 15.69 36.83
N ASP AA 25 -8.18 15.78 36.23
CA ASP AA 25 -7.51 17.07 36.15
C ASP AA 25 -8.27 17.99 35.22
N ASN AA 26 -7.88 19.26 35.22
CA ASN AA 26 -8.58 20.24 34.42
C ASN AA 26 -7.85 20.66 33.17
N LEU AA 27 -7.39 19.67 32.42
CA LEU AA 27 -6.64 19.98 31.20
C LEU AA 27 -7.31 19.57 29.88
N GLY AA 28 -7.08 20.40 28.87
CA GLY AA 28 -7.60 20.14 27.54
C GLY AA 28 -6.41 20.16 26.59
N SER AA 29 -5.80 18.99 26.37
CA SER AA 29 -4.63 18.88 25.50
C SER AA 29 -4.96 18.87 24.03
N TYR AA 30 -3.98 19.25 23.24
CA TYR AA 30 -4.12 19.33 21.79
C TYR AA 30 -2.78 18.82 21.26
N GLY AA 31 -2.60 17.50 21.35
CA GLY AA 31 -1.35 16.93 20.91
C GLY AA 31 -0.44 17.03 22.11
N SER AA 32 0.81 17.42 21.91
CA SER AA 32 1.71 17.54 23.04
C SER AA 32 1.50 18.92 23.65
N LEU AA 33 0.75 19.78 22.97
CA LEU AA 33 0.48 21.13 23.48
C LEU AA 33 -0.62 21.13 24.54
N LEU AA 34 -0.23 21.40 25.79
CA LEU AA 34 -1.18 21.48 26.90
C LEU AA 34 -1.88 22.83 26.71
N ARG AA 35 -2.84 22.85 25.78
CA ARG AA 35 -3.53 24.06 25.40
C ARG AA 35 -4.56 24.74 26.32
N PHE AA 36 -5.50 23.97 26.86
CA PHE AA 36 -6.54 24.55 27.72
C PHE AA 36 -6.46 24.06 29.16
N ASN AA 37 -6.46 25.01 30.10
CA ASN AA 37 -6.34 24.63 31.48
C ASN AA 37 -7.54 24.78 32.41
N GLY AA 38 -8.63 25.32 31.91
CA GLY AA 38 -9.78 25.46 32.80
C GLY AA 38 -10.88 24.45 32.52
N VAL AA 39 -10.54 23.36 31.86
CA VAL AA 39 -11.53 22.36 31.50
C VAL AA 39 -12.03 21.47 32.63
N GLU AA 40 -13.31 21.57 32.95
CA GLU AA 40 -13.89 20.74 34.00
C GLU AA 40 -14.38 19.49 33.29
N ARG AA 41 -13.88 18.34 33.71
CA ARG AA 41 -14.28 17.09 33.07
C ARG AA 41 -15.12 16.22 33.99
N LEU AA 42 -15.63 16.85 35.05
CA LEU AA 42 -16.51 16.17 36.00
C LEU AA 42 -17.88 16.85 35.93
N ILE AA 43 -18.84 16.17 35.29
CA ILE AA 43 -20.18 16.73 35.12
C ILE AA 43 -21.14 16.17 36.13
N PRO AA 44 -21.71 17.04 36.97
CA PRO AA 44 -22.66 16.53 37.96
C PRO AA 44 -24.06 16.56 37.39
N VAL AA 45 -24.75 15.42 37.45
CA VAL AA 45 -26.12 15.33 36.97
C VAL AA 45 -26.98 15.19 38.21
N GLY AA 46 -27.65 16.28 38.58
CA GLY AA 46 -28.47 16.27 39.78
C GLY AA 46 -27.51 16.45 40.93
N ASP AA 47 -27.68 15.68 41.99
CA ASP AA 47 -26.80 15.78 43.15
C ASP AA 47 -26.65 14.41 43.78
N ASN AA 48 -26.65 13.39 42.94
CA ASN AA 48 -26.49 12.01 43.36
C ASN AA 48 -25.75 11.25 42.28
N THR AA 49 -25.22 12.00 41.32
CA THR AA 49 -24.52 11.41 40.21
C THR AA 49 -23.52 12.40 39.66
N VAL AA 50 -22.27 11.97 39.50
CA VAL AA 50 -21.24 12.82 38.90
C VAL AA 50 -20.67 11.99 37.75
N VAL AA 51 -20.58 12.61 36.56
CA VAL AA 51 -20.07 11.93 35.38
C VAL AA 51 -18.69 12.45 34.94
N GLY AA 52 -17.70 11.57 35.01
CA GLY AA 52 -16.34 11.93 34.62
C GLY AA 52 -16.06 11.50 33.19
N ILE AA 53 -15.57 12.43 32.40
CA ILE AA 53 -15.31 12.17 31.00
C ILE AA 53 -13.90 12.46 30.53
N SER AA 54 -13.34 11.51 29.78
CA SER AA 54 -11.99 11.68 29.22
C SER AA 54 -12.12 11.39 27.74
N GLY AA 55 -11.18 11.91 26.96
CA GLY AA 55 -11.23 11.68 25.54
C GLY AA 55 -11.38 13.00 24.83
N ASP AA 56 -12.07 12.99 23.69
CA ASP AA 56 -12.26 14.20 22.91
C ASP AA 56 -13.18 15.21 23.60
N ILE AA 57 -12.66 16.42 23.86
CA ILE AA 57 -13.42 17.45 24.54
C ILE AA 57 -14.68 17.89 23.79
N SER AA 58 -14.59 18.14 22.48
CA SER AA 58 -15.78 18.55 21.74
C SER AA 58 -16.90 17.55 21.97
N ASP AA 59 -16.60 16.25 21.93
CA ASP AA 59 -17.62 15.22 22.18
C ASP AA 59 -18.06 15.27 23.65
N MET AA 60 -17.14 15.59 24.55
CA MET AA 60 -17.48 15.67 25.96
C MET AA 60 -18.49 16.80 26.14
N GLN AA 61 -18.26 17.93 25.47
CA GLN AA 61 -19.17 19.04 25.56
C GLN AA 61 -20.57 18.61 25.06
N HIS AA 62 -20.59 17.79 24.02
CA HIS AA 62 -21.82 17.30 23.45
C HIS AA 62 -22.58 16.41 24.43
N ILE AA 63 -21.83 15.59 25.16
CA ILE AA 63 -22.43 14.70 26.14
C ILE AA 63 -22.94 15.48 27.34
N GLU AA 64 -22.37 16.64 27.55
CA GLU AA 64 -22.78 17.47 28.66
C GLU AA 64 -24.18 17.94 28.40
N ARG AA 65 -24.38 18.47 27.20
CA ARG AA 65 -25.67 18.97 26.76
C ARG AA 65 -26.68 17.85 26.87
N LEU AA 66 -26.34 16.68 26.35
CA LEU AA 66 -27.28 15.56 26.46
C LEU AA 66 -27.70 15.37 27.91
N LEU AA 67 -26.73 15.39 28.83
CA LEU AA 67 -27.02 15.20 30.24
C LEU AA 67 -27.93 16.31 30.77
N LYS AA 68 -27.57 17.57 30.54
CA LYS AA 68 -28.42 18.63 31.02
C LYS AA 68 -29.82 18.49 30.46
N ASP AA 69 -29.92 18.13 29.19
CA ASP AA 69 -31.22 17.95 28.54
C ASP AA 69 -31.99 16.85 29.25
N LEU AA 70 -31.33 15.73 29.50
CA LEU AA 70 -31.95 14.62 30.18
C LEU AA 70 -32.56 15.10 31.49
N VAL AA 71 -31.93 16.11 32.10
CA VAL AA 71 -32.43 16.67 33.36
C VAL AA 71 -33.71 17.46 33.08
N THR AA 72 -33.65 18.40 32.14
CA THR AA 72 -34.82 19.20 31.77
C THR AA 72 -35.98 18.27 31.40
N GLU AA 73 -35.72 17.33 30.51
CA GLU AA 73 -36.73 16.38 30.07
C GLU AA 73 -37.37 15.63 31.23
N ASN AA 74 -36.59 15.26 32.22
CA ASN AA 74 -37.14 14.52 33.34
C ASN AA 74 -38.13 15.34 34.15
N ALA AA 75 -37.89 16.64 34.22
CA ALA AA 75 -38.75 17.54 34.97
C ALA AA 75 -40.14 17.64 34.33
N TYR AA 76 -40.21 17.47 33.02
CA TYR AA 76 -41.49 17.55 32.30
C TYR AA 76 -42.57 16.59 32.83
N ASP AA 77 -43.75 17.15 33.10
CA ASP AA 77 -44.90 16.39 33.58
C ASP AA 77 -44.50 15.43 34.69
N ASN AA 78 -43.54 15.85 35.49
CA ASN AA 78 -43.05 15.02 36.59
C ASN AA 78 -43.06 15.74 37.94
N PRO AA 79 -44.18 15.63 38.68
CA PRO AA 79 -44.29 16.28 39.98
C PRO AA 79 -43.33 15.75 41.05
N LEU AA 80 -42.65 14.65 40.74
CA LEU AA 80 -41.69 14.04 41.66
C LEU AA 80 -40.27 14.08 41.10
N ALA AA 81 -40.02 15.08 40.24
CA ALA AA 81 -38.72 15.24 39.58
C ALA AA 81 -37.57 15.38 40.56
N ASP AA 82 -37.88 15.85 41.76
CA ASP AA 82 -36.88 16.02 42.80
C ASP AA 82 -37.21 15.11 43.97
N ALA AA 83 -37.76 13.95 43.65
CA ALA AA 83 -38.10 13.00 44.68
C ALA AA 83 -38.09 11.59 44.13
N GLU AA 84 -39.17 10.85 44.33
CA GLU AA 84 -39.27 9.47 43.85
C GLU AA 84 -38.97 9.32 42.37
N GLU AA 85 -39.20 10.35 41.58
CA GLU AA 85 -38.95 10.22 40.15
C GLU AA 85 -37.81 11.10 39.63
N ALA AA 86 -36.83 11.35 40.49
CA ALA AA 86 -35.65 12.11 40.11
C ALA AA 86 -34.68 11.14 39.41
N LEU AA 87 -33.67 11.69 38.74
CA LEU AA 87 -32.72 10.83 38.04
C LEU AA 87 -31.81 10.02 38.94
N GLU AA 88 -31.68 8.74 38.63
CA GLU AA 88 -30.83 7.83 39.36
C GLU AA 88 -29.53 7.70 38.55
N PRO AA 89 -28.41 7.40 39.22
CA PRO AA 89 -27.17 7.27 38.46
C PRO AA 89 -27.34 6.18 37.41
N SER AA 90 -27.91 5.05 37.82
CA SER AA 90 -28.15 3.91 36.93
C SER AA 90 -28.91 4.29 35.67
N TYR AA 91 -29.82 5.25 35.77
CA TYR AA 91 -30.54 5.69 34.58
C TYR AA 91 -29.58 6.47 33.69
N ILE AA 92 -28.86 7.43 34.28
CA ILE AA 92 -27.92 8.23 33.52
C ILE AA 92 -26.89 7.35 32.83
N PHE AA 93 -26.47 6.28 33.52
CA PHE AA 93 -25.49 5.40 32.91
C PHE AA 93 -26.12 4.68 31.72
N GLU AA 94 -27.17 3.92 31.96
CA GLU AA 94 -27.82 3.20 30.87
C GLU AA 94 -28.03 4.07 29.65
N TYR AA 95 -28.50 5.29 29.86
CA TYR AA 95 -28.71 6.22 28.75
C TYR AA 95 -27.39 6.39 28.00
N LEU AA 96 -26.38 6.86 28.72
CA LEU AA 96 -25.06 7.09 28.14
C LEU AA 96 -24.57 5.83 27.44
N ALA AA 97 -24.67 4.70 28.16
CA ALA AA 97 -24.24 3.40 27.62
C ALA AA 97 -24.94 3.18 26.29
N THR AA 98 -26.24 3.41 26.29
CA THR AA 98 -27.01 3.24 25.08
C THR AA 98 -26.43 4.12 23.97
N VAL AA 99 -26.39 5.41 24.20
CA VAL AA 99 -25.85 6.32 23.21
C VAL AA 99 -24.49 5.90 22.71
N MET AA 100 -23.60 5.53 23.63
CA MET AA 100 -22.25 5.13 23.24
C MET AA 100 -22.21 3.95 22.26
N TYR AA 101 -22.91 2.87 22.60
CA TYR AA 101 -22.91 1.70 21.72
C TYR AA 101 -23.57 1.99 20.38
N GLN AA 102 -24.57 2.87 20.37
CA GLN AA 102 -25.27 3.21 19.14
C GLN AA 102 -24.35 3.93 18.16
N ARG AA 103 -23.57 4.87 18.70
CA ARG AA 103 -22.64 5.64 17.88
C ARG AA 103 -21.54 4.76 17.28
N ARG AA 104 -21.02 3.82 18.06
CA ARG AA 104 -19.97 2.93 17.56
C ARG AA 104 -20.59 2.04 16.49
N SER AA 105 -21.82 1.63 16.72
CA SER AA 105 -22.50 0.76 15.77
C SER AA 105 -22.78 1.51 14.48
N LYS AA 106 -22.80 2.83 14.55
CA LYS AA 106 -23.04 3.63 13.37
C LYS AA 106 -21.72 4.09 12.78
N MET AA 107 -20.62 3.59 13.34
CA MET AA 107 -19.30 3.95 12.84
C MET AA 107 -18.99 5.43 13.00
N ASN AA 108 -19.60 6.04 13.99
CA ASN AA 108 -19.34 7.44 14.26
C ASN AA 108 -19.41 7.55 15.76
N PRO AA 109 -18.36 7.06 16.42
CA PRO AA 109 -18.30 7.08 17.88
C PRO AA 109 -18.07 8.44 18.52
N LEU AA 110 -18.36 8.48 19.83
CA LEU AA 110 -18.14 9.64 20.67
C LEU AA 110 -16.84 9.22 21.36
N TRP AA 111 -15.73 9.75 20.87
CA TRP AA 111 -14.38 9.42 21.36
C TRP AA 111 -14.12 9.71 22.84
N ASN AA 112 -14.75 8.93 23.71
CA ASN AA 112 -14.60 9.13 25.14
C ASN AA 112 -14.63 7.85 25.93
N ALA AA 113 -14.16 7.97 27.17
CA ALA AA 113 -14.19 6.90 28.15
C ALA AA 113 -14.95 7.64 29.24
N ILE AA 114 -15.99 7.02 29.78
CA ILE AA 114 -16.79 7.67 30.80
C ILE AA 114 -17.02 6.82 32.04
N ILE AA 115 -17.06 7.52 33.18
CA ILE AA 115 -17.31 6.87 34.45
C ILE AA 115 -18.44 7.61 35.16
N VAL AA 116 -19.52 6.87 35.45
CA VAL AA 116 -20.68 7.44 36.12
C VAL AA 116 -20.58 7.00 37.57
N ALA AA 117 -20.48 7.97 38.47
CA ALA AA 117 -20.37 7.63 39.87
C ALA AA 117 -21.49 8.29 40.64
N GLY AA 118 -22.08 7.55 41.56
CA GLY AA 118 -23.15 8.10 42.36
C GLY AA 118 -23.72 7.17 43.38
N VAL AA 119 -24.82 7.62 44.00
CA VAL AA 119 -25.52 6.87 45.04
C VAL AA 119 -26.97 6.65 44.63
N GLN AA 120 -27.37 5.39 44.54
CA GLN AA 120 -28.74 5.06 44.20
C GLN AA 120 -29.66 5.56 45.31
N SER AA 121 -30.96 5.63 45.02
CA SER AA 121 -31.93 6.11 46.00
C SER AA 121 -31.91 5.27 47.26
N ASN AA 122 -31.62 3.98 47.12
CA ASN AA 122 -31.60 3.10 48.27
C ASN AA 122 -30.24 3.09 48.97
N GLY AA 123 -29.49 4.18 48.82
CA GLY AA 123 -28.18 4.28 49.45
C GLY AA 123 -26.99 3.63 48.75
N ASP AA 124 -27.25 2.64 47.91
CA ASP AA 124 -26.23 1.91 47.17
C ASP AA 124 -25.27 2.80 46.39
N GLN AA 125 -24.00 2.39 46.35
CA GLN AA 125 -23.02 3.14 45.59
C GLN AA 125 -23.11 2.64 44.16
N PHE AA 126 -22.89 3.55 43.23
CA PHE AA 126 -22.93 3.20 41.83
C PHE AA 126 -21.66 3.71 41.17
N LEU AA 127 -21.00 2.81 40.45
CA LEU AA 127 -19.77 3.15 39.74
C LEU AA 127 -19.68 2.24 38.53
N ARG AA 128 -19.80 2.81 37.33
CA ARG AA 128 -19.69 1.99 36.13
C ARG AA 128 -19.01 2.79 35.02
N TYR AA 129 -18.35 2.05 34.12
CA TYR AA 129 -17.58 2.60 33.02
C TYR AA 129 -18.14 2.24 31.64
N VAL AA 130 -17.93 3.14 30.68
CA VAL AA 130 -18.36 2.91 29.31
C VAL AA 130 -17.49 3.76 28.39
N ASN AA 131 -17.04 3.17 27.28
CA ASN AA 131 -16.17 3.89 26.34
C ASN AA 131 -16.75 3.94 24.94
N LEU AA 132 -16.01 4.57 24.05
CA LEU AA 132 -16.43 4.74 22.66
C LEU AA 132 -16.83 3.45 21.93
N LEU AA 133 -16.48 2.29 22.46
CA LEU AA 133 -16.87 1.04 21.80
C LEU AA 133 -18.17 0.55 22.38
N GLY AA 134 -18.54 1.08 23.53
CA GLY AA 134 -19.78 0.68 24.18
C GLY AA 134 -19.51 -0.34 25.26
N VAL AA 135 -18.24 -0.65 25.48
CA VAL AA 135 -17.91 -1.62 26.50
C VAL AA 135 -18.19 -1.04 27.87
N THR AA 136 -18.76 -1.87 28.74
CA THR AA 136 -19.10 -1.45 30.09
C THR AA 136 -18.68 -2.47 31.14
N TYR AA 137 -18.38 -1.97 32.33
CA TYR AA 137 -17.98 -2.81 33.43
C TYR AA 137 -17.88 -2.05 34.75
N SER AA 138 -17.90 -2.80 35.85
CA SER AA 138 -17.81 -2.23 37.18
C SER AA 138 -16.74 -2.92 38.02
N SER AA 139 -16.17 -2.17 38.95
CA SER AA 139 -15.14 -2.68 39.84
C SER AA 139 -15.09 -1.65 40.99
N PRO AA 140 -14.68 -2.08 42.20
CA PRO AA 140 -14.60 -1.16 43.34
C PRO AA 140 -13.81 0.10 43.00
N THR AA 141 -13.00 0.02 41.95
CA THR AA 141 -12.24 1.18 41.50
C THR AA 141 -12.27 1.17 39.97
N LEU AA 142 -12.27 2.36 39.38
CA LEU AA 142 -12.30 2.49 37.94
C LEU AA 142 -11.55 3.74 37.53
N ALA AA 143 -10.80 3.61 36.45
CA ALA AA 143 -10.02 4.69 35.93
C ALA AA 143 -9.96 4.51 34.41
N THR AA 144 -9.82 5.62 33.70
CA THR AA 144 -9.75 5.59 32.24
C THR AA 144 -8.38 6.03 31.76
N GLY AA 145 -7.93 5.44 30.66
CA GLY AA 145 -6.63 5.80 30.13
C GLY AA 145 -5.49 5.50 31.06
N PHE AA 146 -4.59 6.48 31.21
CA PHE AA 146 -3.42 6.34 32.06
C PHE AA 146 -3.73 5.87 33.48
N GLY AA 147 -4.90 6.27 34.00
CA GLY AA 147 -5.28 5.86 35.32
C GLY AA 147 -5.53 4.36 35.40
N ALA AA 148 -5.88 3.76 34.28
CA ALA AA 148 -6.15 2.34 34.27
C ALA AA 148 -4.90 1.58 34.62
N HIS AA 149 -3.74 2.19 34.34
CA HIS AA 149 -2.46 1.52 34.62
C HIS AA 149 -1.78 1.93 35.91
N MET AA 150 -1.75 3.23 36.19
CA MET AA 150 -1.11 3.68 37.41
C MET AA 150 -2.06 3.86 38.58
N ALA AA 151 -3.18 4.52 38.36
CA ALA AA 151 -4.13 4.71 39.45
C ALA AA 151 -4.74 3.42 40.01
N ASN AA 152 -5.24 2.54 39.15
CA ASN AA 152 -5.86 1.31 39.64
C ASN AA 152 -5.05 0.48 40.62
N PRO AA 153 -3.78 0.21 40.31
CA PRO AA 153 -2.98 -0.59 41.23
C PRO AA 153 -2.88 0.02 42.63
N LEU AA 154 -2.94 1.36 42.69
CA LEU AA 154 -2.88 2.03 43.97
C LEU AA 154 -4.23 1.88 44.70
N LEU AA 155 -5.30 2.32 44.06
CA LEU AA 155 -6.63 2.24 44.63
C LEU AA 155 -7.02 0.81 44.97
N ARG AA 156 -6.58 -0.15 44.16
CA ARG AA 156 -6.92 -1.54 44.41
C ARG AA 156 -6.30 -2.07 45.68
N LYS AA 157 -5.30 -1.35 46.17
CA LYS AA 157 -4.64 -1.74 47.42
C LYS AA 157 -5.47 -1.30 48.62
N VAL AA 158 -6.41 -0.39 48.39
CA VAL AA 158 -7.28 0.09 49.45
C VAL AA 158 -8.54 -0.76 49.45
N VAL AA 159 -9.07 -1.00 48.27
CA VAL AA 159 -10.28 -1.82 48.11
C VAL AA 159 -9.99 -2.88 47.06
N ASP AA 160 -9.39 -3.98 47.51
CA ASP AA 160 -9.02 -5.08 46.63
C ASP AA 160 -10.25 -5.90 46.27
N ARG AA 161 -11.08 -6.23 47.26
CA ARG AA 161 -12.30 -6.98 46.98
C ARG AA 161 -13.51 -6.28 47.61
N GLU AA 162 -14.70 -6.78 47.29
CA GLU AA 162 -15.95 -6.18 47.76
C GLU AA 162 -15.99 -5.87 49.25
N SER AA 163 -15.70 -6.88 50.05
CA SER AA 163 -15.71 -6.77 51.50
C SER AA 163 -14.81 -5.67 52.04
N ASP AA 164 -14.04 -5.05 51.17
CA ASP AA 164 -13.15 -3.98 51.59
C ASP AA 164 -13.86 -2.63 51.68
N ILE AA 165 -14.87 -2.46 50.84
CA ILE AA 165 -15.59 -1.19 50.78
C ILE AA 165 -16.14 -0.69 52.11
N PRO AA 166 -16.95 -1.52 52.78
CA PRO AA 166 -17.48 -1.05 54.07
C PRO AA 166 -16.38 -0.65 55.08
N LYS AA 167 -15.18 -1.19 54.88
CA LYS AA 167 -14.06 -0.89 55.78
C LYS AA 167 -13.29 0.37 55.36
N THR AA 168 -13.72 1.03 54.29
CA THR AA 168 -12.98 2.20 53.83
C THR AA 168 -13.69 3.50 54.13
N THR AA 169 -12.98 4.46 54.68
CA THR AA 169 -13.61 5.73 55.01
C THR AA 169 -13.34 6.77 53.94
N VAL AA 170 -14.13 7.84 53.96
CA VAL AA 170 -13.97 8.93 53.01
C VAL AA 170 -12.56 9.52 53.09
N GLN AA 171 -12.01 9.53 54.30
CA GLN AA 171 -10.67 10.06 54.52
C GLN AA 171 -9.68 9.21 53.78
N VAL AA 172 -9.71 7.92 54.05
CA VAL AA 172 -8.82 6.97 53.40
C VAL AA 172 -8.98 7.09 51.89
N ALA AA 173 -10.19 6.80 51.41
CA ALA AA 173 -10.51 6.87 50.00
C ALA AA 173 -10.05 8.19 49.37
N GLU AA 174 -10.48 9.32 49.93
CA GLU AA 174 -10.10 10.60 49.34
C GLU AA 174 -8.60 10.72 49.21
N GLU AA 175 -7.89 10.25 50.24
CA GLU AA 175 -6.44 10.30 50.26
C GLU AA 175 -5.86 9.48 49.12
N ALA AA 176 -6.29 8.22 49.02
CA ALA AA 176 -5.85 7.34 47.93
C ALA AA 176 -5.95 8.08 46.60
N ILE AA 177 -7.14 8.61 46.34
CA ILE AA 177 -7.41 9.35 45.12
C ILE AA 177 -6.48 10.55 44.96
N VAL AA 178 -6.34 11.36 46.00
CA VAL AA 178 -5.48 12.53 45.92
C VAL AA 178 -4.05 12.14 45.55
N ASN AA 179 -3.59 11.03 46.12
CA ASN AA 179 -2.24 10.53 45.86
C ASN AA 179 -2.12 10.07 44.42
N ALA AA 180 -3.05 9.22 44.00
CA ALA AA 180 -3.04 8.74 42.63
C ALA AA 180 -2.92 9.96 41.71
N MET AA 181 -3.74 10.98 41.94
CA MET AA 181 -3.67 12.16 41.10
C MET AA 181 -2.24 12.71 41.00
N ARG AA 182 -1.49 12.60 42.10
CA ARG AA 182 -0.12 13.09 42.11
C ARG AA 182 0.75 12.17 41.26
N VAL AA 183 0.69 10.87 41.54
CA VAL AA 183 1.44 9.88 40.79
C VAL AA 183 1.22 10.10 39.30
N LEU AA 184 -0.03 10.31 38.91
CA LEU AA 184 -0.37 10.56 37.52
C LEU AA 184 0.31 11.84 37.03
N TYR AA 185 0.48 12.82 37.91
CA TYR AA 185 1.12 14.07 37.53
C TYR AA 185 2.60 13.82 37.24
N TYR AA 186 3.19 12.87 37.96
CA TYR AA 186 4.60 12.52 37.79
C TYR AA 186 4.87 11.79 36.48
N ARG AA 187 4.03 10.82 36.14
CA ARG AA 187 4.27 10.01 34.95
C ARG AA 187 3.41 10.18 33.68
N ASP AA 188 2.33 10.97 33.75
CA ASP AA 188 1.50 11.18 32.57
C ASP AA 188 1.88 12.54 31.95
N ALA AA 189 2.53 12.48 30.79
CA ALA AA 189 2.98 13.67 30.07
C ALA AA 189 1.83 14.54 29.58
N ARG AA 190 0.61 14.05 29.77
CA ARG AA 190 -0.59 14.77 29.34
C ARG AA 190 -1.47 15.16 30.53
N SER AA 191 -0.87 15.23 31.71
CA SER AA 191 -1.62 15.61 32.89
C SER AA 191 -1.31 17.04 33.34
N SER AA 192 -2.17 17.55 34.21
CA SER AA 192 -2.06 18.89 34.76
C SER AA 192 -1.98 18.81 36.28
N ARG AA 193 -1.45 19.86 36.90
CA ARG AA 193 -1.31 19.90 38.35
C ARG AA 193 -2.64 20.20 39.05
N ASN AA 194 -3.56 20.80 38.30
CA ASN AA 194 -4.88 21.13 38.82
C ASN AA 194 -5.95 20.14 38.42
N PHE AA 195 -6.75 19.75 39.39
CA PHE AA 195 -7.81 18.81 39.13
C PHE AA 195 -9.04 19.13 39.97
N SER AA 196 -10.08 18.32 39.80
CA SER AA 196 -11.30 18.50 40.54
C SER AA 196 -11.62 17.15 41.15
N LEU AA 197 -12.22 17.17 42.32
CA LEU AA 197 -12.58 15.94 43.01
C LEU AA 197 -14.01 16.04 43.52
N ALA AA 198 -14.78 14.98 43.30
CA ALA AA 198 -16.17 14.99 43.73
C ALA AA 198 -16.47 13.80 44.63
N ILE AA 199 -17.28 14.03 45.66
CA ILE AA 199 -17.64 12.97 46.57
C ILE AA 199 -19.13 12.89 46.63
N ILE AA 200 -19.68 11.70 46.44
CA ILE AA 200 -21.12 11.51 46.52
C ILE AA 200 -21.31 10.56 47.70
N ASP AA 201 -21.78 11.12 48.80
CA ASP AA 201 -21.98 10.37 50.04
C ASP AA 201 -23.48 10.20 50.28
N LYS AA 202 -23.87 8.97 50.61
CA LYS AA 202 -25.28 8.71 50.87
C LYS AA 202 -25.80 9.50 52.07
N ASN AA 203 -24.92 10.27 52.71
CA ASN AA 203 -25.32 11.06 53.86
C ASN AA 203 -25.03 12.54 53.64
N THR AA 204 -23.79 12.88 53.32
CA THR AA 204 -23.42 14.27 53.12
C THR AA 204 -23.80 14.83 51.76
N GLY AA 205 -24.18 13.93 50.84
CA GLY AA 205 -24.57 14.38 49.52
C GLY AA 205 -23.38 14.56 48.59
N LEU AA 206 -23.51 15.51 47.67
CA LEU AA 206 -22.47 15.76 46.70
C LEU AA 206 -21.59 16.95 47.09
N THR AA 207 -20.32 16.66 47.33
CA THR AA 207 -19.33 17.70 47.67
C THR AA 207 -18.45 17.79 46.41
N PHE AA 208 -18.43 18.96 45.78
CA PHE AA 208 -17.67 19.13 44.57
C PHE AA 208 -16.49 20.07 44.81
N LYS AA 209 -15.29 19.50 44.94
CA LYS AA 209 -14.08 20.28 45.17
C LYS AA 209 -13.42 20.69 43.86
N LYS AA 210 -13.17 21.98 43.72
CA LYS AA 210 -12.55 22.51 42.52
C LYS AA 210 -11.22 23.18 42.81
N ASN AA 211 -10.39 23.26 41.78
CA ASN AA 211 -9.08 23.89 41.89
C ASN AA 211 -8.12 23.30 42.89
N LEU AA 212 -8.10 21.99 42.97
CA LEU AA 212 -7.17 21.32 43.86
C LEU AA 212 -5.86 21.33 43.11
N GLN AA 213 -4.78 21.03 43.81
CA GLN AA 213 -3.45 21.01 43.23
C GLN AA 213 -2.67 19.86 43.83
N VAL AA 214 -1.75 19.31 43.06
CA VAL AA 214 -0.94 18.22 43.57
C VAL AA 214 0.13 18.89 44.43
N GLU AA 215 0.14 18.53 45.71
CA GLU AA 215 1.09 19.08 46.66
C GLU AA 215 1.98 17.97 47.18
N ASN AA 216 2.98 18.35 47.96
CA ASN AA 216 3.89 17.40 48.57
C ASN AA 216 4.58 16.50 47.55
N MET AA 217 5.11 17.10 46.50
CA MET AA 217 5.80 16.34 45.48
C MET AA 217 7.27 16.22 45.90
N LYS AA 218 7.86 15.06 45.61
CA LYS AA 218 9.26 14.82 45.92
C LYS AA 218 10.10 15.13 44.67
N TRP AA 219 10.99 16.10 44.80
CA TRP AA 219 11.85 16.49 43.70
C TRP AA 219 13.30 16.70 44.09
N ASP AA 220 13.55 16.88 45.38
CA ASP AA 220 14.90 17.13 45.88
C ASP AA 220 16.00 16.19 45.40
N PHE AA 221 15.73 14.89 45.38
CA PHE AA 221 16.72 13.92 44.94
C PHE AA 221 17.20 14.19 43.51
N ALA AA 222 16.43 14.95 42.75
CA ALA AA 222 16.81 15.26 41.38
C ALA AA 222 18.18 15.90 41.29
N LYS AA 223 18.59 16.64 42.30
CA LYS AA 223 19.88 17.33 42.30
C LYS AA 223 21.05 16.36 42.29
N ASP AA 224 20.92 15.27 43.03
CA ASP AA 224 21.95 14.26 43.14
C ASP AA 224 22.11 13.42 41.88
N ILE AA 225 21.24 13.61 40.90
CA ILE AA 225 21.32 12.84 39.67
C ILE AA 225 21.95 13.61 38.53
N LYS AA 226 23.19 13.26 38.22
CA LYS AA 226 23.92 13.89 37.12
C LYS AA 226 24.34 12.85 36.10
N GLY AA 227 24.50 13.29 34.85
CA GLY AA 227 24.88 12.40 33.76
C GLY AA 227 23.86 11.31 33.51
N TYR AA 228 24.24 10.30 32.75
CA TYR AA 228 23.37 9.18 32.44
C TYR AA 228 24.13 7.87 32.52
N GLY AA 229 25.20 7.87 33.33
CA GLY AA 229 26.01 6.66 33.49
C GLY AA 229 27.39 6.86 34.10
N THR AA 230 28.31 7.43 33.34
CA THR AA 230 29.66 7.60 33.83
C THR AA 230 30.02 9.01 34.27
N GLN AA 231 29.23 9.99 33.86
CA GLN AA 231 29.51 11.38 34.23
C GLN AA 231 29.48 11.56 35.74
N LYS AA 232 30.49 12.23 36.26
CA LYS AA 232 30.57 12.43 37.70
C LYS AA 232 30.15 13.79 38.21
N ILE AA 233 30.20 14.81 37.34
CA ILE AA 233 29.83 16.15 37.77
C ILE AA 233 28.52 16.65 37.15
N THR BA 1 -1.00 31.35 9.18
CA THR BA 1 -1.86 32.45 9.69
C THR BA 1 -1.59 32.72 11.17
N SER BA 2 -1.71 34.00 11.55
CA SER BA 2 -1.53 34.44 12.94
C SER BA 2 -2.71 35.32 13.32
N ILE BA 3 -3.55 34.80 14.21
CA ILE BA 3 -4.74 35.52 14.65
C ILE BA 3 -4.95 35.41 16.14
N MET BA 4 -5.41 36.52 16.75
CA MET BA 4 -5.67 36.54 18.19
C MET BA 4 -6.80 37.51 18.51
N ALA BA 5 -7.41 37.31 19.68
CA ALA BA 5 -8.48 38.16 20.17
C ALA BA 5 -8.18 38.43 21.65
N VAL BA 6 -8.15 39.71 22.01
CA VAL BA 6 -7.85 40.10 23.39
C VAL BA 6 -8.94 41.00 23.99
N THR BA 7 -9.46 40.58 25.13
CA THR BA 7 -10.49 41.34 25.83
C THR BA 7 -9.83 42.33 26.76
N PHE BA 8 -10.36 43.55 26.81
CA PHE BA 8 -9.77 44.53 27.70
C PHE BA 8 -10.84 45.37 28.41
N LYS BA 9 -10.37 46.42 29.10
CA LYS BA 9 -11.22 47.32 29.86
C LYS BA 9 -12.45 47.86 29.12
N ASP BA 10 -12.27 48.32 27.88
CA ASP BA 10 -13.38 48.87 27.13
C ASP BA 10 -14.06 47.97 26.11
N GLY BA 11 -13.67 46.70 26.07
CA GLY BA 11 -14.28 45.80 25.11
C GLY BA 11 -13.42 44.64 24.62
N VAL BA 12 -13.03 44.68 23.34
CA VAL BA 12 -12.23 43.60 22.75
C VAL BA 12 -11.56 44.04 21.45
N ILE BA 13 -10.42 43.42 21.14
CA ILE BA 13 -9.71 43.72 19.90
C ILE BA 13 -9.31 42.44 19.17
N LEU BA 14 -9.54 42.41 17.86
CA LEU BA 14 -9.17 41.25 17.05
C LEU BA 14 -7.97 41.62 16.20
N GLY BA 15 -7.06 40.67 16.03
CA GLY BA 15 -5.88 40.96 15.21
C GLY BA 15 -5.51 39.80 14.31
N ALA BA 16 -4.84 40.11 13.19
CA ALA BA 16 -4.41 39.09 12.25
C ALA BA 16 -3.36 39.57 11.25
N ASP BA 17 -2.67 38.62 10.62
CA ASP BA 17 -1.71 38.97 9.59
C ASP BA 17 -2.53 38.93 8.29
N SER BA 18 -1.90 39.24 7.16
CA SER BA 18 -2.63 39.25 5.91
C SER BA 18 -2.06 38.29 4.88
N ARG BA 19 -1.44 37.21 5.35
CA ARG BA 19 -0.83 36.26 4.44
C ARG BA 19 -1.58 34.95 4.30
N THR BA 20 -1.89 34.60 3.06
CA THR BA 20 -2.55 33.33 2.77
C THR BA 20 -1.70 32.69 1.68
N THR BA 21 -1.13 31.55 2.01
CA THR BA 21 -0.26 30.87 1.09
C THR BA 21 -0.82 29.55 0.64
N THR BA 22 -0.31 29.11 -0.50
CA THR BA 22 -0.68 27.82 -1.06
C THR BA 22 0.71 27.24 -1.27
N GLY BA 23 1.17 26.50 -0.26
CA GLY BA 23 2.50 25.94 -0.34
C GLY BA 23 3.44 27.03 0.12
N ALA BA 24 4.46 27.32 -0.67
CA ALA BA 24 5.40 28.36 -0.28
C ALA BA 24 5.05 29.66 -0.97
N TYR BA 25 4.02 29.60 -1.83
CA TYR BA 25 3.59 30.78 -2.56
C TYR BA 25 2.53 31.60 -1.81
N ILE BA 26 2.78 32.91 -1.72
CA ILE BA 26 1.85 33.80 -1.06
C ILE BA 26 0.81 34.24 -2.07
N ALA BA 27 -0.32 33.53 -2.07
CA ALA BA 27 -1.42 33.79 -3.00
C ALA BA 27 -2.07 35.15 -2.75
N ASN BA 28 -1.98 35.62 -1.52
CA ASN BA 28 -2.54 36.91 -1.19
C ASN BA 28 -1.74 37.47 -0.02
N ARG BA 29 -1.18 38.66 -0.19
CA ARG BA 29 -0.40 39.26 0.88
C ARG BA 29 -1.15 40.35 1.63
N VAL BA 30 -2.38 40.61 1.22
CA VAL BA 30 -3.20 41.65 1.85
C VAL BA 30 -4.54 41.10 2.33
N THR BA 31 -4.58 39.80 2.58
CA THR BA 31 -5.79 39.15 3.04
C THR BA 31 -6.37 39.83 4.29
N ASP BA 32 -7.70 39.75 4.44
CA ASP BA 32 -8.39 40.29 5.61
C ASP BA 32 -9.04 39.10 6.34
N LYS BA 33 -8.31 38.56 7.31
CA LYS BA 33 -8.76 37.41 8.07
C LYS BA 33 -9.77 37.78 9.17
N LEU BA 34 -10.07 39.09 9.25
CA LEU BA 34 -11.03 39.62 10.23
C LEU BA 34 -12.40 39.76 9.58
N THR BA 35 -13.31 38.84 9.87
CA THR BA 35 -14.63 38.84 9.26
C THR BA 35 -15.77 39.24 10.20
N ARG BA 36 -16.70 40.04 9.67
CA ARG BA 36 -17.83 40.57 10.42
C ARG BA 36 -19.11 39.75 10.34
N VAL BA 37 -19.52 39.06 11.42
CA VAL BA 37 -20.76 38.29 11.38
C VAL BA 37 -21.96 39.14 11.81
N HIS BA 38 -21.71 40.12 12.66
CA HIS BA 38 -22.76 41.01 13.13
C HIS BA 38 -22.18 42.38 13.39
N ASP BA 39 -23.01 43.32 13.83
CA ASP BA 39 -22.53 44.68 14.09
C ASP BA 39 -21.31 44.70 14.98
N LYS BA 40 -21.42 44.12 16.16
CA LYS BA 40 -20.27 44.10 17.04
C LYS BA 40 -19.88 42.70 17.45
N ILE BA 41 -19.89 41.81 16.46
CA ILE BA 41 -19.48 40.43 16.65
C ILE BA 41 -18.69 40.05 15.41
N TRP BA 42 -17.39 39.91 15.57
CA TRP BA 42 -16.52 39.53 14.46
C TRP BA 42 -15.82 38.22 14.82
N CYS BA 43 -15.08 37.70 13.86
CA CYS BA 43 -14.36 36.45 14.03
C CYS BA 43 -13.01 36.51 13.33
N CYS BA 44 -12.13 35.60 13.72
CA CYS BA 44 -10.80 35.48 13.16
C CYS BA 44 -10.76 34.12 12.46
N ARG BA 45 -10.43 34.14 11.18
CA ARG BA 45 -10.39 32.90 10.43
C ARG BA 45 -9.01 32.28 10.17
N SER BA 46 -8.87 31.02 10.57
CA SER BA 46 -7.66 30.27 10.34
C SER BA 46 -8.09 28.86 9.92
N GLY BA 47 -7.28 28.24 9.05
CA GLY BA 47 -7.63 26.93 8.55
C GLY BA 47 -7.98 27.13 7.08
N SER BA 48 -8.70 26.21 6.47
CA SER BA 48 -9.06 26.39 5.06
C SER BA 48 -9.79 27.70 4.86
N ALA BA 49 -9.47 28.43 3.79
CA ALA BA 49 -10.19 29.69 3.57
C ALA BA 49 -11.56 29.33 2.98
N ALA BA 50 -11.58 28.37 2.06
CA ALA BA 50 -12.84 27.97 1.47
C ALA BA 50 -13.78 27.52 2.58
N ASP BA 51 -13.22 26.95 3.64
CA ASP BA 51 -14.06 26.48 4.74
C ASP BA 51 -14.45 27.57 5.72
N THR BA 52 -13.48 28.36 6.18
CA THR BA 52 -13.82 29.41 7.12
C THR BA 52 -14.74 30.44 6.48
N GLN BA 53 -14.55 30.70 5.20
CA GLN BA 53 -15.39 31.68 4.50
C GLN BA 53 -16.81 31.14 4.37
N ALA BA 54 -16.93 29.87 3.97
CA ALA BA 54 -18.24 29.26 3.81
C ALA BA 54 -18.93 29.22 5.17
N ILE BA 55 -18.19 28.88 6.22
CA ILE BA 55 -18.76 28.82 7.56
C ILE BA 55 -19.21 30.20 8.01
N ALA BA 56 -18.32 31.18 7.86
CA ALA BA 56 -18.61 32.55 8.24
C ALA BA 56 -19.86 33.04 7.52
N ASP BA 57 -19.86 32.93 6.19
CA ASP BA 57 -20.99 33.35 5.36
C ASP BA 57 -22.30 32.78 5.89
N ILE BA 58 -22.31 31.49 6.19
CA ILE BA 58 -23.50 30.84 6.72
C ILE BA 58 -23.89 31.39 8.09
N VAL BA 59 -22.89 31.71 8.90
CA VAL BA 59 -23.16 32.25 10.23
C VAL BA 59 -23.81 33.63 10.11
N GLN BA 60 -23.17 34.52 9.36
CA GLN BA 60 -23.72 35.84 9.17
C GLN BA 60 -25.19 35.75 8.80
N TYR BA 61 -25.50 34.86 7.87
CA TYR BA 61 -26.89 34.66 7.45
C TYR BA 61 -27.78 34.22 8.62
N HIS BA 62 -27.28 33.35 9.47
CA HIS BA 62 -28.06 32.87 10.60
C HIS BA 62 -28.30 33.95 11.65
N LEU BA 63 -27.31 34.81 11.81
CA LEU BA 63 -27.43 35.90 12.78
C LEU BA 63 -28.33 36.99 12.22
N GLU BA 64 -28.36 37.13 10.90
CA GLU BA 64 -29.22 38.13 10.28
C GLU BA 64 -30.68 37.71 10.49
N LEU BA 65 -31.00 36.45 10.23
CA LEU BA 65 -32.36 35.99 10.40
C LEU BA 65 -32.72 36.04 11.87
N TYR BA 66 -31.78 35.66 12.72
CA TYR BA 66 -31.99 35.67 14.17
C TYR BA 66 -32.43 37.06 14.58
N THR BA 67 -31.64 38.06 14.20
CA THR BA 67 -31.95 39.44 14.49
C THR BA 67 -33.37 39.74 14.04
N SER BA 68 -33.64 39.57 12.75
CA SER BA 68 -34.97 39.81 12.20
C SER BA 68 -36.07 39.33 13.12
N GLN BA 69 -35.89 38.16 13.72
CA GLN BA 69 -36.91 37.60 14.59
C GLN BA 69 -36.79 37.92 16.07
N TYR BA 70 -35.60 37.84 16.65
CA TYR BA 70 -35.51 38.07 18.08
C TYR BA 70 -34.57 39.17 18.54
N GLY BA 71 -34.30 40.13 17.68
CA GLY BA 71 -33.40 41.20 18.07
C GLY BA 71 -31.94 40.77 18.11
N THR BA 72 -31.08 41.69 18.49
CA THR BA 72 -29.65 41.42 18.55
C THR BA 72 -29.27 40.16 19.30
N PRO BA 73 -28.35 39.36 18.71
CA PRO BA 73 -27.87 38.11 19.31
C PRO BA 73 -26.69 38.39 20.21
N SER BA 74 -26.45 37.51 21.19
CA SER BA 74 -25.34 37.68 22.12
C SER BA 74 -24.08 37.15 21.47
N THR BA 75 -22.92 37.58 21.97
CA THR BA 75 -21.66 37.12 21.42
C THR BA 75 -21.58 35.62 21.63
N GLU BA 76 -22.16 35.15 22.73
CA GLU BA 76 -22.19 33.74 23.04
C GLU BA 76 -22.94 32.99 21.96
N THR BA 77 -24.15 33.45 21.64
CA THR BA 77 -24.98 32.83 20.62
C THR BA 77 -24.23 32.69 19.29
N ALA BA 78 -23.45 33.70 18.96
CA ALA BA 78 -22.67 33.69 17.71
C ALA BA 78 -21.65 32.55 17.78
N ALA BA 79 -21.00 32.41 18.92
CA ALA BA 79 -20.03 31.35 19.10
C ALA BA 79 -20.76 30.02 18.94
N SER BA 80 -21.98 29.98 19.45
CA SER BA 80 -22.81 28.78 19.40
C SER BA 80 -23.13 28.29 18.00
N VAL BA 81 -23.37 29.22 17.08
CA VAL BA 81 -23.68 28.88 15.70
C VAL BA 81 -22.41 28.36 15.03
N PHE BA 82 -21.32 29.12 15.17
CA PHE BA 82 -20.04 28.71 14.61
C PHE BA 82 -19.74 27.30 15.09
N LYS BA 83 -19.82 27.09 16.40
CA LYS BA 83 -19.55 25.78 16.97
C LYS BA 83 -20.43 24.68 16.38
N GLU BA 84 -21.72 24.97 16.27
CA GLU BA 84 -22.64 23.99 15.74
C GLU BA 84 -22.17 23.54 14.36
N LEU BA 85 -21.80 24.50 13.53
CA LEU BA 85 -21.33 24.20 12.20
C LEU BA 85 -20.04 23.40 12.22
N CYS BA 86 -19.06 23.88 12.97
CA CYS BA 86 -17.77 23.21 13.05
C CYS BA 86 -17.84 21.82 13.67
N TYR BA 87 -18.59 21.66 14.74
CA TYR BA 87 -18.66 20.34 15.36
C TYR BA 87 -19.40 19.31 14.51
N GLU BA 88 -20.55 19.72 14.02
CA GLU BA 88 -21.40 18.86 13.22
C GLU BA 88 -20.77 18.43 11.89
N ASN BA 89 -19.85 19.25 11.38
CA ASN BA 89 -19.18 18.94 10.11
C ASN BA 89 -17.67 18.79 10.30
N LYS BA 90 -17.26 18.39 11.50
CA LYS BA 90 -15.84 18.24 11.82
C LYS BA 90 -15.07 17.38 10.83
N ASP BA 91 -15.74 16.42 10.21
CA ASP BA 91 -15.08 15.53 9.27
C ASP BA 91 -14.76 16.12 7.91
N ASN BA 92 -15.35 17.25 7.58
CA ASN BA 92 -15.10 17.84 6.28
C ASN BA 92 -14.67 19.28 6.41
N LEU BA 93 -14.27 19.66 7.61
CA LEU BA 93 -13.84 21.03 7.80
C LEU BA 93 -12.48 21.14 8.43
N THR BA 94 -11.80 22.20 8.07
CA THR BA 94 -10.50 22.50 8.62
C THR BA 94 -10.62 23.99 8.92
N ALA BA 95 -11.24 24.28 10.06
CA ALA BA 95 -11.44 25.65 10.47
C ALA BA 95 -11.18 25.85 11.95
N GLY BA 96 -10.33 26.82 12.24
CA GLY BA 96 -10.02 27.17 13.61
C GLY BA 96 -10.52 28.58 13.67
N ILE BA 97 -11.56 28.81 14.45
CA ILE BA 97 -12.13 30.14 14.50
C ILE BA 97 -12.18 30.79 15.87
N ILE BA 98 -11.84 32.08 15.91
CA ILE BA 98 -11.93 32.83 17.15
C ILE BA 98 -13.11 33.78 16.98
N VAL BA 99 -14.00 33.81 17.96
CA VAL BA 99 -15.17 34.68 17.91
C VAL BA 99 -15.07 35.72 19.02
N ALA BA 100 -15.11 36.98 18.65
CA ALA BA 100 -15.01 38.06 19.61
C ALA BA 100 -16.12 39.04 19.35
N GLY BA 101 -16.71 39.56 20.42
CA GLY BA 101 -17.78 40.51 20.26
C GLY BA 101 -17.93 41.40 21.47
N TYR BA 102 -18.40 42.63 21.22
CA TYR BA 102 -18.62 43.58 22.30
C TYR BA 102 -20.09 43.61 22.66
N ASP BA 103 -20.33 43.55 23.95
CA ASP BA 103 -21.67 43.54 24.51
C ASP BA 103 -21.70 44.73 25.44
N ASP BA 104 -22.87 45.20 25.80
CA ASP BA 104 -22.91 46.34 26.71
C ASP BA 104 -22.90 45.88 28.15
N LYS BA 105 -23.59 44.77 28.39
CA LYS BA 105 -23.66 44.20 29.73
C LYS BA 105 -22.39 43.42 30.02
N ASN BA 106 -21.96 42.61 29.05
CA ASN BA 106 -20.76 41.76 29.19
C ASN BA 106 -19.44 42.43 28.78
N LYS BA 107 -19.51 43.56 28.10
CA LYS BA 107 -18.31 44.27 27.67
C LYS BA 107 -17.64 43.48 26.53
N GLY BA 108 -16.50 42.85 26.80
CA GLY BA 108 -15.82 42.10 25.77
C GLY BA 108 -15.81 40.61 26.05
N GLU BA 109 -15.99 39.80 25.02
CA GLU BA 109 -15.98 38.35 25.18
C GLU BA 109 -15.24 37.69 24.03
N VAL BA 110 -14.54 36.60 24.33
CA VAL BA 110 -13.80 35.86 23.31
C VAL BA 110 -14.01 34.36 23.45
N TYR BA 111 -14.41 33.74 22.34
CA TYR BA 111 -14.64 32.30 22.26
C TYR BA 111 -13.72 31.75 21.19
N THR BA 112 -12.98 30.70 21.51
CA THR BA 112 -12.10 30.10 20.52
C THR BA 112 -12.68 28.74 20.18
N ILE BA 113 -12.75 28.45 18.88
CA ILE BA 113 -13.29 27.19 18.39
C ILE BA 113 -12.18 26.48 17.61
N PRO BA 114 -11.50 25.52 18.29
CA PRO BA 114 -10.41 24.74 17.71
C PRO BA 114 -10.93 23.72 16.71
N LEU BA 115 -10.01 22.99 16.10
CA LEU BA 115 -10.36 22.00 15.09
C LEU BA 115 -11.41 20.96 15.46
N GLY BA 116 -11.43 20.50 16.70
CA GLY BA 116 -12.45 19.50 17.00
C GLY BA 116 -13.89 20.01 16.95
N GLY BA 117 -14.05 21.34 17.04
CA GLY BA 117 -15.38 21.92 17.06
C GLY BA 117 -15.85 22.15 18.50
N SER BA 118 -14.92 22.16 19.44
CA SER BA 118 -15.27 22.42 20.82
C SER BA 118 -15.25 23.94 20.96
N VAL BA 119 -15.77 24.46 22.07
CA VAL BA 119 -15.77 25.90 22.26
C VAL BA 119 -15.14 26.21 23.59
N HIS BA 120 -14.37 27.30 23.63
CA HIS BA 120 -13.68 27.72 24.83
C HIS BA 120 -13.76 29.22 24.95
N LYS BA 121 -14.25 29.69 26.09
CA LYS BA 121 -14.39 31.12 26.34
C LYS BA 121 -13.19 31.51 27.17
N LEU BA 122 -12.45 32.52 26.73
CA LEU BA 122 -11.25 32.94 27.46
C LEU BA 122 -11.04 34.45 27.42
N PRO BA 123 -10.11 34.97 28.24
CA PRO BA 123 -9.77 36.39 28.32
C PRO BA 123 -9.15 36.84 27.02
N TYR BA 124 -8.52 35.90 26.33
CA TYR BA 124 -7.88 36.17 25.05
C TYR BA 124 -7.50 34.81 24.50
N ALA BA 125 -7.38 34.72 23.18
CA ALA BA 125 -7.01 33.47 22.55
C ALA BA 125 -6.23 33.75 21.31
N ILE BA 126 -5.26 32.88 21.05
CA ILE BA 126 -4.41 32.97 19.87
C ILE BA 126 -4.65 31.71 19.03
N ALA BA 127 -4.36 31.79 17.74
CA ALA BA 127 -4.57 30.64 16.86
C ALA BA 127 -3.90 30.86 15.51
N GLY BA 128 -3.76 29.75 14.76
CA GLY BA 128 -3.11 29.81 13.46
C GLY BA 128 -1.70 29.26 13.57
N SER BA 129 -1.07 29.01 12.42
CA SER BA 129 0.28 28.46 12.45
C SER BA 129 1.22 29.27 13.35
N GLY BA 130 1.24 30.58 13.16
CA GLY BA 130 2.11 31.42 13.97
C GLY BA 130 1.84 31.44 15.46
N SER BA 131 0.64 31.05 15.89
CA SER BA 131 0.31 31.08 17.31
C SER BA 131 1.27 30.32 18.24
N THR BA 132 1.78 29.19 17.77
CA THR BA 132 2.68 28.37 18.58
C THR BA 132 3.91 29.12 19.05
N PHE BA 133 4.42 29.98 18.19
CA PHE BA 133 5.62 30.72 18.54
C PHE BA 133 5.43 31.80 19.57
N ILE BA 134 4.18 32.14 19.85
CA ILE BA 134 3.94 33.20 20.81
C ILE BA 134 3.18 32.79 22.05
N TYR BA 135 3.04 31.50 22.30
CA TYR BA 135 2.36 31.07 23.51
C TYR BA 135 3.05 31.61 24.74
N GLY BA 136 4.35 31.37 24.86
CA GLY BA 136 5.10 31.85 26.00
C GLY BA 136 5.02 33.36 26.10
N TYR BA 137 5.28 34.05 25.01
CA TYR BA 137 5.25 35.49 25.02
C TYR BA 137 3.91 36.02 25.51
N CYS BA 138 2.84 35.65 24.83
CA CYS BA 138 1.49 36.12 25.19
C CYS BA 138 1.09 35.76 26.62
N ASP BA 139 1.55 34.62 27.11
CA ASP BA 139 1.21 34.20 28.45
C ASP BA 139 1.93 35.08 29.45
N LYS BA 140 3.11 35.55 29.08
CA LYS BA 140 3.90 36.39 29.98
C LYS BA 140 3.61 37.87 29.85
N ASN BA 141 2.82 38.27 28.86
CA ASN BA 141 2.53 39.69 28.68
C ASN BA 141 1.08 40.12 28.77
N PHE BA 142 0.17 39.16 28.69
CA PHE BA 142 -1.23 39.49 28.77
C PHE BA 142 -1.60 39.81 30.20
N ARG BA 143 -2.53 40.74 30.34
CA ARG BA 143 -3.04 41.17 31.63
C ARG BA 143 -4.48 41.47 31.36
N GLU BA 144 -5.33 41.36 32.37
CA GLU BA 144 -6.74 41.65 32.18
C GLU BA 144 -7.07 43.13 32.34
N ASN BA 145 -8.02 43.59 31.54
CA ASN BA 145 -8.47 44.97 31.60
C ASN BA 145 -7.41 46.01 31.28
N MET BA 146 -6.64 45.74 30.22
CA MET BA 146 -5.61 46.65 29.77
C MET BA 146 -6.35 47.78 29.06
N SER BA 147 -5.67 48.88 28.80
CA SER BA 147 -6.31 49.98 28.10
C SER BA 147 -6.29 49.72 26.59
N LYS BA 148 -7.01 50.52 25.84
CA LYS BA 148 -7.03 50.34 24.39
C LYS BA 148 -5.62 50.33 23.83
N GLU BA 149 -4.76 51.22 24.31
CA GLU BA 149 -3.39 51.31 23.80
C GLU BA 149 -2.55 50.12 24.22
N GLU BA 150 -2.59 49.78 25.49
CA GLU BA 150 -1.83 48.64 25.98
C GLU BA 150 -2.18 47.39 25.17
N THR BA 151 -3.48 47.20 24.94
CA THR BA 151 -3.97 46.06 24.19
C THR BA 151 -3.57 46.08 22.71
N VAL BA 152 -3.55 47.26 22.11
CA VAL BA 152 -3.14 47.35 20.71
C VAL BA 152 -1.66 47.01 20.63
N ASP BA 153 -0.91 47.36 21.68
CA ASP BA 153 0.51 47.08 21.71
C ASP BA 153 0.71 45.60 21.93
N PHE BA 154 0.03 45.04 22.91
CA PHE BA 154 0.12 43.62 23.20
C PHE BA 154 -0.10 42.81 21.92
N ILE BA 155 -1.14 43.15 21.16
CA ILE BA 155 -1.43 42.45 19.92
C ILE BA 155 -0.36 42.73 18.89
N LYS BA 156 0.02 43.99 18.75
CA LYS BA 156 1.03 44.38 17.78
C LYS BA 156 2.35 43.62 17.97
N HIS BA 157 2.79 43.49 19.21
CA HIS BA 157 4.02 42.78 19.49
C HIS BA 157 3.85 41.30 19.22
N SER BA 158 2.88 40.69 19.90
CA SER BA 158 2.65 39.25 19.74
C SER BA 158 2.64 38.80 18.29
N LEU BA 159 1.88 39.48 17.45
CA LEU BA 159 1.78 39.11 16.07
C LEU BA 159 3.04 39.43 15.27
N SER BA 160 3.71 40.52 15.60
CA SER BA 160 4.93 40.85 14.86
C SER BA 160 5.90 39.69 15.07
N GLN BA 161 5.90 39.13 16.27
CA GLN BA 161 6.77 38.00 16.55
C GLN BA 161 6.31 36.79 15.76
N ALA BA 162 5.05 36.40 15.90
CA ALA BA 162 4.54 35.24 15.15
C ALA BA 162 4.85 35.43 13.66
N ILE BA 163 4.68 36.64 13.15
CA ILE BA 163 4.97 36.87 11.75
C ILE BA 163 6.47 36.61 11.49
N LYS BA 164 7.30 36.96 12.47
CA LYS BA 164 8.74 36.81 12.36
C LYS BA 164 9.17 35.36 12.16
N TRP BA 165 8.73 34.53 13.07
CA TRP BA 165 9.09 33.13 13.05
C TRP BA 165 8.35 32.25 12.07
N ASP BA 166 7.06 32.50 11.89
CA ASP BA 166 6.24 31.70 10.98
C ASP BA 166 6.16 32.21 9.53
N GLY BA 167 6.63 31.39 8.61
CA GLY BA 167 6.61 31.73 7.20
C GLY BA 167 5.20 31.76 6.65
N SER BA 168 4.29 31.05 7.30
CA SER BA 168 2.92 31.03 6.83
C SER BA 168 2.19 32.30 7.27
N SER BA 169 2.93 33.22 7.89
CA SER BA 169 2.35 34.48 8.35
C SER BA 169 3.16 35.67 7.86
N GLY BA 170 2.51 36.82 7.72
CA GLY BA 170 3.20 38.01 7.27
C GLY BA 170 2.29 39.06 6.69
N GLY BA 171 2.87 39.99 5.94
CA GLY BA 171 2.10 41.07 5.34
C GLY BA 171 1.87 42.15 6.38
N VAL BA 172 0.65 42.63 6.49
CA VAL BA 172 0.35 43.66 7.46
C VAL BA 172 -0.44 43.09 8.62
N ILE BA 173 -0.43 43.81 9.73
CA ILE BA 173 -1.19 43.38 10.88
C ILE BA 173 -2.48 44.19 10.85
N ARG BA 174 -3.60 43.49 10.99
CA ARG BA 174 -4.90 44.13 10.98
C ARG BA 174 -5.57 43.93 12.34
N MET BA 175 -6.24 44.98 12.78
CA MET BA 175 -6.95 44.93 14.04
C MET BA 175 -8.31 45.54 13.87
N VAL BA 176 -9.20 45.18 14.79
CA VAL BA 176 -10.57 45.66 14.80
C VAL BA 176 -10.96 45.86 16.26
N VAL BA 177 -11.20 47.12 16.63
CA VAL BA 177 -11.58 47.45 18.00
C VAL BA 177 -13.09 47.42 18.14
N LEU BA 178 -13.57 46.74 19.17
CA LEU BA 178 -15.00 46.64 19.41
C LEU BA 178 -15.32 47.14 20.82
N THR BA 179 -15.91 48.33 20.90
CA THR BA 179 -16.27 48.91 22.18
C THR BA 179 -17.62 49.61 22.06
N ALA BA 180 -18.12 50.14 23.16
CA ALA BA 180 -19.38 50.84 23.13
C ALA BA 180 -19.29 51.97 22.10
N ALA BA 181 -18.10 52.51 21.89
CA ALA BA 181 -17.91 53.60 20.95
C ALA BA 181 -17.97 53.21 19.47
N GLY BA 182 -18.31 51.96 19.19
CA GLY BA 182 -18.38 51.54 17.79
C GLY BA 182 -17.30 50.55 17.36
N VAL BA 183 -17.07 50.48 16.06
CA VAL BA 183 -16.09 49.56 15.48
C VAL BA 183 -14.98 50.34 14.80
N GLU BA 184 -13.72 49.99 15.10
CA GLU BA 184 -12.58 50.69 14.52
C GLU BA 184 -11.55 49.77 13.83
N ARG BA 185 -11.25 50.08 12.58
CA ARG BA 185 -10.26 49.33 11.79
C ARG BA 185 -8.88 49.92 12.01
N LEU BA 186 -7.90 49.06 12.29
CA LEU BA 186 -6.54 49.52 12.49
C LEU BA 186 -5.63 48.69 11.59
N ILE BA 187 -4.61 49.34 11.00
CA ILE BA 187 -3.67 48.60 10.16
C ILE BA 187 -2.24 49.01 10.48
N PHE BA 188 -1.36 48.03 10.52
CA PHE BA 188 0.04 48.27 10.82
C PHE BA 188 0.89 47.61 9.77
N TYR BA 189 1.84 48.38 9.25
CA TYR BA 189 2.71 47.89 8.20
C TYR BA 189 4.02 47.30 8.70
N PRO BA 190 4.65 46.45 7.86
CA PRO BA 190 5.91 45.78 8.20
C PRO BA 190 6.89 46.75 8.83
N ASP BA 191 7.23 47.78 8.07
CA ASP BA 191 8.17 48.78 8.53
C ASP BA 191 7.89 49.24 9.95
N GLU BA 192 6.65 49.17 10.39
CA GLU BA 192 6.36 49.59 11.74
C GLU BA 192 6.53 48.48 12.79
N TYR BA 193 5.88 47.34 12.57
CA TYR BA 193 5.95 46.26 13.53
C TYR BA 193 7.22 45.42 13.49
N GLU BA 194 7.90 45.40 12.34
CA GLU BA 194 9.12 44.60 12.22
C GLU BA 194 10.17 45.03 13.24
N GLN BA 195 10.42 46.33 13.30
CA GLN BA 195 11.41 46.85 14.23
C GLN BA 195 10.79 47.19 15.59
N LEU BA 196 10.23 46.17 16.24
CA LEU BA 196 9.62 46.33 17.55
C LEU BA 196 10.33 45.41 18.52
#